data_9OT6
#
_entry.id   9OT6
#
_cell.length_a   1.00
_cell.length_b   1.00
_cell.length_c   1.00
_cell.angle_alpha   90.00
_cell.angle_beta   90.00
_cell.angle_gamma   90.00
#
_symmetry.space_group_name_H-M   'P 1'
#
loop_
_entity.id
_entity.type
_entity.pdbx_description
1 polymer 'Phosphatidylinositol 4-kinase alpha'
2 polymer 'EFR3 interfering Nanobody (F3IN)'
3 polymer 'Tetratricopeptide repeat protein 7B'
4 polymer Hyccin
#
loop_
_entity_poly.entity_id
_entity_poly.type
_entity_poly.pdbx_seq_one_letter_code
_entity_poly.pdbx_strand_id
1 'polypeptide(L)'
;GSMAAAPARGGGGGGGGGGGCSGSGSSASRGFYFNTVLSLARSLAVQRPASLEKVQKLLCMCPVDFHGIFQLDERRRDAV
IALGIFLIESDLQHKDCVVPYLLRLLKGLPKVYWVEESTARKGRGALPVAESFSFCLVTLLSDVAYRDPSLRDEILEVLL
QVLHVLLGMCQALEIQDKEYLCKYAIPCLIGISRAFGRYSNMEESLLSKLFPKIPPHSLRVLEELEGVRRRSFNDFRSIL
PSNLLTVCQEGTLKRKTSSVSSISQVSPERGMPPPSSPGGSAFHYFEASCLPDGTALEPEYYFSTISSSFSVSPLFNGVT
YKEFNIPLEMLRELLNLVKKIVEEAVLKSLDAIVASVMEANPSADLYYTSFSDPLYLTMFKMLRDTLYYMKDLPTSFVKE
IHDFVLEQFNTSQGELQKILHDADRIHNELSPLKLRCQANAACVDLMVWAVKDEQGAENLCIKLSEKLQSKTSSKVIIAH
LPLLICCLQGLGRLCERFPVVVHSVTPSLRDFLVIPSPVLVKLYKYHSQYHTVAGNDIKISVTNEHSESTLNVMSGKKSQ
PSMYEQLRDIAIDNICRCLKAGLTVDPVIVEAFLASLSNRLYISQESDKDAHLIPDHTIRALGHIAVALRDTPKVMEPIL
QILQQKFCQPPSPLDVLIIDQLGCLVITGNQYIYQEVWNLFQQISVKASSVVYSATKDYKDHGYRHCSLAVINALANIAA
NIQDEHLVDELLMNLLELFVQLGLEGKRASERASEKGPALKASSSAGNLGVLIPVIAVLTRRLPPIKEAKPRLQKLFRDF
WLYSVLMGFAVEGSGLWPEEWYEGVCEIATKSPLLTFPSKEPLRSVLQYNSAMKNDTVTPAELSELRSTIINLLDPPPEV
SALINKLDFAMSTYLLSVYRLEYMRVLRSTDPDRFQVMFCYFEDKAIQKDKSGMMQCVIAVADKVFDAFLNMMADKAKTK
ENEEELERHAQFLLVNFNHIHKRIRRVADKYLSGLVDKFPHLLWSGTVLKTMLDILQTLSLSLSADIHKDQPYYDIPDAP
YRITVPDTYEARESIVKDFAARCGMILQEAMKWAPTVTKSHLQEYLNKHQNWVSGLSQHTGLAMATESILHFAGYNKQNT
TLGATQLSERPACVKKDYSNFMASLNLRNRYAGEVYGMIRFSGTTGQMSDLNKMMVQDLHSALDRSHPQHYTQAMFKLTA
MLISSKDCDPQLLHHLCWGPLRMFNEHGMETALACWEWLLAGKDGVEVPFMREMAGAWHMTVEQKFGLFSAEIKEADPLA
ASEASQPKPCPPEVTPHYIWIDFLVQRFEIAKYCSSDQVEIFSSLLQRSMSLNIGGAKGSMNRHVAAIGPRFKLLTLGLS
LLHADVVPNATIRNVLREKIYSTAFDYFSCPPKFPTQGEKRLREDISIMIKFWTAMFSDKKYLTASQLVPPDNQDTRSNL
DITVGSRQQATQGWINTYPLSSGMSTISKKSGMSKKTNRGSQLHKYYMKRRTLLLSLLATEIERLITWYNPLSAPELELD
QAGENSVANWRSKYISLSEKQWKDNVNLAWSISPYLAVQLPARFKNTEAIGNEVTRLVRLDPGAVSDVPEAIKFLVTWHT
IDADAPELSHVLCWAPTDPPTGLSYFSSMYPPHPLTAQYGVKVLRSFPPDAILFYIPQIVQALRYDKMGYVREYILWAAS
KSQLLAHQFIWNMKTNIYLDEEGHQKDPDIGDLLDQLVEEITGSLSGPAKDFYQREFDFFNKITNVSAIIKPYPKGDERK
KACLSALSEVKVQPGCYLPSNPEAIVLDIDYKSGTPMQSAAKAPYLAKFKVKRCGVSELEKEGLRCRSDSEDECSTQEAD
GQKISWQAAIFKVGDDCRQDMLALQIIDLFKNIFQLVGLDLFVFPYRVVATAPGCGVIECIPDCTSRDQLGRQTDFGMYD
YFTRQYGDESTLAFQQARYNFIRSMAAYSLLLFLLQIKDRHNGNIMLDKKGHIIHIDFGFMFESSPGGNLGWEPDIKLTD
EMVMIMGGKMEATPFKWFMEMCVRGYLAVRPYMDAVVSLVTLMLDTGLPCFRGQTIKLLKHRFSPNMTEREAANFIMKVI
QSCFLSNRSRTYDMIQYYQNDIPY
;
A,B
2 'polypeptide(L)'
;MKYLLPTAAAGLLLLAAQPAMAMAQVQLQESGGGLVQAGGSLRLSCAASGTISASDYMGWYRQAPGKERELVASIDGGGI
TNYADSVKGRFTISRDNAKNTVYLQMNSLKPEDTAVYYCAVDWILARYNFVIHYYWGQGTQVTVSSGSYPYDVPDYALEH
HHHHH
;
C,H
3 'polypeptide(L)'
;MATKKAGSRLETEIERCRSECQWERIPELVKQLSAKLIANDDMAELLLGESKLEQYLKEHPLRQGASPRGPKPQLTEVRK
HLTAALDRGNLKSEFLQESNLIMAKLNYVEGDYKEALNIYARVGLDDLPLTAVPPYRLRVIAEAYATKGLCLEKLPISSS
TSNLHVDREQDVITCYEKAGDIALLYLQEIERVILSNIQNRSPKPGPAPHDQELGFFLETGLQRAHVLYFKNGNLTRGVG
RFRELLRAVETRTTQNLRMTIARQLAEILLRGMCEQSYWNPLEDPPCQSPLDDPLRKGANTKTYTLTRRARVYSGENIFC
PQENTEEALLLLLISESMANRDAVLSRIPEHKSDRLISLQSASVVYDLLTIALGRRGQYEMLSECLERAMKFAFEEFHLW
YQFALSLMAAGKSARAVKVLKECIRLKPDDATIPLLAAKLCMGSLHWLEEAEKFAKTVVDVGEKTSEFKAKGYLALGLTY
SLQATDASLRGMQEVLQRKALLAFQRAHSLSPTDHQAAFYLALQLAISRQIPEALGYVRQALQLQGDDANSLHLLALLLS
AQKHYHDALNIIDMALSEYPENFILLFSKVKLQSLCRGPDEALLTCKHMLQIWKSCYNLTNPSDSGRGSSLLDRTIADRR
QLNTITLPDFSDPETGSVHATSVAASRVEQALSEVASSLQSSAPKQGPLHPWMTLAQIWLHAAEVYIGIGKPAEATACTQ
EAANLFPMSHNVLYMRGQIAELRGSMDEARRWYEEALAISPTHVKSMQRLALILHQLGRYSLAEKILRDAVQVNSTAHEV
WNGLGEVLQAQGNDAAATECFLTALELEASSPAVPFTIIPRVL
;
D,F
4 'polypeptide(L)'
;MFTSEKGVVEEWLSEFKTLPETSLPNYATNLKDKSSLVSSLYKVIQEPQSELLEPVCHQLFEFYRSGEEQLLQFTLQFLP
ELIWCYLAVSASRNVHSSGCIEALLLGVYNLEIVDKQGHTKVLSFTIPSLSKPSVYHEPSSIGSMALTESALSQHGLSKV
VYSGPHPQREMLTAQNRFEVLTFLLLCYNAALTYMPSVSLQSLCQICSRICVCGYPRQHVRKYKGISSRIPVSSGFMVQM
LTGIYFAFYNGEWDLAQKALDDIIYRAQLELYPEPLLVANAIKASLPHGPMKSNKEGTRCIQVEITPT
;
E,G
#
# COMPACT_ATOMS: atom_id res chain seq x y z
N SER A 29 -57.76 15.44 19.47
CA SER A 29 -57.61 15.09 20.88
C SER A 29 -58.18 13.71 21.17
N ARG A 30 -57.75 12.71 20.40
CA ARG A 30 -58.23 11.35 20.60
C ARG A 30 -57.81 10.81 21.96
N GLY A 31 -56.57 11.08 22.36
CA GLY A 31 -56.00 10.57 23.58
C GLY A 31 -54.62 9.99 23.31
N PHE A 32 -54.16 9.14 24.22
CA PHE A 32 -52.87 8.49 24.08
C PHE A 32 -53.00 7.04 23.61
N TYR A 33 -53.82 6.24 24.31
CA TYR A 33 -53.95 4.83 23.97
C TYR A 33 -54.48 4.65 22.55
N PHE A 34 -55.52 5.41 22.20
CA PHE A 34 -56.05 5.35 20.85
C PHE A 34 -55.00 5.80 19.83
N ASN A 35 -54.32 6.91 20.11
CA ASN A 35 -53.31 7.42 19.19
C ASN A 35 -52.16 6.44 19.04
N THR A 36 -51.68 5.86 20.14
CA THR A 36 -50.55 4.96 20.04
C THR A 36 -50.92 3.65 19.37
N VAL A 37 -52.15 3.16 19.59
CA VAL A 37 -52.55 1.93 18.91
C VAL A 37 -52.75 2.18 17.42
N LEU A 38 -53.28 3.34 17.04
CA LEU A 38 -53.38 3.67 15.63
C LEU A 38 -52.01 3.80 14.98
N SER A 39 -51.07 4.43 15.67
CA SER A 39 -49.71 4.55 15.14
C SER A 39 -49.06 3.18 14.99
N LEU A 40 -49.25 2.29 15.97
CA LEU A 40 -48.69 0.95 15.88
C LEU A 40 -49.30 0.18 14.71
N ALA A 41 -50.62 0.29 14.53
CA ALA A 41 -51.27 -0.39 13.41
C ALA A 41 -50.75 0.14 12.09
N ARG A 42 -50.59 1.46 11.98
CA ARG A 42 -50.06 2.04 10.75
C ARG A 42 -48.63 1.57 10.49
N SER A 43 -47.79 1.53 11.53
CA SER A 43 -46.42 1.10 11.36
C SER A 43 -46.35 -0.38 10.95
N LEU A 44 -47.20 -1.22 11.53
CA LEU A 44 -47.18 -2.64 11.24
C LEU A 44 -47.76 -2.96 9.87
N ALA A 45 -48.76 -2.19 9.43
CA ALA A 45 -49.43 -2.49 8.17
C ALA A 45 -48.49 -2.35 6.98
N VAL A 46 -47.60 -1.34 7.01
CA VAL A 46 -46.69 -1.13 5.90
C VAL A 46 -45.66 -2.25 5.79
N GLN A 47 -45.48 -3.04 6.84
CA GLN A 47 -44.52 -4.14 6.83
C GLN A 47 -45.19 -5.36 6.20
N ARG A 48 -44.79 -5.69 4.98
CA ARG A 48 -45.34 -6.81 4.24
C ARG A 48 -44.23 -7.77 3.84
N PRO A 49 -44.34 -9.07 4.18
CA PRO A 49 -45.44 -9.63 4.96
C PRO A 49 -45.33 -9.36 6.46
N ALA A 50 -46.45 -9.38 7.16
CA ALA A 50 -46.46 -9.16 8.60
C ALA A 50 -46.29 -10.48 9.34
N SER A 51 -45.47 -10.46 10.38
CA SER A 51 -45.24 -11.66 11.17
C SER A 51 -46.52 -12.08 11.88
N LEU A 52 -46.77 -13.39 11.90
CA LEU A 52 -48.05 -13.89 12.38
C LEU A 52 -48.19 -13.78 13.90
N GLU A 53 -47.07 -13.81 14.63
CA GLU A 53 -47.16 -13.70 16.09
C GLU A 53 -47.70 -12.34 16.51
N LYS A 54 -47.31 -11.28 15.80
CA LYS A 54 -47.85 -9.96 16.10
C LYS A 54 -49.36 -9.91 15.83
N VAL A 55 -49.81 -10.58 14.77
CA VAL A 55 -51.24 -10.62 14.49
C VAL A 55 -51.97 -11.38 15.57
N GLN A 56 -51.37 -12.46 16.09
CA GLN A 56 -51.98 -13.18 17.20
C GLN A 56 -52.06 -12.29 18.44
N LYS A 57 -51.01 -11.51 18.69
CA LYS A 57 -51.06 -10.57 19.81
C LYS A 57 -52.18 -9.55 19.62
N LEU A 58 -52.33 -9.02 18.41
CA LEU A 58 -53.39 -8.06 18.15
C LEU A 58 -54.77 -8.67 18.36
N LEU A 59 -54.96 -9.91 17.91
CA LEU A 59 -56.22 -10.60 18.14
C LEU A 59 -56.46 -10.82 19.64
N CYS A 60 -55.40 -11.13 20.38
CA CYS A 60 -55.52 -11.23 21.83
C CYS A 60 -55.96 -9.91 22.44
N MET A 61 -55.47 -8.80 21.88
CA MET A 61 -55.93 -7.49 22.35
C MET A 61 -57.43 -7.30 22.09
N CYS A 62 -57.91 -7.79 20.95
CA CYS A 62 -59.32 -7.71 20.64
C CYS A 62 -60.12 -8.63 21.55
N PRO A 63 -61.39 -8.31 21.79
CA PRO A 63 -62.21 -9.15 22.69
C PRO A 63 -62.48 -10.51 22.05
N VAL A 64 -62.98 -11.43 22.88
CA VAL A 64 -63.27 -12.79 22.47
C VAL A 64 -64.70 -13.14 22.89
N ASP A 65 -65.25 -14.17 22.25
CA ASP A 65 -66.61 -14.61 22.52
C ASP A 65 -66.65 -15.55 23.72
N PHE A 66 -67.70 -15.43 24.51
CA PHE A 66 -67.94 -16.33 25.65
C PHE A 66 -69.44 -16.59 25.72
N HIS A 67 -69.85 -17.80 25.31
CA HIS A 67 -71.24 -18.24 25.35
C HIS A 67 -72.15 -17.34 24.51
N GLY A 68 -71.61 -16.78 23.42
CA GLY A 68 -72.42 -15.98 22.52
C GLY A 68 -72.88 -14.65 23.07
N ILE A 69 -72.26 -14.16 24.14
CA ILE A 69 -72.61 -12.88 24.74
C ILE A 69 -71.35 -12.01 24.76
N PHE A 70 -71.50 -10.75 24.38
CA PHE A 70 -70.37 -9.83 24.25
C PHE A 70 -70.57 -8.59 25.11
N GLN A 71 -69.46 -8.11 25.66
CA GLN A 71 -69.38 -6.82 26.34
C GLN A 71 -68.28 -6.00 25.68
N LEU A 72 -68.51 -4.71 25.54
CA LEU A 72 -67.57 -3.83 24.86
C LEU A 72 -67.32 -2.57 25.67
N ASP A 73 -66.12 -2.01 25.49
CA ASP A 73 -65.71 -0.79 26.15
C ASP A 73 -64.97 0.09 25.14
N GLU A 74 -64.46 1.22 25.62
CA GLU A 74 -63.76 2.14 24.73
C GLU A 74 -62.50 1.52 24.14
N ARG A 75 -61.71 0.84 24.99
CA ARG A 75 -60.44 0.28 24.54
C ARG A 75 -60.65 -0.81 23.50
N ARG A 76 -61.65 -1.66 23.70
CA ARG A 76 -61.91 -2.74 22.74
C ARG A 76 -62.38 -2.18 21.40
N ARG A 77 -63.24 -1.15 21.42
CA ARG A 77 -63.66 -0.53 20.18
C ARG A 77 -62.48 0.12 19.46
N ASP A 78 -61.61 0.79 20.20
CA ASP A 78 -60.42 1.37 19.59
C ASP A 78 -59.54 0.29 18.97
N ALA A 79 -59.39 -0.83 19.67
CA ALA A 79 -58.56 -1.92 19.16
C ALA A 79 -59.15 -2.51 17.89
N VAL A 80 -60.47 -2.72 17.84
CA VAL A 80 -61.07 -3.30 16.65
C VAL A 80 -61.00 -2.32 15.48
N ILE A 81 -61.14 -1.03 15.75
CA ILE A 81 -61.01 -0.03 14.69
C ILE A 81 -59.59 -0.01 14.14
N ALA A 82 -58.59 -0.08 15.03
CA ALA A 82 -57.20 -0.13 14.58
C ALA A 82 -56.94 -1.39 13.76
N LEU A 83 -57.48 -2.52 14.20
CA LEU A 83 -57.34 -3.76 13.43
C LEU A 83 -57.97 -3.61 12.06
N GLY A 84 -59.13 -2.97 11.98
CA GLY A 84 -59.79 -2.78 10.69
C GLY A 84 -58.98 -1.91 9.75
N ILE A 85 -58.47 -0.78 10.24
CA ILE A 85 -57.70 0.11 9.36
C ILE A 85 -56.40 -0.57 8.93
N PHE A 86 -55.75 -1.29 9.84
CA PHE A 86 -54.55 -2.04 9.47
C PHE A 86 -54.87 -3.10 8.42
N LEU A 87 -56.00 -3.80 8.58
CA LEU A 87 -56.42 -4.79 7.59
C LEU A 87 -56.64 -4.13 6.22
N ILE A 88 -57.25 -2.94 6.22
CA ILE A 88 -57.45 -2.22 4.97
C ILE A 88 -56.12 -1.91 4.32
N GLU A 89 -55.16 -1.45 5.11
CA GLU A 89 -53.84 -1.13 4.53
C GLU A 89 -53.03 -2.37 4.22
N SER A 90 -53.23 -3.46 4.98
CA SER A 90 -52.38 -4.66 4.88
C SER A 90 -52.55 -5.42 3.58
N ASP A 91 -53.30 -4.94 2.58
CA ASP A 91 -53.50 -5.66 1.32
C ASP A 91 -54.21 -6.99 1.55
N LEU A 92 -55.09 -7.03 2.56
CA LEU A 92 -55.94 -8.20 2.83
C LEU A 92 -55.12 -9.46 3.07
N GLN A 93 -54.02 -9.33 3.82
CA GLN A 93 -53.22 -10.49 4.20
C GLN A 93 -53.79 -11.12 5.46
N HIS A 94 -53.71 -12.45 5.53
CA HIS A 94 -54.24 -13.23 6.65
C HIS A 94 -55.71 -12.93 6.87
N LYS A 95 -56.45 -12.82 5.76
CA LYS A 95 -57.88 -12.54 5.80
C LYS A 95 -58.64 -13.68 6.48
N ASP A 96 -58.26 -14.92 6.17
CA ASP A 96 -59.04 -16.09 6.57
C ASP A 96 -59.09 -16.28 8.08
N CYS A 97 -58.13 -15.73 8.83
CA CYS A 97 -58.13 -15.88 10.27
C CYS A 97 -58.94 -14.79 10.96
N VAL A 98 -58.89 -13.57 10.43
CA VAL A 98 -59.46 -12.42 11.14
C VAL A 98 -60.92 -12.22 10.75
N VAL A 99 -61.24 -12.38 9.47
CA VAL A 99 -62.56 -12.03 8.95
C VAL A 99 -63.68 -12.88 9.53
N PRO A 100 -63.56 -14.22 9.65
CA PRO A 100 -64.65 -14.97 10.30
C PRO A 100 -64.97 -14.46 11.69
N TYR A 101 -63.97 -13.95 12.42
CA TYR A 101 -64.28 -13.32 13.70
C TYR A 101 -65.13 -12.08 13.49
N LEU A 102 -64.95 -11.35 12.38
CA LEU A 102 -65.84 -10.22 12.11
C LEU A 102 -67.25 -10.70 11.77
N LEU A 103 -67.36 -11.82 11.05
CA LEU A 103 -68.68 -12.42 10.84
C LEU A 103 -69.36 -12.71 12.18
N ARG A 104 -68.61 -13.31 13.11
CA ARG A 104 -69.14 -13.59 14.45
C ARG A 104 -69.51 -12.31 15.18
N LEU A 105 -68.71 -11.25 15.01
CA LEU A 105 -69.03 -9.96 15.61
C LEU A 105 -70.37 -9.45 15.12
N LEU A 106 -70.57 -9.42 13.80
CA LEU A 106 -71.79 -8.84 13.24
C LEU A 106 -73.01 -9.69 13.55
N LYS A 107 -72.89 -11.01 13.51
CA LYS A 107 -74.05 -11.85 13.77
C LYS A 107 -74.45 -11.83 15.24
N GLY A 108 -73.48 -11.70 16.14
CA GLY A 108 -73.76 -11.63 17.56
C GLY A 108 -74.12 -10.24 18.07
N LEU A 109 -74.23 -9.27 17.17
CA LEU A 109 -74.49 -7.89 17.58
C LEU A 109 -75.75 -7.70 18.42
N PRO A 110 -76.90 -8.29 18.10
CA PRO A 110 -78.13 -7.95 18.85
C PRO A 110 -78.04 -8.23 20.34
N LYS A 111 -77.24 -9.19 20.77
CA LYS A 111 -77.18 -9.59 22.18
C LYS A 111 -75.95 -9.05 22.89
N VAL A 112 -75.32 -8.01 22.35
CA VAL A 112 -74.16 -7.40 23.00
C VAL A 112 -74.65 -6.38 24.02
N TYR A 113 -74.11 -6.45 25.23
CA TYR A 113 -74.43 -5.50 26.29
C TYR A 113 -73.33 -4.46 26.43
N TRP A 114 -73.71 -3.33 27.02
CA TRP A 114 -72.85 -2.15 27.05
C TRP A 114 -72.79 -1.58 28.46
N VAL A 115 -71.69 -0.89 28.76
CA VAL A 115 -71.47 -0.30 30.07
C VAL A 115 -72.24 1.01 30.19
N LEU A 127 -75.79 12.16 20.21
CA LEU A 127 -75.72 10.88 19.52
C LEU A 127 -75.07 9.81 20.40
N PRO A 128 -75.68 8.63 20.46
CA PRO A 128 -75.08 7.51 21.20
C PRO A 128 -73.81 6.99 20.53
N VAL A 129 -73.16 6.02 21.15
CA VAL A 129 -71.95 5.45 20.58
C VAL A 129 -72.22 4.17 19.78
N ALA A 130 -73.40 3.57 19.93
CA ALA A 130 -73.70 2.32 19.24
C ALA A 130 -73.80 2.53 17.73
N GLU A 131 -74.55 3.54 17.31
CA GLU A 131 -74.76 3.75 15.87
C GLU A 131 -73.48 4.14 15.16
N SER A 132 -72.61 4.90 15.82
CA SER A 132 -71.33 5.25 15.20
C SER A 132 -70.46 4.02 14.98
N PHE A 133 -70.40 3.14 15.98
CA PHE A 133 -69.62 1.92 15.83
C PHE A 133 -70.19 1.01 14.76
N SER A 134 -71.52 0.88 14.71
CA SER A 134 -72.14 0.09 13.66
C SER A 134 -71.87 0.68 12.29
N PHE A 135 -71.93 2.02 12.18
CA PHE A 135 -71.62 2.69 10.92
C PHE A 135 -70.19 2.38 10.48
N CYS A 136 -69.24 2.48 11.41
CA CYS A 136 -67.85 2.20 11.07
C CYS A 136 -67.66 0.75 10.64
N LEU A 137 -68.29 -0.19 11.36
CA LEU A 137 -68.14 -1.59 11.02
C LEU A 137 -68.74 -1.90 9.66
N VAL A 138 -69.92 -1.36 9.36
CA VAL A 138 -70.54 -1.62 8.07
C VAL A 138 -69.75 -0.97 6.94
N THR A 139 -69.18 0.21 7.19
CA THR A 139 -68.31 0.83 6.20
C THR A 139 -67.08 -0.03 5.92
N LEU A 140 -66.48 -0.58 6.98
CA LEU A 140 -65.35 -1.47 6.81
C LEU A 140 -65.75 -2.71 6.01
N LEU A 141 -66.93 -3.26 6.31
CA LEU A 141 -67.41 -4.42 5.57
C LEU A 141 -67.61 -4.10 4.09
N SER A 142 -68.20 -2.94 3.79
CA SER A 142 -68.38 -2.56 2.40
C SER A 142 -67.05 -2.39 1.69
N ASP A 143 -66.08 -1.77 2.36
CA ASP A 143 -64.75 -1.61 1.77
C ASP A 143 -64.12 -2.96 1.45
N VAL A 144 -64.10 -3.87 2.43
CA VAL A 144 -63.44 -5.16 2.21
C VAL A 144 -64.22 -5.99 1.17
N ALA A 145 -65.54 -5.83 1.11
CA ALA A 145 -66.31 -6.52 0.09
C ALA A 145 -65.98 -6.00 -1.30
N TYR A 146 -65.81 -4.68 -1.44
CA TYR A 146 -65.40 -4.12 -2.72
C TYR A 146 -63.99 -4.59 -3.10
N ARG A 147 -63.11 -4.75 -2.10
CA ARG A 147 -61.74 -5.14 -2.39
C ARG A 147 -61.68 -6.52 -3.04
N ASP A 148 -62.43 -7.49 -2.50
CA ASP A 148 -62.40 -8.86 -3.00
C ASP A 148 -63.81 -9.29 -3.35
N PRO A 149 -64.12 -9.56 -4.63
CA PRO A 149 -65.47 -10.00 -4.97
C PRO A 149 -65.81 -11.39 -4.46
N SER A 150 -64.81 -12.25 -4.26
CA SER A 150 -65.07 -13.64 -3.90
C SER A 150 -65.83 -13.76 -2.58
N LEU A 151 -65.77 -12.75 -1.71
CA LEU A 151 -66.46 -12.78 -0.43
C LEU A 151 -67.82 -12.08 -0.46
N ARG A 152 -68.23 -11.54 -1.61
CA ARG A 152 -69.47 -10.76 -1.65
C ARG A 152 -70.67 -11.58 -1.19
N ASP A 153 -70.99 -12.66 -1.92
CA ASP A 153 -72.21 -13.41 -1.69
C ASP A 153 -72.39 -13.77 -0.22
N GLU A 154 -71.43 -14.50 0.35
CA GLU A 154 -71.54 -14.91 1.74
C GLU A 154 -71.74 -13.70 2.65
N ILE A 155 -70.96 -12.64 2.42
CA ILE A 155 -71.17 -11.41 3.17
C ILE A 155 -72.63 -10.97 3.05
N LEU A 156 -73.09 -10.78 1.81
CA LEU A 156 -74.48 -10.44 1.59
C LEU A 156 -75.39 -11.43 2.29
N GLU A 157 -75.06 -12.73 2.18
CA GLU A 157 -75.86 -13.75 2.84
C GLU A 157 -75.99 -13.47 4.33
N VAL A 158 -74.86 -13.28 5.00
CA VAL A 158 -74.94 -13.01 6.44
C VAL A 158 -75.67 -11.70 6.67
N LEU A 159 -75.47 -10.72 5.78
CA LEU A 159 -76.28 -9.51 5.82
C LEU A 159 -77.75 -9.88 5.89
N LEU A 160 -78.23 -10.60 4.87
CA LEU A 160 -79.60 -11.11 4.89
C LEU A 160 -79.93 -11.67 6.26
N GLN A 161 -79.09 -12.60 6.73
CA GLN A 161 -79.31 -13.22 8.04
C GLN A 161 -79.59 -12.16 9.09
N VAL A 162 -78.59 -11.30 9.36
CA VAL A 162 -78.77 -10.32 10.42
C VAL A 162 -79.92 -9.40 10.06
N LEU A 163 -80.02 -9.01 8.77
CA LEU A 163 -81.12 -8.14 8.36
C LEU A 163 -82.45 -8.78 8.68
N HIS A 164 -82.60 -10.06 8.36
CA HIS A 164 -83.86 -10.74 8.65
C HIS A 164 -84.12 -10.76 10.14
N VAL A 165 -83.06 -10.97 10.93
CA VAL A 165 -83.21 -10.96 12.38
C VAL A 165 -83.78 -9.63 12.83
N LEU A 166 -83.32 -8.53 12.21
CA LEU A 166 -83.82 -7.22 12.57
C LEU A 166 -85.34 -7.16 12.47
N LEU A 167 -85.89 -7.79 11.43
CA LEU A 167 -87.33 -7.78 11.24
C LEU A 167 -88.02 -8.39 12.46
N GLY A 168 -87.52 -9.53 12.92
CA GLY A 168 -88.12 -10.16 14.09
C GLY A 168 -88.10 -9.29 15.31
N MET A 169 -87.14 -8.36 15.38
CA MET A 169 -87.09 -7.44 16.51
C MET A 169 -88.14 -6.34 16.40
N CYS A 170 -88.45 -5.90 15.19
CA CYS A 170 -89.33 -4.75 15.03
C CYS A 170 -90.79 -5.10 15.30
N GLN A 171 -91.24 -6.27 14.83
CA GLN A 171 -92.64 -6.67 14.93
C GLN A 171 -92.96 -7.48 16.17
N ALA A 172 -91.97 -7.75 17.02
CA ALA A 172 -92.20 -8.53 18.23
C ALA A 172 -92.96 -7.71 19.27
N ASP A 177 -86.09 -6.11 27.37
CA ASP A 177 -86.68 -6.52 26.10
C ASP A 177 -87.26 -5.30 25.37
N LYS A 178 -87.88 -4.40 26.13
CA LYS A 178 -88.49 -3.20 25.58
C LYS A 178 -87.63 -1.96 25.80
N GLU A 179 -87.19 -1.72 27.03
CA GLU A 179 -86.28 -0.62 27.30
C GLU A 179 -84.95 -0.81 26.56
N TYR A 180 -84.41 -2.03 26.59
CA TYR A 180 -83.18 -2.32 25.88
C TYR A 180 -83.34 -2.12 24.37
N LEU A 181 -84.47 -2.57 23.82
CA LEU A 181 -84.70 -2.44 22.39
C LEU A 181 -84.71 -0.97 21.97
N CYS A 182 -85.56 -0.16 22.62
CA CYS A 182 -85.65 1.25 22.26
C CYS A 182 -84.35 1.99 22.55
N LYS A 183 -83.59 1.55 23.55
CA LYS A 183 -82.36 2.25 23.90
C LYS A 183 -81.24 1.95 22.92
N TYR A 184 -81.16 0.73 22.40
CA TYR A 184 -80.00 0.33 21.61
C TYR A 184 -80.32 -0.05 20.17
N ALA A 185 -81.31 -0.90 19.95
CA ALA A 185 -81.46 -1.56 18.65
C ALA A 185 -81.81 -0.57 17.55
N ILE A 186 -82.77 0.32 17.80
CA ILE A 186 -83.19 1.26 16.77
C ILE A 186 -82.04 2.17 16.34
N PRO A 187 -81.25 2.75 17.25
CA PRO A 187 -80.04 3.46 16.78
C PRO A 187 -79.11 2.58 15.97
N CYS A 188 -78.98 1.31 16.34
CA CYS A 188 -78.16 0.40 15.55
C CYS A 188 -78.74 0.19 14.16
N LEU A 189 -80.07 0.05 14.06
CA LEU A 189 -80.70 -0.08 12.76
C LEU A 189 -80.45 1.15 11.91
N ILE A 190 -80.60 2.35 12.50
CA ILE A 190 -80.33 3.58 11.76
C ILE A 190 -78.88 3.62 11.29
N GLY A 191 -77.94 3.25 12.17
CA GLY A 191 -76.54 3.29 11.79
C GLY A 191 -76.19 2.33 10.68
N ILE A 192 -76.71 1.10 10.75
CA ILE A 192 -76.39 0.12 9.71
C ILE A 192 -77.07 0.48 8.39
N SER A 193 -78.26 1.09 8.45
CA SER A 193 -78.91 1.51 7.22
C SER A 193 -78.25 2.74 6.62
N ARG A 194 -77.59 3.57 7.44
CA ARG A 194 -77.00 4.81 6.97
C ARG A 194 -75.81 4.59 6.04
N ALA A 195 -75.20 3.40 6.08
CA ALA A 195 -74.00 3.10 5.30
C ALA A 195 -74.12 1.75 4.62
N PHE A 196 -75.23 1.55 3.90
CA PHE A 196 -75.59 0.25 3.33
C PHE A 196 -74.48 -0.34 2.46
N GLY A 197 -74.18 0.30 1.33
CA GLY A 197 -73.19 -0.25 0.41
C GLY A 197 -72.32 0.80 -0.27
N ARG A 198 -72.42 2.05 0.19
CA ARG A 198 -71.64 3.14 -0.38
C ARG A 198 -70.14 2.88 -0.20
N TYR A 199 -69.38 3.04 -1.29
CA TYR A 199 -67.95 2.76 -1.28
C TYR A 199 -67.24 3.87 -2.06
N SER A 200 -65.95 3.66 -2.34
CA SER A 200 -65.16 4.63 -3.10
C SER A 200 -64.15 3.89 -3.96
N ASN A 201 -64.28 4.04 -5.28
CA ASN A 201 -63.34 3.44 -6.23
C ASN A 201 -62.13 4.36 -6.38
N MET A 202 -61.34 4.42 -5.30
CA MET A 202 -60.19 5.31 -5.23
C MET A 202 -59.05 4.58 -4.53
N GLU A 203 -57.86 5.19 -4.59
CA GLU A 203 -56.66 4.53 -4.06
C GLU A 203 -56.76 4.31 -2.55
N GLU A 204 -57.27 5.29 -1.80
CA GLU A 204 -57.37 5.18 -0.36
C GLU A 204 -58.81 4.92 0.06
N SER A 205 -58.96 4.17 1.14
CA SER A 205 -60.28 3.76 1.60
C SER A 205 -61.04 4.93 2.22
N LEU A 206 -62.36 4.78 2.26
CA LEU A 206 -63.21 5.78 2.90
C LEU A 206 -62.92 5.88 4.39
N LEU A 207 -62.73 4.73 5.06
CA LEU A 207 -62.39 4.74 6.47
C LEU A 207 -61.02 5.37 6.71
N SER A 208 -60.10 5.22 5.77
CA SER A 208 -58.81 5.90 5.88
C SER A 208 -58.99 7.41 5.86
N LYS A 209 -59.88 7.91 5.00
CA LYS A 209 -60.22 9.33 5.02
C LYS A 209 -60.89 9.73 6.32
N LEU A 210 -61.68 8.82 6.91
CA LEU A 210 -62.35 9.11 8.16
C LEU A 210 -61.34 9.38 9.29
N PHE A 211 -60.26 8.60 9.33
CA PHE A 211 -59.25 8.75 10.37
C PHE A 211 -57.91 9.12 9.74
N PRO A 212 -57.55 10.41 9.72
CA PRO A 212 -56.30 10.82 9.07
C PRO A 212 -55.07 10.47 9.89
N LYS A 213 -53.91 10.93 9.42
CA LYS A 213 -52.63 10.64 10.06
C LYS A 213 -51.98 11.92 10.61
N ILE A 214 -52.78 12.76 11.26
CA ILE A 214 -52.27 14.00 11.84
C ILE A 214 -51.31 13.69 12.98
N GLU A 298 -63.99 17.48 8.78
CA GLU A 298 -64.90 16.64 8.01
C GLU A 298 -65.37 15.38 8.76
N PRO A 299 -64.45 14.58 9.31
CA PRO A 299 -64.92 13.37 10.01
C PRO A 299 -65.84 13.66 11.18
N GLU A 300 -65.59 14.75 11.91
CA GLU A 300 -66.44 15.11 13.04
C GLU A 300 -67.84 15.51 12.59
N TYR A 301 -68.01 15.91 11.33
CA TYR A 301 -69.33 16.29 10.83
C TYR A 301 -70.26 15.09 10.76
N TYR A 302 -69.73 13.89 10.51
CA TYR A 302 -70.58 12.70 10.42
C TYR A 302 -71.11 12.29 11.79
N PHE A 303 -70.33 12.49 12.84
CA PHE A 303 -70.71 12.07 14.18
C PHE A 303 -71.58 13.10 14.89
N SER A 304 -72.01 14.15 14.20
CA SER A 304 -72.89 15.16 14.79
C SER A 304 -74.20 15.35 14.04
N THR A 305 -74.37 14.69 12.89
CA THR A 305 -75.56 14.83 12.08
C THR A 305 -76.60 13.78 12.47
N ILE A 306 -77.63 13.62 11.65
CA ILE A 306 -78.71 12.67 11.91
C ILE A 306 -78.62 11.47 10.98
N SER A 307 -78.63 11.71 9.66
CA SER A 307 -78.61 10.63 8.68
C SER A 307 -77.66 10.95 7.55
N SER A 308 -76.51 11.56 7.86
CA SER A 308 -75.55 11.92 6.84
C SER A 308 -74.75 10.70 6.40
N SER A 309 -74.31 10.73 5.15
CA SER A 309 -73.52 9.65 4.57
C SER A 309 -72.55 10.26 3.57
N PHE A 310 -71.96 9.40 2.73
CA PHE A 310 -71.04 9.82 1.69
C PHE A 310 -71.76 9.86 0.35
N SER A 311 -71.71 11.01 -0.31
CA SER A 311 -72.36 11.22 -1.60
C SER A 311 -73.83 10.85 -1.56
N TYR A 321 -67.98 1.84 -11.16
CA TYR A 321 -67.70 1.20 -12.43
C TYR A 321 -67.86 -0.31 -12.34
N LYS A 322 -67.59 -0.87 -11.17
CA LYS A 322 -67.64 -2.32 -11.00
C LYS A 322 -69.06 -2.84 -11.15
N GLU A 323 -70.02 -2.22 -10.46
CA GLU A 323 -71.42 -2.62 -10.51
C GLU A 323 -71.58 -4.10 -10.16
N PHE A 324 -71.32 -4.38 -8.88
CA PHE A 324 -71.24 -5.75 -8.35
C PHE A 324 -72.35 -6.63 -8.90
N ASN A 325 -72.02 -7.89 -9.14
CA ASN A 325 -72.96 -8.84 -9.74
C ASN A 325 -74.03 -9.24 -8.73
N ILE A 326 -74.92 -8.30 -8.41
CA ILE A 326 -75.98 -8.53 -7.44
C ILE A 326 -77.11 -9.31 -8.09
N PRO A 327 -77.46 -10.49 -7.59
CA PRO A 327 -78.61 -11.22 -8.15
C PRO A 327 -79.92 -10.51 -7.85
N LEU A 328 -80.91 -10.81 -8.71
CA LEU A 328 -82.15 -10.02 -8.72
C LEU A 328 -82.99 -10.28 -7.48
N GLU A 329 -83.02 -11.52 -6.98
CA GLU A 329 -83.90 -11.85 -5.87
C GLU A 329 -83.52 -11.09 -4.61
N MET A 330 -82.24 -10.75 -4.45
CA MET A 330 -81.84 -9.89 -3.34
C MET A 330 -82.47 -8.51 -3.47
N LEU A 331 -82.52 -7.98 -4.69
CA LEU A 331 -83.22 -6.72 -4.92
C LEU A 331 -84.71 -6.85 -4.62
N ARG A 332 -85.30 -7.99 -5.00
CA ARG A 332 -86.73 -8.20 -4.74
C ARG A 332 -87.01 -8.23 -3.24
N GLU A 333 -86.18 -8.94 -2.47
CA GLU A 333 -86.39 -9.01 -1.03
C GLU A 333 -86.05 -7.67 -0.36
N LEU A 334 -85.13 -6.90 -0.94
CA LEU A 334 -84.89 -5.55 -0.45
C LEU A 334 -86.10 -4.66 -0.66
N LEU A 335 -86.74 -4.78 -1.82
CA LEU A 335 -87.99 -4.06 -2.06
C LEU A 335 -89.07 -4.49 -1.08
N ASN A 336 -89.14 -5.79 -0.79
CA ASN A 336 -90.07 -6.27 0.21
C ASN A 336 -89.78 -5.65 1.57
N LEU A 337 -88.50 -5.60 1.96
CA LEU A 337 -88.13 -5.01 3.23
C LEU A 337 -88.52 -3.54 3.31
N VAL A 338 -88.22 -2.78 2.25
CA VAL A 338 -88.50 -1.35 2.28
C VAL A 338 -90.00 -1.09 2.27
N LYS A 339 -90.78 -1.92 1.56
CA LYS A 339 -92.23 -1.75 1.59
C LYS A 339 -92.84 -2.22 2.90
N LYS A 340 -92.18 -3.12 3.62
CA LYS A 340 -92.68 -3.52 4.93
C LYS A 340 -92.37 -2.47 6.00
N ILE A 341 -91.20 -1.82 5.91
CA ILE A 341 -90.80 -0.88 6.95
C ILE A 341 -91.44 0.49 6.81
N VAL A 342 -92.13 0.77 5.69
CA VAL A 342 -92.76 2.06 5.51
C VAL A 342 -94.20 2.01 6.00
N GLU A 343 -94.54 0.95 6.73
CA GLU A 343 -95.87 0.86 7.34
C GLU A 343 -96.03 1.94 8.39
N GLU A 344 -97.25 2.47 8.50
CA GLU A 344 -97.54 3.49 9.50
C GLU A 344 -98.00 2.91 10.82
N ALA A 345 -98.63 1.74 10.80
CA ALA A 345 -99.08 1.12 12.05
C ALA A 345 -97.90 0.77 12.94
N VAL A 346 -96.80 0.29 12.36
CA VAL A 346 -95.61 -0.01 13.15
C VAL A 346 -95.04 1.27 13.76
N LEU A 347 -95.10 2.39 13.01
CA LEU A 347 -94.65 3.66 13.55
C LEU A 347 -95.52 4.10 14.73
N LYS A 348 -96.84 3.92 14.61
CA LYS A 348 -97.72 4.26 15.73
C LYS A 348 -97.44 3.38 16.95
N SER A 349 -97.18 2.09 16.72
CA SER A 349 -96.85 1.21 17.82
C SER A 349 -95.53 1.61 18.49
N LEU A 350 -94.55 2.00 17.68
CA LEU A 350 -93.28 2.49 18.23
C LEU A 350 -93.49 3.76 19.05
N ASP A 351 -94.35 4.66 18.57
CA ASP A 351 -94.64 5.86 19.34
C ASP A 351 -95.33 5.51 20.66
N ALA A 352 -96.24 4.55 20.64
CA ALA A 352 -96.94 4.16 21.86
C ALA A 352 -95.99 3.53 22.88
N ILE A 353 -95.09 2.66 22.42
CA ILE A 353 -94.13 2.06 23.35
C ILE A 353 -93.15 3.12 23.84
N VAL A 354 -92.83 4.11 23.00
CA VAL A 354 -91.97 5.21 23.44
C VAL A 354 -92.64 5.99 24.55
N ALA A 355 -93.94 6.27 24.40
CA ALA A 355 -94.68 6.96 25.45
C ALA A 355 -94.72 6.15 26.73
N SER A 356 -94.94 4.84 26.62
CA SER A 356 -94.98 3.99 27.81
C SER A 356 -93.61 4.01 28.51
N VAL A 357 -92.53 3.95 27.76
CA VAL A 357 -91.20 3.97 28.36
C VAL A 357 -90.90 5.33 28.98
N MET A 358 -91.27 6.41 28.30
CA MET A 358 -91.04 7.75 28.85
C MET A 358 -91.78 7.94 30.16
N GLU A 359 -93.05 7.50 30.21
CA GLU A 359 -93.79 7.63 31.45
C GLU A 359 -93.34 6.63 32.51
N ALA A 360 -92.65 5.56 32.11
CA ALA A 360 -92.08 4.64 33.10
C ALA A 360 -91.00 5.34 33.93
N ASN A 361 -90.17 6.17 33.30
CA ASN A 361 -89.12 6.90 34.00
C ASN A 361 -89.73 8.00 34.85
N LEU A 366 -81.27 8.62 26.86
CA LEU A 366 -82.28 8.85 25.84
C LEU A 366 -81.92 10.04 24.97
N TYR A 367 -81.80 9.81 23.66
CA TYR A 367 -81.45 10.84 22.70
C TYR A 367 -82.62 11.21 21.80
N TYR A 368 -83.21 10.24 21.12
CA TYR A 368 -84.32 10.49 20.21
C TYR A 368 -85.59 10.75 21.00
N THR A 369 -86.50 11.51 20.40
CA THR A 369 -87.81 11.80 20.96
C THR A 369 -88.94 11.18 20.15
N SER A 370 -89.00 11.46 18.86
CA SER A 370 -89.97 10.85 17.96
C SER A 370 -89.20 10.13 16.85
N PHE A 371 -89.60 8.89 16.58
CA PHE A 371 -88.89 8.07 15.60
C PHE A 371 -89.46 8.19 14.19
N SER A 372 -90.68 8.72 14.05
CA SER A 372 -91.37 8.67 12.77
C SER A 372 -90.60 9.41 11.69
N ASP A 373 -90.42 10.72 11.85
CA ASP A 373 -89.74 11.51 10.82
C ASP A 373 -88.29 11.11 10.61
N PRO A 374 -87.45 10.95 11.65
CA PRO A 374 -86.07 10.52 11.38
C PRO A 374 -85.96 9.16 10.72
N LEU A 375 -86.74 8.18 11.19
CA LEU A 375 -86.72 6.86 10.59
C LEU A 375 -87.19 6.90 9.14
N TYR A 376 -88.25 7.66 8.86
CA TYR A 376 -88.74 7.79 7.49
C TYR A 376 -87.70 8.42 6.59
N LEU A 377 -87.04 9.49 7.08
CA LEU A 377 -86.03 10.16 6.27
C LEU A 377 -84.85 9.25 6.01
N THR A 378 -84.39 8.52 7.03
CA THR A 378 -83.27 7.59 6.84
C THR A 378 -83.64 6.49 5.87
N MET A 379 -84.86 5.95 5.99
CA MET A 379 -85.28 4.85 5.13
C MET A 379 -85.43 5.31 3.68
N PHE A 380 -85.99 6.50 3.47
CA PHE A 380 -86.10 6.99 2.10
C PHE A 380 -84.74 7.39 1.53
N LYS A 381 -83.84 7.92 2.36
CA LYS A 381 -82.51 8.25 1.87
C LYS A 381 -81.76 7.00 1.44
N MET A 382 -81.86 5.91 2.21
CA MET A 382 -81.21 4.68 1.79
C MET A 382 -81.91 4.05 0.58
N LEU A 383 -83.23 4.19 0.48
CA LEU A 383 -83.92 3.74 -0.73
C LEU A 383 -83.40 4.47 -1.96
N ARG A 384 -83.17 5.78 -1.83
CA ARG A 384 -82.69 6.57 -2.96
C ARG A 384 -81.25 6.22 -3.31
N ASP A 385 -80.39 6.09 -2.29
CA ASP A 385 -78.96 5.89 -2.54
C ASP A 385 -78.68 4.49 -3.08
N THR A 386 -79.30 3.48 -2.46
CA THR A 386 -78.99 2.10 -2.79
C THR A 386 -79.54 1.67 -4.14
N LEU A 387 -80.42 2.47 -4.76
CA LEU A 387 -80.88 2.21 -6.11
C LEU A 387 -80.55 3.37 -7.05
N TYR A 388 -79.42 4.04 -6.81
CA TYR A 388 -79.06 5.26 -7.52
C TYR A 388 -78.27 4.97 -8.80
N TYR A 389 -77.06 4.41 -8.67
CA TYR A 389 -76.15 4.20 -9.79
C TYR A 389 -76.35 2.84 -10.47
N MET A 390 -77.17 1.96 -9.90
CA MET A 390 -77.34 0.62 -10.47
C MET A 390 -78.03 0.70 -11.84
N LYS A 391 -77.48 -0.03 -12.80
CA LYS A 391 -77.95 0.03 -14.19
C LYS A 391 -78.28 -1.35 -14.73
N ASP A 392 -78.53 -1.44 -16.04
CA ASP A 392 -78.91 -2.68 -16.72
C ASP A 392 -80.17 -3.29 -16.07
N LEU A 393 -81.26 -2.55 -16.17
CA LEU A 393 -82.51 -2.94 -15.49
C LEU A 393 -83.64 -3.07 -16.51
N PRO A 394 -84.22 -4.27 -16.68
CA PRO A 394 -85.34 -4.43 -17.63
C PRO A 394 -86.62 -3.75 -17.18
N THR A 395 -87.69 -3.92 -17.97
CA THR A 395 -88.85 -3.01 -17.93
C THR A 395 -89.72 -3.20 -16.69
N SER A 396 -89.95 -4.45 -16.26
CA SER A 396 -90.88 -4.68 -15.16
C SER A 396 -90.38 -4.03 -13.87
N PHE A 397 -89.08 -4.15 -13.61
CA PHE A 397 -88.50 -3.63 -12.38
C PHE A 397 -88.62 -2.12 -12.33
N VAL A 398 -88.27 -1.44 -13.42
CA VAL A 398 -88.33 0.01 -13.43
C VAL A 398 -89.78 0.50 -13.38
N LYS A 399 -90.70 -0.20 -14.05
CA LYS A 399 -92.09 0.26 -13.99
C LYS A 399 -92.66 0.10 -12.58
N GLU A 400 -92.28 -0.98 -11.87
CA GLU A 400 -92.78 -1.15 -10.51
C GLU A 400 -92.11 -0.19 -9.55
N ILE A 401 -90.84 0.15 -9.78
CA ILE A 401 -90.18 1.21 -9.01
C ILE A 401 -90.91 2.52 -9.19
N HIS A 402 -91.24 2.86 -10.45
CA HIS A 402 -92.02 4.06 -10.73
C HIS A 402 -93.37 4.02 -10.02
N ASP A 403 -94.00 2.84 -9.98
CA ASP A 403 -95.25 2.70 -9.24
C ASP A 403 -95.05 3.03 -7.75
N PHE A 404 -94.00 2.45 -7.15
CA PHE A 404 -93.70 2.72 -5.74
C PHE A 404 -93.58 4.21 -5.49
N VAL A 405 -92.75 4.88 -6.31
CA VAL A 405 -92.42 6.27 -6.02
C VAL A 405 -93.61 7.16 -6.29
N LEU A 406 -94.39 6.87 -7.34
CA LEU A 406 -95.55 7.70 -7.63
C LEU A 406 -96.63 7.55 -6.57
N GLU A 407 -96.89 6.32 -6.11
CA GLU A 407 -97.92 6.16 -5.09
C GLU A 407 -97.49 6.78 -3.77
N GLN A 408 -96.21 6.62 -3.40
CA GLN A 408 -95.71 7.25 -2.18
C GLN A 408 -95.80 8.77 -2.29
N PHE A 409 -95.44 9.33 -3.45
CA PHE A 409 -95.50 10.77 -3.63
C PHE A 409 -96.93 11.28 -3.53
N ASN A 410 -97.87 10.58 -4.17
CA ASN A 410 -99.27 10.99 -4.12
C ASN A 410 -99.81 10.93 -2.70
N THR A 411 -99.44 9.89 -1.94
CA THR A 411 -99.92 9.79 -0.56
C THR A 411 -99.30 10.87 0.32
N SER A 412 -98.02 11.19 0.12
CA SER A 412 -97.31 12.08 1.04
C SER A 412 -97.51 13.55 0.73
N GLN A 413 -97.20 13.97 -0.50
CA GLN A 413 -97.19 15.40 -0.82
C GLN A 413 -98.58 16.03 -0.71
N GLY A 414 -99.62 15.27 -1.05
CA GLY A 414 -100.96 15.81 -1.07
C GLY A 414 -101.62 15.90 0.30
N GLU A 415 -100.82 16.11 1.35
CA GLU A 415 -101.33 16.23 2.71
C GLU A 415 -100.81 17.43 3.48
N LEU A 416 -99.70 18.04 3.06
CA LEU A 416 -99.08 19.15 3.79
C LEU A 416 -99.43 20.50 3.16
N GLN A 417 -100.64 20.65 2.64
CA GLN A 417 -101.09 21.89 2.03
C GLN A 417 -101.94 22.73 2.98
N LYS A 418 -101.66 22.67 4.28
CA LYS A 418 -102.41 23.42 5.26
C LYS A 418 -102.11 24.91 5.17
N LYS A 434 -91.89 19.07 8.17
CA LYS A 434 -90.68 19.88 8.22
C LYS A 434 -89.53 19.20 7.47
N LEU A 435 -89.08 18.07 7.99
CA LEU A 435 -88.00 17.29 7.38
C LEU A 435 -88.50 16.31 6.33
N ARG A 436 -89.82 16.22 6.13
CA ARG A 436 -90.36 15.34 5.10
C ARG A 436 -89.96 15.79 3.70
N CYS A 437 -89.62 17.07 3.53
CA CYS A 437 -89.26 17.57 2.21
C CYS A 437 -88.01 16.90 1.65
N GLN A 438 -87.06 16.53 2.53
CA GLN A 438 -85.87 15.83 2.07
C GLN A 438 -86.23 14.46 1.49
N ALA A 439 -87.12 13.73 2.17
CA ALA A 439 -87.58 12.45 1.65
C ALA A 439 -88.36 12.61 0.36
N ASN A 440 -89.19 13.66 0.28
CA ASN A 440 -89.93 13.92 -0.95
C ASN A 440 -88.97 14.19 -2.11
N ALA A 441 -87.92 14.98 -1.86
CA ALA A 441 -86.93 15.26 -2.90
C ALA A 441 -86.16 14.00 -3.27
N ALA A 442 -85.94 13.11 -2.31
CA ALA A 442 -85.35 11.81 -2.63
C ALA A 442 -86.25 11.03 -3.58
N CYS A 443 -87.56 11.06 -3.33
CA CYS A 443 -88.51 10.42 -4.24
C CYS A 443 -88.44 11.05 -5.63
N VAL A 444 -88.31 12.38 -5.69
CA VAL A 444 -88.19 13.07 -6.98
C VAL A 444 -86.95 12.59 -7.72
N ASP A 445 -85.82 12.54 -7.04
CA ASP A 445 -84.58 12.13 -7.68
C ASP A 445 -84.65 10.67 -8.12
N LEU A 446 -85.37 9.83 -7.39
CA LEU A 446 -85.46 8.42 -7.77
C LEU A 446 -86.39 8.23 -8.96
N MET A 447 -87.49 8.97 -9.02
CA MET A 447 -88.48 8.74 -10.08
C MET A 447 -87.98 9.22 -11.44
N VAL A 448 -87.11 10.23 -11.46
CA VAL A 448 -86.56 10.69 -12.75
C VAL A 448 -85.59 9.67 -13.32
N TRP A 449 -85.05 8.76 -12.50
CA TRP A 449 -84.23 7.68 -13.01
C TRP A 449 -85.07 6.58 -13.65
N ALA A 450 -86.31 6.43 -13.21
CA ALA A 450 -87.17 5.32 -13.63
C ALA A 450 -88.12 5.73 -14.77
N VAL A 451 -87.68 6.63 -15.65
CA VAL A 451 -88.46 7.05 -16.80
C VAL A 451 -87.68 6.70 -18.06
N LYS A 452 -88.39 6.17 -19.07
CA LYS A 452 -87.75 5.78 -20.31
C LYS A 452 -88.56 6.16 -21.55
N ASP A 453 -89.54 7.05 -21.41
CA ASP A 453 -90.38 7.48 -22.52
C ASP A 453 -90.33 8.99 -22.64
N GLU A 454 -90.30 9.48 -23.89
CA GLU A 454 -90.25 10.91 -24.13
C GLU A 454 -91.51 11.60 -23.63
N GLN A 455 -92.67 10.96 -23.83
CA GLN A 455 -93.92 11.55 -23.35
C GLN A 455 -93.94 11.62 -21.83
N GLY A 456 -93.38 10.62 -21.15
CA GLY A 456 -93.25 10.70 -19.70
C GLY A 456 -92.37 11.84 -19.26
N ALA A 457 -91.27 12.07 -19.99
CA ALA A 457 -90.41 13.21 -19.70
C ALA A 457 -91.16 14.52 -19.90
N GLU A 458 -91.97 14.61 -20.97
CA GLU A 458 -92.77 15.81 -21.20
C GLU A 458 -93.76 16.02 -20.06
N ASN A 459 -94.41 14.96 -19.60
CA ASN A 459 -95.34 15.09 -18.48
C ASN A 459 -94.62 15.55 -17.21
N LEU A 460 -93.43 15.00 -16.95
CA LEU A 460 -92.65 15.42 -15.79
C LEU A 460 -92.29 16.89 -15.89
N CYS A 461 -91.84 17.34 -17.07
CA CYS A 461 -91.51 18.73 -17.25
C CYS A 461 -92.72 19.63 -17.08
N ILE A 462 -93.88 19.20 -17.59
CA ILE A 462 -95.09 19.99 -17.45
C ILE A 462 -95.47 20.14 -15.99
N LYS A 463 -95.44 19.04 -15.24
CA LYS A 463 -95.78 19.11 -13.82
C LYS A 463 -94.81 20.00 -13.05
N LEU A 464 -93.52 19.86 -13.32
CA LEU A 464 -92.53 20.66 -12.61
C LEU A 464 -92.63 22.14 -12.98
N SER A 465 -92.96 22.44 -14.24
CA SER A 465 -93.18 23.82 -14.64
C SER A 465 -94.42 24.39 -13.96
N GLU A 466 -95.48 23.59 -13.83
CA GLU A 466 -96.66 24.05 -13.11
C GLU A 466 -96.33 24.35 -11.65
N LYS A 467 -95.55 23.49 -11.01
CA LYS A 467 -95.23 23.70 -9.60
C LYS A 467 -94.20 24.81 -9.38
N LEU A 468 -93.37 25.10 -10.38
CA LEU A 468 -92.34 26.13 -10.21
C LEU A 468 -92.94 27.53 -10.18
N GLN A 469 -93.84 27.82 -11.11
CA GLN A 469 -94.45 29.15 -11.21
C GLN A 469 -95.57 29.27 -10.19
N SER A 470 -95.16 29.56 -8.95
CA SER A 470 -96.11 29.73 -7.85
C SER A 470 -96.42 31.21 -7.61
N HIS A 480 -89.19 23.14 2.07
CA HIS A 480 -89.70 23.11 0.70
C HIS A 480 -88.60 23.50 -0.29
N LEU A 481 -87.67 24.35 0.15
CA LEU A 481 -86.57 24.75 -0.72
C LEU A 481 -85.76 23.58 -1.27
N PRO A 482 -85.40 22.56 -0.48
CA PRO A 482 -84.75 21.39 -1.09
C PRO A 482 -85.58 20.75 -2.18
N LEU A 483 -86.91 20.74 -2.04
CA LEU A 483 -87.75 20.21 -3.10
C LEU A 483 -87.59 21.01 -4.38
N LEU A 484 -87.56 22.35 -4.27
CA LEU A 484 -87.39 23.18 -5.46
C LEU A 484 -86.03 22.97 -6.10
N ILE A 485 -84.96 22.90 -5.30
CA ILE A 485 -83.64 22.75 -5.89
C ILE A 485 -83.50 21.38 -6.54
N CYS A 486 -84.08 20.33 -5.93
CA CYS A 486 -84.03 19.02 -6.54
C CYS A 486 -84.89 18.96 -7.80
N CYS A 487 -86.00 19.69 -7.83
CA CYS A 487 -86.79 19.79 -9.05
C CYS A 487 -85.99 20.44 -10.17
N LEU A 488 -85.27 21.51 -9.86
CA LEU A 488 -84.42 22.16 -10.86
C LEU A 488 -83.33 21.21 -11.35
N GLN A 489 -82.70 20.49 -10.43
CA GLN A 489 -81.66 19.53 -10.82
C GLN A 489 -82.23 18.43 -11.70
N GLY A 490 -83.42 17.94 -11.36
CA GLY A 490 -84.05 16.92 -12.18
C GLY A 490 -84.41 17.42 -13.55
N LEU A 491 -84.92 18.66 -13.65
CA LEU A 491 -85.19 19.25 -14.96
C LEU A 491 -83.92 19.35 -15.78
N GLY A 492 -82.84 19.81 -15.17
CA GLY A 492 -81.58 19.90 -15.89
C GLY A 492 -81.08 18.56 -16.39
N ARG A 493 -81.13 17.54 -15.51
CA ARG A 493 -80.68 16.20 -15.89
C ARG A 493 -81.55 15.63 -17.00
N LEU A 494 -82.87 15.79 -16.90
CA LEU A 494 -83.76 15.26 -17.92
C LEU A 494 -83.55 15.96 -19.26
N CYS A 495 -83.35 17.28 -19.25
CA CYS A 495 -83.05 17.98 -20.50
C CYS A 495 -81.72 17.53 -21.07
N GLU A 496 -80.75 17.24 -20.19
CA GLU A 496 -79.47 16.73 -20.67
C GLU A 496 -79.64 15.38 -21.35
N ARG A 497 -80.46 14.50 -20.77
CA ARG A 497 -80.64 13.17 -21.36
C ARG A 497 -81.42 13.24 -22.66
N PHE A 498 -82.55 13.96 -22.68
CA PHE A 498 -83.40 14.01 -23.86
C PHE A 498 -83.21 15.33 -24.59
N PRO A 499 -82.59 15.34 -25.76
CA PRO A 499 -82.41 16.60 -26.51
C PRO A 499 -83.67 17.09 -27.21
N VAL A 500 -84.71 16.26 -27.28
CA VAL A 500 -85.91 16.64 -28.03
C VAL A 500 -86.67 17.75 -27.32
N VAL A 501 -86.79 17.66 -25.99
CA VAL A 501 -87.68 18.53 -25.24
C VAL A 501 -86.99 19.84 -24.85
N VAL A 502 -85.81 20.09 -25.42
CA VAL A 502 -85.06 21.29 -25.05
C VAL A 502 -85.87 22.54 -25.34
N HIS A 503 -86.41 22.65 -26.56
CA HIS A 503 -87.24 23.81 -26.89
C HIS A 503 -88.49 23.86 -26.03
N SER A 504 -88.93 22.70 -25.52
CA SER A 504 -90.08 22.69 -24.62
C SER A 504 -89.71 23.22 -23.25
N VAL A 505 -88.47 23.01 -22.81
CA VAL A 505 -88.05 23.43 -21.48
C VAL A 505 -87.29 24.75 -21.49
N THR A 506 -86.89 25.25 -22.67
CA THR A 506 -86.18 26.52 -22.73
C THR A 506 -86.98 27.69 -22.18
N PRO A 507 -88.26 27.89 -22.53
CA PRO A 507 -88.98 29.03 -21.95
C PRO A 507 -89.25 28.89 -20.46
N SER A 508 -89.60 27.68 -20.00
CA SER A 508 -90.00 27.50 -18.61
C SER A 508 -88.91 27.96 -17.64
N LEU A 509 -87.65 27.67 -17.97
CA LEU A 509 -86.56 28.11 -17.11
C LEU A 509 -86.28 29.60 -17.25
N ARG A 510 -86.49 30.17 -18.44
CA ARG A 510 -86.13 31.58 -18.62
C ARG A 510 -87.16 32.51 -17.98
N ASP A 511 -88.44 32.14 -18.02
CA ASP A 511 -89.48 33.02 -17.50
C ASP A 511 -89.30 33.26 -16.02
N PHE A 512 -88.90 32.24 -15.27
CA PHE A 512 -88.61 32.43 -13.85
C PHE A 512 -87.41 33.35 -13.66
N LEU A 513 -86.39 33.23 -14.52
CA LEU A 513 -85.19 34.05 -14.36
C LEU A 513 -85.44 35.50 -14.77
N VAL A 514 -86.13 35.70 -15.90
CA VAL A 514 -86.34 37.05 -16.40
C VAL A 514 -87.42 37.80 -15.63
N ILE A 515 -88.24 37.10 -14.86
CA ILE A 515 -89.29 37.75 -14.09
C ILE A 515 -89.08 37.51 -12.60
N SER A 517 -89.34 36.48 -9.66
CA SER A 517 -89.17 35.63 -8.49
C SER A 517 -89.51 36.39 -7.21
N PRO A 518 -90.79 36.41 -6.85
CA PRO A 518 -91.19 37.09 -5.61
C PRO A 518 -90.52 36.51 -4.38
N VAL A 519 -90.25 35.21 -4.36
CA VAL A 519 -89.55 34.60 -3.23
C VAL A 519 -88.16 35.18 -3.09
N LEU A 520 -87.45 35.38 -4.22
CA LEU A 520 -86.14 35.98 -4.18
C LEU A 520 -86.20 37.42 -3.68
N VAL A 521 -87.24 38.17 -4.10
CA VAL A 521 -87.40 39.54 -3.64
C VAL A 521 -87.62 39.58 -2.13
N LYS A 522 -88.47 38.69 -1.61
CA LYS A 522 -88.68 38.64 -0.17
C LYS A 522 -87.42 38.22 0.57
N LEU A 523 -86.65 37.30 -0.01
CA LEU A 523 -85.40 36.87 0.60
C LEU A 523 -84.39 38.01 0.67
N TYR A 524 -84.33 38.83 -0.38
CA TYR A 524 -83.36 39.94 -0.40
C TYR A 524 -83.62 40.92 0.73
N LYS A 525 -84.87 41.27 0.98
CA LYS A 525 -85.19 42.21 2.04
C LYS A 525 -85.17 41.53 3.41
N TYR A 564 -79.59 32.56 -0.96
CA TYR A 564 -79.58 33.88 -1.58
C TYR A 564 -79.19 33.79 -3.05
N GLU A 565 -77.96 33.36 -3.31
CA GLU A 565 -77.44 33.25 -4.67
C GLU A 565 -77.14 31.83 -5.11
N GLN A 566 -77.17 30.86 -4.20
CA GLN A 566 -76.90 29.48 -4.57
C GLN A 566 -77.92 28.97 -5.59
N LEU A 567 -79.20 29.25 -5.35
CA LEU A 567 -80.24 28.85 -6.30
C LEU A 567 -80.04 29.53 -7.65
N ARG A 568 -79.64 30.80 -7.64
CA ARG A 568 -79.42 31.53 -8.88
C ARG A 568 -78.30 30.90 -9.70
N ASP A 569 -77.18 30.57 -9.05
CA ASP A 569 -76.05 30.03 -9.80
C ASP A 569 -76.34 28.60 -10.27
N ILE A 570 -77.02 27.80 -9.46
CA ILE A 570 -77.38 26.46 -9.95
C ILE A 570 -78.37 26.57 -11.10
N ALA A 571 -79.29 27.55 -11.05
CA ALA A 571 -80.24 27.73 -12.14
C ALA A 571 -79.53 28.11 -13.44
N ILE A 572 -78.57 29.04 -13.36
CA ILE A 572 -77.87 29.43 -14.58
C ILE A 572 -76.96 28.31 -15.07
N ASP A 573 -76.40 27.50 -14.16
CA ASP A 573 -75.65 26.32 -14.58
C ASP A 573 -76.54 25.35 -15.33
N ASN A 574 -77.75 25.12 -14.83
CA ASN A 574 -78.71 24.27 -15.53
C ASN A 574 -79.07 24.87 -16.88
N ILE A 575 -79.17 26.19 -16.95
CA ILE A 575 -79.46 26.86 -18.22
C ILE A 575 -78.35 26.58 -19.22
N CYS A 576 -77.09 26.71 -18.78
CA CYS A 576 -75.96 26.47 -19.68
C CYS A 576 -75.93 25.01 -20.14
N ARG A 577 -76.20 24.08 -19.22
CA ARG A 577 -76.24 22.67 -19.60
C ARG A 577 -77.35 22.40 -20.60
N CYS A 578 -78.52 23.00 -20.40
CA CYS A 578 -79.61 22.85 -21.35
C CYS A 578 -79.24 23.41 -22.71
N LEU A 579 -78.59 24.57 -22.74
CA LEU A 579 -78.19 25.18 -24.00
C LEU A 579 -77.17 24.32 -24.74
N LYS A 580 -76.18 23.78 -24.02
CA LYS A 580 -75.20 22.95 -24.69
C LYS A 580 -75.82 21.66 -25.18
N ALA A 581 -76.73 21.07 -24.41
CA ALA A 581 -77.42 19.87 -24.87
C ALA A 581 -78.25 20.16 -26.12
N GLY A 582 -78.92 21.31 -26.15
CA GLY A 582 -79.69 21.67 -27.33
C GLY A 582 -78.84 21.90 -28.55
N LEU A 583 -77.72 22.60 -28.39
CA LEU A 583 -76.84 22.87 -29.53
C LEU A 583 -76.06 21.63 -29.97
N THR A 584 -75.99 20.60 -29.12
CA THR A 584 -75.33 19.37 -29.51
C THR A 584 -76.02 18.72 -30.71
N VAL A 585 -77.35 18.73 -30.72
CA VAL A 585 -78.12 18.10 -31.79
C VAL A 585 -78.54 19.12 -32.84
N ASP A 586 -79.01 20.30 -32.43
CA ASP A 586 -79.51 21.30 -33.36
C ASP A 586 -78.53 22.47 -33.41
N PRO A 587 -77.88 22.73 -34.55
CA PRO A 587 -76.95 23.85 -34.65
C PRO A 587 -77.62 25.21 -34.85
N VAL A 588 -78.94 25.31 -34.74
CA VAL A 588 -79.65 26.56 -34.96
C VAL A 588 -80.40 27.05 -33.73
N ILE A 589 -80.57 26.21 -32.71
CA ILE A 589 -81.30 26.63 -31.52
C ILE A 589 -80.55 27.72 -30.76
N VAL A 590 -79.22 27.67 -30.74
CA VAL A 590 -78.44 28.65 -30.00
C VAL A 590 -78.62 30.04 -30.60
N GLU A 591 -78.72 30.12 -31.93
CA GLU A 591 -78.98 31.42 -32.57
C GLU A 591 -80.32 31.98 -32.15
N ALA A 592 -81.35 31.13 -32.10
CA ALA A 592 -82.67 31.58 -31.66
C ALA A 592 -82.62 32.05 -30.21
N PHE A 593 -81.91 31.31 -29.36
CA PHE A 593 -81.81 31.69 -27.95
C PHE A 593 -81.09 33.02 -27.79
N LEU A 594 -80.00 33.25 -28.52
CA LEU A 594 -79.27 34.50 -28.41
C LEU A 594 -80.10 35.66 -28.96
N ALA A 595 -80.84 35.43 -30.04
CA ALA A 595 -81.75 36.45 -30.53
C ALA A 595 -82.82 36.80 -29.50
N SER A 596 -83.38 35.77 -28.85
CA SER A 596 -84.40 36.01 -27.83
C SER A 596 -83.83 36.78 -26.65
N LEU A 597 -82.62 36.44 -26.21
CA LEU A 597 -82.04 37.18 -25.09
C LEU A 597 -81.68 38.60 -25.48
N SER A 598 -81.26 38.82 -26.73
CA SER A 598 -81.03 40.18 -27.20
C SER A 598 -82.32 40.99 -27.21
N ASN A 599 -83.42 40.38 -27.66
CA ASN A 599 -84.70 41.06 -27.64
C ASN A 599 -85.14 41.37 -26.23
N ARG A 600 -84.93 40.45 -25.29
CA ARG A 600 -85.27 40.69 -23.89
C ARG A 600 -84.42 41.82 -23.31
N LEU A 601 -83.14 41.87 -23.69
CA LEU A 601 -82.27 42.96 -23.25
C LEU A 601 -82.76 44.30 -23.80
N TYR A 602 -83.22 44.31 -25.05
CA TYR A 602 -83.74 45.54 -25.63
C TYR A 602 -84.95 46.05 -24.88
N ILE A 603 -85.86 45.16 -24.49
CA ILE A 603 -87.05 45.56 -23.75
C ILE A 603 -86.76 45.58 -22.25
N LEU A 613 -84.49 45.01 -11.67
CA LEU A 613 -83.03 44.88 -11.67
C LEU A 613 -82.59 43.69 -12.52
N ILE A 614 -83.37 43.41 -13.57
CA ILE A 614 -83.10 42.29 -14.47
C ILE A 614 -81.80 42.43 -15.27
N PRO A 615 -81.27 43.64 -15.56
CA PRO A 615 -79.99 43.69 -16.26
C PRO A 615 -78.85 42.98 -15.53
N ASP A 616 -78.84 42.98 -14.19
CA ASP A 616 -77.78 42.27 -13.47
C ASP A 616 -77.83 40.79 -13.76
N HIS A 617 -79.03 40.19 -13.67
CA HIS A 617 -79.18 38.78 -13.97
C HIS A 617 -78.83 38.48 -15.42
N THR A 618 -79.25 39.36 -16.34
CA THR A 618 -78.95 39.16 -17.75
C THR A 618 -77.45 39.17 -18.01
N ILE A 619 -76.74 40.12 -17.39
CA ILE A 619 -75.29 40.21 -17.59
C ILE A 619 -74.59 39.01 -16.98
N ARG A 620 -75.03 38.58 -15.80
CA ARG A 620 -74.42 37.39 -15.19
C ARG A 620 -74.64 36.16 -16.06
N ALA A 621 -75.85 35.99 -16.60
CA ALA A 621 -76.13 34.86 -17.48
C ALA A 621 -75.30 34.93 -18.75
N LEU A 622 -75.16 36.13 -19.32
CA LEU A 622 -74.34 36.29 -20.53
C LEU A 622 -72.89 35.93 -20.25
N GLY A 623 -72.36 36.37 -19.12
CA GLY A 623 -70.99 36.00 -18.76
C GLY A 623 -70.83 34.51 -18.56
N HIS A 624 -71.79 33.88 -17.88
CA HIS A 624 -71.71 32.44 -17.64
C HIS A 624 -71.77 31.66 -18.95
N ILE A 625 -72.67 32.03 -19.86
CA ILE A 625 -72.75 31.31 -21.12
C ILE A 625 -71.51 31.57 -21.97
N ALA A 626 -70.98 32.79 -21.93
CA ALA A 626 -69.78 33.11 -22.71
C ALA A 626 -68.59 32.28 -22.22
N VAL A 627 -68.41 32.18 -20.91
CA VAL A 627 -67.32 31.36 -20.40
C VAL A 627 -67.61 29.89 -20.60
N ALA A 628 -68.89 29.51 -20.74
CA ALA A 628 -69.23 28.12 -20.96
C ALA A 628 -68.86 27.64 -22.36
N LEU A 629 -68.95 28.53 -23.36
CA LEU A 629 -68.69 28.17 -24.75
C LEU A 629 -67.30 28.62 -25.20
N ARG A 630 -66.33 28.59 -24.29
CA ARG A 630 -64.98 29.05 -24.64
C ARG A 630 -64.37 28.19 -25.75
N ASP A 631 -64.58 26.87 -25.69
CA ASP A 631 -64.06 26.00 -26.73
C ASP A 631 -64.80 26.20 -28.04
N THR A 632 -66.13 26.27 -27.98
CA THR A 632 -66.94 26.47 -29.17
C THR A 632 -68.33 27.01 -28.79
N LYS A 634 -67.79 30.09 -34.68
CA LYS A 634 -69.17 30.36 -35.07
C LYS A 634 -70.03 30.73 -33.86
N VAL A 635 -69.51 30.44 -32.67
CA VAL A 635 -70.21 30.73 -31.42
C VAL A 635 -69.56 31.88 -30.67
N MET A 636 -68.23 31.99 -30.71
CA MET A 636 -67.54 33.05 -30.01
C MET A 636 -67.74 34.41 -30.68
N GLU A 637 -67.83 34.44 -32.00
CA GLU A 637 -68.07 35.70 -32.70
C GLU A 637 -69.41 36.33 -32.37
N PRO A 638 -70.54 35.60 -32.31
CA PRO A 638 -71.80 36.25 -31.91
C PRO A 638 -71.75 36.89 -30.53
N ILE A 639 -71.23 36.18 -29.53
CA ILE A 639 -71.15 36.77 -28.18
C ILE A 639 -70.18 37.93 -28.18
N LEU A 640 -69.09 37.83 -28.95
CA LEU A 640 -68.14 38.93 -29.05
C LEU A 640 -68.80 40.19 -29.60
N GLN A 641 -69.54 40.06 -30.70
CA GLN A 641 -70.18 41.24 -31.28
C GLN A 641 -71.31 41.75 -30.40
N ILE A 642 -72.01 40.86 -29.70
CA ILE A 642 -73.06 41.30 -28.79
C ILE A 642 -72.47 42.13 -27.65
N LEU A 643 -71.38 41.65 -27.06
CA LEU A 643 -70.76 42.39 -25.97
C LEU A 643 -70.12 43.68 -26.47
N GLN A 644 -69.62 43.69 -27.72
CA GLN A 644 -69.10 44.92 -28.28
C GLN A 644 -70.19 45.96 -28.47
N GLN A 645 -71.37 45.53 -28.93
CA GLN A 645 -72.46 46.45 -29.20
C GLN A 645 -73.34 46.75 -27.99
N LYS A 646 -73.13 46.07 -26.86
CA LYS A 646 -73.96 46.27 -25.69
C LYS A 646 -73.44 47.34 -24.75
N PHE A 647 -72.30 47.95 -25.06
CA PHE A 647 -71.74 48.96 -24.16
C PHE A 647 -72.63 50.20 -24.16
N CYS A 648 -72.99 50.66 -22.96
CA CYS A 648 -73.88 51.80 -22.77
C CYS A 648 -75.19 51.64 -23.56
N SER A 652 -74.43 55.78 -14.47
CA SER A 652 -74.75 54.38 -14.76
C SER A 652 -73.77 53.44 -14.08
N PRO A 653 -74.06 53.07 -12.83
CA PRO A 653 -73.17 52.15 -12.09
C PRO A 653 -73.17 50.74 -12.62
N LEU A 654 -73.91 50.43 -13.69
CA LEU A 654 -73.97 49.08 -14.22
C LEU A 654 -72.68 48.66 -14.92
N ASP A 655 -71.74 49.58 -15.14
CA ASP A 655 -70.52 49.25 -15.84
C ASP A 655 -69.46 48.64 -14.94
N VAL A 656 -69.72 48.52 -13.64
CA VAL A 656 -68.69 48.03 -12.72
C VAL A 656 -68.41 46.55 -12.95
N LEU A 657 -69.45 45.75 -13.17
CA LEU A 657 -69.27 44.31 -13.34
C LEU A 657 -69.08 43.90 -14.79
N ILE A 658 -69.26 44.82 -15.75
CA ILE A 658 -69.01 44.50 -17.15
C ILE A 658 -67.53 44.21 -17.36
N ILE A 659 -66.66 45.10 -16.85
CA ILE A 659 -65.23 44.87 -16.95
C ILE A 659 -64.81 43.68 -16.10
N ASP A 660 -65.54 43.41 -15.02
CA ASP A 660 -65.30 42.20 -14.24
C ASP A 660 -65.53 40.96 -15.10
N GLN A 661 -66.57 40.98 -15.94
CA GLN A 661 -66.79 39.88 -16.87
C GLN A 661 -65.70 39.86 -17.94
N LEU A 662 -65.26 41.04 -18.40
CA LEU A 662 -64.21 41.09 -19.42
C LEU A 662 -62.91 40.46 -18.92
N GLY A 663 -62.62 40.65 -17.62
CA GLY A 663 -61.45 40.03 -17.05
C GLY A 663 -61.46 38.51 -17.19
N CYS A 664 -62.62 37.90 -16.94
CA CYS A 664 -62.76 36.46 -17.18
C CYS A 664 -62.69 36.13 -18.66
N LEU A 665 -63.28 36.99 -19.50
CA LEU A 665 -63.24 36.76 -20.94
C LEU A 665 -61.81 36.73 -21.46
N VAL A 666 -60.91 37.47 -20.81
CA VAL A 666 -59.50 37.49 -21.22
C VAL A 666 -58.88 36.10 -21.12
N ILE A 667 -59.36 35.27 -20.18
CA ILE A 667 -58.76 33.97 -19.92
C ILE A 667 -58.80 33.07 -21.15
N THR A 668 -59.79 33.26 -22.03
CA THR A 668 -59.97 32.35 -23.17
C THR A 668 -58.71 32.22 -24.00
N GLY A 669 -57.95 33.31 -24.17
CA GLY A 669 -56.68 33.24 -24.86
C GLY A 669 -56.79 33.35 -26.37
N ASN A 670 -57.40 34.43 -26.84
CA ASN A 670 -57.49 34.73 -28.26
C ASN A 670 -56.77 36.04 -28.53
N GLN A 671 -55.93 36.06 -29.57
CA GLN A 671 -55.13 37.25 -29.86
C GLN A 671 -56.02 38.44 -30.20
N TYR A 672 -57.05 38.23 -31.02
CA TYR A 672 -57.93 39.33 -31.40
C TYR A 672 -58.70 39.87 -30.20
N ILE A 673 -59.22 38.95 -29.36
CA ILE A 673 -59.97 39.38 -28.18
C ILE A 673 -59.05 40.14 -27.22
N TYR A 674 -57.83 39.63 -27.02
CA TYR A 674 -56.88 40.31 -26.15
C TYR A 674 -56.55 41.70 -26.68
N GLN A 675 -56.33 41.83 -27.99
CA GLN A 675 -56.04 43.13 -28.57
C GLN A 675 -57.21 44.08 -28.40
N GLU A 676 -58.43 43.59 -28.62
CA GLU A 676 -59.62 44.45 -28.48
C GLU A 676 -59.76 44.94 -27.04
N VAL A 677 -59.65 44.04 -26.07
CA VAL A 677 -59.85 44.43 -24.68
C VAL A 677 -58.72 45.34 -24.22
N TRP A 678 -57.49 45.09 -24.66
CA TRP A 678 -56.39 45.96 -24.27
C TRP A 678 -56.53 47.35 -24.89
N ASN A 679 -57.00 47.43 -26.14
CA ASN A 679 -57.26 48.73 -26.75
C ASN A 679 -58.34 49.48 -26.00
N LEU A 680 -59.41 48.78 -25.60
CA LEU A 680 -60.47 49.43 -24.84
C LEU A 680 -59.94 49.96 -23.51
N PHE A 681 -59.14 49.14 -22.80
CA PHE A 681 -58.57 49.59 -21.53
C PHE A 681 -57.63 50.77 -21.73
N GLN A 682 -56.82 50.73 -22.80
CA GLN A 682 -55.91 51.84 -23.07
C GLN A 682 -56.67 53.12 -23.35
N GLN A 683 -57.75 53.03 -24.13
CA GLN A 683 -58.56 54.22 -24.40
C GLN A 683 -59.19 54.76 -23.12
N ILE A 684 -59.69 53.86 -22.26
CA ILE A 684 -60.29 54.30 -21.00
C ILE A 684 -59.25 55.00 -20.14
N SER A 685 -58.03 54.44 -20.07
CA SER A 685 -56.98 55.06 -19.28
C SER A 685 -56.59 56.43 -19.85
N VAL A 686 -56.51 56.53 -21.18
CA VAL A 686 -56.12 57.79 -21.80
C VAL A 686 -57.17 58.87 -21.54
N LYS A 687 -58.45 58.51 -21.62
CA LYS A 687 -59.51 59.49 -21.37
C LYS A 687 -59.42 60.02 -19.94
N ALA A 688 -59.14 59.15 -18.98
CA ALA A 688 -59.01 59.57 -17.59
C ALA A 688 -57.70 60.34 -17.39
N TYR A 704 -66.96 58.60 -17.27
CA TYR A 704 -66.91 57.53 -16.29
C TYR A 704 -65.60 57.55 -15.52
N ARG A 705 -65.42 58.59 -14.68
CA ARG A 705 -64.22 58.68 -13.86
C ARG A 705 -64.21 57.60 -12.78
N HIS A 706 -65.39 57.21 -12.29
CA HIS A 706 -65.47 56.25 -11.18
C HIS A 706 -64.84 54.91 -11.53
N CYS A 707 -64.79 54.56 -12.81
CA CYS A 707 -64.20 53.28 -13.21
C CYS A 707 -62.68 53.29 -13.14
N SER A 708 -62.06 54.45 -12.89
CA SER A 708 -60.60 54.56 -12.90
C SER A 708 -59.96 53.55 -11.97
N LEU A 709 -60.53 53.36 -10.78
CA LEU A 709 -60.04 52.30 -9.90
C LEU A 709 -60.42 50.93 -10.45
N ALA A 710 -61.69 50.76 -10.82
CA ALA A 710 -62.17 49.42 -11.15
C ALA A 710 -61.32 48.76 -12.23
N VAL A 711 -60.98 49.52 -13.28
CA VAL A 711 -60.24 48.94 -14.40
C VAL A 711 -58.93 48.34 -13.92
N ILE A 712 -58.16 49.07 -13.09
CA ILE A 712 -56.87 48.53 -12.68
C ILE A 712 -57.09 47.33 -11.78
N ASN A 713 -58.18 47.34 -11.00
CA ASN A 713 -58.54 46.14 -10.22
C ASN A 713 -58.71 44.95 -11.15
N ALA A 714 -59.39 45.16 -12.29
CA ALA A 714 -59.52 44.10 -13.28
C ALA A 714 -58.14 43.62 -13.72
N LEU A 715 -57.21 44.55 -13.96
CA LEU A 715 -55.85 44.15 -14.30
C LEU A 715 -55.25 43.30 -13.19
N ALA A 716 -55.49 43.68 -11.93
CA ALA A 716 -55.00 42.89 -10.81
C ALA A 716 -55.54 41.48 -10.86
N ASN A 717 -56.78 41.32 -11.32
CA ASN A 717 -57.33 39.98 -11.50
C ASN A 717 -56.79 39.31 -12.76
N ILE A 718 -56.51 40.09 -13.80
CA ILE A 718 -56.02 39.51 -15.05
C ILE A 718 -54.60 38.99 -14.87
N ALA A 719 -53.78 39.72 -14.11
CA ALA A 719 -52.36 39.39 -14.01
C ALA A 719 -52.12 38.00 -13.46
N ALA A 720 -53.00 37.51 -12.59
CA ALA A 720 -52.82 36.23 -11.94
C ALA A 720 -53.51 35.07 -12.65
N ASN A 721 -54.11 35.30 -13.81
CA ASN A 721 -54.90 34.28 -14.50
C ASN A 721 -54.55 34.24 -15.98
N ILE A 722 -53.26 34.24 -16.30
CA ILE A 722 -52.78 34.12 -17.67
C ILE A 722 -51.86 32.91 -17.75
N GLN A 723 -52.09 32.06 -18.75
CA GLN A 723 -51.31 30.83 -18.90
C GLN A 723 -50.57 30.73 -20.22
N ASP A 724 -50.83 31.61 -21.17
CA ASP A 724 -50.10 31.63 -22.44
C ASP A 724 -48.93 32.58 -22.31
N GLU A 725 -47.71 32.03 -22.39
CA GLU A 725 -46.51 32.84 -22.17
C GLU A 725 -46.40 33.97 -23.18
N HIS A 726 -46.86 33.75 -24.42
CA HIS A 726 -46.87 34.82 -25.41
C HIS A 726 -47.74 35.97 -24.94
N LEU A 727 -48.92 35.65 -24.41
CA LEU A 727 -49.79 36.69 -23.85
C LEU A 727 -49.12 37.38 -22.67
N VAL A 728 -48.39 36.62 -21.85
CA VAL A 728 -47.73 37.21 -20.68
C VAL A 728 -46.70 38.25 -21.11
N ASP A 729 -45.83 37.90 -22.07
CA ASP A 729 -44.81 38.85 -22.49
C ASP A 729 -45.42 40.02 -23.24
N GLU A 730 -46.46 39.77 -24.05
CA GLU A 730 -47.14 40.87 -24.73
C GLU A 730 -47.75 41.84 -23.73
N LEU A 731 -48.40 41.31 -22.69
CA LEU A 731 -48.97 42.17 -21.65
C LEU A 731 -47.88 42.95 -20.92
N LEU A 732 -46.75 42.31 -20.64
CA LEU A 732 -45.66 42.99 -19.97
C LEU A 732 -45.15 44.16 -20.81
N MET A 733 -44.93 43.92 -22.10
CA MET A 733 -44.49 45.00 -22.99
C MET A 733 -45.54 46.10 -23.08
N ASN A 734 -46.82 45.71 -23.17
CA ASN A 734 -47.88 46.70 -23.29
C ASN A 734 -47.95 47.60 -22.07
N LEU A 735 -47.87 47.03 -20.87
CA LEU A 735 -47.95 47.86 -19.68
C LEU A 735 -46.67 48.68 -19.47
N LEU A 736 -45.52 48.15 -19.89
CA LEU A 736 -44.31 48.99 -19.86
C LEU A 736 -44.45 50.19 -20.77
N GLU A 737 -44.99 49.98 -21.97
CA GLU A 737 -45.22 51.10 -22.89
C GLU A 737 -46.24 52.07 -22.33
N LEU A 738 -47.31 51.57 -21.70
CA LEU A 738 -48.30 52.45 -21.10
C LEU A 738 -47.68 53.29 -19.98
N PHE A 739 -46.84 52.66 -19.15
CA PHE A 739 -46.21 53.41 -18.06
C PHE A 739 -45.26 54.47 -18.59
N VAL A 740 -44.47 54.13 -19.62
CA VAL A 740 -43.54 55.12 -20.16
C VAL A 740 -44.28 56.23 -20.89
N GLN A 741 -45.45 55.93 -21.46
CA GLN A 741 -46.23 56.95 -22.14
C GLN A 741 -46.90 57.89 -21.15
N LEU A 742 -47.45 57.34 -20.06
CA LEU A 742 -48.18 58.16 -19.11
C LEU A 742 -47.28 59.09 -18.31
N GLY A 743 -45.96 58.92 -18.40
CA GLY A 743 -45.05 59.82 -17.68
C GLY A 743 -45.15 61.25 -18.15
N LEU A 744 -45.43 61.47 -19.43
CA LEU A 744 -45.56 62.81 -19.97
C LEU A 744 -46.79 63.52 -19.41
N ASN A 768 -50.12 59.65 -8.92
CA ASN A 768 -51.08 59.03 -9.81
C ASN A 768 -50.47 57.85 -10.55
N LEU A 769 -49.18 57.93 -10.83
CA LEU A 769 -48.45 56.86 -11.50
C LEU A 769 -47.92 55.80 -10.55
N GLY A 770 -48.08 56.00 -9.24
CA GLY A 770 -47.58 55.05 -8.27
C GLY A 770 -48.49 53.88 -7.98
N VAL A 771 -49.60 53.75 -8.71
CA VAL A 771 -50.54 52.65 -8.48
C VAL A 771 -50.36 51.53 -9.49
N LEU A 772 -49.51 51.70 -10.50
CA LEU A 772 -49.32 50.71 -11.55
C LEU A 772 -48.21 49.71 -11.25
N ILE A 773 -47.52 49.85 -10.13
CA ILE A 773 -46.42 48.95 -9.78
C ILE A 773 -46.88 47.61 -9.22
N PRO A 774 -47.93 47.53 -8.38
CA PRO A 774 -48.27 46.21 -7.81
C PRO A 774 -48.59 45.16 -8.85
N VAL A 775 -49.27 45.53 -9.94
CA VAL A 775 -49.59 44.55 -10.98
C VAL A 775 -48.31 44.09 -11.68
N ILE A 776 -47.36 45.00 -11.89
CA ILE A 776 -46.09 44.60 -12.49
C ILE A 776 -45.35 43.64 -11.57
N ALA A 777 -45.37 43.90 -10.26
CA ALA A 777 -44.73 43.01 -9.31
C ALA A 777 -45.38 41.63 -9.32
N VAL A 778 -46.71 41.60 -9.35
CA VAL A 778 -47.42 40.32 -9.37
C VAL A 778 -47.09 39.54 -10.64
N LEU A 779 -47.02 40.24 -11.77
CA LEU A 779 -46.67 39.57 -13.02
C LEU A 779 -45.23 39.04 -12.99
N THR A 780 -44.30 39.84 -12.46
CA THR A 780 -42.90 39.44 -12.51
C THR A 780 -42.53 38.40 -11.45
N ARG A 781 -43.33 38.26 -10.40
CA ARG A 781 -43.03 37.24 -9.41
C ARG A 781 -43.27 35.83 -9.91
N ARG A 782 -43.93 35.68 -11.06
CA ARG A 782 -44.23 34.37 -11.63
C ARG A 782 -43.20 33.93 -12.66
N LEU A 783 -42.13 34.70 -12.85
CA LEU A 783 -41.16 34.39 -13.88
C LEU A 783 -39.76 34.26 -13.30
N PRO A 784 -38.90 33.44 -13.90
CA PRO A 784 -37.51 33.36 -13.46
C PRO A 784 -36.75 34.61 -13.85
N PRO A 785 -35.58 34.86 -13.24
CA PRO A 785 -34.79 36.04 -13.63
C PRO A 785 -34.43 36.01 -15.10
N ILE A 786 -34.47 37.18 -15.72
CA ILE A 786 -34.22 37.33 -17.16
C ILE A 786 -32.72 37.53 -17.38
N LYS A 787 -32.20 36.91 -18.44
CA LYS A 787 -30.79 37.01 -18.79
C LYS A 787 -30.54 37.83 -20.04
N GLU A 788 -31.21 37.49 -21.15
CA GLU A 788 -31.10 38.27 -22.37
C GLU A 788 -32.38 38.11 -23.18
N ALA A 789 -32.71 39.14 -23.94
CA ALA A 789 -33.92 39.15 -24.75
C ALA A 789 -33.75 40.18 -25.85
N LYS A 790 -34.86 40.53 -26.51
CA LYS A 790 -34.85 41.56 -27.53
C LYS A 790 -34.41 42.89 -26.91
N PRO A 791 -33.51 43.64 -27.56
CA PRO A 791 -33.06 44.92 -26.98
C PRO A 791 -34.19 45.91 -26.75
N ARG A 792 -35.36 45.70 -27.35
CA ARG A 792 -36.52 46.52 -27.03
C ARG A 792 -36.86 46.44 -25.55
N LEU A 793 -36.80 45.24 -24.97
CA LEU A 793 -37.04 45.08 -23.54
C LEU A 793 -35.99 45.82 -22.72
N GLN A 794 -34.72 45.75 -23.15
CA GLN A 794 -33.67 46.48 -22.44
C GLN A 794 -33.93 47.98 -22.47
N LYS A 795 -34.33 48.50 -23.64
CA LYS A 795 -34.62 49.93 -23.74
C LYS A 795 -35.79 50.32 -22.86
N LEU A 796 -36.84 49.49 -22.85
CA LEU A 796 -38.00 49.79 -22.01
C LEU A 796 -37.63 49.78 -20.53
N PHE A 797 -36.84 48.79 -20.10
CA PHE A 797 -36.40 48.75 -18.71
C PHE A 797 -35.53 49.96 -18.36
N ARG A 798 -34.64 50.35 -19.27
CA ARG A 798 -33.80 51.51 -19.00
C ARG A 798 -34.64 52.77 -18.87
N ASP A 799 -35.63 52.95 -19.76
CA ASP A 799 -36.51 54.11 -19.66
C ASP A 799 -37.31 54.09 -18.36
N PHE A 800 -37.79 52.90 -17.97
CA PHE A 800 -38.56 52.79 -16.72
C PHE A 800 -37.71 53.17 -15.52
N TRP A 801 -36.47 52.67 -15.47
CA TRP A 801 -35.60 53.00 -14.35
C TRP A 801 -35.21 54.48 -14.37
N LEU A 802 -35.00 55.04 -15.56
CA LEU A 802 -34.70 56.47 -15.66
C LEU A 802 -35.84 57.31 -15.11
N TYR A 803 -37.08 56.97 -15.48
CA TYR A 803 -38.23 57.69 -14.95
C TYR A 803 -38.37 57.50 -13.44
N SER A 804 -38.11 56.28 -12.97
CA SER A 804 -38.21 56.02 -11.54
C SER A 804 -37.21 56.85 -10.74
N VAL A 805 -35.96 56.93 -11.21
CA VAL A 805 -34.96 57.71 -10.49
C VAL A 805 -35.23 59.21 -10.65
N LEU A 806 -35.79 59.62 -11.79
CA LEU A 806 -36.16 61.03 -11.94
C LEU A 806 -37.25 61.43 -10.96
N MET A 807 -38.25 60.56 -10.78
CA MET A 807 -39.32 60.84 -9.82
C MET A 807 -38.95 60.47 -8.39
N GLY A 808 -37.82 59.82 -8.17
CA GLY A 808 -37.40 59.47 -6.83
C GLY A 808 -38.28 58.44 -6.13
N PHE A 809 -38.75 57.43 -6.88
CA PHE A 809 -39.51 56.36 -6.25
C PHE A 809 -38.63 55.40 -5.48
N ALA A 810 -37.38 55.20 -5.92
CA ALA A 810 -36.50 54.24 -5.27
C ALA A 810 -36.03 54.70 -3.89
N VAL A 811 -35.96 56.01 -3.65
CA VAL A 811 -35.46 56.49 -2.37
C VAL A 811 -36.51 56.27 -1.29
N GLU A 812 -36.08 55.77 -0.14
CA GLU A 812 -37.01 55.48 0.95
C GLU A 812 -37.59 56.77 1.53
N GLY A 813 -38.90 56.78 1.72
CA GLY A 813 -39.57 57.95 2.28
C GLY A 813 -40.87 58.28 1.56
N TRP A 817 -46.88 59.24 0.77
CA TRP A 817 -46.27 58.17 -0.02
C TRP A 817 -46.53 56.81 0.60
N PRO A 818 -47.36 55.99 -0.06
CA PRO A 818 -47.65 54.65 0.47
C PRO A 818 -46.40 53.81 0.59
N GLU A 819 -46.37 52.97 1.64
CA GLU A 819 -45.24 52.09 1.86
C GLU A 819 -45.11 51.05 0.75
N GLU A 820 -46.25 50.52 0.28
CA GLU A 820 -46.22 49.53 -0.79
C GLU A 820 -45.58 50.08 -2.06
N TRP A 821 -45.64 51.40 -2.26
CA TRP A 821 -45.02 52.00 -3.43
C TRP A 821 -43.52 51.75 -3.45
N TYR A 822 -42.86 51.91 -2.30
CA TYR A 822 -41.45 51.56 -2.22
C TYR A 822 -41.26 50.04 -2.16
N GLU A 823 -42.17 49.34 -1.51
CA GLU A 823 -42.00 47.90 -1.32
C GLU A 823 -42.00 47.16 -2.65
N GLY A 824 -42.82 47.62 -3.61
CA GLY A 824 -42.89 46.96 -4.90
C GLY A 824 -41.62 47.04 -5.71
N VAL A 825 -40.79 48.05 -5.46
CA VAL A 825 -39.57 48.25 -6.24
C VAL A 825 -38.56 47.13 -5.98
N CYS A 826 -38.62 46.51 -4.79
CA CYS A 826 -37.61 45.53 -4.42
C CYS A 826 -37.62 44.33 -5.34
N GLU A 827 -38.80 43.72 -5.54
CA GLU A 827 -38.88 42.55 -6.41
C GLU A 827 -38.64 42.91 -7.86
N ILE A 828 -39.06 44.10 -8.28
CA ILE A 828 -38.80 44.55 -9.65
C ILE A 828 -37.31 44.63 -9.91
N ALA A 829 -36.56 45.21 -8.97
CA ALA A 829 -35.11 45.25 -9.08
C ALA A 829 -34.50 43.87 -8.99
N THR A 830 -35.11 42.98 -8.19
CA THR A 830 -34.61 41.62 -8.08
C THR A 830 -34.69 40.89 -9.42
N LYS A 831 -35.79 41.05 -10.14
CA LYS A 831 -35.99 40.39 -11.42
C LYS A 831 -35.58 41.23 -12.61
N SER A 832 -35.07 42.43 -12.39
CA SER A 832 -34.70 43.29 -13.51
C SER A 832 -33.42 42.78 -14.16
N PRO A 833 -33.29 42.90 -15.48
CA PRO A 833 -32.04 42.53 -16.15
C PRO A 833 -30.98 43.61 -16.00
N LEU A 834 -29.76 43.27 -16.41
CA LEU A 834 -28.66 44.21 -16.32
C LEU A 834 -28.83 45.35 -17.32
N LEU A 835 -28.36 46.53 -16.93
CA LEU A 835 -28.44 47.72 -17.78
C LEU A 835 -27.24 47.79 -18.73
N THR A 836 -27.16 46.78 -19.60
CA THR A 836 -26.09 46.69 -20.56
C THR A 836 -26.49 47.38 -21.87
N PHE A 837 -25.60 47.31 -22.86
CA PHE A 837 -25.87 47.92 -24.16
C PHE A 837 -25.53 46.95 -25.30
N GLU A 841 -21.66 49.96 -31.11
CA GLU A 841 -22.48 51.16 -30.98
C GLU A 841 -21.93 52.10 -29.92
N PRO A 842 -21.76 53.37 -30.28
CA PRO A 842 -21.25 54.35 -29.32
C PRO A 842 -22.20 54.52 -28.14
N LEU A 843 -21.62 54.74 -26.96
CA LEU A 843 -22.42 54.92 -25.76
C LEU A 843 -23.17 56.26 -25.79
N ARG A 844 -22.51 57.32 -26.23
CA ARG A 844 -23.14 58.64 -26.27
C ARG A 844 -24.26 58.68 -27.30
N SER A 845 -24.12 57.96 -28.42
CA SER A 845 -25.16 57.97 -29.44
C SER A 845 -26.46 57.39 -28.92
N VAL A 846 -26.38 56.36 -28.07
CA VAL A 846 -27.59 55.75 -27.53
C VAL A 846 -28.35 56.74 -26.66
N LEU A 847 -27.64 57.48 -25.81
CA LEU A 847 -28.27 58.45 -24.93
C LEU A 847 -28.31 59.83 -25.59
N THR A 859 -30.03 75.08 -16.68
CA THR A 859 -30.29 74.91 -15.26
C THR A 859 -29.09 74.30 -14.55
N PRO A 860 -28.05 75.11 -14.32
CA PRO A 860 -26.85 74.57 -13.65
C PRO A 860 -27.09 74.21 -12.19
N ALA A 861 -28.11 74.76 -11.54
CA ALA A 861 -28.32 74.50 -10.13
C ALA A 861 -28.66 73.03 -9.87
N GLU A 862 -29.56 72.46 -10.68
CA GLU A 862 -29.91 71.06 -10.50
C GLU A 862 -28.74 70.14 -10.80
N LEU A 863 -27.93 70.49 -11.81
CA LEU A 863 -26.73 69.72 -12.09
C LEU A 863 -25.77 69.77 -10.91
N SER A 864 -25.59 70.95 -10.32
CA SER A 864 -24.70 71.07 -9.17
C SER A 864 -25.20 70.25 -7.99
N GLU A 865 -26.49 70.31 -7.70
CA GLU A 865 -27.02 69.57 -6.56
C GLU A 865 -26.95 68.07 -6.81
N LEU A 866 -27.21 67.62 -8.05
CA LEU A 866 -27.07 66.20 -8.36
C LEU A 866 -25.63 65.75 -8.20
N ARG A 867 -24.68 66.54 -8.67
CA ARG A 867 -23.27 66.19 -8.50
C ARG A 867 -22.91 66.11 -7.03
N SER A 868 -23.40 67.06 -6.23
CA SER A 868 -23.12 67.03 -4.80
C SER A 868 -23.68 65.78 -4.15
N THR A 869 -24.92 65.42 -4.48
CA THR A 869 -25.54 64.23 -3.91
C THR A 869 -24.78 62.98 -4.31
N ILE A 870 -24.39 62.88 -5.59
CA ILE A 870 -23.65 61.70 -6.04
C ILE A 870 -22.30 61.61 -5.35
N ILE A 871 -21.60 62.74 -5.23
CA ILE A 871 -20.27 62.70 -4.62
C ILE A 871 -20.37 62.40 -3.13
N ASN A 872 -21.47 62.80 -2.48
CA ASN A 872 -21.66 62.44 -1.08
C ASN A 872 -21.99 60.96 -0.93
N LEU A 873 -22.79 60.42 -1.86
CA LEU A 873 -23.11 58.99 -1.81
C LEU A 873 -21.87 58.14 -2.04
N LEU A 874 -21.01 58.54 -2.99
CA LEU A 874 -19.86 57.72 -3.34
C LEU A 874 -18.68 57.97 -2.40
N ASP A 875 -18.34 59.25 -2.18
CA ASP A 875 -17.15 59.65 -1.44
C ASP A 875 -15.89 58.98 -2.01
N PRO A 876 -15.53 59.28 -3.25
CA PRO A 876 -14.38 58.62 -3.87
C PRO A 876 -13.11 59.41 -3.62
N PRO A 877 -11.96 58.90 -4.08
CA PRO A 877 -10.73 59.71 -4.04
C PRO A 877 -10.87 60.94 -4.92
N PRO A 878 -10.10 62.00 -4.63
CA PRO A 878 -10.32 63.28 -5.32
C PRO A 878 -10.19 63.22 -6.83
N GLU A 879 -9.37 62.32 -7.37
CA GLU A 879 -9.27 62.21 -8.83
C GLU A 879 -10.60 61.77 -9.44
N VAL A 880 -11.29 60.84 -8.79
CA VAL A 880 -12.59 60.42 -9.28
C VAL A 880 -13.60 61.57 -9.21
N SER A 881 -13.52 62.38 -8.15
CA SER A 881 -14.40 63.54 -8.05
C SER A 881 -14.13 64.52 -9.17
N ALA A 882 -12.86 64.77 -9.47
CA ALA A 882 -12.52 65.66 -10.58
C ALA A 882 -13.02 65.11 -11.90
N LEU A 883 -12.93 63.79 -12.09
CA LEU A 883 -13.47 63.16 -13.29
C LEU A 883 -14.97 63.34 -13.39
N ILE A 884 -15.67 63.22 -12.26
CA ILE A 884 -17.13 63.40 -12.24
C ILE A 884 -17.49 64.84 -12.53
N ASN A 885 -16.67 65.80 -12.09
CA ASN A 885 -17.04 67.21 -12.17
C ASN A 885 -17.31 67.68 -13.60
N LYS A 886 -16.80 66.99 -14.61
CA LYS A 886 -16.95 67.42 -15.98
C LYS A 886 -18.06 66.68 -16.73
N LEU A 887 -18.89 65.91 -16.02
CA LEU A 887 -19.95 65.13 -16.65
C LEU A 887 -21.27 65.90 -16.64
N ASP A 888 -22.10 65.62 -17.63
CA ASP A 888 -23.39 66.29 -17.77
C ASP A 888 -24.44 65.55 -16.95
N PHE A 889 -25.72 65.89 -17.16
CA PHE A 889 -26.78 65.34 -16.32
C PHE A 889 -27.10 63.89 -16.67
N ALA A 890 -27.02 63.54 -17.96
CA ALA A 890 -27.45 62.21 -18.39
C ALA A 890 -26.54 61.13 -17.80
N MET A 891 -25.23 61.34 -17.87
CA MET A 891 -24.30 60.38 -17.28
C MET A 891 -24.51 60.27 -15.78
N SER A 892 -24.74 61.40 -15.12
CA SER A 892 -24.94 61.40 -13.67
C SER A 892 -26.17 60.59 -13.28
N THR A 893 -27.29 60.81 -13.98
CA THR A 893 -28.49 60.07 -13.63
C THR A 893 -28.37 58.61 -14.01
N TYR A 894 -27.62 58.29 -15.07
CA TYR A 894 -27.35 56.89 -15.39
C TYR A 894 -26.57 56.22 -14.27
N LEU A 895 -25.53 56.90 -13.75
CA LEU A 895 -24.75 56.35 -12.66
C LEU A 895 -25.60 56.18 -11.41
N LEU A 896 -26.44 57.16 -11.10
CA LEU A 896 -27.29 57.05 -9.92
C LEU A 896 -28.27 55.89 -10.07
N SER A 897 -28.85 55.73 -11.26
CA SER A 897 -29.81 54.66 -11.49
C SER A 897 -29.14 53.29 -11.34
N VAL A 898 -27.95 53.12 -11.92
CA VAL A 898 -27.30 51.82 -11.84
C VAL A 898 -26.86 51.54 -10.42
N TYR A 899 -26.41 52.57 -9.69
CA TYR A 899 -26.05 52.37 -8.29
C TYR A 899 -27.25 51.92 -7.47
N ARG A 900 -28.38 52.60 -7.64
CA ARG A 900 -29.59 52.23 -6.90
C ARG A 900 -30.02 50.82 -7.24
N LEU A 901 -30.02 50.48 -8.54
CA LEU A 901 -30.46 49.15 -8.96
C LEU A 901 -29.57 48.06 -8.36
N GLU A 902 -28.25 48.25 -8.44
CA GLU A 902 -27.35 47.23 -7.91
C GLU A 902 -27.46 47.12 -6.39
N TYR A 903 -27.61 48.25 -5.71
CA TYR A 903 -27.74 48.20 -4.25
C TYR A 903 -29.01 47.46 -3.86
N MET A 904 -30.14 47.77 -4.50
CA MET A 904 -31.38 47.07 -4.19
C MET A 904 -31.26 45.59 -4.50
N ARG A 905 -30.64 45.25 -5.64
CA ARG A 905 -30.47 43.85 -6.01
C ARG A 905 -29.66 43.10 -4.96
N VAL A 906 -28.50 43.63 -4.59
CA VAL A 906 -27.65 42.93 -3.63
C VAL A 906 -28.30 42.86 -2.26
N LEU A 907 -29.14 43.85 -1.92
CA LEU A 907 -29.78 43.83 -0.61
C LEU A 907 -30.93 42.82 -0.56
N ARG A 908 -31.66 42.65 -1.66
CA ARG A 908 -32.88 41.84 -1.65
C ARG A 908 -32.77 40.60 -2.55
N SER A 909 -31.56 40.14 -2.83
CA SER A 909 -31.38 38.96 -3.68
C SER A 909 -31.47 37.67 -2.87
N THR A 910 -31.58 36.56 -3.59
CA THR A 910 -31.53 35.23 -2.98
C THR A 910 -30.69 34.25 -3.78
N ASP A 911 -30.18 34.63 -4.94
CA ASP A 911 -29.35 33.75 -5.75
C ASP A 911 -27.95 33.67 -5.16
N PRO A 912 -27.28 32.52 -5.31
CA PRO A 912 -25.90 32.39 -4.80
C PRO A 912 -24.86 33.20 -5.55
N ASP A 913 -25.24 33.87 -6.65
CA ASP A 913 -24.30 34.66 -7.44
C ASP A 913 -24.46 36.16 -7.21
N ARG A 914 -24.67 36.57 -5.96
CA ARG A 914 -25.05 37.94 -5.65
C ARG A 914 -24.01 38.94 -6.17
N PHE A 915 -22.79 38.86 -5.66
CA PHE A 915 -21.82 39.93 -5.89
C PHE A 915 -20.96 39.72 -7.13
N GLN A 916 -20.90 38.51 -7.68
CA GLN A 916 -20.04 38.26 -8.83
C GLN A 916 -20.64 38.71 -10.15
N VAL A 917 -21.91 39.13 -10.17
CA VAL A 917 -22.50 39.63 -11.40
C VAL A 917 -21.90 40.97 -11.81
N MET A 918 -21.30 41.70 -10.85
CA MET A 918 -20.80 43.04 -11.16
C MET A 918 -19.71 43.00 -12.22
N PHE A 919 -18.93 41.91 -12.27
CA PHE A 919 -17.90 41.79 -13.29
C PHE A 919 -18.47 41.80 -14.70
N CYS A 920 -19.77 41.51 -14.85
CA CYS A 920 -20.39 41.61 -16.17
C CYS A 920 -20.32 43.04 -16.70
N TYR A 921 -20.34 44.04 -15.81
CA TYR A 921 -20.17 45.42 -16.24
C TYR A 921 -18.73 45.74 -16.61
N PHE A 922 -17.76 44.95 -16.13
CA PHE A 922 -16.36 45.19 -16.41
C PHE A 922 -15.92 44.67 -17.77
N GLU A 923 -16.73 43.82 -18.42
CA GLU A 923 -16.37 43.24 -19.70
C GLU A 923 -17.05 43.92 -20.88
N ASP A 924 -17.71 45.06 -20.64
CA ASP A 924 -18.38 45.78 -21.72
C ASP A 924 -17.37 46.62 -22.47
N LYS A 925 -17.22 46.37 -23.77
CA LYS A 925 -16.27 47.13 -24.58
C LYS A 925 -16.68 48.59 -24.71
N ALA A 926 -17.99 48.85 -24.82
CA ALA A 926 -18.46 50.23 -24.96
C ALA A 926 -18.12 51.06 -23.74
N ILE A 927 -18.25 50.48 -22.54
CA ILE A 927 -17.91 51.19 -21.32
C ILE A 927 -16.41 51.46 -21.27
N GLN A 928 -15.60 50.48 -21.68
CA GLN A 928 -14.15 50.67 -21.66
C GLN A 928 -13.72 51.76 -22.63
N LYS A 929 -14.32 51.81 -23.81
CA LYS A 929 -13.89 52.78 -24.82
C LYS A 929 -14.30 54.20 -24.47
N ASP A 930 -15.26 54.38 -23.57
CA ASP A 930 -15.71 55.72 -23.22
C ASP A 930 -14.63 56.47 -22.45
N LYS A 931 -14.64 57.80 -22.60
CA LYS A 931 -13.68 58.65 -21.90
C LYS A 931 -14.19 58.99 -20.50
N MET A 935 -15.57 55.52 -15.60
CA MET A 935 -14.98 54.20 -15.46
C MET A 935 -14.61 53.91 -14.00
N GLN A 936 -13.87 54.84 -13.39
CA GLN A 936 -13.52 54.70 -11.98
C GLN A 936 -14.75 54.76 -11.08
N CYS A 937 -15.83 55.41 -11.54
CA CYS A 937 -17.08 55.38 -10.80
C CYS A 937 -17.60 53.95 -10.69
N VAL A 938 -17.41 53.15 -11.74
CA VAL A 938 -17.89 51.77 -11.73
C VAL A 938 -17.15 50.97 -10.66
N ILE A 939 -15.82 51.11 -10.60
CA ILE A 939 -15.08 50.36 -9.59
C ILE A 939 -15.37 50.91 -8.20
N ALA A 940 -15.66 52.21 -8.08
CA ALA A 940 -16.01 52.77 -6.78
C ALA A 940 -17.33 52.17 -6.26
N VAL A 941 -18.35 52.14 -7.12
CA VAL A 941 -19.62 51.55 -6.70
C VAL A 941 -19.48 50.06 -6.49
N ALA A 942 -18.59 49.40 -7.23
CA ALA A 942 -18.31 47.98 -6.99
C ALA A 942 -17.71 47.78 -5.60
N ASP A 943 -16.77 48.64 -5.21
CA ASP A 943 -16.21 48.56 -3.87
C ASP A 943 -17.28 48.79 -2.81
N LYS A 944 -18.16 49.76 -3.04
CA LYS A 944 -19.22 50.04 -2.08
C LYS A 944 -20.15 48.84 -1.91
N VAL A 945 -20.56 48.23 -3.02
CA VAL A 945 -21.49 47.10 -2.95
C VAL A 945 -20.78 45.88 -2.35
N PHE A 946 -19.49 45.71 -2.63
CA PHE A 946 -18.75 44.62 -2.01
C PHE A 946 -18.65 44.80 -0.51
N ASP A 947 -18.41 46.04 -0.06
CA ASP A 947 -18.38 46.32 1.38
C ASP A 947 -19.74 46.03 2.01
N ALA A 948 -20.82 46.43 1.35
CA ALA A 948 -22.15 46.14 1.87
C ALA A 948 -22.40 44.65 1.98
N PHE A 949 -22.00 43.89 0.96
CA PHE A 949 -22.17 42.44 0.99
C PHE A 949 -21.36 41.81 2.11
N LEU A 950 -20.12 42.27 2.31
CA LEU A 950 -19.30 41.75 3.39
C LEU A 950 -19.90 42.06 4.74
N ASN A 951 -20.42 43.27 4.92
CA ASN A 951 -21.08 43.63 6.17
C ASN A 951 -22.29 42.75 6.41
N MET A 952 -23.06 42.45 5.36
CA MET A 952 -24.21 41.56 5.49
C MET A 952 -23.77 40.15 5.90
N MET A 953 -22.74 39.62 5.24
CA MET A 953 -22.31 38.26 5.50
C MET A 953 -21.57 38.12 6.82
N ALA A 954 -21.10 39.21 7.41
CA ALA A 954 -20.35 39.14 8.66
C ALA A 954 -21.15 38.50 9.80
N ASP A 955 -22.48 38.54 9.76
CA ASP A 955 -23.27 38.02 10.86
C ASP A 955 -24.50 37.25 10.36
N LYS A 956 -24.38 36.60 9.20
CA LYS A 956 -25.51 35.86 8.64
C LYS A 956 -25.94 34.71 9.53
N ALA A 957 -25.07 33.71 9.70
CA ALA A 957 -25.35 32.52 10.49
C ALA A 957 -24.04 31.78 10.69
N LYS A 958 -24.12 30.59 11.29
CA LYS A 958 -22.96 29.74 11.52
C LYS A 958 -23.24 28.30 11.11
N THR A 959 -23.82 28.12 9.93
CA THR A 959 -24.16 26.80 9.42
C THR A 959 -23.18 26.40 8.31
N LYS A 960 -23.39 25.19 7.78
CA LYS A 960 -22.52 24.68 6.73
C LYS A 960 -22.73 25.41 5.40
N GLU A 961 -23.96 25.84 5.13
CA GLU A 961 -24.26 26.47 3.85
C GLU A 961 -23.49 27.79 3.69
N ASN A 962 -23.37 28.56 4.76
CA ASN A 962 -22.59 29.79 4.69
C ASN A 962 -21.13 29.50 4.39
N GLU A 963 -20.58 28.46 5.00
CA GLU A 963 -19.21 28.06 4.70
C GLU A 963 -19.05 27.67 3.24
N GLU A 964 -20.02 26.93 2.70
CA GLU A 964 -19.95 26.56 1.29
C GLU A 964 -20.01 27.78 0.38
N GLU A 965 -20.88 28.74 0.70
CA GLU A 965 -20.96 29.96 -0.11
C GLU A 965 -19.66 30.74 -0.06
N LEU A 966 -19.08 30.87 1.13
CA LEU A 966 -17.80 31.58 1.26
C LEU A 966 -16.70 30.87 0.49
N GLU A 967 -16.68 29.53 0.55
CA GLU A 967 -15.69 28.78 -0.20
C GLU A 967 -15.84 29.01 -1.70
N ARG A 968 -17.07 29.00 -2.19
CA ARG A 968 -17.29 29.22 -3.62
C ARG A 968 -16.88 30.63 -4.03
N HIS A 969 -17.20 31.63 -3.21
CA HIS A 969 -16.80 33.00 -3.52
C HIS A 969 -15.28 33.14 -3.54
N ALA A 970 -14.60 32.52 -2.57
CA ALA A 970 -13.14 32.56 -2.55
C ALA A 970 -12.56 31.88 -3.78
N GLN A 971 -13.14 30.76 -4.20
CA GLN A 971 -12.66 30.08 -5.40
C GLN A 971 -12.85 30.95 -6.63
N PHE A 972 -13.99 31.64 -6.73
CA PHE A 972 -14.22 32.55 -7.85
C PHE A 972 -13.20 33.69 -7.85
N LEU A 973 -12.93 34.28 -6.69
CA LEU A 973 -11.95 35.35 -6.63
C LEU A 973 -10.56 34.85 -7.00
N LEU A 974 -10.23 33.63 -6.59
CA LEU A 974 -8.93 33.06 -6.97
C LEU A 974 -8.84 32.86 -8.48
N VAL A 975 -9.90 32.33 -9.10
CA VAL A 975 -9.85 32.07 -10.53
C VAL A 975 -9.90 33.36 -11.34
N ASN A 976 -10.41 34.45 -10.76
CA ASN A 976 -10.40 35.75 -11.44
C ASN A 976 -9.14 36.56 -11.17
N PHE A 977 -8.14 35.99 -10.49
CA PHE A 977 -6.93 36.74 -10.17
C PHE A 977 -6.01 36.89 -11.37
N ASN A 978 -6.19 36.09 -12.42
CA ASN A 978 -5.29 36.07 -13.57
C ASN A 978 -5.99 36.54 -14.83
N HIS A 979 -6.76 37.63 -14.73
CA HIS A 979 -7.46 38.16 -15.89
C HIS A 979 -6.48 38.82 -16.85
N ILE A 980 -6.88 38.91 -18.11
CA ILE A 980 -6.01 39.45 -19.15
C ILE A 980 -5.88 40.97 -19.06
N HIS A 981 -6.83 41.64 -18.41
CA HIS A 981 -6.82 43.10 -18.33
C HIS A 981 -5.85 43.54 -17.23
N LYS A 982 -5.87 44.83 -16.90
CA LYS A 982 -4.95 45.39 -15.91
C LYS A 982 -5.64 45.67 -14.59
N ARG A 983 -6.71 46.46 -14.58
CA ARG A 983 -7.39 46.83 -13.35
C ARG A 983 -8.22 45.69 -12.78
N ILE A 984 -8.64 44.74 -13.62
CA ILE A 984 -9.48 43.64 -13.13
C ILE A 984 -8.73 42.80 -12.11
N ARG A 985 -7.48 42.45 -12.41
CA ARG A 985 -6.72 41.65 -11.46
C ARG A 985 -6.40 42.45 -10.20
N ARG A 986 -6.18 43.76 -10.31
CA ARG A 986 -5.92 44.56 -9.13
C ARG A 986 -7.13 44.58 -8.20
N VAL A 987 -8.32 44.84 -8.76
CA VAL A 987 -9.51 44.87 -7.92
C VAL A 987 -9.83 43.49 -7.36
N ALA A 988 -9.57 42.43 -8.14
CA ALA A 988 -9.76 41.08 -7.62
C ALA A 988 -8.81 40.79 -6.47
N ASP A 989 -7.55 41.24 -6.58
CA ASP A 989 -6.60 41.06 -5.50
C ASP A 989 -7.04 41.81 -4.24
N LYS A 990 -7.54 43.05 -4.41
CA LYS A 990 -8.01 43.80 -3.26
C LYS A 990 -9.19 43.11 -2.59
N TYR A 991 -10.14 42.62 -3.39
CA TYR A 991 -11.30 41.91 -2.83
C TYR A 991 -10.86 40.65 -2.09
N LEU A 992 -9.93 39.90 -2.68
CA LEU A 992 -9.44 38.68 -2.03
C LEU A 992 -8.75 39.00 -0.72
N SER A 993 -7.93 40.06 -0.70
CA SER A 993 -7.25 40.45 0.53
C SER A 993 -8.25 40.83 1.61
N GLY A 994 -9.27 41.61 1.25
CA GLY A 994 -10.29 41.97 2.23
C GLY A 994 -11.05 40.76 2.76
N LEU A 995 -11.45 39.86 1.85
CA LEU A 995 -12.22 38.69 2.25
C LEU A 995 -11.42 37.79 3.17
N VAL A 996 -10.15 37.54 2.83
CA VAL A 996 -9.32 36.71 3.68
C VAL A 996 -8.97 37.43 4.98
N ASP A 997 -9.00 38.76 4.99
CA ASP A 997 -8.75 39.50 6.22
C ASP A 997 -9.92 39.33 7.20
N LYS A 998 -11.14 39.49 6.71
CA LYS A 998 -12.29 39.45 7.61
C LYS A 998 -12.72 38.03 7.98
N PHE A 999 -12.28 37.02 7.23
CA PHE A 999 -12.63 35.62 7.48
C PHE A 999 -11.37 34.79 7.50
N PRO A 1000 -10.63 34.79 8.62
CA PRO A 1000 -9.36 34.06 8.67
C PRO A 1000 -9.49 32.55 8.53
N HIS A 1001 -10.65 31.98 8.85
CA HIS A 1001 -10.77 30.52 8.89
C HIS A 1001 -10.74 29.88 7.50
N LEU A 1002 -10.81 30.68 6.43
CA LEU A 1002 -10.73 30.13 5.09
C LEU A 1002 -9.33 29.65 4.72
N LEU A 1003 -8.31 30.00 5.51
CA LEU A 1003 -6.94 29.63 5.16
C LEU A 1003 -6.74 28.13 5.20
N TRP A 1004 -7.27 27.46 6.23
CA TRP A 1004 -7.06 26.03 6.41
C TRP A 1004 -8.21 25.20 5.85
N SER A 1005 -8.90 25.71 4.84
CA SER A 1005 -9.95 24.94 4.20
C SER A 1005 -9.36 23.83 3.33
N GLY A 1006 -10.18 22.83 3.04
CA GLY A 1006 -9.76 21.68 2.28
C GLY A 1006 -10.07 21.70 0.80
N THR A 1007 -10.46 22.86 0.25
CA THR A 1007 -10.79 22.93 -1.17
C THR A 1007 -10.01 24.05 -1.86
N VAL A 1008 -9.70 25.10 -1.11
CA VAL A 1008 -8.96 26.23 -1.68
C VAL A 1008 -7.57 25.78 -2.13
N LEU A 1009 -6.88 24.98 -1.31
CA LEU A 1009 -5.53 24.56 -1.63
C LEU A 1009 -5.50 23.71 -2.89
N LYS A 1010 -6.45 22.77 -3.03
CA LYS A 1010 -6.47 21.92 -4.21
C LYS A 1010 -6.73 22.74 -5.46
N THR A 1011 -7.66 23.69 -5.40
CA THR A 1011 -7.95 24.53 -6.55
C THR A 1011 -6.74 25.37 -6.95
N MET A 1012 -6.06 25.96 -5.96
CA MET A 1012 -4.93 26.81 -6.29
C MET A 1012 -3.76 26.00 -6.85
N LEU A 1013 -3.53 24.79 -6.30
CA LEU A 1013 -2.51 23.93 -6.87
C LEU A 1013 -2.86 23.52 -8.30
N ASP A 1014 -4.14 23.22 -8.56
CA ASP A 1014 -4.54 22.84 -9.91
C ASP A 1014 -4.33 23.98 -10.90
N ILE A 1015 -4.72 25.21 -10.52
CA ILE A 1015 -4.56 26.32 -11.45
C ILE A 1015 -3.08 26.65 -11.64
N LEU A 1016 -2.27 26.51 -10.59
CA LEU A 1016 -0.84 26.72 -10.74
C LEU A 1016 -0.23 25.70 -11.70
N GLN A 1017 -0.64 24.43 -11.58
CA GLN A 1017 -0.16 23.40 -12.50
C GLN A 1017 -0.62 23.70 -13.93
N THR A 1018 -1.85 24.18 -14.10
CA THR A 1018 -2.34 24.53 -15.42
C THR A 1018 -1.50 25.64 -16.04
N LEU A 1019 -1.19 26.68 -15.26
CA LEU A 1019 -0.36 27.77 -15.78
C LEU A 1019 1.04 27.27 -16.12
N SER A 1020 1.62 26.43 -15.27
CA SER A 1020 2.96 25.90 -15.54
C SER A 1020 2.97 25.07 -16.81
N LEU A 1021 1.93 24.26 -17.03
CA LEU A 1021 1.83 23.50 -18.27
C LEU A 1021 1.67 24.43 -19.47
N SER A 1022 0.88 25.49 -19.31
CA SER A 1022 0.67 26.44 -20.40
C SER A 1022 1.88 27.34 -20.64
N LEU A 1023 2.89 27.28 -19.78
CA LEU A 1023 4.07 28.14 -19.95
C LEU A 1023 4.71 27.94 -21.32
N SER A 1024 4.86 26.69 -21.76
CA SER A 1024 5.48 26.37 -23.04
C SER A 1024 4.52 25.48 -23.84
N ALA A 1025 3.66 26.11 -24.64
CA ALA A 1025 2.65 25.37 -25.39
C ALA A 1025 2.51 25.93 -26.80
N ASP A 1026 3.64 26.23 -27.45
CA ASP A 1026 3.66 26.60 -28.87
C ASP A 1026 2.77 27.82 -29.15
N ILE A 1027 3.22 28.95 -28.61
CA ILE A 1027 2.47 30.21 -28.64
C ILE A 1027 1.84 30.49 -30.00
N HIS A 1028 2.54 30.13 -31.09
CA HIS A 1028 1.97 30.35 -32.42
C HIS A 1028 0.73 29.51 -32.66
N LYS A 1029 0.63 28.35 -32.02
CA LYS A 1029 -0.57 27.54 -32.14
C LYS A 1029 -1.74 28.25 -31.46
N ASP A 1030 -2.93 28.08 -32.01
CA ASP A 1030 -4.11 28.81 -31.57
C ASP A 1030 -4.68 28.17 -30.31
N GLN A 1031 -5.90 28.57 -29.94
CA GLN A 1031 -6.63 28.05 -28.79
C GLN A 1031 -5.86 28.23 -27.50
N PRO A 1032 -5.71 29.48 -27.01
CA PRO A 1032 -5.02 29.70 -25.74
C PRO A 1032 -5.87 29.37 -24.51
N TYR A 1033 -7.10 28.90 -24.70
CA TYR A 1033 -7.97 28.60 -23.58
C TYR A 1033 -7.55 27.30 -22.90
N TYR A 1034 -7.87 27.20 -21.61
CA TYR A 1034 -7.63 26.00 -20.83
C TYR A 1034 -8.78 25.78 -19.87
N ASP A 1035 -8.98 24.52 -19.48
CA ASP A 1035 -10.08 24.13 -18.60
C ASP A 1035 -9.50 23.67 -17.26
N ILE A 1036 -10.02 24.24 -16.18
CA ILE A 1036 -9.59 23.87 -14.84
C ILE A 1036 -10.27 22.56 -14.45
N PRO A 1037 -9.53 21.53 -14.06
CA PRO A 1037 -10.16 20.28 -13.62
C PRO A 1037 -10.96 20.49 -12.34
N ASP A 1038 -12.05 19.73 -12.23
CA ASP A 1038 -12.91 19.68 -11.05
C ASP A 1038 -13.56 21.02 -10.73
N ALA A 1039 -13.59 21.95 -11.69
CA ALA A 1039 -14.24 23.24 -11.51
C ALA A 1039 -14.53 23.86 -12.87
N PRO A 1040 -15.78 24.22 -13.16
CA PRO A 1040 -16.09 24.77 -14.48
C PRO A 1040 -15.65 26.22 -14.64
N TYR A 1041 -14.54 26.43 -15.33
CA TYR A 1041 -13.99 27.76 -15.58
C TYR A 1041 -13.07 27.66 -16.79
N ARG A 1042 -12.49 28.79 -17.18
CA ARG A 1042 -11.51 28.83 -18.26
C ARG A 1042 -10.51 29.93 -17.99
N ILE A 1043 -9.32 29.77 -18.54
CA ILE A 1043 -8.21 30.71 -18.35
C ILE A 1043 -7.63 31.07 -19.71
N THR A 1044 -7.43 32.36 -19.94
CA THR A 1044 -6.77 32.86 -21.13
C THR A 1044 -5.37 33.32 -20.79
N VAL A 1045 -4.47 33.21 -21.77
CA VAL A 1045 -3.05 33.52 -21.55
C VAL A 1045 -2.60 34.53 -22.60
N PRO A 1046 -1.57 35.34 -22.30
CA PRO A 1046 -1.06 36.29 -23.30
C PRO A 1046 -0.31 35.59 -24.42
N ASP A 1047 0.20 36.37 -25.38
CA ASP A 1047 0.85 35.81 -26.56
C ASP A 1047 2.36 35.65 -26.35
N THR A 1048 3.03 36.69 -25.88
CA THR A 1048 4.48 36.65 -25.73
C THR A 1048 4.87 35.77 -24.55
N TYR A 1049 6.06 35.16 -24.66
CA TYR A 1049 6.57 34.33 -23.57
C TYR A 1049 6.85 35.18 -22.33
N GLU A 1050 7.33 36.41 -22.53
CA GLU A 1050 7.73 37.24 -21.39
C GLU A 1050 6.55 37.55 -20.49
N ALA A 1051 5.40 37.89 -21.08
CA ALA A 1051 4.22 38.18 -20.26
C ALA A 1051 3.75 36.96 -19.48
N ARG A 1052 3.78 35.79 -20.12
CA ARG A 1052 3.38 34.56 -19.44
C ARG A 1052 4.32 34.24 -18.28
N GLU A 1053 5.63 34.39 -18.50
CA GLU A 1053 6.59 34.16 -17.42
C GLU A 1053 6.37 35.16 -16.29
N SER A 1054 6.12 36.42 -16.63
CA SER A 1054 5.89 37.43 -15.61
C SER A 1054 4.66 37.11 -14.78
N ILE A 1055 3.56 36.72 -15.43
CA ILE A 1055 2.33 36.47 -14.68
C ILE A 1055 2.47 35.22 -13.82
N VAL A 1056 3.14 34.18 -14.33
CA VAL A 1056 3.28 32.97 -13.52
C VAL A 1056 4.21 33.23 -12.33
N LYS A 1057 5.28 34.01 -12.54
CA LYS A 1057 6.16 34.34 -11.43
C LYS A 1057 5.44 35.20 -10.40
N ASP A 1058 4.60 36.13 -10.85
CA ASP A 1058 3.81 36.94 -9.92
C ASP A 1058 2.86 36.06 -9.12
N PHE A 1059 2.20 35.11 -9.77
CA PHE A 1059 1.26 34.25 -9.06
C PHE A 1059 1.97 33.30 -8.10
N ALA A 1060 3.22 32.96 -8.37
CA ALA A 1060 3.93 31.98 -7.56
C ALA A 1060 4.29 32.48 -6.16
N ALA A 1061 3.92 33.71 -5.79
CA ALA A 1061 4.24 34.25 -4.48
C ALA A 1061 3.07 34.20 -3.49
N ARG A 1062 1.85 34.45 -3.98
CA ARG A 1062 0.68 34.38 -3.13
C ARG A 1062 0.51 32.98 -2.54
N CYS A 1063 0.83 31.95 -3.33
CA CYS A 1063 0.74 30.58 -2.84
C CYS A 1063 1.60 30.40 -1.59
N GLY A 1064 2.87 30.78 -1.69
CA GLY A 1064 3.75 30.66 -0.53
C GLY A 1064 3.30 31.52 0.63
N MET A 1065 2.84 32.74 0.35
CA MET A 1065 2.40 33.62 1.42
C MET A 1065 1.25 33.02 2.21
N ILE A 1066 0.20 32.57 1.51
CA ILE A 1066 -0.95 32.03 2.23
C ILE A 1066 -0.62 30.67 2.84
N LEU A 1067 0.28 29.90 2.22
CA LEU A 1067 0.67 28.62 2.82
C LEU A 1067 1.37 28.84 4.16
N GLN A 1068 2.31 29.79 4.21
CA GLN A 1068 2.99 30.06 5.48
C GLN A 1068 2.03 30.66 6.49
N GLU A 1069 1.09 31.51 6.04
CA GLU A 1069 0.09 32.05 6.95
C GLU A 1069 -0.76 30.95 7.56
N ALA A 1070 -1.18 29.97 6.75
CA ALA A 1070 -1.99 28.87 7.27
C ALA A 1070 -1.18 27.98 8.21
N MET A 1071 0.07 27.69 7.85
CA MET A 1071 0.88 26.79 8.67
C MET A 1071 1.30 27.45 9.98
N LYS A 1072 1.30 28.78 10.03
CA LYS A 1072 1.68 29.47 11.26
C LYS A 1072 0.73 29.15 12.40
N TRP A 1073 -0.58 29.11 12.12
CA TRP A 1073 -1.57 29.03 13.19
C TRP A 1073 -1.92 27.58 13.56
N ALA A 1074 -2.38 26.79 12.59
CA ALA A 1074 -2.86 25.43 12.84
C ALA A 1074 -2.11 24.47 11.92
N PRO A 1075 -0.88 24.10 12.29
CA PRO A 1075 -0.09 23.21 11.41
C PRO A 1075 -0.72 21.84 11.19
N THR A 1076 -1.44 21.31 12.18
CA THR A 1076 -1.89 19.92 12.11
C THR A 1076 -2.88 19.71 10.96
N VAL A 1077 -3.92 20.55 10.89
CA VAL A 1077 -4.97 20.33 9.89
C VAL A 1077 -4.44 20.55 8.48
N THR A 1078 -3.65 21.60 8.26
CA THR A 1078 -3.12 21.85 6.93
C THR A 1078 -2.10 20.78 6.54
N LYS A 1079 -1.32 20.29 7.51
CA LYS A 1079 -0.39 19.20 7.22
C LYS A 1079 -1.13 17.94 6.82
N SER A 1080 -2.23 17.63 7.52
CA SER A 1080 -3.03 16.46 7.17
C SER A 1080 -3.64 16.61 5.78
N HIS A 1081 -4.13 17.82 5.46
CA HIS A 1081 -4.70 18.05 4.13
C HIS A 1081 -3.63 17.89 3.04
N LEU A 1082 -2.42 18.41 3.29
CA LEU A 1082 -1.34 18.24 2.32
C LEU A 1082 -0.99 16.77 2.14
N GLN A 1083 -0.97 16.01 3.24
CA GLN A 1083 -0.72 14.57 3.13
C GLN A 1083 -1.80 13.90 2.30
N GLU A 1084 -3.06 14.28 2.52
CA GLU A 1084 -4.16 13.68 1.77
C GLU A 1084 -4.07 14.02 0.29
N TYR A 1085 -3.63 15.23 -0.04
CA TYR A 1085 -3.57 15.66 -1.43
C TYR A 1085 -2.55 14.85 -2.23
N LEU A 1086 -1.50 14.36 -1.57
CA LEU A 1086 -0.42 13.65 -2.24
C LEU A 1086 -0.70 12.16 -2.42
N ASN A 1087 -1.96 11.75 -2.37
CA ASN A 1087 -2.33 10.34 -2.47
C ASN A 1087 -3.41 10.13 -3.53
N LYS A 1088 -3.19 10.69 -4.71
CA LYS A 1088 -4.08 10.51 -5.84
C LYS A 1088 -3.36 9.79 -6.97
N HIS A 1089 -4.07 8.88 -7.63
CA HIS A 1089 -3.44 8.04 -8.65
C HIS A 1089 -3.14 8.81 -9.92
N GLN A 1090 -3.97 9.82 -10.25
CA GLN A 1090 -3.80 10.53 -11.51
C GLN A 1090 -2.46 11.24 -11.58
N ASN A 1091 -2.07 11.90 -10.49
CA ASN A 1091 -0.83 12.67 -10.48
C ASN A 1091 0.41 11.80 -10.39
N TRP A 1092 0.27 10.55 -9.95
CA TRP A 1092 1.44 9.69 -9.79
C TRP A 1092 2.08 9.36 -11.14
N VAL A 1093 1.26 9.17 -12.17
CA VAL A 1093 1.79 8.86 -13.49
C VAL A 1093 2.64 10.01 -14.02
N SER A 1094 2.15 11.23 -13.86
CA SER A 1094 2.87 12.41 -14.35
C SER A 1094 3.92 12.92 -13.37
N GLY A 1095 4.01 12.34 -12.17
CA GLY A 1095 5.03 12.76 -11.23
C GLY A 1095 6.44 12.61 -11.76
N LEU A 1096 6.64 11.70 -12.72
CA LEU A 1096 7.95 11.59 -13.35
C LEU A 1096 8.30 12.82 -14.17
N SER A 1097 7.30 13.62 -14.55
CA SER A 1097 7.52 14.90 -15.19
C SER A 1097 7.61 16.00 -14.13
N GLN A 1098 7.52 17.25 -14.56
CA GLN A 1098 7.63 18.38 -13.63
C GLN A 1098 6.54 18.35 -12.57
N HIS A 1099 5.28 18.52 -12.98
CA HIS A 1099 4.14 18.52 -12.07
C HIS A 1099 4.35 19.49 -10.92
N THR A 1100 4.37 20.77 -11.28
CA THR A 1100 4.80 21.83 -10.36
C THR A 1100 3.99 21.82 -9.06
N GLY A 1101 2.74 21.38 -9.09
CA GLY A 1101 1.94 21.38 -7.87
C GLY A 1101 2.53 20.51 -6.78
N LEU A 1102 2.94 19.29 -7.13
CA LEU A 1102 3.53 18.39 -6.16
C LEU A 1102 4.85 18.95 -5.63
N ALA A 1103 5.66 19.55 -6.51
CA ALA A 1103 6.91 20.14 -6.06
C ALA A 1103 6.67 21.27 -5.07
N MET A 1104 5.70 22.13 -5.36
CA MET A 1104 5.34 23.18 -4.42
C MET A 1104 4.88 22.62 -3.08
N ALA A 1105 4.03 21.59 -3.13
CA ALA A 1105 3.50 21.00 -1.90
C ALA A 1105 4.62 20.39 -1.06
N THR A 1106 5.56 19.69 -1.69
CA THR A 1106 6.62 19.03 -0.95
C THR A 1106 7.74 19.99 -0.56
N GLU A 1107 7.80 21.18 -1.17
CA GLU A 1107 8.80 22.16 -0.79
C GLU A 1107 8.33 23.12 0.29
N SER A 1108 7.03 23.45 0.32
CA SER A 1108 6.52 24.40 1.29
C SER A 1108 6.32 23.81 2.68
N ILE A 1109 6.47 22.50 2.86
CA ILE A 1109 6.22 21.88 4.15
C ILE A 1109 7.34 22.11 5.15
N LEU A 1110 8.59 22.28 4.69
CA LEU A 1110 9.73 22.16 5.59
C LEU A 1110 10.00 23.45 6.35
N HIS A 1111 10.25 24.55 5.64
CA HIS A 1111 10.69 25.78 6.29
C HIS A 1111 9.59 26.48 7.08
N PHE A 1112 8.40 25.89 7.19
CA PHE A 1112 7.38 26.40 8.10
C PHE A 1112 7.04 25.38 9.18
N ALA A 1113 7.86 24.35 9.36
CA ALA A 1113 7.64 23.32 10.35
C ALA A 1113 8.08 23.80 11.73
N GLY A 1114 7.68 23.05 12.75
CA GLY A 1114 7.97 23.41 14.12
C GLY A 1114 8.60 22.29 14.95
N TYR A 1115 8.74 22.54 16.24
CA TYR A 1115 9.35 21.58 17.14
C TYR A 1115 8.32 20.58 17.64
N ASN A 1116 8.80 19.40 18.06
CA ASN A 1116 7.93 18.35 18.54
C ASN A 1116 7.74 18.48 20.05
N LYS A 1117 7.15 17.44 20.66
CA LYS A 1117 6.86 17.48 22.10
C LYS A 1117 8.14 17.51 22.92
N GLN A 1118 9.16 16.75 22.51
CA GLN A 1118 10.37 16.63 23.31
C GLN A 1118 11.13 17.95 23.38
N ASN A 1119 11.17 18.70 22.27
CA ASN A 1119 11.97 19.92 22.18
C ASN A 1119 11.10 21.16 22.03
N THR A 1120 9.99 21.22 22.78
CA THR A 1120 9.09 22.36 22.71
C THR A 1120 9.35 23.41 23.78
N THR A 1121 9.97 23.04 24.91
CA THR A 1121 10.22 23.96 26.02
C THR A 1121 11.66 23.78 26.49
N LEU A 1122 12.57 24.54 25.88
CA LEU A 1122 13.97 24.55 26.27
C LEU A 1122 14.53 25.95 26.11
N GLY A 1123 15.62 26.21 26.83
CA GLY A 1123 16.28 27.51 26.74
C GLY A 1123 17.65 27.43 26.10
N ALA A 1124 17.83 28.17 25.01
CA ALA A 1124 19.10 28.15 24.29
C ALA A 1124 20.19 28.85 25.08
N LYS A 1135 16.00 18.44 16.98
CA LYS A 1135 15.53 19.81 16.86
C LYS A 1135 14.31 19.87 15.95
N LYS A 1136 14.52 20.24 14.69
CA LYS A 1136 13.42 20.23 13.72
C LYS A 1136 12.99 18.79 13.45
N ASP A 1137 11.69 18.61 13.23
CA ASP A 1137 11.08 17.29 13.18
C ASP A 1137 10.27 17.12 11.91
N TYR A 1138 10.55 16.07 11.15
CA TYR A 1138 9.76 15.73 9.97
C TYR A 1138 9.44 14.25 9.88
N SER A 1139 9.84 13.43 10.86
CA SER A 1139 9.63 11.99 10.78
C SER A 1139 8.14 11.64 10.82
N ASN A 1140 7.34 12.43 11.54
CA ASN A 1140 5.92 12.15 11.65
C ASN A 1140 5.24 12.20 10.28
N PHE A 1141 5.62 13.18 9.45
CA PHE A 1141 5.03 13.33 8.14
C PHE A 1141 5.23 12.07 7.30
N MET A 1142 6.48 11.63 7.17
CA MET A 1142 6.78 10.47 6.34
C MET A 1142 6.18 9.20 6.93
N ALA A 1143 6.23 9.05 8.26
CA ALA A 1143 5.64 7.86 8.88
C ALA A 1143 4.15 7.78 8.60
N SER A 1144 3.43 8.89 8.78
CA SER A 1144 2.00 8.89 8.52
C SER A 1144 1.71 8.61 7.05
N LEU A 1145 2.45 9.23 6.14
CA LEU A 1145 2.20 9.04 4.72
C LEU A 1145 2.42 7.58 4.32
N ASN A 1146 3.54 6.99 4.78
CA ASN A 1146 3.84 5.61 4.43
C ASN A 1146 2.80 4.65 4.99
N LEU A 1147 2.43 4.83 6.27
CA LEU A 1147 1.42 3.96 6.86
C LEU A 1147 0.09 4.08 6.11
N ARG A 1148 -0.30 5.31 5.79
CA ARG A 1148 -1.57 5.53 5.10
C ARG A 1148 -1.59 4.83 3.75
N ASN A 1149 -0.56 5.05 2.93
CA ASN A 1149 -0.54 4.43 1.62
C ASN A 1149 -0.48 2.91 1.71
N ARG A 1150 0.36 2.38 2.60
CA ARG A 1150 0.52 0.93 2.72
C ARG A 1150 -0.78 0.26 3.11
N TYR A 1151 -1.45 0.78 4.14
CA TYR A 1151 -2.68 0.14 4.59
C TYR A 1151 -3.82 0.39 3.62
N ALA A 1152 -3.85 1.53 2.93
CA ALA A 1152 -4.85 1.75 1.90
C ALA A 1152 -4.74 0.70 0.80
N GLY A 1153 -3.51 0.44 0.34
CA GLY A 1153 -3.33 -0.59 -0.67
C GLY A 1153 -3.68 -1.99 -0.17
N GLU A 1154 -3.26 -2.30 1.06
CA GLU A 1154 -3.53 -3.62 1.61
C GLU A 1154 -5.03 -3.86 1.75
N VAL A 1155 -5.79 -2.84 2.15
CA VAL A 1155 -7.23 -3.02 2.31
C VAL A 1155 -7.94 -2.97 0.96
N TYR A 1156 -7.40 -2.23 -0.02
CA TYR A 1156 -8.02 -2.22 -1.34
C TYR A 1156 -7.84 -3.56 -2.04
N GLY A 1157 -6.76 -4.28 -1.72
CA GLY A 1157 -6.57 -5.59 -2.31
C GLY A 1157 -7.69 -6.56 -1.99
N MET A 1158 -8.22 -6.49 -0.77
CA MET A 1158 -9.18 -7.51 -0.31
C MET A 1158 -10.48 -7.53 -1.12
N ILE A 1159 -10.87 -6.39 -1.71
CA ILE A 1159 -12.14 -6.35 -2.44
C ILE A 1159 -12.12 -7.25 -3.68
N ARG A 1160 -10.93 -7.58 -4.19
CA ARG A 1160 -10.84 -8.43 -5.37
C ARG A 1160 -11.45 -9.81 -5.12
N PHE A 1161 -11.18 -10.41 -3.97
CA PHE A 1161 -11.70 -11.73 -3.66
C PHE A 1161 -12.85 -11.65 -2.66
N ASP A 1170 -19.84 -11.02 5.98
CA ASP A 1170 -19.10 -10.67 4.78
C ASP A 1170 -17.61 -10.57 5.07
N LEU A 1171 -17.12 -9.34 5.25
CA LEU A 1171 -15.73 -9.09 5.57
C LEU A 1171 -15.52 -8.34 6.88
N ASN A 1172 -16.53 -7.60 7.36
CA ASN A 1172 -16.40 -6.89 8.62
C ASN A 1172 -16.23 -7.85 9.78
N LYS A 1173 -16.86 -9.02 9.70
CA LYS A 1173 -16.77 -10.00 10.78
C LYS A 1173 -15.33 -10.45 10.99
N MET A 1174 -14.59 -10.67 9.90
CA MET A 1174 -13.19 -11.07 10.01
C MET A 1174 -12.37 -9.99 10.69
N MET A 1175 -12.59 -8.73 10.32
CA MET A 1175 -11.85 -7.63 10.93
C MET A 1175 -12.16 -7.52 12.42
N VAL A 1176 -13.43 -7.64 12.79
CA VAL A 1176 -13.81 -7.55 14.20
C VAL A 1176 -13.19 -8.71 14.99
N GLN A 1177 -13.22 -9.92 14.42
CA GLN A 1177 -12.63 -11.07 15.09
C GLN A 1177 -11.13 -10.89 15.26
N ASP A 1178 -10.46 -10.37 14.24
CA ASP A 1178 -9.01 -10.13 14.34
C ASP A 1178 -8.71 -9.10 15.42
N LEU A 1179 -9.49 -8.02 15.47
CA LEU A 1179 -9.27 -7.01 16.51
C LEU A 1179 -9.48 -7.59 17.90
N HIS A 1180 -10.53 -8.39 18.08
CA HIS A 1180 -10.78 -8.99 19.39
C HIS A 1180 -9.68 -9.96 19.77
N SER A 1181 -9.20 -10.76 18.81
CA SER A 1181 -8.11 -11.69 19.09
C SER A 1181 -6.84 -10.94 19.47
N ALA A 1182 -6.53 -9.85 18.76
CA ALA A 1182 -5.34 -9.06 19.08
C ALA A 1182 -5.46 -8.44 20.47
N LEU A 1183 -6.65 -7.93 20.82
CA LEU A 1183 -6.83 -7.36 22.15
C LEU A 1183 -6.70 -8.42 23.24
N ASP A 1184 -7.27 -9.60 23.01
CA ASP A 1184 -7.19 -10.67 24.02
C ASP A 1184 -5.75 -11.17 24.18
N ARG A 1185 -5.03 -11.33 23.07
CA ARG A 1185 -3.65 -11.79 23.15
C ARG A 1185 -2.68 -10.70 23.58
N SER A 1186 -3.10 -9.43 23.54
CA SER A 1186 -2.28 -8.29 23.94
C SER A 1186 -0.98 -8.24 23.14
N HIS A 1187 -1.13 -8.09 21.82
CA HIS A 1187 -0.01 -7.97 20.90
C HIS A 1187 -0.04 -6.59 20.26
N PRO A 1188 0.99 -5.77 20.41
CA PRO A 1188 0.89 -4.38 19.89
C PRO A 1188 0.92 -4.32 18.37
N GLN A 1189 1.78 -5.10 17.72
CA GLN A 1189 1.89 -5.04 16.26
C GLN A 1189 0.58 -5.44 15.60
N HIS A 1190 -0.01 -6.56 16.06
CA HIS A 1190 -1.29 -6.99 15.51
C HIS A 1190 -2.38 -5.98 15.81
N TYR A 1191 -2.34 -5.36 16.99
CA TYR A 1191 -3.31 -4.33 17.34
C TYR A 1191 -3.25 -3.17 16.35
N THR A 1192 -2.04 -2.67 16.08
CA THR A 1192 -1.89 -1.56 15.14
C THR A 1192 -2.32 -1.97 13.73
N GLN A 1193 -1.93 -3.17 13.29
CA GLN A 1193 -2.30 -3.61 11.96
C GLN A 1193 -3.81 -3.71 11.81
N ALA A 1194 -4.48 -4.30 12.82
CA ALA A 1194 -5.93 -4.43 12.77
C ALA A 1194 -6.61 -3.07 12.79
N MET A 1195 -6.12 -2.14 13.61
CA MET A 1195 -6.73 -0.81 13.70
C MET A 1195 -6.61 -0.08 12.36
N PHE A 1196 -5.42 -0.08 11.77
CA PHE A 1196 -5.23 0.59 10.50
C PHE A 1196 -6.05 -0.06 9.39
N LYS A 1197 -6.09 -1.40 9.37
CA LYS A 1197 -6.90 -2.08 8.35
C LYS A 1197 -8.38 -1.75 8.50
N LEU A 1198 -8.88 -1.71 9.73
CA LEU A 1198 -10.28 -1.39 9.97
C LEU A 1198 -10.60 0.03 9.52
N THR A 1199 -9.76 1.00 9.89
CA THR A 1199 -10.07 2.37 9.51
C THR A 1199 -9.92 2.58 8.01
N ALA A 1200 -8.98 1.88 7.37
CA ALA A 1200 -8.82 2.00 5.93
C ALA A 1200 -10.01 1.37 5.20
N MET A 1201 -10.54 0.27 5.72
CA MET A 1201 -11.75 -0.31 5.14
C MET A 1201 -12.93 0.64 5.33
N LEU A 1202 -13.04 1.27 6.50
CA LEU A 1202 -14.16 2.16 6.76
C LEU A 1202 -14.12 3.40 5.87
N ILE A 1203 -12.93 3.95 5.64
CA ILE A 1203 -12.82 5.20 4.89
C ILE A 1203 -13.26 5.03 3.43
N SER A 1204 -13.20 3.82 2.90
CA SER A 1204 -13.60 3.54 1.52
C SER A 1204 -14.87 2.70 1.54
N SER A 1205 -16.01 3.37 1.63
CA SER A 1205 -17.30 2.70 1.67
C SER A 1205 -18.39 3.71 1.33
N LYS A 1206 -19.64 3.27 1.40
CA LYS A 1206 -20.78 4.12 1.08
C LYS A 1206 -21.75 4.27 2.25
N ASP A 1207 -21.49 3.62 3.38
CA ASP A 1207 -22.39 3.65 4.53
C ASP A 1207 -21.58 3.90 5.79
N CYS A 1208 -22.27 4.42 6.81
CA CYS A 1208 -21.61 4.72 8.08
C CYS A 1208 -21.14 3.45 8.76
N ASP A 1209 -21.95 2.39 8.73
CA ASP A 1209 -21.68 1.13 9.43
C ASP A 1209 -21.40 1.41 10.90
N PRO A 1210 -22.44 1.73 11.69
CA PRO A 1210 -22.19 2.21 13.06
C PRO A 1210 -21.43 1.24 13.94
N GLN A 1211 -21.56 -0.07 13.70
CA GLN A 1211 -20.83 -1.04 14.53
C GLN A 1211 -19.33 -0.88 14.37
N LEU A 1212 -18.86 -0.64 13.15
CA LEU A 1212 -17.43 -0.43 12.93
C LEU A 1212 -16.93 0.80 13.67
N LEU A 1213 -17.67 1.89 13.61
CA LEU A 1213 -17.27 3.11 14.32
C LEU A 1213 -17.28 2.89 15.82
N HIS A 1214 -18.30 2.18 16.34
CA HIS A 1214 -18.37 1.92 17.77
C HIS A 1214 -17.20 1.07 18.23
N HIS A 1215 -16.82 0.04 17.46
CA HIS A 1215 -15.65 -0.74 17.82
C HIS A 1215 -14.37 0.05 17.67
N LEU A 1216 -14.34 1.00 16.72
CA LEU A 1216 -13.17 1.86 16.56
C LEU A 1216 -12.97 2.75 17.80
N CYS A 1217 -14.05 3.30 18.33
CA CYS A 1217 -13.91 4.22 19.46
C CYS A 1217 -13.65 3.49 20.78
N TRP A 1218 -14.17 2.27 20.93
CA TRP A 1218 -13.99 1.52 22.17
C TRP A 1218 -12.72 0.66 22.17
N GLY A 1219 -11.90 0.73 21.12
CA GLY A 1219 -10.70 -0.06 21.02
C GLY A 1219 -9.67 0.21 22.09
N PRO A 1220 -9.14 1.43 22.12
CA PRO A 1220 -8.02 1.72 23.04
C PRO A 1220 -8.35 1.53 24.51
N LEU A 1221 -9.62 1.61 24.90
CA LEU A 1221 -9.98 1.52 26.31
C LEU A 1221 -9.61 0.17 26.92
N ARG A 1222 -9.41 -0.86 26.10
CA ARG A 1222 -9.01 -2.16 26.59
C ARG A 1222 -7.49 -2.35 26.58
N MET A 1223 -6.75 -1.39 26.05
CA MET A 1223 -5.29 -1.43 26.03
C MET A 1223 -4.72 -0.08 26.44
N PHE A 1224 -5.21 0.45 27.56
CA PHE A 1224 -4.81 1.76 28.06
C PHE A 1224 -3.29 1.87 28.19
N ASN A 1225 -2.68 2.70 27.35
CA ASN A 1225 -1.25 2.96 27.37
C ASN A 1225 -0.99 4.14 26.43
N GLU A 1226 0.29 4.41 26.15
CA GLU A 1226 0.64 5.51 25.26
C GLU A 1226 0.75 5.08 23.80
N HIS A 1227 1.23 3.86 23.53
CA HIS A 1227 1.39 3.41 22.16
C HIS A 1227 0.04 3.24 21.48
N GLY A 1228 -0.89 2.54 22.13
CA GLY A 1228 -2.22 2.39 21.57
C GLY A 1228 -2.93 3.72 21.41
N MET A 1229 -2.71 4.65 22.34
CA MET A 1229 -3.33 5.97 22.22
C MET A 1229 -2.76 6.74 21.03
N GLU A 1230 -1.45 6.62 20.78
CA GLU A 1230 -0.86 7.25 19.61
C GLU A 1230 -1.45 6.67 18.33
N THR A 1231 -1.58 5.34 18.26
CA THR A 1231 -2.19 4.72 17.09
C THR A 1231 -3.63 5.19 16.90
N ALA A 1232 -4.38 5.28 17.99
CA ALA A 1232 -5.76 5.74 17.91
C ALA A 1232 -5.84 7.17 17.42
N LEU A 1233 -4.95 8.04 17.91
CA LEU A 1233 -4.95 9.43 17.45
C LEU A 1233 -4.64 9.52 15.97
N ALA A 1234 -3.65 8.75 15.50
CA ALA A 1234 -3.34 8.75 14.07
C ALA A 1234 -4.54 8.27 13.25
N CYS A 1235 -5.19 7.20 13.69
CA CYS A 1235 -6.35 6.69 12.95
C CYS A 1235 -7.49 7.71 12.95
N TRP A 1236 -7.73 8.38 14.07
CA TRP A 1236 -8.78 9.38 14.14
C TRP A 1236 -8.49 10.55 13.21
N GLU A 1237 -7.22 10.99 13.17
CA GLU A 1237 -6.86 12.08 12.27
C GLU A 1237 -7.06 11.68 10.82
N TRP A 1238 -6.65 10.46 10.45
CA TRP A 1238 -6.87 10.00 9.08
C TRP A 1238 -8.35 9.95 8.74
N LEU A 1239 -9.17 9.42 9.67
CA LEU A 1239 -10.60 9.34 9.42
C LEU A 1239 -11.23 10.71 9.24
N LEU A 1240 -10.84 11.67 10.09
CA LEU A 1240 -11.38 13.02 9.95
C LEU A 1240 -10.94 13.67 8.65
N ALA A 1241 -9.69 13.45 8.24
CA ALA A 1241 -9.19 14.08 7.03
C ALA A 1241 -9.73 13.44 5.76
N GLY A 1242 -10.09 12.16 5.79
CA GLY A 1242 -10.48 11.47 4.57
C GLY A 1242 -11.94 11.63 4.17
N LYS A 1243 -12.85 11.28 5.06
CA LYS A 1243 -14.28 11.29 4.76
C LYS A 1243 -14.92 12.59 5.24
N ASP A 1244 -16.01 12.96 4.58
CA ASP A 1244 -16.73 14.19 4.88
C ASP A 1244 -18.11 13.87 5.45
N GLY A 1245 -18.63 14.81 6.23
CA GLY A 1245 -19.93 14.63 6.85
C GLY A 1245 -19.98 13.53 7.88
N VAL A 1246 -18.92 13.39 8.70
CA VAL A 1246 -18.85 12.35 9.71
C VAL A 1246 -18.44 12.89 11.07
N GLU A 1247 -18.26 14.21 11.20
CA GLU A 1247 -17.73 14.77 12.44
C GLU A 1247 -18.67 14.56 13.62
N VAL A 1248 -19.97 14.75 13.42
CA VAL A 1248 -20.91 14.69 14.55
C VAL A 1248 -20.98 13.31 15.18
N PRO A 1249 -21.21 12.21 14.44
CA PRO A 1249 -21.26 10.91 15.10
C PRO A 1249 -19.94 10.51 15.76
N PHE A 1250 -18.82 10.84 15.11
CA PHE A 1250 -17.52 10.54 15.71
C PHE A 1250 -17.33 11.31 17.01
N MET A 1251 -17.72 12.58 17.03
CA MET A 1251 -17.61 13.36 18.25
C MET A 1251 -18.51 12.81 19.35
N ARG A 1252 -19.73 12.39 18.99
CA ARG A 1252 -20.62 11.82 19.99
C ARG A 1252 -20.05 10.53 20.57
N GLU A 1253 -19.52 9.67 19.71
CA GLU A 1253 -18.93 8.42 20.20
C GLU A 1253 -17.72 8.68 21.08
N MET A 1254 -16.88 9.65 20.70
CA MET A 1254 -15.73 9.99 21.52
C MET A 1254 -16.15 10.53 22.88
N ALA A 1255 -17.19 11.37 22.90
CA ALA A 1255 -17.70 11.88 24.17
C ALA A 1255 -18.24 10.76 25.05
N GLY A 1256 -18.95 9.81 24.44
CA GLY A 1256 -19.43 8.67 25.20
C GLY A 1256 -18.29 7.84 25.78
N ALA A 1257 -17.24 7.61 24.99
CA ALA A 1257 -16.09 6.87 25.48
C ALA A 1257 -15.40 7.62 26.62
N TRP A 1258 -15.27 8.94 26.49
CA TRP A 1258 -14.67 9.73 27.56
C TRP A 1258 -15.49 9.65 28.84
N HIS A 1259 -16.81 9.74 28.73
CA HIS A 1259 -17.66 9.64 29.91
C HIS A 1259 -17.57 8.26 30.54
N MET A 1260 -17.50 7.21 29.72
CA MET A 1260 -17.33 5.86 30.25
C MET A 1260 -16.01 5.73 31.01
N THR A 1261 -14.94 6.28 30.44
CA THR A 1261 -13.64 6.26 31.12
C THR A 1261 -13.70 7.01 32.45
N VAL A 1262 -14.39 8.15 32.46
CA VAL A 1262 -14.57 8.90 33.71
C VAL A 1262 -15.32 8.05 34.73
N GLU A 1263 -16.39 7.38 34.30
CA GLU A 1263 -17.22 6.63 35.24
C GLU A 1263 -16.48 5.43 35.81
N GLN A 1264 -15.68 4.74 34.99
CA GLN A 1264 -15.01 3.54 35.45
C GLN A 1264 -13.74 3.82 36.24
N LYS A 1265 -13.29 5.08 36.30
CA LYS A 1265 -12.12 5.48 37.09
C LYS A 1265 -10.88 4.70 36.66
N PHE A 1266 -10.59 4.76 35.35
CA PHE A 1266 -9.45 4.07 34.79
C PHE A 1266 -8.19 4.92 34.72
N GLY A 1267 -8.29 6.21 34.99
CA GLY A 1267 -7.15 7.11 34.82
C GLY A 1267 -6.98 8.12 35.92
N LEU A 1268 -6.94 9.40 35.54
CA LEU A 1268 -6.80 10.48 36.50
C LEU A 1268 -7.92 10.47 37.53
N PHE A 1269 -9.09 9.94 37.17
CA PHE A 1269 -10.24 9.90 38.06
C PHE A 1269 -10.23 8.69 38.98
N SER A 1270 -9.07 8.06 39.18
CA SER A 1270 -8.98 6.86 40.00
C SER A 1270 -9.07 7.21 41.48
N ALA A 1271 -9.10 6.17 42.32
CA ALA A 1271 -9.17 6.33 43.75
C ALA A 1271 -7.82 6.75 44.32
N GLU A 1272 -7.82 7.09 45.60
CA GLU A 1272 -6.63 7.55 46.31
C GLU A 1272 -6.14 6.47 47.26
N ILE A 1273 -4.83 6.28 47.30
CA ILE A 1273 -4.19 5.24 48.10
C ILE A 1273 -3.31 5.91 49.15
N LYS A 1274 -3.47 5.49 50.40
CA LYS A 1274 -2.70 6.01 51.51
C LYS A 1274 -1.49 5.13 51.79
N GLU A 1275 -0.52 5.69 52.50
CA GLU A 1275 0.71 4.99 52.87
C GLU A 1275 1.01 5.22 54.34
N ALA A 1276 1.74 4.28 54.94
CA ALA A 1276 2.03 4.35 56.36
C ALA A 1276 2.98 5.50 56.67
N ASP A 1277 2.69 6.20 57.76
CA ASP A 1277 3.55 7.30 58.19
C ASP A 1277 4.86 6.74 58.77
N PRO A 1278 5.99 7.42 58.50
CA PRO A 1278 7.28 6.86 58.95
C PRO A 1278 7.50 6.93 60.46
N LEU A 1279 6.70 7.71 61.19
CA LEU A 1279 6.91 7.81 62.63
C LEU A 1279 6.60 6.50 63.34
N ALA A 1280 5.62 5.75 62.83
CA ALA A 1280 5.22 4.47 63.43
C ALA A 1280 5.16 3.38 62.36
N ALA A 1281 6.21 3.31 61.55
CA ALA A 1281 6.30 2.34 60.46
C ALA A 1281 7.37 1.28 60.75
N SER A 1282 7.48 0.88 62.01
CA SER A 1282 8.45 -0.16 62.38
C SER A 1282 8.06 -1.54 61.88
N GLU A 1283 6.82 -1.71 61.42
CA GLU A 1283 6.36 -3.01 60.94
C GLU A 1283 7.03 -3.34 59.61
N ALA A 1284 6.74 -4.55 59.10
CA ALA A 1284 7.28 -4.99 57.82
C ALA A 1284 6.74 -4.20 56.64
N SER A 1285 5.70 -3.39 56.84
CA SER A 1285 5.15 -2.54 55.78
C SER A 1285 5.91 -1.22 55.76
N GLN A 1286 7.08 -1.25 55.15
CA GLN A 1286 7.89 -0.05 55.05
C GLN A 1286 7.24 0.96 54.12
N PRO A 1287 7.36 2.25 54.41
CA PRO A 1287 6.77 3.27 53.54
C PRO A 1287 7.45 3.30 52.18
N LYS A 1288 6.67 3.70 51.17
CA LYS A 1288 7.17 3.82 49.81
C LYS A 1288 6.20 4.68 49.02
N PRO A 1289 6.69 5.49 48.08
CA PRO A 1289 5.78 6.33 47.29
C PRO A 1289 4.87 5.48 46.41
N CYS A 1290 3.62 5.94 46.26
CA CYS A 1290 2.63 5.29 45.41
C CYS A 1290 1.93 6.34 44.55
N PRO A 1291 2.62 6.85 43.54
CA PRO A 1291 2.04 7.91 42.71
C PRO A 1291 1.24 7.32 41.55
N PRO A 1292 0.06 7.88 41.27
CA PRO A 1292 -0.67 7.46 40.07
C PRO A 1292 0.05 7.90 38.81
N GLU A 1293 -0.13 7.11 37.74
CA GLU A 1293 0.49 7.38 36.46
C GLU A 1293 -0.59 7.63 35.42
N VAL A 1294 -0.52 8.78 34.77
CA VAL A 1294 -1.52 9.20 33.79
C VAL A 1294 -0.78 9.68 32.54
N THR A 1295 -0.41 8.75 31.68
CA THR A 1295 0.25 9.09 30.42
C THR A 1295 -0.73 9.56 29.34
N PRO A 1296 -1.76 8.79 28.99
CA PRO A 1296 -2.56 9.15 27.80
C PRO A 1296 -3.49 10.32 28.03
N HIS A 1297 -3.94 10.56 29.26
CA HIS A 1297 -4.77 11.72 29.53
C HIS A 1297 -4.03 13.02 29.25
N TYR A 1298 -2.70 12.98 29.21
CA TYR A 1298 -1.92 14.16 28.88
C TYR A 1298 -1.95 14.47 27.39
N ILE A 1299 -2.36 13.51 26.56
CA ILE A 1299 -2.38 13.68 25.11
C ILE A 1299 -3.81 13.85 24.62
N TRP A 1300 -4.75 13.21 25.33
CA TRP A 1300 -6.15 13.33 24.95
C TRP A 1300 -6.64 14.77 25.09
N ILE A 1301 -6.21 15.45 26.15
CA ILE A 1301 -6.60 16.85 26.34
C ILE A 1301 -6.00 17.72 25.24
N ASP A 1302 -4.77 17.42 24.82
CA ASP A 1302 -4.18 18.17 23.70
C ASP A 1302 -4.97 17.99 22.42
N PHE A 1303 -5.39 16.75 22.15
CA PHE A 1303 -6.23 16.50 20.98
C PHE A 1303 -7.54 17.26 21.06
N LEU A 1304 -8.16 17.27 22.25
CA LEU A 1304 -9.41 18.01 22.43
C LEU A 1304 -9.21 19.50 22.20
N VAL A 1305 -8.09 20.05 22.70
CA VAL A 1305 -7.81 21.47 22.52
C VAL A 1305 -7.62 21.79 21.04
N GLN A 1306 -6.90 20.94 20.31
CA GLN A 1306 -6.71 21.16 18.88
C GLN A 1306 -8.05 21.14 18.16
N ARG A 1307 -8.90 20.17 18.48
CA ARG A 1307 -10.20 20.08 17.81
C ARG A 1307 -11.08 21.30 18.15
N PHE A 1308 -11.03 21.76 19.40
CA PHE A 1308 -11.80 22.93 19.78
C PHE A 1308 -11.32 24.17 19.04
N GLU A 1309 -10.00 24.33 18.91
CA GLU A 1309 -9.47 25.46 18.16
C GLU A 1309 -9.89 25.41 16.70
N ILE A 1310 -9.91 24.20 16.12
CA ILE A 1310 -10.34 24.06 14.74
C ILE A 1310 -11.82 24.43 14.59
N ALA A 1311 -12.66 23.96 15.52
CA ALA A 1311 -14.11 24.03 15.37
C ALA A 1311 -14.73 25.25 16.06
N LYS A 1312 -13.92 26.24 16.46
CA LYS A 1312 -14.49 27.40 17.13
C LYS A 1312 -15.31 28.26 16.18
N TYR A 1313 -14.87 28.39 14.92
CA TYR A 1313 -15.52 29.28 13.96
C TYR A 1313 -16.57 28.55 13.12
N CYS A 1314 -16.17 27.45 12.48
CA CYS A 1314 -17.03 26.81 11.48
C CYS A 1314 -18.33 26.30 12.09
N SER A 1315 -18.23 25.32 12.98
CA SER A 1315 -19.41 24.63 13.48
C SER A 1315 -20.04 25.39 14.64
N SER A 1316 -21.29 25.02 14.94
CA SER A 1316 -22.02 25.60 16.06
C SER A 1316 -22.65 24.55 16.97
N ASP A 1317 -22.53 23.26 16.63
CA ASP A 1317 -23.08 22.19 17.46
C ASP A 1317 -22.03 21.48 18.28
N GLN A 1318 -20.78 21.42 17.81
CA GLN A 1318 -19.71 20.80 18.58
C GLN A 1318 -19.42 21.57 19.87
N VAL A 1319 -19.74 22.87 19.89
CA VAL A 1319 -19.58 23.65 21.11
C VAL A 1319 -20.46 23.09 22.22
N GLU A 1320 -21.69 22.68 21.88
CA GLU A 1320 -22.56 22.06 22.87
C GLU A 1320 -21.97 20.76 23.38
N ILE A 1321 -21.38 19.96 22.49
CA ILE A 1321 -20.75 18.71 22.90
C ILE A 1321 -19.62 18.98 23.89
N PHE A 1322 -18.76 19.96 23.57
CA PHE A 1322 -17.67 20.29 24.47
C PHE A 1322 -18.17 20.82 25.80
N SER A 1323 -19.23 21.65 25.78
CA SER A 1323 -19.79 22.17 27.01
C SER A 1323 -20.33 21.05 27.89
N SER A 1324 -21.05 20.10 27.30
CA SER A 1324 -21.56 18.98 28.06
C SER A 1324 -20.43 18.12 28.62
N LEU A 1325 -19.39 17.89 27.81
CA LEU A 1325 -18.26 17.09 28.26
C LEU A 1325 -17.56 17.75 29.44
N LEU A 1326 -17.38 19.06 29.39
CA LEU A 1326 -16.73 19.76 30.50
C LEU A 1326 -17.64 19.80 31.73
N GLN A 1327 -18.95 19.95 31.53
CA GLN A 1327 -19.86 20.03 32.66
C GLN A 1327 -19.99 18.71 33.39
N ARG A 1328 -19.96 17.59 32.66
CA ARG A 1328 -20.16 16.29 33.28
C ARG A 1328 -18.89 15.72 33.91
N SER A 1329 -17.76 16.41 33.79
CA SER A 1329 -16.50 15.94 34.36
C SER A 1329 -16.09 16.68 35.62
N MET A 1330 -16.92 17.58 36.15
CA MET A 1330 -16.58 18.38 37.31
C MET A 1330 -17.74 18.39 38.29
N SER A 1331 -17.41 18.67 39.55
CA SER A 1331 -18.42 18.69 40.61
C SER A 1331 -17.96 19.64 41.71
N LEU A 1332 -18.94 20.30 42.33
CA LEU A 1332 -18.68 21.28 43.40
C LEU A 1332 -18.91 20.61 44.75
N ASN A 1333 -17.95 19.79 45.16
CA ASN A 1333 -17.99 19.10 46.45
C ASN A 1333 -16.64 19.17 47.14
N ILE A 1334 -16.08 20.37 47.22
CA ILE A 1334 -14.78 20.55 47.86
C ILE A 1334 -14.89 20.13 49.33
N GLY A 1335 -14.09 19.13 49.71
CA GLY A 1335 -14.15 18.61 51.06
C GLY A 1335 -13.12 17.54 51.35
N GLY A 1336 -13.51 16.51 52.10
CA GLY A 1336 -12.57 15.50 52.55
C GLY A 1336 -12.03 14.59 51.47
N ALA A 1337 -12.89 13.74 50.89
CA ALA A 1337 -12.46 12.75 49.91
C ALA A 1337 -13.52 12.54 48.84
N LYS A 1338 -14.05 13.63 48.29
CA LYS A 1338 -15.07 13.53 47.24
C LYS A 1338 -14.91 14.73 46.31
N GLY A 1339 -14.09 14.57 45.27
CA GLY A 1339 -13.87 15.65 44.33
C GLY A 1339 -13.80 15.17 42.90
N SER A 1340 -14.02 13.88 42.70
CA SER A 1340 -14.06 13.22 41.40
C SER A 1340 -12.73 13.27 40.64
N MET A 1341 -11.69 13.87 41.24
CA MET A 1341 -10.38 13.92 40.63
C MET A 1341 -9.32 13.66 41.69
N ASN A 1342 -8.21 13.06 41.27
CA ASN A 1342 -7.11 12.77 42.19
C ASN A 1342 -6.45 14.06 42.66
N ARG A 1343 -5.89 14.01 43.88
CA ARG A 1343 -5.26 15.17 44.50
C ARG A 1343 -3.77 14.98 44.70
N HIS A 1344 -3.17 14.00 44.03
CA HIS A 1344 -1.74 13.78 44.16
C HIS A 1344 -0.96 14.85 43.39
N VAL A 1345 0.29 15.07 43.80
CA VAL A 1345 1.13 16.08 43.17
C VAL A 1345 1.45 15.70 41.73
N ALA A 1346 1.74 14.43 41.49
CA ALA A 1346 2.11 13.97 40.15
C ALA A 1346 0.94 14.01 39.16
N ALA A 1347 -0.21 14.54 39.54
CA ALA A 1347 -1.39 14.60 38.68
C ALA A 1347 -1.95 16.02 38.66
N ILE A 1348 -1.06 17.00 38.46
CA ILE A 1348 -1.48 18.40 38.39
C ILE A 1348 -1.47 18.94 36.96
N GLY A 1349 -0.79 18.28 36.03
CA GLY A 1349 -0.74 18.72 34.66
C GLY A 1349 -2.09 18.73 33.97
N PRO A 1350 -2.67 17.53 33.80
CA PRO A 1350 -3.98 17.45 33.13
C PRO A 1350 -5.07 18.25 33.83
N ARG A 1351 -5.04 18.32 35.16
CA ARG A 1351 -6.06 19.06 35.88
C ARG A 1351 -6.08 20.53 35.48
N PHE A 1352 -4.92 21.19 35.56
CA PHE A 1352 -4.87 22.60 35.22
C PHE A 1352 -4.99 22.82 33.71
N LYS A 1353 -4.56 21.85 32.90
CA LYS A 1353 -4.78 21.98 31.45
C LYS A 1353 -6.27 21.98 31.12
N LEU A 1354 -7.03 21.08 31.75
CA LEU A 1354 -8.47 21.06 31.54
C LEU A 1354 -9.12 22.33 32.07
N LEU A 1355 -8.65 22.83 33.22
CA LEU A 1355 -9.17 24.09 33.74
C LEU A 1355 -8.91 25.24 32.76
N THR A 1356 -7.71 25.28 32.18
CA THR A 1356 -7.39 26.31 31.20
C THR A 1356 -8.27 26.20 29.96
N LEU A 1357 -8.52 24.97 29.50
CA LEU A 1357 -9.40 24.78 28.36
C LEU A 1357 -10.82 25.27 28.67
N GLY A 1358 -11.30 24.99 29.88
CA GLY A 1358 -12.61 25.49 30.27
C GLY A 1358 -12.67 27.01 30.31
N LEU A 1359 -11.63 27.63 30.86
CA LEU A 1359 -11.58 29.09 30.88
C LEU A 1359 -11.54 29.67 29.47
N SER A 1360 -10.78 29.04 28.58
CA SER A 1360 -10.72 29.50 27.19
C SER A 1360 -12.08 29.37 26.51
N LEU A 1361 -12.79 28.28 26.77
CA LEU A 1361 -14.15 28.13 26.23
C LEU A 1361 -15.06 29.23 26.77
N LEU A 1362 -14.94 29.54 28.06
CA LEU A 1362 -15.76 30.60 28.63
C LEU A 1362 -15.46 31.94 28.00
N HIS A 1363 -14.18 32.23 27.75
CA HIS A 1363 -13.78 33.52 27.19
C HIS A 1363 -14.09 33.64 25.70
N ALA A 1364 -14.38 32.52 25.01
CA ALA A 1364 -14.60 32.57 23.57
C ALA A 1364 -15.87 33.30 23.19
N ASP A 1365 -16.76 33.57 24.14
CA ASP A 1365 -18.02 34.27 23.89
C ASP A 1365 -18.85 33.54 22.83
N VAL A 1366 -19.20 32.30 23.14
CA VAL A 1366 -20.02 31.47 22.27
C VAL A 1366 -21.39 31.20 22.88
N VAL A 1367 -21.45 30.95 24.18
CA VAL A 1367 -22.71 30.69 24.87
C VAL A 1367 -23.51 31.99 24.94
N PRO A 1368 -24.71 32.03 24.39
CA PRO A 1368 -25.50 33.27 24.41
C PRO A 1368 -26.15 33.52 25.76
N ASN A 1369 -26.53 32.44 26.44
CA ASN A 1369 -27.26 32.58 27.69
C ASN A 1369 -26.36 33.12 28.80
N ALA A 1370 -26.98 33.79 29.77
CA ALA A 1370 -26.26 34.43 30.87
C ALA A 1370 -26.27 33.61 32.15
N THR A 1371 -26.83 32.41 32.13
CA THR A 1371 -26.86 31.56 33.33
C THR A 1371 -25.95 30.35 33.24
N ILE A 1372 -25.63 29.88 32.03
CA ILE A 1372 -24.69 28.77 31.88
C ILE A 1372 -23.31 29.20 32.36
N ARG A 1373 -22.90 30.43 32.02
CA ARG A 1373 -21.58 30.92 32.39
C ARG A 1373 -21.43 30.99 33.90
N ASN A 1374 -22.48 31.40 34.60
CA ASN A 1374 -22.42 31.49 36.06
C ASN A 1374 -22.14 30.13 36.69
N VAL A 1375 -22.90 29.11 36.28
CA VAL A 1375 -22.71 27.78 36.85
C VAL A 1375 -21.34 27.23 36.48
N LEU A 1376 -20.92 27.43 35.23
CA LEU A 1376 -19.62 26.93 34.81
C LEU A 1376 -18.49 27.59 35.61
N ARG A 1377 -18.58 28.90 35.82
CA ARG A 1377 -17.56 29.60 36.60
C ARG A 1377 -17.56 29.13 38.05
N GLU A 1378 -18.75 28.90 38.61
CA GLU A 1378 -18.82 28.40 39.99
C GLU A 1378 -18.14 27.05 40.12
N LYS A 1379 -18.41 26.14 39.16
CA LYS A 1379 -17.76 24.84 39.19
C LYS A 1379 -16.26 24.95 39.00
N ILE A 1380 -15.82 25.85 38.12
CA ILE A 1380 -14.39 26.05 37.89
C ILE A 1380 -13.71 26.50 39.17
N TYR A 1381 -14.31 27.48 39.86
CA TYR A 1381 -13.73 27.95 41.11
C TYR A 1381 -13.71 26.85 42.18
N SER A 1382 -14.78 26.05 42.25
CA SER A 1382 -14.82 24.98 43.23
C SER A 1382 -13.72 23.95 42.98
N THR A 1383 -13.58 23.51 41.73
CA THR A 1383 -12.55 22.51 41.43
C THR A 1383 -11.15 23.08 41.51
N ALA A 1384 -10.99 24.40 41.37
CA ALA A 1384 -9.69 25.02 41.61
C ALA A 1384 -9.36 25.04 43.10
N PHE A 1385 -10.35 25.36 43.93
CA PHE A 1385 -10.12 25.41 45.38
C PHE A 1385 -9.91 24.03 45.97
N ASP A 1386 -10.48 22.99 45.35
CA ASP A 1386 -10.45 21.66 45.95
C ASP A 1386 -9.02 21.14 46.13
N TYR A 1387 -8.08 21.56 45.30
CA TYR A 1387 -6.74 20.99 45.33
C TYR A 1387 -6.00 21.35 46.62
N PHE A 1388 -6.29 22.51 47.20
CA PHE A 1388 -5.54 23.01 48.36
C PHE A 1388 -6.11 22.56 49.69
N SER A 1389 -6.78 21.41 49.72
CA SER A 1389 -7.35 20.86 50.95
C SER A 1389 -6.56 19.68 51.49
N CYS A 1390 -5.31 19.54 51.06
CA CYS A 1390 -4.45 18.43 51.49
C CYS A 1390 -3.13 18.97 51.99
N PRO A 1391 -2.46 18.25 52.88
CA PRO A 1391 -1.13 18.68 53.34
C PRO A 1391 -0.16 18.76 52.17
N PRO A 1392 0.71 19.77 52.17
CA PRO A 1392 1.67 19.90 51.07
C PRO A 1392 2.70 18.78 51.08
N LYS A 1393 3.22 18.48 49.89
CA LYS A 1393 4.27 17.49 49.72
C LYS A 1393 5.14 17.90 48.54
N PHE A 1394 5.95 16.98 48.04
CA PHE A 1394 6.92 17.29 47.00
C PHE A 1394 6.77 16.35 45.83
N PRO A 1395 7.10 16.80 44.62
CA PRO A 1395 6.97 15.95 43.45
C PRO A 1395 7.96 14.79 43.48
N THR A 1396 7.57 13.70 42.80
CA THR A 1396 8.38 12.49 42.74
C THR A 1396 8.94 12.19 41.36
N GLN A 1397 8.46 12.86 40.31
CA GLN A 1397 8.95 12.61 38.97
C GLN A 1397 10.35 13.18 38.81
N GLY A 1398 10.96 12.86 37.66
CA GLY A 1398 12.32 13.27 37.38
C GLY A 1398 12.42 14.74 37.01
N GLU A 1399 13.62 15.11 36.56
CA GLU A 1399 13.85 16.50 36.15
C GLU A 1399 12.96 16.87 34.97
N LYS A 1400 12.85 15.97 33.99
CA LYS A 1400 11.90 16.17 32.90
C LYS A 1400 10.47 15.98 33.43
N ARG A 1401 9.50 16.34 32.60
CA ARG A 1401 8.08 16.30 32.95
C ARG A 1401 7.76 17.20 34.14
N LEU A 1402 8.58 18.24 34.36
CA LEU A 1402 8.36 19.16 35.46
C LEU A 1402 8.33 20.59 34.97
N ARG A 1403 9.16 20.90 33.96
CA ARG A 1403 9.20 22.25 33.42
C ARG A 1403 7.87 22.64 32.79
N GLU A 1404 7.28 21.73 32.00
CA GLU A 1404 6.02 22.05 31.34
C GLU A 1404 4.88 22.18 32.34
N ASP A 1405 4.97 21.48 33.49
CA ASP A 1405 3.97 21.67 34.53
C ASP A 1405 4.01 23.09 35.07
N ILE A 1406 5.22 23.63 35.30
CA ILE A 1406 5.35 25.00 35.75
C ILE A 1406 4.85 25.96 34.68
N SER A 1407 5.14 25.66 33.41
CA SER A 1407 4.66 26.50 32.32
C SER A 1407 3.13 26.53 32.29
N ILE A 1408 2.50 25.37 32.46
CA ILE A 1408 1.04 25.29 32.46
C ILE A 1408 0.47 26.06 33.63
N MET A 1409 1.08 25.93 34.81
CA MET A 1409 0.58 26.68 35.97
C MET A 1409 0.71 28.18 35.76
N ILE A 1410 1.83 28.63 35.18
CA ILE A 1410 2.00 30.05 34.90
C ILE A 1410 0.94 30.54 33.91
N LYS A 1411 0.70 29.75 32.86
CA LYS A 1411 -0.30 30.13 31.87
C LYS A 1411 -1.69 30.20 32.49
N PHE A 1412 -2.02 29.24 33.35
CA PHE A 1412 -3.32 29.25 34.02
C PHE A 1412 -3.45 30.46 34.93
N TRP A 1413 -2.38 30.82 35.64
CA TRP A 1413 -2.41 32.01 36.49
C TRP A 1413 -2.63 33.26 35.65
N THR A 1414 -1.93 33.36 34.52
CA THR A 1414 -2.12 34.51 33.63
C THR A 1414 -3.55 34.59 33.12
N ALA A 1415 -4.13 33.45 32.75
CA ALA A 1415 -5.52 33.43 32.30
C ALA A 1415 -6.46 33.86 33.42
N MET A 1416 -6.18 33.41 34.66
CA MET A 1416 -7.01 33.77 35.79
C MET A 1416 -6.95 35.27 36.07
N PHE A 1417 -5.77 35.87 35.93
CA PHE A 1417 -5.63 37.29 36.25
C PHE A 1417 -6.39 38.17 35.27
N SER A 1418 -6.64 37.69 34.06
CA SER A 1418 -7.29 38.47 33.00
C SER A 1418 -8.77 38.17 32.88
N ASP A 1419 -9.45 37.93 34.00
CA ASP A 1419 -10.85 37.53 34.01
C ASP A 1419 -11.79 38.67 34.37
N LYS A 1420 -11.35 39.92 34.19
CA LYS A 1420 -12.18 41.08 34.55
C LYS A 1420 -13.16 41.36 33.41
N LYS A 1421 -14.26 40.60 33.42
CA LYS A 1421 -15.36 40.77 32.47
C LYS A 1421 -16.70 40.78 33.19
N TYR A 1422 -16.72 41.31 34.41
CA TYR A 1422 -17.89 41.21 35.27
C TYR A 1422 -18.85 42.37 35.00
N LEU A 1423 -19.82 42.55 35.90
CA LEU A 1423 -20.82 43.62 35.95
C LEU A 1423 -21.92 43.44 34.91
N THR A 1424 -21.92 42.35 34.14
CA THR A 1424 -22.96 42.10 33.15
C THR A 1424 -23.55 40.70 33.30
N ALA A 1425 -23.55 40.18 34.53
CA ALA A 1425 -24.07 38.85 34.81
C ALA A 1425 -25.52 38.94 35.28
N SER A 1426 -26.39 39.26 34.33
CA SER A 1426 -27.83 39.38 34.61
C SER A 1426 -28.64 39.22 33.33
N ARG A 1479 -29.34 42.11 41.80
CA ARG A 1479 -28.28 42.82 42.51
C ARG A 1479 -26.92 42.31 42.07
N GLY A 1480 -26.34 42.96 41.05
CA GLY A 1480 -25.08 42.50 40.49
C GLY A 1480 -23.88 42.75 41.38
N SER A 1481 -23.95 43.73 42.28
CA SER A 1481 -22.80 44.04 43.14
C SER A 1481 -22.47 42.88 44.06
N GLN A 1482 -23.49 42.20 44.59
CA GLN A 1482 -23.25 41.07 45.48
C GLN A 1482 -22.46 39.98 44.78
N LEU A 1483 -22.90 39.55 43.60
CA LEU A 1483 -22.19 38.52 42.85
C LEU A 1483 -20.82 39.02 42.42
N HIS A 1484 -20.72 40.31 42.07
CA HIS A 1484 -19.44 40.87 41.65
C HIS A 1484 -18.39 40.73 42.76
N LYS A 1485 -18.72 41.21 43.96
CA LYS A 1485 -17.77 41.09 45.07
C LYS A 1485 -17.54 39.64 45.47
N TYR A 1486 -18.61 38.83 45.40
CA TYR A 1486 -18.53 37.41 45.72
C TYR A 1486 -17.50 36.72 44.83
N TYR A 1487 -17.42 37.12 43.56
CA TYR A 1487 -16.39 36.58 42.68
C TYR A 1487 -15.03 37.23 42.88
N MET A 1488 -15.00 38.53 43.19
CA MET A 1488 -13.72 39.23 43.33
C MET A 1488 -12.90 38.67 44.49
N LYS A 1489 -13.55 38.42 45.63
CA LYS A 1489 -12.81 37.92 46.79
C LYS A 1489 -12.18 36.56 46.49
N ARG A 1490 -12.95 35.65 45.89
CA ARG A 1490 -12.44 34.33 45.57
C ARG A 1490 -11.34 34.40 44.52
N ARG A 1491 -11.48 35.30 43.55
CA ARG A 1491 -10.42 35.48 42.55
C ARG A 1491 -9.12 35.91 43.21
N THR A 1492 -9.20 36.87 44.13
CA THR A 1492 -7.99 37.34 44.82
C THR A 1492 -7.34 36.22 45.62
N LEU A 1493 -8.16 35.47 46.37
CA LEU A 1493 -7.61 34.38 47.18
C LEU A 1493 -6.97 33.31 46.32
N LEU A 1494 -7.62 32.95 45.21
CA LEU A 1494 -7.07 31.95 44.31
C LEU A 1494 -5.76 32.42 43.71
N LEU A 1495 -5.68 33.70 43.33
CA LEU A 1495 -4.43 34.23 42.79
C LEU A 1495 -3.31 34.14 43.81
N SER A 1496 -3.59 34.51 45.07
CA SER A 1496 -2.57 34.44 46.09
C SER A 1496 -2.08 33.01 46.29
N LEU A 1497 -3.01 32.06 46.38
CA LEU A 1497 -2.62 30.67 46.59
C LEU A 1497 -1.80 30.14 45.41
N LEU A 1498 -2.22 30.46 44.19
CA LEU A 1498 -1.47 30.00 43.02
C LEU A 1498 -0.07 30.60 42.99
N ALA A 1499 0.06 31.88 43.35
CA ALA A 1499 1.38 32.50 43.39
C ALA A 1499 2.28 31.79 44.40
N THR A 1500 1.75 31.50 45.58
CA THR A 1500 2.55 30.81 46.59
C THR A 1500 2.97 29.43 46.11
N GLU A 1501 2.05 28.68 45.53
CA GLU A 1501 2.38 27.33 45.07
C GLU A 1501 3.42 27.35 43.95
N ILE A 1502 3.27 28.28 43.01
CA ILE A 1502 4.23 28.38 41.90
C ILE A 1502 5.61 28.75 42.44
N GLU A 1503 5.66 29.67 43.40
CA GLU A 1503 6.95 30.04 43.99
C GLU A 1503 7.60 28.83 44.67
N ARG A 1504 6.80 28.05 45.41
CA ARG A 1504 7.35 26.87 46.07
C ARG A 1504 7.87 25.87 45.05
N LEU A 1505 7.13 25.63 43.97
CA LEU A 1505 7.56 24.67 42.96
C LEU A 1505 8.84 25.12 42.26
N ILE A 1506 8.90 26.41 41.90
CA ILE A 1506 10.10 26.88 41.20
C ILE A 1506 11.30 26.88 42.14
N THR A 1507 11.09 27.13 43.44
CA THR A 1507 12.18 26.99 44.40
C THR A 1507 12.67 25.55 44.48
N TRP A 1508 11.73 24.59 44.49
CA TRP A 1508 12.13 23.18 44.53
C TRP A 1508 12.80 22.73 43.24
N TYR A 1509 12.52 23.39 42.11
CA TYR A 1509 13.07 22.96 40.83
C TYR A 1509 14.60 22.90 40.88
N ASN A 1510 15.24 24.04 41.06
CA ASN A 1510 16.70 24.11 41.14
C ASN A 1510 17.10 24.75 42.47
N PRO A 1511 17.93 24.10 43.27
CA PRO A 1511 18.32 24.68 44.57
C PRO A 1511 19.13 25.96 44.41
N LEU A 1512 20.20 25.89 43.61
CA LEU A 1512 21.05 27.04 43.40
C LEU A 1512 20.35 28.05 42.48
N SER A 1513 21.03 29.19 42.25
CA SER A 1513 20.47 30.20 41.38
C SER A 1513 20.30 29.68 39.96
N ALA A 1514 21.33 28.99 39.44
CA ALA A 1514 21.33 28.39 38.11
C ALA A 1514 20.90 29.39 37.04
N PRO A 1515 21.75 30.37 36.72
CA PRO A 1515 21.37 31.36 35.69
C PRO A 1515 21.16 30.75 34.31
N GLU A 1516 21.74 29.57 34.05
CA GLU A 1516 21.53 28.93 32.76
C GLU A 1516 20.06 28.54 32.56
N LEU A 1517 19.43 28.00 33.60
CA LEU A 1517 18.03 27.66 33.53
C LEU A 1517 17.17 28.90 33.73
N GLU A 1518 16.13 29.03 32.90
CA GLU A 1518 15.26 30.20 32.96
C GLU A 1518 13.90 29.84 32.37
N LEU A 1519 12.89 30.60 32.81
CA LEU A 1519 11.52 30.41 32.33
C LEU A 1519 10.97 31.72 31.80
N ASP A 1520 9.66 31.77 31.56
CA ASP A 1520 9.03 32.99 31.07
C ASP A 1520 9.25 34.13 32.05
N GLN A 1521 9.70 35.27 31.53
CA GLN A 1521 10.05 36.40 32.40
C GLN A 1521 8.81 37.17 32.86
N ALA A 1522 7.83 37.34 31.97
CA ALA A 1522 6.65 38.13 32.31
C ALA A 1522 5.87 37.50 33.45
N GLY A 1523 5.69 36.18 33.41
CA GLY A 1523 4.99 35.51 34.49
C GLY A 1523 5.70 35.64 35.82
N GLU A 1524 7.02 35.46 35.83
CA GLU A 1524 7.78 35.60 37.07
C GLU A 1524 7.70 37.02 37.61
N ASN A 1525 7.80 38.01 36.73
CA ASN A 1525 7.69 39.40 37.17
C ASN A 1525 6.30 39.69 37.76
N SER A 1526 5.25 39.20 37.10
CA SER A 1526 3.91 39.42 37.62
C SER A 1526 3.72 38.73 38.97
N VAL A 1527 4.23 37.52 39.12
CA VAL A 1527 4.12 36.80 40.39
C VAL A 1527 4.86 37.55 41.49
N ALA A 1528 6.07 38.04 41.18
CA ALA A 1528 6.82 38.81 42.17
C ALA A 1528 6.09 40.09 42.57
N ASN A 1529 5.51 40.78 41.59
CA ASN A 1529 4.76 41.99 41.90
C ASN A 1529 3.55 41.69 42.78
N TRP A 1530 2.83 40.61 42.47
CA TRP A 1530 1.68 40.25 43.28
C TRP A 1530 2.09 39.86 44.70
N ARG A 1531 3.21 39.14 44.83
CA ARG A 1531 3.69 38.78 46.16
C ARG A 1531 4.09 40.01 46.95
N SER A 1532 4.75 40.97 46.32
CA SER A 1532 5.11 42.21 47.00
C SER A 1532 3.85 42.97 47.41
N LYS A 1533 2.83 42.98 46.55
CA LYS A 1533 1.58 43.68 46.87
C LYS A 1533 0.88 43.03 48.06
N TYR A 1534 0.82 41.70 48.10
CA TYR A 1534 0.06 41.03 49.15
C TYR A 1534 0.84 40.85 50.45
N ILE A 1535 2.17 41.00 50.42
CA ILE A 1535 2.96 40.81 51.64
C ILE A 1535 2.86 41.99 52.60
N SER A 1536 2.26 43.09 52.17
CA SER A 1536 2.19 44.30 52.99
C SER A 1536 0.86 44.46 53.71
N LEU A 1537 0.02 43.42 53.73
CA LEU A 1537 -1.26 43.51 54.40
C LEU A 1537 -1.07 43.65 55.91
N SER A 1538 -1.95 44.42 56.53
CA SER A 1538 -1.89 44.65 57.96
C SER A 1538 -2.58 43.51 58.70
N GLU A 1539 -2.79 43.68 60.01
CA GLU A 1539 -3.49 42.65 60.78
C GLU A 1539 -4.93 42.49 60.33
N LYS A 1540 -5.58 43.60 59.97
CA LYS A 1540 -6.92 43.52 59.42
C LYS A 1540 -6.86 43.00 57.98
N GLN A 1541 -8.05 42.87 57.38
CA GLN A 1541 -8.24 42.39 56.01
C GLN A 1541 -7.54 41.05 55.76
N TRP A 1542 -7.14 40.38 56.83
CA TRP A 1542 -6.55 39.05 56.78
C TRP A 1542 -7.28 38.06 57.67
N LYS A 1543 -7.77 38.50 58.83
CA LYS A 1543 -8.69 37.68 59.60
C LYS A 1543 -10.00 37.47 58.85
N ASP A 1544 -10.43 38.48 58.10
CA ASP A 1544 -11.59 38.30 57.23
C ASP A 1544 -11.33 37.26 56.16
N ASN A 1545 -10.08 37.15 55.69
CA ASN A 1545 -9.73 36.07 54.78
C ASN A 1545 -9.90 34.71 55.43
N VAL A 1546 -9.50 34.59 56.70
CA VAL A 1546 -9.69 33.34 57.43
C VAL A 1546 -11.18 33.03 57.58
N ASN A 1547 -11.98 34.06 57.89
CA ASN A 1547 -13.42 33.85 57.99
C ASN A 1547 -14.01 33.39 56.66
N LEU A 1548 -13.57 33.99 55.56
CA LEU A 1548 -14.06 33.58 54.24
C LEU A 1548 -13.65 32.15 53.94
N ALA A 1549 -12.41 31.77 54.26
CA ALA A 1549 -11.96 30.40 54.02
C ALA A 1549 -12.77 29.41 54.84
N TRP A 1550 -13.07 29.76 56.10
CA TRP A 1550 -13.91 28.91 56.92
C TRP A 1550 -15.32 28.79 56.32
N SER A 1551 -15.84 29.90 55.80
CA SER A 1551 -17.15 29.85 55.14
C SER A 1551 -17.12 28.94 53.92
N ILE A 1552 -16.00 28.91 53.20
CA ILE A 1552 -15.89 28.03 52.05
C ILE A 1552 -15.85 26.58 52.48
N SER A 1553 -14.86 26.20 53.29
CA SER A 1553 -14.71 24.84 53.77
C SER A 1553 -13.77 24.81 54.97
N PRO A 1554 -14.15 24.13 56.06
CA PRO A 1554 -13.27 24.08 57.24
C PRO A 1554 -11.91 23.46 56.95
N TYR A 1555 -11.84 22.49 56.05
CA TYR A 1555 -10.56 21.85 55.75
C TYR A 1555 -9.57 22.84 55.16
N LEU A 1556 -10.05 23.73 54.27
CA LEU A 1556 -9.18 24.75 53.71
C LEU A 1556 -8.67 25.69 54.79
N ALA A 1557 -9.54 26.08 55.72
CA ALA A 1557 -9.12 26.96 56.81
C ALA A 1557 -8.07 26.27 57.69
N VAL A 1558 -8.25 24.97 57.95
CA VAL A 1558 -7.29 24.24 58.77
C VAL A 1558 -5.94 24.15 58.05
N GLN A 1559 -5.96 23.89 56.74
CA GLN A 1559 -4.72 23.77 55.99
C GLN A 1559 -4.09 25.12 55.64
N LEU A 1560 -4.81 26.22 55.84
CA LEU A 1560 -4.26 27.54 55.51
C LEU A 1560 -2.94 27.86 56.20
N PRO A 1561 -2.79 27.67 57.51
CA PRO A 1561 -1.49 28.00 58.14
C PRO A 1561 -0.33 27.15 57.64
N ALA A 1562 -0.59 26.00 57.03
CA ALA A 1562 0.48 25.20 56.45
C ALA A 1562 1.20 25.99 55.35
N ARG A 1563 0.44 26.67 54.50
CA ARG A 1563 1.01 27.62 53.56
C ARG A 1563 1.47 28.83 54.37
N PHE A 1564 2.76 28.87 54.70
CA PHE A 1564 3.25 29.76 55.74
C PHE A 1564 2.96 31.22 55.42
N LYS A 1565 2.39 31.91 56.39
CA LYS A 1565 2.20 33.36 56.35
C LYS A 1565 2.84 33.93 57.60
N ASN A 1566 3.77 34.88 57.42
CA ASN A 1566 4.57 35.39 58.53
C ASN A 1566 3.71 36.36 59.37
N THR A 1567 2.69 35.81 59.99
CA THR A 1567 1.81 36.57 60.86
C THR A 1567 1.19 35.62 61.88
N GLU A 1568 1.06 36.08 63.12
CA GLU A 1568 0.53 35.27 64.20
C GLU A 1568 -0.98 35.35 64.34
N ALA A 1569 -1.64 36.27 63.62
CA ALA A 1569 -3.09 36.40 63.74
C ALA A 1569 -3.81 35.19 63.15
N ILE A 1570 -3.20 34.55 62.15
CA ILE A 1570 -3.85 33.40 61.51
C ILE A 1570 -4.07 32.28 62.54
N GLY A 1571 -3.03 31.98 63.32
CA GLY A 1571 -3.17 30.92 64.32
C GLY A 1571 -4.21 31.24 65.37
N ASN A 1572 -4.23 32.49 65.86
CA ASN A 1572 -5.20 32.86 66.87
C ASN A 1572 -6.63 32.77 66.33
N GLU A 1573 -6.85 33.25 65.09
CA GLU A 1573 -8.18 33.19 64.52
C GLU A 1573 -8.62 31.74 64.28
N VAL A 1574 -7.70 30.89 63.81
CA VAL A 1574 -8.03 29.49 63.60
C VAL A 1574 -8.37 28.82 64.93
N THR A 1575 -7.61 29.12 65.98
CA THR A 1575 -7.89 28.54 67.28
C THR A 1575 -9.24 28.99 67.80
N ARG A 1576 -9.56 30.28 67.64
CA ARG A 1576 -10.87 30.77 68.07
C ARG A 1576 -12.00 30.07 67.33
N LEU A 1577 -11.86 29.95 66.00
CA LEU A 1577 -12.91 29.31 65.22
C LEU A 1577 -13.08 27.84 65.59
N VAL A 1578 -11.97 27.12 65.77
CA VAL A 1578 -12.09 25.69 66.10
C VAL A 1578 -12.62 25.51 67.50
N ARG A 1579 -12.34 26.44 68.41
CA ARG A 1579 -12.93 26.37 69.73
C ARG A 1579 -14.42 26.65 69.69
N LEU A 1580 -14.86 27.55 68.80
CA LEU A 1580 -16.29 27.85 68.69
C LEU A 1580 -17.08 26.64 68.22
N ASP A 1581 -16.49 25.77 67.40
CA ASP A 1581 -17.17 24.59 66.88
C ASP A 1581 -16.15 23.52 66.58
N PRO A 1582 -15.85 22.65 67.55
CA PRO A 1582 -14.84 21.61 67.32
C PRO A 1582 -15.34 20.42 66.51
N GLY A 1583 -16.65 20.24 66.39
CA GLY A 1583 -17.20 19.06 65.73
C GLY A 1583 -17.11 19.07 64.22
N ALA A 1584 -16.73 20.19 63.62
CA ALA A 1584 -16.67 20.30 62.16
C ALA A 1584 -15.43 19.66 61.57
N VAL A 1585 -14.43 19.33 62.38
CA VAL A 1585 -13.17 18.77 61.89
C VAL A 1585 -12.88 17.48 62.63
N SER A 1586 -12.39 16.47 61.90
CA SER A 1586 -11.99 15.21 62.50
C SER A 1586 -10.69 14.67 61.91
N ASP A 1587 -9.90 15.52 61.25
CA ASP A 1587 -8.59 15.14 60.74
C ASP A 1587 -7.57 15.42 61.83
N VAL A 1588 -7.03 14.35 62.41
CA VAL A 1588 -6.21 14.45 63.62
C VAL A 1588 -4.78 14.96 63.41
N PRO A 1589 -4.06 14.63 62.33
CA PRO A 1589 -2.62 14.93 62.32
C PRO A 1589 -2.29 16.41 62.43
N GLU A 1590 -3.23 17.31 62.15
CA GLU A 1590 -2.93 18.73 62.24
C GLU A 1590 -3.90 19.48 63.15
N ALA A 1591 -5.18 19.08 63.13
CA ALA A 1591 -6.21 19.87 63.79
C ALA A 1591 -6.26 19.66 65.30
N ILE A 1592 -5.61 18.64 65.84
CA ILE A 1592 -5.69 18.38 67.28
C ILE A 1592 -4.98 19.47 68.07
N LYS A 1593 -3.85 19.96 67.55
CA LYS A 1593 -3.05 20.93 68.29
C LYS A 1593 -3.71 22.30 68.42
N PHE A 1594 -4.77 22.56 67.66
CA PHE A 1594 -5.50 23.81 67.77
C PHE A 1594 -6.54 23.80 68.87
N LEU A 1595 -6.73 22.67 69.55
CA LEU A 1595 -7.76 22.56 70.57
C LEU A 1595 -7.20 22.01 71.88
N VAL A 1596 -6.16 21.17 71.80
CA VAL A 1596 -5.69 20.45 72.98
C VAL A 1596 -5.16 21.43 74.03
N THR A 1597 -4.37 22.40 73.60
CA THR A 1597 -3.77 23.36 74.53
C THR A 1597 -4.68 24.58 74.61
N TRP A 1598 -5.70 24.48 75.47
CA TRP A 1598 -6.51 25.66 75.77
C TRP A 1598 -5.63 26.78 76.30
N HIS A 1599 -4.65 26.44 77.13
CA HIS A 1599 -3.60 27.35 77.56
C HIS A 1599 -2.35 26.53 77.78
N THR A 1600 -1.20 27.09 77.43
CA THR A 1600 0.04 26.32 77.47
C THR A 1600 0.42 25.93 78.89
N ILE A 1601 0.44 26.91 79.80
CA ILE A 1601 0.89 26.66 81.17
C ILE A 1601 -0.10 27.23 82.17
N ASP A 1602 -1.07 28.02 81.69
CA ASP A 1602 -2.01 28.67 82.60
C ASP A 1602 -2.87 27.65 83.33
N ALA A 1603 -3.30 26.59 82.64
CA ALA A 1603 -4.05 25.49 83.24
C ALA A 1603 -5.35 25.99 83.90
N ASP A 1604 -6.23 26.53 83.06
CA ASP A 1604 -7.52 27.03 83.53
C ASP A 1604 -8.64 26.50 82.64
N ALA A 1605 -9.86 27.00 82.84
CA ALA A 1605 -11.01 26.78 81.98
C ALA A 1605 -11.19 25.32 81.58
N PRO A 1606 -11.56 24.43 82.51
CA PRO A 1606 -11.82 23.02 82.14
C PRO A 1606 -13.25 22.77 81.67
N GLU A 1607 -13.54 23.16 80.44
CA GLU A 1607 -14.85 22.95 79.86
C GLU A 1607 -14.74 22.72 78.36
N LEU A 1608 -15.81 22.18 77.78
CA LEU A 1608 -15.99 21.96 76.35
C LEU A 1608 -14.89 21.12 75.71
N SER A 1609 -14.03 20.50 76.52
CA SER A 1609 -12.95 19.66 76.00
C SER A 1609 -13.44 18.22 75.91
N HIS A 1610 -13.75 17.79 74.70
CA HIS A 1610 -14.19 16.42 74.43
C HIS A 1610 -13.27 15.83 73.37
N VAL A 1611 -12.16 15.26 73.81
CA VAL A 1611 -11.17 14.68 72.90
C VAL A 1611 -11.28 13.16 72.86
N LEU A 1612 -12.41 12.60 73.33
CA LEU A 1612 -12.61 11.17 73.39
C LEU A 1612 -13.17 10.60 72.09
N CYS A 1613 -13.05 11.33 70.98
CA CYS A 1613 -13.56 10.88 69.70
C CYS A 1613 -12.57 11.05 68.55
N TRP A 1614 -11.47 11.76 68.75
CA TRP A 1614 -10.50 11.97 67.69
C TRP A 1614 -9.80 10.66 67.33
N ALA A 1615 -9.42 10.55 66.06
CA ALA A 1615 -8.72 9.37 65.58
C ALA A 1615 -7.32 9.29 66.20
N PRO A 1616 -6.74 8.09 66.26
CA PRO A 1616 -5.38 7.97 66.80
C PRO A 1616 -4.36 8.72 65.95
N THR A 1617 -3.33 9.21 66.61
CA THR A 1617 -2.24 9.94 65.98
C THR A 1617 -0.91 9.24 66.29
N ASP A 1618 0.19 9.90 65.92
CA ASP A 1618 1.51 9.30 66.11
C ASP A 1618 1.86 9.21 67.59
N PRO A 1619 2.64 8.20 67.97
CA PRO A 1619 2.98 7.99 69.39
C PRO A 1619 3.65 9.20 70.04
N PRO A 1620 4.56 9.91 69.36
CA PRO A 1620 5.16 11.09 70.02
C PRO A 1620 4.15 12.14 70.43
N THR A 1621 3.12 12.36 69.61
CA THR A 1621 2.10 13.34 69.98
C THR A 1621 1.37 12.93 71.24
N GLY A 1622 1.05 11.64 71.37
CA GLY A 1622 0.42 11.17 72.60
C GLY A 1622 1.35 11.27 73.80
N LEU A 1623 2.63 10.92 73.62
CA LEU A 1623 3.59 10.98 74.71
C LEU A 1623 3.88 12.41 75.15
N SER A 1624 3.67 13.38 74.27
CA SER A 1624 3.94 14.78 74.63
C SER A 1624 3.08 15.26 75.80
N TYR A 1625 1.96 14.59 76.08
CA TYR A 1625 1.06 15.02 77.14
C TYR A 1625 1.53 14.64 78.53
N PHE A 1626 2.55 13.80 78.65
CA PHE A 1626 3.08 13.37 79.94
C PHE A 1626 4.36 14.08 80.33
N SER A 1627 4.83 15.01 79.52
CA SER A 1627 6.08 15.71 79.80
C SER A 1627 5.77 17.00 80.58
N SER A 1628 6.78 17.86 80.73
CA SER A 1628 6.60 19.13 81.41
C SER A 1628 5.96 20.18 80.51
N MET A 1629 5.74 19.88 79.23
CA MET A 1629 5.16 20.86 78.32
C MET A 1629 3.75 21.25 78.75
N TYR A 1630 2.95 20.29 79.21
CA TYR A 1630 1.57 20.55 79.53
C TYR A 1630 1.27 20.14 80.96
N PRO A 1631 0.42 20.89 81.67
CA PRO A 1631 0.01 20.47 83.00
C PRO A 1631 -0.81 19.20 82.95
N PRO A 1632 -0.77 18.37 83.99
CA PRO A 1632 -1.54 17.11 83.97
C PRO A 1632 -3.04 17.38 83.91
N HIS A 1633 -3.75 16.48 83.23
CA HIS A 1633 -5.20 16.53 83.14
C HIS A 1633 -5.72 15.14 82.82
N PRO A 1634 -6.81 14.69 83.47
CA PRO A 1634 -7.27 13.32 83.24
C PRO A 1634 -7.63 13.02 81.79
N LEU A 1635 -8.24 13.97 81.09
CA LEU A 1635 -8.68 13.72 79.72
C LEU A 1635 -7.49 13.50 78.79
N THR A 1636 -6.45 14.34 78.93
CA THR A 1636 -5.27 14.19 78.09
C THR A 1636 -4.59 12.86 78.34
N ALA A 1637 -4.46 12.46 79.61
CA ALA A 1637 -3.84 11.18 79.93
C ALA A 1637 -4.65 10.02 79.36
N GLN A 1638 -5.98 10.09 79.48
CA GLN A 1638 -6.83 9.03 78.93
C GLN A 1638 -6.67 8.93 77.42
N TYR A 1639 -6.65 10.08 76.74
CA TYR A 1639 -6.44 10.06 75.29
C TYR A 1639 -5.09 9.50 74.92
N GLY A 1640 -4.05 9.85 75.69
CA GLY A 1640 -2.73 9.30 75.44
C GLY A 1640 -2.68 7.79 75.59
N VAL A 1641 -3.30 7.28 76.65
CA VAL A 1641 -3.34 5.83 76.83
C VAL A 1641 -4.11 5.17 75.68
N LYS A 1642 -5.23 5.77 75.28
CA LYS A 1642 -6.04 5.19 74.21
C LYS A 1642 -5.27 5.15 72.90
N VAL A 1643 -4.56 6.23 72.56
CA VAL A 1643 -3.79 6.23 71.31
C VAL A 1643 -2.59 5.29 71.42
N LEU A 1644 -2.02 5.13 72.62
CA LEU A 1644 -0.90 4.21 72.77
C LEU A 1644 -1.33 2.75 72.69
N ARG A 1645 -2.60 2.46 72.97
CA ARG A 1645 -3.08 1.08 72.97
C ARG A 1645 -3.69 0.67 71.64
N SER A 1646 -3.22 1.23 70.53
CA SER A 1646 -3.75 0.89 69.21
C SER A 1646 -2.63 0.73 68.20
N PHE A 1647 -1.57 0.04 68.58
CA PHE A 1647 -0.42 -0.15 67.71
C PHE A 1647 0.15 -1.55 67.88
N PRO A 1648 0.82 -2.08 66.86
CA PRO A 1648 1.44 -3.40 66.97
C PRO A 1648 2.59 -3.39 67.97
N PRO A 1649 2.93 -4.55 68.53
CA PRO A 1649 3.96 -4.58 69.60
C PRO A 1649 5.32 -4.05 69.18
N ASP A 1650 5.71 -4.21 67.92
CA ASP A 1650 7.03 -3.75 67.50
C ASP A 1650 7.16 -2.23 67.60
N ALA A 1651 6.11 -1.51 67.21
CA ALA A 1651 6.15 -0.05 67.31
C ALA A 1651 6.33 0.40 68.76
N ILE A 1652 5.63 -0.25 69.69
CA ILE A 1652 5.82 0.07 71.11
C ILE A 1652 7.23 -0.32 71.55
N LEU A 1653 7.77 -1.41 71.00
CA LEU A 1653 9.13 -1.81 71.34
C LEU A 1653 10.14 -0.77 70.89
N PHE A 1654 9.84 -0.04 69.81
CA PHE A 1654 10.77 0.99 69.35
C PHE A 1654 10.91 2.12 70.36
N TYR A 1655 9.80 2.51 71.00
CA TYR A 1655 9.77 3.67 71.90
C TYR A 1655 9.84 3.27 73.37
N ILE A 1656 10.61 2.24 73.72
CA ILE A 1656 10.64 1.77 75.11
C ILE A 1656 11.19 2.81 76.07
N PRO A 1657 12.36 3.41 75.86
CA PRO A 1657 12.93 4.28 76.92
C PRO A 1657 12.06 5.47 77.29
N GLN A 1658 11.36 6.05 76.32
CA GLN A 1658 10.50 7.19 76.63
C GLN A 1658 9.37 6.79 77.56
N ILE A 1659 8.83 5.58 77.39
CA ILE A 1659 7.72 5.14 78.23
C ILE A 1659 8.16 5.05 79.69
N VAL A 1660 9.32 4.43 79.93
CA VAL A 1660 9.79 4.29 81.31
C VAL A 1660 10.21 5.63 81.88
N GLN A 1661 10.77 6.51 81.05
CA GLN A 1661 11.11 7.84 81.54
C GLN A 1661 9.89 8.70 81.84
N ALA A 1662 8.76 8.41 81.21
CA ALA A 1662 7.55 9.19 81.44
C ALA A 1662 7.01 9.03 82.86
N LEU A 1663 7.45 8.01 83.59
CA LEU A 1663 6.98 7.79 84.95
C LEU A 1663 7.38 8.92 85.89
N ARG A 1664 8.44 9.67 85.56
CA ARG A 1664 8.91 10.72 86.47
C ARG A 1664 7.86 11.80 86.66
N TYR A 1665 7.24 12.25 85.57
CA TYR A 1665 6.17 13.25 85.63
C TYR A 1665 4.80 12.63 85.78
N ASP A 1666 4.70 11.31 85.78
CA ASP A 1666 3.41 10.62 85.87
C ASP A 1666 2.90 10.70 87.30
N LYS A 1667 2.26 11.82 87.62
CA LYS A 1667 1.64 11.97 88.93
C LYS A 1667 0.53 10.96 89.12
N MET A 1668 -0.08 10.49 88.03
CA MET A 1668 -1.12 9.48 88.09
C MET A 1668 -0.50 8.09 87.90
N GLY A 1669 -1.35 7.08 87.68
CA GLY A 1669 -0.88 5.72 87.53
C GLY A 1669 -1.30 5.06 86.23
N TYR A 1670 -1.79 5.85 85.27
CA TYR A 1670 -2.21 5.31 84.00
C TYR A 1670 -1.07 4.63 83.27
N VAL A 1671 0.11 5.26 83.26
CA VAL A 1671 1.26 4.67 82.57
C VAL A 1671 1.65 3.34 83.19
N ARG A 1672 1.59 3.25 84.52
CA ARG A 1672 1.92 1.99 85.19
C ARG A 1672 0.93 0.89 84.80
N GLU A 1673 -0.36 1.21 84.77
CA GLU A 1673 -1.36 0.23 84.37
C GLU A 1673 -1.14 -0.21 82.93
N TYR A 1674 -0.84 0.73 82.03
CA TYR A 1674 -0.58 0.37 80.64
C TYR A 1674 0.65 -0.52 80.52
N ILE A 1675 1.70 -0.22 81.30
CA ILE A 1675 2.90 -1.05 81.26
C ILE A 1675 2.60 -2.46 81.73
N LEU A 1676 1.83 -2.59 82.82
CA LEU A 1676 1.47 -3.92 83.29
C LEU A 1676 0.64 -4.67 82.26
N TRP A 1677 -0.32 -3.99 81.63
CA TRP A 1677 -1.15 -4.64 80.62
C TRP A 1677 -0.32 -5.09 79.42
N ALA A 1678 0.59 -4.24 78.96
CA ALA A 1678 1.44 -4.60 77.82
C ALA A 1678 2.37 -5.76 78.16
N ALA A 1679 2.94 -5.76 79.36
CA ALA A 1679 3.79 -6.87 79.78
C ALA A 1679 3.00 -8.16 79.86
N SER A 1680 1.76 -8.09 80.35
CA SER A 1680 0.92 -9.28 80.41
C SER A 1680 0.54 -9.78 79.02
N LYS A 1681 0.36 -8.87 78.07
CA LYS A 1681 -0.10 -9.27 76.73
C LYS A 1681 1.00 -9.99 75.95
N SER A 1682 2.11 -9.29 75.69
CA SER A 1682 3.18 -9.84 74.88
C SER A 1682 4.26 -10.46 75.78
N GLN A 1683 5.34 -10.91 75.15
CA GLN A 1683 6.43 -11.57 75.87
C GLN A 1683 7.74 -10.81 75.77
N LEU A 1684 8.20 -10.51 74.55
CA LEU A 1684 9.49 -9.83 74.39
C LEU A 1684 9.47 -8.42 74.98
N LEU A 1685 8.29 -7.80 75.01
CA LEU A 1685 8.18 -6.48 75.63
C LEU A 1685 8.55 -6.53 77.10
N ALA A 1686 8.17 -7.59 77.80
CA ALA A 1686 8.55 -7.74 79.20
C ALA A 1686 10.06 -7.84 79.35
N HIS A 1687 10.72 -8.61 78.47
CA HIS A 1687 12.17 -8.74 78.54
C HIS A 1687 12.85 -7.40 78.29
N GLN A 1688 12.39 -6.65 77.29
CA GLN A 1688 12.96 -5.34 77.05
C GLN A 1688 12.73 -4.41 78.24
N PHE A 1689 11.54 -4.47 78.84
CA PHE A 1689 11.24 -3.63 80.00
C PHE A 1689 12.18 -3.93 81.16
N ILE A 1690 12.38 -5.20 81.48
CA ILE A 1690 13.23 -5.54 82.61
C ILE A 1690 14.68 -5.18 82.30
N TRP A 1691 15.15 -5.44 81.08
CA TRP A 1691 16.52 -5.11 80.73
C TRP A 1691 16.78 -3.61 80.81
N ASN A 1692 15.79 -2.80 80.39
CA ASN A 1692 15.98 -1.35 80.47
C ASN A 1692 15.88 -0.85 81.91
N MET A 1693 14.92 -1.36 82.67
CA MET A 1693 14.70 -0.84 84.03
C MET A 1693 15.76 -1.30 85.01
N LYS A 1694 16.48 -2.39 84.71
CA LYS A 1694 17.56 -2.82 85.60
C LYS A 1694 18.67 -1.79 85.66
N THR A 1695 19.00 -1.17 84.53
CA THR A 1695 20.10 -0.21 84.48
C THR A 1695 19.72 1.14 85.08
N ASN A 1696 18.48 1.58 84.91
CA ASN A 1696 18.10 2.94 85.22
C ASN A 1696 17.89 3.20 86.71
N ILE A 1697 17.98 2.17 87.56
CA ILE A 1697 17.72 2.37 88.98
C ILE A 1697 18.82 3.22 89.61
N TYR A 1698 20.07 3.03 89.19
CA TYR A 1698 21.19 3.78 89.73
C TYR A 1698 21.53 4.96 88.83
N LEU A 1699 22.50 5.76 89.27
CA LEU A 1699 22.92 6.96 88.55
C LEU A 1699 24.36 6.90 88.06
N ASP A 1700 25.30 6.43 88.89
CA ASP A 1700 26.69 6.39 88.50
C ASP A 1700 26.95 5.19 87.58
N GLU A 1701 28.12 5.20 86.95
CA GLU A 1701 28.49 4.12 86.04
C GLU A 1701 28.56 2.79 86.76
N GLU A 1702 29.33 2.73 87.86
CA GLU A 1702 29.40 1.51 88.63
C GLU A 1702 28.10 1.28 89.41
N GLY A 1703 27.55 2.33 90.02
CA GLY A 1703 26.27 2.25 90.69
C GLY A 1703 26.37 2.10 92.19
N HIS A 1704 26.24 3.21 92.91
CA HIS A 1704 26.18 3.17 94.36
C HIS A 1704 25.18 4.15 94.95
N GLN A 1705 24.43 4.89 94.13
CA GLN A 1705 23.50 5.91 94.62
C GLN A 1705 22.21 5.80 93.82
N LYS A 1706 21.17 5.28 94.47
CA LYS A 1706 19.85 5.23 93.85
C LYS A 1706 19.22 6.62 93.86
N ASP A 1707 18.54 6.96 92.76
CA ASP A 1707 17.90 8.25 92.68
C ASP A 1707 16.74 8.32 93.68
N PRO A 1708 16.60 9.43 94.40
CA PRO A 1708 15.53 9.56 95.40
C PRO A 1708 14.15 9.87 94.81
N ASP A 1709 14.01 9.87 93.49
CA ASP A 1709 12.75 10.24 92.86
C ASP A 1709 11.87 9.02 92.55
N ILE A 1710 12.38 8.09 91.74
CA ILE A 1710 11.57 6.97 91.27
C ILE A 1710 12.30 5.66 91.49
N GLY A 1711 13.34 5.66 92.32
CA GLY A 1711 14.05 4.43 92.60
C GLY A 1711 13.18 3.40 93.30
N ASP A 1712 12.47 3.84 94.33
CA ASP A 1712 11.56 2.92 95.05
C ASP A 1712 10.43 2.46 94.16
N LEU A 1713 9.90 3.35 93.32
CA LEU A 1713 8.85 2.96 92.37
C LEU A 1713 9.37 1.94 91.39
N LEU A 1714 10.59 2.12 90.89
CA LEU A 1714 11.18 1.13 89.99
C LEU A 1714 11.36 -0.21 90.68
N ASP A 1715 11.82 -0.19 91.93
CA ASP A 1715 11.99 -1.44 92.67
C ASP A 1715 10.65 -2.15 92.86
N GLN A 1716 9.61 -1.41 93.24
CA GLN A 1716 8.30 -2.01 93.41
C GLN A 1716 7.78 -2.59 92.09
N LEU A 1717 7.95 -1.85 90.99
CA LEU A 1717 7.48 -2.34 89.70
C LEU A 1717 8.23 -3.59 89.27
N VAL A 1718 9.55 -3.61 89.45
CA VAL A 1718 10.32 -4.77 89.01
C VAL A 1718 10.01 -5.99 89.87
N GLU A 1719 9.78 -5.79 91.18
CA GLU A 1719 9.43 -6.92 92.01
C GLU A 1719 7.99 -7.39 91.74
N GLU A 1720 7.13 -6.49 91.28
CA GLU A 1720 5.77 -6.86 90.94
C GLU A 1720 5.69 -7.64 89.63
N ILE A 1721 6.42 -7.20 88.60
CA ILE A 1721 6.29 -7.82 87.29
C ILE A 1721 6.80 -9.25 87.31
N THR A 1722 7.92 -9.50 87.99
CA THR A 1722 8.43 -10.85 88.09
C THR A 1722 7.57 -11.67 89.04
N GLY A 1723 7.59 -12.98 88.85
CA GLY A 1723 6.79 -13.90 89.63
C GLY A 1723 5.37 -14.09 89.11
N SER A 1724 4.80 -13.02 88.56
CA SER A 1724 3.46 -13.13 87.97
C SER A 1724 3.46 -14.09 86.79
N LEU A 1725 4.49 -14.04 85.96
CA LEU A 1725 4.61 -14.97 84.84
C LEU A 1725 4.87 -16.38 85.35
N SER A 1726 4.34 -17.36 84.62
CA SER A 1726 4.48 -18.76 85.01
C SER A 1726 4.35 -19.62 83.77
N GLY A 1727 4.76 -20.89 83.91
CA GLY A 1727 4.68 -21.84 82.83
C GLY A 1727 5.86 -21.75 81.87
N PRO A 1728 5.59 -22.03 80.60
CA PRO A 1728 6.68 -21.97 79.60
C PRO A 1728 7.34 -20.62 79.50
N ALA A 1729 6.60 -19.53 79.68
CA ALA A 1729 7.20 -18.20 79.62
C ALA A 1729 8.21 -18.01 80.74
N LYS A 1730 7.90 -18.49 81.94
CA LYS A 1730 8.84 -18.40 83.06
C LYS A 1730 10.11 -19.18 82.76
N ASP A 1731 9.97 -20.39 82.19
CA ASP A 1731 11.14 -21.18 81.83
C ASP A 1731 11.98 -20.47 80.78
N PHE A 1732 11.32 -19.89 79.78
CA PHE A 1732 12.04 -19.15 78.73
C PHE A 1732 12.81 -17.98 79.34
N TYR A 1733 12.18 -17.23 80.23
CA TYR A 1733 12.84 -16.10 80.87
C TYR A 1733 14.04 -16.56 81.68
N GLN A 1734 13.87 -17.63 82.46
CA GLN A 1734 14.96 -18.14 83.28
C GLN A 1734 16.13 -18.60 82.41
N ARG A 1735 15.84 -19.35 81.34
CA ARG A 1735 16.89 -19.83 80.46
C ARG A 1735 17.65 -18.67 79.81
N GLU A 1736 16.91 -17.68 79.31
CA GLU A 1736 17.54 -16.54 78.65
C GLU A 1736 18.42 -15.77 79.61
N PHE A 1737 17.92 -15.50 80.82
CA PHE A 1737 18.71 -14.73 81.77
C PHE A 1737 19.93 -15.51 82.25
N ASP A 1738 19.78 -16.81 82.48
CA ASP A 1738 20.92 -17.62 82.89
C ASP A 1738 21.99 -17.65 81.81
N PHE A 1739 21.57 -17.83 80.54
CA PHE A 1739 22.53 -17.85 79.44
C PHE A 1739 23.24 -16.50 79.32
N PHE A 1740 22.50 -15.40 79.47
CA PHE A 1740 23.13 -14.08 79.37
C PHE A 1740 24.12 -13.86 80.50
N ASN A 1741 23.77 -14.29 81.72
CA ASN A 1741 24.71 -14.15 82.83
C ASN A 1741 25.97 -14.99 82.60
N LYS A 1742 25.79 -16.21 82.09
CA LYS A 1742 26.94 -17.07 81.81
C LYS A 1742 27.86 -16.46 80.76
N ILE A 1743 27.27 -15.88 79.71
CA ILE A 1743 28.10 -15.26 78.68
C ILE A 1743 28.66 -13.91 79.11
N THR A 1744 28.06 -13.28 80.12
CA THR A 1744 28.52 -11.97 80.57
C THR A 1744 29.62 -12.04 81.62
N ASN A 1745 29.60 -13.04 82.49
CA ASN A 1745 30.56 -13.10 83.58
C ASN A 1745 32.01 -13.28 83.10
N VAL A 1746 32.21 -13.66 81.83
CA VAL A 1746 33.56 -13.89 81.33
C VAL A 1746 34.39 -12.61 81.39
N SER A 1747 33.79 -11.48 81.06
CA SER A 1747 34.51 -10.21 81.09
C SER A 1747 35.00 -9.89 82.50
N ALA A 1748 34.16 -10.11 83.51
CA ALA A 1748 34.59 -9.89 84.88
C ALA A 1748 35.66 -10.90 85.29
N ILE A 1749 35.54 -12.14 84.83
CA ILE A 1749 36.52 -13.16 85.20
C ILE A 1749 37.89 -12.86 84.62
N ILE A 1750 37.93 -12.31 83.41
CA ILE A 1750 39.20 -12.13 82.70
C ILE A 1750 40.01 -10.93 83.18
N LYS A 1751 39.41 -10.05 84.00
CA LYS A 1751 40.10 -8.84 84.41
C LYS A 1751 41.39 -9.09 85.19
N PRO A 1752 41.45 -9.98 86.20
CA PRO A 1752 42.68 -10.12 86.98
C PRO A 1752 43.91 -10.48 86.17
N TYR A 1753 43.76 -11.29 85.12
CA TYR A 1753 44.90 -11.67 84.32
C TYR A 1753 45.41 -10.48 83.51
N PRO A 1754 46.71 -10.23 83.49
CA PRO A 1754 47.25 -9.07 82.77
C PRO A 1754 47.28 -9.33 81.26
N LYS A 1755 47.78 -8.34 80.53
CA LYS A 1755 47.87 -8.45 79.08
C LYS A 1755 48.90 -9.51 78.70
N GLY A 1756 48.59 -10.29 77.67
CA GLY A 1756 49.48 -11.33 77.20
C GLY A 1756 48.68 -12.49 76.66
N ASP A 1757 49.42 -13.50 76.17
CA ASP A 1757 48.78 -14.68 75.61
C ASP A 1757 48.01 -15.46 76.68
N GLU A 1758 48.40 -15.33 77.94
CA GLU A 1758 47.69 -16.01 79.01
C GLU A 1758 46.25 -15.52 79.10
N ARG A 1759 46.04 -14.21 78.96
CA ARG A 1759 44.69 -13.67 78.97
C ARG A 1759 43.88 -14.21 77.80
N LYS A 1760 44.50 -14.28 76.62
CA LYS A 1760 43.78 -14.77 75.45
C LYS A 1760 43.37 -16.22 75.60
N LYS A 1761 44.29 -17.07 76.09
CA LYS A 1761 43.95 -18.47 76.26
C LYS A 1761 42.95 -18.68 77.39
N ALA A 1762 43.02 -17.88 78.45
CA ALA A 1762 42.01 -17.96 79.50
C ALA A 1762 40.64 -17.56 78.97
N CYS A 1763 40.59 -16.53 78.14
CA CYS A 1763 39.32 -16.13 77.53
C CYS A 1763 38.78 -17.23 76.62
N LEU A 1764 39.66 -17.86 75.84
CA LEU A 1764 39.22 -18.96 74.99
C LEU A 1764 38.68 -20.12 75.82
N SER A 1765 39.36 -20.46 76.92
CA SER A 1765 38.88 -21.53 77.79
C SER A 1765 37.53 -21.18 78.41
N ALA A 1766 37.37 -19.94 78.86
CA ALA A 1766 36.10 -19.52 79.45
C ALA A 1766 34.98 -19.58 78.42
N LEU A 1767 35.25 -19.16 77.18
CA LEU A 1767 34.25 -19.24 76.13
C LEU A 1767 33.90 -20.69 75.84
N SER A 1768 34.90 -21.58 75.83
CA SER A 1768 34.65 -22.99 75.59
C SER A 1768 33.85 -23.62 76.73
N GLU A 1769 33.96 -23.07 77.94
CA GLU A 1769 33.21 -23.62 79.07
C GLU A 1769 31.71 -23.48 78.85
N VAL A 1770 31.26 -22.35 78.31
CA VAL A 1770 29.83 -22.13 78.10
C VAL A 1770 29.33 -23.00 76.97
N LYS A 1771 28.13 -23.55 77.14
CA LYS A 1771 27.49 -24.39 76.13
C LYS A 1771 26.37 -23.63 75.45
N VAL A 1772 25.94 -24.16 74.31
CA VAL A 1772 24.88 -23.56 73.52
C VAL A 1772 23.53 -24.09 73.99
N GLN A 1773 22.63 -23.19 74.36
CA GLN A 1773 21.29 -23.56 74.81
C GLN A 1773 20.27 -23.16 73.75
N PRO A 1774 19.49 -24.10 73.21
CA PRO A 1774 18.48 -23.73 72.20
C PRO A 1774 17.45 -22.77 72.76
N GLY A 1775 16.99 -21.86 71.91
CA GLY A 1775 15.98 -20.88 72.27
C GLY A 1775 16.51 -19.51 72.62
N CYS A 1776 17.82 -19.37 72.82
CA CYS A 1776 18.38 -18.09 73.19
C CYS A 1776 18.40 -17.13 72.00
N TYR A 1777 18.41 -15.84 72.29
CA TYR A 1777 18.46 -14.81 71.27
C TYR A 1777 19.31 -13.65 71.78
N LEU A 1778 19.97 -12.97 70.84
CA LEU A 1778 20.79 -11.83 71.20
C LEU A 1778 19.91 -10.65 71.58
N PRO A 1779 20.18 -9.97 72.70
CA PRO A 1779 19.36 -8.81 73.09
C PRO A 1779 19.38 -7.70 72.06
N SER A 1780 20.51 -7.48 71.39
CA SER A 1780 20.59 -6.39 70.43
C SER A 1780 19.82 -6.69 69.15
N ASN A 1781 19.62 -7.97 68.84
CA ASN A 1781 18.93 -8.39 67.61
C ASN A 1781 17.80 -9.32 67.99
N PRO A 1782 16.67 -8.78 68.43
CA PRO A 1782 15.56 -9.63 68.89
C PRO A 1782 14.81 -10.33 67.77
N GLU A 1783 15.30 -10.21 66.53
CA GLU A 1783 14.66 -10.85 65.39
C GLU A 1783 15.53 -11.94 64.78
N ALA A 1784 16.33 -12.62 65.62
CA ALA A 1784 17.16 -13.72 65.16
C ALA A 1784 17.32 -14.73 66.27
N ILE A 1785 17.64 -15.96 65.89
CA ILE A 1785 17.84 -17.06 66.82
C ILE A 1785 19.28 -17.54 66.68
N VAL A 1786 20.02 -17.52 67.78
CA VAL A 1786 21.41 -17.94 67.76
C VAL A 1786 21.49 -19.44 67.50
N LEU A 1787 22.46 -19.84 66.68
CA LEU A 1787 22.67 -21.25 66.35
C LEU A 1787 23.86 -21.84 67.09
N ASP A 1788 25.02 -21.21 67.03
CA ASP A 1788 26.18 -21.72 67.74
C ASP A 1788 27.19 -20.60 67.96
N ILE A 1789 28.25 -20.94 68.70
CA ILE A 1789 29.30 -19.99 69.06
C ILE A 1789 30.63 -20.53 68.54
N ASP A 1790 31.47 -19.65 68.03
CA ASP A 1790 32.81 -20.02 67.60
C ASP A 1790 33.74 -20.00 68.80
N TYR A 1791 34.42 -21.12 69.03
CA TYR A 1791 35.26 -21.30 70.22
C TYR A 1791 36.70 -20.85 69.99
N LYS A 1792 36.96 -20.04 68.96
CA LYS A 1792 38.32 -19.58 68.70
C LYS A 1792 38.38 -18.13 68.27
N SER A 1793 37.27 -17.38 68.37
CA SER A 1793 37.22 -16.00 67.90
C SER A 1793 37.40 -14.98 69.02
N GLY A 1794 37.62 -15.42 70.25
CA GLY A 1794 37.82 -14.50 71.36
C GLY A 1794 39.04 -13.63 71.20
N THR A 1795 38.85 -12.32 71.31
CA THR A 1795 39.96 -11.37 71.14
C THR A 1795 39.64 -10.11 71.93
N PRO A 1796 40.10 -10.03 73.18
CA PRO A 1796 39.98 -8.78 73.94
C PRO A 1796 40.77 -7.66 73.30
N MET A 1797 40.26 -6.45 73.42
CA MET A 1797 40.90 -5.26 72.87
C MET A 1797 41.44 -4.38 73.99
N GLN A 1798 42.16 -3.34 73.59
CA GLN A 1798 42.78 -2.44 74.55
C GLN A 1798 41.72 -1.61 75.27
N SER A 1799 42.05 -1.19 76.49
CA SER A 1799 41.15 -0.38 77.29
C SER A 1799 41.92 0.37 78.39
N LYS A 1802 37.79 -2.52 83.55
CA LYS A 1802 37.59 -2.41 82.11
C LYS A 1802 38.24 -3.58 81.38
N ALA A 1803 37.49 -4.66 81.19
CA ALA A 1803 37.98 -5.86 80.52
C ALA A 1803 36.99 -6.28 79.43
N PRO A 1804 36.98 -5.55 78.31
CA PRO A 1804 36.08 -5.91 77.20
C PRO A 1804 36.73 -6.85 76.21
N TYR A 1805 35.87 -7.59 75.50
CA TYR A 1805 36.34 -8.52 74.48
C TYR A 1805 35.33 -8.55 73.34
N LEU A 1806 35.63 -9.36 72.33
CA LEU A 1806 34.81 -9.49 71.13
C LEU A 1806 34.39 -10.95 70.98
N ALA A 1807 33.16 -11.16 70.53
CA ALA A 1807 32.64 -12.52 70.37
C ALA A 1807 32.03 -12.69 68.99
N LYS A 1808 32.08 -13.92 68.50
CA LYS A 1808 31.53 -14.28 67.19
C LYS A 1808 30.52 -15.40 67.36
N PHE A 1809 29.38 -15.26 66.69
CA PHE A 1809 28.31 -16.24 66.75
C PHE A 1809 27.84 -16.56 65.34
N LYS A 1810 27.33 -17.78 65.16
CA LYS A 1810 26.63 -18.18 63.95
C LYS A 1810 25.14 -18.19 64.27
N VAL A 1811 24.37 -17.43 63.50
CA VAL A 1811 22.98 -17.10 63.82
C VAL A 1811 22.11 -17.32 62.60
N LYS A 1812 20.81 -17.45 62.85
CA LYS A 1812 19.80 -17.59 61.82
C LYS A 1812 18.73 -16.52 62.00
N ARG A 1813 18.28 -15.94 60.90
CA ARG A 1813 17.26 -14.90 60.91
C ARG A 1813 15.91 -15.52 60.57
N CYS A 1814 14.95 -15.35 61.47
CA CYS A 1814 13.60 -15.87 61.26
C CYS A 1814 12.55 -14.76 61.23
N GLY A 1815 12.51 -13.91 62.23
CA GLY A 1815 11.53 -12.85 62.30
C GLY A 1815 11.24 -12.49 63.76
N VAL A 1816 10.05 -11.97 64.00
CA VAL A 1816 9.63 -11.52 65.33
C VAL A 1816 8.49 -12.36 65.88
N SER A 1817 7.34 -12.37 65.19
CA SER A 1817 6.20 -13.16 65.66
C SER A 1817 6.52 -14.65 65.63
N GLU A 1818 7.16 -15.12 64.55
CA GLU A 1818 7.56 -16.52 64.48
C GLU A 1818 8.55 -16.88 65.57
N LEU A 1819 9.50 -15.99 65.86
CA LEU A 1819 10.43 -16.21 66.95
C LEU A 1819 9.69 -16.26 68.29
N GLU A 1820 8.71 -15.37 68.47
CA GLU A 1820 7.95 -15.35 69.71
C GLU A 1820 7.18 -16.65 69.91
N LYS A 1821 6.58 -17.18 68.83
CA LYS A 1821 5.83 -18.42 68.96
C LYS A 1821 6.76 -19.61 69.12
N GLU A 1822 7.95 -19.57 68.52
CA GLU A 1822 8.88 -20.69 68.59
C GLU A 1822 9.65 -20.72 69.90
N GLY A 1823 9.71 -19.61 70.61
CA GLY A 1823 10.42 -19.61 71.89
C GLY A 1823 9.71 -20.34 73.00
N LEU A 1824 8.44 -20.70 72.82
CA LEU A 1824 7.67 -21.38 73.84
C LEU A 1824 7.54 -22.88 73.60
N ARG A 1825 8.18 -23.41 72.56
CA ARG A 1825 8.11 -24.84 72.25
C ARG A 1825 9.44 -25.57 72.37
N CYS A 1826 10.56 -24.84 72.33
CA CYS A 1826 11.87 -25.45 72.48
C CYS A 1826 12.89 -24.43 72.98
N LYS A 1843 19.34 -18.69 54.82
CA LYS A 1843 19.45 -17.37 55.43
C LYS A 1843 20.09 -17.46 56.81
N ILE A 1844 21.28 -18.06 56.87
CA ILE A 1844 22.05 -18.22 58.09
C ILE A 1844 23.38 -17.49 57.91
N SER A 1845 23.74 -16.65 58.87
CA SER A 1845 24.90 -15.79 58.73
C SER A 1845 25.70 -15.83 60.04
N TRP A 1846 26.69 -14.94 60.12
CA TRP A 1846 27.54 -14.80 61.29
C TRP A 1846 27.51 -13.36 61.77
N GLN A 1847 27.61 -13.20 63.09
CA GLN A 1847 27.55 -11.89 63.72
C GLN A 1847 28.67 -11.74 64.72
N ALA A 1848 29.08 -10.49 64.95
CA ALA A 1848 30.11 -10.15 65.91
C ALA A 1848 29.54 -9.15 66.92
N ALA A 1849 29.81 -9.40 68.20
CA ALA A 1849 29.29 -8.59 69.28
C ALA A 1849 30.42 -8.11 70.17
N ILE A 1850 30.30 -6.88 70.66
CA ILE A 1850 31.28 -6.28 71.56
C ILE A 1850 30.59 -6.00 72.88
N PHE A 1851 31.17 -6.50 73.96
CA PHE A 1851 30.62 -6.32 75.30
C PHE A 1851 31.43 -5.28 76.05
N LYS A 1852 30.77 -4.22 76.50
CA LYS A 1852 31.43 -3.12 77.18
C LYS A 1852 30.94 -3.05 78.62
N VAL A 1853 31.88 -2.89 79.55
CA VAL A 1853 31.60 -2.85 80.98
C VAL A 1853 32.15 -1.56 81.56
N GLY A 1854 31.32 -0.85 82.31
CA GLY A 1854 31.75 0.36 83.00
C GLY A 1854 31.57 1.65 82.25
N ASP A 1855 30.81 1.65 81.15
CA ASP A 1855 30.57 2.87 80.39
C ASP A 1855 29.09 2.99 80.07
N ASP A 1856 28.60 4.23 80.05
CA ASP A 1856 27.20 4.49 79.76
C ASP A 1856 26.92 4.28 78.27
N CYS A 1857 25.71 3.80 77.98
CA CYS A 1857 25.30 3.51 76.61
C CYS A 1857 23.89 4.05 76.35
N ARG A 1858 23.65 5.31 76.74
CA ARG A 1858 22.34 5.91 76.61
C ARG A 1858 22.26 7.01 75.57
N GLN A 1859 23.30 7.83 75.43
CA GLN A 1859 23.30 8.85 74.38
C GLN A 1859 23.28 8.23 73.00
N ASP A 1860 24.01 7.12 72.83
CA ASP A 1860 24.05 6.44 71.55
C ASP A 1860 22.65 5.97 71.12
N MET A 1861 21.81 5.60 72.09
CA MET A 1861 20.45 5.20 71.74
C MET A 1861 19.67 6.36 71.14
N LEU A 1862 19.78 7.55 71.73
CA LEU A 1862 19.13 8.72 71.16
C LEU A 1862 19.67 9.02 69.76
N ALA A 1863 21.00 8.96 69.61
CA ALA A 1863 21.60 9.24 68.30
C ALA A 1863 21.08 8.28 67.25
N LEU A 1864 21.02 6.99 67.58
CA LEU A 1864 20.59 5.99 66.61
C LEU A 1864 19.10 6.07 66.33
N GLN A 1865 18.29 6.43 67.33
CA GLN A 1865 16.87 6.65 67.06
C GLN A 1865 16.66 7.80 66.09
N ILE A 1866 17.39 8.91 66.29
CA ILE A 1866 17.27 10.03 65.36
C ILE A 1866 17.76 9.65 63.98
N ILE A 1867 18.84 8.86 63.90
CA ILE A 1867 19.35 8.41 62.61
C ILE A 1867 18.31 7.55 61.89
N ASP A 1868 17.67 6.64 62.62
CA ASP A 1868 16.64 5.80 62.02
C ASP A 1868 15.47 6.63 61.52
N LEU A 1869 15.04 7.63 62.31
CA LEU A 1869 13.95 8.48 61.88
C LEU A 1869 14.31 9.24 60.61
N PHE A 1870 15.53 9.77 60.54
CA PHE A 1870 15.98 10.48 59.35
C PHE A 1870 16.01 9.54 58.15
N LYS A 1871 16.48 8.30 58.35
CA LYS A 1871 16.53 7.34 57.26
C LYS A 1871 15.12 7.03 56.75
N ASN A 1872 14.17 6.86 57.66
CA ASN A 1872 12.79 6.61 57.25
C ASN A 1872 12.23 7.79 56.46
N ILE A 1873 12.49 9.01 56.92
CA ILE A 1873 12.00 10.19 56.20
C ILE A 1873 12.60 10.24 54.80
N PHE A 1874 13.91 10.03 54.68
CA PHE A 1874 14.56 10.11 53.38
C PHE A 1874 14.05 9.01 52.45
N GLN A 1875 13.85 7.80 52.98
CA GLN A 1875 13.34 6.71 52.15
C GLN A 1875 11.92 6.99 51.68
N LEU A 1876 11.09 7.57 52.56
CA LEU A 1876 9.72 7.90 52.16
C LEU A 1876 9.69 8.97 51.08
N VAL A 1877 10.54 10.00 51.22
CA VAL A 1877 10.53 11.10 50.25
C VAL A 1877 10.89 10.59 48.86
N GLY A 1878 11.93 9.77 48.77
CA GLY A 1878 12.32 9.20 47.49
C GLY A 1878 13.70 9.62 47.03
N LEU A 1879 14.52 10.10 47.97
CA LEU A 1879 15.88 10.52 47.66
C LEU A 1879 16.82 9.32 47.75
N ASP A 1880 18.12 9.57 47.66
CA ASP A 1880 19.14 8.52 47.73
C ASP A 1880 20.19 8.93 48.76
N LEU A 1881 19.94 8.57 50.01
CA LEU A 1881 20.89 8.80 51.10
C LEU A 1881 21.13 7.49 51.83
N PHE A 1882 22.40 7.24 52.17
CA PHE A 1882 22.82 5.98 52.77
C PHE A 1882 23.29 6.23 54.19
N VAL A 1883 22.69 5.54 55.15
CA VAL A 1883 23.10 5.56 56.55
C VAL A 1883 22.98 4.16 57.11
N PHE A 1884 23.90 3.77 57.99
CA PHE A 1884 23.91 2.44 58.57
C PHE A 1884 23.69 2.52 60.07
N PRO A 1885 22.46 2.29 60.55
CA PRO A 1885 22.14 2.32 61.99
C PRO A 1885 22.42 1.01 62.72
N TYR A 1886 23.67 0.80 63.10
CA TYR A 1886 24.03 -0.37 63.89
C TYR A 1886 23.35 -0.31 65.26
N ARG A 1887 23.02 -1.48 65.80
CA ARG A 1887 22.24 -1.57 67.02
C ARG A 1887 23.13 -1.71 68.25
N VAL A 1888 22.59 -1.32 69.40
CA VAL A 1888 23.29 -1.43 70.68
C VAL A 1888 22.23 -1.41 71.78
N VAL A 1889 22.42 -2.26 72.78
CA VAL A 1889 21.49 -2.37 73.90
C VAL A 1889 22.27 -2.41 75.21
N ALA A 1890 21.91 -1.53 76.14
CA ALA A 1890 22.49 -1.54 77.47
C ALA A 1890 21.64 -2.41 78.39
N THR A 1891 22.30 -3.30 79.14
CA THR A 1891 21.59 -4.28 79.93
C THR A 1891 21.79 -4.15 81.44
N ALA A 1892 22.96 -3.72 81.88
CA ALA A 1892 23.27 -3.56 83.29
C ALA A 1892 23.95 -2.22 83.47
N PRO A 1893 23.95 -1.67 84.70
CA PRO A 1893 24.64 -0.40 84.93
C PRO A 1893 26.07 -0.41 84.45
N GLY A 1894 26.36 0.37 83.41
CA GLY A 1894 27.68 0.38 82.80
C GLY A 1894 27.97 -0.79 81.89
N CYS A 1895 27.00 -1.65 81.61
CA CYS A 1895 27.21 -2.84 80.80
C CYS A 1895 26.29 -2.81 79.58
N GLY A 1896 26.88 -3.06 78.41
CA GLY A 1896 26.12 -3.01 77.18
C GLY A 1896 26.70 -3.93 76.12
N VAL A 1897 25.87 -4.22 75.12
CA VAL A 1897 26.23 -5.06 73.99
C VAL A 1897 26.07 -4.23 72.71
N ILE A 1898 27.10 -4.20 71.89
CA ILE A 1898 27.16 -3.39 70.68
C ILE A 1898 27.34 -4.30 69.48
N GLU A 1899 26.52 -4.11 68.47
CA GLU A 1899 26.70 -4.82 67.20
C GLU A 1899 27.93 -4.29 66.47
N CYS A 1900 28.52 -5.14 65.64
CA CYS A 1900 29.68 -4.78 64.83
C CYS A 1900 29.28 -4.84 63.37
N ILE A 1901 29.61 -3.79 62.63
CA ILE A 1901 29.28 -3.74 61.20
C ILE A 1901 30.11 -4.80 60.47
N PRO A 1902 29.55 -5.48 59.48
CA PRO A 1902 30.34 -6.49 58.75
C PRO A 1902 31.51 -5.85 58.02
N ASP A 1903 32.63 -6.57 58.00
CA ASP A 1903 33.86 -6.13 57.36
C ASP A 1903 34.29 -4.75 57.88
N CYS A 1904 34.57 -4.72 59.18
CA CYS A 1904 35.02 -3.47 59.80
C CYS A 1904 36.40 -3.09 59.27
N THR A 1905 36.57 -1.81 58.95
CA THR A 1905 37.84 -1.31 58.43
C THR A 1905 38.02 0.11 58.96
N SER A 1906 38.80 0.25 60.02
CA SER A 1906 38.99 1.56 60.64
C SER A 1906 39.87 2.45 59.77
N ARG A 1907 39.52 3.73 59.72
CA ARG A 1907 40.32 4.70 58.96
C ARG A 1907 41.70 4.87 59.56
N ASP A 1908 41.81 4.83 60.88
CA ASP A 1908 43.10 5.03 61.54
C ASP A 1908 44.09 3.93 61.16
N GLN A 1909 43.63 2.68 61.12
CA GLN A 1909 44.51 1.58 60.75
C GLN A 1909 44.99 1.73 59.32
N LEU A 1910 44.10 2.10 58.40
CA LEU A 1910 44.49 2.31 57.01
C LEU A 1910 45.50 3.45 56.89
N GLY A 1911 45.29 4.53 57.64
CA GLY A 1911 46.23 5.63 57.61
C GLY A 1911 47.59 5.24 58.16
N ARG A 1912 47.62 4.44 59.22
CA ARG A 1912 48.88 3.95 59.75
C ARG A 1912 49.59 3.06 58.73
N GLN A 1913 48.83 2.20 58.05
CA GLN A 1913 49.42 1.31 57.05
C GLN A 1913 49.98 2.08 55.85
N THR A 1914 49.25 3.10 55.40
CA THR A 1914 49.60 3.81 54.18
C THR A 1914 50.35 5.11 54.43
N ASP A 1915 49.93 5.90 55.41
CA ASP A 1915 50.51 7.23 55.67
C ASP A 1915 50.41 8.13 54.43
N PHE A 1916 49.28 8.02 53.73
CA PHE A 1916 49.00 8.85 52.57
C PHE A 1916 47.51 9.12 52.49
N GLY A 1917 47.11 9.92 51.51
CA GLY A 1917 45.71 10.24 51.35
C GLY A 1917 44.90 9.05 50.85
N MET A 1918 43.60 9.10 51.11
CA MET A 1918 42.71 8.03 50.69
C MET A 1918 42.55 7.96 49.18
N TYR A 1919 42.89 9.03 48.46
CA TYR A 1919 42.81 9.01 47.01
C TYR A 1919 43.77 7.98 46.42
N ASP A 1920 45.00 7.92 46.93
CA ASP A 1920 45.94 6.92 46.47
C ASP A 1920 45.46 5.51 46.80
N TYR A 1921 44.87 5.34 47.99
CA TYR A 1921 44.34 4.03 48.37
C TYR A 1921 43.24 3.60 47.42
N PHE A 1922 42.32 4.51 47.08
CA PHE A 1922 41.24 4.17 46.15
C PHE A 1922 41.78 3.88 44.76
N THR A 1923 42.77 4.66 44.31
CA THR A 1923 43.36 4.42 43.00
C THR A 1923 44.02 3.06 42.94
N ARG A 1924 44.73 2.67 44.00
CA ARG A 1924 45.33 1.34 44.04
C ARG A 1924 44.27 0.25 44.09
N GLN A 1925 43.20 0.47 44.87
CA GLN A 1925 42.18 -0.57 45.06
C GLN A 1925 41.39 -0.82 43.80
N TYR A 1926 40.94 0.24 43.13
CA TYR A 1926 40.05 0.11 41.98
C TYR A 1926 40.73 0.39 40.65
N GLY A 1927 41.61 1.37 40.57
CA GLY A 1927 42.29 1.68 39.32
C GLY A 1927 42.25 3.15 38.97
N ASP A 1928 42.32 3.46 37.68
CA ASP A 1928 42.29 4.84 37.24
C ASP A 1928 40.89 5.42 37.40
N GLU A 1929 40.81 6.76 37.41
CA GLU A 1929 39.54 7.45 37.55
C GLU A 1929 38.63 7.27 36.35
N SER A 1930 39.14 6.75 35.23
CA SER A 1930 38.34 6.59 34.03
C SER A 1930 37.49 5.33 34.03
N THR A 1931 37.66 4.44 35.01
CA THR A 1931 36.91 3.20 35.03
C THR A 1931 35.53 3.41 35.65
N LEU A 1932 34.65 2.44 35.43
CA LEU A 1932 33.28 2.52 35.94
C LEU A 1932 33.23 2.28 37.44
N ALA A 1933 34.10 1.40 37.95
CA ALA A 1933 34.10 1.11 39.38
C ALA A 1933 34.45 2.35 40.19
N PHE A 1934 35.40 3.15 39.71
CA PHE A 1934 35.73 4.39 40.39
C PHE A 1934 34.55 5.34 40.41
N GLN A 1935 33.81 5.42 39.31
CA GLN A 1935 32.63 6.28 39.26
C GLN A 1935 31.57 5.83 40.25
N GLN A 1936 31.31 4.52 40.33
CA GLN A 1936 30.33 4.01 41.28
C GLN A 1936 30.77 4.26 42.72
N ALA A 1937 32.06 4.05 43.01
CA ALA A 1937 32.56 4.31 44.34
C ALA A 1937 32.42 5.79 44.70
N ARG A 1938 32.72 6.68 43.75
CA ARG A 1938 32.56 8.10 43.98
C ARG A 1938 31.10 8.47 44.25
N TYR A 1939 30.18 7.86 43.49
CA TYR A 1939 28.76 8.13 43.70
C TYR A 1939 28.32 7.69 45.09
N ASN A 1940 28.73 6.48 45.50
CA ASN A 1940 28.38 6.01 46.84
C ASN A 1940 28.99 6.89 47.93
N PHE A 1941 30.25 7.32 47.73
CA PHE A 1941 30.89 8.19 48.70
C PHE A 1941 30.16 9.50 48.84
N ILE A 1942 29.74 10.10 47.72
CA ILE A 1942 28.97 11.34 47.77
C ILE A 1942 27.66 11.12 48.49
N ARG A 1943 26.96 10.02 48.17
CA ARG A 1943 25.69 9.71 48.83
C ARG A 1943 25.86 9.65 50.33
N SER A 1944 26.86 8.92 50.81
CA SER A 1944 27.07 8.81 52.25
C SER A 1944 27.48 10.14 52.86
N MET A 1945 28.41 10.85 52.21
CA MET A 1945 28.98 12.06 52.78
C MET A 1945 27.94 13.15 52.93
N ALA A 1946 27.05 13.31 51.94
CA ALA A 1946 26.04 14.36 52.03
C ALA A 1946 25.15 14.17 53.26
N ALA A 1947 24.60 12.97 53.41
CA ALA A 1947 23.71 12.69 54.54
C ALA A 1947 24.45 12.83 55.86
N TYR A 1948 25.67 12.29 55.95
CA TYR A 1948 26.40 12.35 57.21
C TYR A 1948 26.77 13.77 57.58
N SER A 1949 27.15 14.59 56.60
CA SER A 1949 27.45 15.99 56.88
C SER A 1949 26.21 16.74 57.34
N LEU A 1950 25.07 16.50 56.69
CA LEU A 1950 23.83 17.14 57.11
C LEU A 1950 23.48 16.77 58.54
N LEU A 1951 23.61 15.47 58.87
CA LEU A 1951 23.32 15.03 60.23
C LEU A 1951 24.29 15.64 61.24
N LEU A 1952 25.57 15.70 60.89
CA LEU A 1952 26.58 16.24 61.80
C LEU A 1952 26.32 17.72 62.08
N PHE A 1953 25.98 18.49 61.04
CA PHE A 1953 25.63 19.88 61.28
C PHE A 1953 24.37 20.01 62.12
N LEU A 1954 23.36 19.19 61.83
CA LEU A 1954 22.07 19.35 62.51
C LEU A 1954 22.18 19.03 64.00
N LEU A 1955 22.91 17.97 64.35
CA LEU A 1955 22.98 17.56 65.74
C LEU A 1955 24.14 18.17 66.52
N GLN A 1956 25.01 18.94 65.86
CA GLN A 1956 26.14 19.60 66.51
C GLN A 1956 27.02 18.58 67.24
N ILE A 1957 27.61 17.68 66.45
CA ILE A 1957 28.48 16.63 66.97
C ILE A 1957 29.92 17.11 66.90
N LYS A 1958 30.63 17.00 68.02
CA LYS A 1958 32.02 17.41 68.13
C LYS A 1958 32.92 16.17 68.25
N ASP A 1959 34.22 16.41 68.28
CA ASP A 1959 35.23 15.36 68.47
C ASP A 1959 35.12 14.29 67.38
N ARG A 1960 35.36 14.71 66.14
CA ARG A 1960 35.32 13.84 64.98
C ARG A 1960 36.71 13.83 64.34
N HIS A 1961 37.55 12.90 64.79
CA HIS A 1961 38.90 12.77 64.27
C HIS A 1961 38.99 11.58 63.32
N ASN A 1962 40.21 11.31 62.83
CA ASN A 1962 40.40 10.28 61.84
C ASN A 1962 40.19 8.87 62.41
N GLY A 1963 40.21 8.72 63.74
CA GLY A 1963 40.03 7.42 64.35
C GLY A 1963 38.60 6.97 64.55
N ASN A 1964 37.62 7.78 64.13
CA ASN A 1964 36.22 7.44 64.31
C ASN A 1964 35.49 7.11 63.01
N ILE A 1965 35.88 7.73 61.89
CA ILE A 1965 35.21 7.47 60.63
C ILE A 1965 35.52 6.05 60.17
N MET A 1966 34.50 5.37 59.64
CA MET A 1966 34.61 3.98 59.21
C MET A 1966 34.32 3.91 57.72
N LEU A 1967 35.16 3.18 56.98
CA LEU A 1967 35.03 3.02 55.55
C LEU A 1967 34.74 1.56 55.23
N ASP A 1968 33.75 1.33 54.37
CA ASP A 1968 33.35 -0.02 53.99
C ASP A 1968 34.04 -0.40 52.68
N LYS A 1969 33.65 -1.55 52.13
CA LYS A 1969 34.23 -2.02 50.87
C LYS A 1969 33.68 -1.27 49.67
N LYS A 1970 32.42 -0.85 49.72
CA LYS A 1970 31.81 -0.18 48.58
C LYS A 1970 32.33 1.25 48.44
N GLY A 1971 32.48 1.96 49.56
CA GLY A 1971 32.97 3.32 49.52
C GLY A 1971 32.25 4.25 50.48
N HIS A 1972 31.21 3.73 51.14
CA HIS A 1972 30.45 4.53 52.09
C HIS A 1972 31.28 4.79 53.33
N ILE A 1973 31.02 5.93 53.97
CA ILE A 1973 31.71 6.35 55.19
C ILE A 1973 30.70 6.36 56.33
N ILE A 1974 31.07 5.75 57.46
CA ILE A 1974 30.17 5.58 58.60
C ILE A 1974 30.85 6.18 59.83
N HIS A 1975 30.09 6.97 60.58
CA HIS A 1975 30.56 7.55 61.83
C HIS A 1975 30.19 6.66 63.02
N ILE A 1976 30.96 6.80 64.09
CA ILE A 1976 30.79 6.01 65.30
C ILE A 1976 31.27 6.84 66.48
N ASP A 1977 31.06 6.31 67.70
CA ASP A 1977 31.50 6.94 68.93
C ASP A 1977 30.90 8.35 69.09
N PHE A 1978 29.57 8.35 69.21
CA PHE A 1978 28.79 9.58 69.31
C PHE A 1978 28.68 10.08 70.75
N GLY A 1979 29.71 9.87 71.56
CA GLY A 1979 29.63 10.23 72.97
C GLY A 1979 29.38 11.71 73.20
N PHE A 1980 30.03 12.57 72.42
CA PHE A 1980 29.91 14.01 72.58
C PHE A 1980 28.90 14.57 71.59
N MET A 1981 27.96 15.37 72.09
CA MET A 1981 26.93 15.97 71.25
C MET A 1981 26.36 17.19 71.96
N PHE A 1982 25.64 18.00 71.18
CA PHE A 1982 24.88 19.14 71.70
C PHE A 1982 25.76 20.22 72.30
N GLU A 1983 26.28 19.99 73.50
CA GLU A 1983 27.01 21.03 74.21
C GLU A 1983 28.38 20.52 74.66
N SER A 1984 28.49 19.22 74.90
CA SER A 1984 29.76 18.65 75.32
C SER A 1984 30.81 18.81 74.23
N SER A 1985 32.00 19.25 74.62
CA SER A 1985 33.07 19.50 73.66
C SER A 1985 34.43 19.29 74.32
N PRO A 1986 35.18 18.27 73.91
CA PRO A 1986 36.52 18.07 74.47
C PRO A 1986 37.45 19.23 74.16
N GLY A 1987 38.37 19.50 75.07
CA GLY A 1987 39.35 20.55 74.92
C GLY A 1987 39.00 21.86 75.58
N GLY A 1988 37.77 22.02 76.05
CA GLY A 1988 37.36 23.22 76.72
C GLY A 1988 36.53 24.19 75.89
N ASN A 1989 35.72 23.69 74.95
CA ASN A 1989 34.86 24.53 74.10
C ASN A 1989 35.69 25.59 73.37
N LEU A 1990 36.83 25.18 72.80
CA LEU A 1990 37.65 26.10 72.04
C LEU A 1990 36.92 26.62 70.82
N GLY A 1991 36.22 25.73 70.10
CA GLY A 1991 35.33 26.13 69.03
C GLY A 1991 35.98 26.36 67.68
N TRP A 1992 37.30 26.18 67.56
CA TRP A 1992 37.94 26.37 66.26
C TRP A 1992 37.62 25.26 65.28
N GLU A 1993 37.13 24.12 65.75
CA GLU A 1993 36.76 23.03 64.87
C GLU A 1993 35.53 23.43 64.05
N PRO A 1994 35.52 23.17 62.75
CA PRO A 1994 34.36 23.57 61.92
C PRO A 1994 33.16 22.68 62.19
N ASP A 1995 31.99 23.18 61.78
CA ASP A 1995 30.77 22.38 61.88
C ASP A 1995 30.87 21.13 61.01
N ILE A 1996 31.43 21.26 59.81
CA ILE A 1996 31.61 20.14 58.89
C ILE A 1996 33.10 19.98 58.63
N LYS A 1997 33.61 18.77 58.78
CA LYS A 1997 35.01 18.48 58.56
C LYS A 1997 35.25 18.20 57.08
N LEU A 1998 36.04 19.07 56.44
CA LEU A 1998 36.36 18.94 55.02
C LEU A 1998 37.85 19.18 54.86
N THR A 1999 38.61 18.11 54.68
CA THR A 1999 40.04 18.20 54.43
C THR A 1999 40.30 18.37 52.93
N ASP A 2000 41.57 18.43 52.55
CA ASP A 2000 41.92 18.61 51.15
C ASP A 2000 41.75 17.31 50.35
N GLU A 2001 42.02 16.16 50.96
CA GLU A 2001 41.91 14.90 50.24
C GLU A 2001 40.48 14.61 49.83
N MET A 2002 39.52 14.84 50.73
CA MET A 2002 38.12 14.59 50.40
C MET A 2002 37.63 15.57 49.33
N VAL A 2003 38.13 16.80 49.34
CA VAL A 2003 37.76 17.75 48.30
C VAL A 2003 38.33 17.31 46.95
N MET A 2004 39.60 16.92 46.91
CA MET A 2004 40.20 16.50 45.66
C MET A 2004 39.65 15.17 45.17
N ILE A 2005 39.01 14.39 46.06
CA ILE A 2005 38.25 13.23 45.60
C ILE A 2005 37.13 13.66 44.67
N MET A 2006 36.45 14.76 45.00
CA MET A 2006 35.36 15.29 44.19
C MET A 2006 35.84 16.13 43.02
N GLY A 2007 37.12 16.05 42.66
CA GLY A 2007 37.69 16.82 41.58
C GLY A 2007 38.62 17.93 42.02
N GLY A 2008 38.49 18.41 43.26
CA GLY A 2008 39.37 19.43 43.78
C GLY A 2008 39.02 20.85 43.41
N LYS A 2009 37.95 21.07 42.65
CA LYS A 2009 37.54 22.40 42.25
C LYS A 2009 36.06 22.58 42.57
N MET A 2010 35.70 23.78 43.05
CA MET A 2010 34.34 24.05 43.44
C MET A 2010 33.37 24.05 42.26
N GLU A 2011 33.88 24.19 41.04
CA GLU A 2011 33.05 24.20 39.84
C GLU A 2011 32.87 22.81 39.25
N ALA A 2012 33.42 21.77 39.88
CA ALA A 2012 33.27 20.42 39.37
C ALA A 2012 31.83 19.95 39.52
N THR A 2013 31.37 19.16 38.55
CA THR A 2013 30.01 18.64 38.59
C THR A 2013 29.70 17.80 39.82
N PRO A 2014 30.57 16.88 40.28
CA PRO A 2014 30.24 16.14 41.50
C PRO A 2014 30.02 17.03 42.72
N PHE A 2015 30.77 18.13 42.82
CA PHE A 2015 30.54 19.06 43.93
C PHE A 2015 29.16 19.69 43.84
N LYS A 2016 28.71 20.04 42.62
CA LYS A 2016 27.36 20.56 42.45
C LYS A 2016 26.33 19.51 42.83
N TRP A 2017 26.57 18.26 42.47
CA TRP A 2017 25.67 17.18 42.88
C TRP A 2017 25.58 17.09 44.39
N PHE A 2018 26.73 17.15 45.06
CA PHE A 2018 26.76 17.10 46.52
C PHE A 2018 25.98 18.27 47.13
N MET A 2019 26.20 19.48 46.59
CA MET A 2019 25.53 20.65 47.12
C MET A 2019 24.01 20.54 46.96
N GLU A 2020 23.55 20.15 45.76
CA GLU A 2020 22.11 20.06 45.54
C GLU A 2020 21.49 18.94 46.39
N MET A 2021 22.22 17.83 46.56
CA MET A 2021 21.73 16.75 47.41
C MET A 2021 21.56 17.23 48.85
N CYS A 2022 22.55 17.96 49.37
CA CYS A 2022 22.46 18.47 50.73
C CYS A 2022 21.31 19.44 50.88
N VAL A 2023 21.14 20.35 49.91
CA VAL A 2023 20.08 21.34 49.99
C VAL A 2023 18.71 20.66 49.97
N ARG A 2024 18.53 19.70 49.07
CA ARG A 2024 17.26 19.00 48.98
C ARG A 2024 16.97 18.20 50.26
N GLY A 2025 17.99 17.55 50.81
CA GLY A 2025 17.78 16.82 52.05
C GLY A 2025 17.38 17.73 53.20
N TYR A 2026 18.07 18.86 53.35
CA TYR A 2026 17.74 19.80 54.42
C TYR A 2026 16.33 20.36 54.23
N LEU A 2027 15.95 20.64 52.98
CA LEU A 2027 14.61 21.16 52.74
C LEU A 2027 13.54 20.10 53.04
N ALA A 2028 13.85 18.84 52.75
CA ALA A 2028 12.87 17.77 52.95
C ALA A 2028 12.71 17.39 54.41
N VAL A 2029 13.78 17.46 55.21
CA VAL A 2029 13.70 16.99 56.59
C VAL A 2029 13.08 18.02 57.54
N ARG A 2030 12.86 19.25 57.08
CA ARG A 2030 12.41 20.31 57.98
C ARG A 2030 11.04 20.08 58.62
N PRO A 2031 9.98 19.63 57.91
CA PRO A 2031 8.64 19.70 58.50
C PRO A 2031 8.36 18.70 59.62
N TYR A 2032 9.39 18.03 60.13
CA TYR A 2032 9.24 17.07 61.21
C TYR A 2032 9.95 17.54 62.47
N MET A 2033 9.79 18.82 62.81
CA MET A 2033 10.48 19.38 63.97
C MET A 2033 9.86 18.90 65.28
N ASP A 2034 8.54 18.83 65.35
CA ASP A 2034 7.87 18.59 66.62
C ASP A 2034 8.23 17.23 67.21
N ALA A 2035 8.31 16.19 66.36
CA ALA A 2035 8.62 14.86 66.86
C ALA A 2035 10.00 14.82 67.50
N VAL A 2036 11.00 15.39 66.82
CA VAL A 2036 12.36 15.40 67.36
C VAL A 2036 12.42 16.24 68.64
N VAL A 2037 11.70 17.37 68.65
CA VAL A 2037 11.69 18.22 69.84
C VAL A 2037 11.12 17.47 71.03
N SER A 2038 10.01 16.76 70.82
CA SER A 2038 9.40 15.99 71.90
C SER A 2038 10.32 14.87 72.37
N LEU A 2039 10.94 14.16 71.42
CA LEU A 2039 11.82 13.06 71.78
C LEU A 2039 13.02 13.53 72.61
N VAL A 2040 13.61 14.66 72.23
CA VAL A 2040 14.75 15.17 72.98
C VAL A 2040 14.32 15.84 74.28
N THR A 2041 13.08 16.34 74.35
CA THR A 2041 12.61 17.00 75.57
C THR A 2041 12.25 15.99 76.64
N LEU A 2042 11.71 14.84 76.25
CA LEU A 2042 11.18 13.89 77.23
C LEU A 2042 12.27 13.31 78.13
N MET A 2043 13.54 13.44 77.77
CA MET A 2043 14.64 12.82 78.51
C MET A 2043 15.62 13.85 79.03
N LEU A 2044 15.11 15.01 79.48
CA LEU A 2044 15.98 16.05 79.99
C LEU A 2044 16.39 15.85 81.44
N ASP A 2045 15.68 15.00 82.18
CA ASP A 2045 15.93 14.84 83.60
C ASP A 2045 16.84 13.66 83.94
N THR A 2046 17.37 12.97 82.93
CA THR A 2046 18.30 11.87 83.20
C THR A 2046 19.63 12.35 83.76
N GLY A 2047 19.90 13.64 83.73
CA GLY A 2047 21.14 14.19 84.28
C GLY A 2047 22.39 13.81 83.51
N LEU A 2048 22.30 13.69 82.19
CA LEU A 2048 23.49 13.44 81.40
C LEU A 2048 24.33 14.70 81.29
N PRO A 2049 25.66 14.56 81.19
CA PRO A 2049 26.52 15.76 81.15
C PRO A 2049 26.29 16.63 79.93
N CYS A 2050 25.79 16.08 78.83
CA CYS A 2050 25.63 16.86 77.60
C CYS A 2050 24.60 17.98 77.79
N PHE A 2051 23.50 17.68 78.46
CA PHE A 2051 22.44 18.68 78.62
C PHE A 2051 22.89 19.78 79.58
N ARG A 2052 22.54 21.03 79.23
CA ARG A 2052 22.91 22.18 80.05
C ARG A 2052 21.80 23.20 80.22
N GLY A 2053 20.60 22.96 79.66
CA GLY A 2053 19.49 23.87 79.90
C GLY A 2053 19.01 24.63 78.68
N GLN A 2054 19.93 25.06 77.83
CA GLN A 2054 19.60 25.89 76.67
C GLN A 2054 19.55 25.10 75.37
N THR A 2055 19.54 23.76 75.46
CA THR A 2055 19.57 22.94 74.25
C THR A 2055 18.32 23.13 73.40
N ILE A 2056 17.15 23.21 74.04
CA ILE A 2056 15.88 23.26 73.31
C ILE A 2056 15.81 24.49 72.43
N LYS A 2057 16.18 25.66 72.98
CA LYS A 2057 16.07 26.90 72.23
C LYS A 2057 16.98 26.88 71.00
N LEU A 2058 18.23 26.47 71.17
CA LEU A 2058 19.15 26.43 70.05
C LEU A 2058 18.72 25.40 69.01
N LEU A 2059 18.25 24.24 69.47
CA LEU A 2059 17.81 23.20 68.53
C LEU A 2059 16.61 23.69 67.71
N LYS A 2060 15.66 24.37 68.36
CA LYS A 2060 14.50 24.88 67.63
C LYS A 2060 14.92 26.01 66.69
N HIS A 2061 15.89 26.83 67.10
CA HIS A 2061 16.33 27.94 66.26
C HIS A 2061 17.04 27.43 65.01
N ARG A 2062 17.81 26.34 65.14
CA ARG A 2062 18.56 25.82 64.00
C ARG A 2062 17.66 25.27 62.89
N PHE A 2063 16.37 25.06 63.16
CA PHE A 2063 15.46 24.59 62.13
C PHE A 2063 14.84 25.71 61.31
N SER A 2064 14.90 26.95 61.79
CA SER A 2064 14.34 28.12 61.11
C SER A 2064 12.88 27.89 60.74
N PRO A 2065 11.96 27.89 61.71
CA PRO A 2065 10.55 27.62 61.41
C PRO A 2065 9.76 28.81 60.89
N ASN A 2066 10.37 29.98 60.74
CA ASN A 2066 9.67 31.15 60.22
C ASN A 2066 10.33 31.62 58.94
N MET A 2067 10.65 30.70 58.04
CA MET A 2067 11.42 31.00 56.86
C MET A 2067 10.75 30.40 55.63
N THR A 2068 10.95 31.05 54.49
CA THR A 2068 10.48 30.51 53.22
C THR A 2068 11.52 29.56 52.63
N GLU A 2069 11.11 28.82 51.60
CA GLU A 2069 11.96 27.78 51.05
C GLU A 2069 13.22 28.36 50.40
N ARG A 2070 13.08 29.43 49.63
CA ARG A 2070 14.24 30.01 48.96
C ARG A 2070 15.23 30.59 49.98
N GLU A 2071 14.71 31.26 51.02
CA GLU A 2071 15.59 31.77 52.07
C GLU A 2071 16.29 30.63 52.80
N ALA A 2072 15.58 29.52 53.04
CA ALA A 2072 16.20 28.36 53.67
C ALA A 2072 17.32 27.80 52.80
N ALA A 2073 17.10 27.72 51.48
CA ALA A 2073 18.14 27.24 50.58
C ALA A 2073 19.35 28.17 50.62
N ASN A 2074 19.11 29.49 50.60
CA ASN A 2074 20.22 30.44 50.69
C ASN A 2074 20.98 30.26 51.99
N PHE A 2075 20.27 30.07 53.10
CA PHE A 2075 20.91 29.92 54.40
C PHE A 2075 21.77 28.67 54.45
N ILE A 2076 21.24 27.54 53.96
CA ILE A 2076 22.00 26.31 54.03
C ILE A 2076 23.20 26.37 53.10
N MET A 2077 23.05 26.97 51.91
CA MET A 2077 24.19 27.13 51.02
C MET A 2077 25.26 27.99 51.66
N LYS A 2078 24.87 29.09 52.30
CA LYS A 2078 25.83 29.97 52.94
C LYS A 2078 26.57 29.26 54.07
N VAL A 2079 25.83 28.53 54.91
CA VAL A 2079 26.48 27.87 56.05
C VAL A 2079 27.37 26.73 55.58
N ILE A 2080 27.02 26.06 54.48
CA ILE A 2080 27.88 25.01 53.95
C ILE A 2080 29.15 25.61 53.36
N GLN A 2081 29.02 26.69 52.59
CA GLN A 2081 30.20 27.29 51.96
C GLN A 2081 31.11 27.95 52.97
N SER A 2082 30.56 28.45 54.09
CA SER A 2082 31.40 29.08 55.10
C SER A 2082 32.35 28.10 55.77
N CYS A 2083 32.03 26.81 55.77
CA CYS A 2083 32.85 25.80 56.42
C CYS A 2083 33.94 25.24 55.53
N PHE A 2084 34.05 25.71 54.29
CA PHE A 2084 35.09 25.24 53.39
C PHE A 2084 36.31 26.15 53.51
N LEU A 2085 37.44 25.58 53.93
CA LEU A 2085 38.70 26.29 54.05
C LEU A 2085 38.58 27.52 54.95
N SER B 29 40.40 -42.34 -22.75
CA SER B 29 40.19 -42.09 -24.17
C SER B 29 39.23 -43.12 -24.76
N ARG B 30 38.06 -43.24 -24.14
CA ARG B 30 37.06 -44.19 -24.63
C ARG B 30 36.56 -43.79 -26.01
N GLY B 31 36.32 -42.49 -26.21
CA GLY B 31 35.76 -41.96 -27.44
C GLY B 31 34.63 -41.01 -27.12
N PHE B 32 33.78 -40.77 -28.12
CA PHE B 32 32.63 -39.89 -27.95
C PHE B 32 31.33 -40.67 -27.77
N TYR B 33 31.04 -41.59 -28.69
CA TYR B 33 29.77 -42.34 -28.62
C TYR B 33 29.68 -43.13 -27.32
N PHE B 34 30.75 -43.82 -26.96
CA PHE B 34 30.76 -44.56 -25.70
C PHE B 34 30.61 -43.61 -24.52
N ASN B 35 31.36 -42.52 -24.52
CA ASN B 35 31.29 -41.57 -23.42
C ASN B 35 29.91 -40.95 -23.31
N THR B 36 29.32 -40.56 -24.44
CA THR B 36 28.01 -39.90 -24.38
C THR B 36 26.91 -40.88 -23.99
N VAL B 37 27.01 -42.14 -24.44
CA VAL B 37 25.99 -43.12 -24.03
C VAL B 37 26.11 -43.45 -22.55
N LEU B 38 27.35 -43.52 -22.03
CA LEU B 38 27.53 -43.74 -20.60
C LEU B 38 26.99 -42.57 -19.80
N SER B 39 27.25 -41.33 -20.26
CA SER B 39 26.72 -40.16 -19.56
C SER B 39 25.20 -40.15 -19.60
N LEU B 40 24.60 -40.51 -20.73
CA LEU B 40 23.14 -40.55 -20.82
C LEU B 40 22.56 -41.61 -19.88
N ALA B 41 23.19 -42.79 -19.83
CA ALA B 41 22.72 -43.83 -18.93
C ALA B 41 22.83 -43.39 -17.48
N ARG B 42 23.94 -42.74 -17.12
CA ARG B 42 24.10 -42.24 -15.76
C ARG B 42 23.04 -41.19 -15.43
N SER B 43 22.77 -40.27 -16.37
CA SER B 43 21.78 -39.23 -16.13
C SER B 43 20.38 -39.82 -15.98
N LEU B 44 20.05 -40.82 -16.80
CA LEU B 44 18.72 -41.42 -16.75
C LEU B 44 18.53 -42.31 -15.54
N ALA B 45 19.59 -42.98 -15.08
CA ALA B 45 19.45 -43.93 -13.98
C ALA B 45 19.05 -43.22 -12.69
N VAL B 46 19.58 -42.03 -12.44
CA VAL B 46 19.26 -41.31 -11.21
C VAL B 46 17.81 -40.85 -11.18
N GLN B 47 17.14 -40.82 -12.33
CA GLN B 47 15.75 -40.40 -12.42
C GLN B 47 14.85 -41.58 -12.09
N ARG B 48 14.26 -41.57 -10.91
CA ARG B 48 13.39 -42.65 -10.45
C ARG B 48 12.02 -42.10 -10.11
N PRO B 49 10.93 -42.65 -10.69
CA PRO B 49 10.98 -43.74 -11.66
C PRO B 49 11.34 -43.26 -13.06
N ALA B 50 11.87 -44.16 -13.89
CA ALA B 50 12.25 -43.83 -15.25
C ALA B 50 11.08 -44.08 -16.19
N SER B 51 10.87 -43.14 -17.12
CA SER B 51 9.79 -43.28 -18.08
C SER B 51 10.03 -44.47 -18.99
N LEU B 52 8.96 -45.21 -19.27
CA LEU B 52 9.09 -46.49 -19.97
C LEU B 52 9.44 -46.29 -21.45
N GLU B 53 9.03 -45.18 -22.05
CA GLU B 53 9.33 -44.95 -23.46
C GLU B 53 10.83 -44.84 -23.69
N LYS B 54 11.54 -44.18 -22.76
CA LYS B 54 13.00 -44.09 -22.88
C LYS B 54 13.64 -45.47 -22.78
N VAL B 55 13.10 -46.33 -21.91
CA VAL B 55 13.62 -47.69 -21.79
C VAL B 55 13.38 -48.46 -23.08
N GLN B 56 12.22 -48.26 -23.70
CA GLN B 56 11.95 -48.89 -24.98
C GLN B 56 12.92 -48.40 -26.05
N LYS B 57 13.23 -47.10 -26.05
CA LYS B 57 14.22 -46.57 -26.97
C LYS B 57 15.59 -47.20 -26.74
N LEU B 58 15.98 -47.36 -25.48
CA LEU B 58 17.27 -47.97 -25.17
C LEU B 58 17.32 -49.41 -25.63
N LEU B 59 16.22 -50.16 -25.43
CA LEU B 59 16.17 -51.53 -25.92
C LEU B 59 16.25 -51.57 -27.44
N CYS B 60 15.61 -50.61 -28.11
CA CYS B 60 15.74 -50.50 -29.57
C CYS B 60 17.18 -50.27 -29.97
N MET B 61 17.92 -49.48 -29.18
CA MET B 61 19.34 -49.30 -29.44
C MET B 61 20.10 -50.61 -29.32
N CYS B 62 19.73 -51.44 -28.34
CA CYS B 62 20.35 -52.74 -28.18
C CYS B 62 19.97 -53.67 -29.34
N PRO B 63 20.83 -54.63 -29.67
CA PRO B 63 20.51 -55.56 -30.77
C PRO B 63 19.32 -56.44 -30.42
N VAL B 64 18.80 -57.11 -31.45
CA VAL B 64 17.65 -58.00 -31.32
C VAL B 64 17.99 -59.35 -31.96
N ASP B 65 17.22 -60.36 -31.58
CA ASP B 65 17.43 -61.71 -32.07
C ASP B 65 16.73 -61.92 -33.41
N PHE B 66 17.38 -62.69 -34.28
CA PHE B 66 16.80 -63.06 -35.57
C PHE B 66 17.20 -64.50 -35.86
N HIS B 67 16.23 -65.41 -35.72
CA HIS B 67 16.43 -66.85 -35.99
C HIS B 67 17.53 -67.45 -35.11
N GLY B 68 17.68 -66.93 -33.89
CA GLY B 68 18.63 -67.50 -32.96
C GLY B 68 20.09 -67.29 -33.31
N ILE B 69 20.39 -66.34 -34.19
CA ILE B 69 21.76 -66.05 -34.59
C ILE B 69 22.01 -64.57 -34.32
N PHE B 70 23.17 -64.27 -33.74
CA PHE B 70 23.51 -62.91 -33.33
C PHE B 70 24.80 -62.44 -33.97
N GLN B 71 24.84 -61.15 -34.30
CA GLN B 71 26.05 -60.45 -34.72
C GLN B 71 26.24 -59.25 -33.81
N LEU B 72 27.49 -58.97 -33.46
CA LEU B 72 27.80 -57.89 -32.54
C LEU B 72 28.92 -57.02 -33.08
N ASP B 73 28.91 -55.75 -32.67
CA ASP B 73 29.91 -54.78 -33.06
C ASP B 73 30.27 -53.95 -31.83
N GLU B 74 31.14 -52.95 -32.03
CA GLU B 74 31.57 -52.10 -30.92
C GLU B 74 30.40 -51.32 -30.33
N ARG B 75 29.57 -50.73 -31.19
CA ARG B 75 28.48 -49.88 -30.71
C ARG B 75 27.46 -50.69 -29.90
N ARG B 76 27.13 -51.90 -30.36
CA ARG B 76 26.16 -52.72 -29.65
C ARG B 76 26.70 -53.16 -28.28
N ARG B 77 27.98 -53.52 -28.23
CA ARG B 77 28.59 -53.87 -26.94
C ARG B 77 28.59 -52.68 -25.99
N ASP B 78 28.92 -51.50 -26.50
CA ASP B 78 28.88 -50.30 -25.66
C ASP B 78 27.46 -50.05 -25.16
N ALA B 79 26.46 -50.23 -26.03
CA ALA B 79 25.07 -50.01 -25.63
C ALA B 79 24.64 -51.00 -24.55
N VAL B 80 25.01 -52.27 -24.69
CA VAL B 80 24.59 -53.26 -23.69
C VAL B 80 25.31 -53.02 -22.38
N ILE B 81 26.57 -52.57 -22.43
CA ILE B 81 27.29 -52.25 -21.19
C ILE B 81 26.64 -51.05 -20.50
N ALA B 82 26.26 -50.03 -21.26
CA ALA B 82 25.59 -48.88 -20.69
C ALA B 82 24.25 -49.28 -20.08
N LEU B 83 23.50 -50.15 -20.77
CA LEU B 83 22.25 -50.63 -20.22
C LEU B 83 22.48 -51.39 -18.92
N GLY B 84 23.54 -52.20 -18.86
CA GLY B 84 23.83 -52.93 -17.64
C GLY B 84 24.17 -52.02 -16.47
N ILE B 85 25.03 -51.03 -16.69
CA ILE B 85 25.40 -50.15 -15.58
C ILE B 85 24.19 -49.31 -15.15
N PHE B 86 23.38 -48.86 -16.10
CA PHE B 86 22.15 -48.14 -15.74
C PHE B 86 21.21 -49.03 -14.94
N LEU B 87 21.08 -50.30 -15.33
CA LEU B 87 20.25 -51.24 -14.59
C LEU B 87 20.78 -51.42 -13.17
N ILE B 88 22.10 -51.49 -13.01
CA ILE B 88 22.69 -51.61 -11.69
C ILE B 88 22.33 -50.40 -10.85
N GLU B 89 22.43 -49.19 -11.43
CA GLU B 89 22.11 -48.00 -10.66
C GLU B 89 20.61 -47.82 -10.49
N SER B 90 19.80 -48.29 -11.45
CA SER B 90 18.36 -48.01 -11.48
C SER B 90 17.58 -48.71 -10.36
N ASP B 91 18.21 -49.36 -9.38
CA ASP B 91 17.51 -50.05 -8.30
C ASP B 91 16.63 -51.18 -8.83
N LEU B 92 17.08 -51.81 -9.92
CA LEU B 92 16.42 -52.98 -10.49
C LEU B 92 14.97 -52.71 -10.86
N GLN B 93 14.71 -51.54 -11.44
CA GLN B 93 13.39 -51.21 -11.93
C GLN B 93 13.19 -51.76 -13.35
N HIS B 94 11.97 -52.19 -13.64
CA HIS B 94 11.62 -52.79 -14.93
C HIS B 94 12.54 -53.97 -15.26
N LYS B 95 12.82 -54.77 -14.23
CA LYS B 95 13.67 -55.94 -14.39
C LYS B 95 13.04 -56.96 -15.34
N ASP B 96 11.73 -57.17 -15.21
CA ASP B 96 11.06 -58.26 -15.90
C ASP B 96 11.08 -58.13 -17.41
N CYS B 97 11.26 -56.92 -17.93
CA CYS B 97 11.29 -56.72 -19.38
C CYS B 97 12.70 -56.89 -19.95
N VAL B 98 13.71 -56.45 -19.21
CA VAL B 98 15.06 -56.39 -19.76
C VAL B 98 15.82 -57.70 -19.50
N VAL B 99 15.66 -58.27 -18.31
CA VAL B 99 16.47 -59.41 -17.90
C VAL B 99 16.23 -60.66 -18.74
N PRO B 100 14.99 -61.06 -19.08
CA PRO B 100 14.85 -62.22 -19.97
C PRO B 100 15.60 -62.07 -21.27
N TYR B 101 15.73 -60.84 -21.79
CA TYR B 101 16.58 -60.64 -22.95
C TYR B 101 18.03 -60.96 -22.63
N LEU B 102 18.48 -60.69 -21.40
CA LEU B 102 19.83 -61.10 -21.02
C LEU B 102 19.96 -62.61 -20.93
N LEU B 103 18.91 -63.30 -20.44
CA LEU B 103 18.90 -64.75 -20.49
C LEU B 103 19.08 -65.24 -21.93
N ARG B 104 18.34 -64.64 -22.86
CA ARG B 104 18.47 -65.01 -24.27
C ARG B 104 19.86 -64.70 -24.80
N LEU B 105 20.45 -63.58 -24.36
CA LEU B 105 21.82 -63.25 -24.75
C LEU B 105 22.78 -64.36 -24.33
N LEU B 106 22.73 -64.75 -23.06
CA LEU B 106 23.71 -65.71 -22.54
C LEU B 106 23.50 -67.10 -23.14
N LYS B 107 22.25 -67.51 -23.31
CA LYS B 107 22.00 -68.85 -23.84
C LYS B 107 22.37 -68.95 -25.32
N GLY B 108 22.19 -67.86 -26.08
CA GLY B 108 22.54 -67.85 -27.48
C GLY B 108 23.98 -67.51 -27.77
N LEU B 109 24.80 -67.39 -26.73
CA LEU B 109 26.20 -67.00 -26.91
C LEU B 109 27.00 -67.92 -27.84
N PRO B 110 26.91 -69.25 -27.75
CA PRO B 110 27.82 -70.09 -28.56
C PRO B 110 27.71 -69.87 -30.07
N LYS B 111 26.56 -69.45 -30.57
CA LYS B 111 26.34 -69.31 -32.00
C LYS B 111 26.39 -67.86 -32.47
N VAL B 112 27.01 -66.97 -31.69
CA VAL B 112 27.14 -65.58 -32.09
C VAL B 112 28.38 -65.42 -32.96
N TYR B 113 28.22 -64.75 -34.09
CA TYR B 113 29.34 -64.50 -34.99
C TYR B 113 29.84 -63.06 -34.81
N TRP B 114 31.09 -62.84 -35.23
CA TRP B 114 31.79 -61.59 -34.97
C TRP B 114 32.44 -61.07 -36.23
N VAL B 115 32.64 -59.76 -36.28
CA VAL B 115 33.23 -59.10 -37.43
C VAL B 115 34.75 -59.25 -37.40
N LEU B 127 45.11 -59.75 -26.05
CA LEU B 127 43.83 -60.32 -25.60
C LEU B 127 42.71 -60.01 -26.57
N PRO B 128 41.91 -61.02 -26.91
CA PRO B 128 40.74 -60.79 -27.77
C PRO B 128 39.66 -59.97 -27.06
N VAL B 129 38.58 -59.66 -27.77
CA VAL B 129 37.49 -58.89 -27.19
C VAL B 129 36.37 -59.79 -26.66
N ALA B 130 36.34 -61.06 -27.05
CA ALA B 130 35.26 -61.94 -26.63
C ALA B 130 35.31 -62.22 -25.12
N GLU B 131 36.49 -62.56 -24.62
CA GLU B 131 36.59 -62.93 -23.20
C GLU B 131 36.32 -61.75 -22.29
N SER B 132 36.72 -60.54 -22.70
CA SER B 132 36.43 -59.35 -21.89
C SER B 132 34.93 -59.11 -21.80
N PHE B 133 34.23 -59.22 -22.92
CA PHE B 133 32.78 -59.02 -22.91
C PHE B 133 32.08 -60.10 -22.09
N SER B 134 32.53 -61.35 -22.21
CA SER B 134 31.95 -62.41 -21.40
C SER B 134 32.20 -62.16 -19.91
N PHE B 135 33.42 -61.71 -19.58
CA PHE B 135 33.75 -61.38 -18.19
C PHE B 135 32.81 -60.30 -17.66
N CYS B 136 32.61 -59.23 -18.45
CA CYS B 136 31.74 -58.15 -18.02
C CYS B 136 30.31 -58.63 -17.83
N LEU B 137 29.80 -59.44 -18.77
CA LEU B 137 28.44 -59.93 -18.67
C LEU B 137 28.25 -60.83 -17.46
N VAL B 138 29.21 -61.72 -17.20
CA VAL B 138 29.08 -62.62 -16.06
C VAL B 138 29.21 -61.84 -14.76
N THR B 139 30.06 -60.81 -14.72
CA THR B 139 30.14 -59.96 -13.54
C THR B 139 28.82 -59.25 -13.29
N LEU B 140 28.19 -58.73 -14.36
CA LEU B 140 26.88 -58.11 -14.22
C LEU B 140 25.84 -59.09 -13.71
N LEU B 141 25.88 -60.32 -14.22
CA LEU B 141 24.95 -61.35 -13.77
C LEU B 141 25.16 -61.67 -12.29
N SER B 142 26.41 -61.78 -11.85
CA SER B 142 26.67 -62.04 -10.44
C SER B 142 26.19 -60.89 -9.57
N ASP B 143 26.40 -59.65 -10.02
CA ASP B 143 25.93 -58.50 -9.26
C ASP B 143 24.41 -58.52 -9.11
N VAL B 144 23.70 -58.70 -10.23
CA VAL B 144 22.23 -58.66 -10.17
C VAL B 144 21.69 -59.86 -9.40
N ALA B 145 22.38 -61.00 -9.46
CA ALA B 145 21.96 -62.15 -8.66
C ALA B 145 22.13 -61.88 -7.17
N TYR B 146 23.23 -61.23 -6.78
CA TYR B 146 23.41 -60.86 -5.38
C TYR B 146 22.36 -59.85 -4.94
N ARG B 147 21.96 -58.94 -5.85
CA ARG B 147 20.99 -57.91 -5.48
C ARG B 147 19.65 -58.52 -5.08
N ASP B 148 19.16 -59.48 -5.87
CA ASP B 148 17.86 -60.09 -5.62
C ASP B 148 18.02 -61.60 -5.52
N PRO B 149 17.76 -62.19 -4.35
CA PRO B 149 17.89 -63.65 -4.23
C PRO B 149 16.84 -64.42 -5.02
N SER B 150 15.67 -63.83 -5.27
CA SER B 150 14.57 -64.55 -5.90
C SER B 150 14.93 -65.06 -7.29
N LEU B 151 15.92 -64.45 -7.95
CA LEU B 151 16.33 -64.86 -9.28
C LEU B 151 17.52 -65.81 -9.27
N ARG B 152 18.05 -66.17 -8.11
CA ARG B 152 19.27 -66.98 -8.06
C ARG B 152 19.08 -68.30 -8.80
N ASP B 153 18.17 -69.15 -8.31
CA ASP B 153 18.02 -70.51 -8.80
C ASP B 153 17.95 -70.56 -10.32
N GLU B 154 16.96 -69.89 -10.90
CA GLU B 154 16.79 -69.89 -12.34
C GLU B 154 18.08 -69.44 -13.04
N ILE B 155 18.68 -68.36 -12.55
CA ILE B 155 19.97 -67.93 -13.09
C ILE B 155 20.95 -69.09 -13.04
N LEU B 156 21.17 -69.64 -11.85
CA LEU B 156 22.04 -70.81 -11.73
C LEU B 156 21.60 -71.89 -12.69
N GLU B 157 20.29 -72.13 -12.78
CA GLU B 157 19.78 -73.14 -13.69
C GLU B 157 20.27 -72.88 -15.11
N VAL B 158 20.05 -71.67 -15.62
CA VAL B 158 20.47 -71.39 -16.98
C VAL B 158 22.00 -71.49 -17.05
N LEU B 159 22.68 -71.07 -15.99
CA LEU B 159 24.12 -71.32 -15.90
C LEU B 159 24.41 -72.78 -16.20
N LEU B 160 23.85 -73.67 -15.38
CA LEU B 160 23.97 -75.10 -15.64
C LEU B 160 23.76 -75.38 -17.12
N GLN B 161 22.63 -74.91 -17.66
CA GLN B 161 22.32 -75.14 -19.07
C GLN B 161 23.51 -74.77 -19.93
N VAL B 162 23.88 -73.49 -19.93
CA VAL B 162 24.98 -73.08 -20.81
C VAL B 162 26.25 -73.81 -20.43
N LEU B 163 26.48 -73.97 -19.12
CA LEU B 163 27.68 -74.69 -18.67
C LEU B 163 27.71 -76.10 -19.25
N HIS B 164 26.56 -76.79 -19.17
CA HIS B 164 26.53 -78.15 -19.72
C HIS B 164 26.79 -78.13 -21.21
N VAL B 165 26.25 -77.11 -21.91
CA VAL B 165 26.49 -76.99 -23.33
C VAL B 165 27.98 -76.90 -23.61
N LEU B 166 28.70 -76.15 -22.76
CA LEU B 166 30.14 -76.02 -22.94
C LEU B 166 30.81 -77.38 -22.98
N LEU B 167 30.36 -78.30 -22.13
CA LEU B 167 30.95 -79.65 -22.12
C LEU B 167 30.84 -80.29 -23.48
N GLY B 168 29.65 -80.22 -24.10
CA GLY B 168 29.47 -80.81 -25.40
C GLY B 168 30.39 -80.22 -26.45
N MET B 169 30.84 -78.97 -26.24
CA MET B 169 31.77 -78.37 -27.17
C MET B 169 33.18 -78.89 -26.99
N CYS B 170 33.58 -79.22 -25.76
CA CYS B 170 34.96 -79.58 -25.50
C CYS B 170 35.28 -80.99 -25.98
N GLN B 171 34.37 -81.94 -25.79
CA GLN B 171 34.62 -83.34 -26.10
C GLN B 171 34.16 -83.73 -27.50
N ALA B 172 33.59 -82.80 -28.27
CA ALA B 172 33.14 -83.11 -29.62
C ALA B 172 34.32 -83.28 -30.57
N ASP B 177 33.81 -75.06 -37.45
CA ASP B 177 33.55 -75.96 -36.34
C ASP B 177 34.80 -76.12 -35.48
N LYS B 178 35.96 -76.20 -36.13
CA LYS B 178 37.24 -76.36 -35.44
C LYS B 178 38.01 -75.06 -35.34
N GLU B 179 38.19 -74.35 -36.45
CA GLU B 179 38.83 -73.04 -36.42
C GLU B 179 38.02 -72.05 -35.59
N TYR B 180 36.69 -72.05 -35.78
CA TYR B 180 35.83 -71.17 -34.98
C TYR B 180 35.91 -71.50 -33.50
N LEU B 181 35.91 -72.80 -33.17
CA LEU B 181 35.96 -73.20 -31.77
C LEU B 181 37.23 -72.71 -31.11
N CYS B 182 38.39 -73.02 -31.69
CA CYS B 182 39.66 -72.61 -31.09
C CYS B 182 39.82 -71.10 -31.09
N LYS B 183 39.22 -70.42 -32.08
CA LYS B 183 39.37 -68.97 -32.15
C LYS B 183 38.52 -68.24 -31.12
N TYR B 184 37.33 -68.75 -30.82
CA TYR B 184 36.39 -68.00 -30.00
C TYR B 184 36.01 -68.69 -28.70
N ALA B 185 35.64 -69.97 -28.73
CA ALA B 185 34.95 -70.58 -27.60
C ALA B 185 35.86 -70.69 -26.39
N ILE B 186 37.09 -71.17 -26.58
CA ILE B 186 38.00 -71.35 -25.45
C ILE B 186 38.28 -70.04 -24.74
N PRO B 187 38.59 -68.92 -25.43
CA PRO B 187 38.66 -67.64 -24.72
C PRO B 187 37.38 -67.29 -23.97
N CYS B 188 36.22 -67.62 -24.55
CA CYS B 188 34.97 -67.37 -23.86
C CYS B 188 34.85 -68.22 -22.60
N LEU B 189 35.28 -69.49 -22.67
CA LEU B 189 35.28 -70.35 -21.49
C LEU B 189 36.18 -69.77 -20.41
N ILE B 190 37.39 -69.33 -20.79
CA ILE B 190 38.30 -68.72 -19.83
C ILE B 190 37.66 -67.49 -19.20
N GLY B 191 37.05 -66.64 -20.01
CA GLY B 191 36.45 -65.42 -19.49
C GLY B 191 35.30 -65.68 -18.53
N ILE B 192 34.43 -66.63 -18.87
CA ILE B 192 33.29 -66.90 -17.99
C ILE B 192 33.75 -67.60 -16.72
N SER B 193 34.81 -68.42 -16.80
CA SER B 193 35.31 -69.07 -15.59
C SER B 193 36.08 -68.08 -14.71
N ARG B 194 36.63 -67.02 -15.30
CA ARG B 194 37.45 -66.08 -14.55
C ARG B 194 36.64 -65.25 -13.56
N ALA B 195 35.32 -65.17 -13.73
CA ALA B 195 34.46 -64.34 -12.89
C ALA B 195 33.21 -65.11 -12.48
N PHE B 196 33.41 -66.31 -11.94
CA PHE B 196 32.33 -67.24 -11.64
C PHE B 196 31.23 -66.65 -10.78
N GLY B 197 31.54 -66.30 -9.53
CA GLY B 197 30.54 -65.80 -8.62
C GLY B 197 31.03 -64.72 -7.68
N ARG B 198 32.25 -64.23 -7.91
CA ARG B 198 32.84 -63.18 -7.07
C ARG B 198 32.00 -61.92 -7.12
N TYR B 199 31.70 -61.36 -5.95
CA TYR B 199 30.85 -60.17 -5.84
C TYR B 199 31.46 -59.24 -4.80
N SER B 200 30.70 -58.20 -4.43
CA SER B 200 31.14 -57.24 -3.43
C SER B 200 29.96 -56.77 -2.61
N ASN B 201 30.00 -57.06 -1.31
CA ASN B 201 28.96 -56.61 -0.37
C ASN B 201 29.25 -55.18 0.07
N MET B 202 29.10 -54.26 -0.89
CA MET B 202 29.42 -52.86 -0.68
C MET B 202 28.37 -52.00 -1.36
N GLU B 203 28.41 -50.70 -1.06
CA GLU B 203 27.38 -49.78 -1.57
C GLU B 203 27.40 -49.71 -3.10
N GLU B 204 28.58 -49.64 -3.69
CA GLU B 204 28.70 -49.52 -5.14
C GLU B 204 29.10 -50.85 -5.76
N SER B 205 28.63 -51.09 -6.98
CA SER B 205 28.86 -52.36 -7.64
C SER B 205 30.31 -52.47 -8.12
N LEU B 206 30.73 -53.71 -8.33
CA LEU B 206 32.07 -53.97 -8.87
C LEU B 206 32.20 -53.41 -10.28
N LEU B 207 31.17 -53.59 -11.11
CA LEU B 207 31.21 -53.03 -12.46
C LEU B 207 31.22 -51.50 -12.44
N SER B 208 30.59 -50.90 -11.43
CA SER B 208 30.67 -49.45 -11.29
C SER B 208 32.11 -49.01 -11.01
N LYS B 209 32.83 -49.77 -10.18
CA LYS B 209 34.25 -49.50 -9.98
C LYS B 209 35.04 -49.72 -11.26
N LEU B 210 34.62 -50.69 -12.08
CA LEU B 210 35.32 -50.96 -13.33
C LEU B 210 35.27 -49.75 -14.27
N PHE B 211 34.13 -49.07 -14.33
CA PHE B 211 33.94 -47.92 -15.21
C PHE B 211 33.65 -46.68 -14.38
N PRO B 212 34.65 -45.85 -14.08
CA PRO B 212 34.42 -44.68 -13.24
C PRO B 212 33.68 -43.56 -13.96
N LYS B 213 33.55 -42.41 -13.30
CA LYS B 213 32.83 -41.26 -13.83
C LYS B 213 33.78 -40.08 -14.08
N ILE B 214 34.95 -40.34 -14.64
CA ILE B 214 35.91 -39.29 -14.93
C ILE B 214 35.37 -38.36 -16.01
N GLU B 298 43.61 -49.00 -12.63
CA GLU B 298 43.15 -50.29 -12.12
C GLU B 298 42.29 -51.09 -13.13
N PRO B 299 41.25 -50.49 -13.70
CA PRO B 299 40.44 -51.26 -14.66
C PRO B 299 41.23 -51.77 -15.86
N GLU B 300 42.19 -50.98 -16.35
CA GLU B 300 43.00 -51.41 -17.48
C GLU B 300 43.90 -52.59 -17.12
N TYR B 301 44.18 -52.80 -15.84
CA TYR B 301 45.01 -53.93 -15.44
C TYR B 301 44.32 -55.26 -15.68
N TYR B 302 42.99 -55.30 -15.59
CA TYR B 302 42.26 -56.55 -15.80
C TYR B 302 42.28 -56.96 -17.27
N PHE B 303 42.25 -55.99 -18.18
CA PHE B 303 42.19 -56.27 -19.60
C PHE B 303 43.56 -56.51 -20.22
N SER B 304 44.61 -56.61 -19.41
CA SER B 304 45.95 -56.89 -19.89
C SER B 304 46.58 -58.13 -19.28
N THR B 305 45.93 -58.75 -18.29
CA THR B 305 46.47 -59.91 -17.60
C THR B 305 45.99 -61.19 -18.28
N ILE B 306 46.19 -62.32 -17.63
CA ILE B 306 45.82 -63.63 -18.17
C ILE B 306 44.59 -64.20 -17.45
N SER B 307 44.66 -64.34 -16.14
CA SER B 307 43.56 -64.92 -15.37
C SER B 307 43.32 -64.12 -14.09
N SER B 308 43.43 -62.80 -14.17
CA SER B 308 43.23 -61.96 -13.00
C SER B 308 41.74 -61.80 -12.69
N SER B 309 41.44 -61.62 -11.42
CA SER B 309 40.07 -61.44 -10.95
C SER B 309 40.08 -60.50 -9.76
N PHE B 310 38.97 -60.45 -9.03
CA PHE B 310 38.85 -59.63 -7.84
C PHE B 310 39.02 -60.50 -6.60
N SER B 311 39.96 -60.11 -5.74
CA SER B 311 40.27 -60.84 -4.50
C SER B 311 40.57 -62.31 -4.78
N TYR B 321 28.87 -62.29 3.64
CA TYR B 321 28.04 -62.51 4.81
C TYR B 321 26.74 -63.23 4.44
N LYS B 322 26.27 -63.01 3.21
CA LYS B 322 25.01 -63.61 2.79
C LYS B 322 25.12 -65.12 2.68
N GLU B 323 26.15 -65.61 2.01
CA GLU B 323 26.39 -67.05 1.84
C GLU B 323 25.16 -67.72 1.21
N PHE B 324 24.94 -67.37 -0.06
CA PHE B 324 23.75 -67.75 -0.81
C PHE B 324 23.35 -69.20 -0.56
N ASN B 325 22.04 -69.44 -0.52
CA ASN B 325 21.52 -70.77 -0.20
C ASN B 325 21.73 -71.71 -1.37
N ILE B 326 22.98 -72.09 -1.62
CA ILE B 326 23.34 -72.97 -2.73
C ILE B 326 23.04 -74.41 -2.36
N PRO B 327 22.18 -75.10 -3.09
CA PRO B 327 21.93 -76.52 -2.80
C PRO B 327 23.15 -77.38 -3.11
N LEU B 328 23.21 -78.53 -2.44
CA LEU B 328 24.43 -79.34 -2.43
C LEU B 328 24.69 -79.99 -3.78
N GLU B 329 23.65 -80.43 -4.49
CA GLU B 329 23.85 -81.15 -5.73
C GLU B 329 24.53 -80.28 -6.79
N MET B 330 24.32 -78.97 -6.74
CA MET B 330 25.05 -78.08 -7.63
C MET B 330 26.54 -78.11 -7.32
N LEU B 331 26.89 -78.17 -6.04
CA LEU B 331 28.30 -78.33 -5.68
C LEU B 331 28.83 -79.67 -6.16
N ARG B 332 28.02 -80.73 -6.04
CA ARG B 332 28.46 -82.05 -6.50
C ARG B 332 28.72 -82.06 -8.00
N GLU B 333 27.82 -81.46 -8.78
CA GLU B 333 28.02 -81.42 -10.23
C GLU B 333 29.15 -80.47 -10.60
N LEU B 334 29.40 -79.43 -9.79
CA LEU B 334 30.57 -78.59 -10.01
C LEU B 334 31.86 -79.36 -9.78
N LEU B 335 31.88 -80.20 -8.74
CA LEU B 335 33.03 -81.08 -8.52
C LEU B 335 33.21 -82.05 -9.67
N ASN B 336 32.09 -82.58 -10.19
CA ASN B 336 32.17 -83.44 -11.37
C ASN B 336 32.77 -82.69 -12.56
N LEU B 337 32.33 -81.45 -12.78
CA LEU B 337 32.85 -80.66 -13.88
C LEU B 337 34.35 -80.41 -13.73
N VAL B 338 34.78 -80.02 -12.52
CA VAL B 338 36.18 -79.70 -12.34
C VAL B 338 37.05 -80.96 -12.43
N LYS B 339 36.54 -82.11 -11.99
CA LYS B 339 37.31 -83.33 -12.14
C LYS B 339 37.30 -83.85 -13.58
N LYS B 340 36.29 -83.49 -14.37
CA LYS B 340 36.29 -83.86 -15.78
C LYS B 340 37.23 -82.98 -16.59
N ILE B 341 37.32 -81.70 -16.26
CA ILE B 341 38.11 -80.77 -17.07
C ILE B 341 39.60 -80.83 -16.75
N VAL B 342 40.01 -81.54 -15.70
CA VAL B 342 41.43 -81.62 -15.36
C VAL B 342 42.04 -82.85 -16.00
N GLU B 343 41.31 -83.46 -16.94
CA GLU B 343 41.85 -84.58 -17.70
C GLU B 343 43.02 -84.12 -18.55
N GLU B 344 44.02 -84.99 -18.70
CA GLU B 344 45.18 -84.66 -19.52
C GLU B 344 45.01 -85.07 -20.97
N ALA B 345 44.21 -86.12 -21.24
CA ALA B 345 43.98 -86.55 -22.62
C ALA B 345 43.28 -85.46 -23.43
N VAL B 346 42.32 -84.77 -22.81
CA VAL B 346 41.65 -83.68 -23.51
C VAL B 346 42.63 -82.55 -23.81
N LEU B 347 43.56 -82.30 -22.89
CA LEU B 347 44.59 -81.29 -23.14
C LEU B 347 45.48 -81.69 -24.31
N LYS B 348 45.87 -82.97 -24.37
CA LYS B 348 46.67 -83.43 -25.50
C LYS B 348 45.90 -83.31 -26.82
N SER B 349 44.61 -83.64 -26.80
CA SER B 349 43.80 -83.50 -28.00
C SER B 349 43.69 -82.03 -28.43
N LEU B 350 43.54 -81.13 -27.46
CA LEU B 350 43.51 -79.70 -27.77
C LEU B 350 44.83 -79.24 -28.37
N ASP B 351 45.95 -79.74 -27.84
CA ASP B 351 47.25 -79.39 -28.41
C ASP B 351 47.37 -79.91 -29.84
N ALA B 352 46.89 -81.13 -30.10
CA ALA B 352 46.96 -81.70 -31.43
C ALA B 352 46.12 -80.91 -32.43
N ILE B 353 44.91 -80.53 -32.04
CA ILE B 353 44.08 -79.74 -32.96
C ILE B 353 44.67 -78.35 -33.13
N VAL B 354 45.33 -77.81 -32.10
CA VAL B 354 46.01 -76.53 -32.23
C VAL B 354 47.13 -76.63 -33.26
N ALA B 355 47.91 -77.71 -33.20
CA ALA B 355 48.96 -77.93 -34.18
C ALA B 355 48.40 -78.06 -35.60
N SER B 356 47.30 -78.81 -35.74
CA SER B 356 46.68 -78.95 -37.06
C SER B 356 46.21 -77.61 -37.60
N VAL B 357 45.61 -76.78 -36.74
CA VAL B 357 45.14 -75.47 -37.19
C VAL B 357 46.32 -74.55 -37.51
N MET B 358 47.38 -74.58 -36.70
CA MET B 358 48.54 -73.74 -36.97
C MET B 358 49.18 -74.11 -38.30
N GLU B 359 49.33 -75.41 -38.57
CA GLU B 359 49.90 -75.82 -39.84
C GLU B 359 48.93 -75.63 -41.00
N ALA B 360 47.62 -75.49 -40.73
CA ALA B 360 46.68 -75.17 -41.78
C ALA B 360 46.95 -73.77 -42.36
N ASN B 361 47.27 -72.81 -41.50
CA ASN B 361 47.56 -71.45 -41.95
C ASN B 361 48.93 -71.41 -42.65
N LEU B 366 44.99 -64.94 -33.79
CA LEU B 366 45.51 -65.94 -32.86
C LEU B 366 46.33 -65.28 -31.76
N TYR B 367 45.92 -65.50 -30.51
CA TYR B 367 46.59 -64.94 -29.35
C TYR B 367 47.30 -66.01 -28.53
N TYR B 368 46.59 -67.04 -28.10
CA TYR B 368 47.19 -68.10 -27.30
C TYR B 368 48.03 -69.01 -28.16
N THR B 369 49.04 -69.63 -27.53
CA THR B 369 49.91 -70.60 -28.18
C THR B 369 49.73 -72.00 -27.63
N SER B 370 49.86 -72.17 -26.31
CA SER B 370 49.61 -73.44 -25.64
C SER B 370 48.50 -73.24 -24.61
N PHE B 371 47.52 -74.14 -24.61
CA PHE B 371 46.38 -73.99 -23.72
C PHE B 371 46.57 -74.69 -22.39
N SER B 372 47.53 -75.61 -22.29
CA SER B 372 47.64 -76.47 -21.12
C SER B 372 47.85 -75.67 -19.85
N ASP B 373 48.98 -74.96 -19.75
CA ASP B 373 49.28 -74.22 -18.53
C ASP B 373 48.28 -73.11 -18.24
N PRO B 374 47.91 -72.23 -19.19
CA PRO B 374 46.92 -71.21 -18.85
C PRO B 374 45.56 -71.76 -18.44
N LEU B 375 45.07 -72.78 -19.16
CA LEU B 375 43.79 -73.39 -18.80
C LEU B 375 43.86 -74.04 -17.42
N TYR B 376 44.96 -74.75 -17.13
CA TYR B 376 45.11 -75.38 -15.83
C TYR B 376 45.15 -74.34 -14.72
N LEU B 377 45.89 -73.25 -14.94
CA LEU B 377 45.98 -72.21 -13.91
C LEU B 377 44.63 -71.55 -13.69
N THR B 378 43.90 -71.25 -14.76
CA THR B 378 42.57 -70.64 -14.62
C THR B 378 41.62 -71.59 -13.90
N MET B 379 41.66 -72.87 -14.26
CA MET B 379 40.75 -73.83 -13.66
C MET B 379 41.06 -74.04 -12.18
N PHE B 380 42.34 -74.12 -11.81
CA PHE B 380 42.66 -74.26 -10.40
C PHE B 380 42.38 -72.97 -9.63
N LYS B 381 42.59 -71.80 -10.24
CA LYS B 381 42.26 -70.56 -9.56
C LYS B 381 40.77 -70.45 -9.27
N MET B 382 39.93 -70.85 -10.24
CA MET B 382 38.49 -70.82 -9.97
C MET B 382 38.09 -71.90 -8.99
N LEU B 383 38.74 -73.07 -9.01
CA LEU B 383 38.49 -74.07 -7.98
C LEU B 383 38.79 -73.54 -6.59
N ARG B 384 39.88 -72.77 -6.46
CA ARG B 384 40.25 -72.23 -5.15
C ARG B 384 39.31 -71.13 -4.72
N ASP B 385 38.94 -70.23 -5.63
CA ASP B 385 38.13 -69.07 -5.27
C ASP B 385 36.69 -69.48 -4.97
N THR B 386 36.12 -70.33 -5.83
CA THR B 386 34.70 -70.65 -5.72
C THR B 386 34.40 -71.54 -4.52
N LEU B 387 35.41 -72.13 -3.87
CA LEU B 387 35.21 -72.89 -2.65
C LEU B 387 36.01 -72.29 -1.49
N TYR B 388 36.17 -70.96 -1.49
CA TYR B 388 37.03 -70.27 -0.54
C TYR B 388 36.29 -69.90 0.75
N TYR B 389 35.29 -69.02 0.66
CA TYR B 389 34.59 -68.49 1.82
C TYR B 389 33.37 -69.31 2.22
N MET B 390 32.99 -70.31 1.43
CA MET B 390 31.80 -71.09 1.73
C MET B 390 31.99 -71.91 2.99
N LYS B 391 30.98 -71.88 3.86
CA LYS B 391 31.07 -72.52 5.18
C LYS B 391 29.92 -73.47 5.43
N ASP B 392 29.78 -73.95 6.67
CA ASP B 392 28.74 -74.91 7.07
C ASP B 392 28.80 -76.16 6.19
N LEU B 393 29.92 -76.88 6.28
CA LEU B 393 30.17 -78.03 5.42
C LEU B 393 30.40 -79.28 6.27
N PRO B 394 29.55 -80.31 6.16
CA PRO B 394 29.77 -81.55 6.94
C PRO B 394 30.97 -82.36 6.47
N THR B 395 31.17 -83.53 7.11
CA THR B 395 32.47 -84.19 7.09
C THR B 395 32.81 -84.84 5.75
N SER B 396 31.84 -85.48 5.08
CA SER B 396 32.14 -86.21 3.86
C SER B 396 32.67 -85.28 2.77
N PHE B 397 32.05 -84.12 2.64
CA PHE B 397 32.41 -83.17 1.59
C PHE B 397 33.84 -82.66 1.79
N VAL B 398 34.17 -82.28 3.03
CA VAL B 398 35.51 -81.75 3.28
C VAL B 398 36.56 -82.85 3.17
N LYS B 399 36.24 -84.07 3.58
CA LYS B 399 37.24 -85.13 3.46
C LYS B 399 37.49 -85.47 2.00
N GLU B 400 36.45 -85.43 1.16
CA GLU B 400 36.67 -85.70 -0.26
C GLU B 400 37.36 -84.55 -0.96
N ILE B 401 37.10 -83.32 -0.53
CA ILE B 401 37.88 -82.16 -1.02
C ILE B 401 39.35 -82.34 -0.69
N HIS B 402 39.64 -82.72 0.56
CA HIS B 402 41.01 -82.98 0.97
C HIS B 402 41.62 -84.09 0.10
N ASP B 403 40.84 -85.14 -0.21
CA ASP B 403 41.32 -86.18 -1.10
C ASP B 403 41.70 -85.62 -2.46
N PHE B 404 40.82 -84.79 -3.05
CA PHE B 404 41.10 -84.18 -4.35
C PHE B 404 42.41 -83.43 -4.30
N VAL B 405 42.57 -82.55 -3.30
CA VAL B 405 43.72 -81.66 -3.29
C VAL B 405 44.99 -82.42 -2.99
N LEU B 406 44.93 -83.42 -2.12
CA LEU B 406 46.13 -84.18 -1.80
C LEU B 406 46.57 -85.03 -3.00
N GLU B 407 45.63 -85.68 -3.69
CA GLU B 407 46.03 -86.50 -4.83
C GLU B 407 46.56 -85.63 -5.96
N GLN B 408 45.93 -84.47 -6.21
CA GLN B 408 46.44 -83.56 -7.23
C GLN B 408 47.82 -83.06 -6.87
N PHE B 409 48.04 -82.71 -5.60
CA PHE B 409 49.34 -82.23 -5.16
C PHE B 409 50.42 -83.30 -5.34
N ASN B 410 50.10 -84.53 -4.94
CA ASN B 410 51.07 -85.62 -5.06
C ASN B 410 51.41 -85.88 -6.52
N THR B 411 50.41 -85.82 -7.41
CA THR B 411 50.67 -86.05 -8.83
C THR B 411 51.48 -84.92 -9.44
N SER B 412 51.21 -83.67 -9.04
CA SER B 412 51.82 -82.53 -9.70
C SER B 412 53.20 -82.17 -9.15
N GLN B 413 53.30 -81.94 -7.84
CA GLN B 413 54.55 -81.41 -7.28
C GLN B 413 55.70 -82.40 -7.43
N GLY B 414 55.42 -83.69 -7.34
CA GLY B 414 56.48 -84.70 -7.39
C GLY B 414 56.99 -85.00 -8.77
N GLU B 415 56.96 -84.02 -9.67
CA GLU B 415 57.44 -84.20 -11.03
C GLU B 415 58.39 -83.12 -11.53
N LEU B 416 58.43 -81.95 -10.88
CA LEU B 416 59.25 -80.83 -11.33
C LEU B 416 60.54 -80.71 -10.51
N GLN B 417 61.12 -81.83 -10.11
CA GLN B 417 62.35 -81.85 -9.34
C GLN B 417 63.58 -82.12 -10.21
N LYS B 418 63.55 -81.66 -11.46
CA LYS B 418 64.67 -81.87 -12.38
C LYS B 418 65.87 -81.03 -11.99
N LYS B 434 56.68 -73.61 -14.82
CA LYS B 434 56.90 -72.19 -14.59
C LYS B 434 55.72 -71.56 -13.85
N LEU B 435 54.57 -71.51 -14.53
CA LEU B 435 53.35 -70.96 -13.94
C LEU B 435 52.55 -71.98 -13.15
N ARG B 436 53.00 -73.23 -13.11
CA ARG B 436 52.31 -74.25 -12.32
C ARG B 436 52.39 -73.97 -10.83
N CYS B 437 53.37 -73.17 -10.40
CA CYS B 437 53.53 -72.88 -8.97
C CYS B 437 52.33 -72.12 -8.42
N GLN B 438 51.71 -71.26 -9.23
CA GLN B 438 50.52 -70.55 -8.77
C GLN B 438 49.37 -71.51 -8.49
N ALA B 439 49.17 -72.49 -9.39
CA ALA B 439 48.14 -73.49 -9.16
C ALA B 439 48.47 -74.36 -7.94
N ASN B 440 49.75 -74.71 -7.78
CA ASN B 440 50.15 -75.48 -6.61
C ASN B 440 49.86 -74.71 -5.32
N ALA B 441 50.17 -73.41 -5.31
CA ALA B 441 49.87 -72.59 -4.14
C ALA B 441 48.38 -72.46 -3.91
N ALA B 442 47.59 -72.45 -4.99
CA ALA B 442 46.13 -72.49 -4.83
C ALA B 442 45.70 -73.78 -4.15
N CYS B 443 46.31 -74.90 -4.54
CA CYS B 443 46.02 -76.17 -3.85
C CYS B 443 46.39 -76.09 -2.38
N VAL B 444 47.53 -75.46 -2.08
CA VAL B 444 47.96 -75.31 -0.68
C VAL B 444 46.92 -74.51 0.11
N ASP B 445 46.48 -73.38 -0.45
CA ASP B 445 45.51 -72.55 0.24
C ASP B 445 44.17 -73.26 0.41
N LEU B 446 43.81 -74.13 -0.54
CA LEU B 446 42.53 -74.84 -0.43
C LEU B 446 42.61 -75.95 0.61
N MET B 447 43.73 -76.67 0.66
CA MET B 447 43.81 -77.83 1.56
C MET B 447 43.88 -77.42 3.02
N VAL B 448 44.42 -76.23 3.33
CA VAL B 448 44.45 -75.78 4.72
C VAL B 448 43.05 -75.41 5.21
N TRP B 449 42.12 -75.15 4.30
CA TRP B 449 40.74 -74.93 4.70
C TRP B 449 40.03 -76.23 5.04
N ALA B 450 40.46 -77.34 4.44
CA ALA B 450 39.78 -78.63 4.57
C ALA B 450 40.40 -79.52 5.64
N VAL B 451 40.93 -78.92 6.71
CA VAL B 451 41.49 -79.66 7.83
C VAL B 451 40.71 -79.31 9.08
N LYS B 452 40.41 -80.34 9.89
CA LYS B 452 39.65 -80.12 11.12
C LYS B 452 40.19 -80.92 12.30
N ASP B 453 41.42 -81.43 12.20
CA ASP B 453 42.03 -82.20 13.28
C ASP B 453 43.36 -81.58 13.68
N GLU B 454 43.63 -81.59 14.98
CA GLU B 454 44.88 -81.01 15.48
C GLU B 454 46.09 -81.79 14.98
N GLN B 455 45.97 -83.12 14.93
CA GLN B 455 47.08 -83.93 14.42
C GLN B 455 47.33 -83.66 12.94
N GLY B 456 46.27 -83.43 12.17
CA GLY B 456 46.46 -83.02 10.78
C GLY B 456 47.17 -81.69 10.66
N ALA B 457 46.83 -80.74 11.53
CA ALA B 457 47.53 -79.47 11.54
C ALA B 457 49.00 -79.66 11.89
N GLU B 458 49.29 -80.54 12.85
CA GLU B 458 50.68 -80.82 13.21
C GLU B 458 51.43 -81.43 12.03
N ASN B 459 50.80 -82.36 11.31
CA ASN B 459 51.43 -82.95 10.14
C ASN B 459 51.69 -81.89 9.06
N LEU B 460 50.73 -81.00 8.83
CA LEU B 460 50.91 -79.93 7.87
C LEU B 460 52.08 -79.04 8.26
N CYS B 461 52.15 -78.67 9.54
CA CYS B 461 53.24 -77.83 10.01
C CYS B 461 54.59 -78.54 9.87
N ILE B 462 54.62 -79.85 10.16
CA ILE B 462 55.86 -80.60 10.03
C ILE B 462 56.33 -80.62 8.58
N LYS B 463 55.40 -80.90 7.66
CA LYS B 463 55.78 -80.94 6.25
C LYS B 463 56.26 -79.58 5.76
N LEU B 464 55.56 -78.52 6.15
CA LEU B 464 55.95 -77.18 5.70
C LEU B 464 57.28 -76.75 6.32
N SER B 465 57.54 -77.15 7.56
CA SER B 465 58.83 -76.87 8.18
C SER B 465 59.95 -77.63 7.48
N GLU B 466 59.68 -78.88 7.09
CA GLU B 466 60.67 -79.64 6.34
C GLU B 466 60.99 -78.98 5.01
N LYS B 467 59.95 -78.50 4.30
CA LYS B 467 60.17 -77.89 3.01
C LYS B 467 60.76 -76.48 3.10
N LEU B 468 60.57 -75.78 4.22
CA LEU B 468 61.07 -74.41 4.35
C LEU B 468 62.59 -74.39 4.50
N GLN B 469 63.12 -75.26 5.37
CA GLN B 469 64.56 -75.29 5.65
C GLN B 469 65.26 -76.08 4.53
N SER B 470 65.49 -75.38 3.42
CA SER B 470 66.17 -75.98 2.27
C SER B 470 67.65 -75.63 2.27
N HIS B 480 58.49 -70.63 -7.83
CA HIS B 480 58.52 -71.33 -6.56
C HIS B 480 58.29 -70.37 -5.40
N LEU B 481 58.71 -69.12 -5.58
CA LEU B 481 58.52 -68.12 -4.53
C LEU B 481 57.07 -67.94 -4.11
N PRO B 482 56.09 -67.90 -5.03
CA PRO B 482 54.68 -67.88 -4.57
C PRO B 482 54.33 -69.07 -3.70
N LEU B 483 54.89 -70.25 -3.99
CA LEU B 483 54.65 -71.40 -3.14
C LEU B 483 55.15 -71.16 -1.73
N LEU B 484 56.35 -70.58 -1.60
CA LEU B 484 56.90 -70.31 -0.27
C LEU B 484 56.06 -69.26 0.47
N ILE B 485 55.65 -68.20 -0.21
CA ILE B 485 54.88 -67.17 0.49
C ILE B 485 53.51 -67.70 0.89
N CYS B 486 52.90 -68.53 0.05
CA CYS B 486 51.61 -69.13 0.41
C CYS B 486 51.78 -70.14 1.54
N CYS B 487 52.90 -70.86 1.58
CA CYS B 487 53.18 -71.74 2.70
C CYS B 487 53.29 -70.95 4.00
N LEU B 488 53.99 -69.82 3.96
CA LEU B 488 54.10 -68.98 5.15
C LEU B 488 52.74 -68.45 5.59
N GLN B 489 51.92 -68.01 4.63
CA GLN B 489 50.59 -67.53 4.95
C GLN B 489 49.73 -68.63 5.55
N GLY B 490 49.83 -69.84 5.00
CA GLY B 490 49.07 -70.96 5.55
C GLY B 490 49.52 -71.32 6.95
N LEU B 491 50.83 -71.30 7.20
CA LEU B 491 51.33 -71.55 8.55
C LEU B 491 50.79 -70.50 9.53
N GLY B 492 50.81 -69.23 9.12
CA GLY B 492 50.29 -68.19 9.98
C GLY B 492 48.81 -68.37 10.28
N ARG B 493 48.02 -68.65 9.24
CA ARG B 493 46.59 -68.85 9.43
C ARG B 493 46.30 -70.05 10.32
N LEU B 494 47.02 -71.16 10.10
CA LEU B 494 46.80 -72.35 10.90
C LEU B 494 47.16 -72.12 12.36
N CYS B 495 48.28 -71.42 12.61
CA CYS B 495 48.64 -71.09 13.98
C CYS B 495 47.61 -70.16 14.61
N GLU B 496 47.05 -69.25 13.82
CA GLU B 496 45.99 -68.39 14.32
C GLU B 496 44.76 -69.19 14.73
N ARG B 497 44.39 -70.17 13.92
CA ARG B 497 43.20 -70.97 14.24
C ARG B 497 43.44 -71.88 15.44
N PHE B 498 44.55 -72.61 15.46
CA PHE B 498 44.82 -73.56 16.53
C PHE B 498 45.85 -73.00 17.49
N PRO B 499 45.46 -72.63 18.71
CA PRO B 499 46.43 -72.10 19.68
C PRO B 499 47.31 -73.17 20.32
N VAL B 500 47.00 -74.45 20.13
CA VAL B 500 47.75 -75.50 20.79
C VAL B 500 49.15 -75.63 20.21
N VAL B 501 49.27 -75.53 18.89
CA VAL B 501 50.53 -75.86 18.20
C VAL B 501 51.45 -74.66 18.14
N VAL B 502 51.11 -73.59 18.87
CA VAL B 502 51.93 -72.37 18.81
C VAL B 502 53.36 -72.66 19.22
N HIS B 503 53.55 -73.31 20.37
CA HIS B 503 54.89 -73.66 20.81
C HIS B 503 55.56 -74.61 19.83
N SER B 504 54.77 -75.38 19.08
CA SER B 504 55.34 -76.26 18.08
C SER B 504 55.83 -75.48 16.87
N VAL B 505 55.17 -74.36 16.54
CA VAL B 505 55.53 -73.59 15.37
C VAL B 505 56.39 -72.38 15.70
N THR B 506 56.55 -72.03 16.97
CA THR B 506 57.38 -70.89 17.35
C THR B 506 58.84 -71.06 16.93
N PRO B 507 59.51 -72.20 17.16
CA PRO B 507 60.91 -72.28 16.72
C PRO B 507 61.07 -72.32 15.21
N SER B 508 60.19 -73.04 14.50
CA SER B 508 60.34 -73.23 13.07
C SER B 508 60.41 -71.90 12.32
N LEU B 509 59.58 -70.93 12.73
CA LEU B 509 59.62 -69.63 12.09
C LEU B 509 60.84 -68.81 12.52
N ARG B 510 61.29 -68.97 13.77
CA ARG B 510 62.39 -68.13 14.24
C ARG B 510 63.73 -68.57 13.65
N ASP B 511 63.94 -69.88 13.50
CA ASP B 511 65.22 -70.39 13.03
C ASP B 511 65.55 -69.85 11.64
N PHE B 512 64.54 -69.78 10.77
CA PHE B 512 64.75 -69.18 9.45
C PHE B 512 65.11 -67.70 9.56
N LEU B 513 64.47 -66.99 10.49
CA LEU B 513 64.72 -65.56 10.61
C LEU B 513 66.07 -65.28 11.25
N VAL B 514 66.42 -66.02 12.31
CA VAL B 514 67.67 -65.75 13.02
C VAL B 514 68.88 -66.29 12.28
N ILE B 515 68.69 -67.18 11.31
CA ILE B 515 69.80 -67.74 10.56
C ILE B 515 69.67 -67.38 9.08
N SER B 517 69.19 -67.51 5.99
CA SER B 517 68.49 -67.49 4.72
C SER B 517 69.46 -67.27 3.57
N PRO B 518 70.07 -68.35 3.08
CA PRO B 518 71.00 -68.23 1.93
C PRO B 518 70.34 -67.64 0.70
N VAL B 519 69.05 -67.91 0.48
CA VAL B 519 68.35 -67.32 -0.65
C VAL B 519 68.30 -65.81 -0.53
N LEU B 520 68.04 -65.30 0.68
CA LEU B 520 68.04 -63.86 0.90
C LEU B 520 69.42 -63.27 0.66
N VAL B 521 70.48 -63.98 1.08
CA VAL B 521 71.84 -63.50 0.87
C VAL B 521 72.15 -63.41 -0.62
N LYS B 522 71.76 -64.44 -1.38
CA LYS B 522 71.97 -64.40 -2.83
C LYS B 522 71.15 -63.30 -3.48
N LEU B 523 69.94 -63.07 -2.99
CA LEU B 523 69.09 -62.02 -3.54
C LEU B 523 69.70 -60.63 -3.28
N TYR B 524 70.30 -60.44 -2.11
CA TYR B 524 70.88 -59.13 -1.78
C TYR B 524 72.00 -58.77 -2.74
N LYS B 525 72.87 -59.72 -3.07
CA LYS B 525 73.99 -59.45 -3.97
C LYS B 525 73.52 -59.46 -5.42
N TYR B 564 62.59 -58.76 -2.14
CA TYR B 564 63.70 -58.34 -1.29
C TYR B 564 63.29 -58.28 0.17
N GLU B 565 62.35 -57.38 0.49
CA GLU B 565 61.89 -57.20 1.86
C GLU B 565 60.43 -57.57 2.06
N GLN B 566 59.67 -57.83 0.99
CA GLN B 566 58.27 -58.20 1.15
C GLN B 566 58.12 -59.49 1.95
N LEU B 567 58.94 -60.49 1.62
CA LEU B 567 58.91 -61.75 2.36
C LEU B 567 59.27 -61.54 3.81
N ARG B 568 60.26 -60.67 4.07
CA ARG B 568 60.67 -60.40 5.45
C ARG B 568 59.54 -59.78 6.27
N ASP B 569 58.84 -58.79 5.69
CA ASP B 569 57.79 -58.13 6.45
C ASP B 569 56.58 -59.02 6.62
N ILE B 570 56.24 -59.84 5.61
CA ILE B 570 55.12 -60.76 5.82
C ILE B 570 55.51 -61.82 6.84
N ALA B 571 56.77 -62.24 6.87
CA ALA B 571 57.21 -63.21 7.86
C ALA B 571 57.11 -62.65 9.27
N ILE B 572 57.55 -61.40 9.47
CA ILE B 572 57.46 -60.83 10.81
C ILE B 572 56.02 -60.54 11.19
N ASP B 573 55.16 -60.21 10.22
CA ASP B 573 53.74 -60.06 10.51
C ASP B 573 53.13 -61.39 10.97
N ASN B 574 53.50 -62.49 10.30
CA ASN B 574 53.05 -63.80 10.74
C ASN B 574 53.59 -64.13 12.12
N ILE B 575 54.82 -63.70 12.41
CA ILE B 575 55.40 -63.92 13.74
C ILE B 575 54.56 -63.19 14.79
N CYS B 576 54.20 -61.95 14.52
CA CYS B 576 53.40 -61.18 15.48
C CYS B 576 52.03 -61.81 15.67
N ARG B 577 51.41 -62.27 14.58
CA ARG B 577 50.11 -62.92 14.69
C ARG B 577 50.21 -64.21 15.50
N CYS B 578 51.27 -64.99 15.28
CA CYS B 578 51.48 -66.19 16.06
C CYS B 578 51.67 -65.87 17.54
N LEU B 579 52.44 -64.83 17.84
CA LEU B 579 52.68 -64.46 19.23
C LEU B 579 51.39 -64.01 19.92
N LYS B 580 50.57 -63.21 19.23
CA LYS B 580 49.32 -62.76 19.84
C LYS B 580 48.36 -63.93 20.02
N ALA B 581 48.31 -64.85 19.06
CA ALA B 581 47.47 -66.03 19.22
C ALA B 581 47.93 -66.87 20.40
N GLY B 582 49.24 -67.03 20.56
CA GLY B 582 49.75 -67.79 21.69
C GLY B 582 49.46 -67.13 23.03
N LEU B 583 49.64 -65.82 23.12
CA LEU B 583 49.38 -65.13 24.38
C LEU B 583 47.88 -64.99 24.66
N THR B 584 47.03 -65.18 23.66
CA THR B 584 45.59 -65.14 23.90
C THR B 584 45.17 -66.23 24.87
N VAL B 585 45.73 -67.42 24.75
CA VAL B 585 45.37 -68.55 25.60
C VAL B 585 46.33 -68.72 26.76
N ASP B 586 47.64 -68.60 26.51
CA ASP B 586 48.64 -68.81 27.55
C ASP B 586 49.28 -67.47 27.91
N PRO B 587 49.11 -67.00 29.14
CA PRO B 587 49.72 -65.72 29.55
C PRO B 587 51.19 -65.82 29.92
N VAL B 588 51.85 -66.96 29.67
CA VAL B 588 53.25 -67.13 30.04
C VAL B 588 54.15 -67.40 28.84
N ILE B 589 53.58 -67.70 27.66
CA ILE B 589 54.41 -67.99 26.49
C ILE B 589 55.16 -66.75 26.03
N VAL B 590 54.55 -65.57 26.15
CA VAL B 590 55.20 -64.34 25.69
C VAL B 590 56.46 -64.06 26.51
N GLU B 591 56.42 -64.35 27.82
CA GLU B 591 57.61 -64.18 28.64
C GLU B 591 58.73 -65.10 28.18
N ALA B 592 58.41 -66.36 27.87
CA ALA B 592 59.42 -67.28 27.37
C ALA B 592 59.99 -66.80 26.03
N PHE B 593 59.12 -66.30 25.15
CA PHE B 593 59.60 -65.82 23.85
C PHE B 593 60.51 -64.61 24.00
N LEU B 594 60.16 -63.67 24.90
CA LEU B 594 61.01 -62.49 25.07
C LEU B 594 62.33 -62.87 25.74
N ALA B 595 62.30 -63.83 26.67
CA ALA B 595 63.56 -64.32 27.24
C ALA B 595 64.42 -64.97 26.17
N SER B 596 63.82 -65.76 25.29
CA SER B 596 64.58 -66.41 24.22
C SER B 596 65.18 -65.39 23.26
N LEU B 597 64.42 -64.36 22.91
CA LEU B 597 64.95 -63.35 22.01
C LEU B 597 66.05 -62.53 22.69
N SER B 598 65.93 -62.28 23.99
CA SER B 598 67.00 -61.61 24.72
C SER B 598 68.26 -62.46 24.73
N ASN B 599 68.11 -63.77 24.95
CA ASN B 599 69.28 -64.65 24.91
C ASN B 599 69.91 -64.67 23.53
N ARG B 600 69.09 -64.69 22.47
CA ARG B 600 69.63 -64.64 21.11
C ARG B 600 70.35 -63.33 20.85
N LEU B 601 69.81 -62.22 21.36
CA LEU B 601 70.48 -60.94 21.22
C LEU B 601 71.82 -60.94 21.94
N TYR B 602 71.88 -61.58 23.11
CA TYR B 602 73.14 -61.64 23.85
C TYR B 602 74.20 -62.41 23.06
N ILE B 603 73.82 -63.51 22.43
CA ILE B 603 74.76 -64.30 21.64
C ILE B 603 74.83 -63.77 20.22
N LEU B 613 74.60 -60.09 10.01
CA LEU B 613 73.88 -58.83 10.16
C LEU B 613 72.52 -59.07 10.82
N ILE B 614 72.48 -60.05 11.71
CA ILE B 614 71.25 -60.42 12.43
C ILE B 614 70.73 -59.33 13.38
N PRO B 615 71.57 -58.42 13.93
CA PRO B 615 70.98 -57.37 14.77
C PRO B 615 69.96 -56.50 14.05
N ASP B 616 70.12 -56.25 12.75
CA ASP B 616 69.13 -55.45 12.04
C ASP B 616 67.77 -56.15 12.04
N HIS B 617 67.75 -57.45 11.72
CA HIS B 617 66.50 -58.20 11.73
C HIS B 617 65.92 -58.25 13.14
N THR B 618 66.78 -58.44 14.15
CA THR B 618 66.30 -58.50 15.53
C THR B 618 65.66 -57.18 15.95
N ILE B 619 66.29 -56.06 15.60
CA ILE B 619 65.74 -54.75 15.97
C ILE B 619 64.43 -54.49 15.24
N ARG B 620 64.35 -54.85 13.95
CA ARG B 620 63.11 -54.67 13.22
C ARG B 620 61.99 -55.51 13.82
N ALA B 621 62.29 -56.76 14.18
CA ALA B 621 61.29 -57.61 14.81
C ALA B 621 60.85 -57.06 16.16
N LEU B 622 61.81 -56.55 16.95
CA LEU B 622 61.46 -55.97 18.24
C LEU B 622 60.56 -54.76 18.07
N GLY B 623 60.86 -53.90 17.10
CA GLY B 623 60.01 -52.75 16.84
C GLY B 623 58.62 -53.17 16.40
N HIS B 624 58.53 -54.17 15.51
CA HIS B 624 57.24 -54.61 15.03
C HIS B 624 56.40 -55.21 16.16
N ILE B 625 57.01 -56.04 17.02
CA ILE B 625 56.24 -56.62 18.11
C ILE B 625 55.85 -55.54 19.12
N ALA B 626 56.74 -54.57 19.36
CA ALA B 626 56.43 -53.50 20.31
C ALA B 626 55.25 -52.67 19.83
N VAL B 627 55.23 -52.33 18.53
CA VAL B 627 54.10 -51.57 18.00
C VAL B 627 52.86 -52.46 17.91
N ALA B 628 53.05 -53.78 17.85
CA ALA B 628 51.90 -54.68 17.77
C ALA B 628 51.16 -54.78 19.11
N LEU B 629 51.89 -54.68 20.22
CA LEU B 629 51.28 -54.84 21.55
C LEU B 629 51.05 -53.49 22.23
N ARG B 630 50.73 -52.46 21.44
CA ARG B 630 50.54 -51.13 22.01
C ARG B 630 49.38 -51.11 23.00
N ASP B 631 48.29 -51.81 22.68
CA ASP B 631 47.16 -51.87 23.61
C ASP B 631 47.50 -52.70 24.84
N THR B 632 48.13 -53.85 24.65
CA THR B 632 48.51 -54.71 25.76
C THR B 632 49.61 -55.68 25.32
N LYS B 634 51.49 -54.99 31.70
CA LYS B 634 52.26 -56.20 31.97
C LYS B 634 53.09 -56.61 30.77
N VAL B 635 52.76 -56.06 29.60
CA VAL B 635 53.45 -56.36 28.36
C VAL B 635 54.31 -55.18 27.90
N MET B 636 53.84 -53.95 28.11
CA MET B 636 54.60 -52.77 27.69
C MET B 636 55.82 -52.54 28.57
N GLU B 637 55.72 -52.84 29.86
CA GLU B 637 56.88 -52.67 30.73
C GLU B 637 58.05 -53.57 30.37
N PRO B 638 57.87 -54.87 30.06
CA PRO B 638 59.03 -55.67 29.64
C PRO B 638 59.74 -55.14 28.42
N ILE B 639 59.01 -54.77 27.36
CA ILE B 639 59.67 -54.24 26.17
C ILE B 639 60.30 -52.89 26.47
N LEU B 640 59.66 -52.09 27.33
CA LEU B 640 60.24 -50.81 27.74
C LEU B 640 61.60 -51.01 28.42
N GLN B 641 61.66 -51.91 29.39
CA GLN B 641 62.91 -52.13 30.10
C GLN B 641 63.96 -52.78 29.20
N ILE B 642 63.53 -53.65 28.29
CA ILE B 642 64.48 -54.26 27.35
C ILE B 642 65.11 -53.20 26.46
N LEU B 643 64.28 -52.30 25.91
CA LEU B 643 64.82 -51.26 25.05
C LEU B 643 65.65 -50.26 25.84
N GLN B 644 65.31 -50.03 27.10
CA GLN B 644 66.13 -49.16 27.94
C GLN B 644 67.50 -49.77 28.19
N GLN B 645 67.56 -51.08 28.42
CA GLN B 645 68.82 -51.74 28.75
C GLN B 645 69.59 -52.20 27.52
N LYS B 646 69.02 -52.09 26.32
CA LYS B 646 69.69 -52.57 25.11
C LYS B 646 70.54 -51.50 24.44
N PHE B 647 70.58 -50.29 24.97
CA PHE B 647 71.35 -49.23 24.34
C PHE B 647 72.85 -49.53 24.46
N CYS B 648 73.55 -49.46 23.33
CA CYS B 648 74.97 -49.78 23.25
C CYS B 648 75.28 -51.16 23.85
N SER B 652 79.76 -47.25 15.78
CA SER B 652 78.60 -48.14 15.79
C SER B 652 77.41 -47.51 15.06
N PRO B 653 77.35 -47.70 13.74
CA PRO B 653 76.24 -47.13 12.96
C PRO B 653 74.89 -47.79 13.22
N LEU B 654 74.81 -48.77 14.12
CA LEU B 654 73.56 -49.45 14.40
C LEU B 654 72.56 -48.59 15.16
N ASP B 655 72.97 -47.41 15.63
CA ASP B 655 72.08 -46.55 16.40
C ASP B 655 71.18 -45.68 15.52
N VAL B 656 71.33 -45.74 14.19
CA VAL B 656 70.57 -44.84 13.33
C VAL B 656 69.10 -45.22 13.32
N LEU B 657 68.78 -46.52 13.28
CA LEU B 657 67.40 -46.96 13.21
C LEU B 657 66.78 -47.20 14.58
N ILE B 658 67.57 -47.16 15.65
CA ILE B 658 67.01 -47.31 16.99
C ILE B 658 66.11 -46.12 17.31
N ILE B 659 66.60 -44.91 17.07
CA ILE B 659 65.78 -43.72 17.29
C ILE B 659 64.64 -43.67 16.29
N ASP B 660 64.83 -44.25 15.09
CA ASP B 660 63.73 -44.37 14.15
C ASP B 660 62.61 -45.22 14.74
N GLN B 661 62.96 -46.30 15.45
CA GLN B 661 61.96 -47.09 16.14
C GLN B 661 61.35 -46.31 17.31
N LEU B 662 62.17 -45.53 18.02
CA LEU B 662 61.67 -44.74 19.14
C LEU B 662 60.62 -43.73 18.68
N GLY B 663 60.81 -43.17 17.48
CA GLY B 663 59.82 -42.26 16.93
C GLY B 663 58.46 -42.90 16.81
N CYS B 664 58.42 -44.14 16.32
CA CYS B 664 57.15 -44.88 16.27
C CYS B 664 56.66 -45.21 17.67
N LEU B 665 57.57 -45.54 18.59
CA LEU B 665 57.18 -45.85 19.97
C LEU B 665 56.49 -44.66 20.61
N VAL B 666 56.85 -43.44 20.21
CA VAL B 666 56.24 -42.25 20.77
C VAL B 666 54.73 -42.22 20.50
N ILE B 667 54.31 -42.82 19.38
CA ILE B 667 52.91 -42.74 18.95
C ILE B 667 51.97 -43.35 20.00
N THR B 668 52.45 -44.32 20.78
CA THR B 668 51.58 -45.04 21.72
C THR B 668 50.83 -44.10 22.64
N GLY B 669 51.48 -43.02 23.08
CA GLY B 669 50.80 -42.03 23.88
C GLY B 669 50.78 -42.34 25.36
N ASN B 670 51.95 -42.54 25.95
CA ASN B 670 52.09 -42.74 27.39
C ASN B 670 52.93 -41.63 27.97
N GLN B 671 52.48 -41.04 29.07
CA GLN B 671 53.18 -39.91 29.66
C GLN B 671 54.58 -40.28 30.11
N TYR B 672 54.73 -41.44 30.77
CA TYR B 672 56.05 -41.87 31.23
C TYR B 672 56.99 -42.14 30.06
N ILE B 673 56.49 -42.82 29.02
CA ILE B 673 57.32 -43.12 27.86
C ILE B 673 57.73 -41.82 27.16
N TYR B 674 56.79 -40.90 27.01
CA TYR B 674 57.10 -39.62 26.39
C TYR B 674 58.15 -38.86 27.19
N GLN B 675 58.01 -38.84 28.51
CA GLN B 675 59.01 -38.16 29.35
C GLN B 675 60.38 -38.81 29.22
N GLU B 676 60.43 -40.15 29.22
CA GLU B 676 61.70 -40.84 29.09
C GLU B 676 62.37 -40.53 27.76
N VAL B 677 61.63 -40.62 26.67
CA VAL B 677 62.23 -40.40 25.35
C VAL B 677 62.64 -38.94 25.19
N TRP B 678 61.84 -38.01 25.72
CA TRP B 678 62.19 -36.60 25.62
C TRP B 678 63.44 -36.29 26.46
N ASN B 679 63.56 -36.90 27.63
CA ASN B 679 64.77 -36.72 28.43
C ASN B 679 65.98 -37.27 27.72
N LEU B 680 65.85 -38.44 27.08
CA LEU B 680 66.96 -39.00 26.33
C LEU B 680 67.38 -38.07 25.18
N PHE B 681 66.40 -37.56 24.44
CA PHE B 681 66.70 -36.65 23.34
C PHE B 681 67.35 -35.36 23.84
N GLN B 682 66.85 -34.84 24.97
CA GLN B 682 67.43 -33.62 25.54
C GLN B 682 68.88 -33.85 25.95
N GLN B 683 69.15 -35.00 26.59
CA GLN B 683 70.53 -35.31 26.97
C GLN B 683 71.42 -35.43 25.75
N ILE B 684 70.93 -36.09 24.70
CA ILE B 684 71.72 -36.23 23.47
C ILE B 684 72.02 -34.87 22.87
N SER B 685 71.02 -33.98 22.83
CA SER B 685 71.22 -32.64 22.29
C SER B 685 72.22 -31.85 23.13
N VAL B 686 72.12 -31.97 24.46
CA VAL B 686 73.02 -31.23 25.34
C VAL B 686 74.47 -31.70 25.15
N LYS B 687 74.67 -33.01 25.03
CA LYS B 687 76.02 -33.53 24.84
C LYS B 687 76.63 -33.00 23.56
N ALA B 688 75.85 -32.93 22.48
CA ALA B 688 76.33 -32.38 21.22
C ALA B 688 76.49 -30.87 21.30
N TYR B 704 78.84 -39.88 19.86
CA TYR B 704 77.97 -40.10 18.70
C TYR B 704 77.52 -38.77 18.10
N ARG B 705 78.47 -38.05 17.49
CA ARG B 705 78.15 -36.79 16.84
C ARG B 705 77.30 -37.01 15.59
N HIS B 706 77.50 -38.15 14.91
CA HIS B 706 76.80 -38.41 13.65
C HIS B 706 75.29 -38.42 13.82
N CYS B 707 74.80 -38.76 15.01
CA CYS B 707 73.36 -38.80 15.24
C CYS B 707 72.74 -37.42 15.35
N SER B 708 73.55 -36.36 15.38
CA SER B 708 73.03 -35.00 15.57
C SER B 708 71.96 -34.66 14.55
N LEU B 709 72.17 -35.04 13.28
CA LEU B 709 71.12 -34.87 12.28
C LEU B 709 69.97 -35.85 12.54
N ALA B 710 70.31 -37.12 12.73
CA ALA B 710 69.27 -38.15 12.76
C ALA B 710 68.20 -37.83 13.79
N VAL B 711 68.61 -37.41 14.99
CA VAL B 711 67.65 -37.16 16.06
C VAL B 711 66.61 -36.13 15.63
N ILE B 712 67.05 -35.02 15.04
CA ILE B 712 66.07 -33.99 14.69
C ILE B 712 65.18 -34.51 13.56
N ASN B 713 65.74 -35.35 12.68
CA ASN B 713 64.91 -36.01 11.67
C ASN B 713 63.80 -36.81 12.35
N ALA B 714 64.14 -37.53 13.42
CA ALA B 714 63.13 -38.24 14.19
C ALA B 714 62.06 -37.27 14.68
N LEU B 715 62.48 -36.11 15.19
CA LEU B 715 61.51 -35.10 15.60
C LEU B 715 60.62 -34.70 14.42
N ALA B 716 61.21 -34.54 13.24
CA ALA B 716 60.42 -34.21 12.05
C ALA B 716 59.37 -35.29 11.80
N ASN B 717 59.69 -36.54 12.08
CA ASN B 717 58.70 -37.60 11.96
C ASN B 717 57.72 -37.60 13.12
N ILE B 718 58.19 -37.22 14.32
CA ILE B 718 57.31 -37.23 15.49
C ILE B 718 56.27 -36.12 15.38
N ALA B 719 56.67 -34.96 14.85
CA ALA B 719 55.79 -33.79 14.86
C ALA B 719 54.50 -34.04 14.09
N ALA B 720 54.54 -34.87 13.06
CA ALA B 720 53.37 -35.11 12.21
C ALA B 720 52.54 -36.31 12.62
N ASN B 721 52.87 -36.96 13.74
CA ASN B 721 52.20 -38.19 14.14
C ASN B 721 51.85 -38.16 15.61
N ILE B 722 51.27 -37.05 16.07
CA ILE B 722 50.80 -36.91 17.45
C ILE B 722 49.32 -36.57 17.41
N GLN B 723 48.52 -37.28 18.20
CA GLN B 723 47.08 -37.10 18.23
C GLN B 723 46.52 -36.70 19.58
N ASP B 724 47.30 -36.75 20.65
CA ASP B 724 46.87 -36.32 21.96
C ASP B 724 47.25 -34.85 22.13
N GLU B 725 46.24 -33.99 22.25
CA GLU B 725 46.50 -32.55 22.31
C GLU B 725 47.35 -32.18 23.52
N HIS B 726 47.18 -32.89 24.64
CA HIS B 726 48.04 -32.66 25.80
C HIS B 726 49.49 -32.89 25.44
N LEU B 727 49.78 -34.00 24.73
CA LEU B 727 51.13 -34.26 24.28
C LEU B 727 51.61 -33.19 23.32
N VAL B 728 50.72 -32.68 22.47
CA VAL B 728 51.11 -31.64 21.50
C VAL B 728 51.57 -30.39 22.22
N ASP B 729 50.76 -29.92 23.19
CA ASP B 729 51.14 -28.68 23.89
C ASP B 729 52.37 -28.90 24.76
N GLU B 730 52.50 -30.08 25.39
CA GLU B 730 53.68 -30.37 26.18
C GLU B 730 54.93 -30.37 25.30
N LEU B 731 54.85 -30.98 24.12
CA LEU B 731 55.98 -30.96 23.19
C LEU B 731 56.31 -29.55 22.74
N LEU B 732 55.29 -28.74 22.48
CA LEU B 732 55.53 -27.36 22.07
C LEU B 732 56.28 -26.59 23.15
N MET B 733 55.81 -26.70 24.40
CA MET B 733 56.49 -26.03 25.51
C MET B 733 57.91 -26.56 25.67
N ASN B 734 58.09 -27.88 25.55
CA ASN B 734 59.41 -28.47 25.73
C ASN B 734 60.39 -27.96 24.69
N LEU B 735 59.98 -27.91 23.42
CA LEU B 735 60.90 -27.43 22.39
C LEU B 735 61.12 -25.94 22.48
N LEU B 736 60.13 -25.16 22.92
CA LEU B 736 60.37 -23.75 23.18
C LEU B 736 61.41 -23.55 24.27
N GLU B 737 61.31 -24.34 25.35
CA GLU B 737 62.31 -24.26 26.42
C GLU B 737 63.67 -24.69 25.93
N LEU B 738 63.73 -25.74 25.11
CA LEU B 738 65.01 -26.18 24.57
C LEU B 738 65.64 -25.10 23.69
N PHE B 739 64.83 -24.45 22.85
CA PHE B 739 65.36 -23.39 21.99
C PHE B 739 65.85 -22.20 22.82
N VAL B 740 65.10 -21.81 23.84
CA VAL B 740 65.53 -20.67 24.64
C VAL B 740 66.75 -21.02 25.48
N GLN B 741 66.91 -22.29 25.85
CA GLN B 741 68.08 -22.70 26.62
C GLN B 741 69.33 -22.77 25.74
N LEU B 742 69.19 -23.29 24.52
CA LEU B 742 70.34 -23.46 23.65
C LEU B 742 70.89 -22.14 23.13
N GLY B 743 70.17 -21.03 23.33
CA GLY B 743 70.68 -19.74 22.90
C GLY B 743 71.97 -19.34 23.60
N LEU B 744 72.12 -19.72 24.86
CA LEU B 744 73.33 -19.41 25.61
C LEU B 744 74.55 -20.13 25.05
N ASN B 768 73.68 -22.84 13.74
CA ASN B 768 73.43 -24.11 14.39
C ASN B 768 72.02 -24.16 14.96
N LEU B 769 71.52 -23.00 15.40
CA LEU B 769 70.17 -22.90 15.95
C LEU B 769 69.11 -22.67 14.89
N GLY B 770 69.50 -22.50 13.63
CA GLY B 770 68.56 -22.26 12.56
C GLY B 770 67.91 -23.49 11.97
N VAL B 771 68.18 -24.67 12.53
CA VAL B 771 67.61 -25.92 12.02
C VAL B 771 66.40 -26.38 12.82
N LEU B 772 66.09 -25.72 13.93
CA LEU B 772 64.99 -26.13 14.80
C LEU B 772 63.67 -25.47 14.46
N ILE B 773 63.63 -24.60 13.47
CA ILE B 773 62.40 -23.90 13.08
C ILE B 773 61.44 -24.75 12.24
N PRO B 774 61.92 -25.58 11.29
CA PRO B 774 60.94 -26.32 10.46
C PRO B 774 60.00 -27.21 11.26
N VAL B 775 60.49 -27.86 12.32
CA VAL B 775 59.64 -28.71 13.12
C VAL B 775 58.59 -27.87 13.86
N ILE B 776 58.98 -26.69 14.34
CA ILE B 776 58.03 -25.81 14.99
C ILE B 776 56.96 -25.36 14.00
N ALA B 777 57.36 -25.04 12.77
CA ALA B 777 56.40 -24.65 11.75
C ALA B 777 55.43 -25.79 11.43
N VAL B 778 55.95 -27.01 11.31
CA VAL B 778 55.10 -28.16 11.02
C VAL B 778 54.12 -28.39 12.17
N LEU B 779 54.58 -28.26 13.41
CA LEU B 779 53.68 -28.43 14.55
C LEU B 779 52.61 -27.34 14.58
N THR B 780 52.99 -26.09 14.32
CA THR B 780 52.04 -24.98 14.44
C THR B 780 51.09 -24.89 13.27
N ARG B 781 51.41 -25.48 12.12
CA ARG B 781 50.48 -25.43 11.00
C ARG B 781 49.25 -26.30 11.21
N ARG B 782 49.26 -27.17 12.23
CA ARG B 782 48.13 -28.05 12.53
C ARG B 782 47.19 -27.47 13.58
N LEU B 783 47.41 -26.23 14.01
CA LEU B 783 46.61 -25.67 15.08
C LEU B 783 45.98 -24.35 14.64
N PRO B 784 44.81 -24.01 15.17
CA PRO B 784 44.20 -22.71 14.88
C PRO B 784 44.96 -21.60 15.58
N PRO B 785 44.76 -20.35 15.16
CA PRO B 785 45.45 -19.24 15.82
C PRO B 785 45.09 -19.17 17.31
N ILE B 786 46.10 -18.84 18.11
CA ILE B 786 45.96 -18.81 19.56
C ILE B 786 45.48 -17.43 19.98
N LYS B 787 44.58 -17.38 20.97
CA LYS B 787 44.04 -16.14 21.48
C LYS B 787 44.53 -15.81 22.88
N GLU B 788 44.38 -16.73 23.83
CA GLU B 788 44.89 -16.54 25.18
C GLU B 788 45.18 -17.90 25.80
N ALA B 789 46.17 -17.93 26.69
CA ALA B 789 46.58 -19.15 27.35
C ALA B 789 47.32 -18.78 28.64
N LYS B 790 48.02 -19.76 29.21
CA LYS B 790 48.82 -19.50 30.39
C LYS B 790 49.91 -18.48 30.08
N PRO B 791 50.13 -17.49 30.95
CA PRO B 791 51.16 -16.48 30.66
C PRO B 791 52.55 -17.05 30.49
N ARG B 792 52.78 -18.30 30.90
CA ARG B 792 54.05 -18.96 30.61
C ARG B 792 54.29 -19.03 29.10
N LEU B 793 53.25 -19.36 28.34
CA LEU B 793 53.38 -19.39 26.88
C LEU B 793 53.69 -18.01 26.32
N GLN B 794 53.05 -16.97 26.87
CA GLN B 794 53.35 -15.61 26.43
C GLN B 794 54.81 -15.24 26.70
N LYS B 795 55.31 -15.60 27.89
CA LYS B 795 56.70 -15.30 28.21
C LYS B 795 57.65 -16.07 27.28
N LEU B 796 57.35 -17.33 27.02
CA LEU B 796 58.19 -18.12 26.12
C LEU B 796 58.20 -17.53 24.72
N PHE B 797 57.03 -17.13 24.21
CA PHE B 797 56.97 -16.52 22.88
C PHE B 797 57.73 -15.20 22.85
N ARG B 798 57.61 -14.39 23.91
CA ARG B 798 58.33 -13.13 23.96
C ARG B 798 59.84 -13.36 23.96
N ASP B 799 60.31 -14.33 24.74
CA ASP B 799 61.73 -14.64 24.75
C ASP B 799 62.20 -15.15 23.40
N PHE B 800 61.39 -15.99 22.74
CA PHE B 800 61.75 -16.51 21.43
C PHE B 800 61.88 -15.38 20.41
N TRP B 801 60.92 -14.46 20.40
CA TRP B 801 60.97 -13.34 19.47
C TRP B 801 62.13 -12.41 19.79
N LEU B 802 62.42 -12.21 21.08
CA LEU B 802 63.57 -11.38 21.46
C LEU B 802 64.87 -11.98 20.95
N TYR B 803 65.04 -13.30 21.11
CA TYR B 803 66.23 -13.96 20.60
C TYR B 803 66.29 -13.89 19.08
N SER B 804 65.13 -14.06 18.42
CA SER B 804 65.12 -14.00 16.96
C SER B 804 65.53 -12.64 16.45
N VAL B 805 65.02 -11.56 17.06
CA VAL B 805 65.39 -10.23 16.60
C VAL B 805 66.83 -9.90 16.99
N LEU B 806 67.31 -10.43 18.12
CA LEU B 806 68.72 -10.24 18.48
C LEU B 806 69.64 -10.89 17.47
N MET B 807 69.31 -12.11 17.02
CA MET B 807 70.12 -12.79 16.03
C MET B 807 69.81 -12.35 14.60
N GLY B 808 68.76 -11.56 14.40
CA GLY B 808 68.42 -11.09 13.06
C GLY B 808 67.95 -12.16 12.11
N PHE B 809 67.15 -13.12 12.59
CA PHE B 809 66.59 -14.13 11.71
C PHE B 809 65.43 -13.57 10.88
N ALA B 810 64.69 -12.60 11.42
CA ALA B 810 63.52 -12.08 10.71
C ALA B 810 63.90 -11.24 9.50
N VAL B 811 65.07 -10.61 9.50
CA VAL B 811 65.45 -9.74 8.39
C VAL B 811 65.82 -10.60 7.19
N GLU B 812 65.32 -10.21 6.01
CA GLU B 812 65.58 -10.97 4.79
C GLU B 812 67.06 -10.87 4.40
N GLY B 813 67.64 -12.02 4.06
CA GLY B 813 69.03 -12.07 3.66
C GLY B 813 69.78 -13.22 4.28
N TRP B 817 73.08 -18.39 4.54
CA TRP B 817 71.78 -18.41 5.20
C TRP B 817 70.73 -19.07 4.32
N PRO B 818 70.26 -20.26 4.73
CA PRO B 818 69.25 -20.96 3.94
C PRO B 818 67.97 -20.15 3.82
N GLU B 819 67.33 -20.27 2.64
CA GLU B 819 66.08 -19.56 2.38
C GLU B 819 64.96 -20.05 3.30
N GLU B 820 64.91 -21.37 3.55
CA GLU B 820 63.88 -21.93 4.41
C GLU B 820 63.97 -21.36 5.82
N TRP B 821 65.16 -20.92 6.25
CA TRP B 821 65.30 -20.33 7.57
C TRP B 821 64.44 -19.09 7.71
N TYR B 822 64.45 -18.21 6.70
CA TYR B 822 63.54 -17.08 6.71
C TYR B 822 62.11 -17.49 6.40
N GLU B 823 61.93 -18.48 5.52
CA GLU B 823 60.59 -18.87 5.11
C GLU B 823 59.77 -19.39 6.29
N GLY B 824 60.41 -20.11 7.20
CA GLY B 824 59.69 -20.67 8.34
C GLY B 824 59.15 -19.63 9.30
N VAL B 825 59.74 -18.43 9.32
CA VAL B 825 59.30 -17.40 10.25
C VAL B 825 57.91 -16.89 9.91
N CYS B 826 57.51 -16.97 8.63
CA CYS B 826 56.25 -16.38 8.19
C CYS B 826 55.06 -17.05 8.89
N GLU B 827 54.98 -18.37 8.84
CA GLU B 827 53.87 -19.07 9.48
C GLU B 827 53.92 -18.95 11.00
N ILE B 828 55.13 -18.94 11.57
CA ILE B 828 55.26 -18.77 13.02
C ILE B 828 54.67 -17.43 13.44
N ALA B 829 55.00 -16.37 12.70
CA ALA B 829 54.41 -15.07 12.99
C ALA B 829 52.91 -15.05 12.72
N THR B 830 52.47 -15.81 11.71
CA THR B 830 51.04 -15.88 11.42
C THR B 830 50.26 -16.47 12.59
N LYS B 831 50.79 -17.53 13.20
CA LYS B 831 50.12 -18.19 14.31
C LYS B 831 50.56 -17.70 15.67
N SER B 832 51.47 -16.72 15.73
CA SER B 832 51.95 -16.24 17.01
C SER B 832 50.87 -15.40 17.70
N PRO B 833 50.77 -15.47 19.02
CA PRO B 833 49.83 -14.62 19.75
C PRO B 833 50.39 -13.20 19.91
N LEU B 834 49.52 -12.31 20.39
CA LEU B 834 49.91 -10.92 20.59
C LEU B 834 50.90 -10.81 21.75
N LEU B 835 51.81 -9.84 21.64
CA LEU B 835 52.81 -9.60 22.67
C LEU B 835 52.26 -8.65 23.74
N THR B 836 51.22 -9.13 24.42
CA THR B 836 50.58 -8.36 25.47
C THR B 836 51.21 -8.68 26.82
N PHE B 837 50.66 -8.09 27.87
CA PHE B 837 51.16 -8.31 29.23
C PHE B 837 50.03 -8.59 30.20
N GLU B 841 50.43 -4.91 36.85
CA GLU B 841 51.87 -5.16 36.86
C GLU B 841 52.61 -4.11 36.04
N PRO B 842 53.64 -3.51 36.65
CA PRO B 842 54.42 -2.49 35.92
C PRO B 842 55.10 -3.08 34.70
N LEU B 843 55.19 -2.26 33.65
CA LEU B 843 55.85 -2.70 32.42
C LEU B 843 57.35 -2.85 32.61
N ARG B 844 57.98 -1.90 33.31
CA ARG B 844 59.42 -1.96 33.50
C ARG B 844 59.82 -3.13 34.39
N SER B 845 58.98 -3.48 35.37
CA SER B 845 59.30 -4.59 36.27
C SER B 845 59.40 -5.90 35.51
N VAL B 846 58.53 -6.09 34.50
CA VAL B 846 58.55 -7.33 33.73
C VAL B 846 59.87 -7.47 32.97
N LEU B 847 60.33 -6.40 32.36
CA LEU B 847 61.58 -6.42 31.59
C LEU B 847 62.76 -6.03 32.48
N THR B 859 78.24 0.04 26.30
CA THR B 859 78.37 -0.01 24.85
C THR B 859 77.38 0.95 24.19
N PRO B 860 77.70 2.24 24.22
CA PRO B 860 76.80 3.24 23.60
C PRO B 860 76.74 3.13 22.08
N ALA B 861 77.74 2.54 21.43
CA ALA B 861 77.76 2.49 19.97
C ALA B 861 76.61 1.64 19.43
N GLU B 862 76.38 0.47 20.02
CA GLU B 862 75.29 -0.38 19.55
C GLU B 862 73.94 0.26 19.82
N LEU B 863 73.81 0.96 20.95
CA LEU B 863 72.56 1.68 21.22
C LEU B 863 72.35 2.77 20.18
N SER B 864 73.40 3.50 19.83
CA SER B 864 73.27 4.56 18.83
C SER B 864 72.87 4.00 17.47
N GLU B 865 73.51 2.90 17.06
CA GLU B 865 73.19 2.33 15.75
C GLU B 865 71.78 1.74 15.73
N LEU B 866 71.35 1.13 16.84
CA LEU B 866 69.98 0.63 16.91
C LEU B 866 68.97 1.77 16.83
N ARG B 867 69.25 2.87 17.53
CA ARG B 867 68.35 4.02 17.47
C ARG B 867 68.30 4.58 16.05
N SER B 868 69.45 4.66 15.38
CA SER B 868 69.48 5.15 14.01
C SER B 868 68.67 4.25 13.09
N THR B 869 68.83 2.93 13.21
CA THR B 869 68.08 2.00 12.37
C THR B 869 66.58 2.12 12.62
N ILE B 870 66.18 2.21 13.90
CA ILE B 870 64.76 2.32 14.21
C ILE B 870 64.19 3.63 13.68
N ILE B 871 64.92 4.73 13.83
CA ILE B 871 64.42 6.02 13.37
C ILE B 871 64.36 6.06 11.86
N ASN B 872 65.25 5.35 11.18
CA ASN B 872 65.17 5.27 9.72
C ASN B 872 63.99 4.42 9.28
N LEU B 873 63.73 3.32 9.99
CA LEU B 873 62.59 2.48 9.65
C LEU B 873 61.28 3.21 9.87
N LEU B 874 61.17 3.98 10.95
CA LEU B 874 59.90 4.63 11.28
C LEU B 874 59.75 5.96 10.55
N ASP B 875 60.78 6.80 10.59
CA ASP B 875 60.72 8.16 10.07
C ASP B 875 59.54 8.95 10.64
N PRO B 876 59.49 9.17 11.95
CA PRO B 876 58.35 9.83 12.56
C PRO B 876 58.55 11.33 12.61
N PRO B 877 57.57 12.09 13.09
CA PRO B 877 57.78 13.52 13.33
C PRO B 877 58.85 13.74 14.39
N PRO B 878 59.51 14.90 14.39
CA PRO B 878 60.68 15.09 15.27
C PRO B 878 60.40 14.92 16.75
N GLU B 879 59.18 15.21 17.21
CA GLU B 879 58.85 15.00 18.62
C GLU B 879 58.96 13.52 18.99
N VAL B 880 58.48 12.64 18.11
CA VAL B 880 58.59 11.21 18.38
C VAL B 880 60.05 10.78 18.40
N SER B 881 60.88 11.36 17.51
CA SER B 881 62.30 11.04 17.52
C SER B 881 62.95 11.48 18.83
N ALA B 882 62.60 12.67 19.31
CA ALA B 882 63.13 13.14 20.60
C ALA B 882 62.68 12.23 21.73
N LEU B 883 61.44 11.77 21.69
CA LEU B 883 60.96 10.82 22.70
C LEU B 883 61.74 9.52 22.65
N ILE B 884 62.05 9.03 21.45
CA ILE B 884 62.83 7.80 21.30
C ILE B 884 64.25 7.98 21.80
N ASN B 885 64.81 9.18 21.63
CA ASN B 885 66.24 9.40 21.92
C ASN B 885 66.60 9.10 23.37
N LYS B 886 65.64 9.11 24.29
CA LYS B 886 65.94 8.90 25.70
C LYS B 886 65.66 7.48 26.18
N LEU B 887 65.39 6.55 25.26
CA LEU B 887 65.05 5.17 25.60
C LEU B 887 66.30 4.29 25.59
N ASP B 888 66.28 3.26 26.42
CA ASP B 888 67.41 2.34 26.53
C ASP B 888 67.28 1.24 25.48
N PHE B 889 68.10 0.19 25.61
CA PHE B 889 68.16 -0.84 24.58
C PHE B 889 66.94 -1.76 24.61
N ALA B 890 66.45 -2.06 25.81
CA ALA B 890 65.38 -3.04 25.95
C ALA B 890 64.09 -2.56 25.30
N MET B 891 63.72 -1.30 25.53
CA MET B 891 62.53 -0.74 24.89
C MET B 891 62.70 -0.71 23.38
N SER B 892 63.89 -0.36 22.91
CA SER B 892 64.14 -0.29 21.47
C SER B 892 63.98 -1.64 20.82
N THR B 893 64.56 -2.69 21.41
CA THR B 893 64.44 -4.01 20.81
C THR B 893 63.02 -4.54 20.93
N TYR B 894 62.30 -4.18 21.99
CA TYR B 894 60.89 -4.55 22.09
C TYR B 894 60.09 -3.92 20.96
N LEU B 895 60.32 -2.62 20.70
CA LEU B 895 59.63 -1.94 19.61
C LEU B 895 59.97 -2.57 18.26
N LEU B 896 61.25 -2.86 18.04
CA LEU B 896 61.65 -3.48 16.79
C LEU B 896 61.00 -4.85 16.61
N SER B 897 60.96 -5.65 17.68
CA SER B 897 60.36 -6.98 17.60
C SER B 897 58.88 -6.89 17.29
N VAL B 898 58.16 -5.99 17.97
CA VAL B 898 56.72 -5.89 17.73
C VAL B 898 56.45 -5.37 16.32
N TYR B 899 57.26 -4.43 15.84
CA TYR B 899 57.10 -3.93 14.48
C TYR B 899 57.30 -5.04 13.47
N ARG B 900 58.37 -5.83 13.64
CA ARG B 900 58.63 -6.94 12.71
C ARG B 900 57.50 -7.95 12.74
N LEU B 901 57.04 -8.31 13.95
CA LEU B 901 55.98 -9.29 14.08
C LEU B 901 54.70 -8.83 13.40
N GLU B 902 54.30 -7.57 13.65
CA GLU B 902 53.07 -7.07 13.05
C GLU B 902 53.19 -6.96 11.54
N TYR B 903 54.35 -6.52 11.05
CA TYR B 903 54.53 -6.41 9.60
C TYR B 903 54.45 -7.78 8.94
N MET B 904 55.12 -8.78 9.50
CA MET B 904 55.06 -10.13 8.94
C MET B 904 53.63 -10.66 9.00
N ARG B 905 52.93 -10.43 10.12
CA ARG B 905 51.56 -10.90 10.25
C ARG B 905 50.66 -10.30 9.18
N VAL B 906 50.70 -8.96 9.03
CA VAL B 906 49.82 -8.31 8.07
C VAL B 906 50.20 -8.70 6.65
N LEU B 907 51.48 -8.99 6.40
CA LEU B 907 51.88 -9.36 5.05
C LEU B 907 51.46 -10.78 4.68
N ARG B 908 51.48 -11.70 5.65
CA ARG B 908 51.26 -13.11 5.37
C ARG B 908 50.00 -13.66 6.03
N SER B 909 49.04 -12.80 6.37
CA SER B 909 47.81 -13.27 7.00
C SER B 909 46.79 -13.71 5.96
N THR B 910 45.74 -14.38 6.46
CA THR B 910 44.60 -14.76 5.63
C THR B 910 43.27 -14.53 6.32
N ASP B 911 43.26 -14.12 7.59
CA ASP B 911 42.03 -13.87 8.31
C ASP B 911 41.43 -12.53 7.88
N PRO B 912 40.10 -12.40 7.89
CA PRO B 912 39.46 -11.13 7.52
C PRO B 912 39.68 -10.00 8.52
N ASP B 913 40.31 -10.27 9.67
CA ASP B 913 40.53 -9.24 10.69
C ASP B 913 41.98 -8.76 10.72
N ARG B 914 42.58 -8.57 9.54
CA ARG B 914 44.01 -8.31 9.45
C ARG B 914 44.42 -7.06 10.24
N PHE B 915 43.89 -5.90 9.86
CA PHE B 915 44.41 -4.65 10.39
C PHE B 915 43.71 -4.17 11.66
N GLN B 916 42.54 -4.70 11.99
CA GLN B 916 41.82 -4.21 13.15
C GLN B 916 42.32 -4.82 14.46
N VAL B 917 43.23 -5.79 14.42
CA VAL B 917 43.79 -6.34 15.65
C VAL B 917 44.69 -5.34 16.35
N MET B 918 45.21 -4.34 15.62
CA MET B 918 46.17 -3.41 16.20
C MET B 918 45.55 -2.63 17.36
N PHE B 919 44.24 -2.36 17.30
CA PHE B 919 43.57 -1.67 18.39
C PHE B 919 43.66 -2.43 19.70
N CYS B 920 43.92 -3.73 19.66
CA CYS B 920 44.13 -4.48 20.89
C CYS B 920 45.32 -3.95 21.68
N TYR B 921 46.32 -3.41 20.99
CA TYR B 921 47.45 -2.79 21.67
C TYR B 921 47.08 -1.43 22.25
N PHE B 922 46.03 -0.79 21.74
CA PHE B 922 45.63 0.53 22.22
C PHE B 922 44.82 0.48 23.51
N GLU B 923 44.32 -0.69 23.90
CA GLU B 923 43.49 -0.83 25.08
C GLU B 923 44.26 -1.38 26.28
N ASP B 924 45.58 -1.49 26.19
CA ASP B 924 46.39 -1.99 27.29
C ASP B 924 46.64 -0.86 28.29
N LYS B 925 46.20 -1.07 29.53
CA LYS B 925 46.38 -0.05 30.56
C LYS B 925 47.85 0.15 30.90
N ALA B 926 48.63 -0.94 30.92
CA ALA B 926 50.04 -0.85 31.24
C ALA B 926 50.79 0.01 30.23
N ILE B 927 50.47 -0.15 28.94
CA ILE B 927 51.11 0.66 27.91
C ILE B 927 50.73 2.12 28.07
N GLN B 928 49.47 2.39 28.39
CA GLN B 928 49.02 3.78 28.57
C GLN B 928 49.72 4.44 29.75
N LYS B 929 49.86 3.70 30.86
CA LYS B 929 50.44 4.29 32.07
C LYS B 929 51.94 4.56 31.93
N ASP B 930 52.61 3.92 30.98
CA ASP B 930 54.05 4.11 30.82
C ASP B 930 54.35 5.52 30.33
N LYS B 931 55.53 6.01 30.70
CA LYS B 931 55.99 7.32 30.28
C LYS B 931 56.67 7.25 28.92
N MET B 935 54.69 5.48 23.35
CA MET B 935 53.27 5.52 23.04
C MET B 935 53.03 5.99 21.61
N GLN B 936 53.63 7.13 21.26
CA GLN B 936 53.52 7.64 19.89
C GLN B 936 54.19 6.71 18.90
N CYS B 937 55.17 5.92 19.34
CA CYS B 937 55.75 4.90 18.48
C CYS B 937 54.70 3.89 18.05
N VAL B 938 53.78 3.55 18.96
CA VAL B 938 52.74 2.58 18.65
C VAL B 938 51.83 3.12 17.54
N ILE B 939 51.42 4.37 17.65
CA ILE B 939 50.54 4.93 16.61
C ILE B 939 51.32 5.13 15.32
N ALA B 940 52.63 5.40 15.40
CA ALA B 940 53.42 5.52 14.19
C ALA B 940 53.51 4.20 13.44
N VAL B 941 53.80 3.11 14.16
CA VAL B 941 53.87 1.81 13.50
C VAL B 941 52.47 1.38 13.03
N ALA B 942 51.42 1.80 13.75
CA ALA B 942 50.06 1.52 13.28
C ALA B 942 49.79 2.22 11.96
N ASP B 943 50.22 3.48 11.84
CA ASP B 943 50.06 4.19 10.57
C ASP B 943 50.84 3.51 9.45
N LYS B 944 52.06 3.05 9.76
CA LYS B 944 52.87 2.38 8.75
C LYS B 944 52.19 1.09 8.27
N VAL B 945 51.70 0.28 9.21
CA VAL B 945 51.07 -0.98 8.83
C VAL B 945 49.75 -0.73 8.10
N PHE B 946 49.02 0.31 8.49
CA PHE B 946 47.79 0.66 7.78
C PHE B 946 48.10 1.09 6.35
N ASP B 947 49.16 1.86 6.15
CA ASP B 947 49.56 2.25 4.81
C ASP B 947 49.95 1.03 3.98
N ALA B 948 50.69 0.09 4.59
CA ALA B 948 51.06 -1.12 3.87
C ALA B 948 49.82 -1.92 3.47
N PHE B 949 48.85 -2.05 4.38
CA PHE B 949 47.63 -2.77 4.07
C PHE B 949 46.85 -2.09 2.95
N LEU B 950 46.77 -0.76 2.98
CA LEU B 950 46.07 -0.04 1.93
C LEU B 950 46.76 -0.22 0.58
N ASN B 951 48.10 -0.17 0.57
CA ASN B 951 48.84 -0.41 -0.67
C ASN B 951 48.58 -1.81 -1.19
N MET B 952 48.52 -2.80 -0.29
CA MET B 952 48.21 -4.17 -0.72
C MET B 952 46.82 -4.26 -1.31
N MET B 953 45.83 -3.66 -0.66
CA MET B 953 44.44 -3.77 -1.09
C MET B 953 44.16 -2.92 -2.33
N ALA B 954 45.02 -1.97 -2.67
CA ALA B 954 44.79 -1.11 -3.82
C ALA B 954 44.67 -1.87 -5.13
N ASP B 955 45.27 -3.05 -5.23
CA ASP B 955 45.24 -3.80 -6.49
C ASP B 955 45.02 -5.29 -6.27
N LYS B 956 44.24 -5.65 -5.24
CA LYS B 956 43.99 -7.05 -4.95
C LYS B 956 43.24 -7.74 -6.08
N ALA B 957 42.00 -7.32 -6.32
CA ALA B 957 41.14 -7.91 -7.34
C ALA B 957 39.93 -7.00 -7.52
N LYS B 958 38.97 -7.43 -8.33
CA LYS B 958 37.74 -6.69 -8.58
C LYS B 958 36.53 -7.58 -8.46
N THR B 959 36.47 -8.38 -7.40
CA THR B 959 35.36 -9.30 -7.17
C THR B 959 34.47 -8.77 -6.06
N LYS B 960 33.39 -9.53 -5.78
CA LYS B 960 32.45 -9.14 -4.74
C LYS B 960 33.04 -9.26 -3.35
N GLU B 961 33.91 -10.25 -3.13
CA GLU B 961 34.47 -10.49 -1.80
C GLU B 961 35.30 -9.30 -1.32
N ASN B 962 36.08 -8.71 -2.22
CA ASN B 962 36.85 -7.52 -1.84
C ASN B 962 35.94 -6.37 -1.44
N GLU B 963 34.83 -6.19 -2.17
CA GLU B 963 33.87 -5.15 -1.80
C GLU B 963 33.28 -5.43 -0.42
N GLU B 964 32.96 -6.70 -0.13
CA GLU B 964 32.43 -7.03 1.19
C GLU B 964 33.44 -6.74 2.29
N GLU B 965 34.71 -7.10 2.05
CA GLU B 965 35.74 -6.84 3.05
C GLU B 965 35.92 -5.34 3.29
N LEU B 966 35.93 -4.55 2.21
CA LEU B 966 36.04 -3.10 2.36
C LEU B 966 34.85 -2.53 3.11
N GLU B 967 33.65 -3.02 2.81
CA GLU B 967 32.46 -2.56 3.52
C GLU B 967 32.56 -2.86 5.01
N ARG B 968 33.00 -4.07 5.35
CA ARG B 968 33.14 -4.43 6.76
C ARG B 968 34.18 -3.57 7.46
N HIS B 969 35.31 -3.31 6.79
CA HIS B 969 36.34 -2.47 7.40
C HIS B 969 35.84 -1.04 7.60
N ALA B 970 35.10 -0.50 6.62
CA ALA B 970 34.53 0.82 6.77
C ALA B 970 33.52 0.87 7.92
N GLN B 971 32.71 -0.18 8.06
CA GLN B 971 31.76 -0.23 9.17
C GLN B 971 32.48 -0.26 10.51
N PHE B 972 33.57 -1.03 10.60
CA PHE B 972 34.35 -1.07 11.83
C PHE B 972 34.95 0.29 12.15
N LEU B 973 35.50 0.97 11.14
CA LEU B 973 36.07 2.29 11.39
C LEU B 973 34.99 3.29 11.81
N LEU B 974 33.80 3.18 11.23
CA LEU B 974 32.69 4.04 11.65
C LEU B 974 32.30 3.78 13.09
N VAL B 975 32.20 2.50 13.48
CA VAL B 975 31.78 2.21 14.85
C VAL B 975 32.87 2.54 15.86
N ASN B 976 34.12 2.61 15.43
CA ASN B 976 35.20 3.01 16.33
C ASN B 976 35.44 4.52 16.35
N PHE B 977 34.59 5.30 15.70
CA PHE B 977 34.79 6.75 15.65
C PHE B 977 34.40 7.44 16.95
N ASN B 978 33.63 6.77 17.81
CA ASN B 978 33.11 7.37 19.04
C ASN B 978 33.68 6.71 20.28
N HIS B 979 34.99 6.47 20.28
CA HIS B 979 35.63 5.85 21.43
C HIS B 979 35.70 6.83 22.60
N ILE B 980 35.80 6.28 23.81
CA ILE B 980 35.80 7.10 25.02
C ILE B 980 37.13 7.82 25.21
N HIS B 981 38.21 7.35 24.59
CA HIS B 981 39.52 7.95 24.78
C HIS B 981 39.63 9.19 23.89
N LYS B 982 40.84 9.76 23.79
CA LYS B 982 41.08 10.97 23.04
C LYS B 982 41.78 10.70 21.70
N ARG B 983 42.94 10.05 21.73
CA ARG B 983 43.69 9.80 20.51
C ARG B 983 43.09 8.69 19.65
N ILE B 984 42.31 7.79 20.25
CA ILE B 984 41.73 6.68 19.50
C ILE B 984 40.78 7.20 18.43
N ARG B 985 39.90 8.14 18.80
CA ARG B 985 38.98 8.68 17.81
C ARG B 985 39.70 9.50 16.75
N ARG B 986 40.78 10.19 17.13
CA ARG B 986 41.54 10.95 16.13
C ARG B 986 42.18 10.03 15.10
N VAL B 987 42.82 8.97 15.56
CA VAL B 987 43.47 8.05 14.61
C VAL B 987 42.41 7.32 13.79
N ALA B 988 41.26 6.99 14.39
CA ALA B 988 40.18 6.38 13.62
C ALA B 988 39.67 7.32 12.54
N ASP B 989 39.53 8.61 12.88
CA ASP B 989 39.09 9.59 11.88
C ASP B 989 40.10 9.71 10.75
N LYS B 990 41.39 9.72 11.08
CA LYS B 990 42.41 9.79 10.04
C LYS B 990 42.37 8.56 9.13
N TYR B 991 42.22 7.38 9.71
CA TYR B 991 42.14 6.17 8.91
C TYR B 991 40.91 6.17 8.02
N LEU B 992 39.77 6.61 8.56
CA LEU B 992 38.54 6.68 7.76
C LEU B 992 38.70 7.67 6.61
N SER B 993 39.30 8.82 6.88
CA SER B 993 39.52 9.80 5.81
C SER B 993 40.40 9.23 4.72
N GLY B 994 41.50 8.57 5.09
CA GLY B 994 42.36 7.97 4.09
C GLY B 994 41.65 6.89 3.28
N LEU B 995 40.91 6.01 3.96
CA LEU B 995 40.23 4.92 3.27
C LEU B 995 39.18 5.46 2.30
N VAL B 996 38.39 6.44 2.73
CA VAL B 996 37.38 7.01 1.84
C VAL B 996 38.03 7.83 0.74
N ASP B 997 39.24 8.34 0.96
CA ASP B 997 39.95 9.06 -0.09
C ASP B 997 40.40 8.12 -1.20
N LYS B 998 41.01 6.99 -0.82
CA LYS B 998 41.56 6.11 -1.84
C LYS B 998 40.49 5.21 -2.50
N PHE B 999 39.31 5.08 -1.90
CA PHE B 999 38.25 4.25 -2.44
C PHE B 999 36.96 5.07 -2.46
N PRO B 1000 36.79 5.91 -3.48
CA PRO B 1000 35.60 6.78 -3.51
C PRO B 1000 34.28 6.04 -3.67
N HIS B 1001 34.28 4.82 -4.20
CA HIS B 1001 33.03 4.15 -4.51
C HIS B 1001 32.28 3.68 -3.27
N LEU B 1002 32.90 3.74 -2.10
CA LEU B 1002 32.21 3.36 -0.87
C LEU B 1002 31.15 4.37 -0.44
N LEU B 1003 31.14 5.56 -1.03
CA LEU B 1003 30.20 6.59 -0.60
C LEU B 1003 28.76 6.18 -0.89
N TRP B 1004 28.49 5.63 -2.07
CA TRP B 1004 27.14 5.27 -2.48
C TRP B 1004 26.81 3.81 -2.20
N SER B 1005 27.45 3.21 -1.21
CA SER B 1005 27.12 1.84 -0.84
C SER B 1005 25.76 1.79 -0.13
N GLY B 1006 25.17 0.60 -0.10
CA GLY B 1006 23.87 0.38 0.48
C GLY B 1006 23.85 -0.13 1.90
N THR B 1007 24.98 -0.13 2.60
CA THR B 1007 25.03 -0.64 3.97
C THR B 1007 25.64 0.38 4.93
N VAL B 1008 26.54 1.22 4.42
CA VAL B 1008 27.17 2.23 5.25
C VAL B 1008 26.13 3.22 5.77
N LEU B 1009 25.23 3.67 4.89
CA LEU B 1009 24.24 4.66 5.28
C LEU B 1009 23.30 4.13 6.37
N LYS B 1010 22.84 2.89 6.22
CA LYS B 1010 21.96 2.32 7.23
C LYS B 1010 22.66 2.20 8.58
N THR B 1011 23.91 1.75 8.58
CA THR B 1011 24.66 1.61 9.83
C THR B 1011 24.85 2.97 10.50
N MET B 1012 25.22 3.98 9.71
CA MET B 1012 25.47 5.29 10.32
C MET B 1012 24.19 5.92 10.83
N LEU B 1013 23.07 5.74 10.12
CA LEU B 1013 21.79 6.22 10.64
C LEU B 1013 21.41 5.50 11.92
N ASP B 1014 21.64 4.19 11.98
CA ASP B 1014 21.31 3.43 13.18
C ASP B 1014 22.13 3.90 14.37
N ILE B 1015 23.44 4.10 14.18
CA ILE B 1015 24.26 4.53 15.30
C ILE B 1015 23.93 5.96 15.72
N LEU B 1016 23.58 6.82 14.75
CA LEU B 1016 23.15 8.16 15.10
C LEU B 1016 21.87 8.13 15.92
N GLN B 1017 20.91 7.28 15.54
CA GLN B 1017 19.68 7.14 16.31
C GLN B 1017 19.97 6.61 17.70
N THR B 1018 20.90 5.65 17.81
CA THR B 1018 21.26 5.12 19.11
C THR B 1018 21.83 6.21 20.02
N LEU B 1019 22.74 7.03 19.48
CA LEU B 1019 23.30 8.12 20.27
C LEU B 1019 22.23 9.13 20.66
N SER B 1020 21.33 9.47 19.74
CA SER B 1020 20.27 10.42 20.06
C SER B 1020 19.37 9.88 21.16
N LEU B 1021 19.04 8.59 21.11
CA LEU B 1021 18.26 7.98 22.18
C LEU B 1021 19.02 7.99 23.49
N SER B 1022 20.32 7.72 23.46
CA SER B 1022 21.14 7.73 24.66
C SER B 1022 21.42 9.13 25.18
N LEU B 1023 21.04 10.17 24.45
CA LEU B 1023 21.29 11.54 24.90
C LEU B 1023 20.69 11.80 26.27
N SER B 1024 19.45 11.36 26.49
CA SER B 1024 18.74 11.57 27.76
C SER B 1024 18.26 10.21 28.26
N ALA B 1025 19.09 9.55 29.07
CA ALA B 1025 18.77 8.21 29.57
C ALA B 1025 19.16 8.06 31.03
N ASP B 1026 18.88 9.08 31.85
CA ASP B 1026 19.04 9.01 33.31
C ASP B 1026 20.47 8.64 33.69
N ILE B 1027 21.38 9.58 33.42
CA ILE B 1027 22.82 9.41 33.58
C ILE B 1027 23.17 8.72 34.90
N HIS B 1028 22.42 9.01 35.97
CA HIS B 1028 22.70 8.36 37.25
C HIS B 1028 22.45 6.86 37.20
N LYS B 1029 21.52 6.42 36.36
CA LYS B 1029 21.27 4.99 36.20
C LYS B 1029 22.49 4.34 35.52
N ASP B 1030 22.77 3.11 35.91
CA ASP B 1030 23.97 2.41 35.48
C ASP B 1030 23.78 1.86 34.06
N GLN B 1031 24.70 0.99 33.64
CA GLN B 1031 24.67 0.32 32.35
C GLN B 1031 24.66 1.32 31.20
N PRO B 1032 25.78 2.02 30.96
CA PRO B 1032 25.84 2.96 29.83
C PRO B 1032 26.03 2.28 28.48
N TYR B 1033 26.11 0.96 28.44
CA TYR B 1033 26.34 0.24 27.20
C TYR B 1033 25.08 0.22 26.35
N TYR B 1034 25.28 0.11 25.03
CA TYR B 1034 24.17 0.00 24.08
C TYR B 1034 24.57 -0.96 22.98
N ASP B 1035 23.57 -1.57 22.35
CA ASP B 1035 23.78 -2.55 21.30
C ASP B 1035 23.28 -2.00 19.97
N ILE B 1036 24.15 -2.04 18.96
CA ILE B 1036 23.77 -1.57 17.62
C ILE B 1036 22.93 -2.64 16.93
N PRO B 1037 21.74 -2.31 16.45
CA PRO B 1037 20.93 -3.30 15.73
C PRO B 1037 21.60 -3.71 14.43
N ASP B 1038 21.39 -4.98 14.07
CA ASP B 1038 21.84 -5.57 12.81
C ASP B 1038 23.37 -5.57 12.67
N ALA B 1039 24.09 -5.39 13.77
CA ALA B 1039 25.55 -5.42 13.75
C ALA B 1039 26.07 -5.68 15.15
N PRO B 1040 26.90 -6.71 15.36
CA PRO B 1040 27.36 -7.00 16.72
C PRO B 1040 28.46 -6.06 17.17
N TYR B 1041 28.10 -5.10 18.02
CA TYR B 1041 29.03 -4.12 18.56
C TYR B 1041 28.42 -3.54 19.83
N ARG B 1042 29.16 -2.64 20.48
CA ARG B 1042 28.65 -1.93 21.64
C ARG B 1042 29.26 -0.54 21.69
N ILE B 1043 28.54 0.38 22.33
CA ILE B 1043 28.95 1.78 22.43
C ILE B 1043 28.87 2.21 23.88
N THR B 1044 29.93 2.86 24.37
CA THR B 1044 29.96 3.44 25.70
C THR B 1044 29.81 4.96 25.60
N VAL B 1045 29.23 5.54 26.63
CA VAL B 1045 28.94 6.98 26.64
C VAL B 1045 29.53 7.62 27.89
N PRO B 1046 29.87 8.91 27.85
CA PRO B 1046 30.39 9.57 29.06
C PRO B 1046 29.32 9.77 30.11
N ASP B 1047 29.69 10.36 31.25
CA ASP B 1047 28.77 10.54 32.36
C ASP B 1047 28.02 11.86 32.31
N THR B 1048 28.74 12.97 32.10
CA THR B 1048 28.12 14.28 32.11
C THR B 1048 27.29 14.49 30.84
N TYR B 1049 26.23 15.30 30.97
CA TYR B 1049 25.40 15.62 29.81
C TYR B 1049 26.18 16.44 28.79
N GLU B 1050 27.06 17.32 29.25
CA GLU B 1050 27.78 18.20 28.33
C GLU B 1050 28.67 17.42 27.38
N ALA B 1051 29.38 16.41 27.88
CA ALA B 1051 30.24 15.61 27.01
C ALA B 1051 29.42 14.84 25.98
N ARG B 1052 28.28 14.29 26.40
CA ARG B 1052 27.43 13.56 25.46
C ARG B 1052 26.88 14.48 24.38
N GLU B 1053 26.43 15.68 24.76
CA GLU B 1053 25.95 16.64 23.77
C GLU B 1053 27.07 17.04 22.83
N SER B 1054 28.28 17.26 23.35
CA SER B 1054 29.40 17.64 22.50
C SER B 1054 29.73 16.54 21.50
N ILE B 1055 29.76 15.28 21.95
CA ILE B 1055 30.14 14.21 21.05
C ILE B 1055 29.06 13.98 19.99
N VAL B 1056 27.78 14.08 20.37
CA VAL B 1056 26.72 13.87 19.38
C VAL B 1056 26.71 15.02 18.37
N LYS B 1057 26.93 16.25 18.83
CA LYS B 1057 26.99 17.38 17.90
C LYS B 1057 28.19 17.25 16.97
N ASP B 1058 29.33 16.78 17.48
CA ASP B 1058 30.49 16.56 16.63
C ASP B 1058 30.21 15.49 15.58
N PHE B 1059 29.54 14.39 15.98
CA PHE B 1059 29.25 13.33 15.02
C PHE B 1059 28.20 13.76 14.00
N ALA B 1060 27.33 14.70 14.35
CA ALA B 1060 26.25 15.11 13.45
C ALA B 1060 26.73 15.87 12.21
N ALA B 1061 28.03 16.08 12.03
CA ALA B 1061 28.54 16.82 10.88
C ALA B 1061 29.10 15.92 9.78
N ARG B 1062 29.77 14.83 10.16
CA ARG B 1062 30.30 13.90 9.17
C ARG B 1062 29.19 13.29 8.34
N CYS B 1063 28.02 13.04 8.97
CA CYS B 1063 26.89 12.49 8.23
C CYS B 1063 26.51 13.41 7.09
N GLY B 1064 26.31 14.70 7.38
CA GLY B 1064 25.96 15.64 6.33
C GLY B 1064 27.05 15.78 5.29
N MET B 1065 28.32 15.79 5.73
CA MET B 1065 29.42 15.94 4.80
C MET B 1065 29.45 14.80 3.79
N ILE B 1066 29.42 13.56 4.28
CA ILE B 1066 29.48 12.43 3.36
C ILE B 1066 28.20 12.30 2.55
N LEU B 1067 27.05 12.70 3.11
CA LEU B 1067 25.81 12.65 2.35
C LEU B 1067 25.87 13.60 1.15
N GLN B 1068 26.35 14.83 1.38
CA GLN B 1068 26.44 15.76 0.26
C GLN B 1068 27.51 15.31 -0.73
N GLU B 1069 28.61 14.72 -0.24
CA GLU B 1069 29.63 14.20 -1.15
C GLU B 1069 29.06 13.10 -2.04
N ALA B 1070 28.27 12.20 -1.46
CA ALA B 1070 27.66 11.12 -2.26
C ALA B 1070 26.64 11.66 -3.24
N MET B 1071 25.80 12.60 -2.80
CA MET B 1071 24.76 13.12 -3.68
C MET B 1071 25.33 13.99 -4.80
N LYS B 1072 26.54 14.53 -4.60
CA LYS B 1072 27.13 15.36 -5.64
C LYS B 1072 27.39 14.57 -6.92
N TRP B 1073 27.87 13.34 -6.81
CA TRP B 1073 28.32 12.59 -7.97
C TRP B 1073 27.21 11.77 -8.63
N ALA B 1074 26.59 10.87 -7.88
CA ALA B 1074 25.59 9.94 -8.41
C ALA B 1074 24.30 10.08 -7.60
N PRO B 1075 23.49 11.09 -7.89
CA PRO B 1075 22.27 11.30 -7.11
C PRO B 1075 21.27 10.16 -7.21
N THR B 1076 21.21 9.46 -8.35
CA THR B 1076 20.14 8.49 -8.57
C THR B 1076 20.23 7.31 -7.60
N VAL B 1077 21.41 6.71 -7.48
CA VAL B 1077 21.54 5.50 -6.67
C VAL B 1077 21.34 5.81 -5.20
N THR B 1078 21.94 6.91 -4.71
CA THR B 1078 21.79 7.26 -3.30
C THR B 1078 20.35 7.68 -3.00
N LYS B 1079 19.70 8.35 -3.95
CA LYS B 1079 18.29 8.72 -3.76
C LYS B 1079 17.41 7.47 -3.67
N SER B 1080 17.68 6.48 -4.53
CA SER B 1080 16.92 5.24 -4.48
C SER B 1080 17.16 4.50 -3.17
N HIS B 1081 18.41 4.48 -2.69
CA HIS B 1081 18.70 3.84 -1.42
C HIS B 1081 17.99 4.53 -0.27
N LEU B 1082 17.97 5.88 -0.28
CA LEU B 1082 17.25 6.61 0.76
C LEU B 1082 15.76 6.32 0.71
N GLN B 1083 15.19 6.23 -0.50
CA GLN B 1083 13.78 5.86 -0.62
C GLN B 1083 13.54 4.48 -0.06
N GLU B 1084 14.43 3.53 -0.34
CA GLU B 1084 14.27 2.17 0.17
C GLU B 1084 14.36 2.13 1.69
N TYR B 1085 15.24 2.95 2.28
CA TYR B 1085 15.43 2.93 3.72
C TYR B 1085 14.18 3.39 4.46
N LEU B 1086 13.37 4.25 3.85
CA LEU B 1086 12.21 4.83 4.50
C LEU B 1086 10.95 3.95 4.38
N ASN B 1087 11.12 2.66 4.12
CA ASN B 1087 10.00 1.74 3.92
C ASN B 1087 10.14 0.52 4.80
N LYS B 1088 10.41 0.73 6.08
CA LYS B 1088 10.50 -0.35 7.06
C LYS B 1088 9.41 -0.18 8.11
N HIS B 1089 8.80 -1.30 8.52
CA HIS B 1089 7.67 -1.24 9.43
C HIS B 1089 8.09 -0.88 10.85
N GLN B 1090 9.30 -1.29 11.26
CA GLN B 1090 9.73 -1.08 12.63
C GLN B 1090 9.81 0.40 12.98
N ASN B 1091 10.36 1.21 12.08
CA ASN B 1091 10.54 2.63 12.34
C ASN B 1091 9.24 3.42 12.23
N TRP B 1092 8.22 2.87 11.56
CA TRP B 1092 6.98 3.62 11.38
C TRP B 1092 6.25 3.81 12.70
N VAL B 1093 6.31 2.82 13.60
CA VAL B 1093 5.65 2.95 14.89
C VAL B 1093 6.27 4.08 15.70
N SER B 1094 7.60 4.16 15.72
CA SER B 1094 8.29 5.19 16.48
C SER B 1094 8.43 6.51 15.74
N GLY B 1095 8.00 6.56 14.47
CA GLY B 1095 8.07 7.82 13.74
C GLY B 1095 7.28 8.94 14.39
N LEU B 1096 6.26 8.59 15.18
CA LEU B 1096 5.54 9.61 15.93
C LEU B 1096 6.40 10.27 16.98
N SER B 1097 7.51 9.63 17.38
CA SER B 1097 8.49 10.21 18.27
C SER B 1097 9.56 10.92 17.44
N GLN B 1098 10.67 11.27 18.06
CA GLN B 1098 11.75 11.97 17.37
C GLN B 1098 12.31 11.16 16.21
N HIS B 1099 12.94 10.03 16.51
CA HIS B 1099 13.52 9.15 15.50
C HIS B 1099 14.45 9.93 14.55
N THR B 1100 15.55 10.40 15.14
CA THR B 1100 16.43 11.35 14.47
C THR B 1100 16.92 10.87 13.11
N GLY B 1101 17.04 9.56 12.92
CA GLY B 1101 17.52 9.04 11.64
C GLY B 1101 16.62 9.41 10.49
N LEU B 1102 15.31 9.24 10.67
CA LEU B 1102 14.36 9.59 9.62
C LEU B 1102 14.36 11.09 9.34
N ALA B 1103 14.46 11.91 10.40
CA ALA B 1103 14.52 13.34 10.21
C ALA B 1103 15.76 13.75 9.41
N MET B 1104 16.91 13.16 9.74
CA MET B 1104 18.12 13.43 8.96
C MET B 1104 17.95 13.02 7.51
N ALA B 1105 17.38 11.83 7.28
CA ALA B 1105 17.21 11.35 5.91
C ALA B 1105 16.29 12.25 5.11
N THR B 1106 15.19 12.71 5.71
CA THR B 1106 14.25 13.54 4.98
C THR B 1106 14.68 14.99 4.90
N GLU B 1107 15.66 15.41 5.70
CA GLU B 1107 16.16 16.78 5.63
C GLU B 1107 17.35 16.91 4.68
N SER B 1108 18.19 15.87 4.57
CA SER B 1108 19.39 15.96 3.74
C SER B 1108 19.10 15.80 2.24
N ILE B 1109 17.87 15.44 1.87
CA ILE B 1109 17.57 15.20 0.45
C ILE B 1109 17.43 16.48 -0.36
N LEU B 1110 17.00 17.58 0.26
CA LEU B 1110 16.52 18.72 -0.51
C LEU B 1110 17.65 19.61 -1.00
N HIS B 1111 18.45 20.15 -0.08
CA HIS B 1111 19.45 21.14 -0.44
C HIS B 1111 20.64 20.57 -1.22
N PHE B 1112 20.63 19.29 -1.56
CA PHE B 1112 21.61 18.73 -2.47
C PHE B 1112 20.96 18.20 -3.75
N ALA B 1113 19.71 18.56 -4.01
CA ALA B 1113 19.00 18.12 -5.20
C ALA B 1113 19.40 18.95 -6.41
N GLY B 1114 19.00 18.47 -7.59
CA GLY B 1114 19.37 19.12 -8.83
C GLY B 1114 18.21 19.39 -9.77
N TYR B 1115 18.51 19.84 -10.97
CA TYR B 1115 17.50 20.16 -11.95
C TYR B 1115 17.09 18.92 -12.74
N ASN B 1116 15.89 18.95 -13.30
CA ASN B 1116 15.35 17.84 -14.06
C ASN B 1116 15.72 17.98 -15.53
N LYS B 1117 15.11 17.14 -16.38
CA LYS B 1117 15.43 17.15 -17.80
C LYS B 1117 15.02 18.46 -18.47
N GLN B 1118 13.86 19.00 -18.08
CA GLN B 1118 13.34 20.19 -18.75
C GLN B 1118 14.22 21.41 -18.50
N ASN B 1119 14.75 21.56 -17.28
CA ASN B 1119 15.49 22.74 -16.89
C ASN B 1119 16.96 22.42 -16.62
N THR B 1120 17.57 21.58 -17.46
CA THR B 1120 18.97 21.21 -17.29
C THR B 1120 19.92 22.04 -18.12
N THR B 1121 19.46 22.65 -19.22
CA THR B 1121 20.32 23.43 -20.12
C THR B 1121 19.60 24.74 -20.45
N LEU B 1122 19.83 25.76 -19.61
CA LEU B 1122 19.30 27.10 -19.85
C LEU B 1122 20.31 28.12 -19.37
N GLY B 1123 20.18 29.34 -19.90
CA GLY B 1123 21.05 30.43 -19.52
C GLY B 1123 20.33 31.52 -18.75
N ALA B 1124 20.79 31.79 -17.53
CA ALA B 1124 20.16 32.80 -16.69
C ALA B 1124 20.43 34.21 -17.23
N LYS B 1135 11.86 24.88 -11.62
CA LYS B 1135 13.28 24.97 -11.30
C LYS B 1135 13.75 23.74 -10.54
N LYS B 1136 13.85 23.86 -9.22
CA LYS B 1136 14.18 22.70 -8.40
C LYS B 1136 13.04 21.69 -8.44
N ASP B 1137 13.39 20.41 -8.39
CA ASP B 1137 12.45 19.33 -8.66
C ASP B 1137 12.50 18.30 -7.54
N TYR B 1138 11.34 18.00 -6.95
CA TYR B 1138 11.22 16.96 -5.95
C TYR B 1138 10.02 16.06 -6.15
N SER B 1139 9.23 16.27 -7.22
CA SER B 1139 8.02 15.49 -7.41
C SER B 1139 8.32 14.02 -7.68
N ASN B 1140 9.45 13.74 -8.34
CA ASN B 1140 9.82 12.36 -8.65
C ASN B 1140 9.98 11.54 -7.37
N PHE B 1141 10.61 12.12 -6.36
CA PHE B 1141 10.84 11.42 -5.10
C PHE B 1141 9.53 10.95 -4.48
N MET B 1142 8.58 11.88 -4.30
CA MET B 1142 7.32 11.54 -3.66
C MET B 1142 6.50 10.60 -4.53
N ALA B 1143 6.50 10.81 -5.85
CA ALA B 1143 5.75 9.92 -6.73
C ALA B 1143 6.26 8.50 -6.63
N SER B 1144 7.59 8.33 -6.69
CA SER B 1144 8.17 6.99 -6.60
C SER B 1144 7.86 6.36 -5.25
N LEU B 1145 8.00 7.12 -4.16
CA LEU B 1145 7.76 6.57 -2.84
C LEU B 1145 6.31 6.12 -2.68
N ASN B 1146 5.37 6.96 -3.12
CA ASN B 1146 3.95 6.63 -2.98
C ASN B 1146 3.60 5.41 -3.82
N LEU B 1147 4.05 5.38 -5.08
CA LEU B 1147 3.77 4.22 -5.91
C LEU B 1147 4.35 2.94 -5.31
N ARG B 1148 5.58 3.01 -4.82
CA ARG B 1148 6.24 1.84 -4.26
C ARG B 1148 5.45 1.31 -3.07
N ASN B 1149 5.12 2.18 -2.11
CA ASN B 1149 4.40 1.73 -0.92
C ASN B 1149 3.02 1.19 -1.29
N ARG B 1150 2.29 1.90 -2.16
CA ARG B 1150 0.94 1.49 -2.50
C ARG B 1150 0.93 0.11 -3.16
N TYR B 1151 1.80 -0.10 -4.15
CA TYR B 1151 1.79 -1.39 -4.84
C TYR B 1151 2.38 -2.50 -3.97
N ALA B 1152 3.33 -2.17 -3.10
CA ALA B 1152 3.83 -3.18 -2.17
C ALA B 1152 2.72 -3.68 -1.26
N GLY B 1153 1.91 -2.76 -0.72
CA GLY B 1153 0.78 -3.18 0.10
C GLY B 1153 -0.26 -3.96 -0.68
N GLU B 1154 -0.58 -3.49 -1.88
CA GLU B 1154 -1.59 -4.17 -2.70
C GLU B 1154 -1.16 -5.59 -3.04
N VAL B 1155 0.12 -5.80 -3.32
CA VAL B 1155 0.58 -7.15 -3.67
C VAL B 1155 0.77 -8.00 -2.42
N TYR B 1156 1.10 -7.39 -1.28
CA TYR B 1156 1.21 -8.17 -0.05
C TYR B 1156 -0.15 -8.66 0.42
N GLY B 1157 -1.21 -7.92 0.09
CA GLY B 1157 -2.55 -8.36 0.46
C GLY B 1157 -2.91 -9.71 -0.15
N MET B 1158 -2.49 -9.96 -1.39
CA MET B 1158 -2.94 -11.13 -2.12
C MET B 1158 -2.51 -12.44 -1.48
N ILE B 1159 -1.40 -12.46 -0.75
CA ILE B 1159 -0.91 -13.71 -0.16
C ILE B 1159 -1.88 -14.26 0.88
N ARG B 1160 -2.73 -13.42 1.46
CA ARG B 1160 -3.68 -13.89 2.48
C ARG B 1160 -4.63 -14.93 1.91
N PHE B 1161 -5.14 -14.72 0.71
CA PHE B 1161 -6.07 -15.67 0.11
C PHE B 1161 -5.41 -16.50 -0.97
N ASP B 1170 -0.90 -21.04 -10.08
CA ASP B 1170 -1.04 -20.44 -8.76
C ASP B 1170 -1.54 -19.00 -8.87
N LEU B 1171 -0.61 -18.04 -8.77
CA LEU B 1171 -0.94 -16.63 -8.89
C LEU B 1171 -0.19 -15.93 -10.01
N ASN B 1172 0.96 -16.46 -10.45
CA ASN B 1172 1.69 -15.83 -11.55
C ASN B 1172 0.90 -15.86 -12.84
N LYS B 1173 0.08 -16.91 -13.03
CA LYS B 1173 -0.70 -17.02 -14.26
C LYS B 1173 -1.69 -15.87 -14.38
N MET B 1174 -2.33 -15.49 -13.27
CA MET B 1174 -3.27 -14.37 -13.30
C MET B 1174 -2.55 -13.07 -13.68
N MET B 1175 -1.37 -12.84 -13.11
CA MET B 1175 -0.63 -11.63 -13.44
C MET B 1175 -0.23 -11.60 -14.91
N VAL B 1176 0.26 -12.73 -15.43
CA VAL B 1176 0.65 -12.80 -16.83
C VAL B 1176 -0.55 -12.56 -17.74
N GLN B 1177 -1.69 -13.17 -17.40
CA GLN B 1177 -2.91 -12.97 -18.20
C GLN B 1177 -3.35 -11.52 -18.17
N ASP B 1178 -3.29 -10.89 -17.00
CA ASP B 1178 -3.66 -9.47 -16.90
C ASP B 1178 -2.74 -8.60 -17.74
N LEU B 1179 -1.43 -8.87 -17.69
CA LEU B 1179 -0.50 -8.09 -18.49
C LEU B 1179 -0.77 -8.26 -19.98
N HIS B 1180 -1.02 -9.49 -20.41
CA HIS B 1180 -1.30 -9.74 -21.82
C HIS B 1180 -2.59 -9.06 -22.25
N SER B 1181 -3.63 -9.11 -21.40
CA SER B 1181 -4.88 -8.45 -21.72
C SER B 1181 -4.70 -6.93 -21.81
N ALA B 1182 -3.93 -6.35 -20.89
CA ALA B 1182 -3.68 -4.92 -20.94
C ALA B 1182 -2.92 -4.53 -22.20
N LEU B 1183 -1.92 -5.34 -22.58
CA LEU B 1183 -1.18 -5.05 -23.80
C LEU B 1183 -2.07 -5.16 -25.03
N ASP B 1184 -2.92 -6.18 -25.09
CA ASP B 1184 -3.79 -6.35 -26.25
C ASP B 1184 -4.82 -5.23 -26.35
N ARG B 1185 -5.40 -4.83 -25.22
CA ARG B 1185 -6.38 -3.76 -25.21
C ARG B 1185 -5.75 -2.38 -25.33
N SER B 1186 -4.45 -2.27 -25.11
CA SER B 1186 -3.71 -1.00 -25.21
C SER B 1186 -4.30 0.05 -24.28
N HIS B 1187 -4.26 -0.26 -22.98
CA HIS B 1187 -4.73 0.64 -21.94
C HIS B 1187 -3.55 1.04 -21.06
N PRO B 1188 -3.22 2.33 -20.95
CA PRO B 1188 -2.00 2.70 -20.20
C PRO B 1188 -2.13 2.49 -18.70
N GLN B 1189 -3.27 2.84 -18.11
CA GLN B 1189 -3.43 2.71 -16.66
C GLN B 1189 -3.33 1.25 -16.23
N HIS B 1190 -4.03 0.37 -16.95
CA HIS B 1190 -3.94 -1.06 -16.64
C HIS B 1190 -2.53 -1.60 -16.87
N TYR B 1191 -1.86 -1.10 -17.90
CA TYR B 1191 -0.48 -1.51 -18.16
C TYR B 1191 0.42 -1.16 -16.99
N THR B 1192 0.33 0.08 -16.50
CA THR B 1192 1.16 0.49 -15.37
C THR B 1192 0.81 -0.30 -14.12
N GLN B 1193 -0.48 -0.50 -13.85
CA GLN B 1193 -0.89 -1.25 -12.66
C GLN B 1193 -0.36 -2.68 -12.72
N ALA B 1194 -0.49 -3.34 -13.87
CA ALA B 1194 -0.01 -4.71 -14.01
C ALA B 1194 1.51 -4.77 -13.86
N MET B 1195 2.23 -3.82 -14.45
CA MET B 1195 3.69 -3.82 -14.36
C MET B 1195 4.14 -3.66 -12.92
N PHE B 1196 3.57 -2.69 -12.21
CA PHE B 1196 3.95 -2.47 -10.81
C PHE B 1196 3.57 -3.67 -9.94
N LYS B 1197 2.40 -4.25 -10.16
CA LYS B 1197 1.99 -5.41 -9.38
C LYS B 1197 2.94 -6.59 -9.62
N LEU B 1198 3.32 -6.81 -10.88
CA LEU B 1198 4.23 -7.91 -11.20
C LEU B 1198 5.59 -7.71 -10.55
N THR B 1199 6.15 -6.50 -10.65
CA THR B 1199 7.47 -6.30 -10.07
C THR B 1199 7.43 -6.33 -8.54
N ALA B 1200 6.32 -5.88 -7.94
CA ALA B 1200 6.20 -5.95 -6.49
C ALA B 1200 6.04 -7.39 -6.01
N MET B 1201 5.33 -8.22 -6.79
CA MET B 1201 5.26 -9.64 -6.46
C MET B 1201 6.62 -10.30 -6.60
N LEU B 1202 7.38 -9.94 -7.65
CA LEU B 1202 8.68 -10.55 -7.87
C LEU B 1202 9.66 -10.17 -6.78
N ILE B 1203 9.64 -8.92 -6.32
CA ILE B 1203 10.63 -8.47 -5.35
C ILE B 1203 10.49 -9.17 -4.00
N SER B 1204 9.31 -9.71 -3.69
CA SER B 1204 9.08 -10.41 -2.43
C SER B 1204 8.85 -11.88 -2.74
N SER B 1205 9.94 -12.64 -2.83
CA SER B 1205 9.88 -14.05 -3.14
C SER B 1205 11.21 -14.68 -2.74
N LYS B 1206 11.35 -15.98 -3.02
CA LYS B 1206 12.55 -16.72 -2.69
C LYS B 1206 13.23 -17.34 -3.91
N ASP B 1207 12.67 -17.16 -5.10
CA ASP B 1207 13.21 -17.76 -6.32
C ASP B 1207 13.24 -16.71 -7.44
N CYS B 1208 14.12 -16.94 -8.40
CA CYS B 1208 14.25 -16.01 -9.52
C CYS B 1208 13.00 -15.97 -10.37
N ASP B 1209 12.38 -17.13 -10.62
CA ASP B 1209 11.22 -17.27 -11.48
C ASP B 1209 11.52 -16.65 -12.85
N PRO B 1210 12.34 -17.31 -13.67
CA PRO B 1210 12.82 -16.66 -14.91
C PRO B 1210 11.73 -16.21 -15.86
N GLN B 1211 10.58 -16.88 -15.87
CA GLN B 1211 9.51 -16.47 -16.77
C GLN B 1211 8.99 -15.08 -16.43
N LEU B 1212 8.87 -14.78 -15.12
CA LEU B 1212 8.43 -13.46 -14.72
C LEU B 1212 9.41 -12.38 -15.17
N LEU B 1213 10.71 -12.63 -15.00
CA LEU B 1213 11.71 -11.65 -15.43
C LEU B 1213 11.70 -11.49 -16.94
N HIS B 1214 11.54 -12.59 -17.68
CA HIS B 1214 11.50 -12.52 -19.13
C HIS B 1214 10.31 -11.71 -19.61
N HIS B 1215 9.14 -11.92 -19.01
CA HIS B 1215 7.98 -11.12 -19.37
C HIS B 1215 8.14 -9.66 -18.93
N LEU B 1216 8.86 -9.43 -17.84
CA LEU B 1216 9.14 -8.07 -17.40
C LEU B 1216 9.99 -7.32 -18.42
N CYS B 1217 11.01 -7.98 -18.96
CA CYS B 1217 11.91 -7.30 -19.89
C CYS B 1217 11.30 -7.12 -21.28
N TRP B 1218 10.43 -8.04 -21.71
CA TRP B 1218 9.82 -7.96 -23.02
C TRP B 1218 8.52 -7.16 -23.04
N GLY B 1219 8.12 -6.58 -21.92
CA GLY B 1219 6.89 -5.84 -21.82
C GLY B 1219 6.82 -4.61 -22.70
N PRO B 1220 7.71 -3.64 -22.46
CA PRO B 1220 7.61 -2.36 -23.19
C PRO B 1220 7.74 -2.47 -24.69
N LEU B 1221 8.40 -3.52 -25.20
CA LEU B 1221 8.63 -3.62 -26.64
C LEU B 1221 7.33 -3.72 -27.43
N ARG B 1222 6.23 -4.10 -26.79
CA ARG B 1222 4.93 -4.16 -27.45
C ARG B 1222 4.13 -2.87 -27.32
N MET B 1223 4.62 -1.91 -26.54
CA MET B 1223 3.97 -0.62 -26.37
C MET B 1223 5.00 0.50 -26.45
N PHE B 1224 5.80 0.47 -27.52
CA PHE B 1224 6.87 1.43 -27.73
C PHE B 1224 6.36 2.87 -27.67
N ASN B 1225 6.74 3.60 -26.63
CA ASN B 1225 6.38 5.00 -26.44
C ASN B 1225 7.23 5.53 -25.30
N GLU B 1226 6.90 6.74 -24.83
CA GLU B 1226 7.64 7.34 -23.72
C GLU B 1226 7.03 7.02 -22.35
N HIS B 1227 5.71 6.92 -22.26
CA HIS B 1227 5.07 6.64 -20.98
C HIS B 1227 5.41 5.24 -20.49
N GLY B 1228 5.24 4.24 -21.36
CA GLY B 1228 5.61 2.88 -20.99
C GLY B 1228 7.07 2.75 -20.67
N MET B 1229 7.93 3.47 -21.39
CA MET B 1229 9.35 3.43 -21.11
C MET B 1229 9.67 4.03 -19.74
N GLU B 1230 9.00 5.12 -19.38
CA GLU B 1230 9.18 5.70 -18.05
C GLU B 1230 8.75 4.71 -16.97
N THR B 1231 7.61 4.06 -17.16
CA THR B 1231 7.16 3.06 -16.18
C THR B 1231 8.16 1.92 -16.07
N ALA B 1232 8.69 1.46 -17.21
CA ALA B 1232 9.67 0.38 -17.20
C ALA B 1232 10.94 0.80 -16.47
N LEU B 1233 11.40 2.03 -16.69
CA LEU B 1233 12.60 2.50 -16.01
C LEU B 1233 12.38 2.56 -14.50
N ALA B 1234 11.22 3.05 -14.07
CA ALA B 1234 10.92 3.09 -12.65
C ALA B 1234 10.90 1.68 -12.06
N CYS B 1235 10.27 0.73 -12.75
CA CYS B 1235 10.21 -0.63 -12.25
C CYS B 1235 11.60 -1.26 -12.18
N TRP B 1236 12.43 -1.01 -13.20
CA TRP B 1236 13.78 -1.55 -13.19
C TRP B 1236 14.60 -0.98 -12.04
N GLU B 1237 14.47 0.33 -11.79
CA GLU B 1237 15.18 0.93 -10.68
C GLU B 1237 14.74 0.34 -9.36
N TRP B 1238 13.43 0.16 -9.17
CA TRP B 1238 12.95 -0.46 -7.93
C TRP B 1238 13.48 -1.88 -7.79
N LEU B 1239 13.46 -2.66 -8.86
CA LEU B 1239 13.95 -4.03 -8.79
C LEU B 1239 15.43 -4.08 -8.44
N LEU B 1240 16.24 -3.20 -9.05
CA LEU B 1240 17.66 -3.17 -8.74
C LEU B 1240 17.91 -2.74 -7.31
N ALA B 1241 17.14 -1.77 -6.81
CA ALA B 1241 17.35 -1.28 -5.46
C ALA B 1241 16.86 -2.25 -4.38
N GLY B 1242 15.86 -3.08 -4.68
CA GLY B 1242 15.26 -3.92 -3.67
C GLY B 1242 15.97 -5.23 -3.41
N LYS B 1243 16.13 -6.04 -4.44
CA LYS B 1243 16.71 -7.37 -4.30
C LYS B 1243 18.20 -7.35 -4.62
N ASP B 1244 18.92 -8.31 -4.02
CA ASP B 1244 20.36 -8.41 -4.16
C ASP B 1244 20.72 -9.68 -4.94
N GLY B 1245 21.87 -9.65 -5.59
CA GLY B 1245 22.34 -10.78 -6.37
C GLY B 1245 21.47 -11.07 -7.58
N VAL B 1246 21.01 -10.04 -8.29
CA VAL B 1246 20.17 -10.21 -9.46
C VAL B 1246 20.64 -9.39 -10.64
N GLU B 1247 21.76 -8.68 -10.52
CA GLU B 1247 22.19 -7.76 -11.57
C GLU B 1247 22.53 -8.48 -12.86
N VAL B 1248 23.23 -9.61 -12.78
CA VAL B 1248 23.69 -10.28 -13.99
C VAL B 1248 22.56 -10.79 -14.87
N PRO B 1249 21.58 -11.56 -14.36
CA PRO B 1249 20.50 -12.01 -15.25
C PRO B 1249 19.67 -10.87 -15.80
N PHE B 1250 19.42 -9.84 -15.00
CA PHE B 1250 18.67 -8.68 -15.50
C PHE B 1250 19.43 -7.99 -16.62
N MET B 1251 20.75 -7.83 -16.44
CA MET B 1251 21.55 -7.20 -17.49
C MET B 1251 21.55 -8.04 -18.75
N ARG B 1252 21.65 -9.36 -18.62
CA ARG B 1252 21.63 -10.23 -19.80
C ARG B 1252 20.30 -10.13 -20.53
N GLU B 1253 19.19 -10.13 -19.79
CA GLU B 1253 17.87 -10.02 -20.42
C GLU B 1253 17.71 -8.66 -21.10
N MET B 1254 18.18 -7.59 -20.46
CA MET B 1254 18.10 -6.27 -21.08
C MET B 1254 18.93 -6.21 -22.36
N ALA B 1255 20.12 -6.80 -22.35
CA ALA B 1255 20.94 -6.83 -23.54
C ALA B 1255 20.26 -7.61 -24.66
N GLY B 1256 19.63 -8.74 -24.31
CA GLY B 1256 18.88 -9.49 -25.32
C GLY B 1256 17.75 -8.70 -25.90
N ALA B 1257 17.00 -7.98 -25.06
CA ALA B 1257 15.91 -7.14 -25.55
C ALA B 1257 16.43 -6.03 -26.46
N TRP B 1258 17.55 -5.41 -26.09
CA TRP B 1258 18.13 -4.37 -26.91
C TRP B 1258 18.55 -4.92 -28.27
N HIS B 1259 19.17 -6.10 -28.29
CA HIS B 1259 19.58 -6.69 -29.56
C HIS B 1259 18.37 -7.05 -30.41
N MET B 1260 17.30 -7.54 -29.79
CA MET B 1260 16.08 -7.83 -30.53
C MET B 1260 15.49 -6.57 -31.14
N THR B 1261 15.48 -5.48 -30.37
CA THR B 1261 14.98 -4.20 -30.90
C THR B 1261 15.85 -3.72 -32.06
N VAL B 1262 17.17 -3.89 -31.96
CA VAL B 1262 18.06 -3.55 -33.06
C VAL B 1262 17.73 -4.37 -34.30
N GLU B 1263 17.53 -5.68 -34.12
CA GLU B 1263 17.31 -6.56 -35.25
C GLU B 1263 15.98 -6.27 -35.94
N GLN B 1264 14.93 -5.98 -35.17
CA GLN B 1264 13.62 -5.77 -35.77
C GLN B 1264 13.43 -4.36 -36.35
N LYS B 1265 14.38 -3.46 -36.14
CA LYS B 1265 14.34 -2.11 -36.71
C LYS B 1265 13.07 -1.37 -36.28
N PHE B 1266 12.86 -1.31 -34.96
CA PHE B 1266 11.68 -0.66 -34.41
C PHE B 1266 11.91 0.80 -34.05
N GLY B 1267 13.15 1.28 -34.09
CA GLY B 1267 13.46 2.63 -33.64
C GLY B 1267 14.43 3.37 -34.52
N LEU B 1268 15.52 3.85 -33.91
CA LEU B 1268 16.55 4.58 -34.65
C LEU B 1268 17.13 3.74 -35.78
N PHE B 1269 17.10 2.42 -35.66
CA PHE B 1269 17.65 1.52 -36.65
C PHE B 1269 16.66 1.21 -37.77
N SER B 1270 15.63 2.03 -37.95
CA SER B 1270 14.61 1.78 -38.95
C SER B 1270 15.14 2.10 -40.35
N ALA B 1271 14.31 1.81 -41.35
CA ALA B 1271 14.66 2.05 -42.74
C ALA B 1271 14.53 3.54 -43.07
N GLU B 1272 14.99 3.90 -44.26
CA GLU B 1272 14.98 5.27 -44.74
C GLU B 1272 13.91 5.45 -45.80
N ILE B 1273 13.20 6.57 -45.74
CA ILE B 1273 12.09 6.86 -46.63
C ILE B 1273 12.44 8.11 -47.45
N LYS B 1274 12.28 8.02 -48.76
CA LYS B 1274 12.55 9.11 -49.67
C LYS B 1274 11.28 9.90 -49.97
N GLU B 1275 11.47 11.12 -50.45
CA GLU B 1275 10.36 12.01 -50.80
C GLU B 1275 10.62 12.63 -52.17
N ALA B 1276 9.53 13.02 -52.83
CA ALA B 1276 9.63 13.57 -54.18
C ALA B 1276 10.31 14.92 -54.17
N ASP B 1277 11.19 15.14 -55.15
CA ASP B 1277 11.86 16.42 -55.28
C ASP B 1277 10.90 17.48 -55.79
N PRO B 1278 10.98 18.72 -55.30
CA PRO B 1278 10.00 19.74 -55.69
C PRO B 1278 10.15 20.22 -57.12
N LEU B 1279 11.27 19.95 -57.78
CA LEU B 1279 11.44 20.42 -59.16
C LEU B 1279 10.47 19.74 -60.12
N ALA B 1280 10.14 18.48 -59.87
CA ALA B 1280 9.24 17.71 -60.71
C ALA B 1280 8.16 17.04 -59.88
N ALA B 1281 7.55 17.81 -58.97
CA ALA B 1281 6.51 17.32 -58.08
C ALA B 1281 5.15 17.91 -58.43
N SER B 1282 4.89 18.07 -59.72
CA SER B 1282 3.59 18.60 -60.15
C SER B 1282 2.46 17.61 -59.97
N GLU B 1283 2.76 16.34 -59.68
CA GLU B 1283 1.73 15.33 -59.50
C GLU B 1283 1.00 15.57 -58.17
N ALA B 1284 -0.02 14.75 -57.92
CA ALA B 1284 -0.80 14.84 -56.69
C ALA B 1284 0.01 14.45 -55.46
N SER B 1285 1.19 13.88 -55.63
CA SER B 1285 2.06 13.52 -54.50
C SER B 1285 2.92 14.73 -54.16
N GLN B 1286 2.34 15.67 -53.44
CA GLN B 1286 3.07 16.86 -53.04
C GLN B 1286 4.15 16.50 -52.02
N PRO B 1287 5.29 17.19 -52.06
CA PRO B 1287 6.35 16.91 -51.09
C PRO B 1287 5.94 17.29 -49.68
N LYS B 1288 6.51 16.58 -48.71
CA LYS B 1288 6.25 16.84 -47.30
C LYS B 1288 7.34 16.16 -46.48
N PRO B 1289 7.75 16.76 -45.37
CA PRO B 1289 8.79 16.14 -44.54
C PRO B 1289 8.31 14.83 -43.93
N CYS B 1290 9.23 13.87 -43.84
CA CYS B 1290 8.96 12.55 -43.25
C CYS B 1290 10.09 12.21 -42.29
N PRO B 1291 10.15 12.85 -41.13
CA PRO B 1291 11.25 12.60 -40.20
C PRO B 1291 10.92 11.44 -39.26
N PRO B 1292 11.88 10.55 -39.02
CA PRO B 1292 11.68 9.52 -38.00
C PRO B 1292 11.62 10.12 -36.60
N GLU B 1293 10.87 9.46 -35.73
CA GLU B 1293 10.68 9.90 -34.34
C GLU B 1293 11.25 8.85 -33.41
N VAL B 1294 12.19 9.25 -32.56
CA VAL B 1294 12.87 8.35 -31.64
C VAL B 1294 12.84 8.99 -30.25
N THR B 1295 11.74 8.80 -29.53
CA THR B 1295 11.62 9.31 -28.17
C THR B 1295 12.33 8.43 -27.14
N PRO B 1296 12.03 7.13 -27.06
CA PRO B 1296 12.55 6.36 -25.91
C PRO B 1296 14.02 6.00 -26.03
N HIS B 1297 14.57 5.92 -27.24
CA HIS B 1297 16.00 5.69 -27.39
C HIS B 1297 16.82 6.81 -26.80
N TYR B 1298 16.24 7.99 -26.62
CA TYR B 1298 16.93 9.11 -26.00
C TYR B 1298 17.03 8.94 -24.49
N ILE B 1299 16.25 8.04 -23.90
CA ILE B 1299 16.25 7.84 -22.45
C ILE B 1299 16.95 6.54 -22.11
N TRP B 1300 16.84 5.56 -23.01
CA TRP B 1300 17.49 4.27 -22.77
C TRP B 1300 19.01 4.44 -22.71
N ILE B 1301 19.57 5.27 -23.58
CA ILE B 1301 21.01 5.51 -23.55
C ILE B 1301 21.41 6.20 -22.26
N ASP B 1302 20.58 7.13 -21.76
CA ASP B 1302 20.88 7.76 -20.48
C ASP B 1302 20.90 6.75 -19.34
N PHE B 1303 19.93 5.83 -19.34
CA PHE B 1303 19.91 4.78 -18.33
C PHE B 1303 21.17 3.91 -18.43
N LEU B 1304 21.57 3.56 -19.66
CA LEU B 1304 22.77 2.76 -19.84
C LEU B 1304 24.01 3.50 -19.33
N VAL B 1305 24.09 4.81 -19.58
CA VAL B 1305 25.23 5.59 -19.13
C VAL B 1305 25.27 5.63 -17.60
N GLN B 1306 24.11 5.82 -16.97
CA GLN B 1306 24.06 5.82 -15.50
C GLN B 1306 24.52 4.49 -14.94
N ARG B 1307 24.05 3.39 -15.53
CA ARG B 1307 24.44 2.07 -15.04
C ARG B 1307 25.93 1.83 -15.25
N PHE B 1308 26.48 2.27 -16.39
CA PHE B 1308 27.91 2.10 -16.63
C PHE B 1308 28.73 2.90 -15.64
N GLU B 1309 28.30 4.13 -15.34
CA GLU B 1309 29.01 4.94 -14.34
C GLU B 1309 28.97 4.27 -12.97
N ILE B 1310 27.82 3.67 -12.62
CA ILE B 1310 27.72 2.98 -11.34
C ILE B 1310 28.65 1.76 -11.30
N ALA B 1311 28.70 0.99 -12.38
CA ALA B 1311 29.35 -0.31 -12.38
C ALA B 1311 30.78 -0.27 -12.90
N LYS B 1312 31.38 0.91 -13.03
CA LYS B 1312 32.75 0.99 -13.55
C LYS B 1312 33.76 0.42 -12.55
N TYR B 1313 33.53 0.65 -11.25
CA TYR B 1313 34.49 0.25 -10.23
C TYR B 1313 34.18 -1.13 -9.65
N CYS B 1314 32.95 -1.32 -9.18
CA CYS B 1314 32.62 -2.52 -8.40
C CYS B 1314 32.77 -3.79 -9.23
N SER B 1315 31.95 -3.93 -10.27
CA SER B 1315 31.88 -5.18 -11.02
C SER B 1315 32.97 -5.24 -12.08
N SER B 1316 33.19 -6.47 -12.58
CA SER B 1316 34.15 -6.70 -13.65
C SER B 1316 33.58 -7.52 -14.79
N ASP B 1317 32.34 -7.99 -14.68
CA ASP B 1317 31.70 -8.76 -15.74
C ASP B 1317 30.71 -7.95 -16.56
N GLN B 1318 30.08 -6.94 -15.97
CA GLN B 1318 29.17 -6.08 -16.71
C GLN B 1318 29.88 -5.29 -17.80
N VAL B 1319 31.19 -5.06 -17.63
CA VAL B 1319 31.97 -4.39 -18.67
C VAL B 1319 31.96 -5.21 -19.95
N GLU B 1320 32.06 -6.54 -19.82
CA GLU B 1320 32.00 -7.40 -20.99
C GLU B 1320 30.63 -7.30 -21.67
N ILE B 1321 29.57 -7.23 -20.87
CA ILE B 1321 28.23 -7.10 -21.43
C ILE B 1321 28.11 -5.80 -22.22
N PHE B 1322 28.59 -4.70 -21.64
CA PHE B 1322 28.54 -3.41 -22.33
C PHE B 1322 29.38 -3.43 -23.60
N SER B 1323 30.56 -4.05 -23.55
CA SER B 1323 31.41 -4.13 -24.72
C SER B 1323 30.74 -4.92 -25.85
N SER B 1324 30.11 -6.05 -25.51
CA SER B 1324 29.41 -6.82 -26.52
C SER B 1324 28.22 -6.05 -27.08
N LEU B 1325 27.49 -5.34 -26.22
CA LEU B 1325 26.34 -4.57 -26.68
C LEU B 1325 26.78 -3.46 -27.64
N LEU B 1326 27.88 -2.79 -27.34
CA LEU B 1326 28.37 -1.74 -28.23
C LEU B 1326 28.93 -2.32 -29.52
N GLN B 1327 29.59 -3.47 -29.44
CA GLN B 1327 30.18 -4.06 -30.64
C GLN B 1327 29.13 -4.58 -31.60
N ARG B 1328 28.03 -5.13 -31.08
CA ARG B 1328 27.01 -5.71 -31.94
C ARG B 1328 26.04 -4.69 -32.52
N SER B 1329 26.17 -3.41 -32.16
CA SER B 1329 25.28 -2.37 -32.65
C SER B 1329 25.92 -1.48 -33.72
N MET B 1330 27.14 -1.79 -34.15
CA MET B 1330 27.85 -0.95 -35.11
C MET B 1330 28.47 -1.82 -36.19
N SER B 1331 28.73 -1.20 -37.34
CA SER B 1331 29.29 -1.91 -38.49
C SER B 1331 30.08 -0.93 -39.35
N LEU B 1332 31.16 -1.44 -39.94
CA LEU B 1332 32.05 -0.63 -40.78
C LEU B 1332 31.71 -0.88 -42.25
N ASN B 1333 30.61 -0.26 -42.69
CA ASN B 1333 30.16 -0.36 -44.08
C ASN B 1333 29.74 1.01 -44.59
N ILE B 1334 30.60 2.01 -44.39
CA ILE B 1334 30.28 3.37 -44.85
C ILE B 1334 30.12 3.36 -46.36
N GLY B 1335 28.93 3.75 -46.83
CA GLY B 1335 28.64 3.72 -48.25
C GLY B 1335 27.28 4.28 -48.60
N GLY B 1336 26.61 3.64 -49.56
CA GLY B 1336 25.36 4.16 -50.08
C GLY B 1336 24.18 4.10 -49.13
N ALA B 1337 23.73 2.89 -48.81
CA ALA B 1337 22.53 2.72 -48.00
C ALA B 1337 22.66 1.50 -47.09
N LYS B 1338 23.80 1.35 -46.41
CA LYS B 1338 24.00 0.21 -45.52
C LYS B 1338 24.91 0.66 -44.38
N GLY B 1339 24.32 1.17 -43.31
CA GLY B 1339 25.08 1.62 -42.16
C GLY B 1339 24.46 1.24 -40.84
N SER B 1340 23.35 0.50 -40.90
CA SER B 1340 22.62 -0.02 -39.75
C SER B 1340 22.04 1.07 -38.86
N MET B 1341 22.20 2.34 -39.22
CA MET B 1341 21.62 3.44 -38.47
C MET B 1341 21.07 4.48 -39.44
N ASN B 1342 20.01 5.17 -39.01
CA ASN B 1342 19.40 6.19 -39.84
C ASN B 1342 20.34 7.39 -39.99
N ARG B 1343 20.21 8.08 -41.13
CA ARG B 1343 21.06 9.21 -41.46
C ARG B 1343 20.29 10.53 -41.52
N HIS B 1344 19.07 10.56 -40.98
CA HIS B 1344 18.29 11.78 -40.99
C HIS B 1344 18.84 12.77 -39.95
N VAL B 1345 18.55 14.06 -40.18
CA VAL B 1345 19.05 15.10 -39.29
C VAL B 1345 18.40 14.99 -37.92
N ALA B 1346 17.09 14.71 -37.88
CA ALA B 1346 16.38 14.63 -36.61
C ALA B 1346 16.78 13.42 -35.76
N ALA B 1347 17.78 12.65 -36.17
CA ALA B 1347 18.24 11.47 -35.44
C ALA B 1347 19.75 11.53 -35.23
N ILE B 1348 20.24 12.68 -34.76
CA ILE B 1348 21.66 12.84 -34.49
C ILE B 1348 21.98 12.83 -33.00
N GLY B 1349 20.99 13.01 -32.13
CA GLY B 1349 21.22 13.00 -30.71
C GLY B 1349 21.70 11.65 -30.19
N PRO B 1350 20.85 10.63 -30.30
CA PRO B 1350 21.25 9.30 -29.80
C PRO B 1350 22.50 8.76 -30.46
N ARG B 1351 22.71 9.04 -31.74
CA ARG B 1351 23.89 8.54 -32.44
C ARG B 1351 25.17 9.04 -31.78
N PHE B 1352 25.29 10.36 -31.61
CA PHE B 1352 26.50 10.91 -31.02
C PHE B 1352 26.57 10.63 -29.53
N LYS B 1353 25.42 10.48 -28.85
CA LYS B 1353 25.47 10.09 -27.44
C LYS B 1353 26.04 8.69 -27.28
N LEU B 1354 25.64 7.75 -28.14
CA LEU B 1354 26.20 6.41 -28.10
C LEU B 1354 27.68 6.42 -28.46
N LEU B 1355 28.06 7.25 -29.44
CA LEU B 1355 29.47 7.37 -29.78
C LEU B 1355 30.28 7.89 -28.60
N THR B 1356 29.75 8.88 -27.88
CA THR B 1356 30.43 9.41 -26.71
C THR B 1356 30.55 8.36 -25.61
N LEU B 1357 29.50 7.57 -25.41
CA LEU B 1357 29.56 6.49 -24.43
C LEU B 1357 30.64 5.48 -24.80
N GLY B 1358 30.73 5.13 -26.08
CA GLY B 1358 31.77 4.22 -26.52
C GLY B 1358 33.17 4.78 -26.30
N LEU B 1359 33.36 6.06 -26.61
CA LEU B 1359 34.66 6.69 -26.36
C LEU B 1359 34.99 6.70 -24.88
N SER B 1360 34.00 6.98 -24.03
CA SER B 1360 34.23 6.97 -22.58
C SER B 1360 34.61 5.59 -22.09
N LEU B 1361 33.95 4.55 -22.62
CA LEU B 1361 34.32 3.19 -22.26
C LEU B 1361 35.75 2.88 -22.70
N LEU B 1362 36.13 3.33 -23.90
CA LEU B 1362 37.50 3.11 -24.36
C LEU B 1362 38.51 3.82 -23.47
N HIS B 1363 38.20 5.04 -23.03
CA HIS B 1363 39.13 5.81 -22.20
C HIS B 1363 39.19 5.32 -20.76
N ALA B 1364 38.23 4.51 -20.33
CA ALA B 1364 38.19 4.06 -18.93
C ALA B 1364 39.35 3.15 -18.56
N ASP B 1365 40.07 2.61 -19.54
CA ASP B 1365 41.20 1.71 -19.32
C ASP B 1365 40.77 0.49 -18.50
N VAL B 1366 39.83 -0.26 -19.06
CA VAL B 1366 39.33 -1.48 -18.45
C VAL B 1366 39.73 -2.71 -19.25
N VAL B 1367 39.68 -2.64 -20.57
CA VAL B 1367 40.06 -3.76 -21.43
C VAL B 1367 41.56 -3.95 -21.36
N PRO B 1368 42.05 -5.12 -20.94
CA PRO B 1368 43.51 -5.32 -20.83
C PRO B 1368 44.16 -5.58 -22.18
N ASN B 1369 43.43 -6.23 -23.08
CA ASN B 1369 44.00 -6.62 -24.36
C ASN B 1369 44.24 -5.39 -25.24
N ALA B 1370 45.21 -5.52 -26.14
CA ALA B 1370 45.61 -4.42 -27.01
C ALA B 1370 45.03 -4.53 -28.42
N THR B 1371 44.17 -5.52 -28.68
CA THR B 1371 43.57 -5.68 -30.00
C THR B 1371 42.09 -5.35 -30.03
N ILE B 1372 41.39 -5.46 -28.90
CA ILE B 1372 39.98 -5.07 -28.85
C ILE B 1372 39.84 -3.57 -29.08
N ARG B 1373 40.73 -2.79 -28.49
CA ARG B 1373 40.66 -1.34 -28.61
C ARG B 1373 40.84 -0.90 -30.06
N ASN B 1374 41.73 -1.57 -30.80
CA ASN B 1374 41.97 -1.23 -32.20
C ASN B 1374 40.71 -1.41 -33.02
N VAL B 1375 40.05 -2.57 -32.89
CA VAL B 1375 38.83 -2.84 -33.66
C VAL B 1375 37.72 -1.88 -33.25
N LEU B 1376 37.58 -1.63 -31.94
CA LEU B 1376 36.54 -0.73 -31.48
C LEU B 1376 36.75 0.68 -32.01
N ARG B 1377 37.99 1.17 -32.00
CA ARG B 1377 38.28 2.49 -32.53
C ARG B 1377 38.03 2.57 -34.03
N GLU B 1378 38.39 1.50 -34.76
CA GLU B 1378 38.12 1.48 -36.19
C GLU B 1378 36.63 1.58 -36.48
N LYS B 1379 35.82 0.81 -35.74
CA LYS B 1379 34.38 0.87 -35.94
C LYS B 1379 33.82 2.24 -35.56
N ILE B 1380 34.36 2.84 -34.49
CA ILE B 1380 33.91 4.16 -34.07
C ILE B 1380 34.17 5.18 -35.17
N TYR B 1381 35.39 5.16 -35.73
CA TYR B 1381 35.71 6.08 -36.81
C TYR B 1381 34.84 5.84 -38.04
N SER B 1382 34.58 4.58 -38.37
CA SER B 1382 33.74 4.28 -39.52
C SER B 1382 32.33 4.82 -39.34
N THR B 1383 31.72 4.56 -38.18
CA THR B 1383 30.37 5.03 -37.96
C THR B 1383 30.30 6.54 -37.79
N ALA B 1384 31.41 7.18 -37.39
CA ALA B 1384 31.43 8.63 -37.37
C ALA B 1384 31.50 9.20 -38.79
N PHE B 1385 32.30 8.58 -39.66
CA PHE B 1385 32.42 9.07 -41.03
C PHE B 1385 31.15 8.80 -41.84
N ASP B 1386 30.39 7.77 -41.47
CA ASP B 1386 29.24 7.38 -42.29
C ASP B 1386 28.20 8.49 -42.42
N TYR B 1387 28.08 9.35 -41.41
CA TYR B 1387 27.01 10.34 -41.40
C TYR B 1387 27.18 11.38 -42.52
N PHE B 1388 28.41 11.68 -42.91
CA PHE B 1388 28.68 12.76 -43.86
C PHE B 1388 28.66 12.29 -45.31
N SER B 1389 27.92 11.23 -45.62
CA SER B 1389 27.82 10.72 -46.99
C SER B 1389 26.48 11.06 -47.63
N CYS B 1390 25.77 12.06 -47.10
CA CYS B 1390 24.47 12.47 -47.62
C CYS B 1390 24.46 13.96 -47.86
N PRO B 1391 23.63 14.43 -48.79
CA PRO B 1391 23.51 15.87 -49.02
C PRO B 1391 23.05 16.58 -47.77
N PRO B 1392 23.58 17.77 -47.48
CA PRO B 1392 23.17 18.50 -46.28
C PRO B 1392 21.73 18.98 -46.37
N LYS B 1393 21.12 19.12 -45.20
CA LYS B 1393 19.75 19.64 -45.10
C LYS B 1393 19.63 20.38 -43.77
N PHE B 1394 18.40 20.65 -43.37
CA PHE B 1394 18.15 21.47 -42.19
C PHE B 1394 17.22 20.76 -41.22
N PRO B 1395 17.36 21.03 -39.93
CA PRO B 1395 16.50 20.37 -38.94
C PRO B 1395 15.04 20.80 -39.07
N THR B 1396 14.15 19.90 -38.64
CA THR B 1396 12.72 20.14 -38.71
C THR B 1396 12.05 20.28 -37.36
N GLN B 1397 12.74 19.94 -36.27
CA GLN B 1397 12.15 20.04 -34.95
C GLN B 1397 12.05 21.51 -34.51
N GLY B 1398 11.38 21.73 -33.40
CA GLY B 1398 11.14 23.07 -32.90
C GLY B 1398 12.37 23.66 -32.26
N GLU B 1399 12.17 24.83 -31.62
CA GLU B 1399 13.27 25.50 -30.95
C GLU B 1399 13.83 24.64 -29.83
N LYS B 1400 12.95 24.02 -29.04
CA LYS B 1400 13.41 23.06 -28.05
C LYS B 1400 13.89 21.79 -28.75
N ARG B 1401 14.53 20.91 -27.98
CA ARG B 1401 15.13 19.68 -28.49
C ARG B 1401 16.21 19.95 -29.53
N LEU B 1402 16.83 21.14 -29.47
CA LEU B 1402 17.88 21.49 -30.41
C LEU B 1402 19.13 21.96 -29.67
N ARG B 1403 18.94 22.64 -28.54
CA ARG B 1403 20.07 23.13 -27.76
C ARG B 1403 20.91 21.97 -27.22
N GLU B 1404 20.24 20.96 -26.68
CA GLU B 1404 20.98 19.83 -26.12
C GLU B 1404 21.69 19.02 -27.21
N ASP B 1405 21.16 19.02 -28.43
CA ASP B 1405 21.87 18.39 -29.54
C ASP B 1405 23.20 19.08 -29.79
N ILE B 1406 23.20 20.41 -29.80
CA ILE B 1406 24.44 21.15 -29.98
C ILE B 1406 25.38 20.91 -28.81
N SER B 1407 24.84 20.83 -27.59
CA SER B 1407 25.67 20.53 -26.43
C SER B 1407 26.33 19.16 -26.56
N ILE B 1408 25.57 18.16 -27.01
CA ILE B 1408 26.11 16.82 -27.19
C ILE B 1408 27.19 16.81 -28.26
N MET B 1409 26.95 17.51 -29.37
CA MET B 1409 27.96 17.57 -30.42
C MET B 1409 29.24 18.24 -29.93
N ILE B 1410 29.11 19.32 -29.16
CA ILE B 1410 30.29 19.99 -28.63
C ILE B 1410 31.05 19.07 -27.68
N LYS B 1411 30.32 18.36 -26.82
CA LYS B 1411 30.97 17.43 -25.90
C LYS B 1411 31.68 16.31 -26.64
N PHE B 1412 31.06 15.78 -27.69
CA PHE B 1412 31.70 14.74 -28.48
C PHE B 1412 32.95 15.27 -29.18
N TRP B 1413 32.89 16.50 -29.70
CA TRP B 1413 34.08 17.08 -30.31
C TRP B 1413 35.21 17.24 -29.30
N THR B 1414 34.87 17.70 -28.09
CA THR B 1414 35.88 17.84 -27.05
C THR B 1414 36.49 16.49 -26.70
N ALA B 1415 35.67 15.45 -26.58
CA ALA B 1415 36.18 14.12 -26.30
C ALA B 1415 37.08 13.64 -27.43
N MET B 1416 36.71 13.93 -28.68
CA MET B 1416 37.53 13.51 -29.82
C MET B 1416 38.88 14.21 -29.82
N PHE B 1417 38.91 15.49 -29.45
CA PHE B 1417 40.16 16.24 -29.50
C PHE B 1417 41.17 15.73 -28.47
N SER B 1418 40.69 15.10 -27.38
CA SER B 1418 41.54 14.65 -26.29
C SER B 1418 41.87 13.17 -26.38
N ASP B 1419 42.08 12.67 -27.60
CA ASP B 1419 42.30 11.24 -27.84
C ASP B 1419 43.78 10.91 -28.09
N LYS B 1420 44.69 11.76 -27.64
CA LYS B 1420 46.12 11.54 -27.88
C LYS B 1420 46.65 10.57 -26.82
N LYS B 1421 46.43 9.28 -27.09
CA LYS B 1421 46.93 8.20 -26.25
C LYS B 1421 47.59 7.12 -27.10
N TYR B 1422 48.22 7.52 -28.21
CA TYR B 1422 48.72 6.57 -29.19
C TYR B 1422 50.13 6.13 -28.83
N LEU B 1423 50.81 5.48 -29.78
CA LEU B 1423 52.19 5.01 -29.76
C LEU B 1423 52.37 3.77 -28.89
N THR B 1424 51.31 3.21 -28.32
CA THR B 1424 51.40 1.99 -27.52
C THR B 1424 50.40 0.94 -27.99
N ALA B 1425 50.09 0.94 -29.28
CA ALA B 1425 49.13 -0.01 -29.85
C ALA B 1425 49.88 -1.20 -30.45
N SER B 1426 50.43 -2.01 -29.57
CA SER B 1426 51.17 -3.21 -29.97
C SER B 1426 51.22 -4.24 -28.84
N ARG B 1479 55.10 -2.24 -36.68
CA ARG B 1479 55.37 -0.89 -37.13
C ARG B 1479 54.29 0.07 -36.64
N GLY B 1480 54.52 0.67 -35.47
CA GLY B 1480 53.51 1.53 -34.87
C GLY B 1480 53.33 2.86 -35.55
N SER B 1481 54.35 3.34 -36.27
CA SER B 1481 54.25 4.65 -36.91
C SER B 1481 53.16 4.65 -37.99
N GLN B 1482 53.05 3.55 -38.74
CA GLN B 1482 52.03 3.47 -39.79
C GLN B 1482 50.64 3.64 -39.21
N LEU B 1483 50.30 2.85 -38.19
CA LEU B 1483 48.98 2.96 -37.56
C LEU B 1483 48.81 4.32 -36.90
N HIS B 1484 49.88 4.86 -36.32
CA HIS B 1484 49.81 6.16 -35.67
C HIS B 1484 49.37 7.24 -36.65
N LYS B 1485 50.07 7.35 -37.79
CA LYS B 1485 49.70 8.36 -38.78
C LYS B 1485 48.35 8.04 -39.41
N TYR B 1486 48.07 6.75 -39.60
CA TYR B 1486 46.79 6.32 -40.16
C TYR B 1486 45.63 6.81 -39.30
N TYR B 1487 45.82 6.83 -37.98
CA TYR B 1487 44.79 7.37 -37.10
C TYR B 1487 44.83 8.90 -37.04
N MET B 1488 46.01 9.50 -37.10
CA MET B 1488 46.13 10.95 -36.97
C MET B 1488 45.41 11.68 -38.11
N LYS B 1489 45.60 11.19 -39.34
CA LYS B 1489 44.97 11.86 -40.48
C LYS B 1489 43.45 11.84 -40.35
N ARG B 1490 42.89 10.67 -40.02
CA ARG B 1490 41.44 10.56 -39.89
C ARG B 1490 40.92 11.39 -38.72
N ARG B 1491 41.68 11.46 -37.63
CA ARG B 1491 41.28 12.30 -36.51
C ARG B 1491 41.19 13.76 -36.93
N THR B 1492 42.20 14.23 -37.67
CA THR B 1492 42.19 15.63 -38.12
C THR B 1492 41.01 15.90 -39.04
N LEU B 1493 40.76 15.00 -40.00
CA LEU B 1493 39.65 15.20 -40.93
C LEU B 1493 38.31 15.20 -40.20
N LEU B 1494 38.14 14.27 -39.25
CA LEU B 1494 36.90 14.22 -38.49
C LEU B 1494 36.70 15.49 -37.66
N LEU B 1495 37.78 16.00 -37.06
CA LEU B 1495 37.67 17.23 -36.30
C LEU B 1495 37.24 18.39 -37.18
N SER B 1496 37.83 18.51 -38.39
CA SER B 1496 37.46 19.59 -39.28
C SER B 1496 35.98 19.49 -39.68
N LEU B 1497 35.53 18.28 -40.04
CA LEU B 1497 34.14 18.12 -40.44
C LEU B 1497 33.18 18.43 -39.30
N LEU B 1498 33.50 17.98 -38.09
CA LEU B 1498 32.65 18.27 -36.94
C LEU B 1498 32.59 19.77 -36.66
N ALA B 1499 33.73 20.45 -36.77
CA ALA B 1499 33.74 21.90 -36.56
C ALA B 1499 32.84 22.60 -37.56
N THR B 1500 32.94 22.21 -38.84
CA THR B 1500 32.10 22.83 -39.86
C THR B 1500 30.63 22.59 -39.59
N GLU B 1501 30.27 21.35 -39.25
CA GLU B 1501 28.85 21.03 -39.01
C GLU B 1501 28.31 21.78 -37.80
N ILE B 1502 29.11 21.86 -36.72
CA ILE B 1502 28.66 22.57 -35.52
C ILE B 1502 28.48 24.05 -35.82
N GLU B 1503 29.40 24.63 -36.59
CA GLU B 1503 29.26 26.04 -36.96
C GLU B 1503 27.98 26.25 -37.77
N ARG B 1504 27.69 25.37 -38.72
CA ARG B 1504 26.48 25.51 -39.51
C ARG B 1504 25.24 25.40 -38.64
N LEU B 1505 25.21 24.44 -37.72
CA LEU B 1505 24.05 24.28 -36.84
C LEU B 1505 23.85 25.48 -35.94
N ILE B 1506 24.92 26.00 -35.34
CA ILE B 1506 24.77 27.14 -34.45
C ILE B 1506 24.38 28.38 -35.23
N THR B 1507 24.83 28.51 -36.49
CA THR B 1507 24.36 29.61 -37.32
C THR B 1507 22.88 29.49 -37.61
N TRP B 1508 22.41 28.28 -37.89
CA TRP B 1508 20.98 28.08 -38.14
C TRP B 1508 20.14 28.28 -36.88
N TYR B 1509 20.71 28.09 -35.70
CA TYR B 1509 19.94 28.19 -34.46
C TYR B 1509 19.26 29.55 -34.34
N ASN B 1510 20.05 30.62 -34.25
CA ASN B 1510 19.51 31.97 -34.16
C ASN B 1510 20.07 32.82 -35.29
N PRO B 1511 19.22 33.44 -36.11
CA PRO B 1511 19.73 34.25 -37.23
C PRO B 1511 20.52 35.46 -36.74
N LEU B 1512 19.92 36.25 -35.87
CA LEU B 1512 20.57 37.45 -35.35
C LEU B 1512 21.67 37.06 -34.36
N SER B 1513 22.37 38.08 -33.86
CA SER B 1513 23.43 37.84 -32.88
C SER B 1513 22.86 37.22 -31.61
N ALA B 1514 21.76 37.79 -31.11
CA ALA B 1514 21.06 37.31 -29.92
C ALA B 1514 22.01 37.14 -28.74
N PRO B 1515 22.50 38.24 -28.16
CA PRO B 1515 23.42 38.11 -27.02
C PRO B 1515 22.81 37.44 -25.81
N GLU B 1516 21.47 37.45 -25.68
CA GLU B 1516 20.83 36.77 -24.56
C GLU B 1516 21.07 35.27 -24.60
N LEU B 1517 20.98 34.67 -25.79
CA LEU B 1517 21.25 33.25 -25.94
C LEU B 1517 22.75 33.01 -25.99
N GLU B 1518 23.21 31.97 -25.29
CA GLU B 1518 24.63 31.67 -25.23
C GLU B 1518 24.81 30.20 -24.87
N LEU B 1519 25.96 29.67 -25.27
CA LEU B 1519 26.31 28.28 -25.00
C LEU B 1519 27.67 28.20 -24.30
N ASP B 1520 28.23 27.01 -24.19
CA ASP B 1520 29.54 26.84 -23.58
C ASP B 1520 30.59 27.66 -24.30
N GLN B 1521 31.37 28.43 -23.55
CA GLN B 1521 32.34 29.34 -24.16
C GLN B 1521 33.59 28.61 -24.60
N ALA B 1522 34.06 27.63 -23.81
CA ALA B 1522 35.30 26.95 -24.13
C ALA B 1522 35.21 26.20 -25.45
N GLY B 1523 34.07 25.51 -25.67
CA GLY B 1523 33.90 24.79 -26.93
C GLY B 1523 33.87 25.71 -28.12
N GLU B 1524 33.16 26.84 -28.01
CA GLU B 1524 33.11 27.79 -29.11
C GLU B 1524 34.48 28.38 -29.40
N ASN B 1525 35.24 28.70 -28.35
CA ASN B 1525 36.59 29.23 -28.55
C ASN B 1525 37.49 28.21 -29.22
N SER B 1526 37.42 26.95 -28.79
CA SER B 1526 38.24 25.91 -29.40
C SER B 1526 37.86 25.70 -30.86
N VAL B 1527 36.56 25.71 -31.16
CA VAL B 1527 36.12 25.55 -32.55
C VAL B 1527 36.61 26.71 -33.40
N ALA B 1528 36.51 27.94 -32.88
CA ALA B 1528 36.99 29.08 -33.64
C ALA B 1528 38.49 29.01 -33.88
N ASN B 1529 39.25 28.60 -32.86
CA ASN B 1529 40.69 28.46 -33.03
C ASN B 1529 41.04 27.40 -34.07
N TRP B 1530 40.33 26.26 -34.05
CA TRP B 1530 40.59 25.23 -35.04
C TRP B 1530 40.22 25.69 -36.44
N ARG B 1531 39.12 26.43 -36.58
CA ARG B 1531 38.74 26.96 -37.88
C ARG B 1531 39.79 27.93 -38.41
N SER B 1532 40.29 28.81 -37.53
CA SER B 1532 41.34 29.73 -37.94
C SER B 1532 42.61 28.98 -38.34
N LYS B 1533 42.93 27.91 -37.61
CA LYS B 1533 44.12 27.13 -37.94
C LYS B 1533 43.98 26.45 -39.30
N TYR B 1534 42.81 25.87 -39.58
CA TYR B 1534 42.65 25.10 -40.81
C TYR B 1534 42.30 25.96 -42.02
N ILE B 1535 41.88 27.21 -41.82
CA ILE B 1535 41.52 28.05 -42.96
C ILE B 1535 42.73 28.60 -43.70
N SER B 1536 43.93 28.43 -43.16
CA SER B 1536 45.15 28.99 -43.74
C SER B 1536 45.92 27.98 -44.57
N LEU B 1537 45.34 26.82 -44.86
CA LEU B 1537 46.03 25.81 -45.65
C LEU B 1537 46.26 26.30 -47.08
N SER B 1538 47.41 25.92 -47.64
CA SER B 1538 47.76 26.32 -49.00
C SER B 1538 47.10 25.37 -50.00
N GLU B 1539 47.49 25.47 -51.27
CA GLU B 1539 46.94 24.58 -52.29
C GLU B 1539 47.36 23.14 -52.03
N LYS B 1540 48.59 22.92 -51.56
CA LYS B 1540 49.02 21.59 -51.17
C LYS B 1540 48.36 21.18 -49.86
N GLN B 1541 48.66 19.96 -49.42
CA GLN B 1541 48.15 19.36 -48.19
C GLN B 1541 46.63 19.42 -48.12
N TRP B 1542 45.97 19.69 -49.24
CA TRP B 1542 44.52 19.68 -49.36
C TRP B 1542 44.04 18.78 -50.49
N LYS B 1543 44.79 18.74 -51.59
CA LYS B 1543 44.52 17.71 -52.60
C LYS B 1543 44.79 16.32 -52.04
N ASP B 1544 45.79 16.19 -51.17
CA ASP B 1544 46.03 14.93 -50.48
C ASP B 1544 44.84 14.56 -49.60
N ASN B 1545 44.17 15.57 -49.03
CA ASN B 1545 42.94 15.29 -48.27
C ASN B 1545 41.87 14.71 -49.18
N VAL B 1546 41.74 15.24 -50.40
CA VAL B 1546 40.78 14.71 -51.36
C VAL B 1546 41.14 13.28 -51.72
N ASN B 1547 42.44 13.01 -51.93
CA ASN B 1547 42.87 11.64 -52.22
C ASN B 1547 42.55 10.70 -51.07
N LEU B 1548 42.78 11.13 -49.84
CA LEU B 1548 42.45 10.31 -48.68
C LEU B 1548 40.97 10.05 -48.59
N ALA B 1549 40.14 11.08 -48.84
CA ALA B 1549 38.70 10.90 -48.80
C ALA B 1549 38.24 9.92 -49.87
N TRP B 1550 38.82 10.01 -51.07
CA TRP B 1550 38.50 9.04 -52.11
C TRP B 1550 38.91 7.64 -51.71
N SER B 1551 40.06 7.51 -51.05
CA SER B 1551 40.50 6.20 -50.56
C SER B 1551 39.53 5.65 -49.53
N ILE B 1552 38.95 6.52 -48.71
CA ILE B 1552 37.97 6.08 -47.72
C ILE B 1552 36.70 5.60 -48.41
N SER B 1553 36.04 6.49 -49.15
CA SER B 1553 34.81 6.17 -49.85
C SER B 1553 34.53 7.20 -50.93
N PRO B 1554 34.20 6.79 -52.15
CA PRO B 1554 33.93 7.77 -53.22
C PRO B 1554 32.76 8.70 -52.90
N TYR B 1555 31.75 8.21 -52.17
CA TYR B 1555 30.61 9.05 -51.85
C TYR B 1555 31.02 10.24 -50.99
N LEU B 1556 31.90 10.01 -50.02
CA LEU B 1556 32.40 11.10 -49.19
C LEU B 1556 33.16 12.13 -50.03
N ALA B 1557 33.99 11.66 -50.96
CA ALA B 1557 34.72 12.58 -51.83
C ALA B 1557 33.76 13.39 -52.68
N VAL B 1558 32.71 12.76 -53.20
CA VAL B 1558 31.74 13.49 -54.02
C VAL B 1558 31.01 14.54 -53.18
N GLN B 1559 30.63 14.19 -51.96
CA GLN B 1559 29.92 15.13 -51.10
C GLN B 1559 30.82 16.16 -50.44
N LEU B 1560 32.14 15.99 -50.54
CA LEU B 1560 33.05 16.96 -49.90
C LEU B 1560 32.87 18.39 -50.38
N PRO B 1561 32.79 18.69 -51.68
CA PRO B 1561 32.62 20.09 -52.10
C PRO B 1561 31.31 20.72 -51.63
N ALA B 1562 30.31 19.91 -51.27
CA ALA B 1562 29.08 20.47 -50.72
C ALA B 1562 29.34 21.22 -49.43
N ARG B 1563 30.18 20.67 -48.55
CA ARG B 1563 30.69 21.40 -47.41
C ARG B 1563 31.68 22.43 -47.93
N PHE B 1564 31.21 23.67 -48.10
CA PHE B 1564 31.93 24.65 -48.91
C PHE B 1564 33.32 24.90 -48.36
N LYS B 1565 34.31 24.84 -49.26
CA LYS B 1565 35.68 25.24 -48.98
C LYS B 1565 36.07 26.27 -50.03
N ASN B 1566 36.51 27.44 -49.58
CA ASN B 1566 36.78 28.56 -50.49
C ASN B 1566 38.10 28.32 -51.23
N THR B 1567 38.11 27.29 -52.05
CA THR B 1567 39.27 26.94 -52.86
C THR B 1567 38.78 26.19 -54.10
N GLU B 1568 39.41 26.47 -55.24
CA GLU B 1568 39.01 25.86 -56.50
C GLU B 1568 39.74 24.56 -56.80
N ALA B 1569 40.76 24.20 -56.00
CA ALA B 1569 41.50 22.97 -56.25
C ALA B 1569 40.65 21.74 -55.97
N ILE B 1570 39.70 21.85 -55.05
CA ILE B 1570 38.86 20.71 -54.70
C ILE B 1570 38.06 20.24 -55.91
N GLY B 1571 37.45 21.19 -56.62
CA GLY B 1571 36.67 20.82 -57.80
C GLY B 1571 37.52 20.19 -58.89
N ASN B 1572 38.70 20.75 -59.14
CA ASN B 1572 39.58 20.20 -60.17
C ASN B 1572 40.03 18.79 -59.82
N GLU B 1573 40.40 18.57 -58.56
CA GLU B 1573 40.84 17.23 -58.15
C GLU B 1573 39.69 16.23 -58.23
N VAL B 1574 38.49 16.63 -57.81
CA VAL B 1574 37.34 15.74 -57.90
C VAL B 1574 37.04 15.40 -59.35
N THR B 1575 37.09 16.40 -60.23
CA THR B 1575 36.85 16.15 -61.65
C THR B 1575 37.89 15.19 -62.23
N ARG B 1576 39.16 15.38 -61.88
CA ARG B 1576 40.21 14.48 -62.35
C ARG B 1576 39.97 13.05 -61.87
N LEU B 1577 39.63 12.90 -60.58
CA LEU B 1577 39.41 11.56 -60.04
C LEU B 1577 38.21 10.89 -60.69
N VAL B 1578 37.11 11.63 -60.87
CA VAL B 1578 35.92 11.02 -61.44
C VAL B 1578 36.14 10.70 -62.92
N ARG B 1579 36.96 11.49 -63.61
CA ARG B 1579 37.30 11.16 -64.99
C ARG B 1579 38.18 9.92 -65.06
N LEU B 1580 39.07 9.73 -64.07
CA LEU B 1580 39.92 8.54 -64.07
C LEU B 1580 39.11 7.26 -63.92
N ASP B 1581 37.98 7.32 -63.20
CA ASP B 1581 37.15 6.14 -62.99
C ASP B 1581 35.72 6.59 -62.77
N PRO B 1582 34.92 6.67 -63.84
CA PRO B 1582 33.53 7.13 -63.68
C PRO B 1582 32.58 6.06 -63.17
N GLY B 1583 32.96 4.78 -63.23
CA GLY B 1583 32.05 3.72 -62.85
C GLY B 1583 31.84 3.53 -61.36
N ALA B 1584 32.62 4.21 -60.53
CA ALA B 1584 32.51 4.05 -59.09
C ALA B 1584 31.35 4.83 -58.48
N VAL B 1585 30.73 5.73 -59.22
CA VAL B 1585 29.64 6.56 -58.70
C VAL B 1585 28.44 6.44 -59.62
N SER B 1586 27.25 6.35 -59.03
CA SER B 1586 26.01 6.31 -59.80
C SER B 1586 24.91 7.18 -59.17
N ASP B 1587 25.27 8.10 -58.28
CA ASP B 1587 24.32 9.04 -57.72
C ASP B 1587 24.26 10.26 -58.63
N VAL B 1588 23.15 10.43 -59.32
CA VAL B 1588 23.03 11.41 -60.40
C VAL B 1588 22.88 12.86 -59.94
N PRO B 1589 22.16 13.19 -58.86
CA PRO B 1589 21.81 14.61 -58.63
C PRO B 1589 23.01 15.52 -58.45
N GLU B 1590 24.19 14.98 -58.12
CA GLU B 1590 25.35 15.83 -57.92
C GLU B 1590 26.54 15.40 -58.77
N ALA B 1591 26.71 14.10 -58.97
CA ALA B 1591 27.93 13.60 -59.60
C ALA B 1591 27.95 13.73 -61.11
N ILE B 1592 26.81 14.01 -61.75
CA ILE B 1592 26.79 14.08 -63.21
C ILE B 1592 27.57 15.29 -63.71
N LYS B 1593 27.48 16.42 -62.99
CA LYS B 1593 28.09 17.65 -63.45
C LYS B 1593 29.61 17.62 -63.41
N PHE B 1594 30.20 16.64 -62.74
CA PHE B 1594 31.65 16.51 -62.70
C PHE B 1594 32.21 15.74 -63.89
N LEU B 1595 31.35 15.25 -64.79
CA LEU B 1595 31.80 14.44 -65.91
C LEU B 1595 31.22 14.96 -67.23
N VAL B 1596 30.02 15.55 -67.18
CA VAL B 1596 29.31 15.89 -68.41
C VAL B 1596 30.09 16.94 -69.21
N THR B 1597 30.59 17.97 -68.52
CA THR B 1597 31.31 19.05 -69.19
C THR B 1597 32.80 18.74 -69.17
N TRP B 1598 33.24 17.93 -70.12
CA TRP B 1598 34.67 17.71 -70.31
C TRP B 1598 35.38 19.04 -70.54
N HIS B 1599 34.75 19.94 -71.29
CA HIS B 1599 35.18 21.32 -71.43
C HIS B 1599 33.94 22.16 -71.66
N THR B 1600 33.92 23.36 -71.08
CA THR B 1600 32.72 24.18 -71.12
C THR B 1600 32.38 24.61 -72.55
N ILE B 1601 33.35 25.17 -73.26
CA ILE B 1601 33.10 25.72 -74.59
C ILE B 1601 34.14 25.24 -75.58
N ASP B 1602 35.20 24.59 -75.07
CA ASP B 1602 36.29 24.16 -75.94
C ASP B 1602 35.82 23.11 -76.95
N ALA B 1603 34.97 22.18 -76.51
CA ALA B 1603 34.36 21.15 -77.37
C ALA B 1603 35.43 20.32 -78.06
N ASP B 1604 36.19 19.58 -77.24
CA ASP B 1604 37.23 18.70 -77.76
C ASP B 1604 37.12 17.33 -77.12
N ALA B 1605 38.11 16.47 -77.35
CA ALA B 1605 38.30 15.18 -76.67
C ALA B 1605 37.01 14.37 -76.57
N PRO B 1606 36.47 13.85 -77.67
CA PRO B 1606 35.27 13.00 -77.58
C PRO B 1606 35.58 11.52 -77.34
N GLU B 1607 35.91 11.21 -76.09
CA GLU B 1607 36.22 9.83 -75.71
C GLU B 1607 35.77 9.60 -74.27
N LEU B 1608 35.67 8.31 -73.92
CA LEU B 1608 35.39 7.81 -72.57
C LEU B 1608 34.08 8.35 -71.99
N SER B 1609 33.26 9.01 -72.79
CA SER B 1609 32.00 9.57 -72.32
C SER B 1609 30.90 8.54 -72.54
N HIS B 1610 30.50 7.87 -71.46
CA HIS B 1610 29.41 6.88 -71.50
C HIS B 1610 28.38 7.29 -70.45
N VAL B 1611 27.46 8.16 -70.87
CA VAL B 1611 26.41 8.66 -69.98
C VAL B 1611 25.08 7.94 -70.22
N LEU B 1612 25.11 6.79 -70.91
CA LEU B 1612 23.90 6.04 -71.24
C LEU B 1612 23.48 5.08 -70.13
N CYS B 1613 23.97 5.30 -68.90
CA CYS B 1613 23.62 4.43 -67.78
C CYS B 1613 23.23 5.18 -66.52
N TRP B 1614 23.42 6.50 -66.47
CA TRP B 1614 23.08 7.27 -65.28
C TRP B 1614 21.56 7.32 -65.10
N ALA B 1615 21.15 7.39 -63.82
CA ALA B 1615 19.75 7.48 -63.49
C ALA B 1615 19.16 8.81 -63.95
N PRO B 1616 17.84 8.87 -64.16
CA PRO B 1616 17.23 10.14 -64.56
C PRO B 1616 17.38 11.21 -63.48
N THR B 1617 17.46 12.46 -63.93
CA THR B 1617 17.59 13.62 -63.08
C THR B 1617 16.43 14.58 -63.34
N ASP B 1618 16.52 15.77 -62.75
CA ASP B 1618 15.46 16.75 -62.88
C ASP B 1618 15.40 17.29 -64.31
N PRO B 1619 14.21 17.67 -64.78
CA PRO B 1619 14.05 18.13 -66.17
C PRO B 1619 14.92 19.33 -66.52
N PRO B 1620 15.10 20.32 -65.62
CA PRO B 1620 15.99 21.44 -65.98
C PRO B 1620 17.41 21.02 -66.31
N THR B 1621 17.94 20.03 -65.59
CA THR B 1621 19.30 19.57 -65.88
C THR B 1621 19.38 18.96 -67.27
N GLY B 1622 18.37 18.19 -67.68
CA GLY B 1622 18.35 17.65 -69.02
C GLY B 1622 18.18 18.73 -70.08
N LEU B 1623 17.32 19.71 -69.82
CA LEU B 1623 17.10 20.79 -70.78
C LEU B 1623 18.31 21.71 -70.92
N SER B 1624 19.18 21.75 -69.91
CA SER B 1624 20.35 22.61 -69.98
C SER B 1624 21.28 22.23 -71.13
N TYR B 1625 21.19 21.00 -71.64
CA TYR B 1625 22.08 20.55 -72.69
C TYR B 1625 21.70 21.06 -74.08
N PHE B 1626 20.52 21.67 -74.23
CA PHE B 1626 20.07 22.19 -75.51
C PHE B 1626 20.22 23.70 -75.63
N SER B 1627 20.75 24.36 -74.61
CA SER B 1627 20.91 25.80 -74.62
C SER B 1627 22.29 26.18 -75.19
N SER B 1628 22.65 27.45 -75.07
CA SER B 1628 23.95 27.91 -75.53
C SER B 1628 25.07 27.61 -74.54
N MET B 1629 24.73 27.06 -73.37
CA MET B 1629 25.74 26.76 -72.36
C MET B 1629 26.74 25.73 -72.87
N TYR B 1630 26.27 24.70 -73.57
CA TYR B 1630 27.13 23.62 -74.00
C TYR B 1630 27.04 23.43 -75.51
N PRO B 1631 28.16 23.09 -76.16
CA PRO B 1631 28.11 22.79 -77.58
C PRO B 1631 27.30 21.53 -77.84
N PRO B 1632 26.66 21.42 -79.00
CA PRO B 1632 25.86 20.23 -79.29
C PRO B 1632 26.71 18.97 -79.35
N HIS B 1633 26.12 17.86 -78.93
CA HIS B 1633 26.77 16.56 -78.99
C HIS B 1633 25.70 15.48 -78.99
N PRO B 1634 25.82 14.44 -79.81
CA PRO B 1634 24.75 13.43 -79.89
C PRO B 1634 24.46 12.74 -78.56
N LEU B 1635 25.50 12.43 -77.78
CA LEU B 1635 25.29 11.70 -76.53
C LEU B 1635 24.50 12.53 -75.53
N THR B 1636 24.82 13.81 -75.41
CA THR B 1636 24.09 14.68 -74.48
C THR B 1636 22.64 14.82 -74.88
N ALA B 1637 22.38 14.98 -76.18
CA ALA B 1637 21.00 15.09 -76.66
C ALA B 1637 20.23 13.80 -76.41
N GLN B 1638 20.87 12.65 -76.65
CA GLN B 1638 20.21 11.37 -76.40
C GLN B 1638 19.87 11.20 -74.92
N TYR B 1639 20.82 11.56 -74.04
CA TYR B 1639 20.55 11.49 -72.61
C TYR B 1639 19.43 12.43 -72.20
N GLY B 1640 19.39 13.64 -72.79
CA GLY B 1640 18.33 14.57 -72.48
C GLY B 1640 16.96 14.04 -72.89
N VAL B 1641 16.87 13.46 -74.08
CA VAL B 1641 15.61 12.87 -74.53
C VAL B 1641 15.21 11.73 -73.60
N LYS B 1642 16.18 10.88 -73.23
CA LYS B 1642 15.87 9.74 -72.38
C LYS B 1642 15.35 10.18 -71.02
N VAL B 1643 15.98 11.20 -70.42
CA VAL B 1643 15.52 11.67 -69.11
C VAL B 1643 14.18 12.41 -69.25
N LEU B 1644 13.94 13.06 -70.39
CA LEU B 1644 12.66 13.73 -70.57
C LEU B 1644 11.53 12.75 -70.81
N ARG B 1645 11.83 11.54 -71.27
CA ARG B 1645 10.79 10.56 -71.57
C ARG B 1645 10.51 9.61 -70.41
N SER B 1646 10.69 10.06 -69.17
CA SER B 1646 10.46 9.21 -68.00
C SER B 1646 9.72 9.98 -66.92
N PHE B 1647 8.69 10.74 -67.30
CA PHE B 1647 7.94 11.54 -66.35
C PHE B 1647 6.46 11.53 -66.71
N PRO B 1648 5.59 11.74 -65.72
CA PRO B 1648 4.15 11.79 -66.01
C PRO B 1648 3.79 13.01 -66.85
N PRO B 1649 2.67 12.96 -67.57
CA PRO B 1649 2.34 14.05 -68.50
C PRO B 1649 2.20 15.42 -67.85
N ASP B 1650 1.74 15.49 -66.60
CA ASP B 1650 1.55 16.79 -65.96
C ASP B 1650 2.87 17.52 -65.78
N ALA B 1651 3.92 16.80 -65.39
CA ALA B 1651 5.23 17.43 -65.22
C ALA B 1651 5.72 18.02 -66.53
N ILE B 1652 5.54 17.30 -67.64
CA ILE B 1652 5.91 17.84 -68.95
C ILE B 1652 5.04 19.03 -69.29
N LEU B 1653 3.76 18.99 -68.89
CA LEU B 1653 2.86 20.11 -69.13
C LEU B 1653 3.33 21.36 -68.41
N PHE B 1654 3.98 21.20 -67.25
CA PHE B 1654 4.46 22.36 -66.51
C PHE B 1654 5.54 23.10 -67.28
N TYR B 1655 6.43 22.39 -67.97
CA TYR B 1655 7.59 22.97 -68.64
C TYR B 1655 7.38 23.14 -70.14
N ILE B 1656 6.17 23.48 -70.57
CA ILE B 1656 5.90 23.56 -72.01
C ILE B 1656 6.71 24.63 -72.72
N PRO B 1657 6.73 25.90 -72.27
CA PRO B 1657 7.41 26.94 -73.09
C PRO B 1657 8.88 26.69 -73.33
N GLN B 1658 9.59 26.12 -72.36
CA GLN B 1658 11.01 25.86 -72.56
C GLN B 1658 11.24 24.84 -73.66
N ILE B 1659 10.36 23.84 -73.78
CA ILE B 1659 10.51 22.81 -74.80
C ILE B 1659 10.43 23.43 -76.19
N VAL B 1660 9.41 24.27 -76.42
CA VAL B 1660 9.23 24.87 -77.74
C VAL B 1660 10.34 25.89 -78.01
N GLN B 1661 10.81 26.60 -76.97
CA GLN B 1661 11.91 27.53 -77.17
C GLN B 1661 13.22 26.81 -77.44
N ALA B 1662 13.37 25.56 -77.01
CA ALA B 1662 14.61 24.83 -77.23
C ALA B 1662 14.86 24.53 -78.71
N LEU B 1663 13.83 24.65 -79.56
CA LEU B 1663 14.01 24.37 -80.98
C LEU B 1663 14.96 25.35 -81.65
N ARG B 1664 15.15 26.54 -81.08
CA ARG B 1664 16.00 27.53 -81.72
C ARG B 1664 17.44 27.05 -81.83
N TYR B 1665 17.97 26.48 -80.75
CA TYR B 1665 19.32 25.93 -80.75
C TYR B 1665 19.37 24.47 -81.17
N ASP B 1666 18.21 23.85 -81.41
CA ASP B 1666 18.15 22.43 -81.76
C ASP B 1666 18.60 22.26 -83.20
N LYS B 1667 19.92 22.18 -83.38
CA LYS B 1667 20.46 21.92 -84.70
C LYS B 1667 20.04 20.54 -85.20
N MET B 1668 19.75 19.62 -84.29
CA MET B 1668 19.28 18.29 -84.64
C MET B 1668 17.75 18.26 -84.63
N GLY B 1669 17.18 17.06 -84.69
CA GLY B 1669 15.74 16.91 -84.74
C GLY B 1669 15.16 16.05 -83.63
N TYR B 1670 15.97 15.76 -82.61
CA TYR B 1670 15.52 14.93 -81.50
C TYR B 1670 14.34 15.57 -80.78
N VAL B 1671 14.40 16.89 -80.54
CA VAL B 1671 13.32 17.57 -79.83
C VAL B 1671 12.03 17.48 -80.64
N ARG B 1672 12.12 17.64 -81.96
CA ARG B 1672 10.93 17.55 -82.80
C ARG B 1672 10.31 16.16 -82.72
N GLU B 1673 11.14 15.11 -82.78
CA GLU B 1673 10.62 13.76 -82.67
C GLU B 1673 9.96 13.52 -81.32
N TYR B 1674 10.59 14.01 -80.25
CA TYR B 1674 9.99 13.86 -78.92
C TYR B 1674 8.66 14.60 -78.84
N ILE B 1675 8.57 15.79 -79.42
CA ILE B 1675 7.32 16.54 -79.40
C ILE B 1675 6.23 15.79 -80.14
N LEU B 1676 6.56 15.23 -81.31
CA LEU B 1676 5.58 14.46 -82.05
C LEU B 1676 5.12 13.24 -81.26
N TRP B 1677 6.07 12.53 -80.63
CA TRP B 1677 5.71 11.35 -79.85
C TRP B 1677 4.81 11.72 -78.67
N ALA B 1678 5.15 12.80 -77.96
CA ALA B 1678 4.34 13.21 -76.82
C ALA B 1678 2.94 13.65 -77.26
N ALA B 1679 2.85 14.36 -78.37
CA ALA B 1679 1.54 14.77 -78.88
C ALA B 1679 0.72 13.55 -79.28
N SER B 1680 1.36 12.55 -79.89
CA SER B 1680 0.64 11.33 -80.25
C SER B 1680 0.19 10.56 -79.02
N LYS B 1681 0.98 10.59 -77.94
CA LYS B 1681 0.65 9.78 -76.77
C LYS B 1681 -0.54 10.35 -76.01
N SER B 1682 -0.41 11.57 -75.50
CA SER B 1682 -1.46 12.18 -74.70
C SER B 1682 -2.35 13.07 -75.56
N GLN B 1683 -3.30 13.75 -74.92
CA GLN B 1683 -4.26 14.60 -75.61
C GLN B 1683 -4.13 16.06 -75.23
N LEU B 1684 -4.20 16.39 -73.93
CA LEU B 1684 -4.15 17.79 -73.52
C LEU B 1684 -2.81 18.42 -73.84
N LEU B 1685 -1.75 17.62 -73.90
CA LEU B 1685 -0.44 18.15 -74.27
C LEU B 1685 -0.47 18.74 -75.67
N ALA B 1686 -1.19 18.08 -76.60
CA ALA B 1686 -1.31 18.61 -77.95
C ALA B 1686 -2.02 19.96 -77.95
N HIS B 1687 -3.09 20.09 -77.15
CA HIS B 1687 -3.80 21.36 -77.08
C HIS B 1687 -2.92 22.46 -76.53
N GLN B 1688 -2.17 22.17 -75.46
CA GLN B 1688 -1.25 23.17 -74.93
C GLN B 1688 -0.18 23.53 -75.96
N PHE B 1689 0.34 22.54 -76.69
CA PHE B 1689 1.35 22.81 -77.69
C PHE B 1689 0.83 23.74 -78.78
N ILE B 1690 -0.37 23.46 -79.30
CA ILE B 1690 -0.90 24.30 -80.37
C ILE B 1690 -1.21 25.70 -79.84
N TRP B 1691 -1.79 25.80 -78.64
CA TRP B 1691 -2.12 27.11 -78.10
C TRP B 1691 -0.85 27.94 -77.88
N ASN B 1692 0.23 27.31 -77.43
CA ASN B 1692 1.47 28.06 -77.22
C ASN B 1692 2.12 28.42 -78.55
N MET B 1693 2.17 27.49 -79.51
CA MET B 1693 2.88 27.73 -80.75
C MET B 1693 2.13 28.68 -81.68
N LYS B 1694 0.82 28.85 -81.50
CA LYS B 1694 0.09 29.79 -82.34
C LYS B 1694 0.55 31.22 -82.09
N THR B 1695 0.84 31.57 -80.83
CA THR B 1695 1.24 32.93 -80.50
C THR B 1695 2.68 33.24 -80.88
N ASN B 1696 3.57 32.26 -80.77
CA ASN B 1696 5.01 32.51 -80.87
C ASN B 1696 5.49 32.68 -82.30
N ILE B 1697 4.63 32.50 -83.31
CA ILE B 1697 5.08 32.60 -84.69
C ILE B 1697 5.46 34.04 -85.04
N TYR B 1698 4.72 35.01 -84.51
CA TYR B 1698 4.98 36.41 -84.80
C TYR B 1698 5.80 37.03 -83.67
N LEU B 1699 6.16 38.30 -83.84
CA LEU B 1699 6.98 39.03 -82.89
C LEU B 1699 6.27 40.22 -82.25
N ASP B 1700 5.56 41.02 -83.05
CA ASP B 1700 4.88 42.19 -82.52
C ASP B 1700 3.59 41.79 -81.80
N GLU B 1701 3.03 42.75 -81.05
CA GLU B 1701 1.80 42.49 -80.31
C GLU B 1701 0.65 42.15 -81.25
N GLU B 1702 0.41 43.01 -82.25
CA GLU B 1702 -0.64 42.71 -83.22
C GLU B 1702 -0.20 41.59 -84.16
N GLY B 1703 1.04 41.62 -84.63
CA GLY B 1703 1.58 40.55 -85.43
C GLY B 1703 1.58 40.84 -86.92
N HIS B 1704 2.73 41.29 -87.44
CA HIS B 1704 2.88 41.47 -88.88
C HIS B 1704 4.26 41.06 -89.38
N GLN B 1705 5.14 40.54 -88.54
CA GLN B 1705 6.50 40.19 -88.93
C GLN B 1705 6.85 38.85 -88.33
N LYS B 1706 6.90 37.81 -89.17
CA LYS B 1706 7.33 36.50 -88.71
C LYS B 1706 8.85 36.48 -88.54
N ASP B 1707 9.31 35.82 -87.49
CA ASP B 1707 10.74 35.74 -87.25
C ASP B 1707 11.40 34.90 -88.34
N PRO B 1708 12.54 35.34 -88.86
CA PRO B 1708 13.22 34.59 -89.93
C PRO B 1708 14.01 33.38 -89.46
N ASP B 1709 13.92 33.02 -88.17
CA ASP B 1709 14.72 31.91 -87.64
C ASP B 1709 13.94 30.60 -87.65
N ILE B 1710 12.80 30.55 -86.96
CA ILE B 1710 12.07 29.28 -86.80
C ILE B 1710 10.61 29.45 -87.16
N GLY B 1711 10.27 30.54 -87.85
CA GLY B 1711 8.89 30.74 -88.27
C GLY B 1711 8.42 29.67 -89.23
N ASP B 1712 9.23 29.37 -90.25
CA ASP B 1712 8.87 28.33 -91.21
C ASP B 1712 8.82 26.96 -90.53
N LEU B 1713 9.76 26.70 -89.62
CA LEU B 1713 9.73 25.44 -88.89
C LEU B 1713 8.47 25.32 -88.05
N LEU B 1714 8.06 26.40 -87.39
CA LEU B 1714 6.83 26.38 -86.62
C LEU B 1714 5.63 26.14 -87.52
N ASP B 1715 5.60 26.78 -88.69
CA ASP B 1715 4.49 26.56 -89.62
C ASP B 1715 4.42 25.10 -90.08
N GLN B 1716 5.58 24.53 -90.43
CA GLN B 1716 5.61 23.14 -90.85
C GLN B 1716 5.16 22.22 -89.72
N LEU B 1717 5.61 22.47 -88.50
CA LEU B 1717 5.23 21.62 -87.37
C LEU B 1717 3.74 21.72 -87.09
N VAL B 1718 3.18 22.93 -87.12
CA VAL B 1718 1.76 23.10 -86.81
C VAL B 1718 0.89 22.48 -87.90
N GLU B 1719 1.32 22.58 -89.17
CA GLU B 1719 0.55 21.96 -90.23
C GLU B 1719 0.70 20.43 -90.21
N GLU B 1720 1.82 19.93 -89.68
CA GLU B 1720 2.02 18.49 -89.57
C GLU B 1720 1.20 17.89 -88.44
N ILE B 1721 1.17 18.55 -87.28
CA ILE B 1721 0.51 17.95 -86.11
C ILE B 1721 -0.99 17.85 -86.34
N THR B 1722 -1.60 18.88 -86.93
CA THR B 1722 -3.02 18.82 -87.21
C THR B 1722 -3.29 17.88 -88.38
N GLY B 1723 -4.50 17.34 -88.42
CA GLY B 1723 -4.90 16.39 -89.44
C GLY B 1723 -4.54 14.96 -89.13
N SER B 1724 -3.40 14.76 -88.45
CA SER B 1724 -3.01 13.41 -88.05
C SER B 1724 -4.01 12.83 -87.06
N LEU B 1725 -4.50 13.63 -86.13
CA LEU B 1725 -5.50 13.18 -85.19
C LEU B 1725 -6.83 12.93 -85.92
N SER B 1726 -7.57 11.94 -85.43
CA SER B 1726 -8.84 11.58 -86.03
C SER B 1726 -9.72 10.90 -84.99
N GLY B 1727 -11.01 10.80 -85.32
CA GLY B 1727 -11.96 10.15 -84.44
C GLY B 1727 -12.48 11.08 -83.35
N PRO B 1728 -12.77 10.52 -82.18
CA PRO B 1728 -13.30 11.34 -81.08
C PRO B 1728 -12.37 12.47 -80.67
N ALA B 1729 -11.05 12.25 -80.73
CA ALA B 1729 -10.11 13.31 -80.37
C ALA B 1729 -10.24 14.50 -81.32
N LYS B 1730 -10.40 14.23 -82.61
CA LYS B 1730 -10.58 15.30 -83.58
C LYS B 1730 -11.86 16.09 -83.29
N ASP B 1731 -12.94 15.39 -82.97
CA ASP B 1731 -14.19 16.06 -82.63
C ASP B 1731 -14.04 16.91 -81.38
N PHE B 1732 -13.34 16.38 -80.38
CA PHE B 1732 -13.11 17.14 -79.14
C PHE B 1732 -12.31 18.41 -79.43
N TYR B 1733 -11.25 18.29 -80.24
CA TYR B 1733 -10.44 19.45 -80.60
C TYR B 1733 -11.26 20.49 -81.34
N GLN B 1734 -12.07 20.04 -82.31
CA GLN B 1734 -12.89 20.97 -83.08
C GLN B 1734 -13.89 21.68 -82.18
N ARG B 1735 -14.57 20.94 -81.30
CA ARG B 1735 -15.55 21.55 -80.42
C ARG B 1735 -14.89 22.56 -79.49
N GLU B 1736 -13.75 22.21 -78.91
CA GLU B 1736 -13.08 23.12 -77.98
C GLU B 1736 -12.63 24.39 -78.69
N PHE B 1737 -12.04 24.26 -79.87
CA PHE B 1737 -11.56 25.44 -80.59
C PHE B 1737 -12.73 26.31 -81.05
N ASP B 1738 -13.80 25.70 -81.53
CA ASP B 1738 -14.97 26.48 -81.95
C ASP B 1738 -15.57 27.23 -80.77
N PHE B 1739 -15.70 26.57 -79.62
CA PHE B 1739 -16.24 27.24 -78.45
C PHE B 1739 -15.35 28.39 -78.00
N PHE B 1740 -14.03 28.18 -78.03
CA PHE B 1740 -13.12 29.25 -77.63
C PHE B 1740 -13.21 30.43 -78.59
N ASN B 1741 -13.30 30.16 -79.90
CA ASN B 1741 -13.45 31.25 -80.86
C ASN B 1741 -14.75 32.01 -80.64
N LYS B 1742 -15.84 31.28 -80.37
CA LYS B 1742 -17.12 31.93 -80.13
C LYS B 1742 -17.08 32.81 -78.89
N ILE B 1743 -16.43 32.34 -77.83
CA ILE B 1743 -16.36 33.14 -76.61
C ILE B 1743 -15.31 34.26 -76.73
N THR B 1744 -14.38 34.15 -77.68
CA THR B 1744 -13.34 35.16 -77.83
C THR B 1744 -13.75 36.30 -78.74
N ASN B 1745 -14.53 36.03 -79.78
CA ASN B 1745 -14.86 37.08 -80.75
C ASN B 1745 -15.69 38.22 -80.16
N VAL B 1746 -16.25 38.04 -78.97
CA VAL B 1746 -17.09 39.07 -78.37
C VAL B 1746 -16.29 40.34 -78.10
N SER B 1747 -15.04 40.19 -77.64
CA SER B 1747 -14.21 41.35 -77.37
C SER B 1747 -13.96 42.17 -78.63
N ALA B 1748 -13.69 41.49 -79.75
CA ALA B 1748 -13.51 42.20 -81.01
C ALA B 1748 -14.81 42.84 -81.47
N ILE B 1749 -15.94 42.17 -81.25
CA ILE B 1749 -17.23 42.70 -81.69
C ILE B 1749 -17.60 43.96 -80.92
N ILE B 1750 -17.26 44.00 -79.62
CA ILE B 1750 -17.72 45.10 -78.77
C ILE B 1750 -16.92 46.38 -78.93
N LYS B 1751 -15.78 46.33 -79.64
CA LYS B 1751 -14.93 47.51 -79.76
C LYS B 1751 -15.62 48.71 -80.42
N PRO B 1752 -16.31 48.57 -81.56
CA PRO B 1752 -16.86 49.78 -82.21
C PRO B 1752 -17.81 50.59 -81.33
N TYR B 1753 -18.58 49.95 -80.47
CA TYR B 1753 -19.51 50.69 -79.63
C TYR B 1753 -18.74 51.48 -78.58
N PRO B 1754 -19.07 52.75 -78.37
CA PRO B 1754 -18.33 53.57 -77.39
C PRO B 1754 -18.76 53.23 -75.96
N LYS B 1755 -18.16 53.94 -75.01
CA LYS B 1755 -18.47 53.74 -73.61
C LYS B 1755 -19.90 54.18 -73.31
N GLY B 1756 -20.58 53.41 -72.48
CA GLY B 1756 -21.94 53.71 -72.10
C GLY B 1756 -22.73 52.44 -71.87
N ASP B 1757 -23.99 52.61 -71.49
CA ASP B 1757 -24.85 51.48 -71.23
C ASP B 1757 -25.12 50.66 -72.49
N GLU B 1758 -25.02 51.28 -73.67
CA GLU B 1758 -25.20 50.54 -74.91
C GLU B 1758 -24.14 49.46 -75.07
N ARG B 1759 -22.89 49.78 -74.73
CA ARG B 1759 -21.83 48.77 -74.79
C ARG B 1759 -22.12 47.62 -73.83
N LYS B 1760 -22.58 47.94 -72.62
CA LYS B 1760 -22.86 46.91 -71.63
C LYS B 1760 -23.98 45.99 -72.09
N LYS B 1761 -25.07 46.57 -72.62
CA LYS B 1761 -26.18 45.74 -73.07
C LYS B 1761 -25.81 44.94 -74.31
N ALA B 1762 -24.99 45.51 -75.20
CA ALA B 1762 -24.52 44.74 -76.36
C ALA B 1762 -23.65 43.58 -75.93
N CYS B 1763 -22.78 43.80 -74.93
CA CYS B 1763 -21.97 42.71 -74.41
C CYS B 1763 -22.84 41.63 -73.78
N LEU B 1764 -23.87 42.03 -73.03
CA LEU B 1764 -24.78 41.05 -72.45
C LEU B 1764 -25.49 40.25 -73.52
N SER B 1765 -25.96 40.92 -74.57
CA SER B 1765 -26.62 40.21 -75.67
C SER B 1765 -25.67 39.24 -76.36
N ALA B 1766 -24.42 39.67 -76.60
CA ALA B 1766 -23.45 38.80 -77.24
C ALA B 1766 -23.15 37.58 -76.38
N LEU B 1767 -23.03 37.78 -75.07
CA LEU B 1767 -22.81 36.66 -74.16
C LEU B 1767 -24.01 35.72 -74.17
N SER B 1768 -25.21 36.27 -74.20
CA SER B 1768 -26.41 35.43 -74.26
C SER B 1768 -26.51 34.66 -75.56
N GLU B 1769 -25.93 35.20 -76.64
CA GLU B 1769 -25.97 34.49 -77.92
C GLU B 1769 -25.25 33.16 -77.85
N VAL B 1770 -24.10 33.11 -77.17
CA VAL B 1770 -23.32 31.88 -77.10
C VAL B 1770 -24.02 30.88 -76.19
N LYS B 1771 -24.00 29.61 -76.58
CA LYS B 1771 -24.61 28.53 -75.83
C LYS B 1771 -23.53 27.70 -75.14
N VAL B 1772 -23.95 26.89 -74.17
CA VAL B 1772 -23.06 26.04 -73.41
C VAL B 1772 -22.93 24.70 -74.11
N GLN B 1773 -21.69 24.31 -74.41
CA GLN B 1773 -21.40 23.04 -75.06
C GLN B 1773 -20.75 22.10 -74.07
N PRO B 1774 -21.32 20.92 -73.80
CA PRO B 1774 -20.69 19.99 -72.86
C PRO B 1774 -19.33 19.54 -73.35
N GLY B 1775 -18.41 19.33 -72.40
CA GLY B 1775 -17.07 18.88 -72.69
C GLY B 1775 -16.02 19.96 -72.73
N CYS B 1776 -16.42 21.22 -72.77
CA CYS B 1776 -15.45 22.31 -72.83
C CYS B 1776 -14.75 22.50 -71.49
N TYR B 1777 -13.54 23.07 -71.55
CA TYR B 1777 -12.76 23.35 -70.36
C TYR B 1777 -12.02 24.67 -70.55
N LEU B 1778 -11.78 25.36 -69.44
CA LEU B 1778 -11.06 26.62 -69.49
C LEU B 1778 -9.58 26.36 -69.76
N PRO B 1779 -8.96 27.06 -70.71
CA PRO B 1779 -7.53 26.86 -70.96
C PRO B 1779 -6.65 27.14 -69.76
N SER B 1780 -7.01 28.13 -68.94
CA SER B 1780 -6.17 28.47 -67.79
C SER B 1780 -6.27 27.42 -66.69
N ASN B 1781 -7.37 26.68 -66.64
CA ASN B 1781 -7.61 25.70 -65.58
C ASN B 1781 -7.93 24.36 -66.24
N PRO B 1782 -6.91 23.63 -66.70
CA PRO B 1782 -7.16 22.38 -67.43
C PRO B 1782 -7.60 21.23 -66.54
N GLU B 1783 -7.84 21.50 -65.25
CA GLU B 1783 -8.29 20.47 -64.32
C GLU B 1783 -9.71 20.71 -63.83
N ALA B 1784 -10.56 21.30 -64.68
CA ALA B 1784 -11.94 21.55 -64.32
C ALA B 1784 -12.80 21.49 -65.59
N ILE B 1785 -14.09 21.21 -65.39
CA ILE B 1785 -15.05 21.12 -66.47
C ILE B 1785 -16.10 22.20 -66.26
N VAL B 1786 -16.26 23.07 -67.26
CA VAL B 1786 -17.23 24.15 -67.15
C VAL B 1786 -18.64 23.58 -67.15
N LEU B 1787 -19.51 24.15 -66.32
CA LEU B 1787 -20.90 23.73 -66.23
C LEU B 1787 -21.84 24.69 -66.93
N ASP B 1788 -21.76 25.98 -66.63
CA ASP B 1788 -22.63 26.94 -67.29
C ASP B 1788 -22.03 28.34 -67.20
N ILE B 1789 -22.68 29.29 -67.85
CA ILE B 1789 -22.24 30.67 -67.92
C ILE B 1789 -23.34 31.56 -67.37
N ASP B 1790 -22.95 32.58 -66.61
CA ASP B 1790 -23.90 33.57 -66.10
C ASP B 1790 -24.14 34.62 -67.18
N TYR B 1791 -25.40 34.83 -67.54
CA TYR B 1791 -25.77 35.72 -68.63
C TYR B 1791 -25.99 37.16 -68.17
N LYS B 1792 -25.51 37.53 -66.99
CA LYS B 1792 -25.69 38.89 -66.50
C LYS B 1792 -24.44 39.45 -65.81
N SER B 1793 -23.30 38.77 -65.89
CA SER B 1793 -22.10 39.19 -65.20
C SER B 1793 -21.12 39.95 -66.10
N GLY B 1794 -21.47 40.19 -67.35
CA GLY B 1794 -20.60 40.92 -68.26
C GLY B 1794 -20.33 42.35 -67.80
N THR B 1795 -19.06 42.72 -67.70
CA THR B 1795 -18.69 44.06 -67.24
C THR B 1795 -17.34 44.42 -67.83
N PRO B 1796 -17.32 45.08 -68.98
CA PRO B 1796 -16.05 45.59 -69.52
C PRO B 1796 -15.46 46.64 -68.61
N MET B 1797 -14.12 46.69 -68.56
CA MET B 1797 -13.39 47.63 -67.73
C MET B 1797 -12.70 48.67 -68.62
N GLN B 1798 -12.11 49.67 -67.96
CA GLN B 1798 -11.45 50.75 -68.67
C GLN B 1798 -10.17 50.24 -69.34
N SER B 1799 -9.79 50.92 -70.42
CA SER B 1799 -8.58 50.57 -71.17
C SER B 1799 -8.11 51.75 -72.01
N LYS B 1802 -8.38 47.79 -78.04
CA LYS B 1802 -8.37 47.40 -76.63
C LYS B 1802 -9.77 47.39 -76.05
N ALA B 1803 -10.45 46.25 -76.14
CA ALA B 1803 -11.82 46.10 -75.65
C ALA B 1803 -11.89 44.86 -74.76
N PRO B 1804 -11.37 44.94 -73.54
CA PRO B 1804 -11.44 43.80 -72.62
C PRO B 1804 -12.69 43.83 -71.74
N TYR B 1805 -13.08 42.65 -71.28
CA TYR B 1805 -14.22 42.51 -70.40
C TYR B 1805 -13.96 41.39 -69.40
N LEU B 1806 -14.93 41.17 -68.51
CA LEU B 1806 -14.85 40.17 -67.47
C LEU B 1806 -16.00 39.19 -67.61
N ALA B 1807 -15.74 37.92 -67.35
CA ALA B 1807 -16.75 36.87 -67.51
C ALA B 1807 -16.80 36.02 -66.26
N LYS B 1808 -18.00 35.49 -65.98
CA LYS B 1808 -18.25 34.62 -64.84
C LYS B 1808 -18.80 33.30 -65.30
N PHE B 1809 -18.28 32.21 -64.75
CA PHE B 1809 -18.71 30.87 -65.10
C PHE B 1809 -18.96 30.07 -63.83
N LYS B 1810 -19.87 29.09 -63.93
CA LYS B 1810 -20.08 28.10 -62.90
C LYS B 1810 -19.42 26.80 -63.38
N VAL B 1811 -18.50 26.26 -62.58
CA VAL B 1811 -17.59 25.22 -62.98
C VAL B 1811 -17.57 24.12 -61.93
N LYS B 1812 -17.11 22.94 -62.34
CA LYS B 1812 -16.93 21.80 -61.47
C LYS B 1812 -15.50 21.30 -61.57
N ARG B 1813 -14.91 20.93 -60.43
CA ARG B 1813 -13.55 20.43 -60.37
C ARG B 1813 -13.57 18.91 -60.30
N CYS B 1814 -12.92 18.25 -61.26
CA CYS B 1814 -12.84 16.80 -61.30
C CYS B 1814 -11.41 16.29 -61.18
N GLY B 1815 -10.51 16.77 -62.01
CA GLY B 1815 -9.13 16.32 -62.01
C GLY B 1815 -8.52 16.47 -63.40
N VAL B 1816 -7.52 15.63 -63.67
CA VAL B 1816 -6.78 15.67 -64.93
C VAL B 1816 -7.01 14.39 -65.74
N SER B 1817 -6.61 13.24 -65.21
CA SER B 1817 -6.78 11.99 -65.94
C SER B 1817 -8.26 11.67 -66.14
N GLU B 1818 -9.08 11.88 -65.10
CA GLU B 1818 -10.51 11.66 -65.23
C GLU B 1818 -11.12 12.61 -66.26
N LEU B 1819 -10.69 13.87 -66.26
CA LEU B 1819 -11.15 14.80 -67.28
C LEU B 1819 -10.73 14.35 -68.67
N GLU B 1820 -9.50 13.86 -68.79
CA GLU B 1820 -9.02 13.39 -70.09
C GLU B 1820 -9.84 12.21 -70.60
N LYS B 1821 -10.18 11.28 -69.71
CA LYS B 1821 -10.97 10.14 -70.15
C LYS B 1821 -12.43 10.52 -70.41
N GLU B 1822 -12.96 11.51 -69.67
CA GLU B 1822 -14.35 11.91 -69.84
C GLU B 1822 -14.55 12.82 -71.04
N GLY B 1823 -13.49 13.45 -71.55
CA GLY B 1823 -13.64 14.30 -72.70
C GLY B 1823 -13.88 13.57 -74.01
N LEU B 1824 -13.68 12.25 -74.04
CA LEU B 1824 -13.85 11.46 -75.24
C LEU B 1824 -15.17 10.71 -75.28
N ARG B 1825 -16.04 10.90 -74.29
CA ARG B 1825 -17.33 10.21 -74.25
C ARG B 1825 -18.52 11.15 -74.35
N CYS B 1826 -18.35 12.42 -74.06
CA CYS B 1826 -19.44 13.40 -74.17
C CYS B 1826 -18.89 14.80 -74.36
N LYS B 1843 -18.54 19.72 -54.87
CA LYS B 1843 -17.33 20.46 -55.22
C LYS B 1843 -17.52 21.24 -56.52
N ILE B 1844 -18.55 22.08 -56.54
CA ILE B 1844 -18.87 22.92 -57.68
C ILE B 1844 -18.80 24.38 -57.23
N SER B 1845 -18.08 25.20 -57.98
CA SER B 1845 -17.81 26.57 -57.57
C SER B 1845 -18.03 27.51 -58.75
N TRP B 1846 -17.63 28.76 -58.57
CA TRP B 1846 -17.73 29.80 -59.59
C TRP B 1846 -16.36 30.42 -59.81
N GLN B 1847 -16.10 30.81 -61.07
CA GLN B 1847 -14.82 31.38 -61.45
C GLN B 1847 -15.04 32.63 -62.28
N ALA B 1848 -14.07 33.53 -62.23
CA ALA B 1848 -14.07 34.77 -62.99
C ALA B 1848 -12.83 34.82 -63.87
N ALA B 1849 -13.02 35.19 -65.14
CA ALA B 1849 -11.93 35.23 -66.11
C ALA B 1849 -11.88 36.59 -66.77
N ILE B 1850 -10.66 37.06 -67.03
CA ILE B 1850 -10.43 38.33 -67.70
C ILE B 1850 -9.74 38.06 -69.02
N PHE B 1851 -10.30 38.57 -70.11
CA PHE B 1851 -9.75 38.38 -71.45
C PHE B 1851 -9.06 39.66 -71.90
N LYS B 1852 -7.79 39.56 -72.22
CA LYS B 1852 -6.99 40.71 -72.62
C LYS B 1852 -6.55 40.55 -74.07
N VAL B 1853 -6.69 41.62 -74.84
CA VAL B 1853 -6.38 41.63 -76.26
C VAL B 1853 -5.37 42.74 -76.54
N GLY B 1854 -4.29 42.41 -77.24
CA GLY B 1854 -3.32 43.39 -77.65
C GLY B 1854 -2.16 43.61 -76.70
N ASP B 1855 -1.96 42.74 -75.73
CA ASP B 1855 -0.87 42.87 -74.77
C ASP B 1855 -0.17 41.53 -74.61
N ASP B 1856 1.16 41.59 -74.43
CA ASP B 1856 1.93 40.37 -74.25
C ASP B 1856 1.70 39.77 -72.87
N CYS B 1857 1.74 38.45 -72.80
CA CYS B 1857 1.49 37.72 -71.55
C CYS B 1857 2.54 36.63 -71.37
N ARG B 1858 3.80 36.97 -71.55
CA ARG B 1858 4.89 36.00 -71.46
C ARG B 1858 5.79 36.19 -70.25
N GLN B 1859 6.07 37.44 -69.85
CA GLN B 1859 6.87 37.66 -68.66
C GLN B 1859 6.15 37.14 -67.41
N ASP B 1860 4.83 37.34 -67.36
CA ASP B 1860 4.06 36.87 -66.23
C ASP B 1860 4.17 35.36 -66.04
N MET B 1861 4.30 34.62 -67.15
CA MET B 1861 4.46 33.17 -67.03
C MET B 1861 5.77 32.83 -66.33
N LEU B 1862 6.87 33.51 -66.67
CA LEU B 1862 8.13 33.29 -65.98
C LEU B 1862 8.01 33.64 -64.50
N ALA B 1863 7.38 34.79 -64.21
CA ALA B 1863 7.23 35.21 -62.82
C ALA B 1863 6.46 34.18 -62.02
N LEU B 1864 5.35 33.67 -62.58
CA LEU B 1864 4.53 32.72 -61.86
C LEU B 1864 5.19 31.36 -61.73
N GLN B 1865 5.97 30.95 -62.73
CA GLN B 1865 6.74 29.71 -62.60
C GLN B 1865 7.75 29.81 -61.45
N ILE B 1866 8.45 30.94 -61.38
CA ILE B 1866 9.41 31.12 -60.29
C ILE B 1866 8.70 31.17 -58.94
N ILE B 1867 7.53 31.81 -58.90
CA ILE B 1867 6.76 31.87 -57.65
C ILE B 1867 6.34 30.46 -57.22
N ASP B 1868 5.88 29.65 -58.17
CA ASP B 1868 5.48 28.29 -57.84
C ASP B 1868 6.66 27.47 -57.34
N LEU B 1869 7.81 27.63 -57.97
CA LEU B 1869 9.00 26.89 -57.53
C LEU B 1869 9.39 27.31 -56.11
N PHE B 1870 9.35 28.61 -55.82
CA PHE B 1870 9.66 29.07 -54.46
C PHE B 1870 8.66 28.53 -53.45
N LYS B 1871 7.37 28.50 -53.82
CA LYS B 1871 6.36 27.96 -52.92
C LYS B 1871 6.60 26.48 -52.64
N ASN B 1872 6.96 25.72 -53.67
CA ASN B 1872 7.26 24.31 -53.46
C ASN B 1872 8.46 24.13 -52.54
N ILE B 1873 9.51 24.94 -52.74
CA ILE B 1873 10.70 24.84 -51.88
C ILE B 1873 10.33 25.14 -50.43
N PHE B 1874 9.58 26.22 -50.22
CA PHE B 1874 9.22 26.61 -48.85
C PHE B 1874 8.33 25.56 -48.20
N GLN B 1875 7.39 24.99 -48.95
CA GLN B 1875 6.53 23.96 -48.40
C GLN B 1875 7.33 22.70 -48.05
N LEU B 1876 8.29 22.33 -48.89
CA LEU B 1876 9.11 21.16 -48.60
C LEU B 1876 9.98 21.38 -47.36
N VAL B 1877 10.56 22.58 -47.21
CA VAL B 1877 11.44 22.84 -46.07
C VAL B 1877 10.66 22.71 -44.75
N GLY B 1878 9.47 23.30 -44.69
CA GLY B 1878 8.65 23.21 -43.50
C GLY B 1878 8.40 24.54 -42.84
N LEU B 1879 8.60 25.63 -43.57
CA LEU B 1879 8.37 26.97 -43.05
C LEU B 1879 6.90 27.35 -43.25
N ASP B 1880 6.57 28.62 -42.97
CA ASP B 1880 5.21 29.12 -43.10
C ASP B 1880 5.25 30.41 -43.92
N LEU B 1881 5.18 30.27 -45.25
CA LEU B 1881 5.12 31.40 -46.15
C LEU B 1881 3.91 31.23 -47.08
N PHE B 1882 3.21 32.32 -47.32
CA PHE B 1882 1.97 32.31 -48.09
C PHE B 1882 2.16 33.08 -49.38
N VAL B 1883 1.90 32.43 -50.51
CA VAL B 1883 1.92 33.06 -51.82
C VAL B 1883 0.77 32.48 -52.64
N PHE B 1884 0.14 33.32 -53.45
CA PHE B 1884 -1.00 32.90 -54.27
C PHE B 1884 -0.65 32.99 -55.74
N PRO B 1885 -0.30 31.87 -56.38
CA PRO B 1885 0.03 31.85 -57.83
C PRO B 1885 -1.18 31.70 -58.75
N TYR B 1886 -1.85 32.82 -59.01
CA TYR B 1886 -2.96 32.81 -59.96
C TYR B 1886 -2.47 32.47 -61.36
N ARG B 1887 -3.32 31.80 -62.13
CA ARG B 1887 -2.92 31.28 -63.42
C ARG B 1887 -3.29 32.23 -64.55
N VAL B 1888 -2.57 32.10 -65.66
CA VAL B 1888 -2.81 32.90 -66.87
C VAL B 1888 -2.23 32.16 -68.05
N VAL B 1889 -2.96 32.16 -69.16
CA VAL B 1889 -2.52 31.48 -70.39
C VAL B 1889 -2.74 32.39 -71.58
N ALA B 1890 -1.68 32.58 -72.37
CA ALA B 1890 -1.78 33.34 -73.61
C ALA B 1890 -2.10 32.38 -74.75
N THR B 1891 -3.08 32.75 -75.57
CA THR B 1891 -3.59 31.86 -76.61
C THR B 1891 -3.37 32.35 -78.02
N ALA B 1892 -3.43 33.66 -78.25
CA ALA B 1892 -3.25 34.24 -79.57
C ALA B 1892 -2.32 35.43 -79.44
N PRO B 1893 -1.67 35.86 -80.54
CA PRO B 1893 -0.78 37.02 -80.46
C PRO B 1893 -1.46 38.23 -79.84
N GLY B 1894 -1.00 38.62 -78.65
CA GLY B 1894 -1.61 39.70 -77.91
C GLY B 1894 -2.90 39.34 -77.20
N CYS B 1895 -3.28 38.07 -77.17
CA CYS B 1895 -4.54 37.64 -76.58
C CYS B 1895 -4.28 36.62 -75.48
N GLY B 1896 -4.88 36.85 -74.32
CA GLY B 1896 -4.67 35.97 -73.19
C GLY B 1896 -5.86 35.94 -72.25
N VAL B 1897 -5.89 34.90 -71.41
CA VAL B 1897 -6.92 34.69 -70.41
C VAL B 1897 -6.26 34.65 -69.05
N ILE B 1898 -6.77 35.46 -68.11
CA ILE B 1898 -6.19 35.62 -66.79
C ILE B 1898 -7.24 35.21 -65.76
N GLU B 1899 -6.84 34.37 -64.82
CA GLU B 1899 -7.70 34.04 -63.69
C GLU B 1899 -7.81 35.22 -62.74
N CYS B 1900 -8.94 35.28 -62.03
CA CYS B 1900 -9.19 36.32 -61.04
C CYS B 1900 -9.24 35.68 -59.65
N ILE B 1901 -8.52 36.27 -58.71
CA ILE B 1901 -8.52 35.75 -57.34
C ILE B 1901 -9.89 35.93 -56.73
N PRO B 1902 -10.39 34.99 -55.94
CA PRO B 1902 -11.71 35.17 -55.32
C PRO B 1902 -11.72 36.35 -54.36
N ASP B 1903 -12.84 37.07 -54.35
CA ASP B 1903 -13.03 38.24 -53.50
C ASP B 1903 -11.92 39.26 -53.72
N CYS B 1904 -11.84 39.77 -54.95
CA CYS B 1904 -10.84 40.77 -55.29
C CYS B 1904 -11.14 42.07 -54.56
N THR B 1905 -10.09 42.67 -53.99
CA THR B 1905 -10.23 43.93 -53.25
C THR B 1905 -8.97 44.74 -53.50
N SER B 1906 -9.05 45.70 -54.42
CA SER B 1906 -7.88 46.50 -54.77
C SER B 1906 -7.55 47.49 -53.67
N ARG B 1907 -6.25 47.68 -53.43
CA ARG B 1907 -5.80 48.64 -52.42
C ARG B 1907 -6.16 50.06 -52.82
N ASP B 1908 -6.08 50.38 -54.12
CA ASP B 1908 -6.37 51.73 -54.58
C ASP B 1908 -7.82 52.12 -54.30
N GLN B 1909 -8.76 51.20 -54.54
CA GLN B 1909 -10.16 51.49 -54.27
C GLN B 1909 -10.41 51.74 -52.78
N LEU B 1910 -9.80 50.92 -51.92
CA LEU B 1910 -9.94 51.11 -50.49
C LEU B 1910 -9.35 52.45 -50.05
N GLY B 1911 -8.20 52.82 -50.62
CA GLY B 1911 -7.61 54.11 -50.29
C GLY B 1911 -8.47 55.27 -50.74
N ARG B 1912 -9.07 55.16 -51.93
CA ARG B 1912 -9.99 56.20 -52.39
C ARG B 1912 -11.20 56.30 -51.47
N GLN B 1913 -11.74 55.16 -51.03
CA GLN B 1913 -12.91 55.17 -50.16
C GLN B 1913 -12.58 55.76 -48.79
N THR B 1914 -11.41 55.44 -48.25
CA THR B 1914 -11.06 55.83 -46.89
C THR B 1914 -10.18 57.07 -46.81
N ASP B 1915 -9.17 57.17 -47.67
CA ASP B 1915 -8.19 58.26 -47.63
C ASP B 1915 -7.48 58.31 -46.28
N PHE B 1916 -7.18 57.13 -45.73
CA PHE B 1916 -6.46 57.01 -44.47
C PHE B 1916 -5.60 55.76 -44.53
N GLY B 1917 -4.82 55.54 -43.46
CA GLY B 1917 -3.97 54.37 -43.39
C GLY B 1917 -4.76 53.09 -43.22
N MET B 1918 -4.13 51.98 -43.61
CA MET B 1918 -4.78 50.68 -43.49
C MET B 1918 -4.95 50.25 -42.03
N TYR B 1919 -4.21 50.85 -41.11
CA TYR B 1919 -4.37 50.51 -39.70
C TYR B 1919 -5.77 50.87 -39.20
N ASP B 1920 -6.27 52.04 -39.57
CA ASP B 1920 -7.62 52.42 -39.19
C ASP B 1920 -8.65 51.49 -39.83
N TYR B 1921 -8.42 51.09 -41.07
CA TYR B 1921 -9.33 50.16 -41.75
C TYR B 1921 -9.37 48.82 -41.01
N PHE B 1922 -8.20 48.30 -40.63
CA PHE B 1922 -8.16 47.03 -39.90
C PHE B 1922 -8.81 47.16 -38.52
N THR B 1923 -8.58 48.28 -37.83
CA THR B 1923 -9.19 48.49 -36.54
C THR B 1923 -10.72 48.54 -36.64
N ARG B 1924 -11.23 49.20 -37.68
CA ARG B 1924 -12.68 49.22 -37.89
C ARG B 1924 -13.20 47.84 -38.25
N GLN B 1925 -12.47 47.10 -39.08
CA GLN B 1925 -12.95 45.81 -39.57
C GLN B 1925 -12.99 44.78 -38.46
N TYR B 1926 -11.93 44.67 -37.67
CA TYR B 1926 -11.80 43.62 -36.67
C TYR B 1926 -11.99 44.10 -35.24
N GLY B 1927 -11.49 45.29 -34.91
CA GLY B 1927 -11.64 45.79 -33.55
C GLY B 1927 -10.34 46.28 -32.95
N ASP B 1928 -10.25 46.24 -31.63
CA ASP B 1928 -9.04 46.68 -30.94
C ASP B 1928 -7.90 45.68 -31.16
N GLU B 1929 -6.68 46.15 -30.94
CA GLU B 1929 -5.50 45.31 -31.09
C GLU B 1929 -5.42 44.19 -30.05
N SER B 1930 -6.24 44.26 -29.00
CA SER B 1930 -6.18 43.26 -27.93
C SER B 1930 -6.97 42.01 -28.24
N THR B 1931 -7.72 41.97 -29.35
CA THR B 1931 -8.51 40.80 -29.67
C THR B 1931 -7.68 39.75 -30.39
N LEU B 1932 -8.22 38.53 -30.45
CA LEU B 1932 -7.51 37.43 -31.08
C LEU B 1932 -7.52 37.54 -32.60
N ALA B 1933 -8.61 38.06 -33.17
CA ALA B 1933 -8.72 38.20 -34.61
C ALA B 1933 -7.65 39.15 -35.14
N PHE B 1934 -7.39 40.24 -34.42
CA PHE B 1934 -6.33 41.17 -34.83
C PHE B 1934 -4.97 40.47 -34.81
N GLN B 1935 -4.72 39.63 -33.80
CA GLN B 1935 -3.46 38.91 -33.73
C GLN B 1935 -3.31 37.95 -34.90
N GLN B 1936 -4.36 37.22 -35.23
CA GLN B 1936 -4.30 36.29 -36.37
C GLN B 1936 -4.09 37.03 -37.68
N ALA B 1937 -4.78 38.17 -37.85
CA ALA B 1937 -4.60 38.96 -39.06
C ALA B 1937 -3.18 39.49 -39.16
N ARG B 1938 -2.61 39.93 -38.04
CA ARG B 1938 -1.22 40.40 -38.03
C ARG B 1938 -0.27 39.27 -38.39
N TYR B 1939 -0.51 38.07 -37.86
CA TYR B 1939 0.35 36.93 -38.17
C TYR B 1939 0.30 36.60 -39.66
N ASN B 1940 -0.91 36.58 -40.23
CA ASN B 1940 -1.03 36.30 -41.66
C ASN B 1940 -0.38 37.39 -42.50
N PHE B 1941 -0.53 38.65 -42.09
CA PHE B 1941 0.08 39.75 -42.82
C PHE B 1941 1.61 39.64 -42.80
N ILE B 1942 2.18 39.29 -41.64
CA ILE B 1942 3.62 39.11 -41.56
C ILE B 1942 4.06 37.96 -42.44
N ARG B 1943 3.33 36.84 -42.40
CA ARG B 1943 3.66 35.70 -43.24
C ARG B 1943 3.71 36.08 -44.72
N SER B 1944 2.69 36.78 -45.20
CA SER B 1944 2.66 37.17 -46.60
C SER B 1944 3.76 38.18 -46.92
N MET B 1945 3.94 39.18 -46.04
CA MET B 1945 4.85 40.28 -46.33
C MET B 1945 6.30 39.80 -46.40
N ALA B 1946 6.70 38.89 -45.50
CA ALA B 1946 8.07 38.41 -45.52
C ALA B 1946 8.42 37.75 -46.84
N ALA B 1947 7.59 36.80 -47.27
CA ALA B 1947 7.85 36.10 -48.52
C ALA B 1947 7.80 37.04 -49.71
N TYR B 1948 6.82 37.94 -49.74
CA TYR B 1948 6.71 38.84 -50.89
C TYR B 1948 7.88 39.81 -50.96
N SER B 1949 8.35 40.30 -49.81
CA SER B 1949 9.52 41.18 -49.79
C SER B 1949 10.76 40.43 -50.25
N LEU B 1950 10.95 39.19 -49.79
CA LEU B 1950 12.09 38.41 -50.22
C LEU B 1950 12.07 38.21 -51.74
N LEU B 1951 10.90 37.85 -52.27
CA LEU B 1951 10.77 37.66 -53.71
C LEU B 1951 11.05 38.95 -54.47
N LEU B 1952 10.51 40.07 -53.98
CA LEU B 1952 10.68 41.35 -54.66
C LEU B 1952 12.14 41.75 -54.71
N PHE B 1953 12.86 41.57 -53.59
CA PHE B 1953 14.30 41.85 -53.60
C PHE B 1953 15.03 40.91 -54.55
N LEU B 1954 14.69 39.63 -54.52
CA LEU B 1954 15.46 38.65 -55.30
C LEU B 1954 15.29 38.86 -56.80
N LEU B 1955 14.08 39.17 -57.26
CA LEU B 1955 13.84 39.32 -58.68
C LEU B 1955 14.00 40.74 -59.20
N GLN B 1956 14.24 41.71 -58.32
CA GLN B 1956 14.43 43.11 -58.73
C GLN B 1956 13.23 43.63 -59.52
N ILE B 1957 12.09 43.66 -58.85
CA ILE B 1957 10.84 44.12 -59.44
C ILE B 1957 10.66 45.59 -59.13
N LYS B 1958 10.39 46.38 -60.17
CA LYS B 1958 10.18 47.82 -60.04
C LYS B 1958 8.71 48.15 -60.28
N ASP B 1959 8.38 49.43 -60.13
CA ASP B 1959 7.03 49.96 -60.38
C ASP B 1959 5.99 49.25 -59.53
N ARG B 1960 6.13 49.41 -58.21
CA ARG B 1960 5.22 48.82 -57.23
C ARG B 1960 4.56 49.95 -56.46
N HIS B 1961 3.43 50.43 -56.97
CA HIS B 1961 2.67 51.50 -56.34
C HIS B 1961 1.46 50.94 -55.61
N ASN B 1962 0.66 51.84 -55.05
CA ASN B 1962 -0.49 51.44 -54.24
C ASN B 1962 -1.59 50.80 -55.07
N GLY B 1963 -1.58 50.98 -56.39
CA GLY B 1963 -2.61 50.41 -57.24
C GLY B 1963 -2.38 48.98 -57.67
N ASN B 1964 -1.30 48.34 -57.23
CA ASN B 1964 -1.00 46.97 -57.62
C ASN B 1964 -1.14 45.96 -56.50
N ILE B 1965 -0.88 46.37 -55.25
CA ILE B 1965 -0.98 45.44 -54.13
C ILE B 1965 -2.44 45.07 -53.89
N MET B 1966 -2.69 43.79 -53.62
CA MET B 1966 -4.02 43.26 -53.43
C MET B 1966 -4.16 42.70 -52.02
N LEU B 1967 -5.24 43.05 -51.34
CA LEU B 1967 -5.50 42.61 -49.98
C LEU B 1967 -6.73 41.73 -49.95
N ASP B 1968 -6.62 40.59 -49.28
CA ASP B 1968 -7.71 39.63 -49.18
C ASP B 1968 -8.50 39.86 -47.90
N LYS B 1969 -9.44 38.96 -47.60
CA LYS B 1969 -10.24 39.08 -46.39
C LYS B 1969 -9.47 38.68 -45.14
N LYS B 1970 -8.56 37.71 -45.26
CA LYS B 1970 -7.84 37.23 -44.09
C LYS B 1970 -6.79 38.24 -43.64
N GLY B 1971 -6.08 38.86 -44.58
CA GLY B 1971 -5.06 39.83 -44.25
C GLY B 1971 -3.81 39.70 -45.11
N HIS B 1972 -3.77 38.68 -45.96
CA HIS B 1972 -2.63 38.49 -46.83
C HIS B 1972 -2.59 39.56 -47.91
N ILE B 1973 -1.37 39.89 -48.36
CA ILE B 1973 -1.15 40.88 -49.40
C ILE B 1973 -0.58 40.18 -50.62
N ILE B 1974 -1.15 40.47 -51.79
CA ILE B 1974 -0.79 39.80 -53.04
C ILE B 1974 -0.39 40.86 -54.05
N HIS B 1975 0.73 40.62 -54.74
CA HIS B 1975 1.19 41.50 -55.80
C HIS B 1975 0.68 41.01 -57.15
N ILE B 1976 0.61 41.95 -58.10
CA ILE B 1976 0.10 41.69 -59.45
C ILE B 1976 0.78 42.66 -60.41
N ASP B 1977 0.55 42.47 -61.70
CA ASP B 1977 1.07 43.33 -62.76
C ASP B 1977 2.61 43.37 -62.72
N PHE B 1978 3.19 42.20 -62.98
CA PHE B 1978 4.64 42.00 -62.96
C PHE B 1978 5.30 42.35 -64.28
N GLY B 1979 4.76 43.35 -65.00
CA GLY B 1979 5.29 43.66 -66.32
C GLY B 1979 6.76 44.06 -66.31
N PHE B 1980 7.16 44.85 -65.32
CA PHE B 1980 8.53 45.34 -65.23
C PHE B 1980 9.35 44.48 -64.28
N MET B 1981 10.52 44.04 -64.73
CA MET B 1981 11.39 43.21 -63.91
C MET B 1981 12.81 43.30 -64.45
N PHE B 1982 13.75 42.84 -63.64
CA PHE B 1982 15.15 42.69 -64.02
C PHE B 1982 15.84 44.02 -64.31
N GLU B 1983 15.55 44.61 -65.47
CA GLU B 1983 16.25 45.80 -65.91
C GLU B 1983 15.28 46.92 -66.28
N SER B 1984 14.09 46.54 -66.73
CA SER B 1984 13.09 47.53 -67.11
C SER B 1984 12.68 48.35 -65.89
N SER B 1985 12.60 49.66 -66.07
CA SER B 1985 12.27 50.56 -64.96
C SER B 1985 11.59 51.82 -65.50
N PRO B 1986 10.32 52.02 -65.18
CA PRO B 1986 9.63 53.24 -65.63
C PRO B 1986 10.26 54.48 -65.02
N GLY B 1987 10.21 55.59 -65.77
CA GLY B 1987 10.73 56.86 -65.30
C GLY B 1987 12.13 57.17 -65.76
N GLY B 1988 12.85 56.21 -66.32
CA GLY B 1988 14.19 56.44 -66.81
C GLY B 1988 15.31 55.93 -65.93
N ASN B 1989 15.09 54.84 -65.18
CA ASN B 1989 16.10 54.25 -64.30
C ASN B 1989 16.62 55.28 -63.30
N LEU B 1990 15.71 56.05 -62.70
CA LEU B 1990 16.11 57.03 -61.70
C LEU B 1990 16.73 56.36 -60.49
N GLY B 1991 16.15 55.25 -60.02
CA GLY B 1991 16.75 54.43 -59.00
C GLY B 1991 16.53 54.88 -57.57
N TRP B 1992 15.80 55.96 -57.33
CA TRP B 1992 15.55 56.39 -55.96
C TRP B 1992 14.57 55.48 -55.23
N GLU B 1993 13.81 54.67 -55.96
CA GLU B 1993 12.89 53.75 -55.32
C GLU B 1993 13.65 52.66 -54.59
N PRO B 1994 13.28 52.33 -53.36
CA PRO B 1994 14.03 51.30 -52.62
C PRO B 1994 13.76 49.90 -53.16
N ASP B 1995 14.65 48.97 -52.81
CA ASP B 1995 14.45 47.58 -53.18
C ASP B 1995 13.19 47.02 -52.55
N ILE B 1996 12.93 47.36 -51.30
CA ILE B 1996 11.74 46.93 -50.57
C ILE B 1996 10.95 48.16 -50.17
N LYS B 1997 9.65 48.15 -50.48
CA LYS B 1997 8.77 49.27 -50.17
C LYS B 1997 8.26 49.12 -48.75
N LEU B 1998 8.63 50.06 -47.88
CA LEU B 1998 8.21 50.05 -46.48
C LEU B 1998 7.79 51.46 -46.11
N THR B 1999 6.48 51.69 -46.04
CA THR B 1999 5.94 52.97 -45.62
C THR B 1999 5.81 53.01 -44.09
N ASP B 2000 5.28 54.11 -43.57
CA ASP B 2000 5.13 54.25 -42.13
C ASP B 2000 3.95 53.44 -41.60
N GLU B 2001 2.87 53.34 -42.38
CA GLU B 2001 1.69 52.62 -41.91
C GLU B 2001 1.98 51.13 -41.72
N MET B 2002 2.69 50.52 -42.66
CA MET B 2002 3.02 49.11 -42.53
C MET B 2002 3.98 48.86 -41.37
N VAL B 2003 4.88 49.80 -41.10
CA VAL B 2003 5.77 49.67 -39.96
C VAL B 2003 4.99 49.77 -38.65
N MET B 2004 4.09 50.75 -38.55
CA MET B 2004 3.32 50.91 -37.32
C MET B 2004 2.28 49.79 -37.15
N ILE B 2005 1.97 49.07 -38.23
CA ILE B 2005 1.19 47.85 -38.08
C ILE B 2005 1.93 46.85 -37.21
N MET B 2006 3.24 46.73 -37.41
CA MET B 2006 4.08 45.81 -36.65
C MET B 2006 4.51 46.38 -35.30
N GLY B 2007 3.85 47.44 -34.82
CA GLY B 2007 4.17 48.07 -33.56
C GLY B 2007 4.84 49.42 -33.68
N GLY B 2008 5.46 49.70 -34.83
CA GLY B 2008 6.07 50.99 -35.07
C GLY B 2008 7.46 51.17 -34.49
N LYS B 2009 8.01 50.17 -33.82
CA LYS B 2009 9.35 50.26 -33.25
C LYS B 2009 10.17 49.06 -33.68
N MET B 2010 11.45 49.30 -33.98
CA MET B 2010 12.32 48.24 -34.46
C MET B 2010 12.58 47.17 -33.42
N GLU B 2011 12.35 47.47 -32.14
CA GLU B 2011 12.57 46.51 -31.07
C GLU B 2011 11.33 45.69 -30.75
N ALA B 2012 10.24 45.89 -31.49
CA ALA B 2012 9.02 45.12 -31.25
C ALA B 2012 9.22 43.67 -31.64
N THR B 2013 8.58 42.77 -30.88
CA THR B 2013 8.69 41.35 -31.15
C THR B 2013 8.21 40.95 -32.56
N PRO B 2014 7.07 41.44 -33.06
CA PRO B 2014 6.68 41.06 -34.44
C PRO B 2014 7.72 41.44 -35.48
N PHE B 2015 8.41 42.56 -35.31
CA PHE B 2015 9.46 42.91 -36.25
C PHE B 2015 10.61 41.92 -36.20
N LYS B 2016 10.96 41.45 -35.01
CA LYS B 2016 11.98 40.40 -34.89
C LYS B 2016 11.52 39.11 -35.56
N TRP B 2017 10.24 38.77 -35.40
CA TRP B 2017 9.70 37.60 -36.09
C TRP B 2017 9.82 37.75 -37.60
N PHE B 2018 9.49 38.93 -38.12
CA PHE B 2018 9.59 39.19 -39.56
C PHE B 2018 11.04 39.06 -40.03
N MET B 2019 11.98 39.64 -39.26
CA MET B 2019 13.38 39.59 -39.64
C MET B 2019 13.90 38.16 -39.67
N GLU B 2020 13.60 37.38 -38.63
CA GLU B 2020 14.10 36.00 -38.59
C GLU B 2020 13.44 35.15 -39.68
N MET B 2021 12.16 35.39 -39.96
CA MET B 2021 11.49 34.68 -41.05
C MET B 2021 12.17 34.96 -42.38
N CYS B 2022 12.46 36.23 -42.65
CA CYS B 2022 13.12 36.59 -43.91
C CYS B 2022 14.51 35.96 -44.00
N VAL B 2023 15.27 36.01 -42.91
CA VAL B 2023 16.62 35.46 -42.93
C VAL B 2023 16.57 33.96 -43.18
N ARG B 2024 15.68 33.26 -42.48
CA ARG B 2024 15.58 31.81 -42.67
C ARG B 2024 15.14 31.47 -44.08
N GLY B 2025 14.18 32.22 -44.64
CA GLY B 2025 13.75 31.96 -46.01
C GLY B 2025 14.87 32.15 -47.01
N TYR B 2026 15.62 33.26 -46.87
CA TYR B 2026 16.73 33.51 -47.79
C TYR B 2026 17.80 32.44 -47.66
N LEU B 2027 18.08 31.98 -46.44
CA LEU B 2027 19.07 30.93 -46.25
C LEU B 2027 18.60 29.62 -46.84
N ALA B 2028 17.29 29.34 -46.77
CA ALA B 2028 16.78 28.07 -47.26
C ALA B 2028 16.67 28.02 -48.77
N VAL B 2029 16.37 29.15 -49.42
CA VAL B 2029 16.16 29.13 -50.87
C VAL B 2029 17.45 29.15 -51.68
N ARG B 2030 18.59 29.36 -51.03
CA ARG B 2030 19.84 29.53 -51.77
C ARG B 2030 20.28 28.32 -52.59
N PRO B 2031 20.24 27.07 -52.09
CA PRO B 2031 20.94 25.98 -52.80
C PRO B 2031 20.28 25.53 -54.11
N TYR B 2032 19.31 26.28 -54.61
CA TYR B 2032 18.63 25.95 -55.86
C TYR B 2032 18.90 27.00 -56.93
N MET B 2033 20.15 27.42 -57.06
CA MET B 2033 20.52 28.47 -58.00
C MET B 2033 20.49 27.95 -59.44
N ASP B 2034 20.99 26.74 -59.66
CA ASP B 2034 21.20 26.26 -61.03
C ASP B 2034 19.89 26.15 -61.80
N ALA B 2035 18.84 25.67 -61.15
CA ALA B 2035 17.56 25.50 -61.85
C ALA B 2035 17.02 26.85 -62.33
N VAL B 2036 17.04 27.85 -61.45
CA VAL B 2036 16.54 29.17 -61.83
C VAL B 2036 17.42 29.78 -62.91
N VAL B 2037 18.74 29.59 -62.81
CA VAL B 2037 19.65 30.12 -63.81
C VAL B 2037 19.35 29.51 -65.18
N SER B 2038 19.14 28.19 -65.23
CA SER B 2038 18.84 27.54 -66.50
C SER B 2038 17.49 28.00 -67.04
N LEU B 2039 16.48 28.11 -66.17
CA LEU B 2039 15.16 28.53 -66.63
C LEU B 2039 15.20 29.93 -67.22
N VAL B 2040 15.92 30.85 -66.57
CA VAL B 2040 15.98 32.21 -67.09
C VAL B 2040 16.92 32.32 -68.29
N THR B 2041 17.91 31.42 -68.41
CA THR B 2041 18.82 31.47 -69.53
C THR B 2041 18.20 30.92 -70.81
N LEU B 2042 17.34 29.92 -70.68
CA LEU B 2042 16.82 29.24 -71.87
C LEU B 2042 15.95 30.14 -72.74
N MET B 2043 15.49 31.27 -72.21
CA MET B 2043 14.55 32.14 -72.94
C MET B 2043 15.14 33.52 -73.16
N LEU B 2044 16.44 33.61 -73.43
CA LEU B 2044 17.08 34.90 -73.65
C LEU B 2044 16.90 35.44 -75.06
N ASP B 2045 16.51 34.60 -76.02
CA ASP B 2045 16.42 35.00 -77.41
C ASP B 2045 15.02 35.40 -77.85
N THR B 2046 14.06 35.44 -76.93
CA THR B 2046 12.72 35.88 -77.28
C THR B 2046 12.65 37.38 -77.60
N GLY B 2047 13.71 38.13 -77.31
CA GLY B 2047 13.74 39.55 -77.60
C GLY B 2047 12.78 40.39 -76.80
N LEU B 2048 12.56 40.04 -75.54
CA LEU B 2048 11.73 40.87 -74.67
C LEU B 2048 12.51 42.12 -74.24
N PRO B 2049 11.82 43.23 -74.03
CA PRO B 2049 12.52 44.48 -73.67
C PRO B 2049 13.28 44.41 -72.35
N CYS B 2050 12.85 43.54 -71.43
CA CYS B 2050 13.48 43.49 -70.12
C CYS B 2050 14.94 43.04 -70.20
N PHE B 2051 15.22 42.05 -71.04
CA PHE B 2051 16.57 41.53 -71.13
C PHE B 2051 17.50 42.53 -71.83
N ARG B 2052 18.72 42.65 -71.30
CA ARG B 2052 19.69 43.58 -71.86
C ARG B 2052 21.10 43.01 -71.96
N GLY B 2053 21.33 41.76 -71.59
CA GLY B 2053 22.63 41.14 -71.79
C GLY B 2053 23.37 40.80 -70.51
N GLN B 2054 23.28 41.66 -69.50
CA GLN B 2054 24.03 41.50 -68.26
C GLN B 2054 23.19 40.90 -67.14
N THR B 2055 22.00 40.38 -67.46
CA THR B 2055 21.11 39.86 -66.42
C THR B 2055 21.70 38.66 -65.69
N ILE B 2056 22.34 37.76 -66.44
CA ILE B 2056 22.82 36.50 -65.85
C ILE B 2056 23.87 36.78 -64.78
N LYS B 2057 24.81 37.67 -65.07
CA LYS B 2057 25.90 37.93 -64.13
C LYS B 2057 25.36 38.52 -62.83
N LEU B 2058 24.49 39.53 -62.92
CA LEU B 2058 23.93 40.14 -61.73
C LEU B 2058 23.06 39.16 -60.95
N LEU B 2059 22.27 38.36 -61.65
CA LEU B 2059 21.42 37.39 -60.97
C LEU B 2059 22.25 36.35 -60.23
N LYS B 2060 23.34 35.88 -60.84
CA LYS B 2060 24.20 34.92 -60.16
C LYS B 2060 24.94 35.58 -58.99
N HIS B 2061 25.32 36.85 -59.14
CA HIS B 2061 26.03 37.53 -58.07
C HIS B 2061 25.12 37.77 -56.86
N ARG B 2062 23.84 38.04 -57.10
CA ARG B 2062 22.93 38.31 -55.99
C ARG B 2062 22.69 37.10 -55.12
N PHE B 2063 23.06 35.90 -55.56
CA PHE B 2063 22.90 34.70 -54.73
C PHE B 2063 24.08 34.44 -53.80
N SER B 2064 25.22 35.08 -54.04
CA SER B 2064 26.43 34.92 -53.23
C SER B 2064 26.79 33.45 -53.07
N PRO B 2065 27.28 32.79 -54.12
CA PRO B 2065 27.60 31.36 -54.04
C PRO B 2065 28.94 31.03 -53.40
N ASN B 2066 29.72 32.02 -52.97
CA ASN B 2066 31.00 31.75 -52.33
C ASN B 2066 31.01 32.32 -50.92
N MET B 2067 29.94 32.08 -50.18
CA MET B 2067 29.74 32.70 -48.87
C MET B 2067 29.35 31.63 -47.86
N THR B 2068 29.71 31.88 -46.60
CA THR B 2068 29.28 31.02 -45.51
C THR B 2068 27.92 31.48 -44.99
N GLU B 2069 27.30 30.63 -44.17
CA GLU B 2069 25.94 30.89 -43.71
C GLU B 2069 25.86 32.14 -42.84
N ARG B 2070 26.80 32.30 -41.90
CA ARG B 2070 26.76 33.47 -41.03
C ARG B 2070 26.97 34.76 -41.81
N GLU B 2071 27.91 34.74 -42.76
CA GLU B 2071 28.13 35.92 -43.60
C GLU B 2071 26.90 36.22 -44.44
N ALA B 2072 26.23 35.18 -44.95
CA ALA B 2072 24.99 35.39 -45.70
C ALA B 2072 23.92 36.03 -44.83
N ALA B 2073 23.78 35.56 -43.58
CA ALA B 2073 22.81 36.17 -42.67
C ALA B 2073 23.15 37.63 -42.39
N ASN B 2074 24.43 37.93 -42.17
CA ASN B 2074 24.83 39.31 -41.97
C ASN B 2074 24.50 40.16 -43.20
N PHE B 2075 24.77 39.64 -44.39
CA PHE B 2075 24.52 40.39 -45.62
C PHE B 2075 23.03 40.67 -45.79
N ILE B 2076 22.18 39.66 -45.57
CA ILE B 2076 20.75 39.86 -45.78
C ILE B 2076 20.20 40.81 -44.72
N MET B 2077 20.67 40.70 -43.48
CA MET B 2077 20.22 41.64 -42.45
C MET B 2077 20.62 43.07 -42.80
N LYS B 2078 21.86 43.25 -43.28
CA LYS B 2078 22.32 44.59 -43.64
C LYS B 2078 21.49 45.16 -44.79
N VAL B 2079 21.24 44.36 -45.83
CA VAL B 2079 20.52 44.88 -46.97
C VAL B 2079 19.06 45.15 -46.63
N ILE B 2080 18.48 44.37 -45.71
CA ILE B 2080 17.11 44.64 -45.28
C ILE B 2080 17.05 45.92 -44.46
N GLN B 2081 17.99 46.10 -43.53
CA GLN B 2081 17.95 47.28 -42.67
C GLN B 2081 18.28 48.55 -43.46
N SER B 2082 19.09 48.44 -44.51
CA SER B 2082 19.44 49.62 -45.29
C SER B 2082 18.23 50.21 -46.01
N CYS B 2083 17.20 49.41 -46.27
CA CYS B 2083 16.02 49.86 -47.01
C CYS B 2083 14.96 50.47 -46.12
N PHE B 2084 15.19 50.54 -44.81
CA PHE B 2084 14.23 51.13 -43.89
C PHE B 2084 14.55 52.61 -43.71
N LEU B 2085 13.61 53.47 -44.10
CA LEU B 2085 13.73 54.91 -43.96
C LEU B 2085 15.01 55.45 -44.63
N MET C 23 -53.37 -10.59 31.76
CA MET C 23 -53.98 -10.36 30.46
C MET C 23 -55.44 -10.79 30.42
N ALA C 24 -55.68 -12.01 30.90
CA ALA C 24 -57.00 -12.63 30.77
C ALA C 24 -58.06 -11.83 31.52
N GLN C 25 -58.97 -11.21 30.77
CA GLN C 25 -60.09 -10.52 31.38
C GLN C 25 -61.06 -11.52 31.98
N VAL C 26 -61.66 -11.16 33.10
CA VAL C 26 -62.60 -12.05 33.80
C VAL C 26 -64.01 -11.63 33.42
N GLN C 27 -64.72 -12.52 32.71
CA GLN C 27 -66.08 -12.28 32.29
C GLN C 27 -67.01 -13.25 33.02
N LEU C 28 -68.23 -12.79 33.29
CA LEU C 28 -69.20 -13.53 34.07
C LEU C 28 -70.45 -13.74 33.23
N GLN C 29 -70.84 -15.00 33.05
CA GLN C 29 -72.02 -15.36 32.29
C GLN C 29 -73.08 -15.91 33.24
N GLU C 30 -74.28 -15.34 33.18
CA GLU C 30 -75.40 -15.76 34.01
C GLU C 30 -76.49 -16.37 33.14
N SER C 31 -77.11 -17.43 33.64
CA SER C 31 -78.14 -18.12 32.90
C SER C 31 -79.17 -18.70 33.86
N GLY C 32 -80.35 -18.96 33.35
CA GLY C 32 -81.45 -19.51 34.13
C GLY C 32 -82.65 -18.59 34.28
N GLY C 33 -82.57 -17.34 33.86
CA GLY C 33 -83.70 -16.44 33.99
C GLY C 33 -84.80 -16.76 33.01
N GLY C 34 -85.97 -16.16 33.27
CA GLY C 34 -87.13 -16.37 32.44
C GLY C 34 -88.43 -16.02 33.12
N ARG C 43 -83.07 -23.30 38.55
CA ARG C 43 -81.63 -23.52 38.72
C ARG C 43 -80.85 -22.43 38.00
N LEU C 44 -80.47 -21.40 38.75
CA LEU C 44 -79.67 -20.32 38.18
C LEU C 44 -78.21 -20.72 38.19
N SER C 45 -77.49 -20.33 37.15
CA SER C 45 -76.06 -20.62 37.05
C SER C 45 -75.28 -19.35 36.76
N CYS C 46 -74.13 -19.20 37.40
CA CYS C 46 -73.22 -18.10 37.11
C CYS C 46 -71.81 -18.66 36.99
N ALA C 47 -71.15 -18.42 35.85
CA ALA C 47 -69.87 -19.03 35.54
C ALA C 47 -68.87 -17.97 35.08
N ALA C 48 -67.62 -18.13 35.49
CA ALA C 48 -66.52 -17.26 35.08
C ALA C 48 -65.47 -18.09 34.38
N SER C 49 -64.90 -17.56 33.30
CA SER C 49 -63.89 -18.28 32.54
C SER C 49 -62.50 -18.19 33.16
N GLY C 50 -62.31 -17.36 34.18
CA GLY C 50 -61.03 -17.22 34.84
C GLY C 50 -61.00 -17.85 36.22
N THR C 51 -59.84 -17.71 36.85
CA THR C 51 -59.62 -18.25 38.19
C THR C 51 -59.85 -17.16 39.24
N ILE C 52 -60.68 -17.48 40.23
CA ILE C 52 -61.01 -16.55 41.30
C ILE C 52 -60.60 -17.18 42.63
N SER C 53 -59.85 -16.42 43.43
CA SER C 53 -59.40 -16.92 44.73
C SER C 53 -60.59 -17.16 45.66
N ALA C 54 -60.48 -18.20 46.49
CA ALA C 54 -61.58 -18.56 47.37
C ALA C 54 -61.85 -17.48 48.42
N SER C 55 -60.85 -16.66 48.74
CA SER C 55 -61.03 -15.61 49.74
C SER C 55 -62.03 -14.55 49.28
N ASP C 56 -62.12 -14.31 47.98
CA ASP C 56 -63.04 -13.32 47.47
C ASP C 56 -64.48 -13.79 47.63
N TYR C 57 -65.37 -12.84 47.96
CA TYR C 57 -66.78 -13.14 48.15
C TYR C 57 -67.51 -13.10 46.81
N MET C 58 -68.52 -13.95 46.67
CA MET C 58 -69.39 -13.93 45.50
C MET C 58 -70.83 -13.74 45.99
N GLY C 59 -71.55 -12.82 45.35
CA GLY C 59 -72.85 -12.42 45.85
C GLY C 59 -73.89 -12.31 44.76
N TRP C 60 -75.14 -12.44 45.20
CA TRP C 60 -76.33 -12.28 44.39
C TRP C 60 -77.05 -11.01 44.81
N TYR C 61 -77.27 -10.12 43.86
CA TYR C 61 -77.97 -8.86 44.06
C TYR C 61 -79.26 -8.85 43.23
N ARG C 62 -80.20 -8.03 43.64
CA ARG C 62 -81.48 -7.91 42.95
C ARG C 62 -81.73 -6.44 42.60
N GLN C 63 -82.32 -6.20 41.43
CA GLN C 63 -82.70 -4.86 41.01
C GLN C 63 -84.05 -4.93 40.31
N ALA C 64 -85.07 -4.39 40.94
CA ALA C 64 -86.39 -4.40 40.33
C ALA C 64 -86.74 -3.00 39.83
N PRO C 65 -87.62 -2.91 38.83
CA PRO C 65 -88.04 -1.59 38.34
C PRO C 65 -88.67 -0.77 39.46
N GLY C 66 -88.12 0.42 39.68
CA GLY C 66 -88.59 1.30 40.73
C GLY C 66 -88.00 1.06 42.09
N LYS C 67 -87.08 0.10 42.22
CA LYS C 67 -86.43 -0.19 43.50
C LYS C 67 -84.93 0.02 43.37
N GLU C 68 -84.27 0.13 44.52
CA GLU C 68 -82.84 0.40 44.58
C GLU C 68 -82.05 -0.90 44.62
N ARG C 69 -80.73 -0.77 44.50
CA ARG C 69 -79.85 -1.94 44.56
C ARG C 69 -79.83 -2.50 45.97
N GLU C 70 -79.94 -3.83 46.07
CA GLU C 70 -80.03 -4.51 47.35
C GLU C 70 -79.18 -5.77 47.32
N LEU C 71 -78.35 -5.95 48.35
CA LEU C 71 -77.55 -7.15 48.48
C LEU C 71 -78.42 -8.27 49.04
N VAL C 72 -78.61 -9.33 48.27
CA VAL C 72 -79.54 -10.41 48.63
C VAL C 72 -78.81 -11.57 49.30
N ALA C 73 -77.74 -12.07 48.68
CA ALA C 73 -77.03 -13.21 49.23
C ALA C 73 -75.53 -13.04 49.01
N SER C 74 -74.74 -13.67 49.87
CA SER C 74 -73.29 -13.64 49.73
C SER C 74 -72.71 -14.94 50.24
N ILE C 75 -71.55 -15.31 49.69
CA ILE C 75 -70.85 -16.53 50.08
C ILE C 75 -69.36 -16.32 49.89
N ASP C 76 -68.57 -17.00 50.72
CA ASP C 76 -67.13 -17.00 50.65
C ASP C 76 -66.63 -18.38 50.20
N GLY C 77 -65.30 -18.55 50.20
CA GLY C 77 -64.74 -19.85 49.96
C GLY C 77 -64.72 -20.77 51.17
N GLY C 78 -64.97 -20.22 52.35
CA GLY C 78 -65.00 -21.01 53.57
C GLY C 78 -66.31 -21.73 53.84
N GLY C 79 -67.37 -21.39 53.10
CA GLY C 79 -68.64 -22.07 53.24
C GLY C 79 -69.71 -21.30 53.97
N ILE C 80 -69.36 -20.24 54.70
CA ILE C 80 -70.36 -19.46 55.43
C ILE C 80 -71.11 -18.58 54.44
N THR C 81 -72.44 -18.67 54.48
CA THR C 81 -73.31 -17.95 53.55
C THR C 81 -74.21 -16.99 54.33
N ASN C 82 -74.37 -15.79 53.78
CA ASN C 82 -75.17 -14.75 54.40
C ASN C 82 -76.39 -14.45 53.53
N TYR C 83 -77.56 -14.48 54.15
CA TYR C 83 -78.82 -14.13 53.51
C TYR C 83 -79.44 -12.94 54.22
N ALA C 84 -80.53 -12.43 53.65
CA ALA C 84 -81.24 -11.30 54.24
C ALA C 84 -82.32 -11.79 55.21
N ARG C 90 -84.39 -19.99 52.06
CA ARG C 90 -85.26 -20.18 50.90
C ARG C 90 -84.52 -20.78 49.72
N PHE C 91 -83.35 -20.21 49.40
CA PHE C 91 -82.56 -20.64 48.26
C PHE C 91 -81.35 -21.40 48.76
N THR C 92 -80.90 -22.39 47.98
CA THR C 92 -79.68 -23.11 48.33
C THR C 92 -78.64 -22.87 47.23
N ILE C 93 -77.39 -22.65 47.64
CA ILE C 93 -76.32 -22.26 46.73
C ILE C 93 -75.18 -23.26 46.85
N SER C 94 -74.48 -23.47 45.73
CA SER C 94 -73.34 -24.37 45.68
C SER C 94 -72.24 -23.75 44.83
N ARG C 95 -71.00 -23.88 45.30
CA ARG C 95 -69.84 -23.35 44.60
C ARG C 95 -68.92 -24.49 44.20
N ASP C 96 -68.55 -24.54 42.92
CA ASP C 96 -67.62 -25.53 42.38
C ASP C 96 -66.32 -24.83 42.03
N ASN C 97 -65.26 -25.16 42.78
CA ASN C 97 -63.96 -24.56 42.55
C ASN C 97 -63.25 -25.16 41.34
N ALA C 98 -63.56 -26.41 40.99
CA ALA C 98 -62.91 -27.04 39.86
C ALA C 98 -63.22 -26.30 38.56
N LYS C 99 -64.47 -25.87 38.38
CA LYS C 99 -64.88 -25.10 37.23
C LYS C 99 -65.18 -23.65 37.55
N ASN C 100 -65.08 -23.26 38.83
CA ASN C 100 -65.35 -21.88 39.27
C ASN C 100 -66.75 -21.45 38.86
N THR C 101 -67.74 -22.22 39.30
CA THR C 101 -69.14 -21.97 38.95
C THR C 101 -69.97 -21.90 40.22
N VAL C 102 -71.13 -21.24 40.12
CA VAL C 102 -72.08 -21.18 41.23
C VAL C 102 -73.46 -21.57 40.71
N TYR C 103 -74.13 -22.46 41.46
CA TYR C 103 -75.48 -22.90 41.15
C TYR C 103 -76.41 -22.50 42.28
N LEU C 104 -77.63 -22.10 41.91
CA LEU C 104 -78.65 -21.70 42.87
C LEU C 104 -79.94 -22.47 42.58
N GLN C 105 -80.53 -23.05 43.62
CA GLN C 105 -81.80 -23.74 43.53
C GLN C 105 -82.82 -22.98 44.37
N MET C 106 -84.01 -22.78 43.79
CA MET C 106 -85.05 -21.92 44.31
C MET C 106 -86.35 -22.69 44.38
N ASN C 107 -87.28 -22.21 45.21
CA ASN C 107 -88.60 -22.83 45.31
C ASN C 107 -89.72 -21.81 45.45
N THR C 114 -89.72 -10.97 40.17
CA THR C 114 -89.61 -10.26 38.90
C THR C 114 -88.66 -9.08 39.01
N ALA C 115 -87.39 -9.32 38.65
CA ALA C 115 -86.34 -8.31 38.73
C ALA C 115 -85.14 -8.83 37.94
N VAL C 116 -84.10 -8.02 37.89
CA VAL C 116 -82.83 -8.40 37.27
C VAL C 116 -81.90 -8.88 38.38
N TYR C 117 -81.46 -10.12 38.27
CA TYR C 117 -80.49 -10.68 39.20
C TYR C 117 -79.08 -10.43 38.70
N TYR C 118 -78.17 -10.11 39.63
CA TYR C 118 -76.80 -9.77 39.32
C TYR C 118 -75.86 -10.65 40.12
N CYS C 119 -74.87 -11.23 39.46
CA CYS C 119 -73.79 -11.96 40.10
C CYS C 119 -72.59 -11.04 40.20
N ALA C 120 -72.05 -10.89 41.41
CA ALA C 120 -70.95 -9.95 41.64
C ALA C 120 -69.83 -10.64 42.39
N VAL C 121 -68.61 -10.22 42.09
CA VAL C 121 -67.42 -10.63 42.84
C VAL C 121 -67.04 -9.44 43.71
N ASP C 122 -67.14 -9.60 45.02
CA ASP C 122 -66.98 -8.49 45.95
C ASP C 122 -65.93 -8.82 46.99
N TRP C 123 -65.31 -7.76 47.52
CA TRP C 123 -64.34 -7.85 48.61
C TRP C 123 -64.93 -7.19 49.84
N ILE C 124 -64.64 -7.78 51.01
CA ILE C 124 -65.25 -7.31 52.25
C ILE C 124 -64.35 -6.27 52.90
N LEU C 125 -63.15 -6.68 53.33
CA LEU C 125 -62.17 -5.81 53.98
C LEU C 125 -62.84 -4.83 54.92
N ALA C 126 -63.60 -5.34 55.89
CA ALA C 126 -64.64 -4.57 56.57
C ALA C 126 -64.46 -4.58 58.09
N ARG C 127 -63.27 -4.21 58.58
CA ARG C 127 -63.17 -3.92 60.01
C ARG C 127 -64.20 -2.88 60.43
N TYR C 128 -64.45 -1.88 59.59
CA TYR C 128 -65.60 -0.99 59.72
C TYR C 128 -66.44 -1.13 58.46
N ASN C 129 -67.28 -2.16 58.41
CA ASN C 129 -68.41 -2.36 57.51
C ASN C 129 -68.23 -1.77 56.11
N PHE C 130 -67.09 -2.05 55.48
CA PHE C 130 -66.86 -1.58 54.12
C PHE C 130 -67.17 -2.69 53.11
N VAL C 131 -67.37 -2.28 51.85
CA VAL C 131 -67.69 -3.21 50.78
C VAL C 131 -67.37 -2.54 49.45
N ILE C 132 -66.77 -3.30 48.54
CA ILE C 132 -66.44 -2.83 47.21
C ILE C 132 -66.84 -3.90 46.20
N HIS C 133 -67.36 -3.45 45.05
CA HIS C 133 -67.77 -4.37 43.99
C HIS C 133 -66.65 -4.43 42.95
N TYR C 134 -65.82 -5.46 43.03
CA TYR C 134 -64.72 -5.60 42.10
C TYR C 134 -65.21 -5.95 40.70
N TYR C 135 -66.11 -6.92 40.60
CA TYR C 135 -66.71 -7.32 39.33
C TYR C 135 -68.22 -7.23 39.45
N TRP C 136 -68.85 -6.53 38.52
CA TRP C 136 -70.29 -6.37 38.50
C TRP C 136 -70.82 -6.84 37.15
N GLY C 137 -71.76 -7.78 37.16
CA GLY C 137 -72.33 -8.33 35.95
C GLY C 137 -73.51 -7.51 35.44
N GLN C 138 -74.05 -7.96 34.31
CA GLN C 138 -75.19 -7.30 33.69
C GLN C 138 -76.53 -7.80 34.21
N GLY C 139 -76.57 -9.00 34.78
CA GLY C 139 -77.79 -9.55 35.34
C GLY C 139 -78.71 -10.14 34.30
N THR C 140 -79.74 -10.83 34.79
CA THR C 140 -80.74 -11.45 33.93
C THR C 140 -82.12 -11.19 34.49
N GLN C 141 -83.09 -10.99 33.60
CA GLN C 141 -84.46 -10.68 34.02
C GLN C 141 -85.22 -11.95 34.34
N VAL C 142 -85.92 -11.94 35.48
CA VAL C 142 -86.78 -13.04 35.89
C VAL C 142 -88.16 -12.47 36.22
N THR C 143 -89.19 -13.06 35.62
CA THR C 143 -90.56 -12.61 35.81
C THR C 143 -91.37 -13.70 36.50
N VAL C 144 -92.14 -13.33 37.51
CA VAL C 144 -92.98 -14.25 38.28
C VAL C 144 -94.42 -13.78 38.17
N SER C 145 -95.30 -14.69 37.77
CA SER C 145 -96.72 -14.38 37.64
C SER C 145 -97.50 -14.85 38.87
N THR D 131 51.38 11.23 -122.24
CA THR D 131 51.92 12.51 -121.80
C THR D 131 51.81 13.56 -122.90
N ALA D 132 51.55 14.81 -122.50
CA ALA D 132 51.40 15.94 -123.43
C ALA D 132 50.33 15.64 -124.48
N VAL D 133 49.22 15.07 -124.04
CA VAL D 133 48.10 14.70 -124.90
C VAL D 133 46.91 15.58 -124.52
N PRO D 134 46.26 16.25 -125.47
CA PRO D 134 45.11 17.06 -125.13
C PRO D 134 43.97 16.20 -124.61
N PRO D 135 43.16 16.73 -123.69
CA PRO D 135 42.12 15.89 -123.07
C PRO D 135 41.05 15.40 -124.03
N TYR D 136 40.79 16.11 -125.13
CA TYR D 136 39.73 15.68 -126.04
C TYR D 136 40.09 14.37 -126.73
N ARG D 137 41.39 14.12 -126.95
CA ARG D 137 41.79 12.83 -127.47
C ARG D 137 41.47 11.71 -126.48
N LEU D 138 41.72 11.96 -125.19
CA LEU D 138 41.32 10.98 -124.18
C LEU D 138 39.82 10.77 -124.18
N ARG D 139 39.04 11.85 -124.33
CA ARG D 139 37.58 11.71 -124.37
C ARG D 139 37.14 10.87 -125.55
N VAL D 140 37.70 11.13 -126.73
CA VAL D 140 37.25 10.40 -127.93
C VAL D 140 37.69 8.94 -127.87
N ILE D 141 38.88 8.66 -127.32
CA ILE D 141 39.27 7.26 -127.22
C ILE D 141 38.43 6.54 -126.16
N ALA D 142 38.04 7.23 -125.08
CA ALA D 142 37.13 6.62 -124.12
C ALA D 142 35.78 6.33 -124.75
N GLU D 143 35.27 7.25 -125.57
CA GLU D 143 34.02 7.01 -126.28
C GLU D 143 34.14 5.84 -127.23
N ALA D 144 35.28 5.72 -127.92
CA ALA D 144 35.51 4.57 -128.79
C ALA D 144 35.55 3.28 -128.01
N TYR D 145 36.18 3.28 -126.84
CA TYR D 145 36.20 2.09 -125.99
C TYR D 145 34.79 1.70 -125.57
N ALA D 146 33.98 2.69 -125.17
CA ALA D 146 32.60 2.40 -124.77
C ALA D 146 31.79 1.85 -125.93
N THR D 147 31.98 2.42 -127.13
CA THR D 147 31.26 1.94 -128.30
C THR D 147 31.67 0.51 -128.65
N LYS D 148 32.97 0.21 -128.57
CA LYS D 148 33.42 -1.16 -128.83
C LYS D 148 32.86 -2.13 -127.80
N GLY D 149 32.83 -1.72 -126.53
CA GLY D 149 32.24 -2.57 -125.51
C GLY D 149 30.77 -2.83 -125.75
N LEU D 150 30.04 -1.80 -126.17
CA LEU D 150 28.62 -1.98 -126.49
C LEU D 150 28.45 -2.90 -127.69
N CYS D 151 29.30 -2.77 -128.71
CA CYS D 151 29.14 -3.55 -129.93
C CYS D 151 29.51 -5.01 -129.71
N LEU D 152 30.53 -5.28 -128.89
CA LEU D 152 30.96 -6.66 -128.68
C LEU D 152 29.88 -7.49 -128.00
N GLU D 153 29.21 -6.93 -127.01
CA GLU D 153 28.21 -7.69 -126.26
C GLU D 153 26.90 -7.86 -127.02
N LYS D 154 26.60 -6.97 -127.97
CA LYS D 154 25.33 -7.01 -128.68
C LYS D 154 25.35 -7.97 -129.88
N LEU D 155 26.38 -8.80 -130.02
CA LEU D 155 26.43 -9.77 -131.09
C LEU D 155 26.61 -11.17 -130.53
N PRO D 156 26.02 -12.19 -131.17
CA PRO D 156 26.15 -13.58 -130.72
C PRO D 156 27.51 -14.19 -131.03
N ASP D 167 42.95 -16.04 -130.59
CA ASP D 167 41.67 -15.73 -131.23
C ASP D 167 41.22 -14.33 -130.83
N ARG D 168 40.01 -13.94 -131.27
CA ARG D 168 39.48 -12.64 -130.93
C ARG D 168 39.24 -12.47 -129.44
N GLU D 169 39.07 -13.58 -128.72
CA GLU D 169 38.91 -13.49 -127.27
C GLU D 169 40.16 -12.91 -126.61
N GLN D 170 41.34 -13.31 -127.09
CA GLN D 170 42.58 -12.72 -126.60
C GLN D 170 42.65 -11.24 -126.91
N ASP D 171 42.14 -10.85 -128.08
CA ASP D 171 42.06 -9.42 -128.40
C ASP D 171 41.17 -8.69 -127.42
N VAL D 172 40.05 -9.30 -127.03
CA VAL D 172 39.17 -8.68 -126.04
C VAL D 172 39.88 -8.54 -124.70
N ILE D 173 40.60 -9.58 -124.28
CA ILE D 173 41.31 -9.52 -123.01
C ILE D 173 42.37 -8.42 -123.04
N THR D 174 43.10 -8.31 -124.14
CA THR D 174 44.11 -7.26 -124.26
C THR D 174 43.47 -5.87 -124.31
N CYS D 175 42.29 -5.76 -124.92
CA CYS D 175 41.58 -4.49 -124.91
C CYS D 175 41.19 -4.11 -123.48
N TYR D 176 40.73 -5.08 -122.69
CA TYR D 176 40.44 -4.79 -121.28
C TYR D 176 41.69 -4.39 -120.52
N GLU D 177 42.82 -5.05 -120.80
CA GLU D 177 44.07 -4.71 -120.13
C GLU D 177 44.51 -3.28 -120.46
N LYS D 178 44.41 -2.90 -121.74
CA LYS D 178 44.81 -1.54 -122.11
C LYS D 178 43.81 -0.52 -121.60
N ALA D 179 42.53 -0.90 -121.47
CA ALA D 179 41.56 -0.01 -120.81
C ALA D 179 41.93 0.22 -119.35
N GLY D 180 42.35 -0.84 -118.66
CA GLY D 180 42.81 -0.67 -117.29
C GLY D 180 44.06 0.21 -117.21
N ASP D 181 44.99 0.03 -118.15
CA ASP D 181 46.19 0.85 -118.15
C ASP D 181 45.88 2.31 -118.40
N ILE D 182 45.00 2.60 -119.36
CA ILE D 182 44.64 3.99 -119.62
C ILE D 182 43.82 4.56 -118.47
N ALA D 183 43.06 3.71 -117.75
CA ALA D 183 42.39 4.17 -116.55
C ALA D 183 43.38 4.57 -115.48
N LEU D 184 44.44 3.77 -115.29
CA LEU D 184 45.49 4.12 -114.35
C LEU D 184 46.15 5.43 -114.73
N LEU D 185 46.45 5.61 -116.03
CA LEU D 185 47.03 6.86 -116.49
C LEU D 185 46.10 8.04 -116.23
N TYR D 186 44.80 7.85 -116.49
CA TYR D 186 43.82 8.91 -116.29
C TYR D 186 43.73 9.32 -114.82
N LEU D 187 43.69 8.32 -113.93
CA LEU D 187 43.60 8.66 -112.50
C LEU D 187 44.89 9.33 -112.02
N GLN D 188 46.04 8.88 -112.51
CA GLN D 188 47.29 9.53 -112.15
C GLN D 188 47.31 10.98 -112.63
N GLU D 189 46.86 11.21 -113.87
CA GLU D 189 46.85 12.58 -114.40
C GLU D 189 45.88 13.47 -113.63
N ILE D 190 44.70 12.96 -113.29
CA ILE D 190 43.73 13.80 -112.59
C ILE D 190 44.18 14.10 -111.17
N GLU D 191 44.78 13.11 -110.48
CA GLU D 191 45.30 13.38 -109.15
C GLU D 191 46.48 14.35 -109.21
N ARG D 192 47.29 14.27 -110.27
CA ARG D 192 48.37 15.23 -110.44
C ARG D 192 47.83 16.65 -110.63
N VAL D 193 46.84 16.81 -111.52
CA VAL D 193 46.36 18.16 -111.82
C VAL D 193 45.61 18.75 -110.62
N ILE D 194 44.87 17.93 -109.88
CA ILE D 194 44.21 18.47 -108.70
C ILE D 194 45.21 18.72 -107.58
N LEU D 195 46.31 17.96 -107.55
CA LEU D 195 47.33 18.18 -106.52
C LEU D 195 48.08 19.48 -106.75
N SER D 196 48.29 19.87 -108.01
CA SER D 196 49.00 21.08 -108.37
C SER D 196 50.40 21.12 -107.78
N GLU D 213 32.27 15.13 -113.62
CA GLU D 213 31.91 14.72 -112.28
C GLU D 213 31.03 13.47 -112.32
N LEU D 214 30.82 12.94 -113.52
CA LEU D 214 29.97 11.77 -113.75
C LEU D 214 30.82 10.64 -114.32
N GLY D 215 31.22 9.71 -113.48
CA GLY D 215 31.89 8.51 -113.95
C GLY D 215 30.89 7.44 -114.33
N PHE D 216 30.64 7.28 -115.63
CA PHE D 216 29.60 6.40 -116.11
C PHE D 216 30.10 5.19 -116.88
N PHE D 217 31.21 5.31 -117.61
CA PHE D 217 31.71 4.23 -118.44
C PHE D 217 32.92 3.51 -117.86
N LEU D 218 33.82 4.24 -117.18
CA LEU D 218 35.01 3.61 -116.62
C LEU D 218 34.65 2.61 -115.53
N GLU D 219 33.71 2.97 -114.66
CA GLU D 219 33.39 2.13 -113.50
C GLU D 219 32.91 0.75 -113.94
N THR D 220 31.91 0.71 -114.82
CA THR D 220 31.40 -0.57 -115.29
C THR D 220 32.46 -1.33 -116.07
N GLY D 221 33.08 -0.65 -117.04
CA GLY D 221 34.07 -1.30 -117.90
C GLY D 221 35.30 -1.79 -117.17
N LEU D 222 35.52 -1.35 -115.93
CA LEU D 222 36.63 -1.85 -115.12
C LEU D 222 36.18 -2.87 -114.09
N GLN D 223 34.98 -2.72 -113.53
CA GLN D 223 34.54 -3.65 -112.49
C GLN D 223 34.01 -4.96 -113.08
N ARG D 224 33.20 -4.87 -114.14
CA ARG D 224 32.67 -6.10 -114.74
C ARG D 224 33.78 -6.97 -115.30
N ALA D 225 34.95 -6.40 -115.59
CA ALA D 225 36.09 -7.20 -116.01
C ALA D 225 36.45 -8.24 -114.94
N HIS D 226 36.77 -7.77 -113.74
CA HIS D 226 37.11 -8.73 -112.69
C HIS D 226 35.89 -9.48 -112.19
N VAL D 227 34.68 -8.95 -112.39
CA VAL D 227 33.48 -9.75 -112.10
C VAL D 227 33.44 -10.99 -112.98
N LEU D 228 33.69 -10.81 -114.28
CA LEU D 228 33.75 -11.95 -115.19
C LEU D 228 34.95 -12.84 -114.88
N TYR D 229 36.06 -12.25 -114.45
CA TYR D 229 37.22 -13.05 -114.06
C TYR D 229 36.87 -13.98 -112.90
N PHE D 230 36.14 -13.45 -111.90
CA PHE D 230 35.68 -14.28 -110.80
C PHE D 230 34.68 -15.32 -111.27
N LYS D 231 33.80 -14.95 -112.21
CA LYS D 231 32.84 -15.92 -112.75
C LYS D 231 33.54 -17.08 -113.41
N ASN D 232 34.58 -16.81 -114.21
CA ASN D 232 35.32 -17.89 -114.85
C ASN D 232 36.17 -18.66 -113.86
N GLY D 233 36.75 -17.97 -112.90
CA GLY D 233 37.59 -18.58 -111.89
C GLY D 233 39.06 -18.17 -111.91
N ASN D 234 39.39 -17.03 -112.53
CA ASN D 234 40.78 -16.56 -112.57
C ASN D 234 41.06 -15.75 -111.30
N LEU D 235 41.16 -16.48 -110.19
CA LEU D 235 41.31 -15.85 -108.89
C LEU D 235 42.65 -15.14 -108.77
N THR D 236 43.73 -15.75 -109.27
CA THR D 236 45.06 -15.18 -109.13
C THR D 236 45.16 -13.84 -109.84
N ARG D 237 44.64 -13.77 -111.07
CA ARG D 237 44.66 -12.50 -111.81
C ARG D 237 43.87 -11.43 -111.09
N GLY D 238 42.70 -11.79 -110.56
CA GLY D 238 41.88 -10.81 -109.86
C GLY D 238 42.53 -10.29 -108.59
N VAL D 239 43.12 -11.19 -107.80
CA VAL D 239 43.76 -10.74 -106.56
C VAL D 239 45.01 -9.92 -106.86
N GLY D 240 45.76 -10.26 -107.91
CA GLY D 240 46.89 -9.43 -108.31
C GLY D 240 46.45 -8.05 -108.78
N ARG D 241 45.36 -7.99 -109.55
CA ARG D 241 44.82 -6.70 -109.96
C ARG D 241 44.39 -5.88 -108.75
N PHE D 242 43.75 -6.51 -107.77
CA PHE D 242 43.37 -5.79 -106.56
C PHE D 242 44.60 -5.28 -105.82
N ARG D 243 45.64 -6.10 -105.71
CA ARG D 243 46.86 -5.68 -105.04
C ARG D 243 47.47 -4.47 -105.72
N GLU D 244 47.53 -4.47 -107.05
CA GLU D 244 48.08 -3.31 -107.74
C GLU D 244 47.13 -2.12 -107.75
N LEU D 245 45.83 -2.34 -107.57
CA LEU D 245 44.90 -1.23 -107.40
C LEU D 245 45.13 -0.53 -106.07
N LEU D 246 45.30 -1.32 -105.00
CA LEU D 246 45.48 -0.73 -103.66
C LEU D 246 46.79 0.04 -103.54
N ARG D 247 47.76 -0.19 -104.43
CA ARG D 247 49.04 0.49 -104.35
C ARG D 247 49.01 1.91 -104.91
N ALA D 248 47.89 2.33 -105.50
CA ALA D 248 47.82 3.66 -106.08
C ALA D 248 47.73 4.74 -105.00
N VAL D 249 48.11 5.96 -105.38
CA VAL D 249 48.02 7.10 -104.47
C VAL D 249 46.57 7.41 -104.19
N GLU D 250 46.25 7.68 -102.92
CA GLU D 250 44.87 7.94 -102.52
C GLU D 250 44.34 9.21 -103.16
N THR D 251 43.04 9.21 -103.47
CA THR D 251 42.35 10.37 -104.00
C THR D 251 41.14 10.65 -103.13
N ARG D 252 40.97 11.92 -102.74
CA ARG D 252 39.88 12.28 -101.83
C ARG D 252 38.52 12.09 -102.48
N THR D 253 38.43 12.27 -103.80
CA THR D 253 37.14 12.12 -104.48
C THR D 253 36.72 10.66 -104.65
N THR D 254 37.66 9.72 -104.58
CA THR D 254 37.38 8.32 -104.80
C THR D 254 37.27 7.51 -103.51
N GLN D 255 37.33 8.19 -102.36
CA GLN D 255 37.36 7.48 -101.08
C GLN D 255 36.23 6.47 -100.97
N ASN D 256 35.02 6.85 -101.39
CA ASN D 256 33.88 5.95 -101.31
C ASN D 256 34.16 4.63 -102.02
N LEU D 257 34.61 4.70 -103.28
CA LEU D 257 34.89 3.46 -103.99
C LEU D 257 35.99 2.67 -103.29
N ARG D 258 36.96 3.39 -102.72
CA ARG D 258 37.98 2.73 -101.91
C ARG D 258 37.33 1.83 -100.87
N MET D 259 36.38 2.38 -100.10
CA MET D 259 35.64 1.61 -99.12
C MET D 259 35.26 0.27 -99.74
N THR D 260 34.49 0.36 -100.84
CA THR D 260 34.00 -0.83 -101.50
C THR D 260 35.12 -1.85 -101.69
N ILE D 261 36.16 -1.47 -102.43
CA ILE D 261 37.17 -2.46 -102.79
C ILE D 261 37.82 -2.99 -101.52
N ALA D 262 38.10 -2.09 -100.56
CA ALA D 262 38.70 -2.54 -99.30
C ALA D 262 37.81 -3.61 -98.67
N ARG D 263 36.53 -3.30 -98.50
CA ARG D 263 35.63 -4.28 -97.92
C ARG D 263 35.59 -5.54 -98.76
N GLN D 264 35.57 -5.38 -100.10
CA GLN D 264 35.55 -6.55 -100.96
C GLN D 264 36.77 -7.42 -100.69
N LEU D 265 37.94 -6.80 -100.53
CA LEU D 265 39.13 -7.58 -100.22
C LEU D 265 38.95 -8.31 -98.89
N ALA D 266 38.41 -7.61 -97.89
CA ALA D 266 38.17 -8.26 -96.60
C ALA D 266 37.18 -9.40 -96.73
N GLU D 267 36.33 -9.37 -97.76
CA GLU D 267 35.39 -10.46 -97.98
C GLU D 267 36.07 -11.67 -98.61
N ILE D 268 37.10 -11.44 -99.44
CA ILE D 268 37.69 -12.55 -100.18
C ILE D 268 38.94 -13.10 -99.51
N LEU D 269 39.73 -12.24 -98.85
CA LEU D 269 41.00 -12.66 -98.27
C LEU D 269 40.82 -13.53 -97.03
N LEU D 270 39.60 -13.68 -96.53
CA LEU D 270 39.33 -14.53 -95.37
C LEU D 270 38.63 -15.83 -95.75
N ARG D 271 38.23 -16.01 -97.01
CA ARG D 271 37.43 -17.16 -97.39
C ARG D 271 37.84 -17.78 -98.72
N GLY D 272 39.07 -17.55 -99.18
CA GLY D 272 39.45 -18.04 -100.49
C GLY D 272 40.81 -18.70 -100.58
N MET D 273 41.55 -18.72 -99.48
CA MET D 273 42.91 -19.25 -99.50
C MET D 273 43.28 -19.73 -98.10
N CYS D 274 44.46 -20.33 -98.00
CA CYS D 274 45.04 -20.80 -96.75
C CYS D 274 46.44 -20.22 -96.60
N GLU D 275 47.14 -20.62 -95.54
CA GLU D 275 48.46 -20.07 -95.27
C GLU D 275 49.45 -20.44 -96.36
N GLN D 276 49.47 -21.71 -96.76
CA GLN D 276 50.41 -22.16 -97.78
C GLN D 276 50.02 -21.71 -99.19
N SER D 277 48.82 -21.16 -99.37
CA SER D 277 48.39 -20.61 -100.65
C SER D 277 48.59 -19.11 -100.73
N TYR D 278 49.55 -18.58 -99.97
CA TYR D 278 49.88 -17.17 -99.98
C TYR D 278 51.28 -16.98 -100.58
N TRP D 279 51.44 -15.91 -101.36
CA TRP D 279 52.70 -15.65 -102.05
C TRP D 279 53.00 -14.16 -102.01
N ASN D 280 54.29 -13.83 -102.08
CA ASN D 280 54.70 -12.45 -102.11
C ASN D 280 54.36 -11.84 -103.48
N PRO D 281 53.90 -10.58 -103.52
CA PRO D 281 53.50 -9.99 -104.80
C PRO D 281 54.63 -9.82 -105.81
N LEU D 282 55.89 -9.95 -105.39
CA LEU D 282 57.01 -9.73 -106.30
C LEU D 282 57.30 -10.91 -107.21
N GLU D 283 56.63 -12.05 -107.02
CA GLU D 283 56.85 -13.21 -107.87
C GLU D 283 55.52 -13.90 -108.13
N ASP D 284 55.49 -14.68 -109.21
CA ASP D 284 54.30 -15.43 -109.56
C ASP D 284 54.08 -16.58 -108.56
N PRO D 285 52.81 -16.92 -108.28
CA PRO D 285 52.48 -18.02 -107.38
C PRO D 285 52.98 -19.37 -107.88
N ALA D 310 53.21 5.41 -112.55
CA ALA D 310 54.58 5.89 -112.41
C ALA D 310 55.08 5.73 -110.98
N ARG D 311 54.80 6.73 -110.15
CA ARG D 311 55.24 6.70 -108.77
C ARG D 311 54.44 5.68 -107.98
N VAL D 312 55.13 4.84 -107.21
CA VAL D 312 54.51 3.83 -106.36
C VAL D 312 55.08 3.98 -104.96
N TYR D 313 54.22 3.89 -103.95
CA TYR D 313 54.66 4.00 -102.57
C TYR D 313 55.64 2.88 -102.23
N SER D 314 56.72 3.24 -101.55
CA SER D 314 57.75 2.28 -101.17
C SER D 314 58.45 2.81 -99.92
N GLY D 315 59.56 2.17 -99.56
CA GLY D 315 60.34 2.53 -98.39
C GLY D 315 60.59 1.32 -97.51
N GLU D 316 61.31 1.57 -96.42
CA GLU D 316 61.64 0.53 -95.47
C GLU D 316 60.84 0.60 -94.18
N ASN D 317 60.31 1.77 -93.83
CA ASN D 317 59.48 1.90 -92.63
C ASN D 317 58.04 1.48 -92.87
N ILE D 318 57.67 1.14 -94.10
CA ILE D 318 56.31 0.70 -94.38
C ILE D 318 56.04 -0.64 -93.70
N PHE D 319 54.78 -0.89 -93.38
CA PHE D 319 54.38 -2.13 -92.70
C PHE D 319 54.10 -3.19 -93.74
N CYS D 320 55.04 -4.10 -93.92
CA CYS D 320 54.85 -5.19 -94.87
C CYS D 320 53.92 -6.24 -94.28
N PRO D 321 52.84 -6.59 -94.97
CA PRO D 321 51.93 -7.62 -94.45
C PRO D 321 52.65 -8.96 -94.29
N GLN D 322 52.31 -9.67 -93.22
CA GLN D 322 52.90 -10.96 -92.91
C GLN D 322 51.91 -12.10 -92.99
N GLU D 323 50.78 -12.00 -92.31
CA GLU D 323 49.74 -13.02 -92.33
C GLU D 323 48.43 -12.40 -92.78
N ASN D 324 47.45 -13.28 -93.06
CA ASN D 324 46.14 -12.81 -93.50
C ASN D 324 45.46 -11.98 -92.41
N THR D 325 45.57 -12.42 -91.15
CA THR D 325 44.94 -11.70 -90.06
C THR D 325 45.51 -10.29 -89.91
N GLU D 326 46.83 -10.15 -90.09
CA GLU D 326 47.46 -8.84 -89.95
C GLU D 326 46.87 -7.82 -90.91
N GLU D 327 46.97 -8.11 -92.22
CA GLU D 327 46.48 -7.16 -93.20
C GLU D 327 44.96 -7.03 -93.16
N ALA D 328 44.25 -8.10 -92.80
CA ALA D 328 42.80 -8.00 -92.66
C ALA D 328 42.42 -7.02 -91.57
N LEU D 329 43.08 -7.13 -90.41
CA LEU D 329 42.82 -6.19 -89.32
C LEU D 329 43.21 -4.78 -89.71
N LEU D 330 44.33 -4.63 -90.43
CA LEU D 330 44.73 -3.29 -90.87
C LEU D 330 43.68 -2.65 -91.78
N LEU D 331 43.20 -3.43 -92.76
CA LEU D 331 42.20 -2.90 -93.69
C LEU D 331 40.89 -2.59 -92.95
N LEU D 332 40.46 -3.46 -92.05
CA LEU D 332 39.24 -3.19 -91.30
C LEU D 332 39.39 -1.95 -90.44
N LEU D 333 40.55 -1.78 -89.80
CA LEU D 333 40.77 -0.61 -88.95
C LEU D 333 40.73 0.67 -89.77
N ILE D 334 41.42 0.69 -90.92
CA ILE D 334 41.44 1.92 -91.72
C ILE D 334 40.04 2.19 -92.27
N SER D 335 39.31 1.14 -92.66
CA SER D 335 37.96 1.34 -93.17
C SER D 335 37.03 1.91 -92.10
N GLU D 336 37.10 1.38 -90.89
CA GLU D 336 36.28 1.90 -89.80
C GLU D 336 36.65 3.35 -89.47
N SER D 337 37.95 3.65 -89.43
CA SER D 337 38.39 5.00 -89.11
C SER D 337 37.93 5.99 -90.17
N MET D 338 38.00 5.61 -91.44
CA MET D 338 37.56 6.49 -92.52
C MET D 338 36.04 6.57 -92.62
N ALA D 339 35.31 5.54 -92.17
CA ALA D 339 33.86 5.56 -92.23
C ALA D 339 33.23 6.26 -91.03
N ASN D 340 33.96 6.40 -89.92
CA ASN D 340 33.42 7.14 -88.78
C ASN D 340 33.21 8.61 -89.11
N ARG D 341 34.15 9.21 -89.85
CA ARG D 341 34.04 10.62 -90.18
C ARG D 341 32.99 10.89 -91.26
N ASP D 342 32.60 9.87 -92.02
CA ASP D 342 31.61 10.03 -93.08
C ASP D 342 30.20 9.71 -92.63
N ALA D 343 29.98 9.52 -91.34
CA ALA D 343 28.64 9.22 -90.83
C ALA D 343 27.72 10.42 -91.02
N VAL D 344 26.43 10.13 -91.17
CA VAL D 344 25.42 11.17 -91.37
C VAL D 344 24.93 11.76 -90.05
N LEU D 345 25.44 11.28 -88.91
CA LEU D 345 25.07 11.77 -87.58
C LEU D 345 23.57 11.63 -87.29
N SER D 346 22.89 10.75 -88.02
CA SER D 346 21.45 10.55 -87.89
C SER D 346 20.70 11.88 -88.00
N ARG D 347 20.87 12.52 -89.15
CA ARG D 347 20.30 13.85 -89.36
C ARG D 347 18.79 13.81 -89.21
N ILE D 348 18.14 12.84 -89.84
CA ILE D 348 16.70 12.55 -89.81
C ILE D 348 15.80 13.78 -89.76
N PRO D 349 16.01 14.82 -90.59
CA PRO D 349 15.08 15.95 -90.56
C PRO D 349 13.71 15.58 -91.12
N GLU D 350 13.71 15.07 -92.35
CA GLU D 350 12.53 14.47 -92.98
C GLU D 350 12.83 13.20 -93.74
N HIS D 351 14.07 12.97 -94.18
CA HIS D 351 14.45 11.82 -94.98
C HIS D 351 15.15 10.76 -94.13
N LYS D 352 15.12 9.53 -94.62
CA LYS D 352 15.66 8.40 -93.89
C LYS D 352 16.60 7.50 -94.70
N SER D 353 16.61 7.59 -96.03
CA SER D 353 17.32 6.63 -96.84
C SER D 353 18.83 6.69 -96.60
N ASP D 354 19.39 7.90 -96.56
CA ASP D 354 20.83 8.04 -96.39
C ASP D 354 21.28 7.49 -95.04
N ARG D 355 20.53 7.78 -93.98
CA ARG D 355 20.88 7.25 -92.67
C ARG D 355 20.77 5.73 -92.65
N LEU D 356 19.77 5.17 -93.34
CA LEU D 356 19.64 3.72 -93.39
C LEU D 356 20.83 3.10 -94.10
N ILE D 357 21.28 3.70 -95.21
CA ILE D 357 22.44 3.18 -95.92
C ILE D 357 23.69 3.25 -95.03
N SER D 358 23.87 4.38 -94.35
CA SER D 358 25.03 4.53 -93.47
C SER D 358 25.00 3.51 -92.34
N LEU D 359 23.82 3.29 -91.74
CA LEU D 359 23.69 2.32 -90.67
C LEU D 359 23.98 0.91 -91.16
N GLN D 360 23.49 0.57 -92.36
CA GLN D 360 23.76 -0.75 -92.90
C GLN D 360 25.26 -0.95 -93.14
N SER D 361 25.93 0.06 -93.70
CA SER D 361 27.36 -0.05 -93.93
C SER D 361 28.12 -0.20 -92.62
N ALA D 362 27.76 0.60 -91.61
CA ALA D 362 28.43 0.50 -90.32
C ALA D 362 28.20 -0.87 -89.69
N SER D 363 26.96 -1.38 -89.78
CA SER D 363 26.66 -2.68 -89.20
C SER D 363 27.47 -3.77 -89.87
N VAL D 364 27.55 -3.75 -91.20
CA VAL D 364 28.28 -4.84 -91.88
C VAL D 364 29.77 -4.76 -91.60
N VAL D 365 30.33 -3.53 -91.57
CA VAL D 365 31.77 -3.43 -91.33
C VAL D 365 32.11 -3.83 -89.90
N TYR D 366 31.26 -3.47 -88.93
CA TYR D 366 31.53 -3.86 -87.55
C TYR D 366 31.31 -5.36 -87.34
N ASP D 367 30.34 -5.95 -88.04
CA ASP D 367 30.18 -7.40 -87.95
C ASP D 367 31.40 -8.12 -88.52
N LEU D 368 31.93 -7.63 -89.65
CA LEU D 368 33.15 -8.21 -90.18
C LEU D 368 34.31 -8.06 -89.20
N LEU D 369 34.43 -6.89 -88.58
CA LEU D 369 35.51 -6.68 -87.61
C LEU D 369 35.39 -7.63 -86.43
N THR D 370 34.18 -7.79 -85.88
CA THR D 370 34.03 -8.63 -84.70
C THR D 370 34.20 -10.11 -85.01
N ILE D 371 33.77 -10.55 -86.20
CA ILE D 371 34.00 -11.95 -86.54
C ILE D 371 35.49 -12.18 -86.81
N ALA D 372 36.19 -11.20 -87.37
CA ALA D 372 37.62 -11.37 -87.61
C ALA D 372 38.40 -11.40 -86.30
N LEU D 373 38.02 -10.56 -85.34
CA LEU D 373 38.80 -10.40 -84.12
C LEU D 373 38.44 -11.41 -83.03
N GLY D 374 37.18 -11.86 -82.98
CA GLY D 374 36.77 -12.76 -81.91
C GLY D 374 37.36 -14.16 -82.00
N ARG D 375 37.88 -14.54 -83.16
CA ARG D 375 38.42 -15.88 -83.32
C ARG D 375 39.68 -16.09 -82.48
N ARG D 376 40.48 -15.05 -82.30
CA ARG D 376 41.75 -15.17 -81.58
C ARG D 376 41.58 -15.15 -80.07
N GLY D 377 40.39 -14.87 -79.56
CA GLY D 377 40.18 -14.81 -78.12
C GLY D 377 40.60 -13.47 -77.53
N GLN D 378 40.45 -12.42 -78.30
CA GLN D 378 40.79 -11.05 -77.90
C GLN D 378 39.49 -10.26 -77.86
N TYR D 379 39.06 -9.91 -76.65
CA TYR D 379 37.71 -9.37 -76.45
C TYR D 379 37.68 -7.89 -76.07
N GLU D 380 38.67 -7.41 -75.31
CA GLU D 380 38.57 -6.06 -74.77
C GLU D 380 38.59 -5.01 -75.88
N MET D 381 39.42 -5.18 -76.90
CA MET D 381 39.39 -4.22 -78.01
C MET D 381 38.06 -4.30 -78.76
N LEU D 382 37.46 -5.49 -78.81
CA LEU D 382 36.11 -5.60 -79.37
C LEU D 382 35.11 -4.77 -78.57
N SER D 383 35.21 -4.82 -77.24
CA SER D 383 34.36 -3.98 -76.41
C SER D 383 34.61 -2.50 -76.69
N GLU D 384 35.88 -2.12 -76.86
CA GLU D 384 36.22 -0.73 -77.17
C GLU D 384 35.62 -0.30 -78.51
N CYS D 385 35.73 -1.17 -79.52
CA CYS D 385 35.18 -0.84 -80.84
C CYS D 385 33.66 -0.72 -80.81
N LEU D 386 33.00 -1.59 -80.06
CA LEU D 386 31.55 -1.48 -79.94
C LEU D 386 31.16 -0.23 -79.17
N GLU D 387 31.96 0.15 -78.17
CA GLU D 387 31.74 1.42 -77.48
C GLU D 387 31.87 2.59 -78.44
N ARG D 388 32.87 2.54 -79.33
CA ARG D 388 33.04 3.58 -80.33
C ARG D 388 31.84 3.64 -81.27
N ALA D 389 31.35 2.47 -81.70
CA ALA D 389 30.19 2.41 -82.59
C ALA D 389 28.88 2.74 -81.90
N MET D 390 28.85 2.77 -80.57
CA MET D 390 27.63 3.01 -79.81
C MET D 390 26.93 4.31 -80.18
N LYS D 391 27.57 5.20 -80.92
CA LYS D 391 26.95 6.49 -81.23
C LYS D 391 25.70 6.33 -82.08
N PHE D 392 25.73 5.38 -83.03
CA PHE D 392 24.62 5.26 -83.97
C PHE D 392 23.37 4.68 -83.31
N ALA D 393 23.54 3.71 -82.42
CA ALA D 393 22.41 2.95 -81.91
C ALA D 393 21.53 3.82 -81.02
N PHE D 394 20.26 3.94 -81.39
CA PHE D 394 19.26 4.62 -80.57
C PHE D 394 18.12 3.70 -80.17
N GLU D 395 17.58 2.94 -81.12
CA GLU D 395 16.52 1.97 -80.84
C GLU D 395 16.77 0.67 -81.60
N GLU D 396 18.02 0.22 -81.61
CA GLU D 396 18.42 -0.98 -82.33
C GLU D 396 18.79 -2.07 -81.33
N PHE D 397 18.13 -3.22 -81.42
CA PHE D 397 18.39 -4.30 -80.48
C PHE D 397 19.74 -4.97 -80.76
N HIS D 398 20.13 -5.05 -82.04
CA HIS D 398 21.31 -5.82 -82.41
C HIS D 398 22.58 -5.24 -81.78
N LEU D 399 22.79 -3.93 -81.94
CA LEU D 399 24.02 -3.31 -81.45
C LEU D 399 24.09 -3.36 -79.93
N TRP D 400 22.97 -3.07 -79.25
CA TRP D 400 22.95 -3.15 -77.79
C TRP D 400 23.27 -4.57 -77.32
N TYR D 401 22.68 -5.57 -77.96
CA TYR D 401 22.91 -6.96 -77.56
C TYR D 401 24.37 -7.35 -77.78
N GLN D 402 24.94 -6.98 -78.93
CA GLN D 402 26.34 -7.30 -79.19
C GLN D 402 27.26 -6.62 -78.18
N PHE D 403 27.01 -5.35 -77.89
CA PHE D 403 27.84 -4.65 -76.91
C PHE D 403 27.74 -5.27 -75.53
N ALA D 404 26.52 -5.63 -75.11
CA ALA D 404 26.34 -6.26 -73.81
C ALA D 404 27.07 -7.59 -73.73
N LEU D 405 26.92 -8.42 -74.77
CA LEU D 405 27.59 -9.72 -74.76
C LEU D 405 29.10 -9.57 -74.74
N SER D 406 29.64 -8.63 -75.53
CA SER D 406 31.08 -8.41 -75.54
C SER D 406 31.57 -7.93 -74.18
N LEU D 407 30.84 -7.00 -73.55
CA LEU D 407 31.25 -6.51 -72.24
C LEU D 407 31.22 -7.62 -71.20
N MET D 408 30.18 -8.46 -71.22
CA MET D 408 30.10 -9.54 -70.24
C MET D 408 31.20 -10.57 -70.47
N ALA D 409 31.53 -10.85 -71.73
CA ALA D 409 32.62 -11.78 -72.02
C ALA D 409 33.97 -11.22 -71.63
N ALA D 410 34.14 -9.90 -71.71
CA ALA D 410 35.42 -9.29 -71.37
C ALA D 410 35.76 -9.50 -69.90
N GLY D 411 34.79 -9.33 -69.01
CA GLY D 411 35.03 -9.51 -67.59
C GLY D 411 34.32 -8.51 -66.72
N LYS D 412 34.03 -7.33 -67.26
CA LYS D 412 33.31 -6.31 -66.52
C LYS D 412 31.89 -6.77 -66.21
N SER D 413 31.39 -6.35 -65.05
CA SER D 413 30.11 -6.83 -64.53
C SER D 413 29.03 -5.76 -64.47
N ALA D 414 29.30 -4.63 -63.81
CA ALA D 414 28.27 -3.63 -63.58
C ALA D 414 27.72 -3.08 -64.89
N ARG D 415 28.62 -2.73 -65.81
CA ARG D 415 28.18 -2.23 -67.11
C ARG D 415 27.41 -3.31 -67.87
N ALA D 416 27.86 -4.56 -67.77
CA ALA D 416 27.14 -5.65 -68.42
C ALA D 416 25.73 -5.79 -67.86
N VAL D 417 25.59 -5.69 -66.53
CA VAL D 417 24.27 -5.77 -65.92
C VAL D 417 23.37 -4.63 -66.38
N LYS D 418 23.93 -3.41 -66.43
CA LYS D 418 23.13 -2.26 -66.83
C LYS D 418 22.66 -2.39 -68.28
N VAL D 419 23.56 -2.80 -69.18
CA VAL D 419 23.16 -2.95 -70.57
C VAL D 419 22.18 -4.12 -70.74
N LEU D 420 22.34 -5.17 -69.93
CA LEU D 420 21.36 -6.26 -69.95
C LEU D 420 19.98 -5.75 -69.54
N LYS D 421 19.93 -4.90 -68.50
CA LYS D 421 18.65 -4.33 -68.08
C LYS D 421 18.05 -3.46 -69.17
N GLU D 422 18.88 -2.67 -69.85
CA GLU D 422 18.37 -1.83 -70.94
C GLU D 422 17.84 -2.68 -72.08
N CYS D 423 18.54 -3.76 -72.44
CA CYS D 423 18.07 -4.65 -73.48
C CYS D 423 16.76 -5.32 -73.09
N ILE D 424 16.62 -5.70 -71.82
CA ILE D 424 15.36 -6.25 -71.34
C ILE D 424 14.24 -5.23 -71.50
N ARG D 425 14.52 -3.97 -71.15
CA ARG D 425 13.53 -2.91 -71.34
C ARG D 425 13.15 -2.77 -72.80
N LEU D 426 14.13 -2.92 -73.70
CA LEU D 426 13.89 -2.66 -75.13
C LEU D 426 12.88 -3.65 -75.71
N LYS D 427 13.09 -4.95 -75.50
CA LYS D 427 12.25 -5.98 -76.10
C LYS D 427 12.02 -7.10 -75.08
N PRO D 428 10.87 -7.10 -74.41
CA PRO D 428 10.55 -8.17 -73.44
C PRO D 428 9.92 -9.39 -74.11
N ASP D 429 10.73 -10.11 -74.88
CA ASP D 429 10.24 -11.28 -75.61
C ASP D 429 11.01 -12.56 -75.29
N ASP D 430 12.33 -12.48 -75.15
CA ASP D 430 13.15 -13.67 -74.92
C ASP D 430 13.39 -13.89 -73.44
N ALA D 431 13.88 -15.08 -73.12
CA ALA D 431 14.21 -15.45 -71.74
C ALA D 431 15.70 -15.65 -71.52
N THR D 432 16.51 -15.68 -72.58
CA THR D 432 17.94 -15.84 -72.42
C THR D 432 18.56 -14.63 -71.72
N ILE D 433 18.12 -13.42 -72.08
CA ILE D 433 18.68 -12.21 -71.48
C ILE D 433 18.46 -12.14 -69.97
N PRO D 434 17.24 -12.31 -69.45
CA PRO D 434 17.09 -12.30 -67.99
C PRO D 434 17.81 -13.44 -67.30
N LEU D 435 17.92 -14.60 -67.97
CA LEU D 435 18.67 -15.71 -67.39
C LEU D 435 20.15 -15.37 -67.24
N LEU D 436 20.74 -14.76 -68.27
CA LEU D 436 22.13 -14.33 -68.17
C LEU D 436 22.30 -13.24 -67.11
N ALA D 437 21.34 -12.32 -67.02
CA ALA D 437 21.41 -11.29 -65.99
C ALA D 437 21.37 -11.91 -64.60
N ALA D 438 20.50 -12.90 -64.39
CA ALA D 438 20.43 -13.58 -63.10
C ALA D 438 21.72 -14.34 -62.81
N LYS D 439 22.29 -14.97 -63.82
CA LYS D 439 23.55 -15.69 -63.62
C LYS D 439 24.67 -14.73 -63.21
N LEU D 440 24.75 -13.57 -63.86
CA LEU D 440 25.75 -12.59 -63.48
C LEU D 440 25.51 -12.05 -62.08
N CYS D 441 24.24 -11.80 -61.73
CA CYS D 441 23.91 -11.31 -60.40
C CYS D 441 24.29 -12.32 -59.32
N MET D 442 24.04 -13.60 -59.58
CA MET D 442 24.33 -14.67 -58.64
C MET D 442 25.81 -15.00 -58.55
N GLY D 443 26.63 -14.50 -59.47
CA GLY D 443 28.04 -14.83 -59.53
C GLY D 443 28.87 -14.17 -58.45
N SER D 444 30.12 -13.85 -58.82
CA SER D 444 31.05 -13.28 -57.85
C SER D 444 30.62 -11.91 -57.34
N LEU D 445 29.74 -11.22 -58.06
CA LEU D 445 29.25 -9.93 -57.58
C LEU D 445 28.47 -10.09 -56.28
N HIS D 446 27.88 -11.27 -56.06
CA HIS D 446 27.22 -11.62 -54.80
C HIS D 446 26.05 -10.67 -54.50
N TRP D 447 25.11 -10.62 -55.43
CA TRP D 447 23.83 -9.95 -55.22
C TRP D 447 22.72 -10.99 -55.32
N LEU D 448 21.64 -10.77 -54.58
CA LEU D 448 20.58 -11.76 -54.48
C LEU D 448 19.21 -11.26 -54.91
N GLU D 449 18.86 -10.01 -54.59
CA GLU D 449 17.53 -9.51 -54.92
C GLU D 449 17.33 -9.42 -56.42
N GLU D 450 18.34 -8.95 -57.16
CA GLU D 450 18.22 -8.83 -58.61
C GLU D 450 18.07 -10.21 -59.25
N ALA D 451 18.79 -11.21 -58.74
CA ALA D 451 18.62 -12.56 -59.24
C ALA D 451 17.21 -13.06 -59.01
N GLU D 452 16.64 -12.76 -57.84
CA GLU D 452 15.25 -13.12 -57.56
C GLU D 452 14.31 -12.46 -58.55
N LYS D 453 14.51 -11.17 -58.81
CA LYS D 453 13.64 -10.46 -59.74
C LYS D 453 13.73 -11.05 -61.15
N PHE D 454 14.95 -11.35 -61.59
CA PHE D 454 15.12 -11.92 -62.92
C PHE D 454 14.50 -13.31 -63.01
N ALA D 455 14.66 -14.14 -61.97
CA ALA D 455 14.05 -15.46 -61.98
C ALA D 455 12.53 -15.37 -62.00
N LYS D 456 11.96 -14.44 -61.23
CA LYS D 456 10.52 -14.26 -61.24
C LYS D 456 10.02 -13.79 -62.61
N THR D 457 10.78 -12.89 -63.25
CA THR D 457 10.42 -12.45 -64.59
C THR D 457 10.46 -13.62 -65.59
N VAL D 458 11.48 -14.48 -65.47
CA VAL D 458 11.58 -15.64 -66.36
C VAL D 458 10.39 -16.58 -66.14
N VAL D 459 10.08 -16.87 -64.88
CA VAL D 459 9.01 -17.82 -64.60
C VAL D 459 7.64 -17.24 -64.91
N ASP D 460 7.52 -15.91 -64.95
CA ASP D 460 6.23 -15.30 -65.30
C ASP D 460 5.86 -15.62 -66.74
N VAL D 461 6.82 -15.58 -67.65
CA VAL D 461 6.57 -15.88 -69.06
C VAL D 461 6.63 -17.38 -69.30
N THR D 465 9.15 -22.22 -73.99
CA THR D 465 8.67 -23.59 -74.03
C THR D 465 8.46 -24.14 -72.63
N SER D 466 9.23 -25.17 -72.29
CA SER D 466 9.14 -25.80 -70.97
C SER D 466 10.51 -25.86 -70.31
N GLU D 467 11.57 -25.87 -71.12
CA GLU D 467 12.92 -25.87 -70.56
C GLU D 467 13.23 -24.57 -69.85
N PHE D 468 12.81 -23.44 -70.43
CA PHE D 468 13.16 -22.14 -69.88
C PHE D 468 12.54 -21.94 -68.50
N LYS D 469 11.28 -22.33 -68.32
CA LYS D 469 10.67 -22.21 -67.00
C LYS D 469 11.30 -23.14 -65.99
N ALA D 470 11.75 -24.32 -66.43
CA ALA D 470 12.49 -25.21 -65.54
C ALA D 470 13.80 -24.58 -65.09
N LYS D 471 14.51 -23.95 -66.02
CA LYS D 471 15.75 -23.27 -65.65
C LYS D 471 15.48 -22.10 -64.71
N GLY D 472 14.38 -21.38 -64.94
CA GLY D 472 14.01 -20.31 -64.03
C GLY D 472 13.71 -20.81 -62.64
N TYR D 473 12.99 -21.94 -62.53
CA TYR D 473 12.74 -22.54 -61.23
C TYR D 473 14.03 -22.97 -60.56
N LEU D 474 14.95 -23.54 -61.32
CA LEU D 474 16.23 -23.95 -60.76
C LEU D 474 17.01 -22.74 -60.23
N ALA D 475 17.02 -21.65 -60.99
CA ALA D 475 17.71 -20.44 -60.54
C ALA D 475 17.05 -19.87 -59.29
N LEU D 476 15.72 -19.86 -59.23
CA LEU D 476 15.03 -19.37 -58.06
C LEU D 476 15.35 -20.21 -56.84
N GLY D 477 15.40 -21.53 -57.01
CA GLY D 477 15.76 -22.40 -55.89
C GLY D 477 17.17 -22.19 -55.42
N LEU D 478 18.12 -22.00 -56.35
CA LEU D 478 19.49 -21.73 -55.95
C LEU D 478 19.59 -20.41 -55.21
N THR D 479 18.87 -19.38 -55.68
CA THR D 479 18.86 -18.11 -54.97
C THR D 479 18.28 -18.24 -53.57
N TYR D 480 17.20 -19.02 -53.43
CA TYR D 480 16.62 -19.24 -52.11
C TYR D 480 17.60 -19.96 -51.20
N SER D 481 18.31 -20.96 -51.72
CA SER D 481 19.29 -21.67 -50.90
C SER D 481 20.41 -20.74 -50.46
N LEU D 482 20.91 -19.90 -51.37
CA LEU D 482 21.97 -18.97 -51.01
C LEU D 482 21.50 -17.96 -49.96
N GLN D 483 20.25 -17.49 -50.08
CA GLN D 483 19.70 -16.60 -49.07
C GLN D 483 19.58 -17.32 -47.73
N ALA D 484 19.17 -18.58 -47.74
CA ALA D 484 19.04 -19.34 -46.50
C ALA D 484 20.39 -19.54 -45.84
N THR D 485 21.45 -19.71 -46.62
CA THR D 485 22.77 -19.94 -46.04
C THR D 485 23.22 -18.74 -45.19
N ASP D 486 22.94 -17.52 -45.65
CA ASP D 486 23.39 -16.31 -44.98
C ASP D 486 22.32 -15.69 -44.09
N ALA D 487 21.47 -16.50 -43.47
CA ALA D 487 20.46 -15.99 -42.58
C ALA D 487 21.07 -15.69 -41.20
N SER D 488 20.23 -15.25 -40.27
CA SER D 488 20.68 -14.87 -38.93
C SER D 488 19.85 -15.48 -37.80
N LEU D 489 18.63 -15.95 -38.08
CA LEU D 489 17.78 -16.49 -37.03
C LEU D 489 17.30 -17.89 -37.40
N ARG D 490 16.32 -18.42 -36.68
CA ARG D 490 15.94 -19.82 -36.81
C ARG D 490 14.87 -20.05 -37.89
N GLY D 491 13.70 -19.42 -37.74
CA GLY D 491 12.54 -19.83 -38.52
C GLY D 491 12.71 -19.63 -40.01
N MET D 492 13.21 -18.46 -40.41
CA MET D 492 13.32 -18.17 -41.84
C MET D 492 14.28 -19.13 -42.54
N GLN D 493 15.23 -19.71 -41.80
CA GLN D 493 16.09 -20.73 -42.39
C GLN D 493 15.27 -21.92 -42.87
N GLU D 494 14.41 -22.46 -41.99
CA GLU D 494 13.57 -23.57 -42.39
C GLU D 494 12.58 -23.16 -43.48
N VAL D 495 12.05 -21.93 -43.40
CA VAL D 495 11.11 -21.47 -44.42
C VAL D 495 11.78 -21.46 -45.79
N LEU D 496 12.99 -20.90 -45.88
CA LEU D 496 13.69 -20.82 -47.15
C LEU D 496 14.14 -22.20 -47.62
N GLN D 497 14.51 -23.08 -46.69
CA GLN D 497 14.86 -24.44 -47.09
C GLN D 497 13.66 -25.16 -47.70
N ARG D 498 12.49 -24.99 -47.09
CA ARG D 498 11.28 -25.60 -47.65
C ARG D 498 10.94 -25.01 -49.02
N LYS D 499 11.08 -23.69 -49.16
CA LYS D 499 10.82 -23.06 -50.46
C LYS D 499 11.77 -23.59 -51.52
N ALA D 500 13.06 -23.70 -51.18
CA ALA D 500 14.04 -24.22 -52.12
C ALA D 500 13.74 -25.67 -52.50
N LEU D 501 13.35 -26.48 -51.51
CA LEU D 501 13.01 -27.87 -51.80
C LEU D 501 11.80 -27.96 -52.73
N LEU D 502 10.78 -27.12 -52.48
CA LEU D 502 9.61 -27.11 -53.35
C LEU D 502 9.98 -26.69 -54.76
N ALA D 503 10.81 -25.66 -54.90
CA ALA D 503 11.23 -25.23 -56.23
C ALA D 503 12.02 -26.33 -56.94
N PHE D 504 12.93 -26.99 -56.22
CA PHE D 504 13.71 -28.06 -56.83
C PHE D 504 12.84 -29.22 -57.28
N GLN D 505 11.87 -29.61 -56.45
CA GLN D 505 11.03 -30.74 -56.84
C GLN D 505 10.10 -30.36 -57.98
N ARG D 506 9.63 -29.10 -58.03
CA ARG D 506 8.85 -28.66 -59.17
C ARG D 506 9.68 -28.70 -60.45
N ALA D 507 10.93 -28.23 -60.38
CA ALA D 507 11.80 -28.25 -61.55
C ALA D 507 12.07 -29.67 -62.00
N HIS D 508 12.29 -30.58 -61.05
CA HIS D 508 12.50 -31.99 -61.41
C HIS D 508 11.27 -32.58 -62.07
N SER D 509 10.08 -32.25 -61.54
CA SER D 509 8.84 -32.76 -62.13
C SER D 509 8.66 -32.25 -63.55
N LEU D 510 8.95 -30.96 -63.78
CA LEU D 510 8.77 -30.38 -65.12
C LEU D 510 9.71 -30.98 -66.14
N SER D 511 10.87 -31.49 -65.72
CA SER D 511 11.83 -32.07 -66.66
C SER D 511 12.63 -33.16 -65.97
N PRO D 512 12.38 -34.43 -66.30
CA PRO D 512 13.09 -35.54 -65.65
C PRO D 512 14.34 -36.02 -66.36
N THR D 513 14.84 -35.29 -67.36
CA THR D 513 15.96 -35.75 -68.17
C THR D 513 17.14 -34.79 -68.09
N ASP D 514 17.47 -34.34 -66.88
CA ASP D 514 18.64 -33.48 -66.66
C ASP D 514 19.28 -33.87 -65.34
N HIS D 515 20.56 -34.22 -65.38
CA HIS D 515 21.24 -34.70 -64.17
C HIS D 515 21.54 -33.57 -63.20
N GLN D 516 21.72 -32.36 -63.70
CA GLN D 516 22.06 -31.25 -62.82
C GLN D 516 20.95 -30.97 -61.81
N ALA D 517 19.70 -31.00 -62.26
CA ALA D 517 18.58 -30.75 -61.36
C ALA D 517 18.51 -31.82 -60.27
N ALA D 518 18.68 -33.09 -60.64
CA ALA D 518 18.65 -34.17 -59.65
C ALA D 518 19.80 -34.04 -58.65
N PHE D 519 21.00 -33.71 -59.16
CA PHE D 519 22.14 -33.55 -58.27
C PHE D 519 21.92 -32.41 -57.28
N TYR D 520 21.41 -31.28 -57.76
CA TYR D 520 21.16 -30.16 -56.86
C TYR D 520 20.04 -30.47 -55.87
N LEU D 521 19.03 -31.23 -56.31
CA LEU D 521 17.97 -31.65 -55.39
C LEU D 521 18.53 -32.54 -54.29
N ALA D 522 19.40 -33.48 -54.65
CA ALA D 522 20.01 -34.34 -53.64
C ALA D 522 20.87 -33.52 -52.68
N LEU D 523 21.63 -32.57 -53.21
CA LEU D 523 22.47 -31.74 -52.34
C LEU D 523 21.63 -30.92 -51.37
N GLN D 524 20.53 -30.34 -51.85
CA GLN D 524 19.66 -29.56 -50.97
C GLN D 524 18.99 -30.46 -49.93
N LEU D 525 18.57 -31.66 -50.34
CA LEU D 525 17.91 -32.57 -49.42
C LEU D 525 18.87 -33.07 -48.34
N ALA D 526 20.14 -33.24 -48.68
CA ALA D 526 21.12 -33.72 -47.70
C ALA D 526 21.31 -32.73 -46.55
N ILE D 527 20.96 -31.46 -46.74
CA ILE D 527 21.08 -30.48 -45.67
C ILE D 527 20.13 -30.81 -44.52
N SER D 528 18.91 -31.24 -44.85
CA SER D 528 17.90 -31.55 -43.85
C SER D 528 18.14 -32.88 -43.15
N ARG D 529 19.30 -33.50 -43.34
CA ARG D 529 19.74 -34.74 -42.71
C ARG D 529 18.91 -35.95 -43.14
N GLN D 530 17.97 -35.80 -44.07
CA GLN D 530 17.19 -36.94 -44.57
C GLN D 530 18.07 -37.73 -45.52
N ILE D 531 18.74 -38.74 -44.97
CA ILE D 531 19.81 -39.44 -45.68
C ILE D 531 19.29 -40.37 -46.76
N PRO D 532 18.36 -41.30 -46.49
CA PRO D 532 17.99 -42.27 -47.53
C PRO D 532 17.42 -41.65 -48.79
N GLU D 533 16.59 -40.62 -48.65
CA GLU D 533 15.98 -39.99 -49.83
C GLU D 533 17.03 -39.28 -50.67
N ALA D 534 17.93 -38.54 -50.02
CA ALA D 534 19.01 -37.88 -50.74
C ALA D 534 19.92 -38.90 -51.41
N LEU D 535 20.17 -40.03 -50.73
CA LEU D 535 20.98 -41.08 -51.34
C LEU D 535 20.32 -41.66 -52.57
N GLY D 536 19.02 -41.89 -52.52
CA GLY D 536 18.31 -42.36 -53.70
C GLY D 536 18.34 -41.36 -54.85
N TYR D 537 18.13 -40.08 -54.54
CA TYR D 537 18.14 -39.06 -55.58
C TYR D 537 19.52 -38.93 -56.21
N VAL D 538 20.58 -38.94 -55.40
CA VAL D 538 21.92 -38.83 -55.97
C VAL D 538 22.29 -40.11 -56.73
N ARG D 539 21.75 -41.26 -56.30
CA ARG D 539 21.95 -42.48 -57.07
C ARG D 539 21.30 -42.37 -58.46
N GLN D 540 20.09 -41.80 -58.51
CA GLN D 540 19.45 -41.58 -59.80
C GLN D 540 20.24 -40.61 -60.66
N ALA D 541 20.77 -39.55 -60.03
CA ALA D 541 21.57 -38.58 -60.78
C ALA D 541 22.83 -39.23 -61.35
N LEU D 542 23.49 -40.07 -60.55
CA LEU D 542 24.63 -40.83 -61.06
C LEU D 542 24.21 -41.77 -62.19
N GLN D 543 23.01 -42.34 -62.08
CA GLN D 543 22.50 -43.19 -63.15
C GLN D 543 22.38 -42.42 -64.45
N LEU D 544 21.87 -41.18 -64.38
CA LEU D 544 21.79 -40.36 -65.57
C LEU D 544 23.18 -40.05 -66.13
N GLN D 545 24.12 -39.71 -65.24
CA GLN D 545 25.50 -39.42 -65.66
C GLN D 545 26.41 -39.63 -64.46
N GLY D 546 27.48 -40.39 -64.66
CA GLY D 546 28.37 -40.74 -63.56
C GLY D 546 29.79 -40.24 -63.70
N ASP D 547 30.03 -39.31 -64.61
CA ASP D 547 31.35 -38.72 -64.81
C ASP D 547 31.52 -37.39 -64.09
N ASP D 548 30.52 -36.93 -63.37
CA ASP D 548 30.60 -35.65 -62.68
C ASP D 548 31.43 -35.80 -61.41
N ALA D 549 32.47 -34.96 -61.30
CA ALA D 549 33.32 -34.99 -60.11
C ALA D 549 32.53 -34.58 -58.87
N ASN D 550 31.65 -33.59 -59.00
CA ASN D 550 30.84 -33.17 -57.87
C ASN D 550 29.92 -34.29 -57.40
N SER D 551 29.38 -35.08 -58.33
CA SER D 551 28.52 -36.18 -57.95
C SER D 551 29.28 -37.22 -57.13
N LEU D 552 30.49 -37.58 -57.57
CA LEU D 552 31.29 -38.55 -56.82
C LEU D 552 31.68 -38.00 -55.46
N HIS D 553 32.04 -36.72 -55.40
CA HIS D 553 32.40 -36.10 -54.13
C HIS D 553 31.22 -36.12 -53.17
N LEU D 554 30.02 -35.79 -53.66
CA LEU D 554 28.83 -35.82 -52.81
C LEU D 554 28.52 -37.25 -52.36
N LEU D 555 28.71 -38.22 -53.24
CA LEU D 555 28.48 -39.62 -52.86
C LEU D 555 29.42 -40.04 -51.73
N ALA D 556 30.71 -39.71 -51.87
CA ALA D 556 31.66 -40.04 -50.81
C ALA D 556 31.33 -39.33 -49.51
N LEU D 557 30.96 -38.04 -49.58
CA LEU D 557 30.61 -37.29 -48.39
C LEU D 557 29.39 -37.89 -47.71
N LEU D 558 28.40 -38.34 -48.50
CA LEU D 558 27.20 -38.94 -47.92
C LEU D 558 27.51 -40.30 -47.30
N LEU D 559 28.34 -41.11 -47.96
CA LEU D 559 28.74 -42.38 -47.37
C LEU D 559 29.54 -42.18 -46.09
N SER D 560 30.23 -41.04 -45.96
CA SER D 560 30.94 -40.74 -44.72
C SER D 560 29.97 -40.64 -43.55
N ALA D 561 28.80 -40.05 -43.76
CA ALA D 561 27.84 -39.89 -42.68
C ALA D 561 27.27 -41.22 -42.21
N GLN D 562 27.34 -42.27 -43.02
CA GLN D 562 26.81 -43.58 -42.66
C GLN D 562 27.86 -44.48 -42.02
N LYS D 563 29.05 -43.94 -41.72
CA LYS D 563 30.12 -44.67 -41.03
C LYS D 563 30.60 -45.86 -41.87
N HIS D 564 30.99 -45.56 -43.10
CA HIS D 564 31.63 -46.54 -44.00
C HIS D 564 32.85 -45.84 -44.59
N TYR D 565 33.97 -45.94 -43.89
CA TYR D 565 35.14 -45.15 -44.25
C TYR D 565 35.91 -45.74 -45.42
N HIS D 566 35.99 -47.07 -45.52
CA HIS D 566 36.74 -47.69 -46.61
C HIS D 566 36.09 -47.42 -47.97
N ASP D 567 34.76 -47.50 -48.04
CA ASP D 567 34.07 -47.23 -49.30
C ASP D 567 34.28 -45.79 -49.74
N ALA D 568 34.15 -44.83 -48.83
CA ALA D 568 34.40 -43.44 -49.16
C ALA D 568 35.85 -43.23 -49.59
N LEU D 569 36.78 -43.93 -48.92
CA LEU D 569 38.19 -43.82 -49.28
C LEU D 569 38.42 -44.31 -50.71
N ASN D 570 37.80 -45.43 -51.07
CA ASN D 570 37.95 -45.94 -52.43
C ASN D 570 37.31 -44.99 -53.45
N ILE D 571 36.16 -44.42 -53.11
CA ILE D 571 35.52 -43.47 -54.02
C ILE D 571 36.40 -42.25 -54.25
N ILE D 572 36.96 -41.71 -53.17
CA ILE D 572 37.85 -40.55 -53.29
C ILE D 572 39.11 -40.93 -54.07
N ASP D 573 39.60 -42.15 -53.88
CA ASP D 573 40.76 -42.61 -54.64
C ASP D 573 40.46 -42.66 -56.13
N MET D 574 39.30 -43.19 -56.51
CA MET D 574 38.95 -43.24 -57.93
C MET D 574 38.76 -41.84 -58.49
N ALA D 575 38.13 -40.95 -57.72
CA ALA D 575 37.97 -39.56 -58.17
C ALA D 575 39.32 -38.88 -58.37
N LEU D 576 40.28 -39.14 -57.46
CA LEU D 576 41.62 -38.61 -57.63
C LEU D 576 42.29 -39.18 -58.87
N SER D 577 42.07 -40.47 -59.13
CA SER D 577 42.61 -41.09 -60.34
C SER D 577 42.06 -40.41 -61.58
N GLU D 578 40.77 -40.07 -61.57
CA GLU D 578 40.18 -39.42 -62.73
C GLU D 578 40.65 -37.98 -62.85
N TYR D 579 40.80 -37.28 -61.72
CA TYR D 579 41.22 -35.87 -61.70
C TYR D 579 42.42 -35.72 -60.77
N PRO D 580 43.62 -36.03 -61.24
CA PRO D 580 44.81 -35.98 -60.38
C PRO D 580 45.35 -34.59 -60.10
N GLU D 581 44.62 -33.51 -60.41
CA GLU D 581 45.10 -32.17 -60.13
C GLU D 581 44.08 -31.29 -59.43
N ASN D 582 43.06 -31.88 -58.80
CA ASN D 582 42.08 -31.09 -58.05
C ASN D 582 42.64 -30.74 -56.68
N PHE D 583 41.87 -29.98 -55.91
CA PHE D 583 42.28 -29.58 -54.56
C PHE D 583 41.32 -30.03 -53.48
N ILE D 584 40.01 -29.83 -53.67
CA ILE D 584 39.05 -30.16 -52.63
C ILE D 584 39.06 -31.65 -52.33
N LEU D 585 39.12 -32.48 -53.37
CA LEU D 585 39.18 -33.91 -53.18
C LEU D 585 40.41 -34.31 -52.38
N LEU D 586 41.53 -33.61 -52.58
CA LEU D 586 42.72 -33.89 -51.80
C LEU D 586 42.51 -33.59 -50.32
N PHE D 587 41.84 -32.46 -50.02
CA PHE D 587 41.54 -32.14 -48.63
C PHE D 587 40.65 -33.20 -47.99
N SER D 588 39.62 -33.64 -48.73
CA SER D 588 38.75 -34.68 -48.21
C SER D 588 39.52 -35.97 -47.97
N LYS D 589 40.42 -36.32 -48.89
CA LYS D 589 41.24 -37.52 -48.71
C LYS D 589 42.14 -37.39 -47.49
N VAL D 590 42.72 -36.21 -47.27
CA VAL D 590 43.59 -36.01 -46.10
C VAL D 590 42.78 -36.18 -44.82
N LYS D 591 41.60 -35.57 -44.76
CA LYS D 591 40.78 -35.70 -43.56
C LYS D 591 40.36 -37.14 -43.31
N LEU D 592 39.94 -37.84 -44.36
CA LEU D 592 39.51 -39.23 -44.19
C LEU D 592 40.68 -40.13 -43.77
N GLN D 593 41.86 -39.91 -44.35
CA GLN D 593 43.03 -40.69 -43.94
C GLN D 593 43.40 -40.40 -42.49
N SER D 594 43.33 -39.15 -42.07
CA SER D 594 43.61 -38.82 -40.68
C SER D 594 42.61 -39.48 -39.74
N LEU D 595 41.36 -39.60 -40.18
CA LEU D 595 40.34 -40.21 -39.34
C LEU D 595 40.35 -41.74 -39.37
N CYS D 596 40.93 -42.34 -40.41
CA CYS D 596 40.83 -43.79 -40.60
C CYS D 596 42.16 -44.50 -40.49
N ARG D 597 43.17 -44.12 -41.28
CA ARG D 597 44.39 -44.91 -41.39
C ARG D 597 45.44 -44.51 -40.36
N GLY D 598 45.91 -43.26 -40.42
CA GLY D 598 46.95 -42.81 -39.53
C GLY D 598 47.56 -41.49 -39.96
N PRO D 599 48.54 -41.01 -39.19
CA PRO D 599 49.14 -39.71 -39.48
C PRO D 599 50.17 -39.74 -40.60
N ASP D 600 50.85 -40.88 -40.78
CA ASP D 600 51.90 -40.96 -41.78
C ASP D 600 51.33 -40.79 -43.19
N GLU D 601 50.19 -41.40 -43.47
CA GLU D 601 49.56 -41.24 -44.78
C GLU D 601 49.16 -39.79 -45.01
N ALA D 602 48.64 -39.13 -43.97
CA ALA D 602 48.29 -37.72 -44.09
C ALA D 602 49.51 -36.86 -44.37
N LEU D 603 50.63 -37.15 -43.70
CA LEU D 603 51.86 -36.41 -43.96
C LEU D 603 52.34 -36.61 -45.40
N LEU D 604 52.29 -37.85 -45.89
CA LEU D 604 52.69 -38.12 -47.26
C LEU D 604 51.80 -37.39 -48.26
N THR D 605 50.48 -37.41 -48.01
CA THR D 605 49.56 -36.71 -48.90
C THR D 605 49.81 -35.21 -48.87
N CYS D 606 50.09 -34.65 -47.69
CA CYS D 606 50.35 -33.22 -47.60
C CYS D 606 51.62 -32.84 -48.35
N LYS D 607 52.68 -33.65 -48.23
CA LYS D 607 53.91 -33.32 -48.93
C LYS D 607 53.73 -33.48 -50.44
N HIS D 608 52.93 -34.46 -50.87
CA HIS D 608 52.64 -34.59 -52.29
C HIS D 608 51.84 -33.39 -52.79
N MET D 609 50.90 -32.91 -51.98
CA MET D 609 50.12 -31.72 -52.35
C MET D 609 51.03 -30.49 -52.46
N LEU D 610 51.98 -30.35 -51.53
CA LEU D 610 52.93 -29.23 -51.62
C LEU D 610 53.76 -29.34 -52.88
N GLN D 611 54.22 -30.54 -53.22
CA GLN D 611 54.98 -30.73 -54.45
C GLN D 611 54.16 -30.37 -55.68
N ILE D 612 52.89 -30.80 -55.70
CA ILE D 612 52.02 -30.49 -56.84
C ILE D 612 51.82 -28.99 -56.97
N TRP D 613 51.58 -28.31 -55.84
CA TRP D 613 51.39 -26.86 -55.88
C TRP D 613 52.65 -26.15 -56.36
N LYS D 614 53.82 -26.61 -55.91
CA LYS D 614 55.07 -26.01 -56.36
C LYS D 614 55.27 -26.22 -57.86
N SER D 615 54.94 -27.41 -58.36
CA SER D 615 55.09 -27.68 -59.78
C SER D 615 54.12 -26.85 -60.62
N CYS D 616 52.90 -26.66 -60.13
CA CYS D 616 51.87 -25.97 -60.91
C CYS D 616 52.15 -24.48 -61.05
N TYR D 617 52.89 -23.88 -60.12
CA TYR D 617 53.16 -22.45 -60.13
C TYR D 617 54.66 -22.22 -60.18
N ASN D 618 55.05 -20.95 -60.07
CA ASN D 618 56.46 -20.58 -60.11
C ASN D 618 56.88 -19.89 -58.81
N GLY D 687 49.66 -12.57 -58.16
CA GLY D 687 48.46 -11.87 -58.55
C GLY D 687 47.24 -12.28 -57.74
N PRO D 688 46.57 -13.35 -58.17
CA PRO D 688 45.38 -13.82 -57.43
C PRO D 688 45.77 -14.33 -56.04
N LEU D 689 44.83 -14.17 -55.11
CA LEU D 689 45.05 -14.57 -53.72
C LEU D 689 44.80 -16.06 -53.49
N HIS D 690 44.28 -16.77 -54.49
CA HIS D 690 43.96 -18.19 -54.31
C HIS D 690 45.18 -19.03 -53.96
N PRO D 691 46.33 -18.92 -54.64
CA PRO D 691 47.49 -19.74 -54.23
C PRO D 691 47.91 -19.50 -52.79
N TRP D 692 47.85 -18.24 -52.33
CA TRP D 692 48.22 -17.94 -50.95
C TRP D 692 47.28 -18.62 -49.96
N MET D 693 45.97 -18.57 -50.24
CA MET D 693 45.02 -19.21 -49.34
C MET D 693 45.17 -20.72 -49.35
N THR D 694 45.46 -21.30 -50.52
CA THR D 694 45.70 -22.74 -50.59
C THR D 694 46.92 -23.12 -49.77
N LEU D 695 48.00 -22.35 -49.88
CA LEU D 695 49.19 -22.63 -49.09
C LEU D 695 48.91 -22.50 -47.59
N ALA D 696 48.15 -21.48 -47.21
CA ALA D 696 47.79 -21.31 -45.80
C ALA D 696 46.98 -22.49 -45.29
N GLN D 697 46.02 -22.97 -46.10
CA GLN D 697 45.23 -24.13 -45.70
C GLN D 697 46.09 -25.37 -45.59
N ILE D 698 47.05 -25.54 -46.50
CA ILE D 698 47.97 -26.68 -46.41
C ILE D 698 48.73 -26.64 -45.10
N TRP D 699 49.28 -25.48 -44.75
CA TRP D 699 50.04 -25.37 -43.51
C TRP D 699 49.17 -25.58 -42.29
N LEU D 700 47.94 -25.07 -42.32
CA LEU D 700 47.03 -25.28 -41.18
C LEU D 700 46.68 -26.75 -41.02
N HIS D 701 46.44 -27.46 -42.13
CA HIS D 701 46.15 -28.89 -42.04
C HIS D 701 47.35 -29.67 -41.52
N ALA D 702 48.56 -29.28 -41.94
CA ALA D 702 49.76 -29.91 -41.38
C ALA D 702 49.87 -29.65 -39.89
N ALA D 703 49.58 -28.42 -39.45
CA ALA D 703 49.61 -28.11 -38.02
C ALA D 703 48.59 -28.95 -37.26
N GLU D 704 47.41 -29.14 -37.84
CA GLU D 704 46.38 -29.94 -37.18
C GLU D 704 46.76 -31.42 -37.10
N VAL D 705 47.35 -31.96 -38.17
CA VAL D 705 47.74 -33.36 -38.12
C VAL D 705 48.93 -33.55 -37.18
N TYR D 706 49.73 -32.51 -36.96
CA TYR D 706 50.81 -32.60 -35.98
C TYR D 706 50.27 -32.49 -34.55
N ILE D 707 49.28 -31.63 -34.34
CA ILE D 707 48.75 -31.43 -32.98
C ILE D 707 47.96 -32.63 -32.49
N GLY D 708 47.57 -33.53 -33.40
CA GLY D 708 46.84 -34.71 -33.01
C GLY D 708 47.67 -35.84 -32.46
N ILE D 709 49.00 -35.69 -32.41
CA ILE D 709 49.88 -36.73 -31.93
C ILE D 709 50.59 -36.35 -30.64
N GLY D 710 50.64 -35.07 -30.28
CA GLY D 710 51.27 -34.65 -29.05
C GLY D 710 52.69 -34.14 -29.21
N LYS D 711 52.91 -33.31 -30.23
CA LYS D 711 54.22 -32.70 -30.49
C LYS D 711 53.99 -31.21 -30.68
N PRO D 712 53.78 -30.45 -29.59
CA PRO D 712 53.43 -29.04 -29.73
C PRO D 712 54.50 -28.20 -30.40
N ALA D 713 55.77 -28.58 -30.31
CA ALA D 713 56.83 -27.76 -30.88
C ALA D 713 56.72 -27.68 -32.39
N GLU D 714 56.51 -28.82 -33.06
CA GLU D 714 56.40 -28.83 -34.51
C GLU D 714 55.16 -28.07 -34.97
N ALA D 715 54.04 -28.25 -34.28
CA ALA D 715 52.82 -27.52 -34.63
C ALA D 715 53.01 -26.02 -34.47
N THR D 716 53.67 -25.61 -33.38
CA THR D 716 53.94 -24.19 -33.17
C THR D 716 54.83 -23.63 -34.27
N ALA D 717 55.86 -24.38 -34.65
CA ALA D 717 56.74 -23.92 -35.73
C ALA D 717 55.97 -23.80 -37.04
N CYS D 718 55.13 -24.78 -37.36
CA CYS D 718 54.37 -24.74 -38.61
C CYS D 718 53.40 -23.57 -38.62
N THR D 719 52.69 -23.35 -37.52
CA THR D 719 51.72 -22.25 -37.51
C THR D 719 52.42 -20.88 -37.50
N GLN D 720 53.59 -20.78 -36.86
CA GLN D 720 54.35 -19.54 -36.92
C GLN D 720 54.83 -19.26 -38.34
N GLU D 721 55.28 -20.30 -39.05
CA GLU D 721 55.66 -20.13 -40.44
C GLU D 721 54.47 -19.72 -41.30
N ALA D 722 53.31 -20.32 -41.05
CA ALA D 722 52.11 -19.99 -41.82
C ALA D 722 51.65 -18.56 -41.56
N ALA D 723 51.78 -18.09 -40.31
CA ALA D 723 51.30 -16.76 -39.95
C ALA D 723 52.09 -15.64 -40.61
N ASN D 724 53.24 -15.94 -41.22
CA ASN D 724 54.02 -14.90 -41.88
C ASN D 724 53.25 -14.27 -43.03
N LEU D 725 52.40 -15.04 -43.72
CA LEU D 725 51.62 -14.51 -44.82
C LEU D 725 50.46 -13.66 -44.32
N PHE D 726 49.57 -14.25 -43.52
CA PHE D 726 48.41 -13.54 -42.96
C PHE D 726 48.51 -13.54 -41.45
N PRO D 727 48.98 -12.45 -40.84
CA PRO D 727 49.13 -12.42 -39.38
C PRO D 727 47.87 -12.08 -38.62
N MET D 728 46.78 -11.73 -39.30
CA MET D 728 45.55 -11.31 -38.63
C MET D 728 44.36 -12.18 -39.03
N SER D 729 44.62 -13.40 -39.50
CA SER D 729 43.53 -14.33 -39.77
C SER D 729 42.99 -14.90 -38.46
N HIS D 730 41.72 -15.32 -38.50
CA HIS D 730 41.14 -15.95 -37.32
C HIS D 730 41.62 -17.38 -37.14
N ASN D 731 41.94 -18.07 -38.25
CA ASN D 731 42.38 -19.45 -38.16
C ASN D 731 43.70 -19.58 -37.41
N VAL D 732 44.65 -18.67 -37.68
CA VAL D 732 45.94 -18.75 -37.00
C VAL D 732 45.78 -18.45 -35.52
N LEU D 733 44.91 -17.49 -35.17
CA LEU D 733 44.64 -17.21 -33.76
C LEU D 733 44.03 -18.43 -33.08
N TYR D 734 43.09 -19.09 -33.76
CA TYR D 734 42.47 -20.29 -33.18
C TYR D 734 43.49 -21.40 -33.00
N MET D 735 44.38 -21.59 -33.98
CA MET D 735 45.40 -22.63 -33.85
C MET D 735 46.38 -22.32 -32.73
N ARG D 736 46.77 -21.06 -32.59
CA ARG D 736 47.65 -20.67 -31.48
C ARG D 736 46.95 -20.90 -30.13
N GLY D 737 45.67 -20.57 -30.05
CA GLY D 737 44.94 -20.86 -28.83
C GLY D 737 44.89 -22.35 -28.53
N GLN D 738 44.70 -23.16 -29.58
CA GLN D 738 44.65 -24.61 -29.40
C GLN D 738 45.99 -25.16 -28.91
N ILE D 739 47.09 -24.70 -29.50
CA ILE D 739 48.40 -25.19 -29.07
C ILE D 739 48.72 -24.72 -27.66
N ALA D 740 48.30 -23.50 -27.30
CA ALA D 740 48.48 -23.04 -25.93
C ALA D 740 47.65 -23.88 -24.96
N GLU D 741 46.43 -24.25 -25.36
CA GLU D 741 45.62 -25.13 -24.54
C GLU D 741 46.30 -26.48 -24.34
N LEU D 742 46.86 -27.05 -25.42
CA LEU D 742 47.55 -28.32 -25.31
C LEU D 742 48.82 -28.20 -24.48
N ARG D 743 49.44 -27.03 -24.45
CA ARG D 743 50.68 -26.86 -23.70
C ARG D 743 50.46 -27.09 -22.21
N GLY D 744 49.39 -26.55 -21.65
CA GLY D 744 49.09 -26.74 -20.25
C GLY D 744 48.85 -25.45 -19.49
N SER D 745 49.18 -24.32 -20.10
CA SER D 745 48.98 -23.01 -19.51
C SER D 745 47.61 -22.49 -19.95
N MET D 746 46.71 -22.30 -18.99
CA MET D 746 45.30 -22.01 -19.26
C MET D 746 44.97 -20.54 -19.03
N ASP D 747 45.89 -19.64 -19.35
CA ASP D 747 45.62 -18.20 -19.29
C ASP D 747 45.71 -17.54 -20.64
N GLU D 748 46.76 -17.83 -21.42
CA GLU D 748 46.90 -17.23 -22.74
C GLU D 748 45.90 -17.82 -23.73
N ALA D 749 45.45 -19.05 -23.51
CA ALA D 749 44.47 -19.66 -24.41
C ALA D 749 43.18 -18.87 -24.44
N ARG D 750 42.72 -18.40 -23.28
CA ARG D 750 41.53 -17.57 -23.23
C ARG D 750 41.74 -16.27 -24.01
N ARG D 751 42.91 -15.66 -23.88
CA ARG D 751 43.19 -14.43 -24.63
C ARG D 751 43.18 -14.68 -26.12
N TRP D 752 43.79 -15.79 -26.56
CA TRP D 752 43.80 -16.11 -28.00
C TRP D 752 42.39 -16.35 -28.50
N TYR D 753 41.57 -17.06 -27.72
CA TYR D 753 40.19 -17.31 -28.14
C TYR D 753 39.39 -16.01 -28.21
N GLU D 754 39.58 -15.11 -27.25
CA GLU D 754 38.90 -13.82 -27.30
C GLU D 754 39.33 -13.02 -28.53
N GLU D 755 40.64 -13.02 -28.83
CA GLU D 755 41.11 -12.29 -30.00
C GLU D 755 40.53 -12.87 -31.28
N ALA D 756 40.48 -14.20 -31.38
CA ALA D 756 39.92 -14.84 -32.58
C ALA D 756 38.44 -14.52 -32.71
N LEU D 757 37.70 -14.54 -31.59
CA LEU D 757 36.27 -14.24 -31.65
C LEU D 757 36.02 -12.78 -31.99
N ALA D 758 36.93 -11.88 -31.60
CA ALA D 758 36.76 -10.47 -31.90
C ALA D 758 36.83 -10.16 -33.38
N ILE D 759 37.39 -11.06 -34.18
CA ILE D 759 37.50 -10.85 -35.63
C ILE D 759 36.30 -11.43 -36.36
N SER D 760 35.97 -12.70 -36.08
CA SER D 760 34.86 -13.40 -36.72
C SER D 760 33.85 -13.80 -35.65
N PRO D 761 32.83 -12.98 -35.40
CA PRO D 761 31.83 -13.34 -34.38
C PRO D 761 31.04 -14.60 -34.72
N THR D 762 31.01 -15.00 -35.99
CA THR D 762 30.22 -16.16 -36.42
C THR D 762 30.96 -17.48 -36.26
N HIS D 763 32.21 -17.46 -35.79
CA HIS D 763 32.94 -18.70 -35.60
C HIS D 763 32.32 -19.53 -34.48
N VAL D 764 32.36 -20.85 -34.64
CA VAL D 764 31.66 -21.78 -33.77
C VAL D 764 32.63 -22.53 -32.86
N LYS D 765 33.73 -23.04 -33.42
CA LYS D 765 34.65 -23.83 -32.62
C LYS D 765 35.30 -23.00 -31.52
N SER D 766 35.68 -21.76 -31.84
CA SER D 766 36.37 -20.92 -30.87
C SER D 766 35.51 -20.64 -29.65
N MET D 767 34.23 -20.30 -29.87
CA MET D 767 33.35 -20.00 -28.74
C MET D 767 33.08 -21.25 -27.91
N GLN D 768 32.95 -22.41 -28.55
CA GLN D 768 32.77 -23.64 -27.81
C GLN D 768 33.98 -23.96 -26.94
N ARG D 769 35.18 -23.79 -27.49
CA ARG D 769 36.39 -24.02 -26.71
C ARG D 769 36.49 -23.04 -25.56
N LEU D 770 36.14 -21.77 -25.80
CA LEU D 770 36.17 -20.77 -24.74
C LEU D 770 35.19 -21.12 -23.62
N ALA D 771 33.99 -21.57 -23.99
CA ALA D 771 33.01 -21.97 -22.98
C ALA D 771 33.50 -23.18 -22.20
N LEU D 772 34.12 -24.15 -22.88
CA LEU D 772 34.65 -25.32 -22.19
C LEU D 772 35.74 -24.94 -21.20
N ILE D 773 36.62 -24.01 -21.60
CA ILE D 773 37.67 -23.55 -20.69
C ILE D 773 37.06 -22.81 -19.50
N LEU D 774 36.07 -21.95 -19.76
CA LEU D 774 35.47 -21.18 -18.68
C LEU D 774 34.67 -22.05 -17.72
N HIS D 775 34.15 -23.19 -18.20
CA HIS D 775 33.34 -24.05 -17.35
C HIS D 775 34.14 -24.57 -16.15
N GLN D 776 35.32 -25.13 -16.41
CA GLN D 776 36.11 -25.69 -15.33
C GLN D 776 36.68 -24.62 -14.41
N LEU D 777 36.71 -23.36 -14.86
CA LEU D 777 37.17 -22.28 -14.00
C LEU D 777 36.25 -22.08 -12.79
N GLY D 778 34.94 -22.18 -13.01
CA GLY D 778 33.99 -22.05 -11.92
C GLY D 778 32.79 -21.19 -12.27
N ARG D 779 32.98 -20.20 -13.13
CA ARG D 779 31.89 -19.31 -13.50
C ARG D 779 30.87 -20.05 -14.37
N TYR D 780 29.60 -19.93 -14.01
CA TYR D 780 28.51 -20.58 -14.73
C TYR D 780 27.50 -19.57 -15.26
N SER D 781 27.89 -18.31 -15.42
CA SER D 781 26.99 -17.27 -15.87
C SER D 781 27.22 -16.88 -17.33
N LEU D 782 28.49 -16.72 -17.74
CA LEU D 782 28.78 -16.39 -19.12
C LEU D 782 28.66 -17.60 -20.05
N ALA D 783 28.97 -18.80 -19.54
CA ALA D 783 28.97 -19.99 -20.37
C ALA D 783 27.58 -20.28 -20.93
N GLU D 784 26.54 -20.15 -20.10
CA GLU D 784 25.19 -20.41 -20.58
C GLU D 784 24.78 -19.40 -21.66
N LYS D 785 25.14 -18.14 -21.49
CA LYS D 785 24.84 -17.13 -22.50
C LYS D 785 25.57 -17.43 -23.81
N ILE D 786 26.84 -17.82 -23.72
CA ILE D 786 27.60 -18.14 -24.92
C ILE D 786 26.98 -19.34 -25.64
N LEU D 787 26.60 -20.38 -24.88
CA LEU D 787 26.00 -21.55 -25.50
C LEU D 787 24.65 -21.23 -26.12
N ARG D 788 23.86 -20.37 -25.46
CA ARG D 788 22.58 -19.97 -26.04
C ARG D 788 22.79 -19.19 -27.34
N ASP D 789 23.78 -18.29 -27.36
CA ASP D 789 24.07 -17.58 -28.60
C ASP D 789 24.52 -18.54 -29.70
N ALA D 790 25.35 -19.53 -29.35
CA ALA D 790 25.81 -20.50 -30.33
C ALA D 790 24.65 -21.32 -30.88
N VAL D 791 23.74 -21.76 -30.01
CA VAL D 791 22.61 -22.56 -30.48
C VAL D 791 21.64 -21.69 -31.29
N GLN D 792 21.57 -20.39 -30.99
CA GLN D 792 20.75 -19.50 -31.80
C GLN D 792 21.36 -19.33 -33.20
N VAL D 793 22.67 -19.18 -33.29
CA VAL D 793 23.32 -19.00 -34.59
C VAL D 793 23.21 -20.27 -35.42
N ASN D 794 23.54 -21.42 -34.82
CA ASN D 794 23.49 -22.70 -35.51
C ASN D 794 22.88 -23.74 -34.60
N SER D 795 22.15 -24.67 -35.20
CA SER D 795 21.48 -25.75 -34.46
C SER D 795 21.70 -27.08 -35.16
N THR D 796 22.93 -27.31 -35.65
CA THR D 796 23.27 -28.55 -36.30
C THR D 796 24.56 -29.16 -35.76
N ALA D 797 25.06 -28.69 -34.62
CA ALA D 797 26.28 -29.19 -34.01
C ALA D 797 25.94 -29.91 -32.72
N HIS D 798 26.41 -31.15 -32.60
CA HIS D 798 26.15 -31.94 -31.39
C HIS D 798 27.01 -31.51 -30.22
N GLU D 799 28.20 -30.96 -30.49
CA GLU D 799 29.11 -30.58 -29.41
C GLU D 799 28.50 -29.50 -28.52
N VAL D 800 27.85 -28.51 -29.13
CA VAL D 800 27.28 -27.42 -28.32
C VAL D 800 26.12 -27.95 -27.48
N TRP D 801 25.31 -28.86 -28.03
CA TRP D 801 24.24 -29.45 -27.23
C TRP D 801 24.79 -30.25 -26.07
N ASN D 802 25.85 -31.05 -26.32
CA ASN D 802 26.46 -31.82 -25.24
C ASN D 802 27.02 -30.91 -24.16
N GLY D 803 27.70 -29.84 -24.56
CA GLY D 803 28.24 -28.90 -23.58
C GLY D 803 27.16 -28.21 -22.78
N LEU D 804 26.06 -27.82 -23.45
CA LEU D 804 24.96 -27.18 -22.74
C LEU D 804 24.33 -28.14 -21.74
N GLY D 805 24.13 -29.39 -22.13
CA GLY D 805 23.59 -30.37 -21.19
C GLY D 805 24.52 -30.60 -20.01
N GLU D 806 25.82 -30.71 -20.27
CA GLU D 806 26.77 -30.94 -19.19
C GLU D 806 26.81 -29.77 -18.21
N VAL D 807 26.81 -28.54 -18.74
CA VAL D 807 26.87 -27.37 -17.85
C VAL D 807 25.55 -27.18 -17.12
N LEU D 808 24.42 -27.55 -17.74
CA LEU D 808 23.14 -27.43 -17.08
C LEU D 808 22.91 -28.53 -16.05
N GLN D 809 23.63 -29.65 -16.16
CA GLN D 809 23.52 -30.70 -15.15
C GLN D 809 23.89 -30.19 -13.76
N ALA D 810 24.83 -29.24 -13.68
CA ALA D 810 25.23 -28.67 -12.40
C ALA D 810 24.31 -27.55 -11.94
N GLN D 811 23.29 -27.19 -12.72
CA GLN D 811 22.38 -26.13 -12.35
C GLN D 811 21.15 -26.66 -11.62
N GLY D 812 20.66 -27.84 -11.98
CA GLY D 812 19.53 -28.43 -11.29
C GLY D 812 18.49 -29.03 -12.22
N ASN D 813 18.33 -28.46 -13.41
CA ASN D 813 17.33 -28.93 -14.37
C ASN D 813 17.85 -30.21 -15.01
N ASP D 814 17.62 -31.33 -14.31
CA ASP D 814 18.10 -32.63 -14.80
C ASP D 814 17.35 -33.06 -16.05
N ALA D 815 16.06 -32.79 -16.13
CA ALA D 815 15.28 -33.18 -17.31
C ALA D 815 15.76 -32.45 -18.55
N ALA D 816 16.06 -31.16 -18.42
CA ALA D 816 16.58 -30.40 -19.56
C ALA D 816 17.94 -30.94 -20.00
N ALA D 817 18.80 -31.28 -19.04
CA ALA D 817 20.09 -31.87 -19.39
C ALA D 817 19.90 -33.20 -20.11
N THR D 818 18.96 -34.02 -19.64
CA THR D 818 18.70 -35.31 -20.27
C THR D 818 18.21 -35.14 -21.70
N GLU D 819 17.27 -34.21 -21.92
CA GLU D 819 16.77 -34.00 -23.26
C GLU D 819 17.82 -33.40 -24.18
N CYS D 820 18.69 -32.53 -23.65
CA CYS D 820 19.80 -32.02 -24.45
C CYS D 820 20.77 -33.14 -24.83
N PHE D 821 21.05 -34.05 -23.90
CA PHE D 821 21.90 -35.19 -24.20
C PHE D 821 21.28 -36.07 -25.28
N LEU D 822 19.96 -36.31 -25.18
CA LEU D 822 19.27 -37.10 -26.18
C LEU D 822 19.33 -36.43 -27.55
N THR D 823 19.11 -35.11 -27.59
CA THR D 823 19.19 -34.38 -28.85
C THR D 823 20.59 -34.46 -29.45
N ALA D 824 21.63 -34.29 -28.61
CA ALA D 824 22.99 -34.37 -29.11
C ALA D 824 23.30 -35.77 -29.66
N LEU D 825 22.85 -36.82 -28.95
CA LEU D 825 23.11 -38.17 -29.40
C LEU D 825 22.39 -38.47 -30.71
N GLU D 826 21.13 -38.03 -30.84
CA GLU D 826 20.40 -38.30 -32.08
C GLU D 826 20.94 -37.45 -33.23
N LEU D 827 21.51 -36.29 -32.94
CA LEU D 827 22.10 -35.46 -33.99
C LEU D 827 23.45 -36.01 -34.45
N GLU D 828 24.21 -36.60 -33.54
CA GLU D 828 25.53 -37.13 -33.89
C GLU D 828 25.44 -38.28 -34.90
N ALA D 829 24.31 -38.98 -34.94
CA ALA D 829 24.18 -40.14 -35.83
C ALA D 829 24.23 -39.76 -37.30
N SER D 830 24.04 -38.48 -37.63
CA SER D 830 24.03 -38.01 -39.01
C SER D 830 25.02 -36.85 -39.19
N SER D 831 26.23 -37.03 -38.67
CA SER D 831 27.26 -36.01 -38.76
C SER D 831 28.31 -36.42 -39.77
N PRO D 832 28.47 -35.69 -40.88
CA PRO D 832 29.47 -36.05 -41.88
C PRO D 832 30.86 -35.62 -41.45
N ALA D 833 31.85 -36.09 -42.22
CA ALA D 833 33.23 -35.72 -41.95
C ALA D 833 33.47 -34.23 -42.17
N VAL D 834 32.91 -33.68 -43.25
CA VAL D 834 33.04 -32.26 -43.56
C VAL D 834 31.66 -31.71 -43.87
N PRO D 835 31.41 -30.41 -43.68
CA PRO D 835 30.09 -29.86 -44.00
C PRO D 835 29.78 -29.99 -45.48
N PHE D 836 28.49 -30.19 -45.78
CA PHE D 836 28.06 -30.33 -47.16
C PHE D 836 28.21 -29.04 -47.97
N THR D 837 28.32 -27.90 -47.31
CA THR D 837 28.37 -26.61 -48.01
C THR D 837 29.68 -26.41 -48.76
N ILE D 838 30.67 -27.27 -48.56
CA ILE D 838 31.95 -27.09 -49.25
C ILE D 838 31.78 -27.26 -50.76
N ILE D 839 30.81 -28.05 -51.19
CA ILE D 839 30.57 -28.21 -52.63
C ILE D 839 29.98 -26.94 -53.19
N PRO D 840 30.58 -26.34 -54.23
CA PRO D 840 30.07 -25.08 -54.76
C PRO D 840 28.70 -25.24 -55.40
N ARG D 841 27.91 -24.18 -55.32
CA ARG D 841 26.58 -24.12 -55.95
C ARG D 841 26.60 -22.96 -56.94
N VAL D 842 26.96 -23.25 -58.17
CA VAL D 842 27.06 -22.25 -59.23
C VAL D 842 26.30 -22.76 -60.45
N LEU D 843 25.51 -21.89 -61.05
CA LEU D 843 24.74 -22.24 -62.25
C LEU D 843 25.69 -22.52 -63.41
N GLY E 7 -77.48 -5.94 93.83
CA GLY E 7 -77.98 -4.74 93.19
C GLY E 7 -78.02 -3.54 94.11
N VAL E 8 -77.00 -3.41 94.96
CA VAL E 8 -76.93 -2.30 95.91
C VAL E 8 -76.83 -0.97 95.17
N VAL E 9 -76.22 -0.98 93.98
CA VAL E 9 -76.13 0.24 93.17
C VAL E 9 -77.51 0.73 92.77
N GLU E 10 -78.45 -0.19 92.52
CA GLU E 10 -79.81 0.22 92.20
C GLU E 10 -80.45 0.96 93.36
N GLU E 11 -80.28 0.44 94.58
CA GLU E 11 -80.82 1.13 95.75
C GLU E 11 -80.13 2.48 95.97
N TRP E 12 -78.82 2.54 95.71
CA TRP E 12 -78.11 3.81 95.84
C TRP E 12 -78.64 4.84 94.85
N LEU E 13 -78.89 4.42 93.60
CA LEU E 13 -79.46 5.34 92.62
C LEU E 13 -80.88 5.75 93.01
N SER E 14 -81.67 4.82 93.54
CA SER E 14 -83.03 5.14 93.94
C SER E 14 -83.06 6.15 95.07
N GLU E 15 -82.19 5.97 96.08
CA GLU E 15 -82.14 6.90 97.20
C GLU E 15 -81.45 8.20 96.84
N PHE E 16 -80.64 8.22 95.78
CA PHE E 16 -79.99 9.46 95.37
C PHE E 16 -80.99 10.41 94.73
N LYS E 17 -81.69 9.95 93.69
CA LYS E 17 -82.73 10.75 93.05
C LYS E 17 -84.08 10.04 93.12
N LEU E 24 -76.61 17.55 102.41
CA LEU E 24 -76.43 17.32 100.98
C LEU E 24 -74.96 17.06 100.58
N PRO E 25 -74.01 17.91 101.02
CA PRO E 25 -72.60 17.64 100.68
C PRO E 25 -72.01 16.42 101.38
N ASN E 26 -72.71 15.85 102.37
CA ASN E 26 -72.22 14.70 103.12
C ASN E 26 -72.70 13.38 102.54
N TYR E 27 -72.95 13.31 101.23
CA TYR E 27 -73.39 12.07 100.62
C TYR E 27 -72.33 10.99 100.75
N ALA E 28 -71.07 11.33 100.49
CA ALA E 28 -69.99 10.35 100.56
C ALA E 28 -69.54 10.11 101.99
N THR E 29 -69.01 11.15 102.63
CA THR E 29 -68.55 11.04 104.01
C THR E 29 -68.77 12.35 104.76
N LYS E 34 -69.05 4.84 101.76
CA LYS E 34 -69.50 3.46 101.84
C LYS E 34 -68.32 2.49 101.79
N SER E 35 -68.38 1.44 102.61
CA SER E 35 -67.26 0.51 102.71
C SER E 35 -67.11 -0.32 101.44
N SER E 36 -68.21 -0.81 100.88
CA SER E 36 -68.16 -1.75 99.77
C SER E 36 -68.73 -1.16 98.47
N LEU E 37 -68.88 0.15 98.40
CA LEU E 37 -69.35 0.77 97.16
C LEU E 37 -68.34 0.59 96.03
N VAL E 38 -67.05 0.77 96.34
CA VAL E 38 -66.02 0.62 95.32
C VAL E 38 -65.95 -0.82 94.83
N SER E 39 -66.13 -1.79 95.73
CA SER E 39 -66.14 -3.19 95.32
C SER E 39 -67.30 -3.47 94.38
N SER E 40 -68.49 -2.94 94.69
CA SER E 40 -69.65 -3.12 93.82
C SER E 40 -69.43 -2.47 92.46
N LEU E 41 -68.84 -1.27 92.45
CA LEU E 41 -68.57 -0.60 91.19
C LEU E 41 -67.58 -1.39 90.34
N TYR E 42 -66.53 -1.93 90.96
CA TYR E 42 -65.57 -2.76 90.23
C TYR E 42 -66.24 -4.04 89.72
N LYS E 43 -67.12 -4.62 90.53
CA LYS E 43 -67.84 -5.83 90.10
C LYS E 43 -68.72 -5.57 88.89
N VAL E 44 -69.41 -4.43 88.88
CA VAL E 44 -70.32 -4.13 87.78
C VAL E 44 -69.59 -3.55 86.57
N ILE E 45 -68.34 -3.08 86.73
CA ILE E 45 -67.60 -2.49 85.63
C ILE E 45 -66.54 -3.44 85.05
N GLN E 46 -66.24 -4.54 85.73
CA GLN E 46 -65.20 -5.45 85.25
C GLN E 46 -65.61 -6.17 83.98
N GLU E 47 -66.89 -6.16 83.63
CA GLU E 47 -67.37 -6.79 82.41
C GLU E 47 -68.26 -5.83 81.64
N PRO E 48 -68.31 -5.95 80.31
CA PRO E 48 -69.21 -5.11 79.52
C PRO E 48 -70.63 -5.65 79.37
N GLN E 49 -70.92 -6.83 79.91
CA GLN E 49 -72.23 -7.46 79.77
C GLN E 49 -73.15 -7.06 80.92
N SER E 50 -73.48 -5.77 80.96
CA SER E 50 -74.38 -5.22 81.96
C SER E 50 -75.48 -4.42 81.29
N GLU E 51 -76.57 -4.21 82.03
CA GLU E 51 -77.74 -3.53 81.51
C GLU E 51 -77.87 -2.08 81.99
N LEU E 52 -77.24 -1.73 83.12
CA LEU E 52 -77.32 -0.37 83.65
C LEU E 52 -76.03 0.42 83.42
N LEU E 53 -75.23 0.03 82.42
CA LEU E 53 -73.99 0.75 82.16
C LEU E 53 -74.26 2.21 81.81
N GLU E 54 -75.27 2.47 80.98
CA GLU E 54 -75.53 3.85 80.57
C GLU E 54 -75.99 4.74 81.72
N PRO E 55 -77.01 4.39 82.50
CA PRO E 55 -77.38 5.28 83.62
C PRO E 55 -76.27 5.42 84.66
N VAL E 56 -75.51 4.35 84.92
CA VAL E 56 -74.45 4.48 85.90
C VAL E 56 -73.33 5.37 85.38
N CYS E 57 -73.04 5.32 84.07
CA CYS E 57 -72.08 6.26 83.51
C CYS E 57 -72.61 7.69 83.53
N HIS E 58 -73.91 7.88 83.33
CA HIS E 58 -74.49 9.20 83.48
C HIS E 58 -74.27 9.73 84.90
N GLN E 59 -74.48 8.87 85.90
CA GLN E 59 -74.21 9.27 87.28
C GLN E 59 -72.72 9.54 87.51
N LEU E 60 -71.86 8.73 86.90
CA LEU E 60 -70.42 8.97 87.00
C LEU E 60 -70.07 10.36 86.51
N PHE E 61 -70.59 10.74 85.33
CA PHE E 61 -70.32 12.08 84.80
C PHE E 61 -70.94 13.15 85.68
N GLU E 62 -72.15 12.91 86.20
CA GLU E 62 -72.78 13.87 87.10
C GLU E 62 -71.99 14.08 88.38
N PHE E 63 -71.20 13.10 88.79
CA PHE E 63 -70.36 13.26 89.98
C PHE E 63 -69.27 14.32 89.83
N TYR E 64 -69.19 15.01 88.69
CA TYR E 64 -68.09 15.93 88.41
C TYR E 64 -68.47 17.40 88.40
N ARG E 65 -69.77 17.73 88.40
CA ARG E 65 -70.17 19.14 88.40
C ARG E 65 -69.71 19.84 89.67
N SER E 66 -69.84 19.18 90.82
CA SER E 66 -69.50 19.79 92.09
C SER E 66 -68.01 20.09 92.19
N GLY E 67 -67.69 21.21 92.84
CA GLY E 67 -66.31 21.65 92.95
C GLY E 67 -65.50 21.02 94.07
N GLU E 68 -66.14 20.29 94.98
CA GLU E 68 -65.41 19.65 96.06
C GLU E 68 -64.59 18.48 95.54
N GLU E 69 -63.40 18.31 96.13
CA GLU E 69 -62.48 17.26 95.69
C GLU E 69 -62.88 15.87 96.20
N GLN E 70 -63.70 15.80 97.25
CA GLN E 70 -64.04 14.51 97.84
C GLN E 70 -64.85 13.63 96.91
N LEU E 71 -65.47 14.19 95.87
CA LEU E 71 -66.17 13.41 94.86
C LEU E 71 -65.34 13.18 93.61
N LEU E 72 -64.59 14.19 93.18
CA LEU E 72 -63.72 14.03 92.02
C LEU E 72 -62.68 12.94 92.27
N GLN E 73 -62.04 12.98 93.45
CA GLN E 73 -61.06 11.96 93.78
C GLN E 73 -61.72 10.61 94.03
N PHE E 74 -62.97 10.61 94.50
CA PHE E 74 -63.69 9.36 94.72
C PHE E 74 -64.07 8.69 93.41
N THR E 75 -64.26 9.47 92.34
CA THR E 75 -64.65 8.90 91.06
C THR E 75 -63.51 8.80 90.05
N LEU E 76 -62.36 9.40 90.33
CA LEU E 76 -61.28 9.43 89.34
C LEU E 76 -60.59 8.09 89.17
N GLN E 77 -60.50 7.28 90.24
CA GLN E 77 -59.64 6.11 90.21
C GLN E 77 -60.15 4.99 89.32
N PHE E 78 -61.37 5.07 88.80
CA PHE E 78 -61.93 4.01 87.99
C PHE E 78 -61.55 4.11 86.52
N LEU E 79 -60.83 5.16 86.13
CA LEU E 79 -60.55 5.36 84.70
C LEU E 79 -59.73 4.24 84.06
N PRO E 80 -58.65 3.71 84.65
CA PRO E 80 -57.83 2.75 83.90
C PRO E 80 -58.58 1.50 83.47
N GLU E 81 -59.47 0.99 84.34
CA GLU E 81 -60.18 -0.25 84.02
C GLU E 81 -61.11 -0.06 82.83
N LEU E 82 -61.95 0.98 82.86
CA LEU E 82 -62.86 1.21 81.75
C LEU E 82 -62.10 1.62 80.49
N ILE E 83 -60.98 2.33 80.63
CA ILE E 83 -60.17 2.67 79.47
C ILE E 83 -59.66 1.40 78.79
N TRP E 84 -59.11 0.48 79.57
CA TRP E 84 -58.62 -0.78 79.01
C TRP E 84 -59.75 -1.57 78.38
N CYS E 85 -60.90 -1.65 79.07
CA CYS E 85 -62.01 -2.45 78.56
C CYS E 85 -62.53 -1.88 77.25
N TYR E 86 -62.72 -0.56 77.19
CA TYR E 86 -63.22 0.07 75.97
C TYR E 86 -62.21 -0.06 74.84
N LEU E 87 -60.92 0.16 75.12
CA LEU E 87 -59.93 0.12 74.05
C LEU E 87 -59.65 -1.30 73.57
N ALA E 88 -59.93 -2.31 74.38
CA ALA E 88 -59.73 -3.69 73.96
C ALA E 88 -60.95 -4.27 73.26
N VAL E 89 -62.15 -4.02 73.79
CA VAL E 89 -63.36 -4.57 73.19
C VAL E 89 -63.60 -3.95 71.81
N SER E 90 -63.45 -2.62 71.70
CA SER E 90 -63.70 -1.96 70.42
C SER E 90 -62.70 -2.41 69.36
N ALA E 91 -61.43 -2.55 69.73
CA ALA E 91 -60.39 -2.96 68.79
C ALA E 91 -60.41 -4.49 68.64
N SER E 92 -61.44 -4.97 67.94
CA SER E 92 -61.61 -6.40 67.72
C SER E 92 -61.88 -6.70 66.25
N VAL E 95 -68.49 -6.36 66.92
CA VAL E 95 -68.71 -6.21 68.35
C VAL E 95 -69.41 -4.89 68.64
N HIS E 96 -70.45 -4.94 69.47
CA HIS E 96 -71.20 -3.74 69.80
C HIS E 96 -70.34 -2.76 70.60
N SER E 97 -70.46 -1.48 70.27
CA SER E 97 -69.76 -0.41 70.96
C SER E 97 -70.77 0.64 71.39
N SER E 98 -70.78 0.95 72.69
CA SER E 98 -71.73 1.92 73.21
C SER E 98 -71.40 3.32 72.71
N GLY E 99 -70.13 3.73 72.82
CA GLY E 99 -69.70 5.04 72.38
C GLY E 99 -70.01 6.17 73.34
N CYS E 100 -70.64 5.87 74.48
CA CYS E 100 -70.94 6.91 75.47
C CYS E 100 -69.80 7.12 76.47
N ILE E 101 -68.89 6.15 76.61
CA ILE E 101 -67.73 6.36 77.46
C ILE E 101 -66.83 7.45 76.88
N GLU E 102 -66.75 7.52 75.54
CA GLU E 102 -66.00 8.58 74.89
C GLU E 102 -66.57 9.95 75.22
N ALA E 103 -67.89 10.02 75.45
CA ALA E 103 -68.49 11.27 75.88
C ALA E 103 -67.94 11.71 77.23
N LEU E 104 -67.88 10.77 78.19
CA LEU E 104 -67.32 11.09 79.51
C LEU E 104 -65.86 11.49 79.40
N LEU E 105 -65.08 10.76 78.58
CA LEU E 105 -63.67 11.08 78.42
C LEU E 105 -63.48 12.47 77.82
N LEU E 106 -64.25 12.79 76.77
CA LEU E 106 -64.13 14.10 76.14
C LEU E 106 -64.59 15.21 77.09
N GLY E 107 -65.65 14.97 77.85
CA GLY E 107 -66.12 15.98 78.80
C GLY E 107 -65.11 16.27 79.90
N VAL E 108 -64.52 15.22 80.46
CA VAL E 108 -63.53 15.44 81.51
C VAL E 108 -62.28 16.11 80.93
N TYR E 109 -61.90 15.76 79.70
CA TYR E 109 -60.80 16.45 79.04
C TYR E 109 -61.10 17.93 78.88
N ASN E 110 -62.32 18.26 78.43
CA ASN E 110 -62.70 19.65 78.22
C ASN E 110 -62.72 20.42 79.54
N LEU E 111 -63.26 19.82 80.60
CA LEU E 111 -63.32 20.52 81.88
C LEU E 111 -61.96 20.62 82.54
N GLU E 112 -61.02 19.74 82.21
CA GLU E 112 -59.67 19.83 82.75
C GLU E 112 -58.74 20.67 81.88
N ILE E 113 -59.16 21.07 80.69
CA ILE E 113 -58.31 21.88 79.82
C ILE E 113 -58.77 23.34 79.75
N VAL E 114 -60.05 23.62 79.96
CA VAL E 114 -60.60 24.98 79.86
C VAL E 114 -61.32 25.40 81.13
N ASP E 115 -62.16 24.53 81.68
CA ASP E 115 -63.10 24.91 82.73
C ASP E 115 -62.39 24.97 84.08
N LYS E 116 -61.66 26.07 84.29
CA LYS E 116 -61.22 26.45 85.63
C LYS E 116 -61.83 27.77 86.06
N GLN E 117 -61.64 28.84 85.29
CA GLN E 117 -62.28 30.12 85.54
C GLN E 117 -62.72 30.82 84.25
N GLY E 118 -62.60 30.16 83.11
CA GLY E 118 -62.81 30.79 81.81
C GLY E 118 -61.57 30.86 80.95
N HIS E 119 -60.40 30.52 81.49
CA HIS E 119 -59.14 30.56 80.77
C HIS E 119 -58.54 29.16 80.68
N THR E 120 -57.62 28.98 79.74
CA THR E 120 -56.99 27.69 79.53
C THR E 120 -55.87 27.47 80.54
N LYS E 121 -55.21 26.31 80.45
CA LYS E 121 -54.12 25.94 81.33
C LYS E 121 -52.80 25.98 80.56
N VAL E 122 -51.80 26.65 81.13
CA VAL E 122 -50.45 26.69 80.57
C VAL E 122 -49.51 26.28 81.71
N LEU E 123 -49.18 25.00 81.77
CA LEU E 123 -48.32 24.50 82.84
C LEU E 123 -46.88 24.92 82.58
N SER E 124 -46.25 25.51 83.60
CA SER E 124 -44.88 26.00 83.46
C SER E 124 -44.24 26.10 84.84
N PHE E 125 -42.92 26.22 84.85
CA PHE E 125 -42.15 26.36 86.07
C PHE E 125 -40.83 27.06 85.71
N THR E 126 -39.94 27.19 86.70
CA THR E 126 -38.67 27.86 86.53
C THR E 126 -37.53 26.89 86.76
N ILE E 127 -36.35 27.27 86.28
CA ILE E 127 -35.13 26.48 86.41
C ILE E 127 -34.21 27.19 87.41
N PRO E 128 -34.00 26.64 88.60
CA PRO E 128 -33.10 27.28 89.56
C PRO E 128 -31.67 27.35 89.04
N SER E 129 -30.96 28.39 89.46
CA SER E 129 -29.59 28.64 89.04
C SER E 129 -28.69 28.68 90.26
N LEU E 130 -27.54 28.01 90.17
CA LEU E 130 -26.61 27.98 91.30
C LEU E 130 -25.86 29.29 91.46
N SER E 131 -25.63 30.01 90.36
CA SER E 131 -24.88 31.25 90.43
C SER E 131 -25.61 32.30 91.27
N LYS E 132 -26.91 32.42 91.07
CA LYS E 132 -27.70 33.35 91.87
C LYS E 132 -27.84 32.81 93.28
N PRO E 133 -27.59 33.62 94.31
CA PRO E 133 -27.71 33.12 95.69
C PRO E 133 -29.12 32.60 95.97
N SER E 134 -29.17 31.46 96.66
CA SER E 134 -30.43 30.77 96.93
C SER E 134 -30.74 30.81 98.42
N VAL E 135 -31.90 30.27 98.77
CA VAL E 135 -32.31 30.25 100.17
C VAL E 135 -31.41 29.34 100.99
N TYR E 136 -30.94 28.23 100.41
CA TYR E 136 -30.09 27.29 101.12
C TYR E 136 -28.61 27.46 100.82
N HIS E 137 -28.24 28.23 99.79
CA HIS E 137 -26.85 28.32 99.39
C HIS E 137 -26.58 29.68 98.73
N GLU E 138 -25.38 30.20 98.97
CA GLU E 138 -24.91 31.41 98.32
C GLU E 138 -23.50 31.19 97.80
N PRO E 139 -23.16 31.77 96.64
CA PRO E 139 -21.83 31.60 96.06
C PRO E 139 -20.74 32.39 96.81
N LEU E 157 -34.00 30.15 84.90
CA LEU E 157 -35.13 30.78 85.58
C LEU E 157 -36.24 31.15 84.59
N SER E 158 -35.94 31.00 83.31
CA SER E 158 -36.92 31.30 82.27
C SER E 158 -38.08 30.30 82.33
N LYS E 159 -39.29 30.79 82.07
CA LYS E 159 -40.46 29.93 82.10
C LYS E 159 -40.41 28.92 80.96
N VAL E 160 -40.64 27.66 81.30
CA VAL E 160 -40.67 26.56 80.33
C VAL E 160 -42.02 25.88 80.42
N VAL E 161 -42.69 25.74 79.29
CA VAL E 161 -44.03 25.17 79.22
C VAL E 161 -43.93 23.73 78.72
N TYR E 162 -44.48 22.80 79.50
CA TYR E 162 -44.49 21.39 79.13
C TYR E 162 -45.86 20.86 78.79
N SER E 163 -46.93 21.61 79.08
CA SER E 163 -48.28 21.18 78.77
C SER E 163 -49.16 22.41 78.57
N GLY E 164 -49.95 22.39 77.51
CA GLY E 164 -50.85 23.49 77.21
C GLY E 164 -50.20 24.53 76.33
N PRO E 165 -51.02 25.30 75.58
CA PRO E 165 -52.47 25.14 75.53
C PRO E 165 -52.91 24.01 74.60
N HIS E 166 -53.99 23.33 74.94
CA HIS E 166 -54.55 22.27 74.12
C HIS E 166 -55.90 22.69 73.57
N PRO E 167 -56.08 22.71 72.25
CA PRO E 167 -57.39 23.10 71.70
C PRO E 167 -58.48 22.13 72.13
N GLN E 168 -59.69 22.65 72.28
CA GLN E 168 -60.80 21.84 72.77
C GLN E 168 -61.16 20.76 71.75
N ARG E 169 -61.40 19.54 72.25
CA ARG E 169 -61.68 18.39 71.41
C ARG E 169 -63.08 17.88 71.67
N GLU E 170 -63.78 17.52 70.61
CA GLU E 170 -65.20 17.21 70.67
C GLU E 170 -65.52 15.93 69.91
N MET E 171 -64.56 15.41 69.15
CA MET E 171 -64.68 14.12 68.48
C MET E 171 -63.37 13.36 68.62
N LEU E 172 -63.49 12.03 68.61
CA LEU E 172 -62.34 11.14 68.74
C LEU E 172 -62.06 10.50 67.40
N THR E 173 -60.81 10.56 66.95
CA THR E 173 -60.37 9.93 65.72
C THR E 173 -59.11 9.13 66.00
N ALA E 174 -58.56 8.51 64.95
CA ALA E 174 -57.38 7.65 65.06
C ALA E 174 -56.07 8.43 64.98
N GLN E 175 -56.10 9.73 65.21
CA GLN E 175 -54.88 10.54 65.19
C GLN E 175 -54.64 11.32 66.47
N ASN E 176 -55.68 11.77 67.16
CA ASN E 176 -55.54 12.57 68.37
C ASN E 176 -55.96 11.80 69.62
N ARG E 177 -56.31 10.52 69.50
CA ARG E 177 -56.77 9.76 70.66
C ARG E 177 -55.66 9.60 71.69
N PHE E 178 -54.43 9.32 71.25
CA PHE E 178 -53.35 9.10 72.20
C PHE E 178 -52.95 10.38 72.92
N GLU E 179 -53.11 11.53 72.27
CA GLU E 179 -52.81 12.80 72.93
C GLU E 179 -53.71 13.02 74.13
N VAL E 180 -55.03 12.88 73.93
CA VAL E 180 -55.95 13.09 75.04
C VAL E 180 -55.81 11.97 76.07
N LEU E 181 -55.49 10.75 75.63
CA LEU E 181 -55.23 9.69 76.60
C LEU E 181 -54.04 10.03 77.50
N THR E 182 -52.95 10.52 76.90
CA THR E 182 -51.78 10.91 77.69
C THR E 182 -52.12 12.06 78.63
N PHE E 183 -52.88 13.04 78.15
CA PHE E 183 -53.24 14.17 79.02
C PHE E 183 -54.10 13.71 80.20
N LEU E 184 -55.07 12.82 79.93
CA LEU E 184 -55.90 12.32 81.02
C LEU E 184 -55.10 11.48 82.00
N LEU E 185 -54.15 10.69 81.50
CA LEU E 185 -53.29 9.93 82.39
C LEU E 185 -52.44 10.85 83.27
N LEU E 186 -51.92 11.93 82.67
CA LEU E 186 -51.17 12.90 83.46
C LEU E 186 -52.06 13.53 84.53
N CYS E 187 -53.31 13.83 84.19
CA CYS E 187 -54.24 14.36 85.18
C CYS E 187 -54.48 13.35 86.31
N TYR E 188 -54.63 12.07 85.96
CA TYR E 188 -54.83 11.03 86.96
C TYR E 188 -53.58 10.83 87.82
N ASN E 189 -52.40 11.17 87.31
CA ASN E 189 -51.15 10.99 88.04
C ASN E 189 -50.82 12.18 88.93
N ALA E 190 -51.83 12.89 89.43
CA ALA E 190 -51.61 14.08 90.24
C ALA E 190 -51.99 13.91 91.70
N ALA E 191 -52.68 12.83 92.07
CA ALA E 191 -53.18 12.63 93.43
C ALA E 191 -52.92 11.20 93.89
N LEU E 192 -51.68 10.73 93.71
CA LEU E 192 -51.38 9.31 93.89
C LEU E 192 -51.61 8.81 95.30
N THR E 193 -51.61 9.68 96.30
CA THR E 193 -51.68 9.22 97.68
C THR E 193 -53.07 8.71 98.06
N TYR E 194 -54.11 9.27 97.48
CA TYR E 194 -55.47 9.05 97.99
C TYR E 194 -56.02 7.67 97.62
N MET E 195 -55.73 7.18 96.42
CA MET E 195 -56.33 5.94 95.96
C MET E 195 -55.82 4.75 96.76
N PRO E 196 -56.66 3.74 96.98
CA PRO E 196 -56.24 2.55 97.72
C PRO E 196 -55.36 1.65 96.85
N SER E 197 -54.96 0.52 97.43
CA SER E 197 -54.06 -0.40 96.75
C SER E 197 -54.73 -1.14 95.61
N VAL E 198 -56.06 -1.28 95.65
CA VAL E 198 -56.76 -2.00 94.58
C VAL E 198 -56.59 -1.28 93.25
N SER E 199 -56.68 0.04 93.25
CA SER E 199 -56.48 0.81 92.04
C SER E 199 -55.07 0.62 91.49
N LEU E 200 -54.07 0.64 92.37
CA LEU E 200 -52.69 0.44 91.92
C LEU E 200 -52.51 -0.96 91.33
N GLN E 201 -53.10 -1.97 91.96
CA GLN E 201 -53.00 -3.33 91.43
C GLN E 201 -53.66 -3.44 90.06
N SER E 202 -54.84 -2.83 89.90
CA SER E 202 -55.51 -2.86 88.61
C SER E 202 -54.68 -2.13 87.54
N LEU E 203 -54.11 -0.98 87.91
CA LEU E 203 -53.27 -0.24 86.97
C LEU E 203 -52.06 -1.06 86.55
N CYS E 204 -51.40 -1.73 87.50
CA CYS E 204 -50.25 -2.54 87.16
C CYS E 204 -50.64 -3.73 86.29
N GLN E 205 -51.78 -4.36 86.58
CA GLN E 205 -52.23 -5.48 85.77
C GLN E 205 -52.52 -5.05 84.34
N ILE E 206 -53.16 -3.88 84.17
CA ILE E 206 -53.42 -3.38 82.83
C ILE E 206 -52.10 -3.03 82.13
N CYS E 207 -51.18 -2.39 82.84
CA CYS E 207 -49.91 -2.01 82.24
C CYS E 207 -49.10 -3.22 81.81
N SER E 208 -49.21 -4.33 82.53
CA SER E 208 -48.43 -5.51 82.21
C SER E 208 -48.76 -6.05 80.82
N ARG E 209 -50.05 -6.09 80.48
CA ARG E 209 -50.49 -6.73 79.24
C ARG E 209 -50.90 -5.75 78.16
N ILE E 210 -50.90 -4.45 78.43
CA ILE E 210 -51.32 -3.49 77.41
C ILE E 210 -50.30 -3.42 76.27
N CYS E 211 -49.00 -3.52 76.60
CA CYS E 211 -47.93 -3.32 75.63
C CYS E 211 -47.32 -4.62 75.14
N VAL E 212 -47.94 -5.77 75.41
CA VAL E 212 -47.38 -7.05 75.03
C VAL E 212 -48.43 -7.90 74.33
N CYS E 213 -49.61 -7.31 74.10
CA CYS E 213 -50.76 -8.06 73.61
C CYS E 213 -50.53 -8.67 72.23
N GLY E 214 -49.62 -8.11 71.43
CA GLY E 214 -49.44 -8.59 70.08
C GLY E 214 -48.06 -9.16 69.77
N TYR E 215 -47.50 -9.90 70.71
CA TYR E 215 -46.17 -10.47 70.55
C TYR E 215 -46.13 -11.83 71.24
N PRO E 216 -45.20 -12.70 70.85
CA PRO E 216 -45.12 -14.03 71.50
C PRO E 216 -44.80 -13.97 72.98
N ARG E 217 -44.31 -12.83 73.48
CA ARG E 217 -43.99 -12.73 74.89
C ARG E 217 -45.23 -12.92 75.75
N GLN E 218 -46.38 -12.44 75.29
CA GLN E 218 -47.62 -12.66 76.04
C GLN E 218 -48.02 -14.13 76.02
N HIS E 219 -47.71 -14.84 74.94
CA HIS E 219 -47.89 -16.29 74.93
C HIS E 219 -47.00 -16.95 75.96
N VAL E 220 -45.77 -16.45 76.10
CA VAL E 220 -44.87 -16.96 77.13
C VAL E 220 -45.44 -16.72 78.52
N ARG E 221 -46.00 -15.52 78.73
CA ARG E 221 -46.59 -15.18 80.02
C ARG E 221 -47.97 -15.79 80.24
N LYS E 222 -48.50 -16.49 79.23
CA LYS E 222 -49.79 -17.20 79.34
C LYS E 222 -50.94 -16.24 79.64
N TYR E 223 -51.15 -15.31 78.71
CA TYR E 223 -52.28 -14.40 78.75
C TYR E 223 -53.27 -14.77 77.65
N LYS E 224 -54.55 -14.76 77.99
CA LYS E 224 -55.61 -15.14 77.07
C LYS E 224 -56.59 -13.99 76.90
N GLY E 225 -57.02 -13.76 75.66
CA GLY E 225 -57.94 -12.69 75.35
C GLY E 225 -57.89 -12.29 73.89
N ILE E 226 -57.83 -10.99 73.63
CA ILE E 226 -57.76 -10.49 72.26
C ILE E 226 -56.31 -10.53 71.78
N SER E 227 -56.08 -11.20 70.66
CA SER E 227 -54.74 -11.36 70.11
C SER E 227 -54.47 -10.30 69.03
N SER E 228 -54.45 -9.04 69.47
CA SER E 228 -54.16 -7.93 68.57
C SER E 228 -53.03 -7.07 69.13
N ARG E 229 -52.77 -5.94 68.49
CA ARG E 229 -51.72 -5.03 68.94
C ARG E 229 -52.24 -3.60 68.92
N ILE E 230 -51.63 -2.75 69.74
CA ILE E 230 -52.04 -1.36 69.87
C ILE E 230 -50.83 -0.46 69.60
N PRO E 231 -50.94 0.50 68.68
CA PRO E 231 -49.81 1.41 68.37
C PRO E 231 -49.66 2.55 69.37
N VAL E 232 -49.00 2.26 70.49
CA VAL E 232 -48.83 3.24 71.56
C VAL E 232 -47.81 4.29 71.14
N SER E 233 -47.78 5.39 71.89
CA SER E 233 -46.87 6.50 71.63
C SER E 233 -45.85 6.63 72.75
N SER E 234 -44.82 7.44 72.49
CA SER E 234 -43.71 7.56 73.44
C SER E 234 -44.15 8.27 74.72
N GLY E 235 -44.89 9.38 74.59
CA GLY E 235 -45.29 10.13 75.77
C GLY E 235 -46.20 9.33 76.68
N PHE E 236 -47.09 8.52 76.09
CA PHE E 236 -47.95 7.66 76.89
C PHE E 236 -47.12 6.68 77.72
N MET E 237 -46.09 6.08 77.10
CA MET E 237 -45.23 5.16 77.84
C MET E 237 -44.41 5.88 78.91
N VAL E 238 -44.00 7.13 78.65
CA VAL E 238 -43.27 7.89 79.67
C VAL E 238 -44.16 8.15 80.88
N GLN E 239 -45.41 8.56 80.64
CA GLN E 239 -46.34 8.76 81.75
C GLN E 239 -46.65 7.43 82.44
N MET E 240 -46.67 6.34 81.68
CA MET E 240 -46.86 5.01 82.26
C MET E 240 -45.71 4.65 83.20
N LEU E 241 -44.48 4.95 82.79
CA LEU E 241 -43.33 4.73 83.67
C LEU E 241 -43.40 5.59 84.92
N THR E 242 -43.80 6.85 84.76
CA THR E 242 -43.97 7.73 85.92
C THR E 242 -45.00 7.15 86.88
N GLY E 243 -46.11 6.64 86.35
CA GLY E 243 -47.11 6.05 87.22
C GLY E 243 -46.63 4.79 87.92
N ILE E 244 -45.93 3.92 87.18
CA ILE E 244 -45.52 2.63 87.77
C ILE E 244 -44.43 2.84 88.82
N TYR E 245 -43.56 3.83 88.64
CA TYR E 245 -42.43 3.97 89.56
C TYR E 245 -42.87 4.26 90.99
N PHE E 246 -44.02 4.89 91.18
CA PHE E 246 -44.47 5.19 92.54
C PHE E 246 -44.93 3.94 93.29
N ALA E 247 -45.55 2.99 92.60
CA ALA E 247 -46.09 1.80 93.23
C ALA E 247 -45.02 0.77 93.58
N PHE E 248 -43.77 1.01 93.20
CA PHE E 248 -42.72 0.02 93.44
C PHE E 248 -42.48 -0.19 94.92
N TYR E 249 -42.53 0.87 95.72
CA TYR E 249 -42.23 0.81 97.15
C TYR E 249 -43.49 0.86 98.01
N ASN E 250 -44.66 0.58 97.44
CA ASN E 250 -45.92 0.62 98.18
C ASN E 250 -46.56 -0.77 98.22
N GLY E 251 -45.77 -1.78 98.56
CA GLY E 251 -46.27 -3.13 98.67
C GLY E 251 -46.12 -3.95 97.41
N GLU E 252 -46.65 -3.43 96.30
CA GLU E 252 -46.57 -4.14 95.03
C GLU E 252 -45.13 -4.15 94.53
N TRP E 253 -44.49 -5.31 94.55
CA TRP E 253 -43.10 -5.45 94.13
C TRP E 253 -42.95 -6.30 92.88
N ASP E 254 -43.43 -7.54 92.90
CA ASP E 254 -43.24 -8.44 91.77
C ASP E 254 -44.02 -7.95 90.55
N LEU E 255 -45.26 -7.50 90.75
CA LEU E 255 -46.05 -7.02 89.62
C LEU E 255 -45.40 -5.82 88.96
N ALA E 256 -44.90 -4.88 89.76
CA ALA E 256 -44.24 -3.71 89.21
C ALA E 256 -42.98 -4.09 88.45
N GLN E 257 -42.22 -5.05 88.98
CA GLN E 257 -41.00 -5.50 88.31
C GLN E 257 -41.33 -6.14 86.96
N LYS E 258 -42.35 -6.98 86.92
CA LYS E 258 -42.75 -7.59 85.66
C LYS E 258 -43.25 -6.55 84.66
N ALA E 259 -44.01 -5.56 85.14
CA ALA E 259 -44.47 -4.49 84.26
C ALA E 259 -43.30 -3.70 83.69
N LEU E 260 -42.29 -3.43 84.53
CA LEU E 260 -41.10 -2.74 84.05
C LEU E 260 -40.36 -3.55 83.01
N ASP E 261 -40.27 -4.88 83.23
CA ASP E 261 -39.63 -5.73 82.23
C ASP E 261 -40.39 -5.70 80.91
N ASP E 262 -41.73 -5.75 80.98
CA ASP E 262 -42.52 -5.66 79.75
C ASP E 262 -42.31 -4.33 79.05
N ILE E 263 -42.27 -3.24 79.82
CA ILE E 263 -42.08 -1.91 79.24
C ILE E 263 -40.74 -1.81 78.54
N ILE E 264 -39.67 -2.29 79.19
CA ILE E 264 -38.35 -2.18 78.59
C ILE E 264 -38.24 -3.09 77.37
N TYR E 265 -38.85 -4.27 77.40
CA TYR E 265 -38.84 -5.14 76.24
C TYR E 265 -39.56 -4.50 75.06
N ARG E 266 -40.75 -3.94 75.32
CA ARG E 266 -41.51 -3.30 74.24
C ARG E 266 -40.77 -2.10 73.67
N ALA E 267 -40.18 -1.28 74.54
CA ALA E 267 -39.43 -0.12 74.07
C ALA E 267 -38.21 -0.52 73.26
N GLN E 268 -37.51 -1.57 73.70
CA GLN E 268 -36.34 -2.05 72.96
C GLN E 268 -36.75 -2.58 71.59
N LEU E 269 -37.89 -3.27 71.52
CA LEU E 269 -38.35 -3.78 70.23
C LEU E 269 -38.83 -2.67 69.32
N GLU E 270 -39.46 -1.64 69.87
CA GLU E 270 -40.02 -0.54 69.08
C GLU E 270 -39.03 0.59 68.82
N LEU E 271 -37.86 0.57 69.47
CA LEU E 271 -36.83 1.61 69.30
C LEU E 271 -37.36 2.98 69.71
N TYR E 272 -37.77 3.08 70.97
CA TYR E 272 -38.19 4.34 71.56
C TYR E 272 -37.16 4.80 72.58
N PRO E 273 -36.50 5.94 72.35
CA PRO E 273 -35.35 6.32 73.19
C PRO E 273 -35.70 6.69 74.63
N GLU E 274 -36.66 7.61 74.81
CA GLU E 274 -36.88 8.19 76.13
C GLU E 274 -37.41 7.18 77.14
N PRO E 275 -38.44 6.38 76.86
CA PRO E 275 -38.85 5.37 77.85
C PRO E 275 -37.74 4.38 78.16
N LEU E 276 -36.93 4.03 77.15
CA LEU E 276 -35.81 3.14 77.40
C LEU E 276 -34.82 3.77 78.37
N LEU E 277 -34.51 5.05 78.18
CA LEU E 277 -33.59 5.74 79.08
C LEU E 277 -34.14 5.78 80.49
N VAL E 278 -35.42 6.10 80.64
CA VAL E 278 -36.02 6.20 81.97
C VAL E 278 -36.02 4.83 82.65
N ALA E 279 -36.38 3.78 81.91
CA ALA E 279 -36.40 2.44 82.50
C ALA E 279 -35.00 1.98 82.88
N ASN E 280 -34.00 2.28 82.04
CA ASN E 280 -32.63 1.93 82.38
C ASN E 280 -32.16 2.66 83.63
N ALA E 281 -32.52 3.94 83.76
CA ALA E 281 -32.17 4.68 84.97
C ALA E 281 -32.85 4.08 86.20
N ILE E 282 -34.12 3.67 86.06
CA ILE E 282 -34.84 3.11 87.21
C ILE E 282 -34.24 1.76 87.60
N LYS E 283 -33.80 0.96 86.61
CA LYS E 283 -33.33 -0.39 86.89
C LYS E 283 -32.13 -0.39 87.82
N ALA E 284 -31.17 0.52 87.60
CA ALA E 284 -29.93 0.56 88.36
C ALA E 284 -30.05 1.37 89.65
N SER E 285 -31.26 1.56 90.16
CA SER E 285 -31.49 2.29 91.39
C SER E 285 -32.36 1.48 92.35
N LEU E 286 -32.10 0.18 92.43
CA LEU E 286 -32.87 -0.72 93.28
C LEU E 286 -31.94 -1.46 94.22
N PRO E 287 -32.19 -1.46 95.54
CA PRO E 287 -31.36 -2.15 96.52
C PRO E 287 -31.52 -3.67 96.44
N THR F 131 -25.59 29.41 127.22
CA THR F 131 -24.63 30.50 127.07
C THR F 131 -23.76 30.63 128.32
N ALA F 132 -22.49 30.97 128.11
CA ALA F 132 -21.52 31.13 129.19
C ALA F 132 -21.44 29.87 130.05
N VAL F 133 -21.42 28.72 129.39
CA VAL F 133 -21.36 27.42 130.06
C VAL F 133 -20.04 26.77 129.70
N PRO F 134 -19.26 26.30 130.69
CA PRO F 134 -17.99 25.65 130.36
C PRO F 134 -18.23 24.36 129.58
N PRO F 135 -17.30 24.02 128.68
CA PRO F 135 -17.54 22.84 127.81
C PRO F 135 -17.63 21.52 128.55
N TYR F 136 -16.99 21.39 129.72
CA TYR F 136 -17.04 20.10 130.41
C TYR F 136 -18.45 19.78 130.92
N ARG F 137 -19.25 20.79 131.22
CA ARG F 137 -20.65 20.54 131.56
C ARG F 137 -21.40 19.98 130.36
N LEU F 138 -21.13 20.52 129.17
CA LEU F 138 -21.72 19.95 127.96
C LEU F 138 -21.28 18.51 127.76
N ARG F 139 -19.99 18.23 128.01
CA ARG F 139 -19.50 16.86 127.86
C ARG F 139 -20.19 15.90 128.82
N VAL F 140 -20.33 16.31 130.09
CA VAL F 140 -20.92 15.41 131.07
C VAL F 140 -22.41 15.22 130.82
N ILE F 141 -23.12 16.26 130.37
CA ILE F 141 -24.52 16.07 130.06
C ILE F 141 -24.70 15.21 128.80
N ALA F 142 -23.79 15.32 127.84
CA ALA F 142 -23.84 14.42 126.69
C ALA F 142 -23.59 12.98 127.10
N GLU F 143 -22.64 12.76 128.01
CA GLU F 143 -22.39 11.42 128.52
C GLU F 143 -23.61 10.89 129.27
N ALA F 144 -24.28 11.74 130.04
CA ALA F 144 -25.50 11.33 130.73
C ALA F 144 -26.60 10.97 129.74
N TYR F 145 -26.73 11.75 128.65
CA TYR F 145 -27.71 11.42 127.63
C TYR F 145 -27.41 10.07 126.99
N ALA F 146 -26.14 9.82 126.68
CA ALA F 146 -25.76 8.53 126.09
C ALA F 146 -26.03 7.38 127.05
N THR F 147 -25.73 7.58 128.33
CA THR F 147 -25.99 6.53 129.32
C THR F 147 -27.49 6.25 129.46
N LYS F 148 -28.30 7.31 129.48
CA LYS F 148 -29.75 7.12 129.54
C LYS F 148 -30.27 6.40 128.30
N GLY F 149 -29.74 6.76 127.12
CA GLY F 149 -30.16 6.06 125.91
C GLY F 149 -29.77 4.60 125.93
N LEU F 150 -28.59 4.28 126.45
CA LEU F 150 -28.18 2.88 126.58
C LEU F 150 -29.06 2.14 127.58
N CYS F 151 -29.42 2.79 128.69
CA CYS F 151 -30.19 2.11 129.73
C CYS F 151 -31.64 1.89 129.30
N LEU F 152 -32.21 2.83 128.56
CA LEU F 152 -33.62 2.71 128.17
C LEU F 152 -33.83 1.52 127.24
N GLU F 153 -32.92 1.30 126.28
CA GLU F 153 -33.10 0.22 125.31
C GLU F 153 -32.77 -1.14 125.89
N LYS F 154 -31.95 -1.21 126.93
CA LYS F 154 -31.53 -2.49 127.49
C LYS F 154 -32.52 -3.07 128.49
N LEU F 155 -33.72 -2.51 128.59
CA LEU F 155 -34.74 -3.04 129.49
C LEU F 155 -36.01 -3.36 128.71
N PRO F 156 -36.74 -4.42 129.11
CA PRO F 156 -37.99 -4.79 128.43
C PRO F 156 -39.15 -3.86 128.78
N ASP F 167 -47.38 9.32 129.72
CA ASP F 167 -46.63 8.18 130.26
C ASP F 167 -45.12 8.41 130.07
N ARG F 168 -44.31 7.40 130.43
CA ARG F 168 -42.87 7.52 130.27
C ARG F 168 -42.45 7.62 128.81
N GLU F 169 -43.30 7.14 127.89
CA GLU F 169 -42.99 7.30 126.47
C GLU F 169 -42.93 8.77 126.07
N GLN F 170 -43.85 9.58 126.60
CA GLN F 170 -43.80 11.01 126.35
C GLN F 170 -42.53 11.63 126.92
N ASP F 171 -42.09 11.13 128.08
CA ASP F 171 -40.81 11.58 128.64
C ASP F 171 -39.66 11.25 127.71
N VAL F 172 -39.68 10.07 127.09
CA VAL F 172 -38.64 9.70 126.13
C VAL F 172 -38.68 10.62 124.92
N ILE F 173 -39.87 10.92 124.41
CA ILE F 173 -39.98 11.80 123.25
C ILE F 173 -39.45 13.20 123.58
N THR F 174 -39.79 13.71 124.77
CA THR F 174 -39.29 15.02 125.18
C THR F 174 -37.78 15.00 125.39
N CYS F 175 -37.24 13.89 125.89
CA CYS F 175 -35.79 13.76 126.01
C CYS F 175 -35.12 13.81 124.65
N TYR F 176 -35.71 13.14 123.65
CA TYR F 176 -35.17 13.23 122.29
C TYR F 176 -35.26 14.66 121.76
N GLU F 177 -36.37 15.35 122.04
CA GLU F 177 -36.51 16.73 121.57
C GLU F 177 -35.47 17.64 122.20
N LYS F 178 -35.23 17.50 123.50
CA LYS F 178 -34.22 18.34 124.14
C LYS F 178 -32.82 17.95 123.71
N ALA F 179 -32.59 16.67 123.38
CA ALA F 179 -31.32 16.28 122.79
C ALA F 179 -31.11 16.94 121.44
N GLY F 180 -32.16 17.02 120.62
CA GLY F 180 -32.04 17.74 119.36
C GLY F 180 -31.79 19.22 119.57
N ASP F 181 -32.45 19.82 120.55
CA ASP F 181 -32.24 21.24 120.84
C ASP F 181 -30.81 21.50 121.30
N ILE F 182 -30.28 20.67 122.20
CA ILE F 182 -28.91 20.86 122.65
C ILE F 182 -27.92 20.56 121.53
N ALA F 183 -28.28 19.67 120.61
CA ALA F 183 -27.44 19.45 119.42
C ALA F 183 -27.40 20.69 118.56
N LEU F 184 -28.54 21.34 118.35
CA LEU F 184 -28.57 22.59 117.60
C LEU F 184 -27.72 23.66 118.28
N LEU F 185 -27.84 23.77 119.61
CA LEU F 185 -27.01 24.72 120.34
C LEU F 185 -25.53 24.40 120.20
N TYR F 186 -25.17 23.11 120.28
CA TYR F 186 -23.78 22.71 120.15
C TYR F 186 -23.22 23.05 118.78
N LEU F 187 -23.98 22.76 117.73
CA LEU F 187 -23.49 23.06 116.38
C LEU F 187 -23.38 24.57 116.17
N GLN F 188 -24.34 25.33 116.69
CA GLN F 188 -24.24 26.79 116.59
C GLN F 188 -23.01 27.31 117.32
N GLU F 189 -22.74 26.79 118.52
CA GLU F 189 -21.57 27.23 119.27
C GLU F 189 -20.27 26.87 118.57
N ILE F 190 -20.18 25.66 118.01
CA ILE F 190 -18.93 25.25 117.37
C ILE F 190 -18.72 26.04 116.08
N GLU F 191 -19.78 26.28 115.30
CA GLU F 191 -19.60 27.09 114.11
C GLU F 191 -19.25 28.53 114.46
N ARG F 192 -19.79 29.04 115.57
CA ARG F 192 -19.40 30.38 116.04
C ARG F 192 -17.93 30.43 116.40
N VAL F 193 -17.45 29.45 117.18
CA VAL F 193 -16.08 29.52 117.66
C VAL F 193 -15.09 29.30 116.51
N ILE F 194 -15.43 28.43 115.56
CA ILE F 194 -14.53 28.25 114.42
C ILE F 194 -14.61 29.45 113.48
N LEU F 195 -15.75 30.13 113.44
CA LEU F 195 -15.87 31.31 112.59
C LEU F 195 -15.06 32.48 113.13
N SER F 196 -14.94 32.60 114.45
CA SER F 196 -14.19 33.67 115.09
C SER F 196 -14.70 35.05 114.67
N GLU F 213 -12.95 15.33 117.36
CA GLU F 213 -13.02 15.07 115.94
C GLU F 213 -13.77 13.77 115.66
N LEU F 214 -14.29 13.16 116.72
CA LEU F 214 -15.00 11.88 116.64
C LEU F 214 -16.44 12.08 117.11
N GLY F 215 -17.36 12.21 116.17
CA GLY F 215 -18.77 12.25 116.48
C GLY F 215 -19.34 10.85 116.56
N PHE F 216 -19.53 10.34 117.77
CA PHE F 216 -19.93 8.95 117.98
C PHE F 216 -21.31 8.79 118.57
N PHE F 217 -21.75 9.70 119.44
CA PHE F 217 -23.04 9.57 120.11
C PHE F 217 -24.13 10.46 119.55
N LEU F 218 -23.79 11.68 119.12
CA LEU F 218 -24.80 12.59 118.59
C LEU F 218 -25.42 12.06 117.30
N GLU F 219 -24.60 11.50 116.41
CA GLU F 219 -25.08 11.08 115.11
C GLU F 219 -26.16 10.01 115.24
N THR F 220 -25.87 8.94 115.98
CA THR F 220 -26.85 7.88 116.16
C THR F 220 -28.07 8.39 116.92
N GLY F 221 -27.85 9.06 118.05
CA GLY F 221 -28.94 9.54 118.89
C GLY F 221 -29.82 10.56 118.22
N LEU F 222 -29.38 11.16 117.12
CA LEU F 222 -30.22 12.08 116.35
C LEU F 222 -30.83 11.44 115.12
N GLN F 223 -30.12 10.52 114.46
CA GLN F 223 -30.65 9.92 113.23
C GLN F 223 -31.66 8.83 113.53
N ARG F 224 -31.35 7.94 114.48
CA ARG F 224 -32.30 6.88 114.80
C ARG F 224 -33.62 7.41 115.33
N ALA F 225 -33.63 8.64 115.84
CA ALA F 225 -34.89 9.27 116.23
C ALA F 225 -35.85 9.35 115.06
N HIS F 226 -35.44 10.04 113.98
CA HIS F 226 -36.33 10.13 112.83
C HIS F 226 -36.43 8.82 112.07
N VAL F 227 -35.46 7.92 112.24
CA VAL F 227 -35.62 6.57 111.68
C VAL F 227 -36.82 5.88 112.32
N LEU F 228 -36.90 5.94 113.65
CA LEU F 228 -38.06 5.39 114.35
C LEU F 228 -39.34 6.15 114.03
N TYR F 229 -39.23 7.47 113.82
CA TYR F 229 -40.40 8.24 113.43
C TYR F 229 -40.95 7.75 112.10
N PHE F 230 -40.06 7.48 111.13
CA PHE F 230 -40.49 6.92 109.86
C PHE F 230 -41.05 5.51 110.03
N LYS F 231 -40.44 4.72 110.92
CA LYS F 231 -40.95 3.38 111.17
C LYS F 231 -42.38 3.41 111.70
N ASN F 232 -42.66 4.32 112.63
CA ASN F 232 -44.01 4.43 113.16
C ASN F 232 -44.96 5.06 112.15
N GLY F 233 -44.48 6.03 111.38
CA GLY F 233 -45.28 6.71 110.39
C GLY F 233 -45.54 8.18 110.65
N ASN F 234 -44.74 8.84 111.48
CA ASN F 234 -44.90 10.27 111.76
C ASN F 234 -44.16 11.07 110.68
N LEU F 235 -44.74 11.04 109.49
CA LEU F 235 -44.09 11.67 108.33
C LEU F 235 -44.01 13.18 108.48
N THR F 236 -45.08 13.80 108.98
CA THR F 236 -45.11 15.26 109.10
C THR F 236 -44.04 15.77 110.04
N ARG F 237 -43.89 15.12 111.20
CA ARG F 237 -42.85 15.53 112.15
C ARG F 237 -41.47 15.39 111.53
N GLY F 238 -41.23 14.28 110.83
CA GLY F 238 -39.92 14.07 110.23
C GLY F 238 -39.59 15.08 109.15
N VAL F 239 -40.55 15.38 108.28
CA VAL F 239 -40.29 16.35 107.22
C VAL F 239 -40.12 17.75 107.80
N GLY F 240 -40.87 18.10 108.84
CA GLY F 240 -40.65 19.38 109.49
C GLY F 240 -39.28 19.47 110.14
N ARG F 241 -38.84 18.38 110.79
CA ARG F 241 -37.50 18.35 111.36
C ARG F 241 -36.44 18.51 110.28
N PHE F 242 -36.63 17.84 109.13
CA PHE F 242 -35.70 18.00 108.03
C PHE F 242 -35.67 19.44 107.53
N ARG F 243 -36.85 20.06 107.40
CA ARG F 243 -36.92 21.45 106.95
C ARG F 243 -36.17 22.38 107.89
N GLU F 244 -36.33 22.19 109.20
CA GLU F 244 -35.61 23.03 110.14
C GLU F 244 -34.14 22.67 110.25
N LEU F 245 -33.76 21.44 109.89
CA LEU F 245 -32.35 21.09 109.81
C LEU F 245 -31.67 21.82 108.65
N LEU F 246 -32.33 21.82 107.49
CA LEU F 246 -31.73 22.46 106.31
C LEU F 246 -31.58 23.97 106.46
N ARG F 247 -32.31 24.59 107.40
CA ARG F 247 -32.23 26.03 107.59
C ARG F 247 -31.00 26.48 108.37
N ALA F 248 -30.22 25.55 108.90
CA ALA F 248 -29.05 25.92 109.69
C ALA F 248 -27.93 26.47 108.81
N VAL F 249 -27.04 27.24 109.43
CA VAL F 249 -25.89 27.78 108.74
C VAL F 249 -24.95 26.65 108.35
N GLU F 250 -24.43 26.70 107.12
CA GLU F 250 -23.57 25.63 106.63
C GLU F 250 -22.27 25.57 107.42
N THR F 251 -21.75 24.34 107.56
CA THR F 251 -20.48 24.10 108.22
C THR F 251 -19.60 23.29 107.28
N ARG F 252 -18.35 23.71 107.10
CA ARG F 252 -17.47 23.04 106.16
C ARG F 252 -17.12 21.62 106.61
N THR F 253 -17.07 21.38 107.92
CA THR F 253 -16.73 20.06 108.42
C THR F 253 -17.87 19.06 108.29
N THR F 254 -19.11 19.54 108.16
CA THR F 254 -20.28 18.68 108.10
C THR F 254 -20.80 18.46 106.68
N GLN F 255 -20.10 18.99 105.68
CA GLN F 255 -20.61 18.96 104.31
C GLN F 255 -21.02 17.55 103.90
N ASN F 256 -20.20 16.55 104.25
CA ASN F 256 -20.52 15.17 103.89
C ASN F 256 -21.90 14.76 104.39
N LEU F 257 -22.17 14.98 105.68
CA LEU F 257 -23.48 14.59 106.20
C LEU F 257 -24.57 15.38 105.49
N ARG F 258 -24.28 16.65 105.16
CA ARG F 258 -25.22 17.43 104.37
C ARG F 258 -25.64 16.68 103.12
N MET F 259 -24.65 16.17 102.36
CA MET F 259 -24.92 15.37 101.19
C MET F 259 -26.01 14.38 101.52
N THR F 260 -25.73 13.53 102.52
CA THR F 260 -26.67 12.49 102.90
C THR F 260 -28.08 13.05 103.04
N ILE F 261 -28.26 14.01 103.95
CA ILE F 261 -29.62 14.45 104.23
C ILE F 261 -30.23 15.04 102.98
N ALA F 262 -29.45 15.82 102.23
CA ALA F 262 -29.97 16.38 100.98
C ALA F 262 -30.47 15.28 100.08
N ARG F 263 -29.63 14.27 99.83
CA ARG F 263 -30.06 13.17 98.98
C ARG F 263 -31.26 12.48 99.59
N GLN F 264 -31.26 12.29 100.92
CA GLN F 264 -32.40 11.64 101.56
C GLN F 264 -33.67 12.44 101.28
N LEU F 265 -33.59 13.76 101.36
CA LEU F 265 -34.77 14.56 101.04
C LEU F 265 -35.20 14.34 99.60
N ALA F 266 -34.23 14.31 98.68
CA ALA F 266 -34.56 14.06 97.28
C ALA F 266 -35.19 12.69 97.11
N GLU F 267 -34.90 11.75 98.03
CA GLU F 267 -35.52 10.44 97.95
C GLU F 267 -36.96 10.45 98.44
N ILE F 268 -37.29 11.32 99.38
CA ILE F 268 -38.61 11.27 99.99
C ILE F 268 -39.57 12.28 99.37
N LEU F 269 -39.06 13.45 98.96
CA LEU F 269 -39.91 14.52 98.47
C LEU F 269 -40.49 14.22 97.08
N LEU F 270 -40.04 13.15 96.42
CA LEU F 270 -40.56 12.76 95.12
C LEU F 270 -41.46 11.54 95.18
N ARG F 271 -41.58 10.89 96.35
CA ARG F 271 -42.33 9.64 96.42
C ARG F 271 -43.20 9.53 97.67
N GLY F 272 -43.58 10.64 98.30
CA GLY F 272 -44.32 10.56 99.53
C GLY F 272 -45.50 11.50 99.66
N MET F 273 -45.72 12.34 98.65
CA MET F 273 -46.77 13.34 98.73
C MET F 273 -47.22 13.72 97.32
N CYS F 274 -48.25 14.56 97.26
CA CYS F 274 -48.78 15.10 96.00
C CYS F 274 -48.83 16.62 96.11
N GLU F 275 -49.38 17.26 95.08
CA GLU F 275 -49.41 18.72 95.05
C GLU F 275 -50.30 19.28 96.16
N GLN F 276 -51.50 18.70 96.35
CA GLN F 276 -52.41 19.18 97.37
C GLN F 276 -51.99 18.78 98.78
N SER F 277 -51.01 17.89 98.92
CA SER F 277 -50.48 17.50 100.22
C SER F 277 -49.22 18.29 100.59
N TYR F 278 -49.08 19.49 100.04
CA TYR F 278 -47.95 20.37 100.33
C TYR F 278 -48.45 21.58 101.11
N TRP F 279 -47.65 22.04 102.07
CA TRP F 279 -48.03 23.15 102.92
C TRP F 279 -46.82 24.03 103.18
N ASN F 280 -47.08 25.30 103.44
CA ASN F 280 -46.01 26.23 103.77
C ASN F 280 -45.48 25.95 105.17
N PRO F 281 -44.16 26.04 105.38
CA PRO F 281 -43.59 25.69 106.69
C PRO F 281 -44.04 26.60 107.83
N LEU F 282 -44.65 27.75 107.54
CA LEU F 282 -45.02 28.69 108.59
C LEU F 282 -46.32 28.32 109.31
N GLU F 283 -47.03 27.28 108.85
CA GLU F 283 -48.26 26.86 109.50
C GLU F 283 -48.34 25.33 109.50
N ASP F 284 -49.15 24.81 110.41
CA ASP F 284 -49.35 23.37 110.49
C ASP F 284 -50.16 22.89 109.30
N PRO F 285 -49.90 21.66 108.81
CA PRO F 285 -50.66 21.06 107.70
C PRO F 285 -52.13 20.88 108.02
N ALA F 310 -30.53 30.35 116.91
CA ALA F 310 -30.67 31.80 117.01
C ALA F 310 -30.85 32.43 115.64
N ARG F 311 -29.74 32.73 114.97
CA ARG F 311 -29.81 33.35 113.65
C ARG F 311 -30.30 32.35 112.62
N VAL F 312 -31.26 32.77 111.81
CA VAL F 312 -31.80 31.96 110.72
C VAL F 312 -31.76 32.76 109.44
N TYR F 313 -31.35 32.13 108.35
CA TYR F 313 -31.29 32.80 107.06
C TYR F 313 -32.68 33.29 106.64
N SER F 314 -32.75 34.52 106.17
CA SER F 314 -34.00 35.13 105.73
C SER F 314 -33.70 36.18 104.68
N GLY F 315 -34.70 36.98 104.34
CA GLY F 315 -34.58 38.02 103.34
C GLY F 315 -35.67 37.91 102.29
N GLU F 316 -35.63 38.85 101.35
CA GLU F 316 -36.62 38.89 100.28
C GLU F 316 -36.06 38.42 98.94
N ASN F 317 -34.74 38.47 98.74
CA ASN F 317 -34.14 37.99 97.50
C ASN F 317 -33.92 36.49 97.50
N ILE F 318 -34.21 35.80 98.60
CA ILE F 318 -34.05 34.35 98.65
C ILE F 318 -35.06 33.69 97.72
N PHE F 319 -34.71 32.51 97.23
CA PHE F 319 -35.57 31.77 96.30
C PHE F 319 -36.52 30.90 97.11
N CYS F 320 -37.76 31.35 97.24
CA CYS F 320 -38.76 30.58 97.96
C CYS F 320 -39.24 29.41 97.09
N PRO F 321 -39.16 28.18 97.59
CA PRO F 321 -39.65 27.03 96.80
C PRO F 321 -41.13 27.17 96.49
N GLN F 322 -41.51 26.75 95.29
CA GLN F 322 -42.88 26.82 94.82
C GLN F 322 -43.50 25.44 94.60
N GLU F 323 -42.85 24.59 93.82
CA GLU F 323 -43.32 23.24 93.55
C GLU F 323 -42.25 22.23 93.95
N ASN F 324 -42.65 20.96 93.97
CA ASN F 324 -41.72 19.90 94.33
C ASN F 324 -40.57 19.82 93.34
N THR F 325 -40.87 19.95 92.05
CA THR F 325 -39.82 19.86 91.02
C THR F 325 -38.79 20.97 91.19
N GLU F 326 -39.24 22.18 91.53
CA GLU F 326 -38.33 23.31 91.68
C GLU F 326 -37.27 23.02 92.74
N GLU F 327 -37.71 22.78 93.98
CA GLU F 327 -36.76 22.54 95.06
C GLU F 327 -35.99 21.25 94.87
N ALA F 328 -36.61 20.24 94.26
CA ALA F 328 -35.88 18.99 93.98
C ALA F 328 -34.72 19.24 93.04
N LEU F 329 -34.97 19.99 91.95
CA LEU F 329 -33.90 20.33 91.03
C LEU F 329 -32.84 21.18 91.70
N LEU F 330 -33.26 22.13 92.55
CA LEU F 330 -32.29 22.96 93.26
C LEU F 330 -31.38 22.12 94.14
N LEU F 331 -31.96 21.21 94.92
CA LEU F 331 -31.16 20.35 95.80
C LEU F 331 -30.24 19.44 95.01
N LEU F 332 -30.74 18.86 93.92
CA LEU F 332 -29.89 17.99 93.10
C LEU F 332 -28.74 18.78 92.48
N LEU F 333 -29.02 20.00 92.01
CA LEU F 333 -27.98 20.82 91.41
C LEU F 333 -26.90 21.17 92.42
N ILE F 334 -27.30 21.59 93.62
CA ILE F 334 -26.30 21.97 94.62
C ILE F 334 -25.51 20.74 95.07
N SER F 335 -26.18 19.59 95.18
CA SER F 335 -25.49 18.37 95.57
C SER F 335 -24.46 17.96 94.53
N GLU F 336 -24.84 18.00 93.25
CA GLU F 336 -23.89 17.67 92.19
C GLU F 336 -22.72 18.64 92.16
N SER F 337 -23.00 19.94 92.31
CA SER F 337 -21.94 20.94 92.27
C SER F 337 -20.97 20.75 93.44
N MET F 338 -21.48 20.43 94.62
CA MET F 338 -20.63 20.21 95.78
C MET F 338 -19.92 18.85 95.73
N ALA F 339 -20.48 17.87 95.03
CA ALA F 339 -19.84 16.56 94.93
C ALA F 339 -18.81 16.50 93.81
N ASN F 340 -18.88 17.40 92.82
CA ASN F 340 -17.86 17.40 91.78
C ASN F 340 -16.48 17.76 92.34
N ARG F 341 -16.43 18.72 93.27
CA ARG F 341 -15.15 19.14 93.83
C ARG F 341 -14.58 18.12 94.81
N ASP F 342 -15.41 17.22 95.34
CA ASP F 342 -14.97 16.22 96.30
C ASP F 342 -14.59 14.90 95.64
N ALA F 343 -14.54 14.85 94.32
CA ALA F 343 -14.17 13.62 93.62
C ALA F 343 -12.73 13.24 93.92
N VAL F 344 -12.45 11.93 93.87
CA VAL F 344 -11.11 11.43 94.14
C VAL F 344 -10.22 11.45 92.90
N LEU F 345 -10.75 11.91 91.75
CA LEU F 345 -10.00 12.00 90.50
C LEU F 345 -9.46 10.66 90.03
N SER F 346 -10.03 9.57 90.51
CA SER F 346 -9.58 8.21 90.20
C SER F 346 -8.08 8.07 90.44
N ARG F 347 -7.70 8.28 91.70
CA ARG F 347 -6.29 8.26 92.08
C ARG F 347 -5.66 6.92 91.75
N ILE F 348 -6.33 5.83 92.14
CA ILE F 348 -5.96 4.43 91.90
C ILE F 348 -4.47 4.14 91.97
N PRO F 349 -3.72 4.60 92.99
CA PRO F 349 -2.30 4.23 93.04
C PRO F 349 -2.11 2.76 93.38
N GLU F 350 -2.70 2.34 94.49
CA GLU F 350 -2.81 0.92 94.86
C GLU F 350 -4.16 0.54 95.43
N HIS F 351 -4.95 1.49 95.94
CA HIS F 351 -6.23 1.22 96.59
C HIS F 351 -7.37 1.57 95.65
N LYS F 352 -8.53 0.95 95.92
CA LYS F 352 -9.70 1.11 95.05
C LYS F 352 -10.99 1.45 95.79
N SER F 353 -11.06 1.25 97.11
CA SER F 353 -12.33 1.37 97.82
C SER F 353 -12.89 2.79 97.75
N ASP F 354 -12.03 3.79 97.99
CA ASP F 354 -12.50 5.17 98.01
C ASP F 354 -13.05 5.58 96.64
N ARG F 355 -12.34 5.22 95.57
CA ARG F 355 -12.83 5.53 94.24
C ARG F 355 -14.14 4.82 93.95
N LEU F 356 -14.28 3.58 94.39
CA LEU F 356 -15.54 2.86 94.20
C LEU F 356 -16.69 3.55 94.91
N ILE F 357 -16.47 4.00 96.15
CA ILE F 357 -17.51 4.72 96.88
C ILE F 357 -17.88 6.02 96.16
N SER F 358 -16.86 6.76 95.70
CA SER F 358 -17.13 8.01 95.00
C SER F 358 -17.90 7.76 93.71
N LEU F 359 -17.52 6.73 92.96
CA LEU F 359 -18.22 6.40 91.73
C LEU F 359 -19.67 6.00 91.99
N GLN F 360 -19.89 5.21 93.06
CA GLN F 360 -21.26 4.82 93.38
C GLN F 360 -22.10 6.04 93.75
N SER F 361 -21.54 6.96 94.54
CA SER F 361 -22.28 8.16 94.91
C SER F 361 -22.60 9.01 93.69
N ALA F 362 -21.61 9.19 92.81
CA ALA F 362 -21.85 9.97 91.59
C ALA F 362 -22.91 9.30 90.71
N SER F 363 -22.84 7.99 90.57
CA SER F 363 -23.81 7.28 89.75
C SER F 363 -25.22 7.45 90.31
N VAL F 364 -25.39 7.29 91.62
CA VAL F 364 -26.74 7.38 92.17
C VAL F 364 -27.27 8.81 92.08
N VAL F 365 -26.42 9.82 92.32
CA VAL F 365 -26.92 11.19 92.26
C VAL F 365 -27.26 11.57 90.82
N TYR F 366 -26.46 11.14 89.85
CA TYR F 366 -26.77 11.45 88.46
C TYR F 366 -27.99 10.69 87.97
N ASP F 367 -28.20 9.45 88.44
CA ASP F 367 -29.42 8.73 88.09
C ASP F 367 -30.65 9.44 88.65
N LEU F 368 -30.57 9.92 89.90
CA LEU F 368 -31.67 10.69 90.47
C LEU F 368 -31.93 11.95 89.64
N LEU F 369 -30.85 12.65 89.26
CA LEU F 369 -31.02 13.86 88.46
C LEU F 369 -31.69 13.57 87.13
N THR F 370 -31.25 12.52 86.43
CA THR F 370 -31.80 12.25 85.11
C THR F 370 -33.24 11.75 85.19
N ILE F 371 -33.59 10.98 86.23
CA ILE F 371 -34.98 10.57 86.34
C ILE F 371 -35.85 11.75 86.73
N ALA F 372 -35.34 12.68 87.53
CA ALA F 372 -36.13 13.86 87.88
C ALA F 372 -36.34 14.77 86.69
N LEU F 373 -35.31 14.93 85.85
CA LEU F 373 -35.38 15.91 84.76
C LEU F 373 -35.99 15.36 83.49
N GLY F 374 -35.87 14.06 83.23
CA GLY F 374 -36.37 13.50 81.98
C GLY F 374 -37.88 13.45 81.88
N ARG F 375 -38.58 13.57 83.00
CA ARG F 375 -40.03 13.48 82.99
C ARG F 375 -40.67 14.66 82.27
N ARG F 376 -40.06 15.84 82.37
CA ARG F 376 -40.63 17.05 81.77
C ARG F 376 -40.37 17.18 80.28
N GLY F 377 -39.56 16.30 79.70
CA GLY F 377 -39.25 16.40 78.29
C GLY F 377 -38.16 17.41 77.98
N GLN F 378 -37.23 17.58 78.91
CA GLN F 378 -36.12 18.50 78.79
C GLN F 378 -34.83 17.67 78.74
N TYR F 379 -34.20 17.63 77.56
CA TYR F 379 -33.13 16.67 77.31
C TYR F 379 -31.74 17.31 77.20
N GLU F 380 -31.65 18.52 76.65
CA GLU F 380 -30.33 19.09 76.35
C GLU F 380 -29.53 19.34 77.61
N MET F 381 -30.15 19.83 78.68
CA MET F 381 -29.40 20.01 79.93
C MET F 381 -28.99 18.65 80.50
N LEU F 382 -29.80 17.61 80.27
CA LEU F 382 -29.38 16.27 80.65
C LEU F 382 -28.12 15.85 79.91
N SER F 383 -28.06 16.14 78.61
CA SER F 383 -26.86 15.87 77.84
C SER F 383 -25.67 16.65 78.41
N GLU F 384 -25.89 17.91 78.77
CA GLU F 384 -24.82 18.73 79.36
C GLU F 384 -24.33 18.13 80.68
N CYS F 385 -25.27 17.70 81.53
CA CYS F 385 -24.89 17.12 82.82
C CYS F 385 -24.13 15.82 82.64
N LEU F 386 -24.54 14.99 81.69
CA LEU F 386 -23.82 13.75 81.43
C LEU F 386 -22.43 14.04 80.84
N GLU F 387 -22.33 15.09 80.02
CA GLU F 387 -21.01 15.52 79.55
C GLU F 387 -20.13 15.95 80.71
N ARG F 388 -20.70 16.68 81.67
CA ARG F 388 -19.94 17.08 82.85
C ARG F 388 -19.48 15.86 83.64
N ALA F 389 -20.36 14.87 83.81
CA ALA F 389 -20.03 13.67 84.55
C ALA F 389 -19.11 12.73 83.79
N MET F 390 -18.91 12.96 82.49
CA MET F 390 -18.09 12.09 81.65
C MET F 390 -16.66 11.91 82.16
N LYS F 391 -16.21 12.73 83.11
CA LYS F 391 -14.84 12.65 83.57
C LYS F 391 -14.54 11.31 84.24
N PHE F 392 -15.51 10.79 85.00
CA PHE F 392 -15.25 9.58 85.78
C PHE F 392 -15.16 8.34 84.90
N ALA F 393 -16.01 8.25 83.88
CA ALA F 393 -16.14 7.01 83.12
C ALA F 393 -14.88 6.73 82.30
N PHE F 394 -14.27 5.58 82.55
CA PHE F 394 -13.14 5.10 81.75
C PHE F 394 -13.43 3.77 81.08
N GLU F 395 -14.00 2.81 81.82
CA GLU F 395 -14.38 1.51 81.26
C GLU F 395 -15.73 1.09 81.80
N GLU F 396 -16.68 2.03 81.87
CA GLU F 396 -18.01 1.76 82.41
C GLU F 396 -19.03 1.83 81.28
N PHE F 397 -19.79 0.75 81.11
CA PHE F 397 -20.77 0.71 80.02
C PHE F 397 -21.97 1.61 80.33
N HIS F 398 -22.35 1.69 81.60
CA HIS F 398 -23.59 2.38 81.97
C HIS F 398 -23.54 3.86 81.60
N LEU F 399 -22.48 4.55 82.01
CA LEU F 399 -22.39 5.99 81.77
C LEU F 399 -22.29 6.29 80.27
N TRP F 400 -21.48 5.52 79.54
CA TRP F 400 -21.39 5.73 78.09
C TRP F 400 -22.74 5.52 77.42
N TYR F 401 -23.45 4.47 77.81
CA TYR F 401 -24.75 4.19 77.20
C TYR F 401 -25.76 5.30 77.51
N GLN F 402 -25.79 5.76 78.76
CA GLN F 402 -26.72 6.85 79.12
C GLN F 402 -26.39 8.11 78.35
N PHE F 403 -25.11 8.46 78.25
CA PHE F 403 -24.72 9.67 77.51
C PHE F 403 -25.09 9.55 76.04
N ALA F 404 -24.84 8.39 75.43
CA ALA F 404 -25.18 8.20 74.03
C ALA F 404 -26.67 8.31 73.80
N LEU F 405 -27.48 7.68 74.66
CA LEU F 405 -28.93 7.74 74.50
C LEU F 405 -29.44 9.16 74.66
N SER F 406 -28.91 9.89 75.67
CA SER F 406 -29.33 11.27 75.86
C SER F 406 -28.96 12.14 74.67
N LEU F 407 -27.75 11.97 74.14
CA LEU F 407 -27.32 12.77 72.99
C LEU F 407 -28.20 12.47 71.77
N MET F 408 -28.51 11.19 71.53
CA MET F 408 -29.33 10.85 70.38
C MET F 408 -30.76 11.37 70.54
N ALA F 409 -31.29 11.34 71.77
CA ALA F 409 -32.62 11.88 72.01
C ALA F 409 -32.65 13.40 71.87
N ALA F 410 -31.54 14.07 72.20
CA ALA F 410 -31.51 15.53 72.11
C ALA F 410 -31.69 16.01 70.67
N GLY F 411 -31.02 15.36 69.72
CA GLY F 411 -31.13 15.75 68.33
C GLY F 411 -29.82 15.66 67.57
N LYS F 412 -28.71 15.78 68.28
CA LYS F 412 -27.39 15.69 67.65
C LYS F 412 -27.17 14.29 67.10
N SER F 413 -26.44 14.20 65.98
CA SER F 413 -26.27 12.95 65.26
C SER F 413 -24.84 12.43 65.27
N ALA F 414 -23.88 13.25 64.84
CA ALA F 414 -22.51 12.75 64.68
C ALA F 414 -21.93 12.27 66.00
N ARG F 415 -22.09 13.06 67.06
CA ARG F 415 -21.61 12.63 68.37
C ARG F 415 -22.32 11.38 68.84
N ALA F 416 -23.63 11.30 68.58
CA ALA F 416 -24.38 10.10 68.95
C ALA F 416 -23.84 8.87 68.22
N VAL F 417 -23.54 9.01 66.93
CA VAL F 417 -22.98 7.89 66.16
C VAL F 417 -21.62 7.48 66.72
N LYS F 418 -20.77 8.47 67.03
CA LYS F 418 -19.44 8.14 67.54
C LYS F 418 -19.52 7.42 68.88
N VAL F 419 -20.38 7.91 69.79
CA VAL F 419 -20.50 7.24 71.09
C VAL F 419 -21.14 5.87 70.93
N LEU F 420 -22.06 5.71 69.99
CA LEU F 420 -22.61 4.39 69.70
C LEU F 420 -21.52 3.44 69.24
N LYS F 421 -20.63 3.91 68.37
CA LYS F 421 -19.52 3.07 67.92
C LYS F 421 -18.61 2.70 69.07
N GLU F 422 -18.32 3.65 69.95
CA GLU F 422 -17.48 3.34 71.11
C GLU F 422 -18.14 2.32 72.03
N CYS F 423 -19.45 2.46 72.26
CA CYS F 423 -20.16 1.48 73.08
C CYS F 423 -20.15 0.11 72.43
N ILE F 424 -20.29 0.04 71.11
CA ILE F 424 -20.20 -1.23 70.40
C ILE F 424 -18.82 -1.84 70.61
N ARG F 425 -17.77 -1.01 70.53
CA ARG F 425 -16.42 -1.51 70.79
C ARG F 425 -16.30 -2.04 72.21
N LEU F 426 -16.95 -1.38 73.17
CA LEU F 426 -16.77 -1.74 74.57
C LEU F 426 -17.30 -3.14 74.87
N LYS F 427 -18.52 -3.45 74.46
CA LYS F 427 -19.16 -4.73 74.77
C LYS F 427 -19.94 -5.22 73.56
N PRO F 428 -19.39 -6.13 72.77
CA PRO F 428 -20.10 -6.68 71.60
C PRO F 428 -21.00 -7.86 71.98
N ASP F 429 -22.08 -7.56 72.70
CA ASP F 429 -23.00 -8.59 73.15
C ASP F 429 -24.43 -8.37 72.70
N ASP F 430 -24.92 -7.13 72.72
CA ASP F 430 -26.30 -6.85 72.38
C ASP F 430 -26.44 -6.47 70.91
N ALA F 431 -27.69 -6.45 70.44
CA ALA F 431 -28.00 -6.06 69.08
C ALA F 431 -28.79 -4.77 68.99
N THR F 432 -29.28 -4.25 70.11
CA THR F 432 -30.02 -2.98 70.08
C THR F 432 -29.12 -1.82 69.67
N ILE F 433 -27.89 -1.80 70.19
CA ILE F 433 -26.99 -0.68 69.88
C ILE F 433 -26.66 -0.61 68.38
N PRO F 434 -26.23 -1.67 67.71
CA PRO F 434 -25.99 -1.56 66.27
C PRO F 434 -27.25 -1.26 65.48
N LEU F 435 -28.41 -1.73 65.94
CA LEU F 435 -29.66 -1.41 65.25
C LEU F 435 -29.96 0.07 65.34
N LEU F 436 -29.78 0.67 66.51
CA LEU F 436 -29.98 2.11 66.65
C LEU F 436 -28.97 2.89 65.82
N ALA F 437 -27.73 2.42 65.78
CA ALA F 437 -26.71 3.07 64.96
C ALA F 437 -27.09 3.03 63.49
N ALA F 438 -27.59 1.88 63.02
CA ALA F 438 -28.03 1.76 61.63
C ALA F 438 -29.22 2.66 61.35
N LYS F 439 -30.16 2.75 62.29
CA LYS F 439 -31.31 3.62 62.12
C LYS F 439 -30.88 5.08 61.99
N LEU F 440 -29.95 5.51 62.84
CA LEU F 440 -29.45 6.89 62.76
C LEU F 440 -28.71 7.12 61.45
N CYS F 441 -27.91 6.14 61.02
CA CYS F 441 -27.17 6.28 59.76
C CYS F 441 -28.12 6.39 58.58
N MET F 442 -29.20 5.61 58.58
CA MET F 442 -30.17 5.60 57.49
C MET F 442 -31.10 6.80 57.52
N GLY F 443 -31.10 7.58 58.59
CA GLY F 443 -32.01 8.70 58.75
C GLY F 443 -31.65 9.90 57.90
N SER F 444 -31.93 11.09 58.45
CA SER F 444 -31.72 12.33 57.70
C SER F 444 -30.25 12.58 57.39
N LEU F 445 -29.33 11.96 58.12
CA LEU F 445 -27.91 12.11 57.82
C LEU F 445 -27.58 11.57 56.43
N HIS F 446 -28.36 10.60 55.95
CA HIS F 446 -28.25 10.08 54.59
C HIS F 446 -26.87 9.48 54.32
N TRP F 447 -26.52 8.49 55.14
CA TRP F 447 -25.35 7.65 54.92
C TRP F 447 -25.82 6.21 54.71
N LEU F 448 -25.07 5.46 53.91
CA LEU F 448 -25.50 4.13 53.52
C LEU F 448 -24.51 3.04 53.89
N GLU F 449 -23.21 3.28 53.74
CA GLU F 449 -22.22 2.23 54.01
C GLU F 449 -22.22 1.82 55.48
N GLU F 450 -22.31 2.80 56.38
CA GLU F 450 -22.32 2.48 57.80
C GLU F 450 -23.56 1.69 58.19
N ALA F 451 -24.71 2.02 57.59
CA ALA F 451 -25.92 1.23 57.83
C ALA F 451 -25.73 -0.21 57.36
N GLU F 452 -25.08 -0.39 56.20
CA GLU F 452 -24.79 -1.73 55.72
C GLU F 452 -23.89 -2.49 56.69
N LYS F 453 -22.86 -1.82 57.20
CA LYS F 453 -21.95 -2.47 58.13
C LYS F 453 -22.68 -2.87 59.42
N PHE F 454 -23.51 -1.99 59.95
CA PHE F 454 -24.25 -2.30 61.16
C PHE F 454 -25.23 -3.43 60.94
N ALA F 455 -25.93 -3.44 59.80
CA ALA F 455 -26.86 -4.52 59.50
C ALA F 455 -26.13 -5.86 59.37
N LYS F 456 -24.96 -5.86 58.71
CA LYS F 456 -24.19 -7.09 58.61
C LYS F 456 -23.71 -7.57 59.97
N THR F 457 -23.30 -6.64 60.83
CA THR F 457 -22.90 -7.02 62.19
C THR F 457 -24.07 -7.62 62.95
N VAL F 458 -25.26 -7.04 62.80
CA VAL F 458 -26.44 -7.58 63.48
C VAL F 458 -26.75 -8.99 62.99
N VAL F 459 -26.74 -9.17 61.66
CA VAL F 459 -27.12 -10.47 61.10
C VAL F 459 -26.04 -11.51 61.35
N ASP F 460 -24.80 -11.09 61.61
CA ASP F 460 -23.74 -12.05 61.92
C ASP F 460 -24.02 -12.77 63.23
N VAL F 461 -24.51 -12.04 64.23
CA VAL F 461 -24.81 -12.63 65.53
C VAL F 461 -26.22 -13.22 65.52
N THR F 465 -32.16 -13.75 69.54
CA THR F 465 -33.18 -14.74 69.30
C THR F 465 -33.44 -14.91 67.81
N SER F 466 -34.65 -14.58 67.37
CA SER F 466 -35.02 -14.69 65.97
C SER F 466 -35.58 -13.37 65.46
N GLU F 467 -36.15 -12.56 66.36
CA GLU F 467 -36.67 -11.26 65.97
C GLU F 467 -35.55 -10.31 65.54
N PHE F 468 -34.43 -10.35 66.26
CA PHE F 468 -33.34 -9.41 65.98
C PHE F 468 -32.75 -9.64 64.60
N LYS F 469 -32.55 -10.90 64.21
CA LYS F 469 -32.02 -11.17 62.88
C LYS F 469 -33.02 -10.80 61.79
N ALA F 470 -34.32 -10.96 62.06
CA ALA F 470 -35.33 -10.51 61.12
C ALA F 470 -35.28 -9.00 60.93
N LYS F 471 -35.11 -8.26 62.03
CA LYS F 471 -35.00 -6.81 61.92
C LYS F 471 -33.73 -6.42 61.18
N GLY F 472 -32.64 -7.14 61.41
CA GLY F 472 -31.42 -6.88 60.66
C GLY F 472 -31.59 -7.12 59.17
N TYR F 473 -32.27 -8.20 58.80
CA TYR F 473 -32.56 -8.46 57.40
C TYR F 473 -33.42 -7.35 56.80
N LEU F 474 -34.42 -6.90 57.55
CA LEU F 474 -35.27 -5.80 57.07
C LEU F 474 -34.46 -4.54 56.84
N ALA F 475 -33.57 -4.21 57.78
CA ALA F 475 -32.73 -3.03 57.63
C ALA F 475 -31.79 -3.16 56.44
N LEU F 476 -31.22 -4.34 56.24
CA LEU F 476 -30.34 -4.57 55.10
C LEU F 476 -31.10 -4.40 53.79
N GLY F 477 -32.33 -4.93 53.73
CA GLY F 477 -33.13 -4.77 52.54
C GLY F 477 -33.50 -3.32 52.25
N LEU F 478 -33.84 -2.57 53.30
CA LEU F 478 -34.13 -1.15 53.12
C LEU F 478 -32.91 -0.39 52.62
N THR F 479 -31.73 -0.72 53.18
CA THR F 479 -30.50 -0.07 52.72
C THR F 479 -30.23 -0.41 51.25
N TYR F 480 -30.44 -1.67 50.87
CA TYR F 480 -30.25 -2.05 49.47
C TYR F 480 -31.21 -1.31 48.55
N SER F 481 -32.48 -1.17 48.97
CA SER F 481 -33.43 -0.43 48.15
C SER F 481 -33.03 1.03 48.00
N LEU F 482 -32.59 1.66 49.10
CA LEU F 482 -32.17 3.04 49.03
C LEU F 482 -30.95 3.21 48.12
N GLN F 483 -30.01 2.27 48.19
CA GLN F 483 -28.86 2.31 47.29
C GLN F 483 -29.30 2.15 45.84
N ALA F 484 -30.27 1.26 45.60
CA ALA F 484 -30.76 1.04 44.24
C ALA F 484 -31.44 2.28 43.69
N THR F 485 -32.13 3.04 44.54
CA THR F 485 -32.83 4.23 44.08
C THR F 485 -31.86 5.26 43.51
N ASP F 486 -30.69 5.42 44.14
CA ASP F 486 -29.73 6.44 43.75
C ASP F 486 -28.61 5.90 42.86
N ALA F 487 -28.91 4.91 42.03
CA ALA F 487 -27.92 4.36 41.12
C ALA F 487 -27.77 5.27 39.90
N SER F 488 -26.89 4.85 38.97
CA SER F 488 -26.60 5.64 37.78
C SER F 488 -26.66 4.85 36.48
N LEU F 489 -26.59 3.52 36.53
CA LEU F 489 -26.61 2.71 35.31
C LEU F 489 -27.70 1.65 35.39
N ARG F 490 -27.67 0.68 34.47
CA ARG F 490 -28.77 -0.26 34.32
C ARG F 490 -28.65 -1.50 35.22
N GLY F 491 -27.57 -2.27 35.05
CA GLY F 491 -27.52 -3.61 35.62
C GLY F 491 -27.58 -3.63 37.13
N MET F 492 -26.79 -2.77 37.79
CA MET F 492 -26.74 -2.81 39.24
C MET F 492 -28.09 -2.46 39.86
N GLN F 493 -28.93 -1.71 39.15
CA GLN F 493 -30.28 -1.45 39.64
C GLN F 493 -31.05 -2.75 39.80
N GLU F 494 -31.06 -3.59 38.77
CA GLU F 494 -31.75 -4.87 38.87
C GLU F 494 -31.08 -5.78 39.90
N VAL F 495 -29.74 -5.74 39.98
CA VAL F 495 -29.05 -6.57 40.95
C VAL F 495 -29.47 -6.21 42.37
N LEU F 496 -29.49 -4.91 42.68
CA LEU F 496 -29.86 -4.47 44.02
C LEU F 496 -31.33 -4.70 44.29
N GLN F 497 -32.19 -4.56 43.27
CA GLN F 497 -33.60 -4.88 43.46
C GLN F 497 -33.80 -6.35 43.80
N ARG F 498 -33.09 -7.24 43.10
CA ARG F 498 -33.17 -8.66 43.41
C ARG F 498 -32.65 -8.96 44.82
N LYS F 499 -31.54 -8.33 45.20
CA LYS F 499 -31.02 -8.53 46.54
C LYS F 499 -32.01 -8.06 47.61
N ALA F 500 -32.63 -6.90 47.39
CA ALA F 500 -33.62 -6.39 48.33
C ALA F 500 -34.82 -7.32 48.42
N LEU F 501 -35.28 -7.83 47.27
CA LEU F 501 -36.41 -8.75 47.27
C LEU F 501 -36.07 -10.03 48.03
N LEU F 502 -34.87 -10.55 47.82
CA LEU F 502 -34.44 -11.75 48.54
C LEU F 502 -34.39 -11.50 50.04
N ALA F 503 -33.83 -10.35 50.45
CA ALA F 503 -33.77 -10.03 51.87
C ALA F 503 -35.17 -9.90 52.46
N PHE F 504 -36.07 -9.23 51.74
CA PHE F 504 -37.44 -9.05 52.24
C PHE F 504 -38.15 -10.39 52.38
N GLN F 505 -38.01 -11.28 51.39
CA GLN F 505 -38.69 -12.56 51.48
C GLN F 505 -38.09 -13.44 52.57
N ARG F 506 -36.77 -13.35 52.78
CA ARG F 506 -36.16 -14.07 53.90
C ARG F 506 -36.69 -13.56 55.23
N ALA F 507 -36.79 -12.23 55.37
CA ALA F 507 -37.32 -11.67 56.62
C ALA F 507 -38.76 -12.09 56.84
N HIS F 508 -39.57 -12.09 55.78
CA HIS F 508 -40.96 -12.53 55.91
C HIS F 508 -41.03 -14.00 56.32
N SER F 509 -40.17 -14.84 55.73
CA SER F 509 -40.16 -16.26 56.08
C SER F 509 -39.78 -16.46 57.54
N LEU F 510 -38.78 -15.72 58.02
CA LEU F 510 -38.33 -15.88 59.40
C LEU F 510 -39.39 -15.44 60.41
N SER F 511 -40.29 -14.54 60.03
CA SER F 511 -41.32 -14.08 60.95
C SER F 511 -42.58 -13.69 60.18
N PRO F 512 -43.64 -14.48 60.25
CA PRO F 512 -44.86 -14.20 59.50
C PRO F 512 -45.91 -13.38 60.25
N THR F 513 -45.59 -12.81 61.41
CA THR F 513 -46.56 -12.13 62.25
C THR F 513 -46.19 -10.67 62.47
N ASP F 514 -45.80 -9.98 61.40
CA ASP F 514 -45.51 -8.55 61.46
C ASP F 514 -45.97 -7.90 60.17
N HIS F 515 -46.85 -6.90 60.28
CA HIS F 515 -47.44 -6.29 59.10
C HIS F 515 -46.45 -5.38 58.37
N GLN F 516 -45.48 -4.82 59.09
CA GLN F 516 -44.53 -3.90 58.46
C GLN F 516 -43.70 -4.61 57.40
N ALA F 517 -43.24 -5.83 57.70
CA ALA F 517 -42.45 -6.57 56.73
C ALA F 517 -43.25 -6.88 55.48
N ALA F 518 -44.51 -7.31 55.64
CA ALA F 518 -45.34 -7.61 54.47
C ALA F 518 -45.61 -6.35 53.66
N PHE F 519 -45.89 -5.23 54.33
CA PHE F 519 -46.13 -3.98 53.62
C PHE F 519 -44.91 -3.55 52.82
N TYR F 520 -43.73 -3.63 53.43
CA TYR F 520 -42.51 -3.25 52.72
C TYR F 520 -42.21 -4.20 51.57
N LEU F 521 -42.50 -5.50 51.77
CA LEU F 521 -42.32 -6.46 50.68
C LEU F 521 -43.23 -6.13 49.51
N ALA F 522 -44.50 -5.79 49.78
CA ALA F 522 -45.42 -5.41 48.72
C ALA F 522 -44.94 -4.15 48.01
N LEU F 523 -44.47 -3.16 48.78
CA LEU F 523 -43.99 -1.92 48.17
C LEU F 523 -42.79 -2.18 47.27
N GLN F 524 -41.85 -3.01 47.72
CA GLN F 524 -40.69 -3.33 46.89
C GLN F 524 -41.09 -4.11 45.66
N LEU F 525 -42.03 -5.04 45.80
CA LEU F 525 -42.45 -5.85 44.66
C LEU F 525 -43.20 -5.01 43.63
N ALA F 526 -43.93 -3.99 44.06
CA ALA F 526 -44.66 -3.14 43.13
C ALA F 526 -43.74 -2.37 42.20
N ILE F 527 -42.46 -2.21 42.57
CA ILE F 527 -41.53 -1.51 41.70
C ILE F 527 -41.28 -2.30 40.42
N SER F 528 -41.19 -3.62 40.53
CA SER F 528 -40.92 -4.48 39.38
C SER F 528 -42.14 -4.70 38.50
N ARG F 529 -43.22 -3.92 38.71
CA ARG F 529 -44.44 -3.93 37.92
C ARG F 529 -45.22 -5.24 38.03
N GLN F 530 -44.79 -6.18 38.87
CA GLN F 530 -45.52 -7.43 39.08
C GLN F 530 -46.72 -7.13 39.96
N ILE F 531 -47.85 -6.85 39.33
CA ILE F 531 -49.02 -6.29 40.02
C ILE F 531 -49.76 -7.32 40.86
N PRO F 532 -50.16 -8.49 40.33
CA PRO F 532 -50.99 -9.40 41.13
C PRO F 532 -50.32 -9.87 42.42
N GLU F 533 -49.02 -10.18 42.37
CA GLU F 533 -48.33 -10.68 43.56
C GLU F 533 -48.23 -9.58 44.62
N ALA F 534 -47.89 -8.37 44.21
CA ALA F 534 -47.85 -7.25 45.16
C ALA F 534 -49.22 -6.96 45.74
N LEU F 535 -50.27 -7.08 44.91
CA LEU F 535 -51.62 -6.88 45.40
C LEU F 535 -52.00 -7.92 46.44
N GLY F 536 -51.63 -9.18 46.20
CA GLY F 536 -51.89 -10.22 47.20
C GLY F 536 -51.13 -9.97 48.49
N TYR F 537 -49.85 -9.60 48.39
CA TYR F 537 -49.07 -9.35 49.59
C TYR F 537 -49.61 -8.17 50.38
N VAL F 538 -49.98 -7.08 49.70
CA VAL F 538 -50.53 -5.93 50.43
C VAL F 538 -51.90 -6.26 50.98
N ARG F 539 -52.67 -7.13 50.32
CA ARG F 539 -53.93 -7.58 50.88
C ARG F 539 -53.70 -8.36 52.17
N GLN F 540 -52.68 -9.22 52.19
CA GLN F 540 -52.35 -9.93 53.42
C GLN F 540 -51.91 -8.97 54.52
N ALA F 541 -51.12 -7.96 54.16
CA ALA F 541 -50.68 -6.97 55.14
C ALA F 541 -51.86 -6.20 55.72
N LEU F 542 -52.82 -5.82 54.87
CA LEU F 542 -54.04 -5.20 55.35
C LEU F 542 -54.82 -6.14 56.25
N GLN F 543 -54.82 -7.44 55.92
CA GLN F 543 -55.48 -8.42 56.76
C GLN F 543 -54.87 -8.44 58.15
N LEU F 544 -53.54 -8.38 58.24
CA LEU F 544 -52.89 -8.33 59.55
C LEU F 544 -53.28 -7.05 60.30
N GLN F 545 -53.28 -5.92 59.59
CA GLN F 545 -53.65 -4.63 60.20
C GLN F 545 -54.10 -3.70 59.09
N GLY F 546 -55.26 -3.08 59.27
CA GLY F 546 -55.84 -2.24 58.24
C GLY F 546 -56.02 -0.78 58.62
N ASP F 547 -55.38 -0.34 59.69
CA ASP F 547 -55.44 1.05 60.14
C ASP F 547 -54.24 1.87 59.68
N ASP F 548 -53.32 1.27 58.93
CA ASP F 548 -52.13 1.98 58.50
C ASP F 548 -52.47 2.90 57.32
N ALA F 549 -52.16 4.19 57.47
CA ALA F 549 -52.41 5.13 56.39
C ALA F 549 -51.57 4.81 55.17
N ASN F 550 -50.32 4.40 55.37
CA ASN F 550 -49.47 4.04 54.26
C ASN F 550 -50.03 2.85 53.48
N SER F 551 -50.61 1.89 54.20
CA SER F 551 -51.19 0.72 53.55
C SER F 551 -52.36 1.12 52.64
N LEU F 552 -53.25 1.99 53.14
CA LEU F 552 -54.37 2.44 52.33
C LEU F 552 -53.90 3.26 51.14
N HIS F 553 -52.89 4.11 51.34
CA HIS F 553 -52.35 4.90 50.24
C HIS F 553 -51.75 4.00 49.17
N LEU F 554 -51.01 2.97 49.58
CA LEU F 554 -50.43 2.04 48.62
C LEU F 554 -51.52 1.26 47.89
N LEU F 555 -52.58 0.88 48.60
CA LEU F 555 -53.69 0.18 47.96
C LEU F 555 -54.34 1.04 46.89
N ALA F 556 -54.60 2.31 47.21
CA ALA F 556 -55.20 3.21 46.24
C ALA F 556 -54.27 3.42 45.05
N LEU F 557 -52.97 3.60 45.31
CA LEU F 557 -52.01 3.80 44.23
C LEU F 557 -51.95 2.57 43.33
N LEU F 558 -52.03 1.38 43.91
CA LEU F 558 -51.98 0.16 43.10
C LEU F 558 -53.26 -0.02 42.30
N LEU F 559 -54.42 0.29 42.89
CA LEU F 559 -55.67 0.23 42.14
C LEU F 559 -55.68 1.25 41.01
N SER F 560 -54.93 2.35 41.16
CA SER F 560 -54.84 3.33 40.08
C SER F 560 -54.21 2.71 38.84
N ALA F 561 -53.21 1.86 39.02
CA ALA F 561 -52.53 1.24 37.89
C ALA F 561 -53.42 0.27 37.13
N GLN F 562 -54.49 -0.23 37.75
CA GLN F 562 -55.40 -1.17 37.12
C GLN F 562 -56.58 -0.49 36.44
N LYS F 563 -56.57 0.84 36.37
CA LYS F 563 -57.60 1.63 35.70
C LYS F 563 -58.96 1.43 36.35
N HIS F 564 -59.01 1.69 37.66
CA HIS F 564 -60.25 1.71 38.44
C HIS F 564 -60.22 2.99 39.27
N TYR F 565 -60.72 4.07 38.69
CA TYR F 565 -60.54 5.39 39.30
C TYR F 565 -61.53 5.63 40.44
N HIS F 566 -62.77 5.14 40.32
CA HIS F 566 -63.76 5.38 41.35
C HIS F 566 -63.40 4.67 42.66
N ASP F 567 -62.91 3.43 42.57
CA ASP F 567 -62.51 2.70 43.76
C ASP F 567 -61.36 3.40 44.49
N ALA F 568 -60.34 3.84 43.73
CA ALA F 568 -59.24 4.57 44.34
C ALA F 568 -59.72 5.88 44.94
N LEU F 569 -60.66 6.55 44.27
CA LEU F 569 -61.21 7.79 44.80
C LEU F 569 -61.90 7.56 46.14
N ASN F 570 -62.70 6.48 46.23
CA ASN F 570 -63.36 6.17 47.50
C ASN F 570 -62.35 5.81 48.59
N ILE F 571 -61.30 5.07 48.22
CA ILE F 571 -60.27 4.71 49.21
C ILE F 571 -59.59 5.96 49.74
N ILE F 572 -59.23 6.88 48.84
CA ILE F 572 -58.59 8.12 49.26
C ILE F 572 -59.54 8.97 50.09
N ASP F 573 -60.83 8.94 49.75
CA ASP F 573 -61.82 9.67 50.54
C ASP F 573 -61.90 9.12 51.96
N MET F 574 -61.93 7.79 52.11
CA MET F 574 -61.98 7.21 53.44
C MET F 574 -60.70 7.51 54.22
N ALA F 575 -59.55 7.45 53.55
CA ALA F 575 -58.29 7.79 54.22
C ALA F 575 -58.28 9.24 54.67
N LEU F 576 -58.82 10.15 53.85
CA LEU F 576 -58.94 11.55 54.25
C LEU F 576 -59.87 11.70 55.44
N SER F 577 -60.96 10.93 55.44
CA SER F 577 -61.88 10.96 56.58
C SER F 577 -61.18 10.52 57.86
N GLU F 578 -60.32 9.50 57.76
CA GLU F 578 -59.61 9.04 58.94
C GLU F 578 -58.53 10.03 59.36
N TYR F 579 -57.84 10.65 58.40
CA TYR F 579 -56.76 11.60 58.66
C TYR F 579 -57.03 12.89 57.91
N PRO F 580 -57.88 13.77 58.45
CA PRO F 580 -58.25 14.99 57.74
C PRO F 580 -57.20 16.10 57.78
N GLU F 581 -55.96 15.83 58.19
CA GLU F 581 -54.93 16.87 58.20
C GLU F 581 -53.63 16.41 57.54
N ASN F 582 -53.64 15.38 56.72
CA ASN F 582 -52.44 14.94 56.03
C ASN F 582 -52.21 15.82 54.79
N PHE F 583 -51.10 15.58 54.09
CA PHE F 583 -50.78 16.34 52.89
C PHE F 583 -50.65 15.48 51.64
N ILE F 584 -49.93 14.36 51.73
CA ILE F 584 -49.69 13.53 50.54
C ILE F 584 -51.00 12.99 49.99
N LEU F 585 -51.89 12.53 50.88
CA LEU F 585 -53.19 12.04 50.44
C LEU F 585 -53.98 13.11 49.72
N LEU F 586 -53.85 14.36 50.18
CA LEU F 586 -54.53 15.47 49.48
C LEU F 586 -53.99 15.65 48.08
N PHE F 587 -52.67 15.55 47.90
CA PHE F 587 -52.10 15.66 46.56
C PHE F 587 -52.58 14.53 45.65
N SER F 588 -52.63 13.31 46.18
CA SER F 588 -53.14 12.20 45.39
C SER F 588 -54.60 12.40 45.02
N LYS F 589 -55.40 12.91 45.96
CA LYS F 589 -56.80 13.20 45.67
C LYS F 589 -56.93 14.26 44.59
N VAL F 590 -56.11 15.30 44.65
CA VAL F 590 -56.16 16.35 43.64
C VAL F 590 -55.83 15.79 42.26
N LYS F 591 -54.78 14.98 42.18
CA LYS F 591 -54.40 14.40 40.90
C LYS F 591 -55.49 13.49 40.35
N LEU F 592 -56.06 12.64 41.22
CA LEU F 592 -57.10 11.72 40.76
C LEU F 592 -58.36 12.47 40.33
N GLN F 593 -58.73 13.53 41.05
CA GLN F 593 -59.88 14.33 40.65
C GLN F 593 -59.63 15.02 39.32
N SER F 594 -58.42 15.55 39.12
CA SER F 594 -58.10 16.18 37.84
C SER F 594 -58.14 15.17 36.70
N LEU F 595 -57.77 13.92 36.97
CA LEU F 595 -57.79 12.90 35.93
C LEU F 595 -59.17 12.29 35.70
N CYS F 596 -60.07 12.38 36.67
CA CYS F 596 -61.35 11.67 36.60
C CYS F 596 -62.55 12.59 36.51
N ARG F 597 -62.72 13.53 37.46
CA ARG F 597 -63.96 14.27 37.56
C ARG F 597 -63.94 15.56 36.74
N GLY F 598 -63.03 16.47 37.07
CA GLY F 598 -62.98 17.75 36.39
C GLY F 598 -62.10 18.76 37.11
N PRO F 599 -62.00 19.96 36.54
CA PRO F 599 -61.12 20.98 37.12
C PRO F 599 -61.71 21.70 38.32
N ASP F 600 -63.04 21.81 38.37
CA ASP F 600 -63.68 22.55 39.46
C ASP F 600 -63.44 21.87 40.80
N GLU F 601 -63.54 20.54 40.85
CA GLU F 601 -63.26 19.83 42.09
C GLU F 601 -61.82 20.01 42.52
N ALA F 602 -60.89 19.99 41.56
CA ALA F 602 -59.49 20.23 41.88
C ALA F 602 -59.26 21.62 42.45
N LEU F 603 -59.93 22.63 41.87
CA LEU F 603 -59.82 23.99 42.38
C LEU F 603 -60.36 24.08 43.81
N LEU F 604 -61.52 23.45 44.06
CA LEU F 604 -62.08 23.47 45.40
C LEU F 604 -61.15 22.79 46.40
N THR F 605 -60.59 21.65 46.02
CA THR F 605 -59.66 20.95 46.92
C THR F 605 -58.42 21.78 47.18
N CYS F 606 -57.91 22.47 46.15
CA CYS F 606 -56.72 23.30 46.33
C CYS F 606 -57.00 24.47 47.26
N LYS F 607 -58.17 25.10 47.12
CA LYS F 607 -58.48 26.22 48.01
C LYS F 607 -58.71 25.73 49.44
N HIS F 608 -59.31 24.55 49.60
CA HIS F 608 -59.45 23.97 50.93
C HIS F 608 -58.09 23.67 51.54
N MET F 609 -57.16 23.16 50.74
CA MET F 609 -55.81 22.89 51.21
C MET F 609 -55.11 24.18 51.63
N LEU F 610 -55.28 25.25 50.86
CA LEU F 610 -54.70 26.54 51.24
C LEU F 610 -55.28 27.03 52.55
N GLN F 611 -56.60 26.89 52.72
CA GLN F 611 -57.23 27.29 53.97
C GLN F 611 -56.69 26.48 55.15
N ILE F 612 -56.53 25.17 54.96
CA ILE F 612 -56.02 24.32 56.03
C ILE F 612 -54.59 24.72 56.39
N TRP F 613 -53.75 24.98 55.38
CA TRP F 613 -52.38 25.39 55.65
C TRP F 613 -52.34 26.72 56.39
N LYS F 614 -53.20 27.67 55.99
CA LYS F 614 -53.25 28.95 56.68
C LYS F 614 -53.69 28.79 58.12
N SER F 615 -54.67 27.92 58.37
CA SER F 615 -55.14 27.70 59.74
C SER F 615 -54.06 27.03 60.59
N CYS F 616 -53.32 26.09 60.01
CA CYS F 616 -52.36 25.32 60.78
C CYS F 616 -51.15 26.14 61.21
N TYR F 617 -50.83 27.21 60.49
CA TYR F 617 -49.66 28.03 60.77
C TYR F 617 -50.10 29.47 61.03
N ASN F 618 -49.11 30.35 61.17
CA ASN F 618 -49.39 31.75 61.44
C ASN F 618 -48.80 32.63 60.33
N GLY F 687 -39.09 29.25 60.17
CA GLY F 687 -37.98 28.39 60.54
C GLY F 687 -37.73 27.27 59.54
N PRO F 688 -38.45 26.17 59.70
CA PRO F 688 -38.29 25.05 58.77
C PRO F 688 -38.75 25.41 57.37
N LEU F 689 -38.10 24.80 56.38
CA LEU F 689 -38.42 25.07 54.98
C LEU F 689 -39.60 24.28 54.47
N HIS F 690 -40.13 23.34 55.27
CA HIS F 690 -41.25 22.52 54.80
C HIS F 690 -42.50 23.33 54.45
N PRO F 691 -42.96 24.29 55.27
CA PRO F 691 -44.14 25.06 54.84
C PRO F 691 -43.94 25.79 53.52
N TRP F 692 -42.74 26.32 53.29
CA TRP F 692 -42.48 27.02 52.03
C TRP F 692 -42.57 26.07 50.84
N MET F 693 -42.00 24.88 50.96
CA MET F 693 -42.06 23.92 49.87
C MET F 693 -43.50 23.44 49.65
N THR F 694 -44.26 23.25 50.72
CA THR F 694 -45.66 22.87 50.56
C THR F 694 -46.45 23.96 49.83
N LEU F 695 -46.22 25.23 50.19
CA LEU F 695 -46.90 26.32 49.50
C LEU F 695 -46.50 26.37 48.03
N ALA F 696 -45.21 26.18 47.74
CA ALA F 696 -44.75 26.17 46.36
C ALA F 696 -45.40 25.03 45.57
N GLN F 697 -45.51 23.85 46.16
CA GLN F 697 -46.16 22.73 45.49
C GLN F 697 -47.64 23.02 45.25
N ILE F 698 -48.30 23.66 46.22
CA ILE F 698 -49.71 24.03 46.04
C ILE F 698 -49.86 24.96 44.85
N TRP F 699 -49.00 25.98 44.77
CA TRP F 699 -49.10 26.93 43.66
C TRP F 699 -48.78 26.26 42.33
N LEU F 700 -47.80 25.36 42.31
CA LEU F 700 -47.47 24.66 41.07
C LEU F 700 -48.62 23.77 40.61
N HIS F 701 -49.28 23.08 41.55
CA HIS F 701 -50.41 22.25 41.18
C HIS F 701 -51.57 23.11 40.66
N ALA F 702 -51.80 24.28 41.28
CA ALA F 702 -52.80 25.20 40.75
C ALA F 702 -52.46 25.66 39.34
N ALA F 703 -51.18 25.98 39.11
CA ALA F 703 -50.76 26.37 37.76
C ALA F 703 -51.00 25.25 36.76
N GLU F 704 -50.73 24.01 37.16
CA GLU F 704 -50.92 22.87 36.26
C GLU F 704 -52.40 22.63 35.97
N VAL F 705 -53.26 22.75 36.99
CA VAL F 705 -54.68 22.55 36.73
C VAL F 705 -55.25 23.69 35.91
N TYR F 706 -54.63 24.88 35.98
CA TYR F 706 -55.07 25.97 35.12
C TYR F 706 -54.59 25.79 33.68
N ILE F 707 -53.37 25.27 33.51
CA ILE F 707 -52.80 25.13 32.16
C ILE F 707 -53.49 24.01 31.39
N GLY F 708 -54.23 23.14 32.06
CA GLY F 708 -54.93 22.07 31.40
C GLY F 708 -56.25 22.44 30.76
N ILE F 709 -56.66 23.70 30.89
CA ILE F 709 -57.93 24.15 30.33
C ILE F 709 -57.76 25.18 29.21
N GLY F 710 -56.58 25.80 29.09
CA GLY F 710 -56.33 26.74 28.03
C GLY F 710 -56.50 28.20 28.43
N LYS F 711 -55.97 28.56 29.60
CA LYS F 711 -56.00 29.94 30.09
C LYS F 711 -54.59 30.31 30.52
N PRO F 712 -53.71 30.62 29.56
CA PRO F 712 -52.31 30.85 29.91
C PRO F 712 -52.07 32.04 30.82
N ALA F 713 -52.95 33.04 30.80
CA ALA F 713 -52.74 34.23 31.63
C ALA F 713 -52.78 33.89 33.11
N GLU F 714 -53.80 33.13 33.53
CA GLU F 714 -53.91 32.77 34.94
C GLU F 714 -52.76 31.89 35.39
N ALA F 715 -52.36 30.93 34.56
CA ALA F 715 -51.22 30.08 34.90
C ALA F 715 -49.94 30.89 35.02
N THR F 716 -49.74 31.83 34.10
CA THR F 716 -48.55 32.69 34.16
C THR F 716 -48.56 33.53 35.44
N ALA F 717 -49.72 34.09 35.80
CA ALA F 717 -49.80 34.87 37.03
C ALA F 717 -49.50 33.99 38.26
N CYS F 718 -50.07 32.79 38.29
CA CYS F 718 -49.83 31.91 39.44
C CYS F 718 -48.37 31.50 39.55
N THR F 719 -47.74 31.16 38.43
CA THR F 719 -46.34 30.74 38.51
C THR F 719 -45.42 31.91 38.81
N GLN F 720 -45.76 33.12 38.33
CA GLN F 720 -44.98 34.30 38.70
C GLN F 720 -45.09 34.59 40.19
N GLU F 721 -46.30 34.45 40.75
CA GLU F 721 -46.46 34.62 42.19
C GLU F 721 -45.67 33.58 42.96
N ALA F 722 -45.68 32.33 42.48
CA ALA F 722 -44.96 31.27 43.17
C ALA F 722 -43.46 31.48 43.11
N ALA F 723 -42.95 31.99 41.98
CA ALA F 723 -41.52 32.17 41.80
C ALA F 723 -40.92 33.22 42.73
N ASN F 724 -41.75 34.02 43.40
CA ASN F 724 -41.22 35.03 44.32
C ASN F 724 -40.45 34.39 45.47
N LEU F 725 -40.86 33.21 45.90
CA LEU F 725 -40.18 32.53 47.00
C LEU F 725 -38.86 31.92 46.53
N PHE F 726 -38.92 31.02 45.55
CA PHE F 726 -37.73 30.36 45.00
C PHE F 726 -37.59 30.71 43.53
N PRO F 727 -36.75 31.69 43.17
CA PRO F 727 -36.63 32.09 41.76
C PRO F 727 -35.69 31.22 40.94
N MET F 728 -35.00 30.27 41.54
CA MET F 728 -34.02 29.45 40.82
C MET F 728 -34.34 27.96 40.94
N SER F 729 -35.58 27.61 41.22
CA SER F 729 -35.98 26.22 41.21
C SER F 729 -36.12 25.73 39.77
N HIS F 730 -35.96 24.41 39.59
CA HIS F 730 -36.14 23.83 38.26
C HIS F 730 -37.62 23.71 37.90
N ASN F 731 -38.49 23.53 38.89
CA ASN F 731 -39.92 23.38 38.61
C ASN F 731 -40.51 24.65 38.00
N VAL F 732 -40.14 25.81 38.52
CA VAL F 732 -40.68 27.06 37.98
C VAL F 732 -40.17 27.30 36.57
N LEU F 733 -38.90 26.96 36.30
CA LEU F 733 -38.38 27.08 34.94
C LEU F 733 -39.13 26.15 34.00
N TYR F 734 -39.40 24.92 34.43
CA TYR F 734 -40.15 23.99 33.60
C TYR F 734 -41.57 24.48 33.34
N MET F 735 -42.22 25.03 34.36
CA MET F 735 -43.57 25.53 34.17
C MET F 735 -43.59 26.74 33.23
N ARG F 736 -42.60 27.63 33.35
CA ARG F 736 -42.52 28.76 32.44
C ARG F 736 -42.28 28.28 31.01
N GLY F 737 -41.42 27.28 30.84
CA GLY F 737 -41.24 26.71 29.51
C GLY F 737 -42.51 26.11 28.96
N GLN F 738 -43.28 25.43 29.82
CA GLN F 738 -44.53 24.83 29.39
C GLN F 738 -45.54 25.89 28.96
N ILE F 739 -45.67 26.97 29.74
CA ILE F 739 -46.63 28.01 29.37
C ILE F 739 -46.18 28.74 28.11
N ALA F 740 -44.87 28.93 27.93
CA ALA F 740 -44.38 29.50 26.68
C ALA F 740 -44.67 28.60 25.49
N GLU F 741 -44.53 27.29 25.69
CA GLU F 741 -44.88 26.33 24.65
C GLU F 741 -46.36 26.43 24.30
N LEU F 742 -47.22 26.51 25.31
CA LEU F 742 -48.66 26.64 25.06
C LEU F 742 -49.00 27.96 24.40
N ARG F 743 -48.20 29.00 24.64
CA ARG F 743 -48.50 30.32 24.08
C ARG F 743 -48.45 30.29 22.56
N GLY F 744 -47.44 29.63 21.99
CA GLY F 744 -47.33 29.53 20.55
C GLY F 744 -45.98 29.97 20.01
N SER F 745 -45.19 30.62 20.84
CA SER F 745 -43.85 31.07 20.46
C SER F 745 -42.86 29.98 20.83
N MET F 746 -42.20 29.42 19.82
CA MET F 746 -41.35 28.23 19.99
C MET F 746 -39.87 28.57 19.98
N ASP F 747 -39.49 29.71 20.55
CA ASP F 747 -38.08 30.05 20.71
C ASP F 747 -37.67 30.17 22.17
N GLU F 748 -38.47 30.86 22.99
CA GLU F 748 -38.13 31.00 24.40
C GLU F 748 -38.35 29.70 25.17
N ALA F 749 -39.23 28.83 24.67
CA ALA F 749 -39.46 27.55 25.35
C ALA F 749 -38.20 26.70 25.37
N ARG F 750 -37.46 26.69 24.26
CA ARG F 750 -36.20 25.97 24.22
C ARG F 750 -35.21 26.54 25.23
N ARG F 751 -35.15 27.86 25.35
CA ARG F 751 -34.25 28.49 26.32
C ARG F 751 -34.64 28.12 27.74
N TRP F 752 -35.94 28.15 28.06
CA TRP F 752 -36.39 27.77 29.39
C TRP F 752 -36.06 26.32 29.69
N TYR F 753 -36.25 25.43 28.72
CA TYR F 753 -35.94 24.02 28.94
C TYR F 753 -34.44 23.82 29.15
N GLU F 754 -33.61 24.53 28.38
CA GLU F 754 -32.17 24.43 28.57
C GLU F 754 -31.77 24.94 29.96
N GLU F 755 -32.35 26.04 30.40
CA GLU F 755 -32.04 26.56 31.73
C GLU F 755 -32.46 25.59 32.82
N ALA F 756 -33.64 24.98 32.67
CA ALA F 756 -34.10 24.01 33.67
C ALA F 756 -33.19 22.79 33.70
N LEU F 757 -32.77 22.31 32.53
CA LEU F 757 -31.90 21.15 32.47
C LEU F 757 -30.51 21.45 33.03
N ALA F 758 -30.06 22.71 32.91
CA ALA F 758 -28.74 23.07 33.42
C ALA F 758 -28.67 23.01 34.94
N ILE F 759 -29.81 23.00 35.63
CA ILE F 759 -29.82 22.93 37.08
C ILE F 759 -29.91 21.49 37.57
N SER F 760 -30.88 20.73 37.03
CA SER F 760 -31.10 19.34 37.42
C SER F 760 -30.92 18.46 36.20
N PRO F 761 -29.71 17.92 35.98
CA PRO F 761 -29.50 17.05 34.82
C PRO F 761 -30.32 15.77 34.84
N THR F 762 -30.82 15.37 36.01
CA THR F 762 -31.56 14.12 36.14
C THR F 762 -33.05 14.28 35.83
N HIS F 763 -33.51 15.48 35.51
CA HIS F 763 -34.92 15.68 35.20
C HIS F 763 -35.26 14.95 33.89
N VAL F 764 -36.49 14.43 33.83
CA VAL F 764 -36.93 13.57 32.73
C VAL F 764 -37.91 14.30 31.82
N LYS F 765 -38.90 14.97 32.39
CA LYS F 765 -39.92 15.62 31.57
C LYS F 765 -39.33 16.73 30.72
N SER F 766 -38.41 17.52 31.29
CA SER F 766 -37.85 18.65 30.55
C SER F 766 -37.09 18.19 29.32
N MET F 767 -36.27 17.16 29.45
CA MET F 767 -35.49 16.68 28.31
C MET F 767 -36.40 16.08 27.24
N GLN F 768 -37.46 15.38 27.66
CA GLN F 768 -38.41 14.83 26.69
C GLN F 768 -39.11 15.95 25.93
N ARG F 769 -39.54 17.00 26.62
CA ARG F 769 -40.18 18.13 25.95
C ARG F 769 -39.20 18.82 25.00
N LEU F 770 -37.95 18.98 25.43
CA LEU F 770 -36.94 19.59 24.56
C LEU F 770 -36.73 18.76 23.30
N ALA F 771 -36.64 17.43 23.45
CA ALA F 771 -36.48 16.57 22.29
C ALA F 771 -37.68 16.66 21.37
N LEU F 772 -38.88 16.70 21.94
CA LEU F 772 -40.09 16.81 21.12
C LEU F 772 -40.10 18.13 20.33
N ILE F 773 -39.69 19.22 20.97
CA ILE F 773 -39.63 20.50 20.27
C ILE F 773 -38.58 20.47 19.18
N LEU F 774 -37.41 19.88 19.46
CA LEU F 774 -36.34 19.84 18.49
C LEU F 774 -36.68 18.93 17.30
N HIS F 775 -37.52 17.93 17.52
CA HIS F 775 -37.85 17.00 16.44
C HIS F 775 -38.53 17.70 15.28
N GLN F 776 -39.57 18.49 15.57
CA GLN F 776 -40.29 19.17 14.49
C GLN F 776 -39.47 20.27 13.84
N LEU F 777 -38.39 20.73 14.50
CA LEU F 777 -37.53 21.74 13.90
C LEU F 777 -36.83 21.19 12.66
N GLY F 778 -36.38 19.94 12.71
CA GLY F 778 -35.73 19.33 11.56
C GLY F 778 -34.49 18.55 11.92
N ARG F 779 -33.78 18.96 12.95
CA ARG F 779 -32.56 18.28 13.35
C ARG F 779 -32.88 16.93 13.96
N TYR F 780 -32.18 15.90 13.49
CA TYR F 780 -32.38 14.53 13.96
C TYR F 780 -31.11 13.93 14.55
N SER F 781 -30.16 14.78 14.95
CA SER F 781 -28.88 14.31 15.48
C SER F 781 -28.81 14.41 17.01
N LEU F 782 -29.25 15.55 17.57
CA LEU F 782 -29.23 15.71 19.02
C LEU F 782 -30.37 14.96 19.69
N ALA F 783 -31.51 14.83 19.02
CA ALA F 783 -32.68 14.20 19.63
C ALA F 783 -32.40 12.75 19.98
N GLU F 784 -31.75 12.01 19.08
CA GLU F 784 -31.45 10.60 19.35
C GLU F 784 -30.51 10.47 20.54
N LYS F 785 -29.50 11.34 20.63
CA LYS F 785 -28.58 11.28 21.76
C LYS F 785 -29.30 11.59 23.07
N ILE F 786 -30.20 12.60 23.05
CA ILE F 786 -30.95 12.94 24.26
C ILE F 786 -31.83 11.78 24.69
N LEU F 787 -32.51 11.14 23.73
CA LEU F 787 -33.38 10.02 24.05
C LEU F 787 -32.58 8.83 24.57
N ARG F 788 -31.40 8.58 23.99
CA ARG F 788 -30.55 7.50 24.49
C ARG F 788 -30.09 7.78 25.91
N ASP F 789 -29.72 9.03 26.20
CA ASP F 789 -29.34 9.37 27.57
C ASP F 789 -30.51 9.19 28.52
N ALA F 790 -31.71 9.59 28.10
CA ALA F 790 -32.89 9.44 28.94
C ALA F 790 -33.19 7.97 29.22
N VAL F 791 -33.10 7.12 28.19
CA VAL F 791 -33.38 5.71 28.38
C VAL F 791 -32.29 5.05 29.22
N GLN F 792 -31.05 5.57 29.14
CA GLN F 792 -29.99 5.07 30.01
C GLN F 792 -30.25 5.42 31.46
N VAL F 793 -30.70 6.65 31.71
CA VAL F 793 -30.95 7.08 33.10
C VAL F 793 -32.14 6.32 33.67
N ASN F 794 -33.24 6.26 32.93
CA ASN F 794 -34.45 5.57 33.38
C ASN F 794 -35.01 4.76 32.23
N SER F 795 -35.61 3.61 32.58
CA SER F 795 -36.20 2.71 31.60
C SER F 795 -37.57 2.25 32.07
N THR F 796 -38.36 3.17 32.64
CA THR F 796 -39.70 2.86 33.12
C THR F 796 -40.73 3.86 32.62
N ALA F 797 -40.38 4.70 31.64
CA ALA F 797 -41.30 5.69 31.09
C ALA F 797 -41.65 5.31 29.66
N HIS F 798 -42.95 5.25 29.37
CA HIS F 798 -43.41 4.90 28.03
C HIS F 798 -43.27 6.06 27.06
N GLU F 799 -43.31 7.30 27.55
CA GLU F 799 -43.24 8.46 26.65
C GLU F 799 -41.92 8.51 25.91
N VAL F 800 -40.81 8.23 26.60
CA VAL F 800 -39.50 8.29 25.94
C VAL F 800 -39.39 7.19 24.89
N TRP F 801 -39.91 6.00 25.18
CA TRP F 801 -39.91 4.92 24.19
C TRP F 801 -40.73 5.30 22.96
N ASN F 802 -41.92 5.89 23.19
CA ASN F 802 -42.75 6.29 22.07
C ASN F 802 -42.06 7.37 21.22
N GLY F 803 -41.44 8.34 21.88
CA GLY F 803 -40.72 9.37 21.14
C GLY F 803 -39.54 8.81 20.36
N LEU F 804 -38.80 7.89 20.97
CA LEU F 804 -37.67 7.26 20.27
C LEU F 804 -38.15 6.49 19.05
N GLY F 805 -39.24 5.73 19.18
CA GLY F 805 -39.77 5.02 18.04
C GLY F 805 -40.25 5.96 16.95
N GLU F 806 -40.94 7.04 17.32
CA GLU F 806 -41.43 7.98 16.33
C GLU F 806 -40.28 8.66 15.59
N VAL F 807 -39.24 9.07 16.31
CA VAL F 807 -38.12 9.76 15.66
C VAL F 807 -37.31 8.77 14.83
N LEU F 808 -37.22 7.50 15.25
CA LEU F 808 -36.49 6.51 14.48
C LEU F 808 -37.26 6.04 13.25
N GLN F 809 -38.59 6.22 13.25
CA GLN F 809 -39.37 5.87 12.07
C GLN F 809 -38.92 6.65 10.84
N ALA F 810 -38.46 7.88 11.02
CA ALA F 810 -37.98 8.70 9.92
C ALA F 810 -36.53 8.41 9.55
N GLN F 811 -35.86 7.50 10.28
CA GLN F 811 -34.47 7.17 9.99
C GLN F 811 -34.33 5.98 9.05
N GLY F 812 -35.23 5.01 9.14
CA GLY F 812 -35.19 3.87 8.26
C GLY F 812 -35.40 2.54 8.93
N ASN F 813 -34.95 2.42 10.19
CA ASN F 813 -35.05 1.16 10.93
C ASN F 813 -36.49 0.99 11.40
N ASP F 814 -37.32 0.45 10.49
CA ASP F 814 -38.73 0.28 10.79
C ASP F 814 -38.96 -0.79 11.86
N ALA F 815 -38.16 -1.86 11.84
CA ALA F 815 -38.32 -2.91 12.85
C ALA F 815 -38.00 -2.40 14.24
N ALA F 816 -36.95 -1.58 14.37
CA ALA F 816 -36.62 -1.00 15.67
C ALA F 816 -37.73 -0.08 16.16
N ALA F 817 -38.30 0.71 15.25
CA ALA F 817 -39.43 1.57 15.64
C ALA F 817 -40.62 0.73 16.08
N THR F 818 -40.90 -0.35 15.38
CA THR F 818 -42.01 -1.22 15.75
C THR F 818 -41.80 -1.84 17.13
N GLU F 819 -40.60 -2.34 17.39
CA GLU F 819 -40.34 -2.94 18.69
C GLU F 819 -40.36 -1.91 19.81
N CYS F 820 -39.90 -0.68 19.53
CA CYS F 820 -40.00 0.38 20.52
C CYS F 820 -41.46 0.73 20.81
N PHE F 821 -42.29 0.78 19.77
CA PHE F 821 -43.71 1.02 19.97
C PHE F 821 -44.35 -0.08 20.80
N LEU F 822 -43.99 -1.34 20.52
CA LEU F 822 -44.52 -2.46 21.28
C LEU F 822 -44.09 -2.38 22.75
N THR F 823 -42.83 -2.03 22.99
CA THR F 823 -42.35 -1.89 24.35
C THR F 823 -43.07 -0.76 25.09
N ALA F 824 -43.27 0.37 24.41
CA ALA F 824 -44.00 1.48 25.04
C ALA F 824 -45.43 1.09 25.36
N LEU F 825 -46.10 0.40 24.43
CA LEU F 825 -47.48 0.00 24.67
C LEU F 825 -47.58 -1.00 25.82
N GLU F 826 -46.67 -1.97 25.88
CA GLU F 826 -46.73 -2.94 26.97
C GLU F 826 -46.33 -2.33 28.30
N LEU F 827 -45.50 -1.28 28.28
CA LEU F 827 -45.14 -0.61 29.52
C LEU F 827 -46.25 0.30 30.02
N GLU F 828 -47.00 0.91 29.11
CA GLU F 828 -48.08 1.81 29.51
C GLU F 828 -49.19 1.10 30.28
N ALA F 829 -49.34 -0.21 30.08
CA ALA F 829 -50.42 -0.96 30.74
C ALA F 829 -50.25 -1.00 32.25
N SER F 830 -49.08 -0.72 32.78
CA SER F 830 -48.79 -0.77 34.21
C SER F 830 -48.20 0.54 34.69
N SER F 831 -48.82 1.66 34.28
CA SER F 831 -48.35 2.98 34.66
C SER F 831 -49.29 3.58 35.70
N PRO F 832 -48.82 3.83 36.91
CA PRO F 832 -49.68 4.40 37.95
C PRO F 832 -49.86 5.90 37.76
N ALA F 833 -50.79 6.48 38.54
CA ALA F 833 -51.02 7.91 38.49
C ALA F 833 -49.79 8.68 38.99
N VAL F 834 -49.18 8.23 40.08
CA VAL F 834 -48.01 8.87 40.64
C VAL F 834 -46.95 7.79 40.89
N PRO F 835 -45.66 8.13 40.90
CA PRO F 835 -44.64 7.11 41.17
C PRO F 835 -44.78 6.53 42.56
N PHE F 836 -44.44 5.24 42.68
CA PHE F 836 -44.54 4.55 43.96
C PHE F 836 -43.54 5.07 44.98
N THR F 837 -42.48 5.75 44.55
CA THR F 837 -41.44 6.19 45.46
C THR F 837 -41.89 7.32 46.38
N ILE F 838 -43.07 7.91 46.15
CA ILE F 838 -43.54 9.00 46.99
C ILE F 838 -43.78 8.53 48.41
N ILE F 839 -44.12 7.25 48.60
CA ILE F 839 -44.33 6.73 49.95
C ILE F 839 -42.99 6.62 50.66
N PRO F 840 -42.83 7.21 51.84
CA PRO F 840 -41.54 7.18 52.52
C PRO F 840 -41.17 5.77 52.97
N ARG F 841 -39.87 5.51 52.99
CA ARG F 841 -39.31 4.24 53.46
C ARG F 841 -38.39 4.55 54.63
N VAL F 842 -38.95 4.55 55.85
CA VAL F 842 -38.21 4.85 57.06
C VAL F 842 -38.48 3.76 58.09
N LEU F 843 -37.42 3.29 58.74
CA LEU F 843 -37.53 2.27 59.77
C LEU F 843 -38.33 2.79 60.96
N GLY G 7 38.24 -55.16 -101.66
CA GLY G 7 39.45 -55.23 -100.86
C GLY G 7 40.66 -54.61 -101.56
N VAL G 8 40.43 -53.49 -102.25
CA VAL G 8 41.52 -52.82 -102.96
C VAL G 8 42.57 -52.33 -101.98
N VAL G 9 42.17 -51.99 -100.75
CA VAL G 9 43.13 -51.57 -99.74
C VAL G 9 44.11 -52.69 -99.42
N GLU G 10 43.65 -53.94 -99.45
CA GLU G 10 44.56 -55.06 -99.21
C GLU G 10 45.63 -55.13 -100.29
N GLU G 11 45.25 -54.96 -101.56
CA GLU G 11 46.24 -54.95 -102.63
C GLU G 11 47.17 -53.76 -102.51
N TRP G 12 46.64 -52.60 -102.10
CA TRP G 12 47.49 -51.43 -101.90
C TRP G 12 48.53 -51.68 -100.82
N LEU G 13 48.11 -52.29 -99.71
CA LEU G 13 49.06 -52.62 -98.65
C LEU G 13 50.08 -53.65 -99.12
N SER G 14 49.63 -54.64 -99.89
CA SER G 14 50.56 -55.66 -100.37
C SER G 14 51.61 -55.07 -101.31
N GLU G 15 51.19 -54.19 -102.22
CA GLU G 15 52.14 -53.56 -103.14
C GLU G 15 52.98 -52.48 -102.47
N PHE G 16 52.51 -51.94 -101.34
CA PHE G 16 53.30 -50.94 -100.63
C PHE G 16 54.51 -51.57 -99.95
N LYS G 17 54.27 -52.57 -99.11
CA LYS G 17 55.36 -53.29 -98.46
C LYS G 17 55.30 -54.78 -98.80
N LEU G 24 59.96 -43.39 -105.65
CA LEU G 24 59.50 -43.57 -104.28
C LEU G 24 58.61 -42.42 -103.77
N PRO G 25 59.01 -41.15 -103.93
CA PRO G 25 58.13 -40.06 -103.48
C PRO G 25 56.86 -39.89 -104.32
N ASN G 26 56.77 -40.57 -105.47
CA ASN G 26 55.61 -40.46 -106.35
C ASN G 26 54.56 -41.52 -106.09
N TYR G 27 54.46 -42.01 -104.86
CA TYR G 27 53.45 -43.01 -104.53
C TYR G 27 52.04 -42.47 -104.74
N ALA G 28 51.79 -41.24 -104.27
CA ALA G 28 50.46 -40.67 -104.40
C ALA G 28 50.23 -40.09 -105.79
N THR G 29 51.01 -39.09 -106.16
CA THR G 29 50.87 -38.47 -107.48
C THR G 29 52.23 -38.01 -107.99
N LYS G 34 45.25 -41.81 -106.47
CA LYS G 34 44.22 -42.77 -106.86
C LYS G 34 42.84 -42.10 -106.85
N SER G 35 42.02 -42.42 -107.84
CA SER G 35 40.72 -41.78 -107.98
C SER G 35 39.76 -42.20 -106.87
N SER G 36 39.73 -43.50 -106.54
CA SER G 36 38.74 -44.04 -105.62
C SER G 36 39.34 -44.53 -104.31
N LEU G 37 40.59 -44.15 -104.02
CA LEU G 37 41.19 -44.56 -102.76
C LEU G 37 40.47 -43.92 -101.57
N VAL G 38 40.11 -42.64 -101.69
CA VAL G 38 39.42 -41.95 -100.61
C VAL G 38 38.05 -42.57 -100.37
N SER G 39 37.36 -42.94 -101.46
CA SER G 39 36.06 -43.60 -101.32
C SER G 39 36.18 -44.93 -100.58
N SER G 40 37.21 -45.71 -100.91
CA SER G 40 37.43 -46.99 -100.24
C SER G 40 37.77 -46.78 -98.77
N LEU G 41 38.59 -45.76 -98.46
CA LEU G 41 38.93 -45.47 -97.08
C LEU G 41 37.69 -45.06 -96.28
N TYR G 42 36.84 -44.22 -96.87
CA TYR G 42 35.60 -43.84 -96.20
C TYR G 42 34.68 -45.04 -96.01
N LYS G 43 34.62 -45.92 -97.01
CA LYS G 43 33.79 -47.13 -96.89
C LYS G 43 34.26 -48.03 -95.76
N VAL G 44 35.59 -48.19 -95.63
CA VAL G 44 36.10 -49.08 -94.59
C VAL G 44 36.17 -48.42 -93.22
N ILE G 45 36.09 -47.08 -93.16
CA ILE G 45 36.16 -46.37 -91.88
C ILE G 45 34.81 -45.92 -91.38
N GLN G 46 33.76 -45.96 -92.21
CA GLN G 46 32.45 -45.48 -91.78
C GLN G 46 31.82 -46.37 -90.72
N GLU G 47 32.34 -47.58 -90.52
CA GLU G 47 31.83 -48.48 -89.50
C GLU G 47 32.98 -49.04 -88.68
N PRO G 48 32.74 -49.36 -87.42
CA PRO G 48 33.78 -49.98 -86.58
C PRO G 48 33.88 -51.50 -86.70
N GLN G 49 33.01 -52.13 -87.47
CA GLN G 49 33.00 -53.59 -87.59
C GLN G 49 33.88 -54.04 -88.76
N SER G 50 35.18 -53.82 -88.60
CA SER G 50 36.17 -54.21 -89.59
C SER G 50 37.27 -55.02 -88.91
N GLU G 51 38.01 -55.77 -89.72
CA GLU G 51 39.07 -56.63 -89.22
C GLU G 51 40.47 -56.09 -89.44
N LEU G 52 40.66 -55.19 -90.40
CA LEU G 52 41.96 -54.60 -90.69
C LEU G 52 42.10 -53.18 -90.17
N LEU G 53 41.29 -52.79 -89.17
CA LEU G 53 41.38 -51.44 -88.64
C LEU G 53 42.76 -51.16 -88.07
N GLU G 54 43.33 -52.11 -87.33
CA GLU G 54 44.63 -51.85 -86.70
C GLU G 54 45.76 -51.71 -87.72
N PRO G 55 45.98 -52.64 -88.65
CA PRO G 55 47.05 -52.40 -89.64
C PRO G 55 46.84 -51.16 -90.49
N VAL G 56 45.58 -50.86 -90.84
CA VAL G 56 45.36 -49.68 -91.67
C VAL G 56 45.62 -48.41 -90.87
N CYS G 57 45.30 -48.40 -89.57
CA CYS G 57 45.67 -47.27 -88.73
C CYS G 57 47.18 -47.16 -88.55
N HIS G 58 47.88 -48.30 -88.47
CA HIS G 58 49.33 -48.25 -88.45
C HIS G 58 49.88 -47.59 -89.71
N GLN G 59 49.31 -47.93 -90.86
CA GLN G 59 49.72 -47.29 -92.11
C GLN G 59 49.36 -45.81 -92.11
N LEU G 60 48.19 -45.46 -91.57
CA LEU G 60 47.81 -44.06 -91.46
C LEU G 60 48.85 -43.27 -90.68
N PHE G 61 49.27 -43.80 -89.53
CA PHE G 61 50.29 -43.12 -88.74
C PHE G 61 51.63 -43.09 -89.47
N GLU G 62 51.98 -44.17 -90.17
CA GLU G 62 53.23 -44.19 -90.94
C GLU G 62 53.23 -43.16 -92.06
N PHE G 63 52.06 -42.76 -92.54
CA PHE G 63 51.98 -41.74 -93.58
C PHE G 63 52.46 -40.37 -93.10
N TYR G 64 52.90 -40.22 -91.85
CA TYR G 64 53.22 -38.91 -91.30
C TYR G 64 54.71 -38.67 -91.06
N ARG G 65 55.56 -39.70 -91.16
CA ARG G 65 56.99 -39.49 -90.95
C ARG G 65 57.58 -38.57 -92.01
N SER G 66 57.17 -38.74 -93.26
CA SER G 66 57.73 -37.97 -94.35
C SER G 66 57.37 -36.49 -94.21
N GLY G 67 58.32 -35.63 -94.62
CA GLY G 67 58.13 -34.20 -94.48
C GLY G 67 57.36 -33.52 -95.59
N GLU G 68 57.08 -34.23 -96.69
CA GLU G 68 56.34 -33.62 -97.78
C GLU G 68 54.87 -33.46 -97.40
N GLU G 69 54.28 -32.36 -97.86
CA GLU G 69 52.89 -32.03 -97.52
C GLU G 69 51.88 -32.85 -98.31
N GLN G 70 52.29 -33.42 -99.45
CA GLN G 70 51.34 -34.14 -100.30
C GLN G 70 50.78 -35.40 -99.65
N LEU G 71 51.43 -35.91 -98.60
CA LEU G 71 50.92 -37.04 -97.84
C LEU G 71 50.20 -36.61 -96.56
N LEU G 72 50.74 -35.61 -95.86
CA LEU G 72 50.08 -35.10 -94.66
C LEU G 72 48.70 -34.56 -94.99
N GLN G 73 48.60 -33.75 -96.05
CA GLN G 73 47.30 -33.22 -96.46
C GLN G 73 46.41 -34.32 -97.02
N PHE G 74 46.99 -35.35 -97.63
CA PHE G 74 46.21 -36.46 -98.15
C PHE G 74 45.61 -37.32 -97.04
N THR G 75 46.26 -37.36 -95.88
CA THR G 75 45.78 -38.17 -94.77
C THR G 75 45.08 -37.37 -93.67
N LEU G 76 45.15 -36.04 -93.71
CA LEU G 76 44.61 -35.25 -92.61
C LEU G 76 43.08 -35.19 -92.61
N GLN G 77 42.45 -35.24 -93.79
CA GLN G 77 41.03 -34.94 -93.87
C GLN G 77 40.14 -36.02 -93.26
N PHE G 78 40.68 -37.17 -92.89
CA PHE G 78 39.87 -38.25 -92.35
C PHE G 78 39.63 -38.13 -90.86
N LEU G 79 40.20 -37.13 -90.20
CA LEU G 79 40.10 -37.06 -88.74
C LEU G 79 38.68 -36.89 -88.22
N PRO G 80 37.81 -36.02 -88.77
CA PRO G 80 36.51 -35.81 -88.11
C PRO G 80 35.66 -37.07 -88.02
N GLU G 81 35.67 -37.92 -89.06
CA GLU G 81 34.82 -39.10 -89.06
C GLU G 81 35.25 -40.08 -87.96
N LEU G 82 36.55 -40.41 -87.90
CA LEU G 82 37.02 -41.33 -86.88
C LEU G 82 36.92 -40.72 -85.48
N ILE G 83 37.08 -39.40 -85.37
CA ILE G 83 36.91 -38.75 -84.08
C ILE G 83 35.48 -38.93 -83.58
N TRP G 84 34.50 -38.65 -84.45
CA TRP G 84 33.11 -38.83 -84.07
C TRP G 84 32.81 -40.28 -83.73
N CYS G 85 33.29 -41.21 -84.57
CA CYS G 85 32.99 -42.62 -84.34
C CYS G 85 33.57 -43.09 -83.01
N TYR G 86 34.83 -42.76 -82.73
CA TYR G 86 35.46 -43.16 -81.48
C TYR G 86 34.78 -42.51 -80.28
N LEU G 87 34.46 -41.22 -80.37
CA LEU G 87 33.88 -40.53 -79.23
C LEU G 87 32.44 -40.95 -78.98
N ALA G 88 31.74 -41.46 -79.99
CA ALA G 88 30.36 -41.90 -79.80
C ALA G 88 30.29 -43.35 -79.37
N VAL G 89 31.08 -44.24 -79.98
CA VAL G 89 31.03 -45.65 -79.62
C VAL G 89 31.53 -45.87 -78.20
N SER G 90 32.63 -45.22 -77.83
CA SER G 90 33.19 -45.41 -76.49
C SER G 90 32.24 -44.89 -75.41
N ALA G 91 31.62 -43.74 -75.67
CA ALA G 91 30.69 -43.14 -74.70
C ALA G 91 29.32 -43.80 -74.84
N SER G 92 29.24 -45.04 -74.37
CA SER G 92 28.01 -45.81 -74.42
C SER G 92 27.68 -46.44 -73.08
N VAL G 95 30.87 -52.11 -74.43
CA VAL G 95 31.26 -52.00 -75.82
C VAL G 95 32.78 -52.04 -75.94
N HIS G 96 33.29 -52.84 -76.88
CA HIS G 96 34.72 -52.97 -77.08
C HIS G 96 35.32 -51.66 -77.56
N SER G 97 36.47 -51.31 -77.02
CA SER G 97 37.22 -50.12 -77.43
C SER G 97 38.65 -50.53 -77.78
N SER G 98 39.07 -50.20 -79.00
CA SER G 98 40.42 -50.55 -79.43
C SER G 98 41.48 -49.78 -78.65
N GLY G 99 41.31 -48.46 -78.54
CA GLY G 99 42.25 -47.64 -77.83
C GLY G 99 43.51 -47.29 -78.58
N CYS G 100 43.66 -47.75 -79.83
CA CYS G 100 44.82 -47.43 -80.63
C CYS G 100 44.65 -46.15 -81.43
N ILE G 101 43.40 -45.69 -81.65
CA ILE G 101 43.20 -44.41 -82.31
C ILE G 101 43.72 -43.27 -81.44
N GLU G 102 43.60 -43.42 -80.12
CA GLU G 102 44.15 -42.42 -79.20
C GLU G 102 45.66 -42.35 -79.33
N ALA G 103 46.32 -43.45 -79.69
CA ALA G 103 47.75 -43.41 -79.96
C ALA G 103 48.06 -42.50 -81.14
N LEU G 104 47.31 -42.64 -82.24
CA LEU G 104 47.50 -41.78 -83.40
C LEU G 104 47.23 -40.32 -83.05
N LEU G 105 46.16 -40.07 -82.30
CA LEU G 105 45.83 -38.69 -81.91
C LEU G 105 46.92 -38.08 -81.05
N LEU G 106 47.41 -38.82 -80.06
CA LEU G 106 48.46 -38.32 -79.20
C LEU G 106 49.76 -38.11 -79.97
N GLY G 107 50.09 -39.02 -80.89
CA GLY G 107 51.31 -38.86 -81.67
C GLY G 107 51.27 -37.65 -82.59
N VAL G 108 50.14 -37.43 -83.25
CA VAL G 108 50.04 -36.26 -84.12
C VAL G 108 50.03 -34.98 -83.30
N TYR G 109 49.41 -35.00 -82.10
CA TYR G 109 49.49 -33.85 -81.21
C TYR G 109 50.94 -33.56 -80.83
N ASN G 110 51.68 -34.60 -80.46
CA ASN G 110 53.07 -34.42 -80.05
C ASN G 110 53.93 -33.89 -81.20
N LEU G 111 53.75 -34.43 -82.41
CA LEU G 111 54.55 -33.97 -83.54
C LEU G 111 54.14 -32.58 -84.00
N GLU G 112 52.90 -32.15 -83.73
CA GLU G 112 52.48 -30.81 -84.09
C GLU G 112 52.74 -29.79 -82.99
N ILE G 113 53.13 -30.23 -81.79
CA ILE G 113 53.40 -29.30 -80.70
C ILE G 113 54.89 -29.13 -80.42
N VAL G 114 55.72 -30.14 -80.73
CA VAL G 114 57.15 -30.10 -80.43
C VAL G 114 57.99 -30.34 -81.69
N ASP G 115 57.64 -31.35 -82.46
CA ASP G 115 58.50 -31.85 -83.54
C ASP G 115 58.40 -30.94 -84.77
N LYS G 116 59.11 -29.81 -84.69
CA LYS G 116 59.42 -29.02 -85.88
C LYS G 116 60.91 -28.95 -86.13
N GLN G 117 61.70 -28.50 -85.15
CA GLN G 117 63.15 -28.52 -85.23
C GLN G 117 63.81 -28.86 -83.90
N GLY G 118 63.04 -29.23 -82.89
CA GLY G 118 63.54 -29.39 -81.53
C GLY G 118 62.98 -28.40 -80.54
N HIS G 119 62.23 -27.39 -80.99
CA HIS G 119 61.64 -26.38 -80.14
C HIS G 119 60.13 -26.42 -80.24
N THR G 120 59.47 -25.84 -79.24
CA THR G 120 58.02 -25.83 -79.21
C THR G 120 57.46 -24.73 -80.10
N LYS G 121 56.13 -24.62 -80.14
CA LYS G 121 55.44 -23.62 -80.95
C LYS G 121 54.82 -22.57 -80.04
N VAL G 122 55.07 -21.30 -80.36
CA VAL G 122 54.47 -20.17 -79.65
C VAL G 122 53.83 -19.29 -80.72
N LEU G 123 52.54 -19.49 -80.98
CA LEU G 123 51.86 -18.73 -82.02
C LEU G 123 51.59 -17.30 -81.53
N SER G 124 51.98 -16.32 -82.34
CA SER G 124 51.82 -14.93 -81.96
C SER G 124 51.78 -14.07 -83.21
N PHE G 125 51.33 -12.83 -83.04
CA PHE G 125 51.28 -11.85 -84.12
C PHE G 125 51.29 -10.45 -83.50
N THR G 126 51.16 -9.43 -84.34
CA THR G 126 51.21 -8.05 -83.90
C THR G 126 49.87 -7.37 -84.17
N ILE G 127 49.66 -6.24 -83.50
CA ILE G 127 48.45 -5.44 -83.63
C ILE G 127 48.82 -4.16 -84.37
N PRO G 128 48.35 -3.97 -85.61
CA PRO G 128 48.66 -2.73 -86.33
C PRO G 128 48.07 -1.52 -85.64
N SER G 129 48.75 -0.39 -85.77
CA SER G 129 48.33 0.87 -85.17
C SER G 129 48.13 1.92 -86.25
N LEU G 130 47.02 2.66 -86.15
CA LEU G 130 46.74 3.69 -87.16
C LEU G 130 47.62 4.92 -86.99
N SER G 131 48.03 5.22 -85.74
CA SER G 131 48.84 6.41 -85.50
C SER G 131 50.19 6.31 -86.22
N LYS G 132 50.82 5.16 -86.15
CA LYS G 132 52.09 4.97 -86.85
C LYS G 132 51.83 4.89 -88.35
N PRO G 133 52.58 5.62 -89.18
CA PRO G 133 52.34 5.57 -90.63
C PRO G 133 52.51 4.14 -91.17
N SER G 134 51.59 3.75 -92.04
CA SER G 134 51.52 2.40 -92.57
C SER G 134 51.87 2.41 -94.06
N VAL G 135 51.91 1.21 -94.64
CA VAL G 135 52.25 1.08 -96.05
C VAL G 135 51.14 1.67 -96.91
N TYR G 136 49.87 1.55 -96.50
CA TYR G 136 48.74 2.06 -97.27
C TYR G 136 48.24 3.41 -96.78
N HIS G 137 48.66 3.86 -95.59
CA HIS G 137 48.09 5.08 -95.01
C HIS G 137 49.12 5.73 -94.10
N GLU G 138 49.11 7.07 -94.09
CA GLU G 138 49.93 7.86 -93.19
C GLU G 138 49.06 8.95 -92.55
N PRO G 139 49.31 9.28 -91.28
CA PRO G 139 48.52 10.30 -90.59
C PRO G 139 48.85 11.71 -91.06
N LEU G 157 51.08 -3.24 -81.35
CA LEU G 157 52.19 -3.88 -82.04
C LEU G 157 52.88 -4.89 -81.13
N SER G 158 52.47 -4.92 -79.87
CA SER G 158 53.05 -5.88 -78.92
C SER G 158 52.65 -7.29 -79.30
N LYS G 159 53.57 -8.23 -79.08
CA LYS G 159 53.30 -9.63 -79.40
C LYS G 159 52.24 -10.20 -78.48
N VAL G 160 51.24 -10.85 -79.06
CA VAL G 160 50.17 -11.49 -78.31
C VAL G 160 50.13 -12.96 -78.68
N VAL G 161 50.16 -13.83 -77.67
CA VAL G 161 50.21 -15.27 -77.88
C VAL G 161 48.82 -15.84 -77.64
N TYR G 162 48.30 -16.57 -78.63
CA TYR G 162 47.00 -17.20 -78.53
C TYR G 162 47.07 -18.73 -78.44
N SER G 163 48.23 -19.32 -78.72
CA SER G 163 48.38 -20.76 -78.65
C SER G 163 49.83 -21.09 -78.34
N GLY G 164 50.03 -22.01 -77.39
CA GLY G 164 51.36 -22.42 -76.99
C GLY G 164 51.92 -21.58 -75.87
N PRO G 165 52.86 -22.13 -75.10
CA PRO G 165 53.32 -23.52 -75.25
C PRO G 165 52.39 -24.54 -74.59
N HIS G 166 52.29 -25.73 -75.17
CA HIS G 166 51.47 -26.79 -74.63
C HIS G 166 52.37 -27.94 -74.17
N PRO G 167 52.31 -28.33 -72.90
CA PRO G 167 53.14 -29.44 -72.45
C PRO G 167 52.78 -30.73 -73.17
N GLN G 168 53.79 -31.59 -73.36
CA GLN G 168 53.60 -32.82 -74.10
C GLN G 168 52.65 -33.76 -73.34
N ARG G 169 51.73 -34.38 -74.08
CA ARG G 169 50.71 -35.24 -73.50
C ARG G 169 50.89 -36.66 -74.03
N GLU G 170 50.72 -37.63 -73.12
CA GLU G 170 51.07 -39.01 -73.41
C GLU G 170 49.96 -39.96 -72.94
N MET G 171 48.99 -39.44 -72.18
CA MET G 171 47.81 -40.19 -71.77
C MET G 171 46.59 -39.29 -71.90
N LEU G 172 45.45 -39.92 -72.15
CA LEU G 172 44.17 -39.24 -72.30
C LEU G 172 43.32 -39.48 -71.07
N THR G 173 42.79 -38.41 -70.49
CA THR G 173 41.89 -38.50 -69.34
C THR G 173 40.67 -37.64 -69.62
N ALA G 174 39.76 -37.57 -68.65
CA ALA G 174 38.50 -36.85 -68.78
C ALA G 174 38.62 -35.38 -68.41
N GLN G 175 39.84 -34.83 -68.40
CA GLN G 175 40.05 -33.42 -68.09
C GLN G 175 40.79 -32.66 -69.17
N ASN G 176 41.73 -33.29 -69.88
CA ASN G 176 42.51 -32.62 -70.90
C ASN G 176 42.16 -33.08 -72.31
N ARG G 177 41.14 -33.92 -72.46
CA ARG G 177 40.78 -34.43 -73.79
C ARG G 177 40.30 -33.31 -74.71
N PHE G 178 39.47 -32.41 -74.18
CA PHE G 178 38.92 -31.36 -75.02
C PHE G 178 39.99 -30.35 -75.44
N GLU G 179 41.01 -30.14 -74.62
CA GLU G 179 42.10 -29.24 -75.00
C GLU G 179 42.83 -29.75 -76.23
N VAL G 180 43.23 -31.03 -76.21
CA VAL G 180 43.94 -31.57 -77.36
C VAL G 180 43.01 -31.71 -78.55
N LEU G 181 41.72 -31.99 -78.32
CA LEU G 181 40.76 -32.01 -79.42
C LEU G 181 40.67 -30.65 -80.11
N THR G 182 40.59 -29.57 -79.30
CA THR G 182 40.53 -28.23 -79.87
C THR G 182 41.81 -27.90 -80.62
N PHE G 183 42.96 -28.27 -80.06
CA PHE G 183 44.23 -28.00 -80.74
C PHE G 183 44.32 -28.74 -82.07
N LEU G 184 43.90 -30.00 -82.10
CA LEU G 184 43.94 -30.76 -83.35
C LEU G 184 42.96 -30.20 -84.36
N LEU G 185 41.78 -29.76 -83.90
CA LEU G 185 40.83 -29.12 -84.82
C LEU G 185 41.40 -27.84 -85.40
N LEU G 186 42.09 -27.04 -84.57
CA LEU G 186 42.74 -25.84 -85.07
C LEU G 186 43.81 -26.18 -86.10
N CYS G 187 44.57 -27.25 -85.86
CA CYS G 187 45.55 -27.70 -86.85
C CYS G 187 44.89 -28.11 -88.15
N TYR G 188 43.76 -28.83 -88.07
CA TYR G 188 43.02 -29.23 -89.26
C TYR G 188 42.41 -28.04 -90.00
N ASN G 189 42.15 -26.94 -89.29
CA ASN G 189 41.54 -25.75 -89.89
C ASN G 189 42.57 -24.82 -90.49
N ALA G 190 43.70 -25.35 -90.98
CA ALA G 190 44.78 -24.54 -91.53
C ALA G 190 44.95 -24.67 -93.03
N ALA G 191 44.33 -25.66 -93.66
CA ALA G 191 44.51 -25.95 -95.09
C ALA G 191 43.17 -26.21 -95.77
N LEU G 192 42.21 -25.32 -95.53
CA LEU G 192 40.81 -25.58 -95.93
C LEU G 192 40.65 -25.74 -97.44
N THR G 193 41.55 -25.20 -98.25
CA THR G 193 41.32 -25.20 -99.69
C THR G 193 41.49 -26.58 -100.31
N TYR G 194 42.39 -27.40 -99.76
CA TYR G 194 42.81 -28.62 -100.46
C TYR G 194 41.76 -29.73 -100.41
N MET G 195 41.06 -29.87 -99.29
CA MET G 195 40.15 -31.01 -99.13
C MET G 195 38.96 -30.88 -100.09
N PRO G 196 38.44 -32.00 -100.57
CA PRO G 196 37.27 -31.97 -101.47
C PRO G 196 36.00 -31.70 -100.69
N SER G 197 34.88 -31.68 -101.41
CA SER G 197 33.59 -31.37 -100.81
C SER G 197 33.07 -32.48 -99.90
N VAL G 198 33.52 -33.72 -100.12
CA VAL G 198 33.04 -34.83 -99.29
C VAL G 198 33.46 -34.63 -97.85
N SER G 199 34.69 -34.17 -97.62
CA SER G 199 35.16 -33.92 -96.26
C SER G 199 34.33 -32.82 -95.59
N LEU G 200 34.01 -31.76 -96.33
CA LEU G 200 33.19 -30.68 -95.78
C LEU G 200 31.79 -31.19 -95.44
N GLN G 201 31.21 -32.01 -96.31
CA GLN G 201 29.88 -32.56 -96.03
C GLN G 201 29.91 -33.45 -94.78
N SER G 202 30.93 -34.29 -94.66
CA SER G 202 31.05 -35.12 -93.47
C SER G 202 31.22 -34.28 -92.21
N LEU G 203 32.06 -33.24 -92.29
CA LEU G 203 32.25 -32.37 -91.13
C LEU G 203 30.95 -31.69 -90.74
N CYS G 204 30.18 -31.19 -91.71
CA CYS G 204 28.92 -30.54 -91.40
C CYS G 204 27.92 -31.53 -90.81
N GLN G 205 27.87 -32.75 -91.35
CA GLN G 205 26.97 -33.76 -90.81
C GLN G 205 27.30 -34.10 -89.36
N ILE G 206 28.60 -34.24 -89.06
CA ILE G 206 29.00 -34.51 -87.68
C ILE G 206 28.67 -33.32 -86.78
N CYS G 207 28.94 -32.10 -87.27
CA CYS G 207 28.67 -30.91 -86.47
C CYS G 207 27.19 -30.75 -86.16
N SER G 208 26.33 -31.17 -87.09
CA SER G 208 24.89 -31.00 -86.89
C SER G 208 24.39 -31.77 -85.68
N ARG G 209 24.86 -33.00 -85.49
CA ARG G 209 24.33 -33.88 -84.46
C ARG G 209 25.26 -34.05 -83.26
N ILE G 210 26.46 -33.47 -83.30
CA ILE G 210 27.37 -33.65 -82.17
C ILE G 210 26.86 -32.90 -80.93
N CYS G 211 26.26 -31.73 -81.12
CA CYS G 211 25.88 -30.86 -80.01
C CYS G 211 24.39 -30.92 -79.71
N VAL G 212 23.66 -31.89 -80.24
CA VAL G 212 22.22 -31.97 -80.04
C VAL G 212 21.83 -33.39 -79.64
N CYS G 213 22.83 -34.25 -79.44
CA CYS G 213 22.59 -35.67 -79.23
C CYS G 213 21.79 -35.95 -77.96
N GLY G 214 21.81 -35.06 -76.98
CA GLY G 214 21.14 -35.33 -75.72
C GLY G 214 20.01 -34.38 -75.38
N TYR G 215 19.21 -34.00 -76.37
CA TYR G 215 18.11 -33.07 -76.16
C TYR G 215 16.96 -33.46 -77.07
N PRO G 216 15.73 -33.04 -76.75
CA PRO G 216 14.59 -33.39 -77.60
C PRO G 216 14.68 -32.81 -79.01
N ARG G 217 15.55 -31.82 -79.23
CA ARG G 217 15.68 -31.23 -80.55
C ARG G 217 16.13 -32.27 -81.58
N GLN G 218 17.01 -33.20 -81.17
CA GLN G 218 17.42 -34.25 -82.09
C GLN G 218 16.27 -35.22 -82.38
N HIS G 219 15.37 -35.43 -81.41
CA HIS G 219 14.14 -36.17 -81.69
C HIS G 219 13.29 -35.43 -82.71
N VAL G 220 13.23 -34.10 -82.62
CA VAL G 220 12.51 -33.32 -83.61
C VAL G 220 13.14 -33.49 -84.99
N ARG G 221 14.47 -33.47 -85.05
CA ARG G 221 15.18 -33.62 -86.31
C ARG G 221 15.24 -35.07 -86.79
N LYS G 222 14.73 -36.01 -86.00
CA LYS G 222 14.65 -37.43 -86.38
C LYS G 222 16.04 -38.01 -86.63
N TYR G 223 16.85 -38.00 -85.58
CA TYR G 223 18.15 -38.65 -85.57
C TYR G 223 18.11 -39.89 -84.69
N LYS G 224 18.70 -40.98 -85.17
CA LYS G 224 18.71 -42.24 -84.46
C LYS G 224 20.14 -42.68 -84.19
N GLY G 225 20.37 -43.21 -83.00
CA GLY G 225 21.69 -43.66 -82.60
C GLY G 225 21.86 -43.72 -81.10
N ILE G 226 22.97 -43.18 -80.59
CA ILE G 226 23.23 -43.17 -79.16
C ILE G 226 22.51 -41.98 -78.54
N SER G 227 21.69 -42.25 -77.53
CA SER G 227 20.91 -41.20 -76.87
C SER G 227 21.62 -40.73 -75.59
N SER G 228 22.79 -40.13 -75.79
CA SER G 228 23.56 -39.58 -74.67
C SER G 228 23.92 -38.13 -74.94
N ARG G 229 24.75 -37.54 -74.07
CA ARG G 229 25.17 -36.16 -74.23
C ARG G 229 26.68 -36.06 -74.00
N ILE G 230 27.27 -35.02 -74.58
CA ILE G 230 28.71 -34.79 -74.50
C ILE G 230 28.98 -33.41 -73.94
N PRO G 231 29.77 -33.28 -72.88
CA PRO G 231 30.07 -31.96 -72.28
C PRO G 231 31.15 -31.18 -73.03
N VAL G 232 30.74 -30.52 -74.11
CA VAL G 232 31.68 -29.77 -74.94
C VAL G 232 32.13 -28.50 -74.23
N SER G 233 33.18 -27.89 -74.75
CA SER G 233 33.78 -26.69 -74.19
C SER G 233 33.58 -25.51 -75.15
N SER G 234 33.84 -24.31 -74.64
CA SER G 234 33.60 -23.09 -75.40
C SER G 234 34.57 -22.97 -76.58
N GLY G 235 35.85 -23.20 -76.33
CA GLY G 235 36.83 -23.06 -77.39
C GLY G 235 36.62 -24.04 -78.53
N PHE G 236 36.19 -25.26 -78.21
CA PHE G 236 35.88 -26.23 -79.24
C PHE G 236 34.75 -25.74 -80.13
N MET G 237 33.71 -25.17 -79.53
CA MET G 237 32.61 -24.63 -80.32
C MET G 237 33.02 -23.41 -81.13
N VAL G 238 33.94 -22.59 -80.61
CA VAL G 238 34.42 -21.45 -81.38
C VAL G 238 35.18 -21.92 -82.62
N GLN G 239 36.06 -22.91 -82.45
CA GLN G 239 36.76 -23.47 -83.60
C GLN G 239 35.79 -24.16 -84.55
N MET G 240 34.72 -24.75 -84.02
CA MET G 240 33.68 -25.35 -84.84
C MET G 240 32.98 -24.30 -85.70
N LEU G 241 32.67 -23.14 -85.10
CA LEU G 241 32.09 -22.04 -85.87
C LEU G 241 33.05 -21.54 -86.94
N THR G 242 34.33 -21.42 -86.59
CA THR G 242 35.32 -21.00 -87.59
C THR G 242 35.35 -21.99 -88.76
N GLY G 243 35.30 -23.29 -88.46
CA GLY G 243 35.29 -24.27 -89.52
C GLY G 243 34.05 -24.22 -90.38
N ILE G 244 32.88 -24.08 -89.75
CA ILE G 244 31.63 -24.11 -90.51
C ILE G 244 31.47 -22.87 -91.37
N TYR G 245 31.96 -21.71 -90.91
CA TYR G 245 31.72 -20.47 -91.65
C TYR G 245 32.33 -20.48 -93.04
N PHE G 246 33.42 -21.24 -93.26
CA PHE G 246 34.04 -21.29 -94.58
C PHE G 246 33.20 -22.05 -95.59
N ALA G 247 32.52 -23.12 -95.15
CA ALA G 247 31.76 -23.96 -96.05
C ALA G 247 30.42 -23.36 -96.46
N PHE G 248 30.06 -22.21 -95.90
CA PHE G 248 28.75 -21.62 -96.19
C PHE G 248 28.63 -21.23 -97.66
N TYR G 249 29.71 -20.71 -98.25
CA TYR G 249 29.69 -20.20 -99.62
C TYR G 249 30.37 -21.15 -100.60
N ASN G 250 30.56 -22.42 -100.22
CA ASN G 250 31.21 -23.40 -101.07
C ASN G 250 30.25 -24.53 -101.45
N GLY G 251 29.04 -24.15 -101.88
CA GLY G 251 28.05 -25.12 -102.30
C GLY G 251 27.10 -25.55 -101.19
N GLU G 252 27.66 -26.01 -100.08
CA GLU G 252 26.84 -26.47 -98.95
C GLU G 252 26.18 -25.26 -98.29
N TRP G 253 24.85 -25.16 -98.45
CA TRP G 253 24.09 -24.03 -97.92
C TRP G 253 23.12 -24.47 -96.83
N ASP G 254 22.21 -25.39 -97.14
CA ASP G 254 21.19 -25.79 -96.16
C ASP G 254 21.80 -26.51 -94.97
N LEU G 255 22.76 -27.41 -95.22
CA LEU G 255 23.41 -28.14 -94.14
C LEU G 255 24.13 -27.18 -93.20
N ALA G 256 24.85 -26.22 -93.74
CA ALA G 256 25.56 -25.24 -92.91
C ALA G 256 24.58 -24.41 -92.10
N GLN G 257 23.47 -24.01 -92.72
CA GLN G 257 22.47 -23.22 -91.99
C GLN G 257 21.87 -24.01 -90.83
N LYS G 258 21.55 -25.29 -91.07
CA LYS G 258 21.02 -26.12 -89.99
C LYS G 258 22.06 -26.33 -88.89
N ALA G 259 23.32 -26.52 -89.26
CA ALA G 259 24.37 -26.66 -88.26
C ALA G 259 24.52 -25.39 -87.42
N LEU G 260 24.43 -24.24 -88.07
CA LEU G 260 24.49 -22.97 -87.35
C LEU G 260 23.32 -22.83 -86.39
N ASP G 261 22.12 -23.23 -86.83
CA ASP G 261 20.96 -23.19 -85.94
C ASP G 261 21.16 -24.09 -84.74
N ASP G 262 21.69 -25.30 -84.96
CA ASP G 262 21.96 -26.20 -83.85
C ASP G 262 22.99 -25.60 -82.89
N ILE G 263 24.03 -24.98 -83.44
CA ILE G 263 25.08 -24.39 -82.62
C ILE G 263 24.51 -23.27 -81.75
N ILE G 264 23.71 -22.39 -82.36
CA ILE G 264 23.17 -21.27 -81.59
C ILE G 264 22.17 -21.75 -80.55
N TYR G 265 21.37 -22.77 -80.87
CA TYR G 265 20.44 -23.32 -79.89
C TYR G 265 21.19 -23.92 -78.71
N ARG G 266 22.23 -24.71 -78.99
CA ARG G 266 23.00 -25.34 -77.92
C ARG G 266 23.69 -24.30 -77.06
N ALA G 267 24.29 -23.27 -77.69
CA ALA G 267 24.95 -22.23 -76.92
C ALA G 267 23.97 -21.45 -76.07
N GLN G 268 22.79 -21.14 -76.61
CA GLN G 268 21.77 -20.43 -75.84
C GLN G 268 21.31 -21.26 -74.65
N LEU G 269 21.17 -22.57 -74.84
CA LEU G 269 20.75 -23.42 -73.72
C LEU G 269 21.85 -23.58 -72.68
N GLU G 270 23.11 -23.61 -73.11
CA GLU G 270 24.23 -23.83 -72.21
C GLU G 270 24.80 -22.53 -71.63
N LEU G 271 24.36 -21.37 -72.13
CA LEU G 271 24.83 -20.06 -71.65
C LEU G 271 26.34 -19.91 -71.87
N TYR G 272 26.75 -20.01 -73.13
CA TYR G 272 28.14 -19.77 -73.53
C TYR G 272 28.23 -18.48 -74.31
N PRO G 273 28.94 -17.47 -73.81
CA PRO G 273 28.90 -16.13 -74.42
C PRO G 273 29.54 -16.04 -75.80
N GLU G 274 30.79 -16.50 -75.92
CA GLU G 274 31.56 -16.23 -77.13
C GLU G 274 31.01 -16.92 -78.37
N PRO G 275 30.70 -18.22 -78.35
CA PRO G 275 30.07 -18.82 -79.54
C PRO G 275 28.76 -18.16 -79.90
N LEU G 276 27.97 -17.76 -78.90
CA LEU G 276 26.73 -17.06 -79.17
C LEU G 276 26.98 -15.74 -79.89
N LEU G 277 27.99 -14.99 -79.43
CA LEU G 277 28.32 -13.72 -80.08
C LEU G 277 28.76 -13.94 -81.52
N VAL G 278 29.61 -14.95 -81.74
CA VAL G 278 30.10 -15.20 -83.10
C VAL G 278 28.95 -15.62 -84.01
N ALA G 279 28.08 -16.51 -83.52
CA ALA G 279 26.95 -16.95 -84.33
C ALA G 279 25.99 -15.81 -84.63
N ASN G 280 25.74 -14.94 -83.65
CA ASN G 280 24.87 -13.79 -83.89
C ASN G 280 25.48 -12.85 -84.92
N ALA G 281 26.80 -12.65 -84.86
CA ALA G 281 27.45 -11.82 -85.86
C ALA G 281 27.35 -12.44 -87.25
N ILE G 282 27.51 -13.76 -87.34
CA ILE G 282 27.44 -14.43 -88.64
C ILE G 282 26.02 -14.36 -89.20
N LYS G 283 25.01 -14.46 -88.33
CA LYS G 283 23.62 -14.54 -88.80
C LYS G 283 23.22 -13.29 -89.57
N ALA G 284 23.60 -12.11 -89.08
CA ALA G 284 23.20 -10.85 -89.67
C ALA G 284 24.13 -10.39 -90.80
N SER G 285 24.87 -11.31 -91.41
CA SER G 285 25.78 -11.00 -92.50
C SER G 285 25.53 -11.93 -93.67
N LEU G 286 24.27 -12.22 -93.96
CA LEU G 286 23.89 -13.11 -95.04
C LEU G 286 22.93 -12.40 -95.99
N PRO G 287 23.21 -12.39 -97.30
CA PRO G 287 22.33 -11.75 -98.29
C PRO G 287 21.03 -12.51 -98.51
N MET H 23 16.65 -46.79 -39.07
CA MET H 23 16.93 -47.48 -37.82
C MET H 23 17.12 -48.98 -38.03
N ALA H 24 16.20 -49.58 -38.77
CA ALA H 24 16.19 -51.03 -38.92
C ALA H 24 17.44 -51.55 -39.59
N GLN H 25 18.28 -52.27 -38.84
CA GLN H 25 19.45 -52.90 -39.42
C GLN H 25 19.03 -54.06 -40.30
N VAL H 26 19.76 -54.25 -41.39
CA VAL H 26 19.46 -55.31 -42.35
C VAL H 26 20.36 -56.50 -42.05
N GLN H 27 19.76 -57.60 -41.63
CA GLN H 27 20.48 -58.83 -41.32
C GLN H 27 20.10 -59.91 -42.32
N LEU H 28 21.06 -60.79 -42.62
CA LEU H 28 20.91 -61.81 -43.64
C LEU H 28 21.12 -63.18 -43.01
N GLN H 29 20.12 -64.04 -43.13
CA GLN H 29 20.17 -65.39 -42.59
C GLN H 29 20.26 -66.38 -43.75
N GLU H 30 21.26 -67.26 -43.69
CA GLU H 30 21.47 -68.28 -44.70
C GLU H 30 21.25 -69.66 -44.10
N SER H 31 20.63 -70.54 -44.88
CA SER H 31 20.33 -71.88 -44.41
C SER H 31 20.38 -72.84 -45.59
N GLY H 32 20.56 -74.13 -45.26
CA GLY H 32 20.64 -75.19 -46.24
C GLY H 32 21.98 -75.88 -46.35
N GLY H 33 23.01 -75.40 -45.66
CA GLY H 33 24.31 -76.03 -45.73
C GLY H 33 24.34 -77.35 -44.97
N GLY H 34 25.39 -78.11 -45.22
CA GLY H 34 25.57 -79.39 -44.59
C GLY H 34 26.53 -80.31 -45.31
N ARG H 43 18.52 -77.32 -51.50
CA ARG H 43 17.76 -76.07 -51.55
C ARG H 43 18.29 -75.06 -50.54
N LEU H 44 19.17 -74.19 -51.02
CA LEU H 44 19.74 -73.15 -50.16
C LEU H 44 18.77 -71.98 -50.09
N SER H 45 18.67 -71.37 -48.92
CA SER H 45 17.81 -70.22 -48.73
C SER H 45 18.58 -69.07 -48.11
N CYS H 46 18.32 -67.85 -48.57
CA CYS H 46 18.89 -66.66 -47.95
C CYS H 46 17.78 -65.62 -47.81
N ALA H 47 17.58 -65.14 -46.58
CA ALA H 47 16.45 -64.27 -46.26
C ALA H 47 16.92 -63.05 -45.49
N ALA H 48 16.32 -61.90 -45.79
CA ALA H 48 16.59 -60.66 -45.08
C ALA H 48 15.30 -60.15 -44.47
N SER H 49 15.39 -59.63 -43.24
CA SER H 49 14.22 -59.14 -42.54
C SER H 49 13.81 -57.73 -42.97
N GLY H 50 14.62 -57.05 -43.77
CA GLY H 50 14.31 -55.72 -44.25
C GLY H 50 13.92 -55.68 -45.71
N THR H 51 13.65 -54.47 -46.18
CA THR H 51 13.26 -54.23 -47.56
C THR H 51 14.49 -53.84 -48.39
N ILE H 52 14.69 -54.51 -49.52
CA ILE H 52 15.81 -54.27 -50.41
C ILE H 52 15.26 -53.89 -51.77
N SER H 53 15.74 -52.77 -52.32
CA SER H 53 15.29 -52.33 -53.62
C SER H 53 15.70 -53.32 -54.71
N ALA H 54 14.84 -53.48 -55.72
CA ALA H 54 15.10 -54.44 -56.77
C ALA H 54 16.32 -54.08 -57.60
N SER H 55 16.70 -52.80 -57.63
CA SER H 55 17.84 -52.39 -58.42
C SER H 55 19.15 -52.95 -57.87
N ASP H 56 19.22 -53.18 -56.56
CA ASP H 56 20.43 -53.72 -55.95
C ASP H 56 20.64 -55.17 -56.38
N TYR H 57 21.90 -55.54 -56.59
CA TYR H 57 22.23 -56.90 -56.99
C TYR H 57 22.39 -57.77 -55.76
N MET H 58 22.03 -59.05 -55.91
CA MET H 58 22.24 -60.05 -54.87
C MET H 58 23.07 -61.18 -55.45
N GLY H 59 24.11 -61.59 -54.73
CA GLY H 59 25.08 -62.51 -55.27
C GLY H 59 25.46 -63.62 -54.30
N TRP H 60 25.92 -64.71 -54.90
CA TRP H 60 26.45 -65.88 -54.20
C TRP H 60 27.95 -65.94 -54.44
N TYR H 61 28.72 -65.98 -53.35
CA TYR H 61 30.16 -66.09 -53.37
C TYR H 61 30.58 -67.39 -52.69
N ARG H 62 31.78 -67.85 -53.03
CA ARG H 62 32.32 -69.09 -52.47
C ARG H 62 33.69 -68.81 -51.87
N GLN H 63 33.98 -69.46 -50.74
CA GLN H 63 35.29 -69.36 -50.11
C GLN H 63 35.68 -70.73 -49.59
N ALA H 64 36.68 -71.33 -50.20
CA ALA H 64 37.15 -72.63 -49.75
C ALA H 64 38.47 -72.50 -49.02
N PRO H 65 38.77 -73.44 -48.12
CA PRO H 65 40.07 -73.39 -47.43
C PRO H 65 41.22 -73.44 -48.41
N GLY H 66 42.10 -72.44 -48.32
CA GLY H 66 43.22 -72.34 -49.22
C GLY H 66 42.96 -71.64 -50.53
N LYS H 67 41.74 -71.16 -50.76
CA LYS H 67 41.38 -70.45 -51.98
C LYS H 67 40.93 -69.03 -51.65
N GLU H 68 40.92 -68.19 -52.67
CA GLU H 68 40.57 -66.79 -52.51
C GLU H 68 39.08 -66.57 -52.74
N ARG H 69 38.63 -65.35 -52.45
CA ARG H 69 37.23 -65.00 -52.65
C ARG H 69 36.91 -64.94 -54.14
N GLU H 70 35.78 -65.54 -54.51
CA GLU H 70 35.38 -65.65 -55.91
C GLU H 70 33.90 -65.38 -56.04
N LEU H 71 33.54 -64.52 -56.99
CA LEU H 71 32.13 -64.24 -57.27
C LEU H 71 31.58 -65.35 -58.15
N VAL H 72 30.59 -66.07 -57.64
CA VAL H 72 30.06 -67.26 -58.29
C VAL H 72 28.81 -66.94 -59.10
N ALA H 73 27.83 -66.28 -58.48
CA ALA H 73 26.59 -65.98 -59.18
C ALA H 73 26.09 -64.60 -58.77
N SER H 74 25.31 -63.99 -59.64
CA SER H 74 24.72 -62.69 -59.34
C SER H 74 23.37 -62.57 -60.04
N ILE H 75 22.48 -61.76 -59.45
CA ILE H 75 21.16 -61.55 -60.00
C ILE H 75 20.70 -60.14 -59.62
N ASP H 76 19.88 -59.55 -60.48
CA ASP H 76 19.26 -58.25 -60.26
C ASP H 76 17.76 -58.43 -60.03
N GLY H 77 17.06 -57.30 -59.93
CA GLY H 77 15.60 -57.33 -59.90
C GLY H 77 14.95 -57.45 -61.26
N GLY H 78 15.71 -57.25 -62.33
CA GLY H 78 15.19 -57.36 -63.67
C GLY H 78 15.13 -58.77 -64.24
N GLY H 79 15.76 -59.73 -63.56
CA GLY H 79 15.70 -61.12 -63.96
C GLY H 79 16.94 -61.65 -64.64
N ILE H 80 17.85 -60.79 -65.09
CA ILE H 80 19.07 -61.25 -65.75
C ILE H 80 20.03 -61.78 -64.70
N THR H 81 20.51 -63.01 -64.89
CA THR H 81 21.39 -63.68 -63.95
C THR H 81 22.73 -63.97 -64.61
N ASN H 82 23.80 -63.76 -63.84
CA ASN H 82 25.17 -63.96 -64.32
C ASN H 82 25.80 -65.10 -63.55
N TYR H 83 26.36 -66.07 -64.28
CA TYR H 83 27.10 -67.18 -63.73
C TYR H 83 28.53 -67.15 -64.24
N ALA H 84 29.37 -68.04 -63.71
CA ALA H 84 30.76 -68.13 -64.13
C ALA H 84 30.90 -69.12 -65.28
N ARG H 90 23.95 -74.75 -64.11
CA ARG H 90 23.98 -75.82 -63.12
C ARG H 90 22.96 -75.59 -62.01
N PHE H 91 22.94 -74.38 -61.47
CA PHE H 91 22.07 -74.04 -60.35
C PHE H 91 20.96 -73.14 -60.86
N THR H 92 19.78 -73.26 -60.26
CA THR H 92 18.66 -72.38 -60.60
C THR H 92 18.30 -71.55 -59.37
N ILE H 93 18.02 -70.27 -59.59
CA ILE H 93 17.80 -69.33 -58.51
C ILE H 93 16.45 -68.66 -58.70
N SER H 94 15.81 -68.32 -57.59
CA SER H 94 14.52 -67.63 -57.60
C SER H 94 14.50 -66.56 -56.52
N ARG H 95 13.94 -65.40 -56.86
CA ARG H 95 13.84 -64.27 -55.96
C ARG H 95 12.37 -63.96 -55.69
N ASP H 96 12.00 -63.88 -54.41
CA ASP H 96 10.65 -63.53 -54.00
C ASP H 96 10.68 -62.14 -53.36
N ASN H 97 10.05 -61.18 -54.05
CA ASN H 97 10.01 -59.80 -53.57
C ASN H 97 9.01 -59.62 -52.43
N ALA H 98 7.97 -60.46 -52.38
CA ALA H 98 6.96 -60.32 -51.33
C ALA H 98 7.58 -60.55 -49.95
N LYS H 99 8.46 -61.54 -49.83
CA LYS H 99 9.15 -61.83 -48.59
C LYS H 99 10.63 -61.48 -48.65
N ASN H 100 11.12 -61.00 -49.80
CA ASN H 100 12.52 -60.62 -49.98
C ASN H 100 13.45 -61.79 -49.65
N THR H 101 13.24 -62.91 -50.33
CA THR H 101 13.99 -64.13 -50.10
C THR H 101 14.58 -64.63 -51.41
N VAL H 102 15.64 -65.44 -51.31
CA VAL H 102 16.24 -66.08 -52.47
C VAL H 102 16.38 -67.57 -52.20
N TYR H 103 15.98 -68.38 -53.18
CA TYR H 103 16.08 -69.83 -53.12
C TYR H 103 17.00 -70.31 -54.24
N LEU H 104 17.82 -71.31 -53.93
CA LEU H 104 18.73 -71.91 -54.90
C LEU H 104 18.53 -73.42 -54.91
N GLN H 105 18.40 -73.99 -56.10
CA GLN H 105 18.30 -75.43 -56.30
C GLN H 105 19.52 -75.90 -57.07
N MET H 106 20.11 -77.00 -56.58
CA MET H 106 21.41 -77.51 -57.03
C MET H 106 21.26 -78.98 -57.40
N ASN H 107 22.19 -79.47 -58.22
CA ASN H 107 22.19 -80.89 -58.58
C ASN H 107 23.59 -81.47 -58.63
N THR H 114 32.60 -78.22 -51.29
CA THR H 114 33.00 -78.09 -49.90
C THR H 114 33.69 -76.74 -49.67
N ALA H 115 32.90 -75.76 -49.23
CA ALA H 115 33.38 -74.41 -48.98
C ALA H 115 32.30 -73.66 -48.20
N VAL H 116 32.59 -72.41 -47.87
CA VAL H 116 31.63 -71.54 -47.21
C VAL H 116 30.97 -70.69 -48.28
N TYR H 117 29.65 -70.78 -48.37
CA TYR H 117 28.88 -69.96 -49.28
C TYR H 117 28.45 -68.67 -48.59
N TYR H 118 28.49 -67.57 -49.33
CA TYR H 118 28.18 -66.24 -48.82
C TYR H 118 27.10 -65.60 -49.68
N CYS H 119 26.09 -65.05 -49.03
CA CYS H 119 25.07 -64.24 -49.69
C CYS H 119 25.42 -62.77 -49.46
N ALA H 120 25.50 -62.00 -50.55
CA ALA H 120 25.92 -60.62 -50.47
C ALA H 120 24.94 -59.73 -51.22
N VAL H 121 24.76 -58.52 -50.71
CA VAL H 121 24.01 -57.47 -51.39
C VAL H 121 25.05 -56.50 -51.95
N ASP H 122 25.13 -56.41 -53.27
CA ASP H 122 26.19 -55.67 -53.93
C ASP H 122 25.61 -54.66 -54.90
N TRP H 123 26.37 -53.60 -55.14
CA TRP H 123 26.04 -52.56 -56.10
C TRP H 123 27.05 -52.61 -57.25
N ILE H 124 26.57 -52.36 -58.45
CA ILE H 124 27.41 -52.50 -59.64
C ILE H 124 28.07 -51.16 -59.96
N LEU H 125 27.26 -50.16 -60.32
CA LEU H 125 27.72 -48.82 -60.67
C LEU H 125 29.02 -48.88 -61.47
N ALA H 126 29.02 -49.59 -62.60
CA ALA H 126 30.23 -50.09 -63.21
C ALA H 126 30.37 -49.67 -64.67
N ARG H 127 30.28 -48.35 -64.95
CA ARG H 127 30.70 -47.88 -66.27
C ARG H 127 32.12 -48.34 -66.58
N TYR H 128 33.00 -48.32 -65.58
CA TYR H 128 34.29 -49.00 -65.66
C TYR H 128 34.35 -50.04 -64.55
N ASN H 129 33.76 -51.21 -64.81
CA ASN H 129 33.93 -52.47 -64.09
C ASN H 129 34.18 -52.32 -62.59
N PHE H 130 33.36 -51.54 -61.90
CA PHE H 130 33.50 -51.39 -60.47
C PHE H 130 32.50 -52.28 -59.74
N VAL H 131 32.78 -52.53 -58.46
CA VAL H 131 31.91 -53.39 -57.64
C VAL H 131 32.20 -53.08 -56.18
N ILE H 132 31.13 -52.98 -55.38
CA ILE H 132 31.23 -52.75 -53.94
C ILE H 132 30.30 -53.72 -53.22
N HIS H 133 30.74 -54.22 -52.08
CA HIS H 133 29.95 -55.14 -51.27
C HIS H 133 29.28 -54.35 -50.15
N TYR H 134 28.01 -53.99 -50.36
CA TYR H 134 27.30 -53.20 -49.36
C TYR H 134 27.00 -54.04 -48.12
N TYR H 135 26.48 -55.25 -48.31
CA TYR H 135 26.19 -56.18 -47.22
C TYR H 135 26.91 -57.49 -47.49
N TRP H 136 27.68 -57.95 -46.51
CA TRP H 136 28.41 -59.20 -46.61
C TRP H 136 28.02 -60.11 -45.44
N GLY H 137 27.57 -61.32 -45.77
CA GLY H 137 27.15 -62.26 -44.75
C GLY H 137 28.30 -63.11 -44.23
N GLN H 138 27.96 -63.96 -43.26
CA GLN H 138 28.93 -64.86 -42.65
C GLN H 138 29.12 -66.16 -43.41
N GLY H 139 28.13 -66.57 -44.21
CA GLY H 139 28.24 -67.77 -45.00
C GLY H 139 27.94 -69.03 -44.20
N THR H 140 27.82 -70.14 -44.93
CA THR H 140 27.54 -71.44 -44.34
C THR H 140 28.44 -72.48 -44.99
N GLN H 141 28.89 -73.45 -44.19
CA GLN H 141 29.80 -74.47 -44.67
C GLN H 141 29.02 -75.61 -45.33
N VAL H 142 29.48 -76.03 -46.50
CA VAL H 142 28.90 -77.16 -47.23
C VAL H 142 30.03 -78.12 -47.58
N THR H 143 29.85 -79.39 -47.24
CA THR H 143 30.86 -80.43 -47.48
C THR H 143 30.30 -81.45 -48.46
N VAL H 144 31.11 -81.81 -49.45
CA VAL H 144 30.73 -82.77 -50.47
C VAL H 144 31.74 -83.93 -50.43
N SER H 145 31.22 -85.15 -50.32
CA SER H 145 32.08 -86.34 -50.28
C SER H 145 32.16 -86.99 -51.66
#